data_2RMK
#
_entry.id   2RMK
#
loop_
_entity.id
_entity.type
_entity.pdbx_description
1 polymer 'Ras-related C3 botulinum toxin substrate 1'
2 polymer 'Serine/threonine-protein kinase N1'
3 non-polymer 'MAGNESIUM ION'
4 non-polymer 'PHOSPHOMETHYLPHOSPHONIC ACID GUANYLATE ESTER'
5 water water
#
loop_
_entity_poly.entity_id
_entity_poly.type
_entity_poly.pdbx_seq_one_letter_code
_entity_poly.pdbx_strand_id
1 'polypeptide(L)'
;MQAIKCVVVGDGAVGKTCLLISYTTNAFPGEYIPTVFDNYSANVMVDGKPVNLGLWDTAGLEDYDRLRPLSYPQTDVFLI
CFSLVSPASFENVRAKWYPEVRHHCPNTPIILVGTKLDLRDDKDTIEKLKEKKLTPITYPQGLAMAKEIGAVKYLECSAL
TQRGLKTVFDEAIRAVLCPPPVKKRKRKCLLL
;
A
2 'polypeptide(L)'
;GIPATNLSRVAGLEKQLAIELKVKQGAENMIQTYSNGSTKDRKLLLTAQQMLQDSKTKIDIIRMQLRRALQADQLENQAA
P
;
B
#
# COMPACT_ATOMS: atom_id res chain seq x y z
N MET A 1 10.59 19.95 -11.75
CA MET A 1 9.25 19.32 -11.67
C MET A 1 8.94 18.91 -10.24
N GLN A 2 7.94 19.58 -9.66
CA GLN A 2 7.53 19.29 -8.28
C GLN A 2 7.14 17.83 -8.11
N ALA A 3 8.07 17.03 -7.61
CA ALA A 3 7.80 15.61 -7.41
C ALA A 3 7.47 15.33 -5.96
N ILE A 4 6.25 14.86 -5.74
CA ILE A 4 5.78 14.55 -4.39
C ILE A 4 5.46 13.06 -4.27
N LYS A 5 5.84 12.46 -3.15
CA LYS A 5 5.60 11.05 -2.92
C LYS A 5 4.30 10.84 -2.13
N CYS A 6 3.30 10.29 -2.80
CA CYS A 6 2.01 10.04 -2.17
C CYS A 6 1.67 8.55 -2.21
N VAL A 7 1.43 7.97 -1.04
CA VAL A 7 1.11 6.56 -0.94
C VAL A 7 -0.34 6.36 -0.54
N VAL A 8 -1.05 5.53 -1.29
CA VAL A 8 -2.46 5.26 -1.01
C VAL A 8 -2.63 3.97 -0.23
N VAL A 9 -3.26 4.07 0.93
CA VAL A 9 -3.50 2.92 1.79
C VAL A 9 -4.91 2.95 2.37
N GLY A 10 -5.44 1.78 2.67
CA GLY A 10 -6.79 1.70 3.23
C GLY A 10 -7.04 0.39 3.94
N ASP A 11 -7.69 0.45 5.09
CA ASP A 11 -8.00 -0.73 5.87
C ASP A 11 -9.01 -1.61 5.15
N GLY A 12 -9.67 -1.04 4.14
CA GLY A 12 -10.66 -1.80 3.39
C GLY A 12 -10.06 -3.01 2.69
N ALA A 13 -10.92 -3.84 2.12
CA ALA A 13 -10.46 -5.05 1.44
C ALA A 13 -9.68 -4.69 0.17
N VAL A 14 -10.21 -3.74 -0.60
CA VAL A 14 -9.56 -3.31 -1.83
C VAL A 14 -9.85 -1.83 -2.12
N GLY A 15 -9.37 -1.35 -3.27
CA GLY A 15 -9.60 0.04 -3.63
C GLY A 15 -8.34 0.87 -3.61
N LYS A 16 -7.22 0.24 -3.24
CA LYS A 16 -5.94 0.92 -3.17
C LYS A 16 -5.37 1.26 -4.55
N THR A 17 -5.33 0.27 -5.45
CA THR A 17 -4.79 0.50 -6.79
C THR A 17 -5.80 1.17 -7.72
N CYS A 18 -7.08 0.83 -7.55
CA CYS A 18 -8.13 1.39 -8.39
C CYS A 18 -8.19 2.92 -8.28
N LEU A 19 -7.93 3.44 -7.09
CA LEU A 19 -7.97 4.89 -6.86
C LEU A 19 -6.92 5.60 -7.72
N LEU A 20 -5.69 5.08 -7.70
CA LEU A 20 -4.60 5.68 -8.47
C LEU A 20 -4.79 5.51 -9.97
N ILE A 21 -5.17 4.30 -10.39
CA ILE A 21 -5.36 4.00 -11.81
C ILE A 21 -6.48 4.81 -12.43
N SER A 22 -7.54 5.05 -11.66
CA SER A 22 -8.69 5.81 -12.16
C SER A 22 -8.29 7.21 -12.60
N TYR A 23 -7.38 7.84 -11.85
CA TYR A 23 -6.94 9.19 -12.16
C TYR A 23 -5.90 9.20 -13.28
N THR A 24 -5.15 8.11 -13.43
CA THR A 24 -4.11 8.04 -14.44
C THR A 24 -4.62 7.46 -15.77
N THR A 25 -5.68 6.68 -15.71
CA THR A 25 -6.23 6.06 -16.93
C THR A 25 -7.67 6.52 -17.18
N ASN A 26 -8.23 7.26 -16.24
CA ASN A 26 -9.60 7.76 -16.36
C ASN A 26 -10.60 6.61 -16.31
N ALA A 27 -10.09 5.39 -16.14
CA ALA A 27 -10.94 4.21 -16.09
C ALA A 27 -10.15 2.98 -15.65
N PHE A 28 -10.54 2.39 -14.53
CA PHE A 28 -9.86 1.21 -14.01
C PHE A 28 -10.22 -0.03 -14.84
N PRO A 29 -9.23 -0.68 -15.46
CA PRO A 29 -9.47 -1.89 -16.28
C PRO A 29 -9.83 -3.09 -15.42
N GLY A 30 -9.54 -3.00 -14.12
CA GLY A 30 -9.84 -4.10 -13.22
C GLY A 30 -8.60 -4.80 -12.72
N GLU A 31 -8.43 -6.06 -13.13
CA GLU A 31 -7.27 -6.87 -12.73
C GLU A 31 -7.26 -7.12 -11.23
N TYR A 32 -7.16 -8.39 -10.86
CA TYR A 32 -7.12 -8.79 -9.46
C TYR A 32 -5.71 -9.18 -9.04
N ILE A 33 -4.80 -9.18 -10.01
CA ILE A 33 -3.41 -9.53 -9.76
C ILE A 33 -2.81 -8.67 -8.64
N PRO A 34 -2.07 -9.29 -7.71
CA PRO A 34 -1.44 -8.58 -6.58
C PRO A 34 -0.45 -7.52 -7.05
N THR A 35 -0.05 -6.63 -6.13
CA THR A 35 0.89 -5.57 -6.44
C THR A 35 2.28 -5.90 -5.92
N VAL A 36 3.29 -5.73 -6.77
CA VAL A 36 4.67 -6.01 -6.39
C VAL A 36 5.58 -4.86 -6.79
N PHE A 37 5.35 -4.32 -7.99
CA PHE A 37 6.16 -3.21 -8.50
C PHE A 37 5.84 -1.94 -7.72
N ASP A 38 6.46 -0.83 -8.12
CA ASP A 38 6.25 0.44 -7.44
C ASP A 38 6.31 1.61 -8.43
N ASN A 39 7.32 1.59 -9.29
CA ASN A 39 7.50 2.65 -10.28
C ASN A 39 6.20 2.95 -11.03
N TYR A 40 5.62 4.12 -10.76
CA TYR A 40 4.38 4.52 -11.39
C TYR A 40 4.07 5.99 -11.08
N SER A 41 4.53 6.89 -11.95
CA SER A 41 4.32 8.33 -11.76
C SER A 41 3.29 8.88 -12.73
N ALA A 42 2.68 9.99 -12.35
CA ALA A 42 1.67 10.64 -13.19
C ALA A 42 1.76 12.16 -13.07
N ASN A 43 1.46 12.87 -14.16
CA ASN A 43 1.52 14.33 -14.16
C ASN A 43 0.19 14.91 -13.70
N VAL A 44 0.26 15.92 -12.82
CA VAL A 44 -0.94 16.57 -12.30
C VAL A 44 -0.82 18.09 -12.40
N MET A 45 -1.96 18.75 -12.61
CA MET A 45 -2.01 20.19 -12.75
C MET A 45 -2.60 20.85 -11.50
N VAL A 46 -1.76 21.62 -10.79
CA VAL A 46 -2.20 22.32 -9.59
C VAL A 46 -1.93 23.82 -9.71
N ASP A 47 -3.00 24.59 -9.83
CA ASP A 47 -2.89 26.04 -9.94
C ASP A 47 -2.13 26.45 -11.21
N GLY A 48 -2.06 25.52 -12.16
CA GLY A 48 -1.36 25.81 -13.41
C GLY A 48 0.12 25.54 -13.32
N LYS A 49 0.53 24.82 -12.28
CA LYS A 49 1.92 24.48 -12.08
C LYS A 49 2.13 22.97 -12.22
N PRO A 50 2.85 22.51 -13.28
CA PRO A 50 3.08 21.08 -13.48
C PRO A 50 3.74 20.44 -12.26
N VAL A 51 3.16 19.33 -11.80
CA VAL A 51 3.69 18.64 -10.63
C VAL A 51 3.86 17.14 -10.89
N ASN A 52 5.03 16.62 -10.54
CA ASN A 52 5.31 15.21 -10.69
C ASN A 52 4.69 14.45 -9.52
N LEU A 53 3.88 13.45 -9.83
CA LEU A 53 3.21 12.67 -8.80
C LEU A 53 3.72 11.24 -8.72
N GLY A 54 4.07 10.82 -7.51
CA GLY A 54 4.56 9.46 -7.31
C GLY A 54 3.46 8.57 -6.75
N LEU A 55 3.00 7.63 -7.56
CA LEU A 55 1.93 6.73 -7.13
C LEU A 55 2.50 5.41 -6.61
N TRP A 56 2.24 5.13 -5.34
CA TRP A 56 2.71 3.90 -4.71
C TRP A 56 1.59 3.27 -3.89
N ASP A 57 1.09 2.14 -4.35
CA ASP A 57 0.01 1.45 -3.65
C ASP A 57 0.48 0.12 -3.07
N THR A 58 0.19 -0.09 -1.80
CA THR A 58 0.59 -1.32 -1.12
C THR A 58 -0.48 -2.40 -1.28
N ALA A 59 -0.04 -3.63 -1.55
CA ALA A 59 -0.96 -4.74 -1.73
C ALA A 59 -1.43 -5.29 -0.39
N GLY A 60 -2.52 -6.04 -0.41
CA GLY A 60 -3.04 -6.62 0.82
C GLY A 60 -2.33 -7.91 1.19
N LEU A 61 -1.01 -7.84 1.31
CA LEU A 61 -0.21 -9.02 1.65
C LEU A 61 0.61 -8.76 2.90
N GLU A 62 0.55 -9.70 3.85
CA GLU A 62 1.29 -9.57 5.11
C GLU A 62 2.74 -10.00 4.94
N ASP A 63 2.95 -11.02 4.10
CA ASP A 63 4.31 -11.55 3.86
C ASP A 63 5.23 -10.46 3.33
N TYR A 64 4.66 -9.46 2.66
CA TYR A 64 5.45 -8.37 2.11
C TYR A 64 5.79 -7.33 3.18
N ASP A 65 5.79 -7.76 4.45
CA ASP A 65 6.11 -6.87 5.54
C ASP A 65 7.48 -6.23 5.34
N ARG A 66 8.42 -7.03 4.86
CA ARG A 66 9.78 -6.55 4.60
C ARG A 66 9.84 -5.85 3.24
N LEU A 67 9.15 -6.40 2.26
CA LEU A 67 9.12 -5.82 0.92
C LEU A 67 8.10 -4.68 0.85
N ARG A 68 7.78 -4.13 2.01
CA ARG A 68 6.82 -3.03 2.09
C ARG A 68 7.25 -1.86 1.21
N PRO A 69 6.30 -1.03 0.76
CA PRO A 69 6.60 0.13 -0.10
C PRO A 69 7.74 0.98 0.46
N LEU A 70 8.85 1.00 -0.26
CA LEU A 70 10.02 1.78 0.15
C LEU A 70 9.68 3.26 0.22
N SER A 71 8.68 3.66 -0.56
CA SER A 71 8.25 5.05 -0.60
C SER A 71 7.53 5.46 0.68
N TYR A 72 6.75 4.53 1.24
CA TYR A 72 5.98 4.78 2.46
C TYR A 72 6.70 5.71 3.46
N PRO A 73 7.93 5.37 3.90
CA PRO A 73 8.67 6.20 4.86
C PRO A 73 8.89 7.63 4.36
N GLN A 74 9.37 7.75 3.13
CA GLN A 74 9.65 9.05 2.52
C GLN A 74 8.37 9.79 2.13
N THR A 75 7.29 9.04 1.97
CA THR A 75 6.00 9.60 1.56
C THR A 75 5.73 10.98 2.16
N ASP A 76 5.63 11.98 1.29
CA ASP A 76 5.37 13.34 1.72
C ASP A 76 4.00 13.43 2.38
N VAL A 77 3.07 12.62 1.89
CA VAL A 77 1.72 12.59 2.42
C VAL A 77 0.99 11.31 2.01
N PHE A 78 0.38 10.64 2.97
CA PHE A 78 -0.36 9.41 2.67
C PHE A 78 -1.86 9.67 2.72
N LEU A 79 -2.60 8.98 1.87
CA LEU A 79 -4.05 9.14 1.80
C LEU A 79 -4.78 8.08 2.62
N ILE A 80 -5.78 8.51 3.38
CA ILE A 80 -6.57 7.60 4.20
C ILE A 80 -7.85 7.21 3.47
N CYS A 81 -7.87 5.99 2.93
CA CYS A 81 -9.04 5.51 2.18
C CYS A 81 -9.94 4.64 3.05
N PHE A 82 -11.23 4.95 3.03
CA PHE A 82 -12.22 4.21 3.80
C PHE A 82 -13.58 4.27 3.11
N SER A 83 -14.51 3.42 3.53
CA SER A 83 -15.84 3.38 2.93
C SER A 83 -16.78 4.32 3.69
N LEU A 84 -17.35 5.27 2.95
CA LEU A 84 -18.27 6.25 3.54
C LEU A 84 -19.58 5.61 3.97
N VAL A 85 -20.14 4.76 3.12
CA VAL A 85 -21.41 4.10 3.43
C VAL A 85 -21.31 3.20 4.65
N SER A 86 -20.08 2.93 5.08
CA SER A 86 -19.86 2.10 6.26
C SER A 86 -19.12 2.88 7.34
N PRO A 87 -19.79 3.21 8.46
CA PRO A 87 -19.18 3.97 9.56
C PRO A 87 -18.03 3.22 10.22
N ALA A 88 -18.03 1.90 10.11
CA ALA A 88 -16.98 1.07 10.70
C ALA A 88 -15.61 1.40 10.14
N SER A 89 -15.53 1.54 8.81
CA SER A 89 -14.26 1.86 8.17
C SER A 89 -13.73 3.18 8.71
N PHE A 90 -14.64 4.11 8.94
CA PHE A 90 -14.31 5.43 9.46
C PHE A 90 -13.92 5.32 10.94
N GLU A 91 -14.54 4.35 11.61
CA GLU A 91 -14.29 4.12 13.03
C GLU A 91 -12.90 3.56 13.29
N ASN A 92 -12.39 2.77 12.35
CA ASN A 92 -11.08 2.13 12.52
C ASN A 92 -9.93 2.93 11.91
N VAL A 93 -10.20 3.76 10.90
CA VAL A 93 -9.14 4.53 10.27
C VAL A 93 -8.41 5.39 11.30
N ARG A 94 -9.17 6.14 12.09
CA ARG A 94 -8.60 6.98 13.13
C ARG A 94 -8.13 6.14 14.31
N ALA A 95 -8.69 4.94 14.40
CA ALA A 95 -8.37 4.02 15.48
C ALA A 95 -6.96 3.42 15.38
N LYS A 96 -6.58 2.94 14.20
CA LYS A 96 -5.26 2.31 14.02
C LYS A 96 -4.23 3.20 13.32
N TRP A 97 -4.64 3.89 12.26
CA TRP A 97 -3.72 4.73 11.49
C TRP A 97 -3.22 5.94 12.29
N TYR A 98 -4.06 6.49 13.16
CA TYR A 98 -3.66 7.68 13.94
C TYR A 98 -2.61 7.37 15.00
N PRO A 99 -2.78 6.31 15.82
CA PRO A 99 -1.83 5.95 16.88
C PRO A 99 -0.44 5.64 16.34
N GLU A 100 -0.36 5.17 15.10
CA GLU A 100 0.91 4.81 14.48
C GLU A 100 1.72 6.02 14.07
N VAL A 101 1.09 6.96 13.37
CA VAL A 101 1.78 8.16 12.90
C VAL A 101 2.23 9.02 14.07
N ARG A 102 1.39 9.09 15.11
CA ARG A 102 1.70 9.90 16.29
C ARG A 102 2.86 9.32 17.09
N HIS A 103 3.07 8.00 16.98
CA HIS A 103 4.16 7.34 17.71
C HIS A 103 5.51 7.89 17.28
N HIS A 104 5.61 8.24 16.00
CA HIS A 104 6.84 8.79 15.44
C HIS A 104 6.81 10.31 15.51
N CYS A 105 5.61 10.86 15.37
CA CYS A 105 5.41 12.31 15.41
C CYS A 105 6.24 13.01 14.34
N PRO A 106 6.18 12.53 13.08
CA PRO A 106 6.94 13.12 11.98
C PRO A 106 6.44 14.52 11.62
N ASN A 107 5.27 14.88 12.16
CA ASN A 107 4.67 16.18 11.89
C ASN A 107 4.32 16.28 10.41
N THR A 108 4.25 15.12 9.77
CA THR A 108 3.93 15.05 8.35
C THR A 108 2.43 15.24 8.11
N PRO A 109 2.05 16.07 7.13
CA PRO A 109 0.64 16.32 6.81
C PRO A 109 -0.06 15.05 6.38
N ILE A 110 -1.38 15.00 6.57
CA ILE A 110 -2.15 13.82 6.20
C ILE A 110 -3.49 14.19 5.56
N ILE A 111 -3.73 13.64 4.38
CA ILE A 111 -4.96 13.90 3.64
C ILE A 111 -5.98 12.79 3.90
N LEU A 112 -7.25 13.10 3.68
CA LEU A 112 -8.32 12.13 3.88
C LEU A 112 -9.09 11.92 2.58
N VAL A 113 -9.38 10.66 2.27
CA VAL A 113 -10.09 10.32 1.03
C VAL A 113 -11.36 9.53 1.31
N GLY A 114 -12.39 9.80 0.52
CA GLY A 114 -13.66 9.09 0.65
C GLY A 114 -13.98 8.29 -0.59
N THR A 115 -13.15 7.28 -0.86
CA THR A 115 -13.33 6.43 -2.04
C THR A 115 -14.74 5.84 -2.10
N LYS A 116 -15.08 5.30 -3.28
CA LYS A 116 -16.39 4.71 -3.50
C LYS A 116 -17.52 5.70 -3.19
N LEU A 117 -17.64 6.70 -4.05
CA LEU A 117 -18.66 7.74 -3.90
C LEU A 117 -19.92 7.35 -4.68
N ASP A 118 -19.74 6.49 -5.68
CA ASP A 118 -20.86 6.06 -6.52
C ASP A 118 -21.93 5.35 -5.69
N LEU A 119 -21.51 4.57 -4.70
CA LEU A 119 -22.45 3.85 -3.85
C LEU A 119 -22.75 4.61 -2.56
N ARG A 120 -22.08 5.74 -2.39
CA ARG A 120 -22.29 6.57 -1.21
C ARG A 120 -23.47 7.51 -1.43
N ASP A 121 -23.73 7.83 -2.68
CA ASP A 121 -24.85 8.71 -3.02
C ASP A 121 -25.94 7.91 -3.72
N ASP A 122 -26.00 6.60 -3.41
CA ASP A 122 -26.99 5.72 -4.02
C ASP A 122 -28.10 5.41 -3.03
N LYS A 123 -29.29 5.89 -3.34
CA LYS A 123 -30.47 5.69 -2.48
C LYS A 123 -30.69 4.22 -2.17
N ASP A 124 -30.83 3.41 -3.21
CA ASP A 124 -31.07 1.97 -3.06
C ASP A 124 -29.98 1.31 -2.22
N THR A 125 -28.73 1.63 -2.50
CA THR A 125 -27.62 1.06 -1.73
C THR A 125 -27.71 1.51 -0.28
N ILE A 126 -28.02 2.79 -0.09
CA ILE A 126 -28.15 3.33 1.25
C ILE A 126 -29.24 2.58 1.99
N GLU A 127 -30.30 2.24 1.26
CA GLU A 127 -31.42 1.49 1.81
C GLU A 127 -30.93 0.12 2.28
N LYS A 128 -29.97 -0.44 1.54
CA LYS A 128 -29.41 -1.73 1.87
C LYS A 128 -28.61 -1.67 3.16
N LEU A 129 -27.92 -0.55 3.37
CA LEU A 129 -27.12 -0.37 4.58
C LEU A 129 -28.02 -0.45 5.81
N LYS A 130 -29.24 0.07 5.67
CA LYS A 130 -30.21 0.05 6.76
C LYS A 130 -30.45 -1.38 7.21
N GLU A 131 -30.36 -2.31 6.27
CA GLU A 131 -30.58 -3.71 6.56
C GLU A 131 -29.51 -4.23 7.51
N LYS A 132 -28.33 -3.62 7.45
CA LYS A 132 -27.22 -4.00 8.30
C LYS A 132 -27.01 -2.97 9.41
N LYS A 133 -27.99 -2.07 9.55
CA LYS A 133 -27.94 -1.02 10.58
C LYS A 133 -26.77 -0.06 10.38
N LEU A 134 -26.36 0.13 9.13
CA LEU A 134 -25.25 1.05 8.82
C LEU A 134 -25.74 2.25 8.04
N THR A 135 -25.06 3.38 8.21
CA THR A 135 -25.41 4.61 7.51
C THR A 135 -24.16 5.26 6.91
N PRO A 136 -24.28 5.90 5.73
CA PRO A 136 -23.14 6.56 5.08
C PRO A 136 -22.68 7.81 5.81
N ILE A 137 -21.42 8.16 5.62
CA ILE A 137 -20.82 9.33 6.27
C ILE A 137 -21.11 10.60 5.48
N THR A 138 -21.36 11.69 6.20
CA THR A 138 -21.63 12.98 5.57
C THR A 138 -20.35 13.81 5.49
N TYR A 139 -20.42 14.94 4.82
CA TYR A 139 -19.25 15.81 4.66
C TYR A 139 -18.77 16.41 6.00
N PRO A 140 -19.68 17.00 6.81
CA PRO A 140 -19.29 17.59 8.10
C PRO A 140 -18.76 16.55 9.09
N GLN A 141 -19.16 15.30 8.92
CA GLN A 141 -18.72 14.23 9.81
C GLN A 141 -17.22 14.00 9.65
N GLY A 142 -16.78 13.94 8.39
CA GLY A 142 -15.36 13.76 8.11
C GLY A 142 -14.58 15.03 8.36
N LEU A 143 -15.20 16.17 8.06
CA LEU A 143 -14.56 17.46 8.25
C LEU A 143 -14.09 17.58 9.70
N ALA A 144 -14.94 17.15 10.64
CA ALA A 144 -14.60 17.20 12.05
C ALA A 144 -13.43 16.28 12.36
N MET A 145 -13.39 15.14 11.68
CA MET A 145 -12.33 14.17 11.87
C MET A 145 -10.97 14.77 11.52
N ALA A 146 -10.95 15.61 10.49
CA ALA A 146 -9.72 16.25 10.06
C ALA A 146 -9.15 17.16 11.14
N LYS A 147 -10.03 17.76 11.94
CA LYS A 147 -9.61 18.66 13.01
C LYS A 147 -8.93 17.94 14.16
N GLU A 148 -9.49 16.80 14.55
CA GLU A 148 -8.94 16.03 15.67
C GLU A 148 -7.60 15.39 15.34
N ILE A 149 -7.51 14.78 14.17
CA ILE A 149 -6.27 14.13 13.75
C ILE A 149 -5.32 15.15 13.12
N GLY A 150 -5.78 16.39 13.10
CA GLY A 150 -4.97 17.47 12.54
C GLY A 150 -4.67 17.28 11.07
N ALA A 151 -5.58 16.62 10.36
CA ALA A 151 -5.39 16.38 8.93
C ALA A 151 -5.34 17.67 8.16
N VAL A 152 -4.49 17.71 7.14
CA VAL A 152 -4.33 18.91 6.33
C VAL A 152 -5.59 19.19 5.51
N LYS A 153 -6.28 18.13 5.09
CA LYS A 153 -7.50 18.31 4.30
C LYS A 153 -8.23 16.98 4.10
N TYR A 154 -9.56 17.07 4.01
CA TYR A 154 -10.40 15.89 3.83
C TYR A 154 -11.40 16.09 2.69
N LEU A 155 -11.47 15.12 1.78
CA LEU A 155 -12.40 15.20 0.65
C LEU A 155 -12.96 13.82 0.29
N GLU A 156 -14.02 13.80 -0.51
CA GLU A 156 -14.64 12.55 -0.94
C GLU A 156 -14.59 12.45 -2.47
N CYS A 157 -14.49 11.23 -2.99
CA CYS A 157 -14.44 11.03 -4.44
C CYS A 157 -14.73 9.59 -4.83
N SER A 158 -14.94 9.37 -6.12
CA SER A 158 -15.21 8.05 -6.67
C SER A 158 -14.28 7.76 -7.84
N ALA A 159 -13.96 6.49 -8.02
CA ALA A 159 -13.08 6.10 -9.12
C ALA A 159 -13.91 5.72 -10.35
N LEU A 160 -15.17 5.37 -10.10
CA LEU A 160 -16.09 5.00 -11.17
C LEU A 160 -16.68 6.24 -11.84
N THR A 161 -17.08 7.22 -11.03
CA THR A 161 -17.67 8.44 -11.55
C THR A 161 -16.64 9.56 -11.61
N GLN A 162 -15.55 9.39 -10.85
CA GLN A 162 -14.48 10.39 -10.80
C GLN A 162 -14.98 11.70 -10.21
N ARG A 163 -15.74 11.61 -9.12
CA ARG A 163 -16.26 12.80 -8.44
C ARG A 163 -15.19 13.90 -8.34
N GLY A 164 -14.16 13.63 -7.55
CA GLY A 164 -13.10 14.59 -7.37
C GLY A 164 -11.75 13.94 -7.12
N LEU A 165 -11.38 13.01 -8.00
CA LEU A 165 -10.11 12.30 -7.88
C LEU A 165 -8.95 13.28 -8.00
N LYS A 166 -8.98 14.10 -9.04
CA LYS A 166 -7.93 15.09 -9.28
C LYS A 166 -7.77 16.01 -8.08
N THR A 167 -8.88 16.28 -7.40
CA THR A 167 -8.88 17.14 -6.23
C THR A 167 -8.06 16.52 -5.11
N VAL A 168 -8.15 15.19 -4.97
CA VAL A 168 -7.42 14.48 -3.93
C VAL A 168 -5.92 14.69 -4.09
N PHE A 169 -5.42 14.37 -5.27
CA PHE A 169 -4.00 14.51 -5.57
C PHE A 169 -3.58 15.98 -5.58
N ASP A 170 -4.44 16.83 -6.13
CA ASP A 170 -4.18 18.26 -6.20
C ASP A 170 -3.96 18.84 -4.81
N GLU A 171 -4.84 18.48 -3.89
CA GLU A 171 -4.76 18.97 -2.51
C GLU A 171 -3.62 18.28 -1.75
N ALA A 172 -3.40 17.01 -2.06
CA ALA A 172 -2.35 16.23 -1.41
C ALA A 172 -0.98 16.85 -1.67
N ILE A 173 -0.79 17.32 -2.90
CA ILE A 173 0.47 17.95 -3.27
C ILE A 173 0.70 19.19 -2.42
N ARG A 174 -0.34 20.02 -2.31
CA ARG A 174 -0.27 21.25 -1.53
C ARG A 174 0.08 20.92 -0.08
N ALA A 175 -0.36 19.75 0.37
CA ALA A 175 -0.12 19.30 1.74
C ALA A 175 1.34 19.44 2.15
N VAL A 176 2.25 19.36 1.19
CA VAL A 176 3.67 19.51 1.49
C VAL A 176 4.17 20.93 1.20
N LEU A 177 3.64 21.55 0.15
CA LEU A 177 4.05 22.91 -0.23
C LEU A 177 3.63 23.94 0.82
N CYS A 178 2.34 24.02 1.12
CA CYS A 178 1.85 25.00 2.09
C CYS A 178 2.07 24.53 3.54
N PRO A 179 1.26 23.58 4.08
CA PRO A 179 1.48 23.07 5.45
C PRO A 179 2.94 22.69 5.69
N PRO A 180 3.31 22.26 6.92
CA PRO A 180 4.71 21.91 7.23
C PRO A 180 5.29 20.88 6.26
N PRO A 181 6.59 21.03 5.90
CA PRO A 181 7.28 20.13 4.98
C PRO A 181 7.37 18.70 5.48
N VAL A 182 8.14 17.89 4.76
CA VAL A 182 8.33 16.49 5.11
C VAL A 182 9.81 16.17 5.35
N LYS A 183 10.46 15.55 4.36
CA LYS A 183 11.88 15.19 4.46
C LYS A 183 12.18 14.41 5.74
N LYS A 184 12.21 13.09 5.62
CA LYS A 184 12.48 12.22 6.75
C LYS A 184 13.52 11.16 6.39
N ARG A 185 14.72 11.28 6.96
CA ARG A 185 15.80 10.34 6.70
C ARG A 185 16.40 9.79 7.99
N LYS A 186 16.56 8.47 8.05
CA LYS A 186 17.13 7.81 9.22
C LYS A 186 17.61 6.41 8.87
N ARG A 187 18.91 6.18 9.04
CA ARG A 187 19.50 4.88 8.73
C ARG A 187 19.40 3.95 9.94
N LYS A 188 19.47 2.65 9.67
CA LYS A 188 19.39 1.64 10.74
C LYS A 188 20.79 1.21 11.18
N CYS A 189 21.70 1.09 10.21
CA CYS A 189 23.06 0.67 10.50
C CYS A 189 23.96 0.92 9.30
N LEU A 190 25.26 1.03 9.55
CA LEU A 190 26.23 1.26 8.48
C LEU A 190 26.17 0.14 7.44
N LEU A 191 26.35 -1.10 7.91
CA LEU A 191 26.31 -2.25 7.02
C LEU A 191 24.94 -2.94 7.11
N LEU A 192 24.60 -3.69 6.06
CA LEU A 192 23.33 -4.40 6.02
C LEU A 192 23.51 -5.89 6.32
N GLY B 1 0.65 -36.09 11.06
CA GLY B 1 1.25 -35.43 9.87
C GLY B 1 0.49 -35.75 8.59
N ILE B 2 1.23 -36.06 7.53
CA ILE B 2 0.62 -36.39 6.25
C ILE B 2 0.84 -37.86 5.89
N PRO B 3 -0.22 -38.57 5.48
CA PRO B 3 -0.13 -39.98 5.10
C PRO B 3 0.52 -40.20 3.74
N ALA B 4 -0.29 -40.38 2.71
CA ALA B 4 0.21 -40.60 1.36
C ALA B 4 0.18 -39.31 0.53
N THR B 5 -0.55 -38.32 1.02
CA THR B 5 -0.67 -37.04 0.32
C THR B 5 0.56 -36.17 0.56
N ASN B 6 1.74 -36.79 0.58
CA ASN B 6 2.98 -36.06 0.79
C ASN B 6 3.23 -35.08 -0.34
N LEU B 7 2.58 -35.31 -1.48
CA LEU B 7 2.74 -34.46 -2.65
C LEU B 7 2.18 -33.06 -2.39
N SER B 8 1.20 -32.98 -1.49
CA SER B 8 0.57 -31.71 -1.14
C SER B 8 1.58 -30.80 -0.45
N ARG B 9 2.35 -31.36 0.48
CA ARG B 9 3.34 -30.60 1.22
C ARG B 9 4.40 -30.03 0.27
N VAL B 10 4.86 -30.87 -0.65
CA VAL B 10 5.88 -30.46 -1.61
C VAL B 10 5.43 -29.24 -2.41
N ALA B 11 4.22 -29.31 -2.96
CA ALA B 11 3.67 -28.22 -3.75
C ALA B 11 3.53 -26.96 -2.89
N GLY B 12 3.26 -27.17 -1.60
CA GLY B 12 3.12 -26.04 -0.70
C GLY B 12 4.39 -25.25 -0.59
N LEU B 13 5.52 -25.94 -0.61
CA LEU B 13 6.83 -25.30 -0.53
C LEU B 13 7.15 -24.61 -1.85
N GLU B 14 6.65 -25.19 -2.94
CA GLU B 14 6.86 -24.62 -4.26
C GLU B 14 6.14 -23.28 -4.33
N LYS B 15 4.95 -23.26 -3.74
CA LYS B 15 4.13 -22.07 -3.68
C LYS B 15 4.77 -21.02 -2.78
N GLN B 16 5.19 -21.43 -1.59
CA GLN B 16 5.83 -20.54 -0.63
C GLN B 16 7.10 -19.95 -1.23
N LEU B 17 7.86 -20.80 -1.90
CA LEU B 17 9.09 -20.38 -2.54
C LEU B 17 8.80 -19.35 -3.63
N ALA B 18 7.78 -19.64 -4.44
CA ALA B 18 7.38 -18.76 -5.52
C ALA B 18 6.91 -17.41 -5.00
N ILE B 19 6.25 -17.43 -3.85
CA ILE B 19 5.79 -16.19 -3.23
C ILE B 19 7.00 -15.33 -2.87
N GLU B 20 7.99 -15.98 -2.27
CA GLU B 20 9.21 -15.31 -1.88
C GLU B 20 9.96 -14.85 -3.12
N LEU B 21 9.77 -15.56 -4.22
CA LEU B 21 10.41 -15.20 -5.48
C LEU B 21 9.95 -13.81 -5.91
N LYS B 22 8.66 -13.54 -5.76
CA LYS B 22 8.11 -12.25 -6.12
C LYS B 22 8.70 -11.18 -5.21
N VAL B 23 8.91 -11.57 -3.96
CA VAL B 23 9.50 -10.68 -2.97
C VAL B 23 10.95 -10.34 -3.33
N LYS B 24 11.74 -11.37 -3.60
CA LYS B 24 13.15 -11.20 -3.95
C LYS B 24 13.28 -10.43 -5.26
N GLN B 25 12.58 -10.89 -6.28
CA GLN B 25 12.61 -10.24 -7.59
C GLN B 25 12.10 -8.81 -7.51
N GLY B 26 11.21 -8.56 -6.54
CA GLY B 26 10.65 -7.22 -6.39
C GLY B 26 11.67 -6.23 -5.89
N ALA B 27 12.39 -6.61 -4.83
CA ALA B 27 13.41 -5.73 -4.26
C ALA B 27 14.51 -5.44 -5.27
N GLU B 28 14.98 -6.49 -5.95
CA GLU B 28 16.04 -6.36 -6.95
C GLU B 28 15.66 -5.31 -8.00
N ASN B 29 14.41 -5.36 -8.47
CA ASN B 29 13.94 -4.41 -9.47
C ASN B 29 14.10 -2.98 -8.95
N MET B 30 13.69 -2.76 -7.70
CA MET B 30 13.79 -1.45 -7.09
C MET B 30 15.25 -1.03 -6.96
N ILE B 31 16.13 -2.01 -6.72
CA ILE B 31 17.55 -1.75 -6.58
C ILE B 31 18.13 -1.22 -7.89
N GLN B 32 17.79 -1.89 -8.98
CA GLN B 32 18.28 -1.49 -10.30
C GLN B 32 17.79 -0.09 -10.66
N THR B 33 16.62 0.27 -10.13
CA THR B 33 16.04 1.58 -10.40
C THR B 33 16.90 2.71 -9.81
N TYR B 34 17.25 2.57 -8.54
CA TYR B 34 18.06 3.58 -7.85
C TYR B 34 19.55 3.36 -8.08
N SER B 35 19.92 2.18 -8.54
CA SER B 35 21.32 1.86 -8.78
C SER B 35 21.93 2.81 -9.80
N ASN B 36 21.20 3.08 -10.87
CA ASN B 36 21.68 3.98 -11.92
C ASN B 36 21.66 5.43 -11.45
N GLY B 37 22.83 6.04 -11.41
CA GLY B 37 22.94 7.43 -10.99
C GLY B 37 22.41 7.65 -9.59
N SER B 38 21.88 8.84 -9.34
CA SER B 38 21.33 9.19 -8.04
C SER B 38 20.00 9.91 -8.18
N THR B 39 18.91 9.19 -7.95
CA THR B 39 17.57 9.76 -8.07
C THR B 39 16.83 9.73 -6.73
N LYS B 40 16.04 10.76 -6.48
CA LYS B 40 15.26 10.88 -5.25
C LYS B 40 16.17 10.86 -4.02
N ASP B 41 16.42 9.68 -3.46
CA ASP B 41 17.27 9.55 -2.28
C ASP B 41 17.96 8.19 -2.24
N ARG B 42 19.11 8.15 -1.58
CA ARG B 42 19.89 6.92 -1.44
C ARG B 42 19.23 5.97 -0.45
N LYS B 43 18.47 6.55 0.49
CA LYS B 43 17.79 5.76 1.51
C LYS B 43 16.89 4.69 0.89
N LEU B 44 16.30 5.02 -0.26
CA LEU B 44 15.42 4.09 -0.95
C LEU B 44 16.21 2.87 -1.43
N LEU B 45 17.40 3.11 -1.96
CA LEU B 45 18.25 2.03 -2.47
C LEU B 45 18.72 1.12 -1.33
N LEU B 46 18.94 1.70 -0.16
CA LEU B 46 19.39 0.94 1.00
C LEU B 46 18.29 0.00 1.48
N THR B 47 17.06 0.52 1.57
CA THR B 47 15.93 -0.28 2.00
C THR B 47 15.72 -1.47 1.07
N ALA B 48 15.98 -1.25 -0.21
CA ALA B 48 15.82 -2.30 -1.20
C ALA B 48 16.86 -3.40 -0.98
N GLN B 49 18.05 -3.00 -0.58
CA GLN B 49 19.14 -3.94 -0.34
C GLN B 49 18.86 -4.81 0.89
N GLN B 50 18.45 -4.19 1.99
CA GLN B 50 18.17 -4.91 3.23
C GLN B 50 16.97 -5.85 3.07
N MET B 51 15.89 -5.35 2.50
CA MET B 51 14.69 -6.17 2.31
C MET B 51 14.98 -7.32 1.35
N LEU B 52 15.87 -7.09 0.40
CA LEU B 52 16.25 -8.11 -0.57
C LEU B 52 17.03 -9.23 0.11
N GLN B 53 17.96 -8.85 0.97
CA GLN B 53 18.78 -9.81 1.68
C GLN B 53 17.92 -10.72 2.54
N ASP B 54 16.95 -10.12 3.21
CA ASP B 54 16.04 -10.87 4.06
C ASP B 54 15.31 -11.93 3.26
N SER B 55 14.87 -11.55 2.06
CA SER B 55 14.17 -12.46 1.18
C SER B 55 15.10 -13.58 0.71
N LYS B 56 16.38 -13.25 0.49
CA LYS B 56 17.34 -14.24 0.04
C LYS B 56 17.37 -15.42 1.01
N THR B 57 17.40 -15.10 2.30
CA THR B 57 17.40 -16.13 3.33
C THR B 57 16.11 -16.93 3.27
N LYS B 58 15.00 -16.23 3.01
CA LYS B 58 13.70 -16.86 2.90
C LYS B 58 13.70 -17.96 1.85
N ILE B 59 14.24 -17.65 0.68
CA ILE B 59 14.30 -18.61 -0.41
C ILE B 59 15.26 -19.74 -0.06
N ASP B 60 16.37 -19.40 0.58
CA ASP B 60 17.38 -20.38 0.96
C ASP B 60 16.81 -21.50 1.82
N ILE B 61 16.06 -21.15 2.86
CA ILE B 61 15.49 -22.16 3.75
C ILE B 61 14.37 -22.93 3.07
N ILE B 62 13.46 -22.21 2.44
CA ILE B 62 12.32 -22.81 1.75
C ILE B 62 12.79 -23.77 0.65
N ARG B 63 13.83 -23.36 -0.06
CA ARG B 63 14.38 -24.15 -1.16
C ARG B 63 14.98 -25.47 -0.65
N MET B 64 15.81 -25.36 0.39
CA MET B 64 16.46 -26.55 0.95
C MET B 64 15.43 -27.52 1.52
N GLN B 65 14.44 -26.98 2.24
CA GLN B 65 13.41 -27.81 2.85
C GLN B 65 12.61 -28.54 1.78
N LEU B 66 12.36 -27.86 0.66
CA LEU B 66 11.63 -28.45 -0.44
C LEU B 66 12.34 -29.71 -0.90
N ARG B 67 13.66 -29.60 -1.02
CA ARG B 67 14.47 -30.74 -1.44
C ARG B 67 14.33 -31.86 -0.43
N ARG B 68 14.15 -31.48 0.84
CA ARG B 68 14.00 -32.47 1.91
C ARG B 68 12.69 -33.23 1.74
N ALA B 69 11.68 -32.53 1.24
CA ALA B 69 10.36 -33.13 1.03
C ALA B 69 10.40 -34.23 -0.02
N LEU B 70 11.02 -33.93 -1.15
CA LEU B 70 11.13 -34.91 -2.23
C LEU B 70 12.03 -36.06 -1.81
N GLN B 71 13.05 -35.76 -1.02
CA GLN B 71 13.98 -36.77 -0.55
C GLN B 71 13.25 -37.79 0.33
N ALA B 72 12.53 -37.29 1.32
CA ALA B 72 11.79 -38.15 2.23
C ALA B 72 10.61 -38.80 1.53
N ASP B 73 10.25 -38.27 0.37
CA ASP B 73 9.13 -38.81 -0.40
C ASP B 73 9.53 -40.13 -1.05
N GLN B 74 10.75 -40.18 -1.58
CA GLN B 74 11.25 -41.40 -2.22
C GLN B 74 11.48 -42.49 -1.16
N LEU B 75 12.28 -42.17 -0.16
CA LEU B 75 12.59 -43.11 0.91
C LEU B 75 11.38 -43.29 1.83
N GLU B 76 11.07 -44.54 2.15
CA GLU B 76 9.93 -44.83 3.03
C GLU B 76 10.36 -45.69 4.21
N ASN B 77 11.67 -45.90 4.34
CA ASN B 77 12.22 -46.69 5.44
C ASN B 77 12.86 -45.79 6.48
N GLN B 78 13.69 -44.86 6.02
CA GLN B 78 14.37 -43.93 6.91
C GLN B 78 13.38 -43.07 7.67
N ALA B 79 13.65 -42.86 8.96
CA ALA B 79 12.79 -42.04 9.80
C ALA B 79 13.21 -40.58 9.78
N ALA B 80 12.29 -39.70 10.17
CA ALA B 80 12.58 -38.27 10.20
C ALA B 80 13.33 -37.87 11.47
N PRO B 81 14.15 -36.82 11.41
CA PRO B 81 14.92 -36.35 12.57
C PRO B 81 14.03 -36.02 13.77
N MET A 1 10.58 19.31 -11.98
CA MET A 1 9.29 18.59 -11.94
C MET A 1 8.91 18.22 -10.51
N GLN A 2 7.91 18.91 -9.97
CA GLN A 2 7.45 18.67 -8.60
C GLN A 2 7.08 17.21 -8.39
N ALA A 3 8.00 16.44 -7.83
CA ALA A 3 7.76 15.02 -7.59
C ALA A 3 7.40 14.79 -6.13
N ILE A 4 6.20 14.29 -5.90
CA ILE A 4 5.73 14.05 -4.55
C ILE A 4 5.36 12.59 -4.35
N LYS A 5 5.77 12.03 -3.21
CA LYS A 5 5.50 10.63 -2.90
C LYS A 5 4.23 10.48 -2.07
N CYS A 6 3.20 9.91 -2.67
CA CYS A 6 1.92 9.70 -1.99
C CYS A 6 1.57 8.22 -1.92
N VAL A 7 1.46 7.70 -0.69
CA VAL A 7 1.12 6.29 -0.49
C VAL A 7 -0.32 6.14 -0.04
N VAL A 8 -1.06 5.24 -0.70
CA VAL A 8 -2.45 5.00 -0.36
C VAL A 8 -2.59 3.79 0.56
N VAL A 9 -3.27 3.98 1.69
CA VAL A 9 -3.46 2.91 2.65
C VAL A 9 -4.92 2.86 3.13
N GLY A 10 -5.35 1.67 3.54
CA GLY A 10 -6.71 1.51 4.03
C GLY A 10 -6.93 0.15 4.66
N ASP A 11 -7.62 0.13 5.79
CA ASP A 11 -7.91 -1.12 6.49
C ASP A 11 -8.77 -2.04 5.63
N GLY A 12 -9.44 -1.45 4.64
CA GLY A 12 -10.29 -2.22 3.75
C GLY A 12 -9.55 -3.33 3.04
N ALA A 13 -10.21 -4.47 2.88
CA ALA A 13 -9.60 -5.62 2.21
C ALA A 13 -9.19 -5.27 0.79
N VAL A 14 -9.96 -4.39 0.15
CA VAL A 14 -9.67 -3.97 -1.22
C VAL A 14 -9.98 -2.49 -1.43
N GLY A 15 -9.26 -1.87 -2.36
CA GLY A 15 -9.48 -0.45 -2.65
C GLY A 15 -8.19 0.35 -2.68
N LYS A 16 -7.07 -0.29 -2.33
CA LYS A 16 -5.78 0.39 -2.31
C LYS A 16 -5.24 0.69 -3.71
N THR A 17 -5.25 -0.32 -4.58
CA THR A 17 -4.73 -0.17 -5.95
C THR A 17 -5.76 0.47 -6.88
N CYS A 18 -7.04 0.18 -6.66
CA CYS A 18 -8.12 0.71 -7.49
C CYS A 18 -8.13 2.24 -7.49
N LEU A 19 -7.83 2.84 -6.34
CA LEU A 19 -7.83 4.30 -6.21
C LEU A 19 -6.78 4.93 -7.14
N LEU A 20 -5.57 4.41 -7.09
CA LEU A 20 -4.47 4.92 -7.91
C LEU A 20 -4.67 4.62 -9.40
N ILE A 21 -5.06 3.39 -9.70
CA ILE A 21 -5.26 2.96 -11.08
C ILE A 21 -6.38 3.74 -11.77
N SER A 22 -7.45 4.03 -11.04
CA SER A 22 -8.58 4.77 -11.61
C SER A 22 -8.15 6.15 -12.11
N TYR A 23 -7.25 6.80 -11.38
CA TYR A 23 -6.80 8.14 -11.76
C TYR A 23 -5.70 8.08 -12.83
N THR A 24 -4.96 6.98 -12.88
CA THR A 24 -3.87 6.84 -13.84
C THR A 24 -4.32 6.19 -15.15
N THR A 25 -5.39 5.39 -15.09
CA THR A 25 -5.88 4.69 -16.28
C THR A 25 -7.30 5.11 -16.62
N ASN A 26 -7.92 5.91 -15.76
CA ASN A 26 -9.28 6.39 -15.97
C ASN A 26 -10.28 5.25 -15.85
N ALA A 27 -9.78 4.05 -15.58
CA ALA A 27 -10.63 2.87 -15.45
C ALA A 27 -9.83 1.67 -14.95
N PHE A 28 -10.24 1.13 -13.80
CA PHE A 28 -9.57 -0.03 -13.22
C PHE A 28 -9.96 -1.32 -13.95
N PRO A 29 -8.99 -2.03 -14.55
CA PRO A 29 -9.25 -3.28 -15.27
C PRO A 29 -9.92 -4.33 -14.38
N GLY A 30 -9.19 -4.80 -13.37
CA GLY A 30 -9.72 -5.79 -12.46
C GLY A 30 -8.80 -6.97 -12.26
N GLU A 31 -7.52 -6.69 -11.98
CA GLU A 31 -6.55 -7.75 -11.76
C GLU A 31 -6.15 -7.82 -10.30
N TYR A 32 -5.37 -8.83 -9.93
CA TYR A 32 -4.94 -9.01 -8.55
C TYR A 32 -3.48 -9.48 -8.48
N ILE A 33 -2.83 -9.52 -9.63
CA ILE A 33 -1.43 -9.97 -9.70
C ILE A 33 -0.46 -8.79 -9.58
N PRO A 34 -0.63 -7.73 -10.40
CA PRO A 34 0.26 -6.56 -10.36
C PRO A 34 -0.05 -5.65 -9.19
N THR A 35 0.92 -5.48 -8.29
CA THR A 35 0.76 -4.62 -7.13
C THR A 35 2.08 -4.45 -6.39
N VAL A 36 3.06 -5.26 -6.74
CA VAL A 36 4.39 -5.20 -6.11
C VAL A 36 5.17 -3.98 -6.59
N PHE A 37 5.90 -4.13 -7.69
CA PHE A 37 6.69 -3.04 -8.24
C PHE A 37 6.85 -3.19 -9.76
N ASP A 38 6.87 -2.05 -10.45
CA ASP A 38 7.03 -2.04 -11.90
C ASP A 38 7.20 -0.62 -12.42
N ASN A 39 6.11 0.15 -12.40
CA ASN A 39 6.13 1.53 -12.86
C ASN A 39 4.82 2.25 -12.51
N TYR A 40 4.89 3.13 -11.51
CA TYR A 40 3.71 3.87 -11.08
C TYR A 40 3.99 5.38 -11.03
N SER A 41 3.99 6.01 -12.19
CA SER A 41 4.23 7.45 -12.27
C SER A 41 3.20 8.10 -13.18
N ALA A 42 2.75 9.30 -12.80
CA ALA A 42 1.77 10.03 -13.59
C ALA A 42 1.98 11.54 -13.49
N ASN A 43 1.62 12.26 -14.55
CA ASN A 43 1.77 13.71 -14.57
C ASN A 43 0.44 14.38 -14.25
N VAL A 44 0.47 15.35 -13.34
CA VAL A 44 -0.73 16.05 -12.93
C VAL A 44 -0.54 17.57 -13.00
N MET A 45 -1.59 18.27 -13.43
CA MET A 45 -1.56 19.72 -13.55
C MET A 45 -2.08 20.39 -12.28
N VAL A 46 -1.22 21.18 -11.64
CA VAL A 46 -1.60 21.87 -10.43
C VAL A 46 -1.28 23.36 -10.52
N ASP A 47 -2.33 24.18 -10.62
CA ASP A 47 -2.15 25.62 -10.72
C ASP A 47 -1.35 26.01 -11.96
N GLY A 48 -1.32 25.11 -12.93
CA GLY A 48 -0.58 25.39 -14.16
C GLY A 48 0.88 25.02 -14.03
N LYS A 49 1.20 24.27 -12.98
CA LYS A 49 2.56 23.85 -12.71
C LYS A 49 2.67 22.33 -12.84
N PRO A 50 3.49 21.81 -13.77
CA PRO A 50 3.65 20.37 -13.95
C PRO A 50 4.14 19.71 -12.66
N VAL A 51 3.46 18.65 -12.25
CA VAL A 51 3.83 17.95 -11.02
C VAL A 51 3.96 16.44 -11.24
N ASN A 52 5.10 15.91 -10.82
CA ASN A 52 5.36 14.48 -10.92
C ASN A 52 4.66 13.76 -9.76
N LEU A 53 3.78 12.83 -10.11
CA LEU A 53 3.02 12.09 -9.11
C LEU A 53 3.62 10.71 -8.83
N GLY A 54 3.82 10.41 -7.55
CA GLY A 54 4.38 9.12 -7.16
C GLY A 54 3.31 8.23 -6.56
N LEU A 55 2.91 7.21 -7.30
CA LEU A 55 1.88 6.28 -6.84
C LEU A 55 2.49 5.05 -6.19
N TRP A 56 2.19 4.85 -4.91
CA TRP A 56 2.70 3.70 -4.17
C TRP A 56 1.58 3.03 -3.39
N ASP A 57 1.50 1.70 -3.49
CA ASP A 57 0.47 0.95 -2.79
C ASP A 57 1.09 0.02 -1.76
N THR A 58 0.51 0.00 -0.56
CA THR A 58 1.00 -0.84 0.52
C THR A 58 0.50 -2.28 0.37
N ALA A 59 -0.66 -2.43 -0.26
CA ALA A 59 -1.25 -3.75 -0.48
C ALA A 59 -1.56 -4.43 0.85
N GLY A 60 -2.00 -5.69 0.77
CA GLY A 60 -2.32 -6.44 1.97
C GLY A 60 -1.74 -7.84 1.95
N LEU A 61 -0.43 -7.95 2.15
CA LEU A 61 0.22 -9.26 2.15
C LEU A 61 1.13 -9.39 3.38
N GLU A 62 0.92 -10.46 4.14
CA GLU A 62 1.71 -10.70 5.35
C GLU A 62 3.05 -11.34 5.03
N ASP A 63 3.09 -12.15 3.97
CA ASP A 63 4.32 -12.82 3.56
C ASP A 63 5.43 -11.82 3.28
N TYR A 64 5.09 -10.70 2.67
CA TYR A 64 6.07 -9.66 2.36
C TYR A 64 6.70 -9.12 3.63
N ASP A 65 5.89 -8.42 4.43
CA ASP A 65 6.37 -7.83 5.69
C ASP A 65 7.58 -6.93 5.46
N ARG A 66 8.76 -7.53 5.42
CA ARG A 66 10.00 -6.80 5.21
C ARG A 66 9.95 -5.99 3.91
N LEU A 67 9.25 -6.53 2.91
CA LEU A 67 9.14 -5.86 1.62
C LEU A 67 8.02 -4.81 1.64
N ARG A 68 7.87 -4.14 2.77
CA ARG A 68 6.85 -3.10 2.91
C ARG A 68 7.19 -1.88 2.04
N PRO A 69 6.19 -1.03 1.74
CA PRO A 69 6.40 0.17 0.91
C PRO A 69 7.53 1.05 1.46
N LEU A 70 8.62 1.13 0.70
CA LEU A 70 9.77 1.93 1.10
C LEU A 70 9.44 3.42 1.07
N SER A 71 8.46 3.78 0.26
CA SER A 71 8.04 5.18 0.13
C SER A 71 7.33 5.68 1.37
N TYR A 72 6.51 4.81 1.99
CA TYR A 72 5.74 5.17 3.18
C TYR A 72 6.45 6.19 4.08
N PRO A 73 7.68 5.88 4.57
CA PRO A 73 8.42 6.82 5.45
C PRO A 73 8.64 8.19 4.82
N GLN A 74 9.13 8.19 3.59
CA GLN A 74 9.41 9.43 2.86
C GLN A 74 8.14 10.15 2.42
N THR A 75 7.04 9.40 2.33
CA THR A 75 5.75 9.95 1.90
C THR A 75 5.52 11.37 2.40
N ASP A 76 5.28 12.27 1.45
CA ASP A 76 5.02 13.67 1.77
C ASP A 76 3.61 13.84 2.33
N VAL A 77 2.72 12.94 1.96
CA VAL A 77 1.33 12.99 2.43
C VAL A 77 0.63 11.66 2.23
N PHE A 78 -0.14 11.24 3.23
CA PHE A 78 -0.86 9.97 3.18
C PHE A 78 -2.35 10.19 2.92
N LEU A 79 -2.98 9.25 2.21
CA LEU A 79 -4.41 9.33 1.93
C LEU A 79 -5.15 8.28 2.73
N ILE A 80 -6.13 8.73 3.52
CA ILE A 80 -6.92 7.82 4.35
C ILE A 80 -8.21 7.44 3.64
N CYS A 81 -8.29 6.20 3.18
CA CYS A 81 -9.47 5.71 2.49
C CYS A 81 -10.35 4.88 3.41
N PHE A 82 -11.66 5.13 3.36
CA PHE A 82 -12.62 4.41 4.19
C PHE A 82 -14.00 4.37 3.54
N SER A 83 -14.89 3.53 4.05
CA SER A 83 -16.23 3.40 3.49
C SER A 83 -17.18 4.39 4.16
N LEU A 84 -17.69 5.33 3.37
CA LEU A 84 -18.60 6.35 3.87
C LEU A 84 -19.93 5.76 4.35
N VAL A 85 -20.50 4.85 3.57
CA VAL A 85 -21.78 4.26 3.92
C VAL A 85 -21.71 3.52 5.26
N SER A 86 -20.49 3.21 5.68
CA SER A 86 -20.29 2.51 6.95
C SER A 86 -19.46 3.37 7.91
N PRO A 87 -20.09 3.91 8.98
CA PRO A 87 -19.41 4.76 9.96
C PRO A 87 -18.25 4.05 10.65
N ALA A 88 -18.35 2.73 10.80
CA ALA A 88 -17.31 1.95 11.46
C ALA A 88 -15.94 2.14 10.81
N SER A 89 -15.91 2.11 9.48
CA SER A 89 -14.66 2.28 8.76
C SER A 89 -14.02 3.61 9.14
N PHE A 90 -14.87 4.61 9.38
CA PHE A 90 -14.41 5.92 9.78
C PHE A 90 -13.80 5.87 11.17
N GLU A 91 -14.39 5.02 12.02
CA GLU A 91 -13.92 4.84 13.39
C GLU A 91 -12.58 4.10 13.41
N ASN A 92 -12.39 3.22 12.43
CA ASN A 92 -11.18 2.41 12.34
C ASN A 92 -9.97 3.22 11.87
N VAL A 93 -10.16 4.02 10.83
CA VAL A 93 -9.06 4.81 10.28
C VAL A 93 -8.44 5.72 11.33
N ARG A 94 -9.27 6.44 12.07
CA ARG A 94 -8.80 7.34 13.12
C ARG A 94 -8.30 6.55 14.33
N ALA A 95 -8.77 5.30 14.45
CA ALA A 95 -8.40 4.44 15.57
C ALA A 95 -7.00 3.86 15.45
N LYS A 96 -6.60 3.44 14.26
CA LYS A 96 -5.28 2.81 14.07
C LYS A 96 -4.24 3.76 13.44
N TRP A 97 -4.64 4.49 12.41
CA TRP A 97 -3.72 5.39 11.72
C TRP A 97 -3.29 6.58 12.58
N TYR A 98 -4.25 7.21 13.25
CA TYR A 98 -3.96 8.39 14.07
C TYR A 98 -2.91 8.15 15.16
N PRO A 99 -3.03 7.05 15.96
CA PRO A 99 -2.08 6.76 17.04
C PRO A 99 -0.65 6.52 16.56
N GLU A 100 -0.51 6.03 15.32
CA GLU A 100 0.80 5.72 14.76
C GLU A 100 1.55 6.98 14.35
N VAL A 101 0.90 7.86 13.61
CA VAL A 101 1.53 9.10 13.14
C VAL A 101 1.85 10.02 14.31
N ARG A 102 0.97 10.07 15.30
CA ARG A 102 1.17 10.92 16.48
C ARG A 102 2.30 10.42 17.36
N HIS A 103 2.55 9.11 17.32
CA HIS A 103 3.60 8.49 18.13
C HIS A 103 4.97 9.06 17.77
N HIS A 104 5.18 9.34 16.49
CA HIS A 104 6.44 9.87 16.01
C HIS A 104 6.34 11.38 15.83
N CYS A 105 5.15 11.82 15.44
CA CYS A 105 4.88 13.24 15.22
C CYS A 105 5.83 13.82 14.17
N PRO A 106 5.86 13.24 12.96
CA PRO A 106 6.73 13.72 11.88
C PRO A 106 6.32 15.10 11.39
N ASN A 107 5.13 15.53 11.82
CA ASN A 107 4.59 16.83 11.41
C ASN A 107 4.21 16.82 9.94
N THR A 108 4.10 15.61 9.39
CA THR A 108 3.75 15.44 7.99
C THR A 108 2.24 15.62 7.78
N PRO A 109 1.85 16.38 6.74
CA PRO A 109 0.43 16.62 6.44
C PRO A 109 -0.30 15.33 6.07
N ILE A 110 -1.62 15.33 6.25
CA ILE A 110 -2.41 14.14 5.94
C ILE A 110 -3.74 14.51 5.28
N ILE A 111 -4.00 13.88 4.14
CA ILE A 111 -5.24 14.12 3.41
C ILE A 111 -6.25 13.04 3.74
N LEU A 112 -7.53 13.33 3.49
CA LEU A 112 -8.59 12.38 3.75
C LEU A 112 -9.34 12.06 2.47
N VAL A 113 -9.58 10.77 2.24
CA VAL A 113 -10.25 10.33 1.04
C VAL A 113 -11.49 9.49 1.36
N GLY A 114 -12.62 9.89 0.80
CA GLY A 114 -13.85 9.17 1.02
C GLY A 114 -14.19 8.27 -0.14
N THR A 115 -13.37 7.24 -0.33
CA THR A 115 -13.56 6.28 -1.43
C THR A 115 -14.95 5.68 -1.38
N LYS A 116 -15.27 4.87 -2.39
CA LYS A 116 -16.57 4.22 -2.47
C LYS A 116 -17.68 5.29 -2.42
N LEU A 117 -17.69 6.16 -3.42
CA LEU A 117 -18.68 7.22 -3.49
C LEU A 117 -19.89 6.79 -4.33
N ASP A 118 -19.65 5.86 -5.26
CA ASP A 118 -20.72 5.36 -6.13
C ASP A 118 -21.84 4.72 -5.30
N LEU A 119 -21.45 4.02 -4.24
CA LEU A 119 -22.42 3.35 -3.37
C LEU A 119 -22.83 4.25 -2.21
N ARG A 120 -22.18 5.40 -2.11
CA ARG A 120 -22.47 6.36 -1.06
C ARG A 120 -23.66 7.23 -1.46
N ASP A 121 -23.87 7.36 -2.76
CA ASP A 121 -24.98 8.15 -3.27
C ASP A 121 -26.04 7.24 -3.90
N ASP A 122 -26.05 5.98 -3.44
CA ASP A 122 -27.01 5.01 -3.95
C ASP A 122 -28.11 4.75 -2.94
N LYS A 123 -29.34 5.10 -3.31
CA LYS A 123 -30.50 4.93 -2.44
C LYS A 123 -30.62 3.50 -1.94
N ASP A 124 -30.73 2.56 -2.86
CA ASP A 124 -30.89 1.15 -2.52
C ASP A 124 -29.76 0.66 -1.62
N THR A 125 -28.52 1.00 -1.98
CA THR A 125 -27.37 0.59 -1.18
C THR A 125 -27.46 1.21 0.21
N ILE A 126 -27.83 2.48 0.25
CA ILE A 126 -27.97 3.17 1.52
C ILE A 126 -28.99 2.45 2.39
N GLU A 127 -30.04 1.96 1.75
CA GLU A 127 -31.08 1.21 2.41
C GLU A 127 -30.50 -0.05 3.03
N LYS A 128 -29.51 -0.63 2.34
CA LYS A 128 -28.86 -1.85 2.80
C LYS A 128 -28.18 -1.64 4.16
N LEU A 129 -27.53 -0.50 4.35
CA LEU A 129 -26.87 -0.23 5.61
C LEU A 129 -27.91 -0.21 6.73
N LYS A 130 -29.09 0.29 6.40
CA LYS A 130 -30.19 0.37 7.36
C LYS A 130 -30.50 -1.02 7.91
N GLU A 131 -30.32 -2.03 7.07
CA GLU A 131 -30.58 -3.41 7.46
C GLU A 131 -29.67 -3.79 8.63
N LYS A 132 -28.50 -3.16 8.65
CA LYS A 132 -27.52 -3.41 9.70
C LYS A 132 -27.43 -2.22 10.66
N LYS A 133 -28.42 -1.33 10.57
CA LYS A 133 -28.49 -0.15 11.43
C LYS A 133 -27.32 0.80 11.23
N LEU A 134 -26.81 0.87 10.01
CA LEU A 134 -25.71 1.76 9.69
C LEU A 134 -26.16 2.88 8.75
N THR A 135 -25.47 4.01 8.79
CA THR A 135 -25.81 5.14 7.93
C THR A 135 -24.56 5.71 7.26
N PRO A 136 -24.70 6.25 6.04
CA PRO A 136 -23.56 6.81 5.30
C PRO A 136 -23.06 8.13 5.89
N ILE A 137 -21.78 8.41 5.67
CA ILE A 137 -21.16 9.62 6.18
C ILE A 137 -21.37 10.80 5.26
N THR A 138 -21.65 11.95 5.86
CA THR A 138 -21.86 13.18 5.11
C THR A 138 -20.58 14.00 5.05
N TYR A 139 -20.59 15.10 4.30
CA TYR A 139 -19.42 15.94 4.14
C TYR A 139 -19.01 16.64 5.46
N PRO A 140 -19.95 17.28 6.17
CA PRO A 140 -19.64 17.97 7.44
C PRO A 140 -19.09 17.03 8.51
N GLN A 141 -19.53 15.78 8.51
CA GLN A 141 -19.07 14.82 9.52
C GLN A 141 -17.59 14.55 9.34
N GLY A 142 -17.22 14.31 8.10
CA GLY A 142 -15.84 14.07 7.77
C GLY A 142 -15.00 15.32 7.93
N LEU A 143 -15.61 16.46 7.60
CA LEU A 143 -14.93 17.74 7.71
C LEU A 143 -14.39 17.96 9.12
N ALA A 144 -15.22 17.64 10.11
CA ALA A 144 -14.85 17.79 11.51
C ALA A 144 -13.68 16.87 11.87
N MET A 145 -13.75 15.64 11.39
CA MET A 145 -12.69 14.66 11.66
C MET A 145 -11.35 15.15 11.11
N ALA A 146 -11.40 15.86 9.99
CA ALA A 146 -10.18 16.39 9.37
C ALA A 146 -9.47 17.33 10.33
N LYS A 147 -10.19 18.35 10.79
CA LYS A 147 -9.62 19.33 11.72
C LYS A 147 -9.19 18.65 13.01
N GLU A 148 -9.94 17.63 13.39
CA GLU A 148 -9.67 16.89 14.61
C GLU A 148 -8.32 16.19 14.53
N ILE A 149 -8.05 15.56 13.40
CA ILE A 149 -6.80 14.84 13.20
C ILE A 149 -5.74 15.78 12.63
N GLY A 150 -6.05 17.07 12.64
CA GLY A 150 -5.13 18.07 12.12
C GLY A 150 -4.81 17.87 10.66
N ALA A 151 -5.69 17.14 9.96
CA ALA A 151 -5.50 16.87 8.55
C ALA A 151 -5.46 18.15 7.72
N VAL A 152 -4.69 18.11 6.65
CA VAL A 152 -4.55 19.26 5.77
C VAL A 152 -5.82 19.50 4.95
N LYS A 153 -6.52 18.42 4.59
CA LYS A 153 -7.74 18.57 3.80
C LYS A 153 -8.48 17.23 3.68
N TYR A 154 -9.81 17.32 3.59
CA TYR A 154 -10.66 16.14 3.47
C TYR A 154 -11.66 16.27 2.31
N LEU A 155 -11.76 15.24 1.48
CA LEU A 155 -12.69 15.24 0.36
C LEU A 155 -13.28 13.85 0.12
N GLU A 156 -14.35 13.79 -0.68
CA GLU A 156 -15.01 12.54 -1.02
C GLU A 156 -14.91 12.29 -2.52
N CYS A 157 -14.72 11.03 -2.92
CA CYS A 157 -14.61 10.70 -4.34
C CYS A 157 -14.80 9.21 -4.60
N SER A 158 -15.12 8.88 -5.86
CA SER A 158 -15.32 7.50 -6.28
C SER A 158 -14.28 7.11 -7.33
N ALA A 159 -13.89 5.84 -7.34
CA ALA A 159 -12.93 5.37 -8.33
C ALA A 159 -13.64 4.89 -9.57
N LEU A 160 -14.92 4.56 -9.42
CA LEU A 160 -15.74 4.10 -10.53
C LEU A 160 -16.24 5.27 -11.37
N THR A 161 -16.68 6.33 -10.70
CA THR A 161 -17.18 7.51 -11.39
C THR A 161 -16.10 8.58 -11.49
N GLN A 162 -15.15 8.53 -10.57
CA GLN A 162 -14.05 9.48 -10.55
C GLN A 162 -14.55 10.89 -10.25
N ARG A 163 -15.58 10.99 -9.42
CA ARG A 163 -16.14 12.31 -9.08
C ARG A 163 -15.38 12.98 -7.95
N GLY A 164 -14.05 13.02 -8.06
CA GLY A 164 -13.24 13.67 -7.03
C GLY A 164 -11.79 13.22 -7.03
N LEU A 165 -11.49 12.13 -7.75
CA LEU A 165 -10.12 11.60 -7.81
C LEU A 165 -9.11 12.70 -8.15
N LYS A 166 -9.39 13.43 -9.23
CA LYS A 166 -8.50 14.49 -9.69
C LYS A 166 -8.24 15.49 -8.57
N THR A 167 -9.25 15.70 -7.74
CA THR A 167 -9.15 16.63 -6.63
C THR A 167 -8.27 16.08 -5.52
N VAL A 168 -8.36 14.76 -5.29
CA VAL A 168 -7.56 14.13 -4.24
C VAL A 168 -6.07 14.33 -4.49
N PHE A 169 -5.63 13.95 -5.68
CA PHE A 169 -4.22 14.07 -6.05
C PHE A 169 -3.80 15.53 -6.15
N ASP A 170 -4.68 16.36 -6.69
CA ASP A 170 -4.38 17.80 -6.85
C ASP A 170 -4.20 18.48 -5.49
N GLU A 171 -5.10 18.19 -4.56
CA GLU A 171 -5.06 18.77 -3.22
C GLU A 171 -3.95 18.15 -2.39
N ALA A 172 -3.73 16.86 -2.60
CA ALA A 172 -2.71 16.13 -1.86
C ALA A 172 -1.32 16.72 -2.12
N ILE A 173 -1.08 17.10 -3.36
CA ILE A 173 0.20 17.69 -3.74
C ILE A 173 0.43 18.96 -2.95
N ARG A 174 -0.60 19.81 -2.89
CA ARG A 174 -0.50 21.07 -2.16
C ARG A 174 -0.20 20.81 -0.69
N ALA A 175 -0.73 19.71 -0.18
CA ALA A 175 -0.55 19.31 1.21
C ALA A 175 0.90 19.39 1.65
N VAL A 176 1.83 19.16 0.73
CA VAL A 176 3.24 19.21 1.07
C VAL A 176 3.88 20.55 0.70
N LEU A 177 3.41 21.17 -0.39
CA LEU A 177 3.96 22.46 -0.83
C LEU A 177 3.62 23.58 0.14
N CYS A 178 2.33 23.79 0.41
CA CYS A 178 1.91 24.86 1.31
C CYS A 178 2.17 24.50 2.79
N PRO A 179 1.54 23.44 3.34
CA PRO A 179 1.77 23.04 4.74
C PRO A 179 3.26 22.73 4.97
N PRO A 180 3.66 22.39 6.22
CA PRO A 180 5.07 22.10 6.51
C PRO A 180 5.64 20.97 5.64
N PRO A 181 6.91 21.09 5.22
CA PRO A 181 7.57 20.09 4.37
C PRO A 181 7.68 18.72 5.04
N VAL A 182 8.21 17.77 4.28
CA VAL A 182 8.38 16.40 4.76
C VAL A 182 9.80 15.91 4.50
N LYS A 183 10.41 15.29 5.51
CA LYS A 183 11.77 14.77 5.37
C LYS A 183 11.93 13.43 6.10
N LYS A 184 12.22 13.50 7.40
CA LYS A 184 12.40 12.31 8.22
C LYS A 184 13.50 11.41 7.64
N ARG A 185 14.72 11.57 8.16
CA ARG A 185 15.85 10.78 7.69
C ARG A 185 16.58 10.12 8.87
N LYS A 186 16.30 8.84 9.08
CA LYS A 186 16.92 8.10 10.18
C LYS A 186 17.42 6.73 9.69
N ARG A 187 18.71 6.48 9.84
CA ARG A 187 19.31 5.22 9.41
C ARG A 187 18.97 4.11 10.41
N LYS A 188 18.78 2.90 9.89
CA LYS A 188 18.46 1.75 10.73
C LYS A 188 19.74 1.12 11.28
N CYS A 189 19.59 0.26 12.30
CA CYS A 189 20.73 -0.40 12.91
C CYS A 189 20.30 -1.67 13.64
N LEU A 190 19.04 -2.05 13.47
CA LEU A 190 18.50 -3.24 14.12
C LEU A 190 19.16 -4.50 13.56
N LEU A 191 19.17 -5.56 14.36
CA LEU A 191 19.77 -6.83 13.95
C LEU A 191 19.13 -7.34 12.67
N LEU A 192 19.94 -7.52 11.63
CA LEU A 192 19.44 -8.01 10.35
C LEU A 192 19.84 -9.46 10.13
N GLY B 1 4.70 -37.25 7.62
CA GLY B 1 3.27 -36.93 7.84
C GLY B 1 2.39 -37.49 6.74
N ILE B 2 2.26 -36.74 5.64
CA ILE B 2 1.44 -37.16 4.52
C ILE B 2 2.08 -38.34 3.78
N PRO B 3 1.28 -39.36 3.43
CA PRO B 3 1.79 -40.56 2.74
C PRO B 3 2.25 -40.26 1.30
N ALA B 4 1.41 -40.61 0.32
CA ALA B 4 1.75 -40.38 -1.08
C ALA B 4 1.11 -39.11 -1.62
N THR B 5 0.12 -38.58 -0.91
CA THR B 5 -0.57 -37.37 -1.34
C THR B 5 0.22 -36.12 -0.96
N ASN B 6 1.54 -36.25 -0.89
CA ASN B 6 2.40 -35.14 -0.55
C ASN B 6 2.58 -34.20 -1.74
N LEU B 7 1.95 -34.53 -2.86
CA LEU B 7 2.04 -33.70 -4.06
C LEU B 7 1.53 -32.29 -3.79
N SER B 8 0.41 -32.20 -3.09
CA SER B 8 -0.18 -30.91 -2.76
C SER B 8 0.79 -30.05 -1.95
N ARG B 9 1.49 -30.69 -1.02
CA ARG B 9 2.45 -29.98 -0.17
C ARG B 9 3.61 -29.46 -1.01
N VAL B 10 4.07 -30.28 -1.96
CA VAL B 10 5.16 -29.89 -2.85
C VAL B 10 4.83 -28.60 -3.57
N ALA B 11 3.66 -28.57 -4.19
CA ALA B 11 3.21 -27.39 -4.91
C ALA B 11 3.11 -26.21 -3.96
N GLY B 12 2.83 -26.49 -2.70
CA GLY B 12 2.73 -25.45 -1.71
C GLY B 12 4.04 -24.71 -1.55
N LEU B 13 5.14 -25.44 -1.62
CA LEU B 13 6.46 -24.84 -1.50
C LEU B 13 6.80 -24.09 -2.77
N GLU B 14 6.30 -24.59 -3.89
CA GLU B 14 6.53 -23.94 -5.18
C GLU B 14 5.81 -22.60 -5.20
N LYS B 15 4.60 -22.61 -4.65
CA LYS B 15 3.77 -21.43 -4.57
C LYS B 15 4.36 -20.41 -3.59
N GLN B 16 4.74 -20.89 -2.41
CA GLN B 16 5.33 -20.03 -1.39
C GLN B 16 6.61 -19.41 -1.91
N LEU B 17 7.49 -20.25 -2.45
CA LEU B 17 8.75 -19.79 -3.01
C LEU B 17 8.50 -18.75 -4.10
N ALA B 18 7.48 -19.01 -4.92
CA ALA B 18 7.13 -18.11 -6.01
C ALA B 18 6.73 -16.74 -5.47
N ILE B 19 5.97 -16.75 -4.39
CA ILE B 19 5.54 -15.51 -3.75
C ILE B 19 6.77 -14.76 -3.27
N GLU B 20 7.72 -15.53 -2.74
CA GLU B 20 8.97 -14.96 -2.24
C GLU B 20 9.77 -14.33 -3.38
N LEU B 21 9.60 -14.85 -4.61
CA LEU B 21 10.31 -14.28 -5.75
C LEU B 21 9.80 -12.88 -6.01
N LYS B 22 8.49 -12.69 -5.82
CA LYS B 22 7.89 -11.37 -6.01
C LYS B 22 8.49 -10.41 -4.98
N VAL B 23 8.79 -10.97 -3.82
CA VAL B 23 9.40 -10.21 -2.74
C VAL B 23 10.84 -9.84 -3.08
N LYS B 24 11.62 -10.84 -3.50
CA LYS B 24 13.01 -10.64 -3.86
C LYS B 24 13.14 -9.68 -5.05
N GLN B 25 12.40 -9.97 -6.11
CA GLN B 25 12.42 -9.14 -7.30
C GLN B 25 11.94 -7.72 -6.98
N GLY B 26 11.08 -7.60 -5.97
CA GLY B 26 10.56 -6.30 -5.60
C GLY B 26 11.64 -5.37 -5.08
N ALA B 27 12.43 -5.88 -4.13
CA ALA B 27 13.52 -5.10 -3.55
C ALA B 27 14.60 -4.81 -4.59
N GLU B 28 15.01 -5.85 -5.32
CA GLU B 28 16.04 -5.73 -6.33
C GLU B 28 15.67 -4.66 -7.36
N ASN B 29 14.42 -4.66 -7.81
CA ASN B 29 13.97 -3.66 -8.78
C ASN B 29 14.18 -2.27 -8.22
N MET B 30 13.79 -2.07 -6.97
CA MET B 30 13.96 -0.78 -6.31
C MET B 30 15.43 -0.44 -6.17
N ILE B 31 16.26 -1.47 -6.00
CA ILE B 31 17.70 -1.29 -5.85
C ILE B 31 18.33 -0.77 -7.14
N GLN B 32 18.01 -1.42 -8.26
CA GLN B 32 18.56 -1.02 -9.55
C GLN B 32 18.13 0.38 -9.91
N THR B 33 16.96 0.79 -9.42
CA THR B 33 16.44 2.12 -9.69
C THR B 33 17.33 3.20 -9.08
N TYR B 34 17.66 3.06 -7.80
CA TYR B 34 18.49 4.02 -7.10
C TYR B 34 19.98 3.74 -7.29
N SER B 35 20.30 2.53 -7.73
CA SER B 35 21.70 2.14 -7.95
C SER B 35 22.30 2.92 -9.11
N ASN B 36 23.61 2.76 -9.31
CA ASN B 36 24.32 3.44 -10.38
C ASN B 36 24.21 4.96 -10.26
N GLY B 37 24.95 5.67 -11.11
CA GLY B 37 24.92 7.12 -11.08
C GLY B 37 25.28 7.68 -9.71
N SER B 38 24.47 8.62 -9.23
CA SER B 38 24.71 9.23 -7.93
C SER B 38 23.57 8.89 -6.96
N THR B 39 22.60 8.12 -7.45
CA THR B 39 21.46 7.71 -6.65
C THR B 39 20.60 8.91 -6.25
N LYS B 40 19.32 8.85 -6.62
CA LYS B 40 18.39 9.94 -6.30
C LYS B 40 18.09 9.96 -4.81
N ASP B 41 17.99 8.78 -4.21
CA ASP B 41 17.71 8.66 -2.79
C ASP B 41 18.36 7.41 -2.20
N ARG B 42 19.47 7.62 -1.50
CA ARG B 42 20.20 6.50 -0.89
C ARG B 42 19.39 5.87 0.24
N LYS B 43 18.52 6.66 0.86
CA LYS B 43 17.68 6.17 1.95
C LYS B 43 16.84 4.98 1.51
N LEU B 44 16.12 5.16 0.40
CA LEU B 44 15.28 4.11 -0.14
C LEU B 44 16.12 2.93 -0.62
N LEU B 45 17.29 3.25 -1.16
CA LEU B 45 18.21 2.24 -1.66
C LEU B 45 18.73 1.38 -0.51
N LEU B 46 18.88 1.99 0.65
CA LEU B 46 19.36 1.29 1.84
C LEU B 46 18.34 0.28 2.33
N THR B 47 17.08 0.70 2.39
CA THR B 47 16.00 -0.19 2.85
C THR B 47 15.81 -1.35 1.88
N ALA B 48 16.00 -1.06 0.59
CA ALA B 48 15.85 -2.08 -0.45
C ALA B 48 16.93 -3.14 -0.33
N GLN B 49 18.14 -2.70 0.02
CA GLN B 49 19.28 -3.59 0.15
C GLN B 49 19.10 -4.58 1.32
N GLN B 50 18.69 -4.06 2.47
CA GLN B 50 18.51 -4.90 3.65
C GLN B 50 17.30 -5.83 3.52
N MET B 51 16.20 -5.31 2.99
CA MET B 51 14.99 -6.13 2.83
C MET B 51 15.19 -7.21 1.78
N LEU B 52 16.07 -6.94 0.82
CA LEU B 52 16.35 -7.90 -0.26
C LEU B 52 17.15 -9.08 0.28
N GLN B 53 18.14 -8.79 1.12
CA GLN B 53 18.97 -9.83 1.70
C GLN B 53 18.12 -10.78 2.53
N ASP B 54 17.19 -10.19 3.29
CA ASP B 54 16.29 -10.96 4.13
C ASP B 54 15.45 -11.89 3.27
N SER B 55 15.02 -11.37 2.12
CA SER B 55 14.21 -12.14 1.19
C SER B 55 15.02 -13.29 0.60
N LYS B 56 16.30 -13.04 0.35
CA LYS B 56 17.17 -14.07 -0.21
C LYS B 56 17.19 -15.31 0.68
N THR B 57 17.31 -15.08 1.98
CA THR B 57 17.31 -16.18 2.94
C THR B 57 16.00 -16.94 2.88
N LYS B 58 14.89 -16.20 2.80
CA LYS B 58 13.57 -16.81 2.73
C LYS B 58 13.49 -17.79 1.56
N ILE B 59 13.96 -17.35 0.39
CA ILE B 59 13.95 -18.20 -0.79
C ILE B 59 14.86 -19.40 -0.58
N ASP B 60 15.99 -19.17 0.06
CA ASP B 60 16.97 -20.23 0.32
C ASP B 60 16.38 -21.39 1.11
N ILE B 61 15.67 -21.10 2.20
CA ILE B 61 15.08 -22.16 3.02
C ILE B 61 13.95 -22.88 2.31
N ILE B 62 13.03 -22.13 1.73
CA ILE B 62 11.90 -22.73 1.01
C ILE B 62 12.39 -23.59 -0.15
N ARG B 63 13.41 -23.11 -0.84
CA ARG B 63 13.97 -23.81 -1.99
C ARG B 63 14.59 -25.15 -1.57
N MET B 64 15.41 -25.13 -0.52
CA MET B 64 16.05 -26.35 -0.06
C MET B 64 15.02 -27.34 0.50
N GLN B 65 14.02 -26.82 1.21
CA GLN B 65 12.98 -27.66 1.78
C GLN B 65 12.19 -28.35 0.67
N LEU B 66 11.98 -27.63 -0.42
CA LEU B 66 11.27 -28.20 -1.55
C LEU B 66 12.03 -29.40 -2.07
N ARG B 67 13.35 -29.27 -2.10
CA ARG B 67 14.21 -30.37 -2.53
C ARG B 67 14.01 -31.57 -1.62
N ARG B 68 13.73 -31.27 -0.36
CA ARG B 68 13.50 -32.32 0.65
C ARG B 68 12.22 -33.08 0.34
N ALA B 69 11.23 -32.37 -0.19
CA ALA B 69 9.94 -32.97 -0.52
C ALA B 69 10.07 -33.99 -1.64
N LEU B 70 10.73 -33.60 -2.72
CA LEU B 70 10.90 -34.49 -3.87
C LEU B 70 11.86 -35.62 -3.53
N GLN B 71 12.86 -35.32 -2.72
CA GLN B 71 13.85 -36.31 -2.32
C GLN B 71 13.19 -37.43 -1.51
N ALA B 72 12.25 -37.04 -0.65
CA ALA B 72 11.55 -38.00 0.18
C ALA B 72 10.32 -38.54 -0.54
N ASP B 73 10.00 -37.94 -1.67
CA ASP B 73 8.85 -38.35 -2.48
C ASP B 73 9.19 -39.59 -3.30
N GLN B 74 10.40 -39.63 -3.84
CA GLN B 74 10.85 -40.75 -4.65
C GLN B 74 10.85 -42.04 -3.84
N LEU B 75 11.44 -41.98 -2.64
CA LEU B 75 11.50 -43.14 -1.76
C LEU B 75 10.21 -43.28 -0.96
N GLU B 76 10.09 -44.38 -0.22
CA GLU B 76 8.92 -44.64 0.58
C GLU B 76 9.21 -45.62 1.71
N ASN B 77 10.49 -45.71 2.08
CA ASN B 77 10.92 -46.61 3.14
C ASN B 77 11.70 -45.87 4.21
N GLN B 78 12.70 -45.11 3.78
CA GLN B 78 13.54 -44.35 4.71
C GLN B 78 12.69 -43.43 5.59
N ALA B 79 12.13 -42.39 4.97
CA ALA B 79 11.29 -41.44 5.68
C ALA B 79 12.04 -40.79 6.85
N ALA B 80 13.36 -40.92 6.85
CA ALA B 80 14.18 -40.34 7.91
C ALA B 80 14.26 -38.83 7.78
N PRO B 81 14.15 -38.10 8.90
CA PRO B 81 14.21 -36.63 8.90
C PRO B 81 15.62 -36.10 8.66
N MET A 1 11.10 19.20 -11.79
CA MET A 1 9.83 18.44 -11.71
C MET A 1 9.50 18.11 -10.26
N GLN A 2 8.45 18.74 -9.74
CA GLN A 2 8.01 18.52 -8.37
C GLN A 2 7.57 17.08 -8.14
N ALA A 3 8.47 16.26 -7.62
CA ALA A 3 8.15 14.87 -7.36
C ALA A 3 7.74 14.65 -5.91
N ILE A 4 6.51 14.21 -5.72
CA ILE A 4 5.97 13.97 -4.38
C ILE A 4 5.58 12.51 -4.20
N LYS A 5 5.90 11.94 -3.04
CA LYS A 5 5.58 10.55 -2.76
C LYS A 5 4.25 10.44 -2.00
N CYS A 6 3.24 9.91 -2.66
CA CYS A 6 1.93 9.74 -2.05
C CYS A 6 1.50 8.27 -2.03
N VAL A 7 1.40 7.70 -0.84
CA VAL A 7 0.99 6.30 -0.68
C VAL A 7 -0.45 6.22 -0.22
N VAL A 8 -1.25 5.39 -0.90
CA VAL A 8 -2.65 5.23 -0.56
C VAL A 8 -2.90 3.93 0.21
N VAL A 9 -3.60 4.04 1.33
CA VAL A 9 -3.92 2.88 2.15
C VAL A 9 -5.35 2.97 2.68
N GLY A 10 -5.86 1.86 3.20
CA GLY A 10 -7.21 1.84 3.72
C GLY A 10 -7.53 0.58 4.48
N ASP A 11 -8.36 0.71 5.52
CA ASP A 11 -8.74 -0.44 6.33
C ASP A 11 -9.66 -1.37 5.56
N GLY A 12 -10.28 -0.84 4.50
CA GLY A 12 -11.18 -1.63 3.70
C GLY A 12 -10.48 -2.80 3.03
N ALA A 13 -11.25 -3.82 2.66
CA ALA A 13 -10.70 -5.00 2.02
C ALA A 13 -10.03 -4.64 0.69
N VAL A 14 -10.68 -3.79 -0.09
CA VAL A 14 -10.14 -3.38 -1.37
C VAL A 14 -10.38 -1.89 -1.63
N GLY A 15 -9.83 -1.37 -2.72
CA GLY A 15 -10.01 0.03 -3.06
C GLY A 15 -8.70 0.81 -3.05
N LYS A 16 -7.63 0.15 -2.59
CA LYS A 16 -6.32 0.79 -2.49
C LYS A 16 -5.66 1.00 -3.85
N THR A 17 -5.61 -0.03 -4.69
CA THR A 17 -4.97 0.09 -6.01
C THR A 17 -5.89 0.75 -7.05
N CYS A 18 -7.18 0.49 -6.94
CA CYS A 18 -8.16 1.05 -7.89
C CYS A 18 -8.13 2.58 -7.89
N LEU A 19 -7.92 3.17 -6.71
CA LEU A 19 -7.89 4.62 -6.59
C LEU A 19 -6.77 5.21 -7.45
N LEU A 20 -5.61 4.58 -7.41
CA LEU A 20 -4.46 5.02 -8.19
C LEU A 20 -4.67 4.82 -9.69
N ILE A 21 -5.18 3.64 -10.05
CA ILE A 21 -5.41 3.30 -11.46
C ILE A 21 -6.46 4.19 -12.10
N SER A 22 -7.52 4.51 -11.37
CA SER A 22 -8.60 5.35 -11.90
C SER A 22 -8.09 6.71 -12.33
N TYR A 23 -7.15 7.27 -11.57
CA TYR A 23 -6.61 8.59 -11.88
C TYR A 23 -5.52 8.54 -12.95
N THR A 24 -4.84 7.39 -13.07
CA THR A 24 -3.76 7.26 -14.04
C THR A 24 -4.25 6.73 -15.39
N THR A 25 -5.35 6.00 -15.39
CA THR A 25 -5.89 5.43 -16.63
C THR A 25 -7.29 5.95 -16.92
N ASN A 26 -7.85 6.71 -15.98
CA ASN A 26 -9.19 7.27 -16.13
C ASN A 26 -10.25 6.17 -16.16
N ALA A 27 -9.80 4.93 -16.01
CA ALA A 27 -10.70 3.79 -16.03
C ALA A 27 -9.99 2.52 -15.56
N PHE A 28 -10.36 2.03 -14.39
CA PHE A 28 -9.76 0.83 -13.83
C PHE A 28 -10.18 -0.41 -14.64
N PRO A 29 -9.21 -1.12 -15.26
CA PRO A 29 -9.49 -2.32 -16.05
C PRO A 29 -9.81 -3.52 -15.18
N GLY A 30 -9.26 -3.52 -13.96
CA GLY A 30 -9.50 -4.61 -13.04
C GLY A 30 -8.81 -5.89 -13.48
N GLU A 31 -7.50 -5.82 -13.66
CA GLU A 31 -6.73 -6.98 -14.08
C GLU A 31 -6.28 -7.82 -12.88
N TYR A 32 -5.45 -8.81 -13.15
CA TYR A 32 -4.92 -9.69 -12.12
C TYR A 32 -3.53 -9.23 -11.68
N ILE A 33 -3.00 -8.23 -12.37
CA ILE A 33 -1.68 -7.69 -12.06
C ILE A 33 -1.53 -7.41 -10.57
N PRO A 34 -0.67 -8.17 -9.87
CA PRO A 34 -0.44 -7.98 -8.42
C PRO A 34 0.04 -6.57 -8.09
N THR A 35 0.13 -6.27 -6.80
CA THR A 35 0.58 -4.96 -6.34
C THR A 35 2.09 -4.83 -6.45
N VAL A 36 2.81 -5.90 -6.13
CA VAL A 36 4.26 -5.90 -6.19
C VAL A 36 4.76 -5.69 -7.61
N PHE A 37 5.27 -4.49 -7.88
CA PHE A 37 5.79 -4.14 -9.19
C PHE A 37 6.42 -2.75 -9.17
N ASP A 38 7.03 -2.35 -10.29
CA ASP A 38 7.66 -1.05 -10.39
C ASP A 38 6.93 -0.14 -11.37
N ASN A 39 7.55 1.01 -11.67
CA ASN A 39 6.96 1.97 -12.59
C ASN A 39 5.58 2.41 -12.13
N TYR A 40 5.54 3.47 -11.32
CA TYR A 40 4.28 4.00 -10.80
C TYR A 40 4.33 5.51 -10.65
N SER A 41 4.37 6.21 -11.77
CA SER A 41 4.40 7.67 -11.76
C SER A 41 3.40 8.26 -12.74
N ALA A 42 2.96 9.48 -12.43
CA ALA A 42 2.00 10.17 -13.27
C ALA A 42 2.21 11.68 -13.23
N ASN A 43 2.13 12.33 -14.38
CA ASN A 43 2.32 13.78 -14.45
C ASN A 43 0.99 14.49 -14.22
N VAL A 44 1.01 15.52 -13.38
CA VAL A 44 -0.20 16.28 -13.07
C VAL A 44 0.04 17.79 -13.16
N MET A 45 -0.96 18.50 -13.65
CA MET A 45 -0.89 19.94 -13.80
C MET A 45 -1.57 20.66 -12.64
N VAL A 46 -0.79 21.34 -11.81
CA VAL A 46 -1.33 22.07 -10.67
C VAL A 46 -0.83 23.51 -10.66
N ASP A 47 -1.77 24.45 -10.72
CA ASP A 47 -1.42 25.87 -10.71
C ASP A 47 -0.57 26.25 -11.91
N GLY A 48 -0.50 25.36 -12.90
CA GLY A 48 0.29 25.63 -14.09
C GLY A 48 1.73 25.22 -13.92
N LYS A 49 1.99 24.41 -12.90
CA LYS A 49 3.34 23.93 -12.61
C LYS A 49 3.42 22.41 -12.72
N PRO A 50 4.17 21.88 -13.70
CA PRO A 50 4.30 20.43 -13.88
C PRO A 50 4.77 19.75 -12.59
N VAL A 51 4.06 18.72 -12.17
CA VAL A 51 4.40 18.01 -10.95
C VAL A 51 4.48 16.50 -11.14
N ASN A 52 5.57 15.92 -10.66
CA ASN A 52 5.77 14.48 -10.73
C ASN A 52 5.04 13.82 -9.56
N LEU A 53 4.11 12.92 -9.88
CA LEU A 53 3.32 12.24 -8.86
C LEU A 53 3.80 10.82 -8.64
N GLY A 54 4.03 10.48 -7.37
CA GLY A 54 4.46 9.13 -7.03
C GLY A 54 3.30 8.29 -6.54
N LEU A 55 3.00 7.23 -7.29
CA LEU A 55 1.89 6.35 -6.94
C LEU A 55 2.38 5.14 -6.16
N TRP A 56 1.91 4.99 -4.94
CA TRP A 56 2.30 3.88 -4.09
C TRP A 56 1.08 3.27 -3.41
N ASP A 57 1.12 1.95 -3.18
CA ASP A 57 0.01 1.26 -2.55
C ASP A 57 0.50 0.00 -1.83
N THR A 58 0.15 -0.12 -0.56
CA THR A 58 0.56 -1.27 0.24
C THR A 58 -0.59 -2.27 0.39
N ALA A 59 -0.46 -3.17 1.37
CA ALA A 59 -1.47 -4.18 1.63
C ALA A 59 -1.61 -5.15 0.46
N GLY A 60 -2.70 -5.90 0.45
CA GLY A 60 -2.92 -6.86 -0.61
C GLY A 60 -2.36 -8.23 -0.28
N LEU A 61 -1.16 -8.25 0.29
CA LEU A 61 -0.50 -9.50 0.66
C LEU A 61 0.21 -9.36 1.99
N GLU A 62 -0.16 -10.22 2.94
CA GLU A 62 0.44 -10.19 4.27
C GLU A 62 1.78 -10.91 4.31
N ASP A 63 2.02 -11.77 3.33
CA ASP A 63 3.28 -12.52 3.27
C ASP A 63 4.47 -11.58 3.11
N TYR A 64 4.29 -10.55 2.30
CA TYR A 64 5.37 -9.58 2.06
C TYR A 64 5.71 -8.82 3.34
N ASP A 65 4.72 -8.09 3.86
CA ASP A 65 4.89 -7.31 5.09
C ASP A 65 5.94 -6.20 4.91
N ARG A 66 7.21 -6.58 5.00
CA ARG A 66 8.31 -5.63 4.85
C ARG A 66 8.53 -5.29 3.38
N LEU A 67 8.25 -6.25 2.50
CA LEU A 67 8.44 -6.05 1.07
C LEU A 67 7.22 -5.36 0.45
N ARG A 68 7.06 -4.07 0.71
CA ARG A 68 5.93 -3.33 0.16
C ARG A 68 5.97 -1.83 0.52
N PRO A 69 6.13 -1.48 1.81
CA PRO A 69 6.15 -0.08 2.25
C PRO A 69 7.53 0.58 2.14
N LEU A 70 8.13 0.54 0.95
CA LEU A 70 9.43 1.17 0.75
C LEU A 70 9.30 2.69 0.80
N SER A 71 8.26 3.20 0.15
CA SER A 71 8.00 4.63 0.09
C SER A 71 7.25 5.12 1.33
N TYR A 72 6.31 4.30 1.81
CA TYR A 72 5.48 4.64 2.97
C TYR A 72 6.20 5.56 3.98
N PRO A 73 7.38 5.16 4.50
CA PRO A 73 8.12 5.98 5.47
C PRO A 73 8.44 7.39 4.94
N GLN A 74 9.01 7.44 3.74
CA GLN A 74 9.38 8.72 3.11
C GLN A 74 8.17 9.49 2.60
N THR A 75 7.07 8.78 2.38
CA THR A 75 5.83 9.39 1.87
C THR A 75 5.63 10.81 2.37
N ASP A 76 5.72 11.76 1.45
CA ASP A 76 5.53 13.17 1.78
C ASP A 76 4.13 13.40 2.34
N VAL A 77 3.17 12.69 1.79
CA VAL A 77 1.79 12.78 2.22
C VAL A 77 0.99 11.56 1.74
N PHE A 78 0.27 10.92 2.65
CA PHE A 78 -0.52 9.75 2.30
C PHE A 78 -2.01 10.05 2.39
N LEU A 79 -2.82 9.25 1.71
CA LEU A 79 -4.26 9.44 1.70
C LEU A 79 -4.98 8.42 2.57
N ILE A 80 -5.93 8.89 3.36
CA ILE A 80 -6.71 8.01 4.24
C ILE A 80 -8.03 7.64 3.56
N CYS A 81 -8.10 6.43 3.02
CA CYS A 81 -9.31 5.97 2.34
C CYS A 81 -10.19 5.14 3.26
N PHE A 82 -11.48 5.47 3.28
CA PHE A 82 -12.44 4.76 4.11
C PHE A 82 -13.81 4.71 3.42
N SER A 83 -14.69 3.86 3.92
CA SER A 83 -16.02 3.72 3.34
C SER A 83 -17.00 4.68 4.01
N LEU A 84 -17.54 5.59 3.23
CA LEU A 84 -18.47 6.60 3.73
C LEU A 84 -19.76 5.96 4.25
N VAL A 85 -20.30 5.00 3.51
CA VAL A 85 -21.54 4.34 3.90
C VAL A 85 -21.35 3.43 5.11
N SER A 86 -20.18 3.50 5.73
CA SER A 86 -19.89 2.70 6.92
C SER A 86 -19.12 3.54 7.95
N PRO A 87 -19.82 4.02 9.01
CA PRO A 87 -19.20 4.84 10.05
C PRO A 87 -18.03 4.16 10.74
N ALA A 88 -18.01 2.83 10.72
CA ALA A 88 -16.94 2.07 11.37
C ALA A 88 -15.58 2.42 10.78
N SER A 89 -15.51 2.48 9.45
CA SER A 89 -14.26 2.81 8.79
C SER A 89 -13.77 4.17 9.26
N PHE A 90 -14.72 5.09 9.41
CA PHE A 90 -14.43 6.43 9.88
C PHE A 90 -13.94 6.38 11.32
N GLU A 91 -14.47 5.43 12.07
CA GLU A 91 -14.10 5.24 13.46
C GLU A 91 -12.70 4.65 13.60
N ASN A 92 -12.33 3.80 12.65
CA ASN A 92 -11.05 3.11 12.66
C ASN A 92 -9.91 3.93 12.06
N VAL A 93 -10.22 4.77 11.08
CA VAL A 93 -9.18 5.58 10.43
C VAL A 93 -8.40 6.43 11.42
N ARG A 94 -9.12 7.15 12.27
CA ARG A 94 -8.50 8.00 13.28
C ARG A 94 -7.93 7.15 14.41
N ALA A 95 -8.46 5.94 14.54
CA ALA A 95 -8.04 5.02 15.60
C ALA A 95 -6.62 4.50 15.43
N LYS A 96 -6.27 4.02 14.23
CA LYS A 96 -4.94 3.47 13.98
C LYS A 96 -3.99 4.41 13.24
N TRP A 97 -4.50 5.11 12.22
CA TRP A 97 -3.66 6.00 11.42
C TRP A 97 -3.14 7.20 12.20
N TYR A 98 -4.01 7.86 12.96
CA TYR A 98 -3.61 9.04 13.72
C TYR A 98 -2.45 8.77 14.69
N PRO A 99 -2.51 7.70 15.51
CA PRO A 99 -1.44 7.37 16.48
C PRO A 99 -0.14 6.97 15.81
N GLU A 100 -0.24 6.41 14.60
CA GLU A 100 0.94 5.96 13.86
C GLU A 100 1.72 7.13 13.26
N VAL A 101 1.01 8.02 12.58
CA VAL A 101 1.65 9.18 11.95
C VAL A 101 2.30 10.09 12.97
N ARG A 102 1.65 10.26 14.12
CA ARG A 102 2.18 11.12 15.17
C ARG A 102 3.44 10.53 15.81
N HIS A 103 3.57 9.21 15.75
CA HIS A 103 4.72 8.53 16.34
C HIS A 103 5.95 8.65 15.44
N HIS A 104 5.74 8.51 14.13
CA HIS A 104 6.83 8.59 13.18
C HIS A 104 7.18 10.04 12.86
N CYS A 105 6.15 10.87 12.70
CA CYS A 105 6.36 12.28 12.37
C CYS A 105 5.02 13.03 12.24
N PRO A 106 4.57 13.70 13.32
CA PRO A 106 3.31 14.45 13.29
C PRO A 106 3.37 15.68 12.39
N ASN A 107 4.59 16.04 11.99
CA ASN A 107 4.78 17.21 11.12
C ASN A 107 4.45 16.90 9.67
N THR A 108 4.23 15.63 9.36
CA THR A 108 3.90 15.21 8.00
C THR A 108 2.43 15.49 7.69
N PRO A 109 2.15 16.24 6.60
CA PRO A 109 0.77 16.55 6.20
C PRO A 109 -0.01 15.29 5.87
N ILE A 110 -1.33 15.33 6.07
CA ILE A 110 -2.16 14.16 5.79
C ILE A 110 -3.49 14.54 5.14
N ILE A 111 -3.77 13.90 4.01
CA ILE A 111 -5.01 14.16 3.28
C ILE A 111 -6.04 13.09 3.59
N LEU A 112 -7.31 13.40 3.39
CA LEU A 112 -8.38 12.45 3.65
C LEU A 112 -9.17 12.18 2.38
N VAL A 113 -9.49 10.92 2.14
CA VAL A 113 -10.22 10.53 0.94
C VAL A 113 -11.45 9.68 1.25
N GLY A 114 -12.53 9.94 0.52
CA GLY A 114 -13.76 9.18 0.71
C GLY A 114 -14.09 8.36 -0.51
N THR A 115 -13.25 7.37 -0.79
CA THR A 115 -13.43 6.50 -1.95
C THR A 115 -14.77 5.77 -1.93
N LYS A 116 -15.14 5.22 -3.08
CA LYS A 116 -16.39 4.48 -3.21
C LYS A 116 -17.58 5.38 -2.89
N LEU A 117 -17.81 6.39 -3.71
CA LEU A 117 -18.93 7.30 -3.49
C LEU A 117 -20.20 6.82 -4.17
N ASP A 118 -20.03 6.12 -5.28
CA ASP A 118 -21.17 5.62 -6.04
C ASP A 118 -22.05 4.73 -5.16
N LEU A 119 -21.44 4.09 -4.17
CA LEU A 119 -22.17 3.23 -3.25
C LEU A 119 -22.51 3.97 -1.95
N ARG A 120 -21.94 5.17 -1.78
CA ARG A 120 -22.21 5.96 -0.58
C ARG A 120 -23.55 6.66 -0.72
N ASP A 121 -23.90 7.03 -1.94
CA ASP A 121 -25.15 7.72 -2.22
C ASP A 121 -26.15 6.75 -2.86
N ASP A 122 -26.05 5.48 -2.51
CA ASP A 122 -26.94 4.47 -3.06
C ASP A 122 -28.08 4.17 -2.10
N LYS A 123 -29.30 4.42 -2.57
CA LYS A 123 -30.51 4.20 -1.78
C LYS A 123 -30.60 2.78 -1.25
N ASP A 124 -30.60 1.82 -2.17
CA ASP A 124 -30.70 0.42 -1.82
C ASP A 124 -29.60 -0.01 -0.85
N THR A 125 -28.36 0.39 -1.13
CA THR A 125 -27.24 0.05 -0.25
C THR A 125 -27.45 0.69 1.11
N ILE A 126 -27.88 1.94 1.11
CA ILE A 126 -28.13 2.65 2.35
C ILE A 126 -29.17 1.89 3.17
N GLU A 127 -30.17 1.36 2.46
CA GLU A 127 -31.22 0.58 3.08
C GLU A 127 -30.64 -0.67 3.74
N LYS A 128 -29.61 -1.23 3.11
CA LYS A 128 -28.95 -2.41 3.62
C LYS A 128 -28.21 -2.11 4.92
N LEU A 129 -27.60 -0.93 4.98
CA LEU A 129 -26.88 -0.52 6.17
C LEU A 129 -27.82 -0.45 7.36
N LYS A 130 -29.05 -0.03 7.11
CA LYS A 130 -30.06 0.06 8.15
C LYS A 130 -30.24 -1.29 8.82
N GLU A 131 -30.06 -2.34 8.03
CA GLU A 131 -30.19 -3.71 8.52
C GLU A 131 -29.12 -3.98 9.58
N LYS A 132 -28.01 -3.26 9.45
CA LYS A 132 -26.90 -3.40 10.39
C LYS A 132 -26.73 -2.14 11.23
N LYS A 133 -27.70 -1.24 11.16
CA LYS A 133 -27.69 0.01 11.92
C LYS A 133 -26.55 0.94 11.51
N LEU A 134 -26.20 0.95 10.23
CA LEU A 134 -25.14 1.82 9.74
C LEU A 134 -25.68 2.91 8.81
N THR A 135 -25.03 4.06 8.81
CA THR A 135 -25.43 5.19 7.96
C THR A 135 -24.22 5.83 7.30
N PRO A 136 -24.40 6.42 6.10
CA PRO A 136 -23.31 7.05 5.35
C PRO A 136 -22.78 8.32 6.02
N ILE A 137 -21.52 8.65 5.72
CA ILE A 137 -20.88 9.82 6.30
C ILE A 137 -21.10 11.06 5.43
N THR A 138 -21.36 12.19 6.08
CA THR A 138 -21.56 13.45 5.39
C THR A 138 -20.26 14.25 5.35
N TYR A 139 -20.27 15.37 4.64
CA TYR A 139 -19.06 16.19 4.53
C TYR A 139 -18.64 16.80 5.88
N PRO A 140 -19.56 17.43 6.62
CA PRO A 140 -19.24 18.03 7.93
C PRO A 140 -18.73 17.01 8.94
N GLN A 141 -19.13 15.76 8.77
CA GLN A 141 -18.70 14.69 9.67
C GLN A 141 -17.21 14.47 9.53
N GLY A 142 -16.75 14.39 8.29
CA GLY A 142 -15.34 14.20 8.03
C GLY A 142 -14.55 15.49 8.18
N LEU A 143 -15.16 16.60 7.79
CA LEU A 143 -14.52 17.91 7.87
C LEU A 143 -14.10 18.20 9.30
N ALA A 144 -14.96 17.85 10.25
CA ALA A 144 -14.67 18.08 11.66
C ALA A 144 -13.49 17.22 12.12
N MET A 145 -13.38 16.03 11.56
CA MET A 145 -12.29 15.11 11.90
C MET A 145 -10.96 15.63 11.39
N ALA A 146 -10.98 16.29 10.23
CA ALA A 146 -9.78 16.83 9.63
C ALA A 146 -9.11 17.87 10.53
N LYS A 147 -9.91 18.63 11.26
CA LYS A 147 -9.39 19.67 12.15
C LYS A 147 -8.68 19.08 13.36
N GLU A 148 -9.29 18.08 13.96
CA GLU A 148 -8.73 17.44 15.16
C GLU A 148 -7.49 16.62 14.84
N ILE A 149 -7.56 15.83 13.77
CA ILE A 149 -6.43 15.00 13.39
C ILE A 149 -5.35 15.83 12.72
N GLY A 150 -5.63 17.13 12.63
CA GLY A 150 -4.68 18.06 12.02
C GLY A 150 -4.48 17.81 10.54
N ALA A 151 -5.48 17.21 9.89
CA ALA A 151 -5.40 16.92 8.47
C ALA A 151 -5.31 18.20 7.65
N VAL A 152 -4.52 18.15 6.59
CA VAL A 152 -4.36 19.30 5.72
C VAL A 152 -5.59 19.56 4.88
N LYS A 153 -6.30 18.49 4.51
CA LYS A 153 -7.51 18.63 3.70
C LYS A 153 -8.26 17.31 3.58
N TYR A 154 -9.58 17.41 3.56
CA TYR A 154 -10.44 16.24 3.45
C TYR A 154 -11.49 16.42 2.34
N LEU A 155 -11.62 15.43 1.47
CA LEU A 155 -12.58 15.48 0.38
C LEU A 155 -13.18 14.10 0.10
N GLU A 156 -14.28 14.07 -0.65
CA GLU A 156 -14.94 12.83 -1.00
C GLU A 156 -14.92 12.62 -2.51
N CYS A 157 -14.75 11.38 -2.94
CA CYS A 157 -14.70 11.10 -4.38
C CYS A 157 -14.90 9.62 -4.68
N SER A 158 -15.18 9.33 -5.93
CA SER A 158 -15.38 7.95 -6.40
C SER A 158 -14.42 7.64 -7.53
N ALA A 159 -14.00 6.39 -7.63
CA ALA A 159 -13.08 5.99 -8.69
C ALA A 159 -13.83 5.58 -9.95
N LEU A 160 -15.10 5.20 -9.77
CA LEU A 160 -15.94 4.80 -10.89
C LEU A 160 -16.47 6.01 -11.65
N THR A 161 -16.94 7.01 -10.90
CA THR A 161 -17.49 8.21 -11.51
C THR A 161 -16.43 9.29 -11.61
N GLN A 162 -15.38 9.15 -10.79
CA GLN A 162 -14.28 10.11 -10.76
C GLN A 162 -14.74 11.47 -10.25
N ARG A 163 -15.58 11.46 -9.21
CA ARG A 163 -16.09 12.69 -8.61
C ARG A 163 -15.00 13.77 -8.52
N GLY A 164 -14.08 13.59 -7.58
CA GLY A 164 -13.02 14.56 -7.40
C GLY A 164 -11.65 13.91 -7.29
N LEU A 165 -11.41 12.86 -8.06
CA LEU A 165 -10.13 12.17 -8.05
C LEU A 165 -8.98 13.15 -8.24
N LYS A 166 -9.08 13.96 -9.30
CA LYS A 166 -8.05 14.96 -9.62
C LYS A 166 -7.81 15.87 -8.43
N THR A 167 -8.88 16.21 -7.73
CA THR A 167 -8.81 17.08 -6.56
C THR A 167 -7.97 16.45 -5.46
N VAL A 168 -8.08 15.14 -5.30
CA VAL A 168 -7.33 14.43 -4.27
C VAL A 168 -5.83 14.55 -4.51
N PHE A 169 -5.40 14.16 -5.71
CA PHE A 169 -4.00 14.22 -6.09
C PHE A 169 -3.48 15.65 -6.15
N ASP A 170 -4.29 16.54 -6.71
CA ASP A 170 -3.91 17.95 -6.84
C ASP A 170 -3.71 18.61 -5.48
N GLU A 171 -4.64 18.37 -4.57
CA GLU A 171 -4.57 18.93 -3.23
C GLU A 171 -3.50 18.23 -2.39
N ALA A 172 -3.33 16.93 -2.63
CA ALA A 172 -2.35 16.14 -1.90
C ALA A 172 -0.95 16.68 -2.14
N ILE A 173 -0.66 16.99 -3.39
CA ILE A 173 0.64 17.55 -3.74
C ILE A 173 0.81 18.88 -3.03
N ARG A 174 -0.24 19.68 -3.09
CA ARG A 174 -0.28 20.98 -2.44
C ARG A 174 -0.09 20.82 -0.94
N ALA A 175 -0.48 19.67 -0.41
CA ALA A 175 -0.37 19.38 1.01
C ALA A 175 1.07 19.47 1.52
N VAL A 176 2.03 19.20 0.66
CA VAL A 176 3.42 19.28 1.07
C VAL A 176 4.08 20.60 0.66
N LEU A 177 3.63 21.18 -0.45
CA LEU A 177 4.19 22.45 -0.92
C LEU A 177 3.88 23.58 0.05
N CYS A 178 2.60 23.79 0.32
CA CYS A 178 2.17 24.86 1.23
C CYS A 178 2.39 24.48 2.71
N PRO A 179 1.69 23.45 3.25
CA PRO A 179 1.87 23.05 4.65
C PRO A 179 3.32 22.70 4.96
N PRO A 180 3.65 22.39 6.24
CA PRO A 180 5.02 22.03 6.63
C PRO A 180 5.59 20.86 5.85
N PRO A 181 6.92 20.86 5.59
CA PRO A 181 7.60 19.81 4.84
C PRO A 181 7.44 18.42 5.46
N VAL A 182 8.25 17.49 4.95
CA VAL A 182 8.23 16.12 5.40
C VAL A 182 9.63 15.61 5.72
N LYS A 183 10.39 15.30 4.67
CA LYS A 183 11.74 14.81 4.82
C LYS A 183 11.80 13.55 5.67
N LYS A 184 13.01 13.07 5.93
CA LYS A 184 13.20 11.86 6.72
C LYS A 184 13.28 12.19 8.21
N ARG A 185 13.65 11.19 9.02
CA ARG A 185 13.76 11.38 10.46
C ARG A 185 14.84 10.48 11.05
N LYS A 186 14.65 9.17 10.95
CA LYS A 186 15.61 8.20 11.48
C LYS A 186 16.13 7.29 10.38
N ARG A 187 16.99 6.33 10.78
CA ARG A 187 17.57 5.39 9.84
C ARG A 187 18.08 4.14 10.56
N LYS A 188 17.87 2.98 9.94
CA LYS A 188 18.31 1.71 10.52
C LYS A 188 19.77 1.43 10.18
N CYS A 189 20.56 1.07 11.19
CA CYS A 189 21.97 0.78 11.00
C CYS A 189 22.18 -0.71 10.71
N LEU A 190 22.95 -1.00 9.67
CA LEU A 190 23.24 -2.38 9.28
C LEU A 190 24.44 -2.44 8.35
N LEU A 191 24.89 -3.66 8.06
CA LEU A 191 26.03 -3.87 7.19
C LEU A 191 25.59 -4.11 5.74
N LEU A 192 26.19 -3.37 4.82
CA LEU A 192 25.86 -3.51 3.40
C LEU A 192 26.58 -4.70 2.78
N GLY B 1 4.08 -40.50 7.03
CA GLY B 1 3.08 -41.42 6.44
C GLY B 1 2.08 -40.71 5.56
N ILE B 2 2.57 -39.87 4.66
CA ILE B 2 1.70 -39.12 3.75
C ILE B 2 1.35 -39.94 2.51
N PRO B 3 0.06 -39.96 2.13
CA PRO B 3 -0.40 -40.71 0.95
C PRO B 3 0.00 -40.02 -0.35
N ALA B 4 -0.85 -40.12 -1.36
CA ALA B 4 -0.58 -39.50 -2.66
C ALA B 4 -0.43 -37.99 -2.54
N THR B 5 -0.85 -37.45 -1.39
CA THR B 5 -0.76 -36.01 -1.14
C THR B 5 0.70 -35.54 -1.12
N ASN B 6 1.62 -36.50 -1.13
CA ASN B 6 3.05 -36.18 -1.11
C ASN B 6 3.40 -35.21 -2.24
N LEU B 7 2.77 -35.38 -3.38
CA LEU B 7 3.02 -34.53 -4.53
C LEU B 7 2.58 -33.10 -4.25
N SER B 8 1.45 -32.96 -3.57
CA SER B 8 0.92 -31.64 -3.23
C SER B 8 1.89 -30.89 -2.33
N ARG B 9 2.60 -31.63 -1.48
CA ARG B 9 3.57 -31.04 -0.56
C ARG B 9 4.75 -30.47 -1.34
N VAL B 10 5.24 -31.25 -2.30
CA VAL B 10 6.37 -30.82 -3.13
C VAL B 10 6.03 -29.57 -3.91
N ALA B 11 4.90 -29.60 -4.61
CA ALA B 11 4.45 -28.47 -5.39
C ALA B 11 4.18 -27.28 -4.51
N GLY B 12 3.78 -27.56 -3.27
CA GLY B 12 3.48 -26.50 -2.33
C GLY B 12 4.71 -25.68 -2.02
N LEU B 13 5.86 -26.36 -1.93
CA LEU B 13 7.11 -25.69 -1.65
C LEU B 13 7.59 -24.93 -2.87
N GLU B 14 7.27 -25.46 -4.04
CA GLU B 14 7.64 -24.81 -5.29
C GLU B 14 6.86 -23.51 -5.43
N LYS B 15 5.58 -23.58 -5.05
CA LYS B 15 4.69 -22.43 -5.09
C LYS B 15 5.10 -21.39 -4.06
N GLN B 16 5.33 -21.85 -2.83
CA GLN B 16 5.75 -20.97 -1.75
C GLN B 16 7.04 -20.28 -2.10
N LEU B 17 8.01 -21.08 -2.55
CA LEU B 17 9.31 -20.57 -2.95
C LEU B 17 9.15 -19.52 -4.03
N ALA B 18 8.28 -19.80 -5.00
CA ALA B 18 8.04 -18.89 -6.10
C ALA B 18 7.47 -17.57 -5.60
N ILE B 19 6.56 -17.66 -4.64
CA ILE B 19 5.97 -16.46 -4.05
C ILE B 19 7.08 -15.60 -3.46
N GLU B 20 8.05 -16.28 -2.84
CA GLU B 20 9.18 -15.61 -2.25
C GLU B 20 9.99 -14.92 -3.33
N LEU B 21 9.96 -15.46 -4.56
CA LEU B 21 10.67 -14.82 -5.66
C LEU B 21 10.04 -13.48 -5.93
N LYS B 22 8.73 -13.40 -5.81
CA LYS B 22 8.02 -12.14 -6.02
C LYS B 22 8.53 -11.13 -5.00
N VAL B 23 8.83 -11.63 -3.82
CA VAL B 23 9.34 -10.82 -2.72
C VAL B 23 10.78 -10.37 -3.00
N LYS B 24 11.65 -11.35 -3.27
CA LYS B 24 13.06 -11.07 -3.54
C LYS B 24 13.22 -10.26 -4.83
N GLN B 25 12.50 -10.69 -5.86
CA GLN B 25 12.55 -10.01 -7.15
C GLN B 25 12.06 -8.57 -7.05
N GLY B 26 11.13 -8.33 -6.13
CA GLY B 26 10.59 -7.00 -5.94
C GLY B 26 11.61 -6.03 -5.38
N ALA B 27 12.29 -6.45 -4.32
CA ALA B 27 13.30 -5.61 -3.69
C ALA B 27 14.42 -5.28 -4.66
N GLU B 28 14.92 -6.29 -5.35
CA GLU B 28 16.01 -6.11 -6.31
C GLU B 28 15.65 -5.04 -7.34
N ASN B 29 14.41 -5.07 -7.81
CA ASN B 29 13.96 -4.09 -8.79
C ASN B 29 14.07 -2.68 -8.22
N MET B 30 13.66 -2.52 -6.97
CA MET B 30 13.73 -1.22 -6.31
C MET B 30 15.18 -0.81 -6.07
N ILE B 31 16.04 -1.79 -5.83
CA ILE B 31 17.46 -1.53 -5.61
C ILE B 31 18.12 -1.03 -6.88
N GLN B 32 17.87 -1.70 -7.99
CA GLN B 32 18.46 -1.33 -9.28
C GLN B 32 18.03 0.09 -9.66
N THR B 33 16.82 0.47 -9.29
CA THR B 33 16.30 1.79 -9.60
C THR B 33 17.11 2.89 -8.90
N TYR B 34 17.30 2.74 -7.60
CA TYR B 34 18.05 3.72 -6.82
C TYR B 34 19.55 3.43 -6.84
N SER B 35 19.92 2.28 -7.39
CA SER B 35 21.33 1.88 -7.46
C SER B 35 22.16 2.95 -8.17
N ASN B 36 21.52 3.69 -9.07
CA ASN B 36 22.21 4.74 -9.82
C ASN B 36 22.45 5.96 -8.95
N GLY B 37 23.01 7.02 -9.55
CA GLY B 37 23.29 8.23 -8.80
C GLY B 37 22.05 9.09 -8.60
N SER B 38 21.38 9.43 -9.70
CA SER B 38 20.18 10.25 -9.64
C SER B 38 19.09 9.57 -8.80
N THR B 39 18.98 10.00 -7.55
CA THR B 39 17.99 9.44 -6.64
C THR B 39 17.31 10.53 -5.81
N LYS B 40 16.25 10.16 -5.10
CA LYS B 40 15.52 11.11 -4.27
C LYS B 40 15.92 10.95 -2.81
N ASP B 41 15.70 9.76 -2.26
CA ASP B 41 16.02 9.48 -0.87
C ASP B 41 16.74 8.14 -0.75
N ARG B 42 17.77 8.10 0.11
CA ARG B 42 18.55 6.90 0.33
C ARG B 42 17.74 5.84 1.07
N LYS B 43 16.74 6.27 1.83
CA LYS B 43 15.89 5.36 2.59
C LYS B 43 15.24 4.32 1.70
N LEU B 44 14.90 4.70 0.48
CA LEU B 44 14.28 3.79 -0.47
C LEU B 44 15.25 2.67 -0.86
N LEU B 45 16.48 3.04 -1.14
CA LEU B 45 17.52 2.07 -1.52
C LEU B 45 17.94 1.24 -0.32
N LEU B 46 17.98 1.86 0.85
CA LEU B 46 18.38 1.18 2.08
C LEU B 46 17.34 0.13 2.48
N THR B 47 16.07 0.51 2.43
CA THR B 47 15.00 -0.40 2.80
C THR B 47 14.93 -1.59 1.83
N ALA B 48 15.23 -1.31 0.56
CA ALA B 48 15.22 -2.35 -0.45
C ALA B 48 16.33 -3.36 -0.21
N GLN B 49 17.48 -2.87 0.24
CA GLN B 49 18.63 -3.71 0.52
C GLN B 49 18.38 -4.66 1.69
N GLN B 50 17.88 -4.10 2.80
CA GLN B 50 17.60 -4.90 3.98
C GLN B 50 16.49 -5.93 3.73
N MET B 51 15.41 -5.48 3.12
CA MET B 51 14.28 -6.38 2.82
C MET B 51 14.70 -7.47 1.83
N LEU B 52 15.64 -7.13 0.96
CA LEU B 52 16.12 -8.08 -0.03
C LEU B 52 16.86 -9.24 0.64
N GLN B 53 17.71 -8.92 1.61
CA GLN B 53 18.46 -9.93 2.33
C GLN B 53 17.52 -10.90 3.03
N ASP B 54 16.49 -10.36 3.65
CA ASP B 54 15.49 -11.16 4.35
C ASP B 54 14.83 -12.14 3.38
N SER B 55 14.61 -11.67 2.16
CA SER B 55 13.98 -12.49 1.13
C SER B 55 14.91 -13.62 0.70
N LYS B 56 16.20 -13.34 0.62
CA LYS B 56 17.18 -14.33 0.22
C LYS B 56 17.11 -15.54 1.15
N THR B 57 17.05 -15.27 2.45
CA THR B 57 16.97 -16.32 3.45
C THR B 57 15.69 -17.14 3.25
N LYS B 58 14.59 -16.44 2.98
CA LYS B 58 13.31 -17.11 2.76
C LYS B 58 13.41 -18.13 1.64
N ILE B 59 14.01 -17.72 0.52
CA ILE B 59 14.18 -18.61 -0.62
C ILE B 59 15.11 -19.77 -0.25
N ASP B 60 16.15 -19.46 0.51
CA ASP B 60 17.15 -20.44 0.93
C ASP B 60 16.54 -21.60 1.70
N ILE B 61 15.70 -21.31 2.70
CA ILE B 61 15.10 -22.38 3.51
C ILE B 61 14.06 -23.18 2.74
N ILE B 62 13.16 -22.49 2.06
CA ILE B 62 12.12 -23.17 1.29
C ILE B 62 12.73 -24.06 0.21
N ARG B 63 13.80 -23.55 -0.41
CA ARG B 63 14.47 -24.29 -1.48
C ARG B 63 15.11 -25.58 -0.97
N MET B 64 15.82 -25.49 0.15
CA MET B 64 16.47 -26.67 0.72
C MET B 64 15.44 -27.69 1.19
N GLN B 65 14.36 -27.20 1.79
CA GLN B 65 13.30 -28.08 2.27
C GLN B 65 12.66 -28.82 1.10
N LEU B 66 12.52 -28.12 -0.02
CA LEU B 66 11.95 -28.73 -1.21
C LEU B 66 12.79 -29.93 -1.61
N ARG B 67 14.11 -29.78 -1.52
CA ARG B 67 15.03 -30.86 -1.85
C ARG B 67 14.77 -32.03 -0.93
N ARG B 68 14.37 -31.72 0.32
CA ARG B 68 14.10 -32.74 1.31
C ARG B 68 12.86 -33.54 0.91
N ALA B 69 11.94 -32.90 0.21
CA ALA B 69 10.71 -33.54 -0.24
C ALA B 69 10.99 -34.57 -1.33
N LEU B 70 11.74 -34.18 -2.34
CA LEU B 70 12.06 -35.08 -3.45
C LEU B 70 12.93 -36.23 -2.97
N GLN B 71 13.81 -35.94 -2.02
CA GLN B 71 14.71 -36.94 -1.47
C GLN B 71 13.94 -37.93 -0.61
N ALA B 72 13.16 -37.42 0.33
CA ALA B 72 12.36 -38.26 1.22
C ALA B 72 11.31 -39.02 0.42
N ASP B 73 11.09 -38.58 -0.81
CA ASP B 73 10.12 -39.23 -1.69
C ASP B 73 10.76 -40.39 -2.44
N GLN B 74 12.04 -40.23 -2.76
CA GLN B 74 12.79 -41.26 -3.47
C GLN B 74 13.02 -42.48 -2.58
N LEU B 75 13.13 -42.24 -1.27
CA LEU B 75 13.36 -43.30 -0.30
C LEU B 75 12.09 -43.61 0.48
N GLU B 76 12.04 -44.80 1.10
CA GLU B 76 10.89 -45.21 1.89
C GLU B 76 11.34 -46.04 3.09
N ASN B 77 12.50 -46.68 2.96
CA ASN B 77 13.04 -47.51 4.03
C ASN B 77 13.98 -46.69 4.92
N GLN B 78 14.85 -45.93 4.29
CA GLN B 78 15.82 -45.11 5.01
C GLN B 78 15.11 -44.14 5.96
N ALA B 79 15.46 -44.22 7.24
CA ALA B 79 14.85 -43.37 8.25
C ALA B 79 15.91 -42.88 9.24
N ALA B 80 15.45 -42.22 10.32
CA ALA B 80 16.34 -41.69 11.33
C ALA B 80 16.74 -42.78 12.33
N PRO B 81 17.94 -42.66 12.94
CA PRO B 81 18.43 -43.64 13.91
C PRO B 81 17.71 -43.53 15.25
N MET A 1 10.69 19.49 -12.43
CA MET A 1 9.43 18.74 -12.27
C MET A 1 9.20 18.37 -10.80
N GLN A 2 8.23 19.03 -10.18
CA GLN A 2 7.90 18.78 -8.77
C GLN A 2 7.54 17.30 -8.56
N ALA A 3 8.49 16.53 -8.06
CA ALA A 3 8.25 15.12 -7.83
C ALA A 3 8.01 14.85 -6.36
N ILE A 4 6.83 14.34 -6.05
CA ILE A 4 6.45 14.08 -4.67
C ILE A 4 5.87 12.67 -4.53
N LYS A 5 6.30 11.95 -3.49
CA LYS A 5 5.85 10.58 -3.27
C LYS A 5 4.69 10.53 -2.29
N CYS A 6 3.53 10.10 -2.79
CA CYS A 6 2.33 9.99 -1.98
C CYS A 6 1.86 8.53 -1.94
N VAL A 7 1.68 8.01 -0.74
CA VAL A 7 1.23 6.63 -0.56
C VAL A 7 -0.22 6.56 -0.09
N VAL A 8 -1.01 5.73 -0.75
CA VAL A 8 -2.41 5.57 -0.39
C VAL A 8 -2.68 4.19 0.20
N VAL A 9 -3.25 4.17 1.40
CA VAL A 9 -3.55 2.93 2.09
C VAL A 9 -5.00 2.90 2.56
N GLY A 10 -5.46 1.71 2.98
CA GLY A 10 -6.82 1.56 3.45
C GLY A 10 -7.01 0.29 4.24
N ASP A 11 -7.73 0.38 5.36
CA ASP A 11 -7.99 -0.78 6.20
C ASP A 11 -8.94 -1.76 5.50
N GLY A 12 -9.71 -1.24 4.55
CA GLY A 12 -10.64 -2.09 3.83
C GLY A 12 -9.97 -3.25 3.12
N ALA A 13 -10.75 -4.23 2.69
CA ALA A 13 -10.22 -5.39 2.01
C ALA A 13 -9.64 -5.01 0.64
N VAL A 14 -10.32 -4.09 -0.04
CA VAL A 14 -9.88 -3.64 -1.36
C VAL A 14 -10.13 -2.14 -1.54
N GLY A 15 -9.65 -1.60 -2.65
CA GLY A 15 -9.83 -0.19 -2.93
C GLY A 15 -8.53 0.60 -2.89
N LYS A 16 -7.46 -0.05 -2.47
CA LYS A 16 -6.15 0.60 -2.37
C LYS A 16 -5.50 0.86 -3.73
N THR A 17 -5.43 -0.16 -4.59
CA THR A 17 -4.80 0.02 -5.91
C THR A 17 -5.74 0.68 -6.92
N CYS A 18 -7.03 0.41 -6.79
CA CYS A 18 -8.03 0.96 -7.69
C CYS A 18 -8.05 2.48 -7.65
N LEU A 19 -7.82 3.05 -6.47
CA LEU A 19 -7.84 4.50 -6.30
C LEU A 19 -6.77 5.18 -7.18
N LEU A 20 -5.54 4.69 -7.10
CA LEU A 20 -4.45 5.27 -7.88
C LEU A 20 -4.58 4.96 -9.37
N ILE A 21 -5.04 3.75 -9.68
CA ILE A 21 -5.21 3.32 -11.06
C ILE A 21 -6.28 4.12 -11.78
N SER A 22 -7.38 4.39 -11.09
CA SER A 22 -8.49 5.13 -11.68
C SER A 22 -8.06 6.52 -12.14
N TYR A 23 -7.18 7.15 -11.37
CA TYR A 23 -6.71 8.49 -11.69
C TYR A 23 -5.72 8.48 -12.86
N THR A 24 -4.96 7.40 -12.99
CA THR A 24 -3.95 7.31 -14.05
C THR A 24 -4.50 6.66 -15.33
N THR A 25 -5.53 5.84 -15.21
CA THR A 25 -6.10 5.17 -16.38
C THR A 25 -7.56 5.55 -16.62
N ASN A 26 -8.12 6.35 -15.71
CA ASN A 26 -9.50 6.78 -15.83
C ASN A 26 -10.45 5.60 -15.81
N ALA A 27 -9.91 4.41 -15.60
CA ALA A 27 -10.71 3.19 -15.57
C ALA A 27 -9.91 2.00 -15.04
N PHE A 28 -10.34 1.47 -13.90
CA PHE A 28 -9.68 0.33 -13.30
C PHE A 28 -9.91 -0.94 -14.13
N PRO A 29 -8.84 -1.56 -14.67
CA PRO A 29 -8.96 -2.77 -15.47
C PRO A 29 -9.32 -3.99 -14.63
N GLY A 30 -8.49 -4.31 -13.65
CA GLY A 30 -8.74 -5.44 -12.80
C GLY A 30 -8.17 -6.74 -13.35
N GLU A 31 -7.13 -7.25 -12.69
CA GLU A 31 -6.49 -8.49 -13.12
C GLU A 31 -5.81 -9.17 -11.94
N TYR A 32 -5.39 -10.42 -12.16
CA TYR A 32 -4.72 -11.19 -11.12
C TYR A 32 -3.40 -10.53 -10.72
N ILE A 33 -2.99 -9.53 -11.50
CA ILE A 33 -1.74 -8.82 -11.24
C ILE A 33 -1.73 -8.19 -9.86
N PRO A 34 -0.84 -8.64 -8.95
CA PRO A 34 -0.75 -8.10 -7.59
C PRO A 34 -0.24 -6.67 -7.57
N THR A 35 0.18 -6.21 -6.40
CA THR A 35 0.69 -4.85 -6.24
C THR A 35 2.19 -4.78 -6.56
N VAL A 36 2.90 -5.85 -6.24
CA VAL A 36 4.34 -5.89 -6.48
C VAL A 36 4.64 -5.78 -7.98
N PHE A 37 5.12 -4.61 -8.40
CA PHE A 37 5.46 -4.38 -9.79
C PHE A 37 6.12 -3.01 -9.99
N ASP A 38 6.31 -2.62 -11.24
CA ASP A 38 6.93 -1.34 -11.55
C ASP A 38 5.95 -0.40 -12.25
N ASN A 39 6.49 0.69 -12.81
CA ASN A 39 5.67 1.68 -13.51
C ASN A 39 4.61 2.27 -12.59
N TYR A 40 4.96 3.36 -11.92
CA TYR A 40 4.06 4.02 -10.98
C TYR A 40 4.27 5.54 -10.98
N SER A 41 4.20 6.15 -12.16
CA SER A 41 4.39 7.60 -12.26
C SER A 41 3.31 8.23 -13.15
N ALA A 42 2.88 9.43 -12.76
CA ALA A 42 1.86 10.15 -13.50
C ALA A 42 2.09 11.66 -13.40
N ASN A 43 1.64 12.40 -14.41
CA ASN A 43 1.79 13.85 -14.42
C ASN A 43 0.49 14.52 -13.98
N VAL A 44 0.60 15.54 -13.14
CA VAL A 44 -0.56 16.26 -12.65
C VAL A 44 -0.39 17.77 -12.78
N MET A 45 -1.47 18.45 -13.16
CA MET A 45 -1.46 19.90 -13.33
C MET A 45 -2.06 20.61 -12.11
N VAL A 46 -1.22 21.32 -11.37
CA VAL A 46 -1.67 22.04 -10.19
C VAL A 46 -1.18 23.48 -10.21
N ASP A 47 -2.12 24.43 -10.15
CA ASP A 47 -1.79 25.84 -10.16
C ASP A 47 -1.06 26.24 -11.44
N GLY A 48 -1.08 25.35 -12.44
CA GLY A 48 -0.41 25.64 -13.70
C GLY A 48 1.05 25.24 -13.67
N LYS A 49 1.41 24.43 -12.68
CA LYS A 49 2.79 23.97 -12.53
C LYS A 49 2.86 22.45 -12.64
N PRO A 50 3.55 21.92 -13.69
CA PRO A 50 3.68 20.48 -13.86
C PRO A 50 4.30 19.82 -12.65
N VAL A 51 3.66 18.76 -12.15
CA VAL A 51 4.16 18.06 -10.98
C VAL A 51 4.24 16.55 -11.20
N ASN A 52 5.39 15.99 -10.86
CA ASN A 52 5.62 14.55 -10.98
C ASN A 52 4.98 13.85 -9.79
N LEU A 53 4.06 12.93 -10.08
CA LEU A 53 3.34 12.22 -9.04
C LEU A 53 3.95 10.84 -8.76
N GLY A 54 4.20 10.57 -7.49
CA GLY A 54 4.74 9.30 -7.09
C GLY A 54 3.63 8.39 -6.57
N LEU A 55 3.31 7.35 -7.33
CA LEU A 55 2.25 6.43 -6.95
C LEU A 55 2.80 5.22 -6.23
N TRP A 56 2.32 5.00 -5.02
CA TRP A 56 2.75 3.87 -4.21
C TRP A 56 1.54 3.15 -3.63
N ASP A 57 1.66 1.84 -3.45
CA ASP A 57 0.57 1.04 -2.90
C ASP A 57 1.08 -0.06 -1.98
N THR A 58 0.68 0.01 -0.71
CA THR A 58 1.10 -0.99 0.26
C THR A 58 -0.09 -1.51 1.07
N ALA A 59 -0.60 -2.67 0.66
CA ALA A 59 -1.74 -3.29 1.34
C ALA A 59 -2.03 -4.67 0.78
N GLY A 60 -3.21 -5.21 1.10
CA GLY A 60 -3.59 -6.53 0.61
C GLY A 60 -2.77 -7.64 1.24
N LEU A 61 -1.78 -8.12 0.52
CA LEU A 61 -0.93 -9.21 1.00
C LEU A 61 -0.25 -8.82 2.32
N GLU A 62 -0.41 -9.68 3.32
CA GLU A 62 0.18 -9.44 4.64
C GLU A 62 1.65 -9.83 4.67
N ASP A 63 2.03 -10.80 3.85
CA ASP A 63 3.41 -11.28 3.79
C ASP A 63 4.36 -10.22 3.26
N TYR A 64 3.84 -9.33 2.42
CA TYR A 64 4.67 -8.27 1.83
C TYR A 64 4.87 -7.11 2.80
N ASP A 65 4.54 -7.33 4.08
CA ASP A 65 4.70 -6.31 5.09
C ASP A 65 6.13 -5.78 5.12
N ARG A 66 7.07 -6.67 4.85
CA ARG A 66 8.49 -6.31 4.83
C ARG A 66 8.88 -5.68 3.50
N LEU A 67 8.50 -6.34 2.40
CA LEU A 67 8.85 -5.86 1.07
C LEU A 67 7.66 -5.16 0.39
N ARG A 68 7.56 -3.84 0.57
CA ARG A 68 6.49 -3.05 -0.04
C ARG A 68 6.48 -1.61 0.49
N PRO A 69 6.49 -1.42 1.82
CA PRO A 69 6.44 -0.08 2.42
C PRO A 69 7.80 0.63 2.42
N LEU A 70 8.46 0.66 1.28
CA LEU A 70 9.76 1.33 1.17
C LEU A 70 9.58 2.84 1.30
N SER A 71 8.55 3.36 0.64
CA SER A 71 8.27 4.78 0.65
C SER A 71 7.56 5.21 1.93
N TYR A 72 6.67 4.35 2.43
CA TYR A 72 5.90 4.63 3.64
C TYR A 72 6.60 5.61 4.60
N PRO A 73 7.85 5.32 5.05
CA PRO A 73 8.57 6.21 5.97
C PRO A 73 8.78 7.62 5.41
N GLN A 74 9.30 7.70 4.20
CA GLN A 74 9.58 8.98 3.53
C GLN A 74 8.31 9.65 3.01
N THR A 75 7.27 8.85 2.81
CA THR A 75 5.99 9.34 2.28
C THR A 75 5.75 10.81 2.61
N ASP A 76 5.73 11.65 1.58
CA ASP A 76 5.51 13.08 1.75
C ASP A 76 4.13 13.35 2.35
N VAL A 77 3.17 12.50 2.01
CA VAL A 77 1.80 12.65 2.51
C VAL A 77 1.04 11.33 2.38
N PHE A 78 0.22 11.02 3.38
CA PHE A 78 -0.56 9.79 3.38
C PHE A 78 -2.02 10.05 3.05
N LEU A 79 -2.64 9.09 2.37
CA LEU A 79 -4.05 9.20 2.01
C LEU A 79 -4.86 8.17 2.78
N ILE A 80 -5.77 8.64 3.62
CA ILE A 80 -6.60 7.75 4.42
C ILE A 80 -7.94 7.48 3.75
N CYS A 81 -8.07 6.29 3.17
CA CYS A 81 -9.29 5.90 2.47
C CYS A 81 -10.19 5.06 3.37
N PHE A 82 -11.47 5.39 3.40
CA PHE A 82 -12.45 4.68 4.21
C PHE A 82 -13.80 4.63 3.51
N SER A 83 -14.70 3.79 4.01
CA SER A 83 -16.03 3.65 3.41
C SER A 83 -17.01 4.64 4.04
N LEU A 84 -17.38 5.64 3.26
CA LEU A 84 -18.30 6.68 3.71
C LEU A 84 -19.64 6.09 4.17
N VAL A 85 -20.18 5.17 3.39
CA VAL A 85 -21.47 4.55 3.71
C VAL A 85 -21.43 3.81 5.04
N SER A 86 -20.22 3.55 5.53
CA SER A 86 -20.06 2.86 6.80
C SER A 86 -19.27 3.72 7.79
N PRO A 87 -19.96 4.34 8.77
CA PRO A 87 -19.31 5.19 9.76
C PRO A 87 -18.21 4.46 10.53
N ALA A 88 -18.35 3.14 10.65
CA ALA A 88 -17.37 2.34 11.37
C ALA A 88 -15.97 2.48 10.76
N SER A 89 -15.90 2.48 9.43
CA SER A 89 -14.61 2.62 8.76
C SER A 89 -13.95 3.92 9.18
N PHE A 90 -14.78 4.93 9.42
CA PHE A 90 -14.30 6.23 9.85
C PHE A 90 -13.75 6.14 11.27
N GLU A 91 -14.39 5.29 12.07
CA GLU A 91 -13.98 5.07 13.46
C GLU A 91 -12.67 4.28 13.52
N ASN A 92 -12.44 3.45 12.51
CA ASN A 92 -11.25 2.61 12.45
C ASN A 92 -10.01 3.35 11.95
N VAL A 93 -10.19 4.20 10.94
CA VAL A 93 -9.06 4.94 10.37
C VAL A 93 -8.35 5.77 11.43
N ARG A 94 -9.13 6.53 12.21
CA ARG A 94 -8.56 7.37 13.26
C ARG A 94 -8.07 6.51 14.42
N ALA A 95 -8.70 5.36 14.58
CA ALA A 95 -8.36 4.44 15.66
C ALA A 95 -6.97 3.84 15.55
N LYS A 96 -6.59 3.34 14.37
CA LYS A 96 -5.29 2.71 14.19
C LYS A 96 -4.26 3.60 13.48
N TRP A 97 -4.67 4.33 12.46
CA TRP A 97 -3.72 5.17 11.70
C TRP A 97 -3.15 6.33 12.53
N TYR A 98 -3.94 6.89 13.42
CA TYR A 98 -3.48 8.02 14.24
C TYR A 98 -2.43 7.63 15.28
N PRO A 99 -2.68 6.57 16.09
CA PRO A 99 -1.72 6.14 17.12
C PRO A 99 -0.33 5.86 16.57
N GLU A 100 -0.28 5.45 15.30
CA GLU A 100 0.98 5.13 14.65
C GLU A 100 1.78 6.38 14.29
N VAL A 101 1.11 7.33 13.64
CA VAL A 101 1.74 8.57 13.22
C VAL A 101 2.09 9.48 14.40
N ARG A 102 1.22 9.50 15.40
CA ARG A 102 1.43 10.34 16.58
C ARG A 102 2.62 9.86 17.40
N HIS A 103 2.88 8.57 17.40
CA HIS A 103 3.99 7.99 18.16
C HIS A 103 5.33 8.52 17.65
N HIS A 104 5.45 8.61 16.33
CA HIS A 104 6.67 9.09 15.71
C HIS A 104 6.67 10.61 15.64
N CYS A 105 5.48 11.18 15.47
CA CYS A 105 5.31 12.63 15.38
C CYS A 105 6.21 13.22 14.29
N PRO A 106 6.13 12.68 13.06
CA PRO A 106 6.95 13.16 11.94
C PRO A 106 6.55 14.57 11.51
N ASN A 107 5.42 15.05 12.03
CA ASN A 107 4.92 16.37 11.69
C ASN A 107 4.52 16.42 10.23
N THR A 108 4.41 15.25 9.62
CA THR A 108 4.05 15.13 8.22
C THR A 108 2.54 15.32 8.02
N PRO A 109 2.13 16.14 7.03
CA PRO A 109 0.72 16.39 6.76
C PRO A 109 -0.02 15.11 6.37
N ILE A 110 -1.33 15.09 6.56
CA ILE A 110 -2.12 13.91 6.24
C ILE A 110 -3.43 14.29 5.56
N ILE A 111 -3.69 13.66 4.41
CA ILE A 111 -4.89 13.93 3.64
C ILE A 111 -5.95 12.85 3.91
N LEU A 112 -7.21 13.19 3.65
CA LEU A 112 -8.31 12.24 3.85
C LEU A 112 -9.03 11.98 2.54
N VAL A 113 -9.35 10.72 2.29
CA VAL A 113 -10.01 10.33 1.06
C VAL A 113 -11.31 9.56 1.32
N GLY A 114 -12.34 9.90 0.55
CA GLY A 114 -13.62 9.24 0.69
C GLY A 114 -13.93 8.37 -0.52
N THR A 115 -13.17 7.29 -0.67
CA THR A 115 -13.33 6.38 -1.80
C THR A 115 -14.75 5.81 -1.87
N LYS A 116 -15.08 5.24 -3.01
CA LYS A 116 -16.39 4.64 -3.24
C LYS A 116 -17.51 5.66 -2.99
N LEU A 117 -17.63 6.62 -3.91
CA LEU A 117 -18.66 7.65 -3.82
C LEU A 117 -19.92 7.21 -4.55
N ASP A 118 -19.75 6.30 -5.52
CA ASP A 118 -20.87 5.80 -6.31
C ASP A 118 -21.92 5.12 -5.44
N LEU A 119 -21.48 4.38 -4.42
CA LEU A 119 -22.38 3.68 -3.53
C LEU A 119 -22.72 4.53 -2.30
N ARG A 120 -22.02 5.64 -2.16
CA ARG A 120 -22.25 6.55 -1.05
C ARG A 120 -23.47 7.40 -1.32
N ASP A 121 -23.68 7.72 -2.59
CA ASP A 121 -24.82 8.52 -3.00
C ASP A 121 -25.84 7.62 -3.69
N ASP A 122 -25.85 6.34 -3.31
CA ASP A 122 -26.76 5.37 -3.89
C ASP A 122 -27.95 5.12 -2.96
N LYS A 123 -29.13 5.50 -3.42
CA LYS A 123 -30.36 5.34 -2.66
C LYS A 123 -30.56 3.89 -2.20
N ASP A 124 -30.56 2.98 -3.16
CA ASP A 124 -30.76 1.56 -2.88
C ASP A 124 -29.73 1.04 -1.88
N THR A 125 -28.47 1.37 -2.07
CA THR A 125 -27.43 0.93 -1.14
C THR A 125 -27.66 1.53 0.23
N ILE A 126 -28.00 2.81 0.26
CA ILE A 126 -28.27 3.49 1.52
C ILE A 126 -29.39 2.77 2.25
N GLU A 127 -30.38 2.32 1.47
CA GLU A 127 -31.50 1.58 2.02
C GLU A 127 -31.00 0.31 2.69
N LYS A 128 -29.95 -0.28 2.10
CA LYS A 128 -29.37 -1.49 2.62
C LYS A 128 -28.63 -1.24 3.93
N LEU A 129 -27.99 -0.08 4.05
CA LEU A 129 -27.28 0.26 5.26
C LEU A 129 -28.22 0.31 6.44
N LYS A 130 -29.44 0.76 6.19
CA LYS A 130 -30.47 0.84 7.23
C LYS A 130 -30.69 -0.54 7.83
N GLU A 131 -30.53 -1.57 7.01
CA GLU A 131 -30.72 -2.94 7.44
C GLU A 131 -29.71 -3.30 8.53
N LYS A 132 -28.55 -2.65 8.47
CA LYS A 132 -27.49 -2.89 9.43
C LYS A 132 -27.35 -1.71 10.39
N LYS A 133 -28.32 -0.81 10.34
CA LYS A 133 -28.34 0.38 11.22
C LYS A 133 -27.17 1.32 10.94
N LEU A 134 -26.69 1.34 9.69
CA LEU A 134 -25.59 2.22 9.32
C LEU A 134 -26.04 3.30 8.36
N THR A 135 -25.35 4.44 8.39
CA THR A 135 -25.67 5.56 7.50
C THR A 135 -24.39 6.14 6.89
N PRO A 136 -24.45 6.62 5.64
CA PRO A 136 -23.28 7.18 4.97
C PRO A 136 -22.82 8.51 5.56
N ILE A 137 -21.52 8.78 5.47
CA ILE A 137 -20.94 10.00 6.01
C ILE A 137 -21.15 11.18 5.07
N THR A 138 -21.42 12.34 5.66
CA THR A 138 -21.63 13.55 4.88
C THR A 138 -20.34 14.36 4.82
N TYR A 139 -20.33 15.42 4.01
CA TYR A 139 -19.13 16.24 3.86
C TYR A 139 -18.72 16.93 5.18
N PRO A 140 -19.65 17.60 5.88
CA PRO A 140 -19.33 18.28 7.15
C PRO A 140 -18.89 17.32 8.24
N GLN A 141 -19.36 16.08 8.17
CA GLN A 141 -19.01 15.08 9.18
C GLN A 141 -17.51 14.78 9.14
N GLY A 142 -16.99 14.60 7.93
CA GLY A 142 -15.58 14.33 7.77
C GLY A 142 -14.74 15.57 7.99
N LEU A 143 -15.28 16.71 7.57
CA LEU A 143 -14.59 17.99 7.72
C LEU A 143 -14.18 18.20 9.18
N ALA A 144 -15.09 17.89 10.09
CA ALA A 144 -14.84 18.02 11.52
C ALA A 144 -13.74 17.05 11.96
N MET A 145 -13.76 15.86 11.38
CA MET A 145 -12.76 14.83 11.71
C MET A 145 -11.36 15.29 11.33
N ALA A 146 -11.25 16.06 10.25
CA ALA A 146 -9.96 16.56 9.80
C ALA A 146 -9.32 17.49 10.83
N LYS A 147 -10.15 18.22 11.55
CA LYS A 147 -9.66 19.17 12.56
C LYS A 147 -9.05 18.47 13.76
N GLU A 148 -9.69 17.41 14.22
CA GLU A 148 -9.22 16.66 15.39
C GLU A 148 -7.94 15.90 15.09
N ILE A 149 -7.89 15.21 13.95
CA ILE A 149 -6.71 14.46 13.58
C ILE A 149 -5.66 15.39 13.00
N GLY A 150 -6.04 16.65 12.84
CA GLY A 150 -5.14 17.64 12.31
C GLY A 150 -4.82 17.44 10.84
N ALA A 151 -5.75 16.81 10.12
CA ALA A 151 -5.56 16.55 8.70
C ALA A 151 -5.45 17.84 7.91
N VAL A 152 -4.49 17.88 6.99
CA VAL A 152 -4.29 19.06 6.18
C VAL A 152 -5.48 19.33 5.27
N LYS A 153 -6.18 18.27 4.87
CA LYS A 153 -7.35 18.43 4.01
C LYS A 153 -8.11 17.11 3.85
N TYR A 154 -9.42 17.23 3.75
CA TYR A 154 -10.30 16.07 3.60
C TYR A 154 -11.27 16.25 2.44
N LEU A 155 -11.35 15.24 1.57
CA LEU A 155 -12.27 15.29 0.43
C LEU A 155 -12.86 13.91 0.13
N GLU A 156 -13.90 13.89 -0.68
CA GLU A 156 -14.56 12.64 -1.05
C GLU A 156 -14.64 12.52 -2.58
N CYS A 157 -14.49 11.31 -3.09
CA CYS A 157 -14.54 11.09 -4.54
C CYS A 157 -14.75 9.61 -4.88
N SER A 158 -15.04 9.34 -6.14
CA SER A 158 -15.25 7.97 -6.62
C SER A 158 -14.25 7.62 -7.72
N ALA A 159 -13.88 6.35 -7.78
CA ALA A 159 -12.95 5.88 -8.79
C ALA A 159 -13.70 5.46 -10.04
N LEU A 160 -14.96 5.13 -9.88
CA LEU A 160 -15.80 4.71 -11.01
C LEU A 160 -16.34 5.91 -11.78
N THR A 161 -16.81 6.93 -11.05
CA THR A 161 -17.37 8.12 -11.68
C THR A 161 -16.38 9.28 -11.70
N GLN A 162 -15.30 9.16 -10.94
CA GLN A 162 -14.28 10.19 -10.87
C GLN A 162 -14.82 11.48 -10.23
N ARG A 163 -15.65 11.34 -9.20
CA ARG A 163 -16.23 12.50 -8.52
C ARG A 163 -15.20 13.61 -8.34
N GLY A 164 -14.01 13.25 -7.86
CA GLY A 164 -12.97 14.25 -7.66
C GLY A 164 -11.60 13.65 -7.40
N LEU A 165 -11.24 12.61 -8.16
CA LEU A 165 -9.93 11.98 -8.00
C LEU A 165 -8.81 12.98 -8.21
N LYS A 166 -8.95 13.76 -9.27
CA LYS A 166 -7.96 14.78 -9.61
C LYS A 166 -7.74 15.72 -8.44
N THR A 167 -8.80 15.96 -7.69
CA THR A 167 -8.75 16.84 -6.53
C THR A 167 -7.95 16.21 -5.39
N VAL A 168 -8.09 14.90 -5.22
CA VAL A 168 -7.37 14.19 -4.17
C VAL A 168 -5.86 14.38 -4.32
N PHE A 169 -5.36 14.04 -5.50
CA PHE A 169 -3.94 14.15 -5.80
C PHE A 169 -3.51 15.62 -5.83
N ASP A 170 -4.37 16.47 -6.39
CA ASP A 170 -4.09 17.90 -6.51
C ASP A 170 -3.92 18.54 -5.13
N GLU A 171 -4.85 18.24 -4.23
CA GLU A 171 -4.82 18.78 -2.87
C GLU A 171 -3.73 18.10 -2.04
N ALA A 172 -3.53 16.81 -2.28
CA ALA A 172 -2.52 16.04 -1.57
C ALA A 172 -1.14 16.62 -1.82
N ILE A 173 -0.89 17.02 -3.05
CA ILE A 173 0.38 17.61 -3.41
C ILE A 173 0.57 18.92 -2.68
N ARG A 174 -0.51 19.71 -2.62
CA ARG A 174 -0.48 20.98 -1.92
C ARG A 174 -0.14 20.75 -0.44
N ALA A 175 -0.49 19.57 0.06
CA ALA A 175 -0.23 19.22 1.45
C ALA A 175 1.23 19.42 1.83
N VAL A 176 2.14 19.27 0.88
CA VAL A 176 3.56 19.44 1.15
C VAL A 176 4.09 20.80 0.73
N LEU A 177 3.50 21.40 -0.31
CA LEU A 177 3.95 22.71 -0.80
C LEU A 177 3.70 23.81 0.22
N CYS A 178 2.44 23.99 0.61
CA CYS A 178 2.11 25.02 1.60
C CYS A 178 2.20 24.48 3.04
N PRO A 179 1.26 23.62 3.51
CA PRO A 179 1.31 23.03 4.85
C PRO A 179 2.73 22.59 5.27
N PRO A 180 2.87 22.18 6.53
CA PRO A 180 4.17 21.76 7.09
C PRO A 180 4.86 20.68 6.26
N PRO A 181 6.21 20.76 6.15
CA PRO A 181 7.02 19.80 5.39
C PRO A 181 6.88 18.36 5.86
N VAL A 182 7.76 17.51 5.34
CA VAL A 182 7.76 16.10 5.68
C VAL A 182 9.08 15.67 6.32
N LYS A 183 10.04 15.27 5.48
CA LYS A 183 11.34 14.83 5.94
C LYS A 183 11.24 13.61 6.85
N LYS A 184 12.32 12.82 6.87
CA LYS A 184 12.37 11.61 7.68
C LYS A 184 13.79 11.04 7.72
N ARG A 185 14.20 10.58 8.89
CA ARG A 185 15.53 10.00 9.05
C ARG A 185 15.56 8.97 10.18
N LYS A 186 15.67 7.71 9.81
CA LYS A 186 15.70 6.61 10.77
C LYS A 186 16.24 5.34 10.13
N ARG A 187 17.54 5.10 10.27
CA ARG A 187 18.18 3.92 9.70
C ARG A 187 17.83 2.68 10.53
N LYS A 188 17.79 1.53 9.86
CA LYS A 188 17.47 0.28 10.52
C LYS A 188 18.47 -0.02 11.64
N CYS A 189 19.71 -0.31 11.25
CA CYS A 189 20.76 -0.61 12.22
C CYS A 189 22.10 -0.05 11.76
N LEU A 190 23.16 -0.43 12.47
CA LEU A 190 24.50 0.03 12.15
C LEU A 190 25.02 -0.64 10.87
N LEU A 191 24.37 -1.72 10.46
CA LEU A 191 24.76 -2.44 9.26
C LEU A 191 24.10 -1.85 8.02
N LEU A 192 24.67 -2.14 6.85
CA LEU A 192 24.15 -1.63 5.59
C LEU A 192 24.01 -0.11 5.62
N GLY B 1 7.64 -46.41 -4.57
CA GLY B 1 7.69 -44.98 -4.15
C GLY B 1 6.42 -44.52 -3.48
N ILE B 2 6.26 -43.21 -3.35
CA ILE B 2 5.07 -42.64 -2.72
C ILE B 2 4.07 -42.15 -3.77
N PRO B 3 2.77 -42.46 -3.57
CA PRO B 3 1.72 -42.05 -4.52
C PRO B 3 1.46 -40.54 -4.47
N ALA B 4 0.21 -40.16 -4.73
CA ALA B 4 -0.17 -38.75 -4.73
C ALA B 4 0.05 -38.12 -3.36
N THR B 5 0.26 -38.96 -2.35
CA THR B 5 0.48 -38.46 -1.00
C THR B 5 1.81 -37.71 -0.90
N ASN B 6 1.87 -36.74 0.00
CA ASN B 6 3.08 -35.94 0.21
C ASN B 6 3.37 -35.06 -1.00
N LEU B 7 2.52 -35.12 -2.02
CA LEU B 7 2.71 -34.33 -3.23
C LEU B 7 2.30 -32.88 -2.98
N SER B 8 1.26 -32.68 -2.18
CA SER B 8 0.76 -31.35 -1.86
C SER B 8 1.84 -30.53 -1.15
N ARG B 9 2.60 -31.17 -0.29
CA ARG B 9 3.66 -30.50 0.46
C ARG B 9 4.74 -29.98 -0.49
N VAL B 10 5.14 -30.83 -1.43
CA VAL B 10 6.17 -30.47 -2.40
C VAL B 10 5.78 -29.21 -3.17
N ALA B 11 4.57 -29.21 -3.72
CA ALA B 11 4.08 -28.07 -4.47
C ALA B 11 3.95 -26.85 -3.57
N GLY B 12 3.70 -27.11 -2.29
CA GLY B 12 3.56 -26.03 -1.34
C GLY B 12 4.84 -25.24 -1.20
N LEU B 13 5.97 -25.93 -1.29
CA LEU B 13 7.26 -25.30 -1.18
C LEU B 13 7.61 -24.59 -2.47
N GLU B 14 7.14 -25.14 -3.58
CA GLU B 14 7.37 -24.54 -4.88
C GLU B 14 6.61 -23.22 -4.96
N LYS B 15 5.40 -23.24 -4.41
CA LYS B 15 4.54 -22.07 -4.37
C LYS B 15 5.11 -21.01 -3.42
N GLN B 16 5.49 -21.44 -2.22
CA GLN B 16 6.06 -20.53 -1.24
C GLN B 16 7.32 -19.88 -1.79
N LEU B 17 8.20 -20.70 -2.33
CA LEU B 17 9.44 -20.22 -2.91
C LEU B 17 9.15 -19.20 -4.01
N ALA B 18 8.17 -19.53 -4.86
CA ALA B 18 7.79 -18.66 -5.97
C ALA B 18 7.26 -17.33 -5.44
N ILE B 19 6.55 -17.40 -4.32
CA ILE B 19 6.01 -16.19 -3.70
C ILE B 19 7.18 -15.33 -3.26
N GLU B 20 8.18 -15.98 -2.69
CA GLU B 20 9.39 -15.31 -2.24
C GLU B 20 10.14 -14.75 -3.44
N LEU B 21 9.99 -15.40 -4.60
CA LEU B 21 10.63 -14.92 -5.81
C LEU B 21 10.12 -13.53 -6.14
N LYS B 22 8.82 -13.35 -5.98
CA LYS B 22 8.20 -12.05 -6.25
C LYS B 22 8.78 -11.03 -5.27
N VAL B 23 9.07 -11.51 -4.07
CA VAL B 23 9.65 -10.69 -3.03
C VAL B 23 11.10 -10.29 -3.39
N LYS B 24 11.87 -11.26 -3.83
CA LYS B 24 13.27 -11.04 -4.20
C LYS B 24 13.37 -10.11 -5.41
N GLN B 25 12.64 -10.44 -6.47
CA GLN B 25 12.63 -9.65 -7.68
C GLN B 25 12.11 -8.25 -7.40
N GLY B 26 11.26 -8.12 -6.39
CA GLY B 26 10.70 -6.84 -6.05
C GLY B 26 11.73 -5.87 -5.50
N ALA B 27 12.56 -6.36 -4.57
CA ALA B 27 13.60 -5.53 -3.98
C ALA B 27 14.62 -5.09 -5.01
N GLU B 28 15.10 -6.04 -5.80
CA GLU B 28 16.10 -5.76 -6.83
C GLU B 28 15.62 -4.64 -7.76
N ASN B 29 14.39 -4.74 -8.23
CA ASN B 29 13.83 -3.73 -9.12
C ASN B 29 13.88 -2.36 -8.47
N MET B 30 13.54 -2.31 -7.19
CA MET B 30 13.56 -1.05 -6.44
C MET B 30 14.99 -0.53 -6.32
N ILE B 31 15.93 -1.45 -6.20
CA ILE B 31 17.34 -1.08 -6.08
C ILE B 31 17.85 -0.46 -7.38
N GLN B 32 17.53 -1.10 -8.49
CA GLN B 32 17.96 -0.62 -9.81
C GLN B 32 17.44 0.80 -10.05
N THR B 33 16.25 1.09 -9.57
CA THR B 33 15.65 2.40 -9.76
C THR B 33 16.46 3.49 -9.06
N TYR B 34 16.77 3.28 -7.78
CA TYR B 34 17.55 4.25 -7.01
C TYR B 34 19.04 4.05 -7.19
N SER B 35 19.43 2.95 -7.84
CA SER B 35 20.84 2.65 -8.07
C SER B 35 21.47 3.72 -8.97
N ASN B 36 21.21 3.62 -10.26
CA ASN B 36 21.75 4.56 -11.24
C ASN B 36 20.69 5.59 -11.64
N GLY B 37 21.03 6.43 -12.61
CA GLY B 37 20.11 7.43 -13.08
C GLY B 37 19.81 8.48 -12.02
N SER B 38 18.64 9.10 -12.12
CA SER B 38 18.23 10.12 -11.16
C SER B 38 17.69 9.49 -9.88
N THR B 39 18.52 9.51 -8.84
CA THR B 39 18.13 8.94 -7.55
C THR B 39 17.50 10.00 -6.65
N LYS B 40 16.55 9.58 -5.82
CA LYS B 40 15.87 10.49 -4.91
C LYS B 40 16.56 10.54 -3.56
N ASP B 41 16.46 9.45 -2.80
CA ASP B 41 17.08 9.37 -1.49
C ASP B 41 17.68 7.99 -1.25
N ARG B 42 18.75 7.95 -0.46
CA ARG B 42 19.41 6.68 -0.14
C ARG B 42 18.54 5.81 0.74
N LYS B 43 17.63 6.42 1.49
CA LYS B 43 16.74 5.70 2.37
C LYS B 43 15.97 4.61 1.62
N LEU B 44 15.34 5.00 0.52
CA LEU B 44 14.57 4.06 -0.30
C LEU B 44 15.47 2.95 -0.82
N LEU B 45 16.66 3.33 -1.27
CA LEU B 45 17.63 2.38 -1.80
C LEU B 45 18.19 1.49 -0.69
N LEU B 46 18.29 2.06 0.52
CA LEU B 46 18.81 1.33 1.67
C LEU B 46 17.85 0.23 2.10
N THR B 47 16.56 0.56 2.18
CA THR B 47 15.55 -0.41 2.56
C THR B 47 15.45 -1.51 1.53
N ALA B 48 15.67 -1.16 0.27
CA ALA B 48 15.60 -2.12 -0.83
C ALA B 48 16.73 -3.13 -0.72
N GLN B 49 17.90 -2.66 -0.30
CA GLN B 49 19.07 -3.52 -0.15
C GLN B 49 18.90 -4.53 0.99
N GLN B 50 18.48 -4.04 2.14
CA GLN B 50 18.29 -4.89 3.31
C GLN B 50 17.17 -5.91 3.10
N MET B 51 16.07 -5.48 2.50
CA MET B 51 14.94 -6.37 2.25
C MET B 51 15.30 -7.43 1.20
N LEU B 52 16.20 -7.08 0.30
CA LEU B 52 16.62 -8.00 -0.75
C LEU B 52 17.41 -9.17 -0.16
N GLN B 53 18.32 -8.85 0.74
CA GLN B 53 19.15 -9.88 1.38
C GLN B 53 18.29 -10.82 2.22
N ASP B 54 17.33 -10.24 2.94
CA ASP B 54 16.43 -11.01 3.78
C ASP B 54 15.68 -12.03 2.93
N SER B 55 15.30 -11.60 1.74
CA SER B 55 14.57 -12.47 0.82
C SER B 55 15.49 -13.60 0.32
N LYS B 56 16.76 -13.28 0.11
CA LYS B 56 17.71 -14.28 -0.38
C LYS B 56 17.75 -15.48 0.56
N THR B 57 17.81 -15.21 1.87
CA THR B 57 17.83 -16.26 2.86
C THR B 57 16.54 -17.08 2.81
N LYS B 58 15.42 -16.37 2.66
CA LYS B 58 14.12 -17.03 2.59
C LYS B 58 14.08 -18.05 1.46
N ILE B 59 14.59 -17.68 0.29
CA ILE B 59 14.61 -18.58 -0.85
C ILE B 59 15.55 -19.75 -0.59
N ASP B 60 16.68 -19.46 0.05
CA ASP B 60 17.68 -20.48 0.36
C ASP B 60 17.12 -21.62 1.21
N ILE B 61 16.40 -21.30 2.28
CA ILE B 61 15.84 -22.34 3.14
C ILE B 61 14.71 -23.09 2.48
N ILE B 62 13.77 -22.35 1.88
CA ILE B 62 12.65 -22.97 1.20
C ILE B 62 13.11 -23.89 0.09
N ARG B 63 14.13 -23.46 -0.64
CA ARG B 63 14.68 -24.22 -1.75
C ARG B 63 15.29 -25.54 -1.27
N MET B 64 16.11 -25.48 -0.23
CA MET B 64 16.76 -26.68 0.29
C MET B 64 15.72 -27.62 0.89
N GLN B 65 14.72 -27.05 1.55
CA GLN B 65 13.66 -27.86 2.16
C GLN B 65 12.90 -28.63 1.09
N LEU B 66 12.69 -27.98 -0.06
CA LEU B 66 12.01 -28.62 -1.16
C LEU B 66 12.78 -29.85 -1.59
N ARG B 67 14.11 -29.72 -1.63
CA ARG B 67 14.98 -30.83 -1.99
C ARG B 67 14.77 -31.97 -0.99
N ARG B 68 14.50 -31.59 0.26
CA ARG B 68 14.28 -32.58 1.31
C ARG B 68 13.01 -33.37 1.05
N ALA B 69 12.01 -32.69 0.49
CA ALA B 69 10.73 -33.32 0.19
C ALA B 69 10.90 -34.43 -0.85
N LEU B 70 11.59 -34.11 -1.93
CA LEU B 70 11.81 -35.09 -3.00
C LEU B 70 12.74 -36.19 -2.52
N GLN B 71 13.75 -35.82 -1.74
CA GLN B 71 14.70 -36.79 -1.21
C GLN B 71 14.04 -37.75 -0.25
N ALA B 72 13.05 -37.25 0.50
CA ALA B 72 12.33 -38.06 1.46
C ALA B 72 11.12 -38.73 0.83
N ASP B 73 10.82 -38.34 -0.41
CA ASP B 73 9.68 -38.89 -1.14
C ASP B 73 10.09 -40.16 -1.89
N GLN B 74 11.25 -40.12 -2.53
CA GLN B 74 11.75 -41.26 -3.28
C GLN B 74 11.91 -42.48 -2.38
N LEU B 75 12.49 -42.26 -1.21
CA LEU B 75 12.69 -43.34 -0.24
C LEU B 75 11.46 -43.54 0.64
N GLU B 76 11.61 -44.34 1.68
CA GLU B 76 10.51 -44.61 2.60
C GLU B 76 11.00 -45.33 3.85
N ASN B 77 12.32 -45.36 4.03
CA ASN B 77 12.92 -46.02 5.18
C ASN B 77 13.49 -44.99 6.17
N GLN B 78 14.28 -44.06 5.64
CA GLN B 78 14.90 -43.03 6.47
C GLN B 78 13.85 -42.23 7.23
N ALA B 79 12.63 -42.20 6.72
CA ALA B 79 11.54 -41.48 7.35
C ALA B 79 11.13 -42.14 8.66
N ALA B 80 11.19 -43.46 8.71
CA ALA B 80 10.82 -44.20 9.91
C ALA B 80 12.00 -44.29 10.88
N PRO B 81 11.72 -44.33 12.19
CA PRO B 81 12.76 -44.41 13.22
C PRO B 81 13.35 -45.81 13.35
N MET A 1 10.38 20.79 -11.20
CA MET A 1 9.26 19.82 -11.14
C MET A 1 9.00 19.39 -9.70
N GLN A 2 7.99 20.02 -9.09
CA GLN A 2 7.61 19.69 -7.72
C GLN A 2 7.32 18.21 -7.58
N ALA A 3 8.30 17.46 -7.11
CA ALA A 3 8.12 16.03 -6.99
C ALA A 3 7.73 15.64 -5.58
N ILE A 4 6.55 15.05 -5.50
CA ILE A 4 6.00 14.62 -4.23
C ILE A 4 5.71 13.12 -4.23
N LYS A 5 6.05 12.45 -3.14
CA LYS A 5 5.83 11.02 -3.01
C LYS A 5 4.51 10.77 -2.29
N CYS A 6 3.53 10.24 -3.03
CA CYS A 6 2.22 9.98 -2.47
C CYS A 6 1.92 8.49 -2.42
N VAL A 7 1.77 7.97 -1.20
CA VAL A 7 1.48 6.55 -1.01
C VAL A 7 0.03 6.37 -0.55
N VAL A 8 -0.69 5.45 -1.18
CA VAL A 8 -2.08 5.21 -0.84
C VAL A 8 -2.21 4.04 0.14
N VAL A 9 -2.82 4.32 1.28
CA VAL A 9 -3.02 3.32 2.32
C VAL A 9 -4.47 3.30 2.80
N GLY A 10 -4.82 2.27 3.54
CA GLY A 10 -6.17 2.15 4.05
C GLY A 10 -6.37 0.88 4.86
N ASP A 11 -7.62 0.52 5.09
CA ASP A 11 -7.95 -0.68 5.87
C ASP A 11 -7.25 -1.91 5.29
N GLY A 12 -6.82 -1.81 4.04
CA GLY A 12 -6.13 -2.92 3.40
C GLY A 12 -7.08 -3.89 2.72
N ALA A 13 -8.38 -3.59 2.79
CA ALA A 13 -9.37 -4.46 2.18
C ALA A 13 -9.38 -4.31 0.67
N VAL A 14 -9.33 -3.07 0.18
CA VAL A 14 -9.33 -2.79 -1.26
C VAL A 14 -9.49 -1.29 -1.53
N GLY A 15 -8.77 -0.79 -2.53
CA GLY A 15 -8.87 0.62 -2.88
C GLY A 15 -7.54 1.34 -3.00
N LYS A 16 -6.46 0.69 -2.58
CA LYS A 16 -5.14 1.32 -2.63
C LYS A 16 -4.61 1.45 -4.06
N THR A 17 -4.66 0.36 -4.83
CA THR A 17 -4.16 0.40 -6.21
C THR A 17 -5.18 1.01 -7.18
N CYS A 18 -6.46 0.81 -6.89
CA CYS A 18 -7.53 1.33 -7.74
C CYS A 18 -7.50 2.86 -7.80
N LEU A 19 -7.18 3.49 -6.69
CA LEU A 19 -7.13 4.95 -6.61
C LEU A 19 -6.05 5.51 -7.52
N LEU A 20 -4.87 4.89 -7.49
CA LEU A 20 -3.74 5.35 -8.31
C LEU A 20 -3.97 5.11 -9.80
N ILE A 21 -4.46 3.93 -10.16
CA ILE A 21 -4.70 3.59 -11.56
C ILE A 21 -5.87 4.39 -12.15
N SER A 22 -6.90 4.60 -11.35
CA SER A 22 -8.08 5.33 -11.80
C SER A 22 -7.74 6.76 -12.23
N TYR A 23 -6.82 7.39 -11.53
CA TYR A 23 -6.45 8.76 -11.84
C TYR A 23 -5.55 8.84 -13.07
N THR A 24 -4.80 7.77 -13.34
CA THR A 24 -3.89 7.76 -14.48
C THR A 24 -4.53 7.20 -15.75
N THR A 25 -5.50 6.30 -15.59
CA THR A 25 -6.15 5.70 -16.75
C THR A 25 -7.65 5.98 -16.78
N ASN A 26 -8.14 6.70 -15.78
CA ASN A 26 -9.56 7.04 -15.69
C ASN A 26 -10.42 5.79 -15.56
N ALA A 27 -9.77 4.63 -15.52
CA ALA A 27 -10.48 3.35 -15.40
C ALA A 27 -9.51 2.20 -15.21
N PHE A 28 -9.65 1.51 -14.08
CA PHE A 28 -8.78 0.38 -13.77
C PHE A 28 -8.99 -0.77 -14.76
N PRO A 29 -7.94 -1.13 -15.55
CA PRO A 29 -8.03 -2.21 -16.53
C PRO A 29 -7.94 -3.58 -15.88
N GLY A 30 -6.95 -3.76 -15.02
CA GLY A 30 -6.77 -5.03 -14.34
C GLY A 30 -7.74 -5.23 -13.20
N GLU A 31 -7.53 -6.27 -12.39
CA GLU A 31 -8.41 -6.55 -11.26
C GLU A 31 -7.84 -5.98 -9.96
N TYR A 32 -6.92 -6.73 -9.35
CA TYR A 32 -6.30 -6.30 -8.09
C TYR A 32 -5.26 -7.32 -7.66
N ILE A 33 -5.18 -8.43 -8.37
CA ILE A 33 -4.23 -9.50 -8.05
C ILE A 33 -2.80 -8.98 -7.94
N PRO A 34 -2.31 -8.24 -8.97
CA PRO A 34 -0.95 -7.70 -8.96
C PRO A 34 -0.85 -6.35 -8.26
N THR A 35 0.08 -6.24 -7.33
CA THR A 35 0.28 -5.01 -6.58
C THR A 35 1.77 -4.65 -6.48
N VAL A 36 2.62 -5.68 -6.57
CA VAL A 36 4.06 -5.49 -6.49
C VAL A 36 4.70 -5.65 -7.87
N PHE A 37 5.04 -4.52 -8.49
CA PHE A 37 5.66 -4.53 -9.81
C PHE A 37 6.07 -3.12 -10.23
N ASP A 38 7.29 -2.72 -9.87
CA ASP A 38 7.80 -1.40 -10.22
C ASP A 38 6.88 -0.30 -9.69
N ASN A 39 7.09 0.93 -10.15
CA ASN A 39 6.28 2.06 -9.73
C ASN A 39 5.74 2.83 -10.94
N TYR A 40 4.89 3.81 -10.68
CA TYR A 40 4.30 4.60 -11.75
C TYR A 40 4.50 6.10 -11.49
N SER A 41 4.56 6.88 -12.56
CA SER A 41 4.74 8.32 -12.45
C SER A 41 3.75 9.06 -13.33
N ALA A 42 3.32 10.23 -12.88
CA ALA A 42 2.36 11.03 -13.63
C ALA A 42 2.60 12.52 -13.41
N ASN A 43 2.27 13.33 -14.42
CA ASN A 43 2.44 14.77 -14.32
C ASN A 43 1.10 15.43 -14.03
N VAL A 44 1.07 16.32 -13.05
CA VAL A 44 -0.16 17.00 -12.67
C VAL A 44 0.04 18.52 -12.59
N MET A 45 -0.98 19.25 -13.01
CA MET A 45 -0.95 20.71 -13.02
C MET A 45 -1.50 21.27 -11.72
N VAL A 46 -0.67 22.05 -11.01
CA VAL A 46 -1.07 22.66 -9.76
C VAL A 46 -0.68 24.13 -9.72
N ASP A 47 -1.68 25.00 -9.70
CA ASP A 47 -1.44 26.45 -9.67
C ASP A 47 -0.68 26.91 -10.90
N GLY A 48 -0.70 26.10 -11.95
CA GLY A 48 0.00 26.46 -13.18
C GLY A 48 1.47 26.11 -13.11
N LYS A 49 1.83 25.29 -12.14
CA LYS A 49 3.21 24.85 -11.95
C LYS A 49 3.32 23.34 -12.11
N PRO A 50 4.19 22.85 -13.01
CA PRO A 50 4.36 21.41 -13.23
C PRO A 50 4.70 20.69 -11.94
N VAL A 51 4.00 19.60 -11.67
CA VAL A 51 4.23 18.83 -10.44
C VAL A 51 4.42 17.35 -10.74
N ASN A 52 5.48 16.79 -10.18
CA ASN A 52 5.80 15.38 -10.33
C ASN A 52 4.95 14.56 -9.37
N LEU A 53 4.28 13.54 -9.89
CA LEU A 53 3.44 12.69 -9.06
C LEU A 53 3.98 11.27 -8.95
N GLY A 54 4.22 10.85 -7.72
CA GLY A 54 4.72 9.51 -7.48
C GLY A 54 3.63 8.60 -6.96
N LEU A 55 3.34 7.53 -7.70
CA LEU A 55 2.30 6.60 -7.30
C LEU A 55 2.88 5.42 -6.54
N TRP A 56 2.48 5.27 -5.29
CA TRP A 56 2.97 4.18 -4.43
C TRP A 56 1.80 3.45 -3.77
N ASP A 57 1.90 2.13 -3.67
CA ASP A 57 0.85 1.33 -3.05
C ASP A 57 1.44 0.44 -1.94
N THR A 58 0.64 0.19 -0.91
CA THR A 58 1.07 -0.64 0.20
C THR A 58 0.44 -2.03 0.15
N ALA A 59 -0.80 -2.08 -0.34
CA ALA A 59 -1.53 -3.34 -0.45
C ALA A 59 -1.71 -4.00 0.91
N GLY A 60 -2.39 -5.15 0.92
CA GLY A 60 -2.62 -5.85 2.16
C GLY A 60 -2.06 -7.27 2.14
N LEU A 61 -0.76 -7.39 2.43
CA LEU A 61 -0.10 -8.68 2.44
C LEU A 61 0.87 -8.79 3.60
N GLU A 62 0.59 -9.70 4.53
CA GLU A 62 1.42 -9.91 5.71
C GLU A 62 2.64 -10.79 5.41
N ASP A 63 2.55 -11.58 4.35
CA ASP A 63 3.63 -12.47 3.97
C ASP A 63 4.90 -11.70 3.64
N TYR A 64 4.76 -10.55 2.99
CA TYR A 64 5.89 -9.71 2.63
C TYR A 64 6.66 -9.27 3.87
N ASP A 65 5.91 -8.96 4.93
CA ASP A 65 6.50 -8.53 6.20
C ASP A 65 7.39 -7.31 6.03
N ARG A 66 8.68 -7.55 5.77
CA ARG A 66 9.63 -6.46 5.60
C ARG A 66 9.42 -5.73 4.29
N LEU A 67 9.18 -6.48 3.22
CA LEU A 67 8.96 -5.89 1.91
C LEU A 67 7.75 -4.94 1.94
N ARG A 68 8.01 -3.67 2.24
CA ARG A 68 6.97 -2.67 2.31
C ARG A 68 7.37 -1.40 1.57
N PRO A 69 6.39 -0.57 1.16
CA PRO A 69 6.67 0.67 0.44
C PRO A 69 7.81 1.47 1.04
N LEU A 70 8.97 1.43 0.38
CA LEU A 70 10.15 2.15 0.84
C LEU A 70 9.87 3.65 0.88
N SER A 71 8.91 4.07 0.05
CA SER A 71 8.53 5.48 -0.04
C SER A 71 7.77 5.93 1.19
N TYR A 72 6.91 5.05 1.72
CA TYR A 72 6.09 5.34 2.90
C TYR A 72 6.78 6.30 3.88
N PRO A 73 7.98 5.98 4.40
CA PRO A 73 8.69 6.85 5.34
C PRO A 73 8.91 8.26 4.78
N GLN A 74 9.42 8.33 3.56
CA GLN A 74 9.70 9.61 2.91
C GLN A 74 8.42 10.31 2.45
N THR A 75 7.35 9.54 2.28
CA THR A 75 6.07 10.07 1.82
C THR A 75 5.78 11.43 2.44
N ASP A 76 5.64 12.43 1.58
CA ASP A 76 5.36 13.79 2.02
C ASP A 76 3.98 13.88 2.64
N VAL A 77 3.07 13.02 2.18
CA VAL A 77 1.70 12.99 2.68
C VAL A 77 1.01 11.69 2.33
N PHE A 78 0.25 11.14 3.28
CA PHE A 78 -0.45 9.88 3.07
C PHE A 78 -1.94 10.10 2.86
N LEU A 79 -2.56 9.21 2.08
CA LEU A 79 -4.00 9.30 1.81
C LEU A 79 -4.75 8.23 2.59
N ILE A 80 -5.75 8.66 3.36
CA ILE A 80 -6.55 7.72 4.14
C ILE A 80 -7.81 7.33 3.38
N CYS A 81 -7.79 6.13 2.81
CA CYS A 81 -8.92 5.64 2.03
C CYS A 81 -9.79 4.70 2.85
N PHE A 82 -11.10 4.96 2.81
CA PHE A 82 -12.06 4.13 3.55
C PHE A 82 -13.41 4.15 2.83
N SER A 83 -14.30 3.25 3.23
CA SER A 83 -15.62 3.16 2.61
C SER A 83 -16.60 4.09 3.33
N LEU A 84 -17.08 5.09 2.60
CA LEU A 84 -18.00 6.08 3.13
C LEU A 84 -19.30 5.47 3.64
N VAL A 85 -19.88 4.56 2.87
CA VAL A 85 -21.15 3.95 3.26
C VAL A 85 -21.00 3.08 4.50
N SER A 86 -19.77 2.73 4.85
CA SER A 86 -19.52 1.88 6.01
C SER A 86 -18.77 2.65 7.10
N PRO A 87 -19.40 2.86 8.28
CA PRO A 87 -18.78 3.60 9.39
C PRO A 87 -17.56 2.88 9.96
N ALA A 88 -17.59 1.55 9.94
CA ALA A 88 -16.48 0.76 10.48
C ALA A 88 -15.15 1.13 9.83
N SER A 89 -15.15 1.29 8.51
CA SER A 89 -13.93 1.66 7.79
C SER A 89 -13.41 2.98 8.33
N PHE A 90 -14.33 3.84 8.72
CA PHE A 90 -13.99 5.15 9.27
C PHE A 90 -13.36 4.97 10.66
N GLU A 91 -13.83 3.97 11.38
CA GLU A 91 -13.33 3.66 12.71
C GLU A 91 -11.93 3.07 12.64
N ASN A 92 -11.69 2.24 11.64
CA ASN A 92 -10.41 1.57 11.46
C ASN A 92 -9.29 2.57 11.17
N VAL A 93 -9.52 3.48 10.23
CA VAL A 93 -8.52 4.47 9.87
C VAL A 93 -8.13 5.32 11.08
N ARG A 94 -9.12 5.77 11.83
CA ARG A 94 -8.89 6.59 13.02
C ARG A 94 -8.32 5.76 14.17
N ALA A 95 -8.55 4.45 14.13
CA ALA A 95 -8.08 3.57 15.19
C ALA A 95 -6.63 3.13 15.05
N LYS A 96 -6.25 2.64 13.87
CA LYS A 96 -4.88 2.16 13.66
C LYS A 96 -4.02 3.14 12.86
N TRP A 97 -4.57 3.66 11.76
CA TRP A 97 -3.83 4.57 10.89
C TRP A 97 -3.53 5.92 11.56
N TYR A 98 -4.42 6.38 12.44
CA TYR A 98 -4.22 7.67 13.10
C TYR A 98 -3.06 7.66 14.09
N PRO A 99 -2.98 6.66 15.01
CA PRO A 99 -1.90 6.58 16.00
C PRO A 99 -0.53 6.31 15.37
N GLU A 100 -0.55 5.64 14.22
CA GLU A 100 0.69 5.28 13.53
C GLU A 100 1.42 6.51 13.02
N VAL A 101 0.68 7.43 12.40
CA VAL A 101 1.27 8.66 11.88
C VAL A 101 1.94 9.43 13.00
N ARG A 102 1.33 9.39 14.18
CA ARG A 102 1.86 10.09 15.35
C ARG A 102 3.17 9.46 15.82
N HIS A 103 3.32 8.17 15.58
CA HIS A 103 4.51 7.44 16.00
C HIS A 103 5.67 7.67 15.03
N HIS A 104 5.35 7.71 13.74
CA HIS A 104 6.37 7.93 12.72
C HIS A 104 6.76 9.40 12.66
N CYS A 105 5.74 10.26 12.69
CA CYS A 105 5.95 11.71 12.63
C CYS A 105 4.62 12.45 12.55
N PRO A 106 4.14 13.00 13.69
CA PRO A 106 2.87 13.74 13.72
C PRO A 106 2.94 15.05 12.93
N ASN A 107 4.15 15.56 12.76
CA ASN A 107 4.35 16.81 12.03
C ASN A 107 4.04 16.67 10.55
N THR A 108 3.97 15.42 10.07
CA THR A 108 3.68 15.16 8.66
C THR A 108 2.18 15.32 8.37
N PRO A 109 1.84 16.09 7.32
CA PRO A 109 0.44 16.32 6.92
C PRO A 109 -0.24 15.03 6.48
N ILE A 110 -1.56 15.00 6.57
CA ILE A 110 -2.32 13.82 6.19
C ILE A 110 -3.62 14.18 5.46
N ILE A 111 -3.82 13.58 4.31
CA ILE A 111 -5.01 13.83 3.51
C ILE A 111 -6.05 12.73 3.74
N LEU A 112 -7.32 13.06 3.50
CA LEU A 112 -8.39 12.09 3.67
C LEU A 112 -9.11 11.86 2.35
N VAL A 113 -9.37 10.60 2.03
CA VAL A 113 -10.02 10.24 0.78
C VAL A 113 -11.26 9.39 1.00
N GLY A 114 -12.37 9.81 0.40
CA GLY A 114 -13.61 9.06 0.52
C GLY A 114 -13.86 8.21 -0.72
N THR A 115 -13.07 7.15 -0.85
CA THR A 115 -13.17 6.26 -2.01
C THR A 115 -14.53 5.58 -2.09
N LYS A 116 -14.78 4.93 -3.23
CA LYS A 116 -16.03 4.23 -3.47
C LYS A 116 -17.23 5.16 -3.28
N LEU A 117 -17.39 6.09 -4.22
CA LEU A 117 -18.51 7.03 -4.16
C LEU A 117 -19.70 6.48 -4.95
N ASP A 118 -19.42 5.60 -5.91
CA ASP A 118 -20.46 5.01 -6.75
C ASP A 118 -21.47 4.24 -5.90
N LEU A 119 -21.00 3.54 -4.89
CA LEU A 119 -21.86 2.75 -4.01
C LEU A 119 -22.33 3.57 -2.82
N ARG A 120 -21.81 4.79 -2.70
CA ARG A 120 -22.17 5.69 -1.62
C ARG A 120 -23.47 6.41 -1.95
N ASP A 121 -23.85 6.36 -3.23
CA ASP A 121 -25.08 7.00 -3.68
C ASP A 121 -26.05 5.94 -4.21
N ASP A 122 -25.88 4.70 -3.75
CA ASP A 122 -26.73 3.61 -4.18
C ASP A 122 -27.72 3.23 -3.08
N LYS A 123 -28.97 3.63 -3.29
CA LYS A 123 -30.05 3.38 -2.33
C LYS A 123 -30.05 1.95 -1.82
N ASP A 124 -30.15 1.01 -2.76
CA ASP A 124 -30.20 -0.41 -2.42
C ASP A 124 -29.02 -0.84 -1.55
N THR A 125 -27.81 -0.42 -1.93
CA THR A 125 -26.62 -0.76 -1.14
C THR A 125 -26.70 -0.14 0.23
N ILE A 126 -27.09 1.13 0.27
CA ILE A 126 -27.23 1.85 1.53
C ILE A 126 -28.21 1.12 2.43
N GLU A 127 -29.27 0.59 1.81
CA GLU A 127 -30.30 -0.14 2.52
C GLU A 127 -29.74 -1.45 3.08
N LYS A 128 -28.83 -2.07 2.33
CA LYS A 128 -28.23 -3.34 2.75
C LYS A 128 -27.41 -3.18 4.02
N LEU A 129 -26.65 -2.10 4.12
CA LEU A 129 -25.84 -1.87 5.29
C LEU A 129 -26.73 -1.72 6.53
N LYS A 130 -27.91 -1.17 6.34
CA LYS A 130 -28.87 -1.01 7.43
C LYS A 130 -29.17 -2.36 8.06
N GLU A 131 -29.13 -3.39 7.24
CA GLU A 131 -29.41 -4.75 7.70
C GLU A 131 -28.37 -5.16 8.72
N LYS A 132 -27.17 -4.60 8.58
CA LYS A 132 -26.06 -4.89 9.47
C LYS A 132 -25.82 -3.73 10.44
N LYS A 133 -26.81 -2.82 10.51
CA LYS A 133 -26.75 -1.67 11.42
C LYS A 133 -25.65 -0.68 11.03
N LEU A 134 -25.36 -0.57 9.73
CA LEU A 134 -24.34 0.37 9.26
C LEU A 134 -24.97 1.49 8.44
N THR A 135 -24.48 2.71 8.63
CA THR A 135 -25.00 3.88 7.91
C THR A 135 -23.90 4.61 7.15
N PRO A 136 -24.24 5.27 6.03
CA PRO A 136 -23.28 6.00 5.21
C PRO A 136 -22.72 7.24 5.92
N ILE A 137 -21.53 7.67 5.51
CA ILE A 137 -20.90 8.85 6.10
C ILE A 137 -21.16 10.09 5.26
N THR A 138 -21.52 11.18 5.92
CA THR A 138 -21.80 12.43 5.23
C THR A 138 -20.56 13.32 5.21
N TYR A 139 -20.59 14.35 4.36
CA TYR A 139 -19.45 15.25 4.22
C TYR A 139 -19.07 15.93 5.55
N PRO A 140 -20.04 16.50 6.29
CA PRO A 140 -19.76 17.16 7.57
C PRO A 140 -19.19 16.20 8.61
N GLN A 141 -19.53 14.91 8.47
CA GLN A 141 -19.04 13.91 9.42
C GLN A 141 -17.54 13.73 9.26
N GLY A 142 -17.09 13.66 8.01
CA GLY A 142 -15.68 13.51 7.73
C GLY A 142 -14.93 14.81 7.96
N LEU A 143 -15.58 15.93 7.65
CA LEU A 143 -14.98 17.23 7.84
C LEU A 143 -14.48 17.39 9.27
N ALA A 144 -15.29 16.93 10.22
CA ALA A 144 -14.94 17.01 11.63
C ALA A 144 -13.74 16.12 11.93
N MET A 145 -13.67 14.98 11.25
CA MET A 145 -12.57 14.04 11.43
C MET A 145 -11.24 14.69 11.09
N ALA A 146 -11.23 15.45 10.00
CA ALA A 146 -10.02 16.13 9.56
C ALA A 146 -9.49 17.06 10.64
N LYS A 147 -10.35 17.94 11.14
CA LYS A 147 -9.97 18.88 12.19
C LYS A 147 -9.58 18.15 13.46
N GLU A 148 -10.22 17.03 13.69
CA GLU A 148 -9.97 16.22 14.89
C GLU A 148 -8.57 15.60 14.85
N ILE A 149 -8.19 15.05 13.70
CA ILE A 149 -6.89 14.42 13.56
C ILE A 149 -5.86 15.43 13.03
N GLY A 150 -6.31 16.66 12.86
CA GLY A 150 -5.44 17.71 12.38
C GLY A 150 -5.03 17.54 10.94
N ALA A 151 -5.80 16.75 10.19
CA ALA A 151 -5.51 16.50 8.79
C ALA A 151 -5.47 17.79 7.99
N VAL A 152 -4.62 17.81 6.97
CA VAL A 152 -4.48 18.98 6.13
C VAL A 152 -5.70 19.21 5.25
N LYS A 153 -6.39 18.13 4.85
CA LYS A 153 -7.58 18.27 4.02
C LYS A 153 -8.32 16.95 3.86
N TYR A 154 -9.65 17.04 3.75
CA TYR A 154 -10.50 15.85 3.60
C TYR A 154 -11.46 15.99 2.43
N LEU A 155 -11.49 14.99 1.55
CA LEU A 155 -12.40 15.00 0.39
C LEU A 155 -12.92 13.60 0.09
N GLU A 156 -13.96 13.53 -0.75
CA GLU A 156 -14.56 12.26 -1.14
C GLU A 156 -14.62 12.18 -2.67
N CYS A 157 -14.39 10.98 -3.21
CA CYS A 157 -14.41 10.79 -4.66
C CYS A 157 -14.52 9.32 -5.05
N SER A 158 -14.79 9.07 -6.33
CA SER A 158 -14.92 7.71 -6.85
C SER A 158 -13.88 7.45 -7.93
N ALA A 159 -13.44 6.20 -8.03
CA ALA A 159 -12.46 5.81 -9.03
C ALA A 159 -13.16 5.41 -10.33
N LEU A 160 -14.40 4.94 -10.20
CA LEU A 160 -15.17 4.52 -11.36
C LEU A 160 -15.82 5.70 -12.08
N THR A 161 -16.37 6.63 -11.31
CA THR A 161 -17.03 7.81 -11.89
C THR A 161 -16.13 9.03 -11.91
N GLN A 162 -15.02 8.97 -11.17
CA GLN A 162 -14.08 10.08 -11.10
C GLN A 162 -14.70 11.31 -10.44
N ARG A 163 -15.50 11.09 -9.39
CA ARG A 163 -16.14 12.20 -8.68
C ARG A 163 -15.19 13.38 -8.49
N GLY A 164 -14.00 13.11 -7.92
CA GLY A 164 -13.04 14.16 -7.68
C GLY A 164 -11.64 13.65 -7.40
N LEU A 165 -11.17 12.70 -8.21
CA LEU A 165 -9.83 12.14 -8.04
C LEU A 165 -8.77 13.21 -8.22
N LYS A 166 -8.94 14.01 -9.27
CA LYS A 166 -7.99 15.08 -9.59
C LYS A 166 -7.80 16.00 -8.39
N THR A 167 -8.86 16.19 -7.62
CA THR A 167 -8.82 17.04 -6.44
C THR A 167 -7.99 16.39 -5.34
N VAL A 168 -8.09 15.07 -5.22
CA VAL A 168 -7.35 14.34 -4.19
C VAL A 168 -5.85 14.58 -4.34
N PHE A 169 -5.34 14.31 -5.54
CA PHE A 169 -3.92 14.49 -5.82
C PHE A 169 -3.54 15.96 -5.78
N ASP A 170 -4.43 16.80 -6.31
CA ASP A 170 -4.19 18.24 -6.35
C ASP A 170 -3.98 18.80 -4.93
N GLU A 171 -4.86 18.40 -4.02
CA GLU A 171 -4.80 18.84 -2.63
C GLU A 171 -3.66 18.14 -1.89
N ALA A 172 -3.41 16.89 -2.26
CA ALA A 172 -2.36 16.11 -1.63
C ALA A 172 -0.99 16.76 -1.87
N ILE A 173 -0.79 17.27 -3.07
CA ILE A 173 0.46 17.93 -3.40
C ILE A 173 0.67 19.15 -2.52
N ARG A 174 -0.34 20.02 -2.47
CA ARG A 174 -0.25 21.21 -1.64
C ARG A 174 -0.08 20.83 -0.18
N ALA A 175 -0.65 19.68 0.16
CA ALA A 175 -0.59 19.13 1.52
C ALA A 175 0.84 19.10 2.06
N VAL A 176 1.83 19.05 1.18
CA VAL A 176 3.22 19.04 1.62
C VAL A 176 3.87 20.42 1.48
N LEU A 177 3.42 21.20 0.50
CA LEU A 177 3.98 22.52 0.23
C LEU A 177 3.49 23.60 1.21
N CYS A 178 2.17 23.78 1.30
CA CYS A 178 1.61 24.82 2.18
C CYS A 178 1.89 24.55 3.67
N PRO A 179 1.36 23.45 4.26
CA PRO A 179 1.60 23.12 5.67
C PRO A 179 3.08 22.87 5.96
N PRO A 180 3.46 22.51 7.20
CA PRO A 180 4.86 22.25 7.54
C PRO A 180 5.52 21.19 6.66
N PRO A 181 6.83 21.32 6.40
CA PRO A 181 7.59 20.38 5.55
C PRO A 181 7.52 18.93 6.02
N VAL A 182 8.34 18.10 5.38
CA VAL A 182 8.39 16.68 5.69
C VAL A 182 9.80 16.26 6.09
N LYS A 183 10.59 15.80 5.11
CA LYS A 183 11.97 15.36 5.36
C LYS A 183 12.00 14.25 6.42
N LYS A 184 13.02 14.30 7.29
CA LYS A 184 13.18 13.30 8.35
C LYS A 184 13.49 11.93 7.75
N ARG A 185 14.73 11.47 7.97
CA ARG A 185 15.17 10.17 7.46
C ARG A 185 16.32 9.62 8.29
N LYS A 186 16.49 8.30 8.26
CA LYS A 186 17.56 7.66 9.00
C LYS A 186 17.83 6.25 8.46
N ARG A 187 19.09 5.83 8.53
CA ARG A 187 19.48 4.51 8.05
C ARG A 187 19.20 3.44 9.09
N LYS A 188 19.61 2.21 8.81
CA LYS A 188 19.41 1.10 9.72
C LYS A 188 20.74 0.55 10.22
N CYS A 189 21.60 0.17 9.28
CA CYS A 189 22.92 -0.36 9.62
C CYS A 189 24.02 0.51 9.02
N LEU A 190 25.26 0.04 9.12
CA LEU A 190 26.40 0.79 8.58
C LEU A 190 26.37 0.82 7.06
N LEU A 191 27.05 1.80 6.48
CA LEU A 191 27.10 1.95 5.02
C LEU A 191 27.76 0.73 4.38
N LEU A 192 27.28 0.36 3.20
CA LEU A 192 27.81 -0.80 2.49
C LEU A 192 29.19 -0.49 1.92
N GLY B 1 0.76 -33.86 12.17
CA GLY B 1 -0.52 -34.28 11.56
C GLY B 1 -0.33 -35.24 10.40
N ILE B 2 0.73 -35.01 9.63
CA ILE B 2 1.02 -35.86 8.47
C ILE B 2 1.54 -37.23 8.89
N PRO B 3 1.01 -38.31 8.30
CA PRO B 3 1.46 -39.67 8.60
C PRO B 3 2.82 -39.95 7.97
N ALA B 4 2.82 -40.23 6.67
CA ALA B 4 4.07 -40.47 5.94
C ALA B 4 4.48 -39.21 5.20
N THR B 5 3.54 -38.64 4.45
CA THR B 5 3.76 -37.41 3.69
C THR B 5 2.42 -36.77 3.32
N ASN B 6 2.47 -35.78 2.42
CA ASN B 6 1.26 -35.09 1.98
C ASN B 6 1.54 -34.28 0.73
N LEU B 7 0.77 -34.54 -0.32
CA LEU B 7 0.93 -33.83 -1.58
C LEU B 7 0.54 -32.36 -1.44
N SER B 8 -0.53 -32.10 -0.70
CA SER B 8 -1.02 -30.74 -0.49
C SER B 8 0.07 -29.89 0.17
N ARG B 9 0.92 -30.52 0.96
CA ARG B 9 2.00 -29.81 1.64
C ARG B 9 3.05 -29.34 0.64
N VAL B 10 3.39 -30.20 -0.31
CA VAL B 10 4.38 -29.87 -1.33
C VAL B 10 3.95 -28.63 -2.11
N ALA B 11 2.72 -28.63 -2.60
CA ALA B 11 2.19 -27.50 -3.36
C ALA B 11 2.18 -26.25 -2.51
N GLY B 12 1.92 -26.43 -1.22
CA GLY B 12 1.88 -25.30 -0.31
C GLY B 12 3.19 -24.54 -0.32
N LEU B 13 4.29 -25.28 -0.33
CA LEU B 13 5.62 -24.69 -0.37
C LEU B 13 5.86 -24.00 -1.69
N GLU B 14 5.32 -24.60 -2.76
CA GLU B 14 5.46 -24.01 -4.09
C GLU B 14 4.80 -22.64 -4.11
N LYS B 15 3.67 -22.56 -3.43
CA LYS B 15 2.90 -21.33 -3.31
C LYS B 15 3.65 -20.31 -2.46
N GLN B 16 4.18 -20.77 -1.32
CA GLN B 16 4.91 -19.90 -0.41
C GLN B 16 6.12 -19.27 -1.06
N LEU B 17 6.97 -20.10 -1.67
CA LEU B 17 8.16 -19.60 -2.34
C LEU B 17 7.78 -18.64 -3.45
N ALA B 18 6.67 -18.90 -4.12
CA ALA B 18 6.20 -18.04 -5.20
C ALA B 18 5.88 -16.65 -4.66
N ILE B 19 5.24 -16.62 -3.50
CA ILE B 19 4.90 -15.37 -2.84
C ILE B 19 6.19 -14.61 -2.52
N GLU B 20 7.19 -15.36 -2.09
CA GLU B 20 8.49 -14.81 -1.76
C GLU B 20 9.17 -14.29 -3.02
N LEU B 21 8.89 -14.93 -4.15
CA LEU B 21 9.46 -14.50 -5.42
C LEU B 21 9.02 -13.08 -5.71
N LYS B 22 7.77 -12.78 -5.38
CA LYS B 22 7.22 -11.45 -5.58
C LYS B 22 7.94 -10.47 -4.67
N VAL B 23 8.29 -10.97 -3.49
CA VAL B 23 9.01 -10.18 -2.50
C VAL B 23 10.43 -9.86 -2.97
N LYS B 24 11.16 -10.90 -3.37
CA LYS B 24 12.53 -10.77 -3.83
C LYS B 24 12.60 -9.90 -5.08
N GLN B 25 11.78 -10.23 -6.07
CA GLN B 25 11.74 -9.48 -7.31
C GLN B 25 11.30 -8.04 -7.08
N GLY B 26 10.52 -7.84 -6.02
CA GLY B 26 10.05 -6.49 -5.69
C GLY B 26 11.17 -5.59 -5.22
N ALA B 27 11.97 -6.09 -4.28
CA ALA B 27 13.08 -5.34 -3.74
C ALA B 27 14.07 -4.94 -4.84
N GLU B 28 14.45 -5.92 -5.65
CA GLU B 28 15.40 -5.68 -6.74
C GLU B 28 14.91 -4.58 -7.67
N ASN B 29 13.61 -4.60 -7.97
CA ASN B 29 13.04 -3.58 -8.85
C ASN B 29 13.28 -2.20 -8.27
N MET B 30 13.12 -2.08 -6.95
CA MET B 30 13.33 -0.82 -6.27
C MET B 30 14.80 -0.42 -6.32
N ILE B 31 15.68 -1.43 -6.21
CA ILE B 31 17.11 -1.19 -6.25
C ILE B 31 17.54 -0.61 -7.60
N GLN B 32 17.06 -1.23 -8.67
CA GLN B 32 17.39 -0.79 -10.02
C GLN B 32 16.87 0.63 -10.27
N THR B 33 15.77 0.96 -9.61
CA THR B 33 15.17 2.29 -9.74
C THR B 33 16.10 3.38 -9.21
N TYR B 34 16.59 3.18 -7.99
CA TYR B 34 17.48 4.16 -7.37
C TYR B 34 18.94 3.94 -7.77
N SER B 35 19.22 2.77 -8.35
CA SER B 35 20.58 2.45 -8.77
C SER B 35 21.09 3.46 -9.79
N ASN B 36 20.19 3.95 -10.64
CA ASN B 36 20.56 4.93 -11.66
C ASN B 36 20.98 6.25 -11.02
N GLY B 37 21.90 6.94 -11.68
CA GLY B 37 22.37 8.22 -11.16
C GLY B 37 21.43 9.36 -11.47
N SER B 38 20.27 9.03 -12.02
CA SER B 38 19.27 10.04 -12.36
C SER B 38 18.35 10.32 -11.17
N THR B 39 18.20 9.33 -10.30
CA THR B 39 17.36 9.47 -9.12
C THR B 39 18.15 10.01 -7.94
N LYS B 40 17.47 10.23 -6.82
CA LYS B 40 18.10 10.75 -5.61
C LYS B 40 17.69 9.93 -4.40
N ASP B 41 18.04 10.43 -3.21
CA ASP B 41 17.71 9.75 -1.96
C ASP B 41 18.31 8.35 -1.91
N ARG B 42 19.51 8.25 -1.35
CA ARG B 42 20.21 6.98 -1.22
C ARG B 42 19.56 6.10 -0.16
N LYS B 43 18.88 6.74 0.80
CA LYS B 43 18.22 6.01 1.88
C LYS B 43 17.26 4.97 1.34
N LEU B 44 16.51 5.34 0.30
CA LEU B 44 15.56 4.42 -0.32
C LEU B 44 16.28 3.20 -0.87
N LEU B 45 17.40 3.45 -1.55
CA LEU B 45 18.21 2.39 -2.13
C LEU B 45 18.80 1.49 -1.04
N LEU B 46 19.07 2.08 0.12
CA LEU B 46 19.65 1.36 1.24
C LEU B 46 18.69 0.30 1.75
N THR B 47 17.42 0.67 1.94
CA THR B 47 16.42 -0.27 2.43
C THR B 47 16.18 -1.38 1.42
N ALA B 48 16.11 -1.00 0.15
CA ALA B 48 15.86 -1.97 -0.90
C ALA B 48 16.92 -3.06 -0.85
N GLN B 49 18.14 -2.68 -0.51
CA GLN B 49 19.24 -3.63 -0.41
C GLN B 49 19.04 -4.58 0.77
N GLN B 50 18.57 -4.04 1.90
CA GLN B 50 18.36 -4.85 3.10
C GLN B 50 17.18 -5.81 2.91
N MET B 51 16.02 -5.25 2.59
CA MET B 51 14.82 -6.05 2.38
C MET B 51 15.03 -7.12 1.31
N LEU B 52 15.92 -6.83 0.35
CA LEU B 52 16.19 -7.78 -0.72
C LEU B 52 16.96 -8.99 -0.17
N GLN B 53 17.94 -8.72 0.68
CA GLN B 53 18.75 -9.77 1.28
C GLN B 53 17.88 -10.72 2.11
N ASP B 54 16.99 -10.12 2.89
CA ASP B 54 16.08 -10.87 3.75
C ASP B 54 15.23 -11.82 2.92
N SER B 55 14.75 -11.33 1.78
CA SER B 55 13.91 -12.12 0.90
C SER B 55 14.68 -13.31 0.32
N LYS B 56 15.92 -13.08 -0.05
CA LYS B 56 16.75 -14.13 -0.63
C LYS B 56 16.83 -15.32 0.32
N THR B 57 17.04 -15.05 1.60
CA THR B 57 17.12 -16.11 2.60
C THR B 57 15.81 -16.88 2.68
N LYS B 58 14.69 -16.14 2.62
CA LYS B 58 13.37 -16.76 2.69
C LYS B 58 13.20 -17.81 1.58
N ILE B 59 13.58 -17.44 0.36
CA ILE B 59 13.48 -18.35 -0.77
C ILE B 59 14.39 -19.56 -0.57
N ASP B 60 15.58 -19.31 -0.04
CA ASP B 60 16.56 -20.36 0.20
C ASP B 60 16.04 -21.47 1.10
N ILE B 61 15.44 -21.10 2.23
CA ILE B 61 14.92 -22.09 3.17
C ILE B 61 13.69 -22.81 2.63
N ILE B 62 12.74 -22.04 2.12
CA ILE B 62 11.52 -22.61 1.58
C ILE B 62 11.83 -23.55 0.41
N ARG B 63 12.80 -23.17 -0.40
CA ARG B 63 13.20 -23.96 -1.55
C ARG B 63 13.80 -25.31 -1.13
N MET B 64 14.72 -25.27 -0.17
CA MET B 64 15.37 -26.49 0.30
C MET B 64 14.38 -27.43 0.97
N GLN B 65 13.49 -26.87 1.78
CA GLN B 65 12.49 -27.67 2.48
C GLN B 65 11.56 -28.36 1.49
N LEU B 66 11.24 -27.67 0.42
CA LEU B 66 10.38 -28.22 -0.61
C LEU B 66 11.03 -29.46 -1.19
N ARG B 67 12.34 -29.37 -1.44
CA ARG B 67 13.10 -30.48 -1.97
C ARG B 67 13.02 -31.66 -1.01
N ARG B 68 12.94 -31.35 0.29
CA ARG B 68 12.87 -32.38 1.32
C ARG B 68 11.54 -33.12 1.22
N ALA B 69 10.50 -32.40 0.80
CA ALA B 69 9.17 -32.98 0.67
C ALA B 69 9.13 -34.00 -0.47
N LEU B 70 9.64 -33.62 -1.63
CA LEU B 70 9.65 -34.52 -2.78
C LEU B 70 10.61 -35.67 -2.54
N GLN B 71 11.71 -35.38 -1.85
CA GLN B 71 12.70 -36.41 -1.54
C GLN B 71 12.11 -37.42 -0.56
N ALA B 72 11.27 -36.92 0.34
CA ALA B 72 10.63 -37.78 1.33
C ALA B 72 9.51 -38.58 0.72
N ASP B 73 9.03 -38.11 -0.43
CA ASP B 73 7.96 -38.78 -1.15
C ASP B 73 8.49 -40.00 -1.89
N GLN B 74 9.68 -39.86 -2.46
CA GLN B 74 10.32 -40.95 -3.19
C GLN B 74 10.63 -42.11 -2.25
N LEU B 75 11.03 -41.78 -1.03
CA LEU B 75 11.35 -42.80 -0.03
C LEU B 75 10.18 -43.02 0.91
N GLU B 76 10.33 -43.98 1.83
CA GLU B 76 9.28 -44.28 2.79
C GLU B 76 9.88 -44.85 4.09
N ASN B 77 11.20 -44.88 4.15
CA ASN B 77 11.90 -45.39 5.32
C ASN B 77 13.13 -44.55 5.63
N GLN B 78 14.21 -44.81 4.90
CA GLN B 78 15.47 -44.08 5.09
C GLN B 78 15.91 -44.11 6.56
N ALA B 79 16.72 -45.11 6.89
CA ALA B 79 17.21 -45.28 8.25
C ALA B 79 18.41 -44.38 8.52
N ALA B 80 18.73 -44.21 9.81
CA ALA B 80 19.87 -43.37 10.21
C ALA B 80 21.18 -44.14 10.12
N PRO B 81 22.32 -43.43 10.00
CA PRO B 81 23.64 -44.07 9.91
C PRO B 81 23.93 -44.96 11.10
N MET A 1 10.34 20.82 -11.38
CA MET A 1 9.09 20.03 -11.34
C MET A 1 8.83 19.49 -9.93
N GLN A 2 7.85 20.07 -9.25
CA GLN A 2 7.50 19.65 -7.90
C GLN A 2 7.15 18.17 -7.86
N ALA A 3 8.11 17.35 -7.50
CA ALA A 3 7.90 15.91 -7.43
C ALA A 3 7.65 15.48 -6.00
N ILE A 4 6.48 14.93 -5.75
CA ILE A 4 6.09 14.51 -4.41
C ILE A 4 5.68 13.04 -4.39
N LYS A 5 6.12 12.34 -3.35
CA LYS A 5 5.81 10.93 -3.19
C LYS A 5 4.57 10.73 -2.33
N CYS A 6 3.49 10.24 -2.95
CA CYS A 6 2.25 10.00 -2.25
C CYS A 6 1.88 8.52 -2.34
N VAL A 7 1.86 7.85 -1.19
CA VAL A 7 1.52 6.44 -1.14
C VAL A 7 0.07 6.23 -0.72
N VAL A 8 -0.65 5.39 -1.48
CA VAL A 8 -2.05 5.13 -1.20
C VAL A 8 -2.22 3.79 -0.48
N VAL A 9 -2.84 3.83 0.69
CA VAL A 9 -3.08 2.64 1.48
C VAL A 9 -4.55 2.51 1.84
N GLY A 10 -5.00 1.28 2.06
CA GLY A 10 -6.40 1.05 2.41
C GLY A 10 -6.59 -0.20 3.24
N ASP A 11 -7.43 -0.09 4.27
CA ASP A 11 -7.71 -1.22 5.15
C ASP A 11 -8.60 -2.25 4.45
N GLY A 12 -9.40 -1.77 3.51
CA GLY A 12 -10.29 -2.65 2.77
C GLY A 12 -9.54 -3.71 1.98
N ALA A 13 -10.24 -4.76 1.59
CA ALA A 13 -9.64 -5.84 0.82
C ALA A 13 -9.13 -5.35 -0.52
N VAL A 14 -9.88 -4.45 -1.14
CA VAL A 14 -9.50 -3.89 -2.43
C VAL A 14 -9.82 -2.40 -2.53
N GLY A 15 -9.00 -1.67 -3.28
CA GLY A 15 -9.23 -0.23 -3.43
C GLY A 15 -7.96 0.58 -3.47
N LYS A 16 -6.83 -0.05 -3.12
CA LYS A 16 -5.54 0.64 -3.09
C LYS A 16 -4.99 0.96 -4.48
N THR A 17 -4.99 -0.03 -5.38
CA THR A 17 -4.45 0.18 -6.73
C THR A 17 -5.45 0.87 -7.66
N CYS A 18 -6.74 0.60 -7.46
CA CYS A 18 -7.78 1.20 -8.30
C CYS A 18 -7.78 2.71 -8.21
N LEU A 19 -7.50 3.25 -7.03
CA LEU A 19 -7.48 4.69 -6.82
C LEU A 19 -6.41 5.35 -7.71
N LEU A 20 -5.23 4.75 -7.74
CA LEU A 20 -4.13 5.28 -8.55
C LEU A 20 -4.39 5.13 -10.05
N ILE A 21 -4.85 3.95 -10.45
CA ILE A 21 -5.13 3.67 -11.87
C ILE A 21 -6.25 4.56 -12.39
N SER A 22 -7.27 4.76 -11.56
CA SER A 22 -8.42 5.58 -11.95
C SER A 22 -8.00 7.01 -12.28
N TYR A 23 -7.05 7.54 -11.54
CA TYR A 23 -6.59 8.90 -11.75
C TYR A 23 -5.67 9.00 -12.98
N THR A 24 -5.02 7.90 -13.33
CA THR A 24 -4.11 7.89 -14.47
C THR A 24 -4.79 7.48 -15.78
N THR A 25 -5.82 6.65 -15.68
CA THR A 25 -6.53 6.18 -16.87
C THR A 25 -7.99 6.58 -16.88
N ASN A 26 -8.42 7.26 -15.81
CA ASN A 26 -9.81 7.70 -15.69
C ASN A 26 -10.77 6.53 -15.63
N ALA A 27 -10.23 5.31 -15.63
CA ALA A 27 -11.07 4.12 -15.59
C ALA A 27 -10.25 2.86 -15.33
N PHE A 28 -10.60 2.14 -14.27
CA PHE A 28 -9.90 0.91 -13.91
C PHE A 28 -10.20 -0.21 -14.94
N PRO A 29 -9.17 -0.69 -15.66
CA PRO A 29 -9.34 -1.76 -16.65
C PRO A 29 -9.98 -3.01 -16.05
N GLY A 30 -9.39 -3.52 -14.98
CA GLY A 30 -9.91 -4.71 -14.34
C GLY A 30 -8.85 -5.78 -14.16
N GLU A 31 -8.10 -5.69 -13.07
CA GLU A 31 -7.04 -6.65 -12.78
C GLU A 31 -7.02 -7.02 -11.29
N TYR A 32 -6.84 -8.31 -11.01
CA TYR A 32 -6.79 -8.79 -9.64
C TYR A 32 -5.38 -9.29 -9.31
N ILE A 33 -4.51 -9.28 -10.30
CA ILE A 33 -3.14 -9.73 -10.14
C ILE A 33 -2.42 -8.91 -9.04
N PRO A 34 -1.67 -9.59 -8.16
CA PRO A 34 -0.93 -8.92 -7.08
C PRO A 34 -0.05 -7.79 -7.59
N THR A 35 0.28 -6.85 -6.71
CA THR A 35 1.11 -5.72 -7.08
C THR A 35 2.17 -5.43 -6.01
N VAL A 36 3.41 -5.84 -6.28
CA VAL A 36 4.50 -5.62 -5.36
C VAL A 36 5.61 -4.81 -6.00
N PHE A 37 5.36 -4.33 -7.23
CA PHE A 37 6.34 -3.54 -7.96
C PHE A 37 5.66 -2.73 -9.07
N ASP A 38 6.47 -2.14 -9.93
CA ASP A 38 5.98 -1.33 -11.05
C ASP A 38 5.21 -0.11 -10.55
N ASN A 39 5.77 1.07 -10.81
CA ASN A 39 5.14 2.33 -10.40
C ASN A 39 4.84 3.20 -11.61
N TYR A 40 4.00 4.22 -11.41
CA TYR A 40 3.63 5.12 -12.49
C TYR A 40 3.84 6.57 -12.09
N SER A 41 3.90 7.45 -13.09
CA SER A 41 4.09 8.88 -12.84
C SER A 41 3.03 9.68 -13.58
N ALA A 42 2.65 10.82 -13.00
CA ALA A 42 1.63 11.68 -13.60
C ALA A 42 1.92 13.15 -13.33
N ASN A 43 1.47 14.01 -14.23
CA ASN A 43 1.66 15.45 -14.08
C ASN A 43 0.43 16.10 -13.47
N VAL A 44 0.64 17.09 -12.61
CA VAL A 44 -0.48 17.77 -11.95
C VAL A 44 -0.35 19.27 -12.08
N MET A 45 -1.49 19.93 -12.28
CA MET A 45 -1.52 21.39 -12.39
C MET A 45 -2.03 22.01 -11.10
N VAL A 46 -1.14 22.67 -10.37
CA VAL A 46 -1.50 23.30 -9.11
C VAL A 46 -0.98 24.74 -9.06
N ASP A 47 -1.90 25.69 -8.96
CA ASP A 47 -1.54 27.11 -8.90
C ASP A 47 -0.82 27.55 -10.16
N GLY A 48 -0.92 26.75 -11.23
CA GLY A 48 -0.27 27.09 -12.48
C GLY A 48 1.18 26.65 -12.50
N LYS A 49 1.54 25.78 -11.56
CA LYS A 49 2.90 25.27 -11.46
C LYS A 49 2.93 23.76 -11.67
N PRO A 50 3.66 23.27 -12.69
CA PRO A 50 3.74 21.83 -12.98
C PRO A 50 4.26 21.06 -11.76
N VAL A 51 3.55 19.98 -11.42
CA VAL A 51 3.93 19.15 -10.29
C VAL A 51 4.01 17.67 -10.66
N ASN A 52 5.16 17.06 -10.36
CA ASN A 52 5.38 15.65 -10.62
C ASN A 52 4.73 14.80 -9.53
N LEU A 53 3.88 13.87 -9.95
CA LEU A 53 3.16 13.02 -9.00
C LEU A 53 3.79 11.64 -8.89
N GLY A 54 4.03 11.21 -7.65
CA GLY A 54 4.59 9.89 -7.41
C GLY A 54 3.52 8.91 -6.97
N LEU A 55 3.21 7.95 -7.84
CA LEU A 55 2.17 6.97 -7.53
C LEU A 55 2.79 5.69 -6.95
N TRP A 56 2.40 5.36 -5.73
CA TRP A 56 2.89 4.18 -5.05
C TRP A 56 1.73 3.34 -4.51
N ASP A 57 1.65 2.08 -4.95
CA ASP A 57 0.57 1.20 -4.50
C ASP A 57 1.05 0.21 -3.44
N THR A 58 0.25 0.05 -2.40
CA THR A 58 0.59 -0.87 -1.31
C THR A 58 -0.39 -2.05 -1.26
N ALA A 59 0.09 -3.23 -1.62
CA ALA A 59 -0.74 -4.43 -1.63
C ALA A 59 -1.19 -4.79 -0.23
N GLY A 60 -2.28 -5.55 -0.14
CA GLY A 60 -2.81 -5.96 1.16
C GLY A 60 -2.23 -7.28 1.62
N LEU A 61 -1.04 -7.23 2.21
CA LEU A 61 -0.37 -8.44 2.70
C LEU A 61 0.49 -8.12 3.92
N GLU A 62 0.35 -8.93 4.96
CA GLU A 62 1.10 -8.72 6.20
C GLU A 62 2.52 -9.28 6.11
N ASP A 63 2.71 -10.29 5.26
CA ASP A 63 4.03 -10.91 5.09
C ASP A 63 5.05 -9.90 4.57
N TYR A 64 4.57 -8.88 3.87
CA TYR A 64 5.45 -7.85 3.31
C TYR A 64 5.76 -6.78 4.35
N ASP A 65 5.99 -7.22 5.58
CA ASP A 65 6.31 -6.30 6.67
C ASP A 65 7.69 -5.68 6.47
N ARG A 66 8.66 -6.52 6.17
CA ARG A 66 10.04 -6.06 5.96
C ARG A 66 10.22 -5.46 4.57
N LEU A 67 9.44 -5.96 3.61
CA LEU A 67 9.51 -5.46 2.24
C LEU A 67 8.47 -4.38 2.01
N ARG A 68 7.99 -3.79 3.11
CA ARG A 68 6.98 -2.74 3.04
C ARG A 68 7.39 -1.64 2.07
N PRO A 69 6.41 -0.90 1.52
CA PRO A 69 6.68 0.19 0.56
C PRO A 69 7.79 1.12 1.04
N LEU A 70 8.88 1.15 0.28
CA LEU A 70 10.02 2.01 0.62
C LEU A 70 9.62 3.47 0.58
N SER A 71 8.59 3.77 -0.20
CA SER A 71 8.11 5.14 -0.34
C SER A 71 7.41 5.60 0.94
N TYR A 72 6.67 4.70 1.57
CA TYR A 72 5.92 5.01 2.78
C TYR A 72 6.67 5.95 3.74
N PRO A 73 7.89 5.58 4.19
CA PRO A 73 8.66 6.43 5.12
C PRO A 73 8.90 7.84 4.57
N GLN A 74 9.39 7.92 3.34
CA GLN A 74 9.69 9.20 2.71
C GLN A 74 8.41 9.93 2.27
N THR A 75 7.32 9.18 2.13
CA THR A 75 6.04 9.74 1.70
C THR A 75 5.78 11.11 2.31
N ASP A 76 5.66 12.11 1.46
CA ASP A 76 5.40 13.48 1.89
C ASP A 76 4.00 13.60 2.51
N VAL A 77 3.10 12.73 2.06
CA VAL A 77 1.73 12.74 2.57
C VAL A 77 1.01 11.43 2.25
N PHE A 78 0.25 10.93 3.22
CA PHE A 78 -0.46 9.67 3.05
C PHE A 78 -1.95 9.91 2.82
N LEU A 79 -2.58 8.99 2.09
CA LEU A 79 -4.01 9.07 1.80
C LEU A 79 -4.76 7.96 2.52
N ILE A 80 -5.73 8.32 3.34
CA ILE A 80 -6.51 7.34 4.08
C ILE A 80 -7.80 7.01 3.34
N CYS A 81 -7.85 5.83 2.75
CA CYS A 81 -9.02 5.40 2.00
C CYS A 81 -9.91 4.47 2.83
N PHE A 82 -11.20 4.77 2.85
CA PHE A 82 -12.17 3.96 3.60
C PHE A 82 -13.53 4.00 2.91
N SER A 83 -14.44 3.11 3.31
CA SER A 83 -15.76 3.07 2.70
C SER A 83 -16.73 3.97 3.45
N LEU A 84 -17.13 5.06 2.81
CA LEU A 84 -18.04 6.02 3.43
C LEU A 84 -19.34 5.34 3.84
N VAL A 85 -19.87 4.51 2.97
CA VAL A 85 -21.12 3.80 3.24
C VAL A 85 -20.98 2.88 4.46
N SER A 86 -19.73 2.63 4.84
CA SER A 86 -19.45 1.77 5.98
C SER A 86 -18.82 2.57 7.12
N PRO A 87 -19.58 2.88 8.19
CA PRO A 87 -19.07 3.64 9.33
C PRO A 87 -17.86 2.98 9.97
N ALA A 88 -17.88 1.65 10.04
CA ALA A 88 -16.80 0.89 10.66
C ALA A 88 -15.45 1.22 10.03
N SER A 89 -15.39 1.29 8.71
CA SER A 89 -14.14 1.61 8.02
C SER A 89 -13.62 2.95 8.52
N PHE A 90 -14.54 3.85 8.81
CA PHE A 90 -14.22 5.18 9.31
C PHE A 90 -13.70 5.10 10.74
N GLU A 91 -14.29 4.17 11.51
CA GLU A 91 -13.91 3.96 12.90
C GLU A 91 -12.53 3.29 13.00
N ASN A 92 -12.22 2.45 12.01
CA ASN A 92 -10.97 1.71 12.01
C ASN A 92 -9.78 2.54 11.53
N VAL A 93 -10.00 3.40 10.54
CA VAL A 93 -8.92 4.21 10.00
C VAL A 93 -8.27 5.08 11.07
N ARG A 94 -9.08 5.80 11.83
CA ARG A 94 -8.56 6.66 12.89
C ARG A 94 -8.11 5.84 14.08
N ALA A 95 -8.64 4.62 14.18
CA ALA A 95 -8.32 3.73 15.28
C ALA A 95 -6.89 3.20 15.25
N LYS A 96 -6.44 2.71 14.09
CA LYS A 96 -5.10 2.15 13.97
C LYS A 96 -4.09 3.08 13.30
N TRP A 97 -4.50 3.73 12.22
CA TRP A 97 -3.60 4.61 11.48
C TRP A 97 -3.18 5.85 12.28
N TYR A 98 -4.07 6.37 13.12
CA TYR A 98 -3.77 7.56 13.90
C TYR A 98 -2.72 7.31 15.00
N PRO A 99 -2.89 6.24 15.82
CA PRO A 99 -1.93 5.93 16.90
C PRO A 99 -0.54 5.59 16.37
N GLU A 100 -0.50 5.08 15.14
CA GLU A 100 0.77 4.67 14.52
C GLU A 100 1.58 5.89 14.09
N VAL A 101 0.94 6.82 13.39
CA VAL A 101 1.63 8.01 12.92
C VAL A 101 2.04 8.92 14.08
N ARG A 102 1.16 9.03 15.08
CA ARG A 102 1.45 9.86 16.24
C ARG A 102 2.56 9.26 17.09
N HIS A 103 2.67 7.95 17.09
CA HIS A 103 3.70 7.26 17.87
C HIS A 103 5.09 7.65 17.37
N HIS A 104 5.26 7.68 16.06
CA HIS A 104 6.54 8.04 15.46
C HIS A 104 6.66 9.56 15.31
N CYS A 105 5.50 10.22 15.30
CA CYS A 105 5.43 11.67 15.17
C CYS A 105 6.44 12.19 14.14
N PRO A 106 6.39 11.69 12.90
CA PRO A 106 7.30 12.12 11.82
C PRO A 106 7.05 13.57 11.41
N ASN A 107 5.93 14.12 11.88
CA ASN A 107 5.55 15.49 11.56
C ASN A 107 5.16 15.59 10.09
N THR A 108 4.68 14.47 9.54
CA THR A 108 4.27 14.41 8.15
C THR A 108 2.77 14.66 7.99
N PRO A 109 2.37 15.50 7.01
CA PRO A 109 0.96 15.80 6.76
C PRO A 109 0.18 14.57 6.33
N ILE A 110 -1.14 14.58 6.52
CA ILE A 110 -1.97 13.45 6.16
C ILE A 110 -3.31 13.88 5.56
N ILE A 111 -3.60 13.35 4.38
CA ILE A 111 -4.84 13.67 3.68
C ILE A 111 -5.88 12.57 3.89
N LEU A 112 -7.14 12.87 3.65
CA LEU A 112 -8.22 11.90 3.81
C LEU A 112 -8.94 11.69 2.49
N VAL A 113 -9.18 10.44 2.15
CA VAL A 113 -9.85 10.09 0.90
C VAL A 113 -11.11 9.26 1.14
N GLY A 114 -12.20 9.69 0.52
CA GLY A 114 -13.46 8.97 0.64
C GLY A 114 -13.78 8.18 -0.60
N THR A 115 -13.00 7.14 -0.86
CA THR A 115 -13.18 6.30 -2.04
C THR A 115 -14.57 5.71 -2.09
N LYS A 116 -14.91 5.16 -3.26
CA LYS A 116 -16.22 4.55 -3.47
C LYS A 116 -17.35 5.54 -3.23
N LEU A 117 -17.49 6.51 -4.13
CA LEU A 117 -18.54 7.52 -4.00
C LEU A 117 -19.78 7.11 -4.81
N ASP A 118 -19.56 6.28 -5.83
CA ASP A 118 -20.65 5.81 -6.68
C ASP A 118 -21.69 5.04 -5.87
N LEU A 119 -21.23 4.28 -4.89
CA LEU A 119 -22.11 3.48 -4.05
C LEU A 119 -22.46 4.20 -2.76
N ARG A 120 -21.89 5.40 -2.58
CA ARG A 120 -22.15 6.20 -1.38
C ARG A 120 -23.33 7.13 -1.62
N ASP A 121 -23.51 7.52 -2.87
CA ASP A 121 -24.61 8.41 -3.23
C ASP A 121 -25.70 7.61 -3.94
N ASP A 122 -25.79 6.31 -3.60
CA ASP A 122 -26.78 5.44 -4.22
C ASP A 122 -27.93 5.15 -3.26
N LYS A 123 -29.13 5.55 -3.66
CA LYS A 123 -30.33 5.35 -2.87
C LYS A 123 -30.51 3.88 -2.48
N ASP A 124 -30.57 3.02 -3.48
CA ASP A 124 -30.76 1.60 -3.28
C ASP A 124 -29.68 1.01 -2.37
N THR A 125 -28.42 1.37 -2.62
CA THR A 125 -27.33 0.88 -1.80
C THR A 125 -27.49 1.38 -0.39
N ILE A 126 -27.84 2.65 -0.24
CA ILE A 126 -28.05 3.23 1.08
C ILE A 126 -29.12 2.43 1.81
N GLU A 127 -30.13 2.02 1.05
CA GLU A 127 -31.21 1.21 1.58
C GLU A 127 -30.68 -0.16 1.99
N LYS A 128 -29.69 -0.64 1.23
CA LYS A 128 -29.08 -1.93 1.46
C LYS A 128 -28.24 -1.89 2.73
N LEU A 129 -27.60 -0.76 2.95
CA LEU A 129 -26.78 -0.57 4.14
C LEU A 129 -27.61 -0.74 5.40
N LYS A 130 -28.85 -0.27 5.34
CA LYS A 130 -29.77 -0.37 6.47
C LYS A 130 -29.97 -1.83 6.86
N GLU A 131 -29.90 -2.70 5.86
CA GLU A 131 -30.08 -4.13 6.08
C GLU A 131 -29.00 -4.67 7.01
N LYS A 132 -27.83 -4.04 6.96
CA LYS A 132 -26.72 -4.46 7.80
C LYS A 132 -26.52 -3.51 8.97
N LYS A 133 -27.47 -2.58 9.13
CA LYS A 133 -27.44 -1.61 10.22
C LYS A 133 -26.30 -0.61 10.05
N LEU A 134 -25.89 -0.36 8.81
CA LEU A 134 -24.81 0.59 8.54
C LEU A 134 -25.34 1.81 7.79
N THR A 135 -24.71 2.95 8.01
CA THR A 135 -25.10 4.20 7.36
C THR A 135 -23.89 4.89 6.73
N PRO A 136 -24.07 5.50 5.55
CA PRO A 136 -22.98 6.20 4.86
C PRO A 136 -22.57 7.48 5.55
N ILE A 137 -21.28 7.81 5.46
CA ILE A 137 -20.73 9.00 6.10
C ILE A 137 -21.00 10.25 5.26
N THR A 138 -21.34 11.33 5.96
CA THR A 138 -21.63 12.60 5.30
C THR A 138 -20.38 13.49 5.29
N TYR A 139 -20.45 14.60 4.58
CA TYR A 139 -19.30 15.52 4.47
C TYR A 139 -18.92 16.13 5.83
N PRO A 140 -19.89 16.68 6.59
CA PRO A 140 -19.59 17.29 7.90
C PRO A 140 -19.05 16.29 8.92
N GLN A 141 -19.41 15.03 8.75
CA GLN A 141 -18.94 13.99 9.67
C GLN A 141 -17.44 13.79 9.51
N GLY A 142 -17.01 13.72 8.26
CA GLY A 142 -15.60 13.55 7.97
C GLY A 142 -14.81 14.82 8.23
N LEU A 143 -15.43 15.96 7.97
CA LEU A 143 -14.78 17.24 8.18
C LEU A 143 -14.27 17.35 9.62
N ALA A 144 -15.10 16.91 10.56
CA ALA A 144 -14.73 16.94 11.97
C ALA A 144 -13.56 15.99 12.23
N MET A 145 -13.52 14.89 11.47
CA MET A 145 -12.46 13.91 11.60
C MET A 145 -11.11 14.51 11.21
N ALA A 146 -11.10 15.29 10.15
CA ALA A 146 -9.87 15.93 9.67
C ALA A 146 -9.22 16.74 10.77
N LYS A 147 -10.00 17.59 11.43
CA LYS A 147 -9.49 18.43 12.50
C LYS A 147 -9.12 17.61 13.73
N GLU A 148 -9.86 16.54 13.94
CA GLU A 148 -9.65 15.66 15.08
C GLU A 148 -8.30 14.92 14.99
N ILE A 149 -8.00 14.40 13.80
CA ILE A 149 -6.75 13.68 13.59
C ILE A 149 -5.66 14.61 13.12
N GLY A 150 -5.98 15.91 13.10
CA GLY A 150 -5.02 16.91 12.68
C GLY A 150 -4.64 16.79 11.22
N ALA A 151 -5.49 16.14 10.43
CA ALA A 151 -5.24 15.96 9.01
C ALA A 151 -5.16 17.30 8.28
N VAL A 152 -4.37 17.34 7.23
CA VAL A 152 -4.21 18.56 6.45
C VAL A 152 -5.45 18.88 5.63
N LYS A 153 -6.15 17.84 5.16
CA LYS A 153 -7.37 18.04 4.38
C LYS A 153 -8.10 16.73 4.13
N TYR A 154 -9.43 16.83 4.05
CA TYR A 154 -10.29 15.67 3.82
C TYR A 154 -11.29 15.92 2.70
N LEU A 155 -11.38 14.96 1.76
CA LEU A 155 -12.32 15.08 0.65
C LEU A 155 -12.88 13.70 0.26
N GLU A 156 -13.95 13.71 -0.53
CA GLU A 156 -14.58 12.48 -0.98
C GLU A 156 -14.56 12.38 -2.50
N CYS A 157 -14.40 11.17 -3.04
CA CYS A 157 -14.35 10.98 -4.48
C CYS A 157 -14.57 9.51 -4.87
N SER A 158 -14.79 9.29 -6.16
CA SER A 158 -14.98 7.93 -6.69
C SER A 158 -14.04 7.66 -7.84
N ALA A 159 -13.66 6.40 -7.99
CA ALA A 159 -12.77 6.01 -9.07
C ALA A 159 -13.56 5.64 -10.32
N LEU A 160 -14.82 5.26 -10.13
CA LEU A 160 -15.69 4.89 -11.23
C LEU A 160 -16.29 6.11 -11.91
N THR A 161 -16.74 7.09 -11.11
CA THR A 161 -17.37 8.29 -11.65
C THR A 161 -16.41 9.48 -11.67
N GLN A 162 -15.28 9.34 -10.98
CA GLN A 162 -14.28 10.42 -10.93
C GLN A 162 -14.85 11.66 -10.24
N ARG A 163 -15.59 11.46 -9.14
CA ARG A 163 -16.18 12.58 -8.40
C ARG A 163 -15.19 13.73 -8.27
N GLY A 164 -14.01 13.43 -7.73
CA GLY A 164 -12.99 14.45 -7.55
C GLY A 164 -11.62 13.86 -7.28
N LEU A 165 -11.22 12.87 -8.09
CA LEU A 165 -9.92 12.24 -7.93
C LEU A 165 -8.81 13.27 -8.04
N LYS A 166 -8.88 14.08 -9.10
CA LYS A 166 -7.87 15.11 -9.35
C LYS A 166 -7.74 16.03 -8.13
N THR A 167 -8.87 16.27 -7.46
CA THR A 167 -8.89 17.12 -6.29
C THR A 167 -8.06 16.52 -5.16
N VAL A 168 -8.10 15.20 -5.04
CA VAL A 168 -7.35 14.51 -4.00
C VAL A 168 -5.85 14.76 -4.14
N PHE A 169 -5.33 14.46 -5.33
CA PHE A 169 -3.92 14.64 -5.62
C PHE A 169 -3.53 16.12 -5.60
N ASP A 170 -4.44 16.96 -6.09
CA ASP A 170 -4.21 18.40 -6.14
C ASP A 170 -4.05 18.98 -4.73
N GLU A 171 -4.94 18.58 -3.84
CA GLU A 171 -4.92 19.04 -2.46
C GLU A 171 -3.78 18.40 -1.68
N ALA A 172 -3.50 17.14 -2.02
CA ALA A 172 -2.44 16.39 -1.36
C ALA A 172 -1.10 17.06 -1.57
N ILE A 173 -0.88 17.57 -2.78
CA ILE A 173 0.37 18.25 -3.09
C ILE A 173 0.56 19.45 -2.17
N ARG A 174 -0.53 20.18 -1.94
CA ARG A 174 -0.50 21.34 -1.07
C ARG A 174 -0.09 20.94 0.34
N ALA A 175 -0.39 19.70 0.71
CA ALA A 175 -0.05 19.17 2.03
C ALA A 175 1.43 19.35 2.34
N VAL A 176 2.26 19.42 1.31
CA VAL A 176 3.70 19.60 1.50
C VAL A 176 4.13 21.07 1.33
N LEU A 177 3.42 21.80 0.47
CA LEU A 177 3.76 23.20 0.18
C LEU A 177 3.39 24.13 1.33
N CYS A 178 2.12 24.15 1.72
CA CYS A 178 1.68 25.04 2.79
C CYS A 178 1.97 24.45 4.19
N PRO A 179 1.22 23.42 4.67
CA PRO A 179 1.48 22.81 5.98
C PRO A 179 2.97 22.48 6.17
N PRO A 180 3.37 22.09 7.39
CA PRO A 180 4.78 21.78 7.69
C PRO A 180 5.36 20.72 6.77
N PRO A 181 6.66 20.87 6.40
CA PRO A 181 7.36 19.94 5.51
C PRO A 181 7.38 18.49 5.99
N VAL A 182 8.17 17.68 5.31
CA VAL A 182 8.30 16.27 5.62
C VAL A 182 9.75 15.91 5.95
N LYS A 183 10.44 15.26 5.00
CA LYS A 183 11.83 14.85 5.20
C LYS A 183 12.00 14.04 6.49
N LYS A 184 12.02 12.72 6.37
CA LYS A 184 12.18 11.85 7.52
C LYS A 184 12.66 10.46 7.11
N ARG A 185 13.86 10.09 7.56
CA ARG A 185 14.44 8.80 7.25
C ARG A 185 15.74 8.58 8.02
N LYS A 186 16.12 7.33 8.22
CA LYS A 186 17.34 7.00 8.94
C LYS A 186 17.89 5.65 8.49
N ARG A 187 19.21 5.57 8.35
CA ARG A 187 19.87 4.35 7.94
C ARG A 187 19.71 3.27 9.00
N LYS A 188 20.11 2.05 8.66
CA LYS A 188 20.02 0.92 9.59
C LYS A 188 21.12 1.00 10.64
N CYS A 189 21.06 0.11 11.63
CA CYS A 189 22.05 0.09 12.70
C CYS A 189 22.16 -1.31 13.30
N LEU A 190 21.14 -1.71 14.05
CA LEU A 190 21.12 -3.03 14.68
C LEU A 190 19.82 -3.76 14.36
N LEU A 191 18.70 -3.05 14.51
CA LEU A 191 17.39 -3.62 14.23
C LEU A 191 16.87 -3.17 12.87
N LEU A 192 16.16 -4.05 12.18
CA LEU A 192 15.62 -3.73 10.86
C LEU A 192 14.41 -2.83 10.98
N GLY B 1 -3.95 -40.66 8.39
CA GLY B 1 -3.41 -40.58 7.02
C GLY B 1 -1.93 -40.23 6.99
N ILE B 2 -1.57 -39.23 6.21
CA ILE B 2 -0.17 -38.80 6.09
C ILE B 2 0.05 -37.49 6.83
N PRO B 3 1.12 -37.41 7.65
CA PRO B 3 1.44 -36.20 8.42
C PRO B 3 2.07 -35.09 7.56
N ALA B 4 3.41 -35.03 7.56
CA ALA B 4 4.12 -34.00 6.80
C ALA B 4 4.62 -34.55 5.46
N THR B 5 4.67 -35.87 5.35
CA THR B 5 5.14 -36.51 4.11
C THR B 5 4.06 -36.51 3.04
N ASN B 6 3.04 -35.66 3.22
CA ASN B 6 1.95 -35.58 2.25
C ASN B 6 2.31 -34.65 1.10
N LEU B 7 1.67 -34.84 -0.05
CA LEU B 7 1.93 -34.02 -1.22
C LEU B 7 1.50 -32.58 -0.97
N SER B 8 0.54 -32.39 -0.07
CA SER B 8 0.05 -31.06 0.26
C SER B 8 1.17 -30.21 0.86
N ARG B 9 2.08 -30.85 1.57
CA ARG B 9 3.20 -30.15 2.19
C ARG B 9 4.16 -29.63 1.13
N VAL B 10 4.47 -30.47 0.16
CA VAL B 10 5.38 -30.09 -0.92
C VAL B 10 4.87 -28.85 -1.65
N ALA B 11 3.60 -28.89 -2.05
CA ALA B 11 3.00 -27.76 -2.74
C ALA B 11 2.97 -26.54 -1.85
N GLY B 12 2.91 -26.79 -0.54
CA GLY B 12 2.89 -25.71 0.42
C GLY B 12 4.19 -24.92 0.40
N LEU B 13 5.28 -25.63 0.15
CA LEU B 13 6.59 -25.00 0.09
C LEU B 13 6.74 -24.27 -1.23
N GLU B 14 6.09 -24.79 -2.26
CA GLU B 14 6.12 -24.16 -3.58
C GLU B 14 5.39 -22.82 -3.50
N LYS B 15 4.29 -22.84 -2.76
CA LYS B 15 3.47 -21.65 -2.54
C LYS B 15 4.24 -20.61 -1.71
N GLN B 16 4.83 -21.08 -0.61
CA GLN B 16 5.58 -20.20 0.27
C GLN B 16 6.75 -19.57 -0.49
N LEU B 17 7.52 -20.42 -1.15
CA LEU B 17 8.66 -19.97 -1.94
C LEU B 17 8.22 -18.96 -2.98
N ALA B 18 7.10 -19.24 -3.65
CA ALA B 18 6.57 -18.36 -4.68
C ALA B 18 6.19 -17.00 -4.10
N ILE B 19 5.65 -17.02 -2.89
CA ILE B 19 5.28 -15.78 -2.22
C ILE B 19 6.53 -14.95 -2.00
N GLU B 20 7.60 -15.64 -1.62
CA GLU B 20 8.88 -15.01 -1.40
C GLU B 20 9.46 -14.50 -2.72
N LEU B 21 9.10 -15.17 -3.81
CA LEU B 21 9.56 -14.76 -5.14
C LEU B 21 9.06 -13.36 -5.45
N LYS B 22 7.80 -13.09 -5.12
CA LYS B 22 7.21 -11.78 -5.35
C LYS B 22 7.95 -10.76 -4.50
N VAL B 23 8.31 -11.18 -3.30
CA VAL B 23 9.04 -10.32 -2.37
C VAL B 23 10.42 -9.98 -2.93
N LYS B 24 11.15 -11.01 -3.33
CA LYS B 24 12.50 -10.84 -3.89
C LYS B 24 12.46 -9.99 -5.15
N GLN B 25 11.59 -10.36 -6.08
CA GLN B 25 11.44 -9.63 -7.33
C GLN B 25 11.00 -8.20 -7.09
N GLY B 26 10.30 -7.97 -5.98
CA GLY B 26 9.83 -6.63 -5.66
C GLY B 26 10.97 -5.71 -5.26
N ALA B 27 11.82 -6.20 -4.37
CA ALA B 27 12.95 -5.41 -3.89
C ALA B 27 13.90 -5.06 -5.03
N GLU B 28 14.24 -6.07 -5.84
CA GLU B 28 15.15 -5.88 -6.96
C GLU B 28 14.66 -4.78 -7.90
N ASN B 29 13.37 -4.81 -8.21
CA ASN B 29 12.79 -3.79 -9.08
C ASN B 29 13.02 -2.41 -8.50
N MET B 30 12.81 -2.28 -7.19
CA MET B 30 13.00 -1.01 -6.51
C MET B 30 14.47 -0.61 -6.56
N ILE B 31 15.35 -1.61 -6.52
CA ILE B 31 16.79 -1.36 -6.56
C ILE B 31 17.19 -0.76 -7.90
N GLN B 32 16.74 -1.39 -8.99
CA GLN B 32 17.08 -0.93 -10.33
C GLN B 32 16.61 0.50 -10.55
N THR B 33 15.50 0.86 -9.92
CA THR B 33 14.94 2.20 -10.05
C THR B 33 15.88 3.26 -9.46
N TYR B 34 16.33 3.03 -8.23
CA TYR B 34 17.21 3.98 -7.55
C TYR B 34 18.69 3.76 -7.89
N SER B 35 19.00 2.60 -8.47
CA SER B 35 20.38 2.28 -8.82
C SER B 35 20.80 3.00 -10.11
N ASN B 36 19.86 3.12 -11.04
CA ASN B 36 20.12 3.78 -12.31
C ASN B 36 19.05 4.82 -12.60
N GLY B 37 19.28 5.64 -13.63
CA GLY B 37 18.33 6.66 -13.99
C GLY B 37 18.91 8.06 -13.90
N SER B 38 18.36 8.86 -12.97
CA SER B 38 18.83 10.23 -12.78
C SER B 38 18.68 10.65 -11.31
N THR B 39 18.31 9.69 -10.47
CA THR B 39 18.13 9.95 -9.05
C THR B 39 19.41 9.70 -8.28
N LYS B 40 19.42 10.04 -6.99
CA LYS B 40 20.59 9.86 -6.14
C LYS B 40 20.18 9.47 -4.73
N ASP B 41 18.88 9.24 -4.52
CA ASP B 41 18.36 8.86 -3.21
C ASP B 41 18.89 7.50 -2.78
N ARG B 42 19.97 7.51 -2.01
CA ARG B 42 20.58 6.28 -1.51
C ARG B 42 19.75 5.68 -0.38
N LYS B 43 19.00 6.52 0.32
CA LYS B 43 18.17 6.06 1.42
C LYS B 43 17.18 4.98 0.96
N LEU B 44 16.44 5.28 -0.09
CA LEU B 44 15.48 4.33 -0.64
C LEU B 44 16.20 3.09 -1.18
N LEU B 45 17.28 3.33 -1.93
CA LEU B 45 18.07 2.25 -2.50
C LEU B 45 18.63 1.36 -1.40
N LEU B 46 18.94 1.96 -0.25
CA LEU B 46 19.50 1.24 0.88
C LEU B 46 18.50 0.23 1.44
N THR B 47 17.26 0.68 1.61
CA THR B 47 16.21 -0.19 2.13
C THR B 47 15.93 -1.32 1.15
N ALA B 48 16.08 -1.03 -0.13
CA ALA B 48 15.86 -2.02 -1.17
C ALA B 48 16.91 -3.12 -1.11
N GLN B 49 18.14 -2.73 -0.78
CA GLN B 49 19.24 -3.67 -0.69
C GLN B 49 19.11 -4.59 0.52
N GLN B 50 18.73 -4.03 1.66
CA GLN B 50 18.57 -4.81 2.88
C GLN B 50 17.38 -5.76 2.82
N MET B 51 16.25 -5.27 2.31
CA MET B 51 15.05 -6.10 2.21
C MET B 51 15.23 -7.20 1.17
N LEU B 52 15.99 -6.90 0.13
CA LEU B 52 16.25 -7.87 -0.93
C LEU B 52 17.11 -9.02 -0.43
N GLN B 53 18.16 -8.66 0.32
CA GLN B 53 19.08 -9.65 0.87
C GLN B 53 18.35 -10.59 1.82
N ASP B 54 17.52 -10.00 2.67
CA ASP B 54 16.75 -10.76 3.63
C ASP B 54 15.89 -11.78 2.92
N SER B 55 15.27 -11.36 1.82
CA SER B 55 14.41 -12.25 1.05
C SER B 55 15.22 -13.38 0.44
N LYS B 56 16.46 -13.10 0.04
CA LYS B 56 17.31 -14.12 -0.56
C LYS B 56 17.47 -15.29 0.39
N THR B 57 17.72 -14.99 1.67
CA THR B 57 17.88 -16.02 2.67
C THR B 57 16.60 -16.84 2.82
N LYS B 58 15.46 -16.15 2.83
CA LYS B 58 14.17 -16.82 2.96
C LYS B 58 13.98 -17.85 1.85
N ILE B 59 14.28 -17.46 0.62
CA ILE B 59 14.17 -18.37 -0.52
C ILE B 59 15.11 -19.56 -0.33
N ASP B 60 16.30 -19.28 0.19
CA ASP B 60 17.31 -20.30 0.41
C ASP B 60 16.82 -21.42 1.33
N ILE B 61 16.21 -21.07 2.47
CA ILE B 61 15.73 -22.08 3.41
C ILE B 61 14.53 -22.84 2.85
N ILE B 62 13.55 -22.10 2.35
CA ILE B 62 12.36 -22.73 1.78
C ILE B 62 12.72 -23.67 0.64
N ARG B 63 13.68 -23.26 -0.17
CA ARG B 63 14.12 -24.04 -1.32
C ARG B 63 14.77 -25.36 -0.89
N MET B 64 15.68 -25.29 0.09
CA MET B 64 16.36 -26.49 0.58
C MET B 64 15.37 -27.43 1.25
N GLN B 65 14.45 -26.86 2.03
CA GLN B 65 13.45 -27.66 2.74
C GLN B 65 12.56 -28.39 1.74
N LEU B 66 12.25 -27.72 0.64
CA LEU B 66 11.42 -28.32 -0.39
C LEU B 66 12.07 -29.59 -0.89
N ARG B 67 13.38 -29.51 -1.11
CA ARG B 67 14.14 -30.67 -1.56
C ARG B 67 14.04 -31.78 -0.54
N ARG B 68 13.95 -31.39 0.73
CA ARG B 68 13.84 -32.36 1.82
C ARG B 68 12.50 -33.10 1.75
N ALA B 69 11.46 -32.38 1.32
CA ALA B 69 10.13 -32.95 1.21
C ALA B 69 10.08 -34.06 0.16
N LEU B 70 10.63 -33.78 -1.02
CA LEU B 70 10.64 -34.75 -2.10
C LEU B 70 11.55 -35.93 -1.75
N GLN B 71 12.65 -35.63 -1.08
CA GLN B 71 13.60 -36.66 -0.66
C GLN B 71 12.94 -37.62 0.31
N ALA B 72 12.03 -37.08 1.13
CA ALA B 72 11.31 -37.89 2.11
C ALA B 72 10.03 -38.45 1.51
N ASP B 73 9.70 -37.97 0.32
CA ASP B 73 8.50 -38.44 -0.39
C ASP B 73 8.76 -39.76 -1.10
N GLN B 74 9.98 -39.92 -1.61
CA GLN B 74 10.37 -41.13 -2.31
C GLN B 74 10.26 -42.34 -1.38
N LEU B 75 10.75 -42.17 -0.14
CA LEU B 75 10.71 -43.24 0.84
C LEU B 75 9.44 -43.20 1.65
N GLU B 76 9.35 -44.06 2.66
CA GLU B 76 8.16 -44.13 3.52
C GLU B 76 8.47 -44.88 4.80
N ASN B 77 9.68 -45.42 4.90
CA ASN B 77 10.11 -46.16 6.08
C ASN B 77 10.83 -45.26 7.06
N GLN B 78 11.85 -44.56 6.57
CA GLN B 78 12.63 -43.65 7.40
C GLN B 78 11.74 -42.59 8.04
N ALA B 79 11.74 -42.52 9.36
CA ALA B 79 10.94 -41.54 10.09
C ALA B 79 11.78 -40.78 11.11
N ALA B 80 11.11 -40.01 11.96
CA ALA B 80 11.80 -39.24 12.99
C ALA B 80 12.14 -40.11 14.20
N PRO B 81 13.23 -39.80 14.91
CA PRO B 81 13.65 -40.56 16.09
C PRO B 81 12.77 -40.30 17.30
N MET A 1 10.64 20.75 -10.92
CA MET A 1 9.37 19.96 -10.96
C MET A 1 9.02 19.46 -9.56
N GLN A 2 7.97 20.03 -8.99
CA GLN A 2 7.52 19.63 -7.66
C GLN A 2 7.13 18.17 -7.61
N ALA A 3 8.05 17.33 -7.14
CA ALA A 3 7.78 15.90 -7.06
C ALA A 3 7.42 15.51 -5.64
N ILE A 4 6.19 15.02 -5.47
CA ILE A 4 5.70 14.61 -4.16
C ILE A 4 5.36 13.13 -4.15
N LYS A 5 5.70 12.46 -3.06
CA LYS A 5 5.44 11.02 -2.93
C LYS A 5 4.11 10.78 -2.21
N CYS A 6 3.13 10.28 -2.96
CA CYS A 6 1.81 10.01 -2.41
C CYS A 6 1.52 8.52 -2.41
N VAL A 7 1.19 7.98 -1.24
CA VAL A 7 0.88 6.56 -1.09
C VAL A 7 -0.51 6.35 -0.51
N VAL A 8 -1.28 5.47 -1.14
CA VAL A 8 -2.64 5.18 -0.68
C VAL A 8 -2.64 3.93 0.19
N VAL A 9 -3.26 4.03 1.36
CA VAL A 9 -3.30 2.91 2.30
C VAL A 9 -4.73 2.60 2.74
N GLY A 10 -4.91 1.39 3.26
CA GLY A 10 -6.23 0.96 3.73
C GLY A 10 -6.13 -0.31 4.55
N ASP A 11 -6.64 -0.26 5.78
CA ASP A 11 -6.60 -1.41 6.67
C ASP A 11 -7.43 -2.56 6.11
N GLY A 12 -8.56 -2.22 5.49
CA GLY A 12 -9.42 -3.24 4.92
C GLY A 12 -10.59 -2.64 4.17
N ALA A 13 -10.59 -1.31 4.05
CA ALA A 13 -11.66 -0.61 3.35
C ALA A 13 -11.64 -0.92 1.86
N VAL A 14 -10.49 -1.37 1.36
CA VAL A 14 -10.32 -1.70 -0.05
C VAL A 14 -10.44 -0.46 -0.92
N GLY A 15 -9.67 -0.40 -2.00
CA GLY A 15 -9.71 0.75 -2.89
C GLY A 15 -8.39 1.49 -2.97
N LYS A 16 -7.31 0.84 -2.54
CA LYS A 16 -5.98 1.45 -2.56
C LYS A 16 -5.43 1.56 -3.99
N THR A 17 -5.49 0.46 -4.75
CA THR A 17 -4.97 0.47 -6.12
C THR A 17 -5.96 1.09 -7.09
N CYS A 18 -7.25 0.86 -6.86
CA CYS A 18 -8.29 1.41 -7.73
C CYS A 18 -8.24 2.93 -7.76
N LEU A 19 -8.08 3.53 -6.59
CA LEU A 19 -8.00 4.99 -6.47
C LEU A 19 -6.80 5.52 -7.25
N LEU A 20 -5.67 4.83 -7.10
CA LEU A 20 -4.44 5.22 -7.76
C LEU A 20 -4.53 5.11 -9.29
N ILE A 21 -5.08 3.98 -9.76
CA ILE A 21 -5.21 3.74 -11.20
C ILE A 21 -6.28 4.62 -11.85
N SER A 22 -7.35 4.87 -11.11
CA SER A 22 -8.46 5.68 -11.63
C SER A 22 -8.00 7.07 -12.07
N TYR A 23 -7.07 7.65 -11.32
CA TYR A 23 -6.57 8.98 -11.64
C TYR A 23 -5.67 8.98 -12.88
N THR A 24 -5.03 7.84 -13.14
CA THR A 24 -4.12 7.74 -14.28
C THR A 24 -4.79 7.25 -15.56
N THR A 25 -5.80 6.38 -15.42
CA THR A 25 -6.47 5.83 -16.60
C THR A 25 -7.96 6.20 -16.65
N ASN A 26 -8.45 6.85 -15.60
CA ASN A 26 -9.85 7.24 -15.52
C ASN A 26 -10.76 6.02 -15.56
N ALA A 27 -10.16 4.84 -15.54
CA ALA A 27 -10.91 3.60 -15.59
C ALA A 27 -10.07 2.42 -15.10
N PHE A 28 -10.34 1.98 -13.88
CA PHE A 28 -9.61 0.85 -13.29
C PHE A 28 -9.94 -0.45 -14.01
N PRO A 29 -8.93 -1.12 -14.60
CA PRO A 29 -9.13 -2.39 -15.31
C PRO A 29 -9.32 -3.56 -14.34
N GLY A 30 -9.22 -4.78 -14.86
CA GLY A 30 -9.38 -5.96 -14.04
C GLY A 30 -8.09 -6.74 -13.87
N GLU A 31 -7.24 -6.27 -12.96
CA GLU A 31 -5.95 -6.92 -12.71
C GLU A 31 -6.01 -7.76 -11.43
N TYR A 32 -5.59 -9.02 -11.55
CA TYR A 32 -5.57 -9.94 -10.43
C TYR A 32 -4.32 -9.74 -9.59
N ILE A 33 -3.47 -8.81 -10.02
CA ILE A 33 -2.23 -8.51 -9.33
C ILE A 33 -2.44 -8.33 -7.82
N PRO A 34 -1.76 -9.15 -6.99
CA PRO A 34 -1.89 -9.07 -5.53
C PRO A 34 -1.12 -7.91 -4.93
N THR A 35 -0.72 -6.96 -5.78
CA THR A 35 0.03 -5.79 -5.34
C THR A 35 1.35 -6.20 -4.70
N VAL A 36 2.42 -6.24 -5.51
CA VAL A 36 3.75 -6.61 -5.03
C VAL A 36 4.75 -5.50 -5.31
N PHE A 37 4.60 -4.86 -6.48
CA PHE A 37 5.49 -3.78 -6.87
C PHE A 37 4.75 -2.79 -7.77
N ASP A 38 4.79 -1.52 -7.40
CA ASP A 38 4.12 -0.47 -8.18
C ASP A 38 4.95 0.82 -8.19
N ASN A 39 4.98 1.48 -9.34
CA ASN A 39 5.72 2.72 -9.49
C ASN A 39 5.29 3.46 -10.75
N TYR A 40 4.43 4.47 -10.58
CA TYR A 40 3.94 5.25 -11.71
C TYR A 40 4.12 6.74 -11.45
N SER A 41 4.17 7.52 -12.54
CA SER A 41 4.32 8.97 -12.43
C SER A 41 3.29 9.67 -13.29
N ALA A 42 2.82 10.82 -12.82
CA ALA A 42 1.81 11.59 -13.53
C ALA A 42 2.01 13.09 -13.30
N ASN A 43 1.86 13.88 -14.36
CA ASN A 43 2.02 15.32 -14.26
C ASN A 43 0.68 15.97 -13.91
N VAL A 44 0.68 16.81 -12.89
CA VAL A 44 -0.54 17.48 -12.45
C VAL A 44 -0.32 18.99 -12.34
N MET A 45 -1.37 19.75 -12.70
CA MET A 45 -1.32 21.19 -12.66
C MET A 45 -1.83 21.73 -11.32
N VAL A 46 -0.98 22.49 -10.63
CA VAL A 46 -1.34 23.06 -9.34
C VAL A 46 -0.95 24.53 -9.29
N ASP A 47 -1.95 25.40 -9.26
CA ASP A 47 -1.71 26.83 -9.19
C ASP A 47 -0.98 27.34 -10.45
N GLY A 48 -1.00 26.54 -11.50
CA GLY A 48 -0.33 26.92 -12.73
C GLY A 48 1.14 26.54 -12.71
N LYS A 49 1.50 25.69 -11.77
CA LYS A 49 2.86 25.23 -11.62
C LYS A 49 2.94 23.73 -11.88
N PRO A 50 3.84 23.28 -12.78
CA PRO A 50 3.97 21.86 -13.07
C PRO A 50 4.39 21.09 -11.82
N VAL A 51 3.68 20.01 -11.53
CA VAL A 51 3.98 19.21 -10.35
C VAL A 51 4.12 17.72 -10.68
N ASN A 52 5.24 17.15 -10.28
CA ASN A 52 5.50 15.73 -10.48
C ASN A 52 4.78 14.93 -9.41
N LEU A 53 3.98 13.95 -9.84
CA LEU A 53 3.22 13.13 -8.91
C LEU A 53 3.74 11.70 -8.85
N GLY A 54 3.96 11.21 -7.64
CA GLY A 54 4.42 9.85 -7.46
C GLY A 54 3.31 8.96 -6.95
N LEU A 55 2.98 7.91 -7.69
CA LEU A 55 1.91 7.01 -7.29
C LEU A 55 2.47 5.80 -6.55
N TRP A 56 2.07 5.66 -5.29
CA TRP A 56 2.52 4.55 -4.46
C TRP A 56 1.34 3.91 -3.74
N ASP A 57 1.50 2.65 -3.34
CA ASP A 57 0.43 1.94 -2.65
C ASP A 57 0.99 0.78 -1.84
N THR A 58 0.38 0.53 -0.67
CA THR A 58 0.81 -0.55 0.19
C THR A 58 -0.37 -1.18 0.94
N ALA A 59 -0.81 -2.33 0.45
CA ALA A 59 -1.94 -3.04 1.05
C ALA A 59 -2.06 -4.45 0.46
N GLY A 60 -3.19 -5.10 0.73
CA GLY A 60 -3.41 -6.44 0.22
C GLY A 60 -2.76 -7.52 1.08
N LEU A 61 -1.87 -8.30 0.48
CA LEU A 61 -1.16 -9.36 1.19
C LEU A 61 -0.39 -8.80 2.38
N GLU A 62 -0.62 -9.37 3.56
CA GLU A 62 0.03 -8.92 4.78
C GLU A 62 1.44 -9.50 4.92
N ASP A 63 1.63 -10.71 4.40
CA ASP A 63 2.93 -11.38 4.49
C ASP A 63 4.04 -10.53 3.86
N TYR A 64 3.69 -9.72 2.86
CA TYR A 64 4.67 -8.87 2.20
C TYR A 64 4.84 -7.56 2.95
N ASP A 65 4.68 -7.61 4.26
CA ASP A 65 4.82 -6.43 5.11
C ASP A 65 6.11 -5.69 4.79
N ARG A 66 7.15 -6.44 4.44
CA ARG A 66 8.45 -5.85 4.12
C ARG A 66 8.50 -5.36 2.67
N LEU A 67 8.11 -6.22 1.74
CA LEU A 67 8.12 -5.88 0.31
C LEU A 67 6.84 -5.16 -0.10
N ARG A 68 6.72 -3.89 0.26
CA ARG A 68 5.55 -3.11 -0.09
C ARG A 68 5.63 -1.65 0.39
N PRO A 69 5.93 -1.42 1.69
CA PRO A 69 6.00 -0.07 2.24
C PRO A 69 7.38 0.56 2.16
N LEU A 70 8.04 0.45 1.01
CA LEU A 70 9.36 1.05 0.84
C LEU A 70 9.25 2.58 0.83
N SER A 71 8.22 3.07 0.15
CA SER A 71 7.98 4.51 0.04
C SER A 71 7.31 5.07 1.29
N TYR A 72 6.39 4.30 1.87
CA TYR A 72 5.64 4.72 3.06
C TYR A 72 6.46 5.64 3.99
N PRO A 73 7.66 5.21 4.45
CA PRO A 73 8.49 6.03 5.34
C PRO A 73 8.82 7.40 4.75
N GLN A 74 9.29 7.41 3.51
CA GLN A 74 9.66 8.64 2.82
C GLN A 74 8.44 9.45 2.38
N THR A 75 7.29 8.76 2.28
CA THR A 75 6.05 9.40 1.85
C THR A 75 5.90 10.81 2.42
N ASP A 76 5.50 11.74 1.57
CA ASP A 76 5.31 13.12 1.98
C ASP A 76 3.92 13.33 2.57
N VAL A 77 2.97 12.50 2.15
CA VAL A 77 1.59 12.59 2.63
C VAL A 77 0.83 11.29 2.38
N PHE A 78 0.04 10.87 3.36
CA PHE A 78 -0.74 9.64 3.25
C PHE A 78 -2.22 9.94 3.03
N LEU A 79 -2.88 9.08 2.28
CA LEU A 79 -4.32 9.25 2.00
C LEU A 79 -5.12 8.18 2.74
N ILE A 80 -6.08 8.61 3.52
CA ILE A 80 -6.93 7.68 4.26
C ILE A 80 -8.22 7.40 3.49
N CYS A 81 -8.29 6.21 2.89
CA CYS A 81 -9.46 5.83 2.11
C CYS A 81 -10.41 4.94 2.91
N PHE A 82 -11.69 5.25 2.82
CA PHE A 82 -12.72 4.48 3.53
C PHE A 82 -14.06 4.57 2.80
N SER A 83 -14.99 3.69 3.16
CA SER A 83 -16.31 3.69 2.54
C SER A 83 -17.27 4.59 3.30
N LEU A 84 -17.65 5.69 2.67
CA LEU A 84 -18.55 6.67 3.28
C LEU A 84 -19.88 6.04 3.67
N VAL A 85 -20.44 5.24 2.76
CA VAL A 85 -21.73 4.60 3.00
C VAL A 85 -21.71 3.71 4.24
N SER A 86 -20.51 3.37 4.68
CA SER A 86 -20.34 2.53 5.87
C SER A 86 -19.57 3.27 6.96
N PRO A 87 -20.24 3.65 8.07
CA PRO A 87 -19.59 4.37 9.17
C PRO A 87 -18.49 3.56 9.85
N ALA A 88 -18.52 2.25 9.67
CA ALA A 88 -17.53 1.38 10.29
C ALA A 88 -16.14 1.59 9.70
N SER A 89 -16.07 1.70 8.38
CA SER A 89 -14.79 1.94 7.71
C SER A 89 -14.17 3.22 8.23
N PHE A 90 -15.03 4.19 8.49
CA PHE A 90 -14.61 5.49 9.01
C PHE A 90 -14.13 5.33 10.45
N GLU A 91 -14.77 4.41 11.16
CA GLU A 91 -14.45 4.14 12.55
C GLU A 91 -13.10 3.42 12.69
N ASN A 92 -12.77 2.59 11.71
CA ASN A 92 -11.53 1.81 11.74
C ASN A 92 -10.32 2.59 11.23
N VAL A 93 -10.52 3.47 10.25
CA VAL A 93 -9.41 4.22 9.68
C VAL A 93 -8.70 5.06 10.74
N ARG A 94 -9.46 5.84 11.52
CA ARG A 94 -8.88 6.67 12.57
C ARG A 94 -8.47 5.82 13.76
N ALA A 95 -9.06 4.63 13.86
CA ALA A 95 -8.78 3.72 14.97
C ALA A 95 -7.35 3.19 14.97
N LYS A 96 -6.89 2.68 13.83
CA LYS A 96 -5.54 2.11 13.75
C LYS A 96 -4.52 3.02 13.08
N TRP A 97 -4.90 3.67 11.98
CA TRP A 97 -3.97 4.53 11.25
C TRP A 97 -3.55 5.77 12.04
N TYR A 98 -4.50 6.41 12.72
CA TYR A 98 -4.18 7.61 13.49
C TYR A 98 -3.15 7.39 14.59
N PRO A 99 -3.31 6.34 15.44
CA PRO A 99 -2.37 6.06 16.54
C PRO A 99 -0.96 5.72 16.04
N GLU A 100 -0.87 5.17 14.84
CA GLU A 100 0.40 4.77 14.26
C GLU A 100 1.29 5.98 14.00
N VAL A 101 0.73 7.00 13.35
CA VAL A 101 1.46 8.21 13.05
C VAL A 101 2.00 8.86 14.33
N ARG A 102 1.20 8.78 15.39
CA ARG A 102 1.58 9.37 16.67
C ARG A 102 2.75 8.62 17.30
N HIS A 103 2.81 7.32 17.07
CA HIS A 103 3.88 6.49 17.64
C HIS A 103 5.25 6.93 17.14
N HIS A 104 5.32 7.33 15.88
CA HIS A 104 6.58 7.77 15.28
C HIS A 104 6.69 9.28 15.32
N CYS A 105 5.55 9.96 15.33
CA CYS A 105 5.50 11.41 15.35
C CYS A 105 6.36 12.01 14.22
N PRO A 106 6.18 11.56 12.97
CA PRO A 106 6.94 12.07 11.82
C PRO A 106 6.61 13.52 11.50
N ASN A 107 5.53 14.02 12.10
CA ASN A 107 5.10 15.40 11.87
C ASN A 107 4.71 15.57 10.40
N THR A 108 4.43 14.44 9.75
CA THR A 108 4.04 14.44 8.34
C THR A 108 2.55 14.73 8.16
N PRO A 109 2.20 15.61 7.19
CA PRO A 109 0.81 15.96 6.91
C PRO A 109 0.01 14.74 6.46
N ILE A 110 -1.31 14.79 6.62
CA ILE A 110 -2.15 13.67 6.24
C ILE A 110 -3.46 14.13 5.60
N ILE A 111 -3.73 13.62 4.41
CA ILE A 111 -4.96 13.96 3.69
C ILE A 111 -6.02 12.90 3.94
N LEU A 112 -7.28 13.24 3.69
CA LEU A 112 -8.37 12.30 3.89
C LEU A 112 -9.11 12.10 2.56
N VAL A 113 -9.39 10.85 2.24
CA VAL A 113 -10.07 10.51 1.00
C VAL A 113 -11.33 9.69 1.24
N GLY A 114 -12.42 10.13 0.65
CA GLY A 114 -13.68 9.43 0.79
C GLY A 114 -14.00 8.59 -0.43
N THR A 115 -13.20 7.55 -0.66
CA THR A 115 -13.40 6.68 -1.81
C THR A 115 -14.82 6.13 -1.83
N LYS A 116 -15.19 5.51 -2.95
CA LYS A 116 -16.54 4.97 -3.10
C LYS A 116 -17.55 6.08 -2.83
N LEU A 117 -17.60 7.06 -3.72
CA LEU A 117 -18.52 8.18 -3.57
C LEU A 117 -19.74 8.03 -4.46
N ASP A 118 -19.55 7.42 -5.61
CA ASP A 118 -20.64 7.21 -6.56
C ASP A 118 -21.80 6.44 -5.93
N LEU A 119 -21.51 5.59 -4.96
CA LEU A 119 -22.56 4.82 -4.28
C LEU A 119 -22.96 5.49 -2.97
N ARG A 120 -22.22 6.53 -2.62
CA ARG A 120 -22.49 7.29 -1.40
C ARG A 120 -23.71 8.17 -1.60
N ASP A 121 -23.91 8.61 -2.84
CA ASP A 121 -25.05 9.46 -3.18
C ASP A 121 -26.08 8.64 -3.97
N ASP A 122 -26.09 7.33 -3.71
CA ASP A 122 -27.02 6.44 -4.39
C ASP A 122 -28.16 6.04 -3.48
N LYS A 123 -29.36 6.44 -3.86
CA LYS A 123 -30.57 6.14 -3.09
C LYS A 123 -30.71 4.64 -2.80
N ASP A 124 -30.73 3.86 -3.87
CA ASP A 124 -30.89 2.41 -3.75
C ASP A 124 -29.82 1.81 -2.85
N THR A 125 -28.56 2.20 -3.04
CA THR A 125 -27.48 1.68 -2.21
C THR A 125 -27.70 2.09 -0.77
N ILE A 126 -28.09 3.34 -0.57
CA ILE A 126 -28.34 3.85 0.76
C ILE A 126 -29.43 3.02 1.42
N GLU A 127 -30.42 2.64 0.63
CA GLU A 127 -31.52 1.81 1.10
C GLU A 127 -30.98 0.47 1.56
N LYS A 128 -29.95 -0.02 0.87
CA LYS A 128 -29.34 -1.29 1.21
C LYS A 128 -28.62 -1.22 2.55
N LEU A 129 -28.02 -0.08 2.84
CA LEU A 129 -27.31 0.10 4.09
C LEU A 129 -28.27 -0.04 5.26
N LYS A 130 -29.50 0.42 5.05
CA LYS A 130 -30.54 0.32 6.06
C LYS A 130 -30.76 -1.12 6.47
N GLU A 131 -30.56 -2.02 5.50
CA GLU A 131 -30.73 -3.45 5.74
C GLU A 131 -29.73 -3.94 6.78
N LYS A 132 -28.59 -3.27 6.83
CA LYS A 132 -27.52 -3.63 7.76
C LYS A 132 -27.43 -2.61 8.89
N LYS A 133 -28.40 -1.69 8.93
CA LYS A 133 -28.45 -0.65 9.96
C LYS A 133 -27.30 0.34 9.85
N LEU A 134 -26.80 0.55 8.63
CA LEU A 134 -25.71 1.49 8.40
C LEU A 134 -26.18 2.68 7.58
N THR A 135 -25.49 3.81 7.73
CA THR A 135 -25.81 5.03 6.99
C THR A 135 -24.54 5.68 6.44
N PRO A 136 -24.63 6.36 5.29
CA PRO A 136 -23.47 7.00 4.66
C PRO A 136 -22.99 8.23 5.42
N ILE A 137 -21.71 8.56 5.24
CA ILE A 137 -21.10 9.70 5.91
C ILE A 137 -21.33 10.99 5.12
N THR A 138 -21.61 12.08 5.85
CA THR A 138 -21.84 13.36 5.22
C THR A 138 -20.55 14.18 5.20
N TYR A 139 -20.55 15.27 4.43
CA TYR A 139 -19.35 16.12 4.31
C TYR A 139 -18.91 16.70 5.67
N PRO A 140 -19.84 17.30 6.44
CA PRO A 140 -19.49 17.87 7.76
C PRO A 140 -18.98 16.83 8.74
N GLN A 141 -19.37 15.58 8.54
CA GLN A 141 -18.94 14.50 9.41
C GLN A 141 -17.45 14.24 9.26
N GLY A 142 -17.01 14.20 8.01
CA GLY A 142 -15.61 14.00 7.73
C GLY A 142 -14.79 15.25 7.99
N LEU A 143 -15.37 16.41 7.70
CA LEU A 143 -14.70 17.67 7.92
C LEU A 143 -14.23 17.76 9.36
N ALA A 144 -15.12 17.38 10.28
CA ALA A 144 -14.80 17.40 11.71
C ALA A 144 -13.69 16.41 12.02
N MET A 145 -13.68 15.30 11.30
CA MET A 145 -12.67 14.25 11.50
C MET A 145 -11.28 14.80 11.24
N ALA A 146 -11.15 15.63 10.21
CA ALA A 146 -9.85 16.22 9.85
C ALA A 146 -9.30 17.06 11.00
N LYS A 147 -10.19 17.71 11.74
CA LYS A 147 -9.77 18.57 12.85
C LYS A 147 -9.22 17.79 14.03
N GLU A 148 -9.87 16.69 14.37
CA GLU A 148 -9.47 15.87 15.52
C GLU A 148 -8.14 15.15 15.28
N ILE A 149 -8.00 14.54 14.11
CA ILE A 149 -6.78 13.82 13.77
C ILE A 149 -5.71 14.77 13.28
N GLY A 150 -6.10 16.03 13.10
CA GLY A 150 -5.17 17.05 12.64
C GLY A 150 -4.83 16.92 11.17
N ALA A 151 -5.75 16.35 10.40
CA ALA A 151 -5.54 16.18 8.96
C ALA A 151 -5.40 17.52 8.27
N VAL A 152 -4.54 17.56 7.26
CA VAL A 152 -4.32 18.79 6.51
C VAL A 152 -5.53 19.16 5.66
N LYS A 153 -6.24 18.16 5.15
CA LYS A 153 -7.43 18.40 4.33
C LYS A 153 -8.20 17.11 4.04
N TYR A 154 -9.51 17.25 3.94
CA TYR A 154 -10.40 16.12 3.67
C TYR A 154 -11.37 16.43 2.52
N LEU A 155 -11.49 15.49 1.57
CA LEU A 155 -12.40 15.67 0.44
C LEU A 155 -13.05 14.34 0.04
N GLU A 156 -14.11 14.43 -0.77
CA GLU A 156 -14.83 13.25 -1.24
C GLU A 156 -14.65 13.06 -2.74
N CYS A 157 -14.54 11.81 -3.17
CA CYS A 157 -14.37 11.51 -4.59
C CYS A 157 -14.66 10.04 -4.91
N SER A 158 -14.96 9.76 -6.17
CA SER A 158 -15.22 8.41 -6.62
C SER A 158 -14.23 8.04 -7.73
N ALA A 159 -13.86 6.77 -7.80
CA ALA A 159 -12.93 6.32 -8.81
C ALA A 159 -13.65 5.92 -10.09
N LEU A 160 -14.94 5.61 -9.97
CA LEU A 160 -15.74 5.22 -11.11
C LEU A 160 -16.22 6.43 -11.90
N THR A 161 -16.69 7.46 -11.19
CA THR A 161 -17.20 8.66 -11.83
C THR A 161 -16.15 9.77 -11.89
N GLN A 162 -15.06 9.60 -11.13
CA GLN A 162 -13.99 10.58 -11.10
C GLN A 162 -14.47 11.88 -10.45
N ARG A 163 -15.41 11.77 -9.50
CA ARG A 163 -15.96 12.94 -8.80
C ARG A 163 -14.92 14.06 -8.66
N GLY A 164 -13.94 13.86 -7.80
CA GLY A 164 -12.91 14.86 -7.60
C GLY A 164 -11.54 14.27 -7.32
N LEU A 165 -11.18 13.24 -8.06
CA LEU A 165 -9.89 12.58 -7.90
C LEU A 165 -8.74 13.59 -8.06
N LYS A 166 -8.83 14.38 -9.13
CA LYS A 166 -7.81 15.38 -9.43
C LYS A 166 -7.63 16.31 -8.23
N THR A 167 -8.73 16.61 -7.55
CA THR A 167 -8.72 17.49 -6.39
C THR A 167 -7.94 16.86 -5.24
N VAL A 168 -8.08 15.54 -5.09
CA VAL A 168 -7.39 14.83 -4.02
C VAL A 168 -5.89 15.01 -4.13
N PHE A 169 -5.34 14.70 -5.29
CA PHE A 169 -3.91 14.84 -5.53
C PHE A 169 -3.49 16.30 -5.51
N ASP A 170 -4.31 17.16 -6.10
CA ASP A 170 -4.02 18.58 -6.14
C ASP A 170 -3.86 19.16 -4.74
N GLU A 171 -4.77 18.78 -3.85
CA GLU A 171 -4.75 19.24 -2.47
C GLU A 171 -3.65 18.55 -1.68
N ALA A 172 -3.42 17.28 -2.00
CA ALA A 172 -2.40 16.48 -1.32
C ALA A 172 -1.01 17.09 -1.55
N ILE A 173 -0.77 17.57 -2.76
CA ILE A 173 0.50 18.20 -3.09
C ILE A 173 0.74 19.39 -2.18
N ARG A 174 -0.28 20.23 -2.04
CA ARG A 174 -0.20 21.41 -1.20
C ARG A 174 0.07 21.02 0.24
N ALA A 175 -0.40 19.84 0.61
CA ALA A 175 -0.21 19.31 1.97
C ALA A 175 1.25 19.29 2.36
N VAL A 176 2.13 19.23 1.36
CA VAL A 176 3.56 19.18 1.62
C VAL A 176 4.21 20.57 1.48
N LEU A 177 3.73 21.36 0.53
CA LEU A 177 4.27 22.69 0.29
C LEU A 177 3.98 23.66 1.43
N CYS A 178 2.70 23.82 1.76
CA CYS A 178 2.32 24.75 2.83
C CYS A 178 2.57 24.17 4.23
N PRO A 179 1.94 23.04 4.62
CA PRO A 179 2.14 22.43 5.94
C PRO A 179 3.62 22.11 6.19
N PRO A 180 3.98 21.65 7.40
CA PRO A 180 5.37 21.32 7.74
C PRO A 180 5.99 20.29 6.79
N PRO A 181 7.32 20.37 6.56
CA PRO A 181 8.03 19.45 5.68
C PRO A 181 7.88 17.99 6.06
N VAL A 182 8.64 17.14 5.38
CA VAL A 182 8.61 15.71 5.62
C VAL A 182 9.99 15.18 6.04
N LYS A 183 10.73 14.63 5.09
CA LYS A 183 12.07 14.09 5.35
C LYS A 183 12.03 12.97 6.39
N LYS A 184 13.07 12.13 6.40
CA LYS A 184 13.16 11.03 7.34
C LYS A 184 14.56 10.40 7.30
N ARG A 185 15.16 10.24 8.47
CA ARG A 185 16.49 9.66 8.57
C ARG A 185 16.53 8.52 9.57
N LYS A 186 16.71 7.29 9.08
CA LYS A 186 16.77 6.12 9.94
C LYS A 186 17.17 4.89 9.14
N ARG A 187 18.43 4.49 9.25
CA ARG A 187 18.95 3.33 8.54
C ARG A 187 19.89 2.52 9.42
N LYS A 188 20.25 1.32 8.94
CA LYS A 188 21.15 0.44 9.68
C LYS A 188 22.60 0.75 9.35
N CYS A 189 22.87 1.04 8.08
CA CYS A 189 24.23 1.35 7.64
C CYS A 189 24.20 2.11 6.32
N LEU A 190 25.12 3.06 6.17
CA LEU A 190 25.21 3.86 4.95
C LEU A 190 26.07 3.15 3.90
N LEU A 191 27.28 2.78 4.29
CA LEU A 191 28.19 2.10 3.37
C LEU A 191 27.66 0.72 2.99
N LEU A 192 27.91 0.33 1.74
CA LEU A 192 27.45 -0.96 1.24
C LEU A 192 28.63 -1.91 1.00
N GLY B 1 0.97 -34.83 11.51
CA GLY B 1 1.32 -36.20 11.08
C GLY B 1 0.60 -36.62 9.81
N ILE B 2 1.23 -36.35 8.67
CA ILE B 2 0.64 -36.70 7.38
C ILE B 2 0.86 -38.19 7.06
N PRO B 3 -0.22 -38.88 6.63
CA PRO B 3 -0.15 -40.31 6.29
C PRO B 3 0.57 -40.58 4.96
N ALA B 4 -0.19 -40.75 3.89
CA ALA B 4 0.38 -41.03 2.58
C ALA B 4 0.47 -39.77 1.72
N THR B 5 -0.27 -38.73 2.11
CA THR B 5 -0.27 -37.48 1.37
C THR B 5 0.93 -36.60 1.72
N ASN B 6 2.09 -37.24 1.91
CA ASN B 6 3.30 -36.52 2.25
C ASN B 6 3.73 -35.57 1.12
N LEU B 7 3.13 -35.76 -0.06
CA LEU B 7 3.44 -34.93 -1.21
C LEU B 7 3.03 -33.48 -0.97
N SER B 8 2.07 -33.29 -0.05
CA SER B 8 1.59 -31.95 0.28
C SER B 8 2.70 -31.11 0.89
N ARG B 9 3.62 -31.75 1.61
CA ARG B 9 4.73 -31.05 2.24
C ARG B 9 5.65 -30.43 1.18
N VAL B 10 5.96 -31.23 0.15
CA VAL B 10 6.83 -30.77 -0.92
C VAL B 10 6.23 -29.54 -1.61
N ALA B 11 4.97 -29.64 -2.00
CA ALA B 11 4.29 -28.55 -2.66
C ALA B 11 4.25 -27.32 -1.76
N GLY B 12 4.23 -27.57 -0.45
CA GLY B 12 4.20 -26.48 0.49
C GLY B 12 5.45 -25.64 0.40
N LEU B 13 6.59 -26.31 0.20
CA LEU B 13 7.86 -25.61 0.07
C LEU B 13 7.95 -24.93 -1.29
N GLU B 14 7.32 -25.56 -2.28
CA GLU B 14 7.29 -24.99 -3.61
C GLU B 14 6.51 -23.68 -3.59
N LYS B 15 5.42 -23.71 -2.82
CA LYS B 15 4.57 -22.55 -2.65
C LYS B 15 5.27 -21.45 -1.87
N GLN B 16 5.88 -21.83 -0.74
CA GLN B 16 6.60 -20.88 0.09
C GLN B 16 7.73 -20.22 -0.71
N LEU B 17 8.52 -21.05 -1.37
CA LEU B 17 9.62 -20.55 -2.20
C LEU B 17 9.09 -19.59 -3.26
N ALA B 18 7.96 -19.97 -3.86
CA ALA B 18 7.34 -19.16 -4.90
C ALA B 18 6.94 -17.80 -4.35
N ILE B 19 6.38 -17.80 -3.14
CA ILE B 19 5.98 -16.56 -2.49
C ILE B 19 7.20 -15.68 -2.29
N GLU B 20 8.30 -16.32 -1.91
CA GLU B 20 9.55 -15.63 -1.69
C GLU B 20 10.09 -15.04 -2.99
N LEU B 21 9.76 -15.67 -4.12
CA LEU B 21 10.22 -15.15 -5.40
C LEU B 21 9.58 -13.79 -5.64
N LYS B 22 8.30 -13.67 -5.27
CA LYS B 22 7.60 -12.41 -5.41
C LYS B 22 8.28 -11.37 -4.53
N VAL B 23 8.81 -11.84 -3.41
CA VAL B 23 9.52 -11.00 -2.47
C VAL B 23 10.87 -10.55 -3.03
N LYS B 24 11.62 -11.52 -3.58
CA LYS B 24 12.93 -11.26 -4.13
C LYS B 24 12.85 -10.41 -5.40
N GLN B 25 12.01 -10.85 -6.34
CA GLN B 25 11.84 -10.13 -7.60
C GLN B 25 11.31 -8.73 -7.35
N GLY B 26 10.51 -8.58 -6.30
CA GLY B 26 9.95 -7.28 -5.98
C GLY B 26 11.02 -6.30 -5.53
N ALA B 27 11.86 -6.73 -4.60
CA ALA B 27 12.94 -5.89 -4.09
C ALA B 27 13.89 -5.49 -5.20
N GLU B 28 14.40 -6.49 -5.92
CA GLU B 28 15.34 -6.27 -7.02
C GLU B 28 14.75 -5.32 -8.07
N ASN B 29 13.46 -5.47 -8.35
CA ASN B 29 12.81 -4.62 -9.34
C ASN B 29 12.95 -3.15 -8.96
N MET B 30 12.71 -2.84 -7.70
CA MET B 30 12.83 -1.47 -7.21
C MET B 30 14.29 -1.02 -7.27
N ILE B 31 15.21 -1.97 -7.05
CA ILE B 31 16.64 -1.66 -7.10
C ILE B 31 17.04 -1.19 -8.48
N GLN B 32 16.61 -1.93 -9.50
CA GLN B 32 16.93 -1.58 -10.88
C GLN B 32 16.30 -0.25 -11.25
N THR B 33 15.18 0.06 -10.61
CA THR B 33 14.46 1.31 -10.85
C THR B 33 15.33 2.51 -10.52
N TYR B 34 15.94 2.48 -9.33
CA TYR B 34 16.79 3.58 -8.89
C TYR B 34 18.21 3.44 -9.41
N SER B 35 18.60 2.20 -9.73
CA SER B 35 19.94 1.94 -10.25
C SER B 35 20.08 2.44 -11.68
N ASN B 36 21.30 2.83 -12.06
CA ASN B 36 21.58 3.33 -13.39
C ASN B 36 20.83 4.64 -13.67
N GLY B 37 21.33 5.41 -14.63
CA GLY B 37 20.69 6.68 -14.96
C GLY B 37 20.70 7.65 -13.81
N SER B 38 19.67 8.50 -13.74
CA SER B 38 19.56 9.50 -12.69
C SER B 38 18.66 8.98 -11.56
N THR B 39 19.26 8.71 -10.41
CA THR B 39 18.53 8.21 -9.25
C THR B 39 17.81 9.35 -8.53
N LYS B 40 16.68 9.02 -7.90
CA LYS B 40 15.89 10.00 -7.18
C LYS B 40 16.30 10.04 -5.70
N ASP B 41 15.95 8.99 -4.97
CA ASP B 41 16.28 8.89 -3.56
C ASP B 41 16.97 7.58 -3.24
N ARG B 42 18.13 7.67 -2.60
CA ARG B 42 18.91 6.48 -2.24
C ARG B 42 18.25 5.70 -1.11
N LYS B 43 17.46 6.39 -0.30
CA LYS B 43 16.79 5.75 0.83
C LYS B 43 15.95 4.57 0.37
N LEU B 44 15.16 4.77 -0.68
CA LEU B 44 14.33 3.71 -1.22
C LEU B 44 15.18 2.52 -1.65
N LEU B 45 16.32 2.82 -2.26
CA LEU B 45 17.23 1.79 -2.72
C LEU B 45 17.87 1.06 -1.53
N LEU B 46 18.08 1.79 -0.44
CA LEU B 46 18.67 1.21 0.76
C LEU B 46 17.81 0.06 1.28
N THR B 47 16.51 0.30 1.34
CA THR B 47 15.59 -0.71 1.82
C THR B 47 15.54 -1.90 0.86
N ALA B 48 15.48 -1.59 -0.43
CA ALA B 48 15.42 -2.62 -1.45
C ALA B 48 16.65 -3.52 -1.38
N GLN B 49 17.79 -2.92 -1.06
CA GLN B 49 19.04 -3.65 -0.96
C GLN B 49 19.03 -4.62 0.23
N GLN B 50 18.65 -4.13 1.40
CA GLN B 50 18.62 -4.94 2.61
C GLN B 50 17.50 -5.99 2.56
N MET B 51 16.29 -5.53 2.24
CA MET B 51 15.14 -6.42 2.17
C MET B 51 15.38 -7.55 1.17
N LEU B 52 16.11 -7.26 0.11
CA LEU B 52 16.41 -8.25 -0.91
C LEU B 52 17.39 -9.29 -0.37
N GLN B 53 18.38 -8.83 0.39
CA GLN B 53 19.38 -9.72 0.96
C GLN B 53 18.70 -10.72 1.88
N ASP B 54 17.74 -10.22 2.65
CA ASP B 54 16.99 -11.06 3.57
C ASP B 54 16.25 -12.13 2.78
N SER B 55 15.73 -11.73 1.63
CA SER B 55 15.00 -12.64 0.76
C SER B 55 15.93 -13.72 0.20
N LYS B 56 17.16 -13.32 -0.13
CA LYS B 56 18.12 -14.27 -0.68
C LYS B 56 18.33 -15.44 0.27
N THR B 57 18.47 -15.13 1.55
CA THR B 57 18.66 -16.17 2.56
C THR B 57 17.41 -17.04 2.67
N LYS B 58 16.24 -16.41 2.65
CA LYS B 58 14.97 -17.13 2.75
C LYS B 58 14.85 -18.18 1.65
N ILE B 59 15.16 -17.79 0.41
CA ILE B 59 15.09 -18.70 -0.72
C ILE B 59 16.10 -19.84 -0.52
N ASP B 60 17.27 -19.50 -0.02
CA ASP B 60 18.34 -20.47 0.21
C ASP B 60 17.90 -21.60 1.14
N ILE B 61 17.28 -21.26 2.27
CA ILE B 61 16.85 -22.28 3.22
C ILE B 61 15.67 -23.10 2.69
N ILE B 62 14.67 -22.40 2.17
CA ILE B 62 13.49 -23.07 1.63
C ILE B 62 13.88 -24.00 0.49
N ARG B 63 14.82 -23.55 -0.33
CA ARG B 63 15.29 -24.32 -1.47
C ARG B 63 15.97 -25.62 -1.04
N MET B 64 16.89 -25.52 -0.08
CA MET B 64 17.61 -26.69 0.41
C MET B 64 16.67 -27.65 1.11
N GLN B 65 15.74 -27.11 1.89
CA GLN B 65 14.78 -27.94 2.61
C GLN B 65 13.90 -28.70 1.64
N LEU B 66 13.58 -28.05 0.52
CA LEU B 66 12.77 -28.68 -0.50
C LEU B 66 13.47 -29.93 -1.00
N ARG B 67 14.79 -29.81 -1.22
CA ARG B 67 15.58 -30.94 -1.68
C ARG B 67 15.48 -32.06 -0.65
N ARG B 68 15.36 -31.68 0.61
CA ARG B 68 15.28 -32.66 1.71
C ARG B 68 13.98 -33.44 1.61
N ALA B 69 12.94 -32.78 1.11
CA ALA B 69 11.62 -33.39 0.98
C ALA B 69 11.63 -34.46 -0.12
N LEU B 70 12.17 -34.10 -1.29
CA LEU B 70 12.22 -35.03 -2.41
C LEU B 70 13.16 -36.19 -2.10
N GLN B 71 14.22 -35.90 -1.36
CA GLN B 71 15.18 -36.92 -0.97
C GLN B 71 14.56 -37.91 0.00
N ALA B 72 13.94 -37.39 1.06
CA ALA B 72 13.30 -38.23 2.06
C ALA B 72 12.16 -39.03 1.45
N ASP B 73 11.67 -38.57 0.31
CA ASP B 73 10.57 -39.24 -0.38
C ASP B 73 11.08 -40.44 -1.18
N GLN B 74 12.27 -40.30 -1.76
CA GLN B 74 12.87 -41.36 -2.56
C GLN B 74 13.30 -42.54 -1.68
N LEU B 75 13.69 -42.24 -0.44
CA LEU B 75 14.12 -43.28 0.48
C LEU B 75 13.03 -43.62 1.48
N GLU B 76 11.94 -42.85 1.42
CA GLU B 76 10.80 -43.04 2.31
C GLU B 76 11.22 -43.03 3.78
N ASN B 77 11.68 -44.18 4.29
CA ASN B 77 12.10 -44.28 5.68
C ASN B 77 13.61 -44.14 5.82
N GLN B 78 14.35 -45.18 5.42
CA GLN B 78 15.80 -45.17 5.52
C GLN B 78 16.25 -44.92 6.95
N ALA B 79 16.40 -46.01 7.71
CA ALA B 79 16.83 -45.91 9.11
C ALA B 79 18.19 -45.25 9.22
N ALA B 80 18.21 -44.05 9.80
CA ALA B 80 19.46 -43.31 9.98
C ALA B 80 20.37 -44.00 10.99
N PRO B 81 21.70 -43.84 10.86
CA PRO B 81 22.67 -44.46 11.76
C PRO B 81 22.47 -44.01 13.21
N MET A 1 10.15 21.20 -11.14
CA MET A 1 9.05 20.21 -10.99
C MET A 1 8.91 19.78 -9.53
N GLN A 2 7.79 20.15 -8.92
CA GLN A 2 7.55 19.80 -7.53
C GLN A 2 7.24 18.31 -7.40
N ALA A 3 8.24 17.52 -7.04
CA ALA A 3 8.04 16.09 -6.91
C ALA A 3 7.66 15.73 -5.49
N ILE A 4 6.47 15.17 -5.35
CA ILE A 4 5.96 14.78 -4.04
C ILE A 4 5.62 13.29 -4.02
N LYS A 5 5.99 12.62 -2.92
CA LYS A 5 5.72 11.20 -2.79
C LYS A 5 4.42 10.97 -2.04
N CYS A 6 3.42 10.48 -2.74
CA CYS A 6 2.11 10.24 -2.15
C CYS A 6 1.78 8.74 -2.13
N VAL A 7 1.71 8.19 -0.92
CA VAL A 7 1.42 6.77 -0.76
C VAL A 7 -0.04 6.57 -0.34
N VAL A 8 -0.72 5.66 -1.02
CA VAL A 8 -2.11 5.37 -0.73
C VAL A 8 -2.26 4.15 0.17
N VAL A 9 -2.89 4.35 1.32
CA VAL A 9 -3.10 3.27 2.27
C VAL A 9 -4.52 3.31 2.84
N GLY A 10 -5.02 2.15 3.26
CA GLY A 10 -6.36 2.07 3.82
C GLY A 10 -6.58 0.79 4.59
N ASP A 11 -7.82 0.33 4.64
CA ASP A 11 -8.16 -0.90 5.35
C ASP A 11 -7.29 -2.06 4.86
N GLY A 12 -6.72 -1.90 3.67
CA GLY A 12 -5.86 -2.92 3.11
C GLY A 12 -6.59 -3.91 2.22
N ALA A 13 -7.92 -3.92 2.31
CA ALA A 13 -8.72 -4.84 1.52
C ALA A 13 -8.80 -4.41 0.05
N VAL A 14 -9.03 -3.13 -0.18
CA VAL A 14 -9.13 -2.60 -1.55
C VAL A 14 -9.11 -1.07 -1.57
N GLY A 15 -8.97 -0.51 -2.76
CA GLY A 15 -8.96 0.94 -2.92
C GLY A 15 -7.57 1.53 -3.12
N LYS A 16 -6.54 0.74 -2.86
CA LYS A 16 -5.16 1.21 -2.98
C LYS A 16 -4.71 1.39 -4.43
N THR A 17 -4.92 0.38 -5.28
CA THR A 17 -4.49 0.46 -6.67
C THR A 17 -5.48 1.21 -7.56
N CYS A 18 -6.76 0.94 -7.38
CA CYS A 18 -7.81 1.56 -8.19
C CYS A 18 -7.80 3.09 -8.08
N LEU A 19 -7.50 3.61 -6.89
CA LEU A 19 -7.50 5.06 -6.68
C LEU A 19 -6.46 5.76 -7.55
N LEU A 20 -5.25 5.23 -7.57
CA LEU A 20 -4.16 5.84 -8.35
C LEU A 20 -4.39 5.73 -9.86
N ILE A 21 -4.79 4.55 -10.32
CA ILE A 21 -5.02 4.31 -11.74
C ILE A 21 -6.15 5.16 -12.31
N SER A 22 -7.21 5.36 -11.53
CA SER A 22 -8.35 6.14 -11.99
C SER A 22 -7.96 7.57 -12.36
N TYR A 23 -7.04 8.16 -11.61
CA TYR A 23 -6.60 9.52 -11.90
C TYR A 23 -5.59 9.57 -13.04
N THR A 24 -4.88 8.47 -13.25
CA THR A 24 -3.87 8.42 -14.29
C THR A 24 -4.42 7.90 -15.62
N THR A 25 -5.50 7.13 -15.56
CA THR A 25 -6.11 6.58 -16.77
C THR A 25 -7.53 7.08 -16.96
N ASN A 26 -8.03 7.80 -15.95
CA ASN A 26 -9.38 8.35 -15.98
C ASN A 26 -10.43 7.24 -15.96
N ALA A 27 -9.98 6.00 -15.86
CA ALA A 27 -10.88 4.86 -15.84
C ALA A 27 -10.15 3.56 -15.57
N PHE A 28 -10.55 2.86 -14.52
CA PHE A 28 -9.94 1.59 -14.16
C PHE A 28 -10.45 0.47 -15.08
N PRO A 29 -9.54 -0.20 -15.82
CA PRO A 29 -9.93 -1.29 -16.73
C PRO A 29 -10.46 -2.51 -15.97
N GLY A 30 -10.30 -2.50 -14.66
CA GLY A 30 -10.76 -3.60 -13.83
C GLY A 30 -9.64 -4.46 -13.32
N GLU A 31 -9.99 -5.61 -12.74
CA GLU A 31 -9.00 -6.54 -12.20
C GLU A 31 -8.15 -5.86 -11.11
N TYR A 32 -7.21 -6.60 -10.55
CA TYR A 32 -6.34 -6.05 -9.50
C TYR A 32 -4.96 -6.70 -9.51
N ILE A 33 -4.91 -8.02 -9.32
CA ILE A 33 -3.65 -8.77 -9.30
C ILE A 33 -2.76 -8.30 -8.14
N PRO A 34 -2.11 -9.24 -7.42
CA PRO A 34 -1.24 -8.91 -6.29
C PRO A 34 -0.15 -7.92 -6.68
N THR A 35 -0.24 -6.70 -6.15
CA THR A 35 0.75 -5.67 -6.45
C THR A 35 1.80 -5.58 -5.36
N VAL A 36 2.95 -6.20 -5.60
CA VAL A 36 4.05 -6.18 -4.64
C VAL A 36 5.04 -5.08 -4.98
N PHE A 37 4.81 -4.42 -6.11
CA PHE A 37 5.67 -3.34 -6.56
C PHE A 37 4.87 -2.05 -6.74
N ASP A 38 5.59 -0.93 -6.88
CA ASP A 38 4.94 0.37 -7.04
C ASP A 38 5.93 1.40 -7.59
N ASN A 39 5.61 1.94 -8.76
CA ASN A 39 6.47 2.94 -9.39
C ASN A 39 5.75 3.63 -10.55
N TYR A 40 5.04 4.72 -10.23
CA TYR A 40 4.31 5.48 -11.25
C TYR A 40 4.60 6.97 -11.12
N SER A 41 4.60 7.66 -12.25
CA SER A 41 4.83 9.10 -12.28
C SER A 41 3.81 9.78 -13.17
N ALA A 42 3.30 10.92 -12.70
CA ALA A 42 2.31 11.67 -13.45
C ALA A 42 2.47 13.16 -13.25
N ASN A 43 2.29 13.93 -14.31
CA ASN A 43 2.41 15.37 -14.25
C ASN A 43 1.06 16.02 -13.95
N VAL A 44 1.04 16.92 -12.98
CA VAL A 44 -0.19 17.59 -12.59
C VAL A 44 0.04 19.09 -12.40
N MET A 45 -0.96 19.88 -12.78
CA MET A 45 -0.90 21.33 -12.67
C MET A 45 -1.48 21.80 -11.34
N VAL A 46 -0.65 22.46 -10.53
CA VAL A 46 -1.07 22.97 -9.24
C VAL A 46 -0.62 24.41 -9.05
N ASP A 47 -1.58 25.33 -9.07
CA ASP A 47 -1.29 26.76 -8.89
C ASP A 47 -0.51 27.31 -10.09
N GLY A 48 -0.52 26.56 -11.19
CA GLY A 48 0.22 27.00 -12.36
C GLY A 48 1.67 26.60 -12.28
N LYS A 49 1.97 25.71 -11.33
CA LYS A 49 3.33 25.23 -11.13
C LYS A 49 3.40 23.74 -11.38
N PRO A 50 4.09 23.30 -12.45
CA PRO A 50 4.21 21.88 -12.76
C PRO A 50 4.76 21.10 -11.58
N VAL A 51 4.09 20.02 -11.21
CA VAL A 51 4.54 19.20 -10.09
C VAL A 51 4.62 17.72 -10.46
N ASN A 52 5.72 17.10 -10.05
CA ASN A 52 5.92 15.67 -10.30
C ASN A 52 5.17 14.86 -9.26
N LEU A 53 4.30 13.98 -9.73
CA LEU A 53 3.49 13.16 -8.83
C LEU A 53 3.97 11.71 -8.80
N GLY A 54 4.18 11.19 -7.59
CA GLY A 54 4.62 9.82 -7.43
C GLY A 54 3.53 8.94 -6.85
N LEU A 55 3.09 7.96 -7.61
CA LEU A 55 2.03 7.07 -7.16
C LEU A 55 2.61 5.78 -6.57
N TRP A 56 2.30 5.52 -5.32
CA TRP A 56 2.78 4.32 -4.63
C TRP A 56 1.63 3.51 -4.05
N ASP A 57 1.51 2.27 -4.48
CA ASP A 57 0.44 1.39 -4.00
C ASP A 57 0.96 0.39 -2.99
N THR A 58 0.36 0.37 -1.81
CA THR A 58 0.77 -0.55 -0.75
C THR A 58 -0.38 -1.47 -0.34
N ALA A 59 -0.24 -2.11 0.81
CA ALA A 59 -1.26 -3.02 1.33
C ALA A 59 -1.48 -4.21 0.39
N GLY A 60 -2.51 -4.99 0.68
CA GLY A 60 -2.80 -6.16 -0.14
C GLY A 60 -2.24 -7.44 0.45
N LEU A 61 -1.10 -7.32 1.12
CA LEU A 61 -0.45 -8.48 1.73
C LEU A 61 0.36 -8.05 2.96
N GLU A 62 -0.09 -8.51 4.13
CA GLU A 62 0.57 -8.17 5.40
C GLU A 62 1.79 -9.03 5.67
N ASP A 63 1.86 -10.21 5.05
CA ASP A 63 2.99 -11.12 5.27
C ASP A 63 4.30 -10.46 4.86
N TYR A 64 4.26 -9.60 3.84
CA TYR A 64 5.44 -8.90 3.38
C TYR A 64 6.05 -8.06 4.49
N ASP A 65 5.29 -7.07 4.95
CA ASP A 65 5.73 -6.18 6.02
C ASP A 65 6.98 -5.39 5.63
N ARG A 66 8.13 -6.04 5.73
CA ARG A 66 9.41 -5.40 5.40
C ARG A 66 9.46 -4.95 3.94
N LEU A 67 9.10 -5.86 3.03
CA LEU A 67 9.12 -5.55 1.60
C LEU A 67 7.79 -4.98 1.13
N ARG A 68 7.63 -3.66 1.25
CA ARG A 68 6.39 -3.01 0.83
C ARG A 68 6.42 -1.49 1.08
N PRO A 69 6.76 -1.05 2.32
CA PRO A 69 6.79 0.37 2.66
C PRO A 69 8.14 1.04 2.41
N LEU A 70 8.63 0.94 1.18
CA LEU A 70 9.91 1.57 0.84
C LEU A 70 9.76 3.08 0.82
N SER A 71 8.66 3.55 0.25
CA SER A 71 8.39 4.98 0.15
C SER A 71 7.82 5.52 1.45
N TYR A 72 6.98 4.72 2.11
CA TYR A 72 6.33 5.10 3.37
C TYR A 72 7.16 6.11 4.18
N PRO A 73 8.42 5.79 4.54
CA PRO A 73 9.27 6.70 5.33
C PRO A 73 9.46 8.07 4.66
N GLN A 74 9.82 8.04 3.38
CA GLN A 74 10.06 9.26 2.62
C GLN A 74 8.75 9.97 2.25
N THR A 75 7.66 9.22 2.25
CA THR A 75 6.34 9.77 1.89
C THR A 75 6.10 11.15 2.48
N ASP A 76 5.71 12.08 1.62
CA ASP A 76 5.44 13.45 2.04
C ASP A 76 4.04 13.56 2.65
N VAL A 77 3.14 12.68 2.20
CA VAL A 77 1.77 12.67 2.69
C VAL A 77 1.07 11.35 2.37
N PHE A 78 0.28 10.86 3.32
CA PHE A 78 -0.45 9.60 3.15
C PHE A 78 -1.94 9.85 2.92
N LEU A 79 -2.57 9.00 2.12
CA LEU A 79 -4.00 9.11 1.84
C LEU A 79 -4.76 8.00 2.54
N ILE A 80 -5.74 8.37 3.35
CA ILE A 80 -6.55 7.39 4.07
C ILE A 80 -7.83 7.10 3.30
N CYS A 81 -7.85 5.96 2.60
CA CYS A 81 -9.00 5.57 1.81
C CYS A 81 -9.88 4.57 2.54
N PHE A 82 -11.19 4.85 2.56
CA PHE A 82 -12.15 3.97 3.22
C PHE A 82 -13.50 4.02 2.50
N SER A 83 -14.37 3.07 2.82
CA SER A 83 -15.69 3.02 2.20
C SER A 83 -16.70 3.82 3.01
N LEU A 84 -17.17 4.92 2.42
CA LEU A 84 -18.13 5.80 3.08
C LEU A 84 -19.42 5.07 3.43
N VAL A 85 -19.93 4.29 2.50
CA VAL A 85 -21.19 3.56 2.71
C VAL A 85 -21.08 2.60 3.88
N SER A 86 -19.86 2.29 4.29
CA SER A 86 -19.64 1.38 5.41
C SER A 86 -18.87 2.09 6.53
N PRO A 87 -19.54 2.40 7.66
CA PRO A 87 -18.91 3.07 8.80
C PRO A 87 -17.78 2.25 9.44
N ALA A 88 -17.78 0.95 9.18
CA ALA A 88 -16.76 0.07 9.74
C ALA A 88 -15.39 0.40 9.19
N SER A 89 -15.30 0.59 7.88
CA SER A 89 -14.03 0.93 7.24
C SER A 89 -13.51 2.24 7.81
N PHE A 90 -14.44 3.14 8.11
CA PHE A 90 -14.12 4.44 8.69
C PHE A 90 -13.68 4.25 10.14
N GLU A 91 -14.28 3.25 10.80
CA GLU A 91 -13.98 2.95 12.18
C GLU A 91 -12.59 2.33 12.33
N ASN A 92 -12.20 1.56 11.31
CA ASN A 92 -10.91 0.87 11.31
C ASN A 92 -9.74 1.79 10.96
N VAL A 93 -9.94 2.70 10.01
CA VAL A 93 -8.87 3.61 9.60
C VAL A 93 -8.33 4.41 10.78
N ARG A 94 -9.22 5.02 11.55
CA ARG A 94 -8.82 5.81 12.70
C ARG A 94 -8.40 4.92 13.87
N ALA A 95 -8.85 3.67 13.83
CA ALA A 95 -8.56 2.71 14.88
C ALA A 95 -7.11 2.22 14.87
N LYS A 96 -6.61 1.81 13.70
CA LYS A 96 -5.25 1.29 13.61
C LYS A 96 -4.24 2.27 13.00
N TRP A 97 -4.62 2.95 11.92
CA TRP A 97 -3.73 3.87 11.24
C TRP A 97 -3.38 5.11 12.08
N TYR A 98 -4.31 5.57 12.91
CA TYR A 98 -4.06 6.76 13.72
C TYR A 98 -3.06 6.52 14.86
N PRO A 99 -3.21 5.44 15.65
CA PRO A 99 -2.30 5.14 16.77
C PRO A 99 -0.87 4.90 16.32
N GLU A 100 -0.70 4.43 15.09
CA GLU A 100 0.62 4.12 14.55
C GLU A 100 1.40 5.39 14.22
N VAL A 101 0.77 6.31 13.50
CA VAL A 101 1.44 7.54 13.11
C VAL A 101 1.73 8.43 14.31
N ARG A 102 0.82 8.46 15.27
CA ARG A 102 1.00 9.27 16.47
C ARG A 102 2.11 8.72 17.36
N HIS A 103 2.32 7.41 17.31
CA HIS A 103 3.35 6.76 18.11
C HIS A 103 4.74 7.23 17.70
N HIS A 104 4.95 7.36 16.40
CA HIS A 104 6.24 7.80 15.87
C HIS A 104 6.32 9.31 15.82
N CYS A 105 5.18 9.94 15.59
CA CYS A 105 5.09 11.40 15.50
C CYS A 105 6.04 11.93 14.42
N PRO A 106 5.88 11.47 13.16
CA PRO A 106 6.72 11.90 12.04
C PRO A 106 6.53 13.37 11.69
N ASN A 107 5.47 13.97 12.24
CA ASN A 107 5.15 15.37 11.97
C ASN A 107 4.77 15.54 10.51
N THR A 108 4.51 14.41 9.84
CA THR A 108 4.14 14.40 8.44
C THR A 108 2.64 14.63 8.26
N PRO A 109 2.24 15.47 7.29
CA PRO A 109 0.82 15.75 7.03
C PRO A 109 0.08 14.51 6.56
N ILE A 110 -1.24 14.49 6.75
CA ILE A 110 -2.05 13.35 6.36
C ILE A 110 -3.37 13.80 5.74
N ILE A 111 -3.64 13.30 4.54
CA ILE A 111 -4.87 13.63 3.82
C ILE A 111 -5.90 12.53 4.03
N LEU A 112 -7.17 12.85 3.80
CA LEU A 112 -8.24 11.89 3.94
C LEU A 112 -8.97 11.73 2.61
N VAL A 113 -9.23 10.48 2.23
CA VAL A 113 -9.89 10.20 0.96
C VAL A 113 -11.13 9.33 1.16
N GLY A 114 -12.24 9.79 0.58
CA GLY A 114 -13.48 9.05 0.67
C GLY A 114 -13.81 8.33 -0.63
N THR A 115 -12.99 7.34 -0.97
CA THR A 115 -13.19 6.58 -2.20
C THR A 115 -14.58 5.96 -2.27
N LYS A 116 -14.91 5.43 -3.44
CA LYS A 116 -16.21 4.80 -3.67
C LYS A 116 -17.34 5.78 -3.41
N LEU A 117 -17.50 6.75 -4.30
CA LEU A 117 -18.54 7.76 -4.17
C LEU A 117 -19.76 7.40 -5.03
N ASP A 118 -19.52 6.63 -6.09
CA ASP A 118 -20.61 6.23 -7.00
C ASP A 118 -21.68 5.42 -6.27
N LEU A 119 -21.28 4.60 -5.30
CA LEU A 119 -22.24 3.79 -4.55
C LEU A 119 -22.58 4.46 -3.22
N ARG A 120 -21.92 5.58 -2.94
CA ARG A 120 -22.15 6.33 -1.72
C ARG A 120 -23.37 7.23 -1.87
N ASP A 121 -23.58 7.69 -3.09
CA ASP A 121 -24.71 8.55 -3.38
C ASP A 121 -25.78 7.76 -4.13
N ASP A 122 -25.75 6.43 -3.97
CA ASP A 122 -26.70 5.56 -4.63
C ASP A 122 -27.80 5.14 -3.66
N LYS A 123 -29.01 5.59 -3.95
CA LYS A 123 -30.17 5.30 -3.12
C LYS A 123 -30.34 3.79 -2.89
N ASP A 124 -30.41 3.05 -3.98
CA ASP A 124 -30.59 1.60 -3.92
C ASP A 124 -29.48 0.95 -3.09
N THR A 125 -28.23 1.35 -3.32
CA THR A 125 -27.11 0.80 -2.57
C THR A 125 -27.27 1.14 -1.09
N ILE A 126 -27.66 2.38 -0.83
CA ILE A 126 -27.87 2.84 0.53
C ILE A 126 -28.93 1.98 1.19
N GLU A 127 -29.94 1.63 0.41
CA GLU A 127 -31.03 0.78 0.90
C GLU A 127 -30.48 -0.58 1.28
N LYS A 128 -29.49 -1.05 0.51
CA LYS A 128 -28.87 -2.34 0.76
C LYS A 128 -28.10 -2.33 2.06
N LEU A 129 -27.47 -1.19 2.38
CA LEU A 129 -26.72 -1.08 3.63
C LEU A 129 -27.64 -1.27 4.81
N LYS A 130 -28.87 -0.78 4.68
CA LYS A 130 -29.85 -0.90 5.73
C LYS A 130 -30.09 -2.37 6.08
N GLU A 131 -29.95 -3.22 5.06
CA GLU A 131 -30.14 -4.66 5.25
C GLU A 131 -29.11 -5.20 6.23
N LYS A 132 -27.95 -4.56 6.27
CA LYS A 132 -26.87 -4.97 7.15
C LYS A 132 -26.74 -4.00 8.33
N LYS A 133 -27.71 -3.09 8.44
CA LYS A 133 -27.74 -2.10 9.51
C LYS A 133 -26.59 -1.10 9.41
N LEU A 134 -26.14 -0.83 8.19
CA LEU A 134 -25.06 0.13 7.97
C LEU A 134 -25.56 1.37 7.24
N THR A 135 -24.89 2.50 7.48
CA THR A 135 -25.25 3.76 6.83
C THR A 135 -24.01 4.46 6.28
N PRO A 136 -24.14 5.15 5.13
CA PRO A 136 -23.01 5.84 4.52
C PRO A 136 -22.57 7.06 5.32
N ILE A 137 -21.30 7.44 5.15
CA ILE A 137 -20.72 8.57 5.87
C ILE A 137 -20.97 9.89 5.13
N THR A 138 -21.28 10.93 5.89
CA THR A 138 -21.53 12.25 5.33
C THR A 138 -20.26 13.10 5.39
N TYR A 139 -20.29 14.27 4.79
CA TYR A 139 -19.11 15.14 4.77
C TYR A 139 -18.74 15.63 6.18
N PRO A 140 -19.71 16.16 6.96
CA PRO A 140 -19.41 16.65 8.32
C PRO A 140 -18.87 15.57 9.24
N GLN A 141 -19.23 14.31 8.97
CA GLN A 141 -18.76 13.20 9.79
C GLN A 141 -17.26 13.03 9.63
N GLY A 142 -16.80 13.08 8.38
CA GLY A 142 -15.38 12.95 8.11
C GLY A 142 -14.63 14.24 8.38
N LEU A 143 -15.28 15.36 8.10
CA LEU A 143 -14.68 16.67 8.30
C LEU A 143 -14.27 16.87 9.75
N ALA A 144 -15.10 16.36 10.67
CA ALA A 144 -14.81 16.48 12.09
C ALA A 144 -13.56 15.70 12.46
N MET A 145 -13.40 14.52 11.87
CA MET A 145 -12.24 13.68 12.13
C MET A 145 -10.95 14.36 11.69
N ALA A 146 -10.99 14.98 10.51
CA ALA A 146 -9.82 15.67 9.99
C ALA A 146 -9.17 16.56 11.04
N LYS A 147 -9.99 17.34 11.73
CA LYS A 147 -9.51 18.23 12.78
C LYS A 147 -9.04 17.46 14.00
N GLU A 148 -9.71 16.34 14.25
CA GLU A 148 -9.39 15.49 15.39
C GLU A 148 -8.04 14.78 15.23
N ILE A 149 -7.81 14.22 14.04
CA ILE A 149 -6.57 13.51 13.77
C ILE A 149 -5.50 14.45 13.26
N GLY A 150 -5.80 15.75 13.32
CA GLY A 150 -4.86 16.76 12.88
C GLY A 150 -4.55 16.66 11.40
N ALA A 151 -5.43 16.00 10.65
CA ALA A 151 -5.24 15.84 9.22
C ALA A 151 -5.16 17.18 8.51
N VAL A 152 -4.36 17.24 7.45
CA VAL A 152 -4.19 18.46 6.70
C VAL A 152 -5.43 18.81 5.88
N LYS A 153 -6.16 17.80 5.42
CA LYS A 153 -7.36 18.03 4.63
C LYS A 153 -8.13 16.74 4.37
N TYR A 154 -9.45 16.86 4.29
CA TYR A 154 -10.33 15.71 4.05
C TYR A 154 -11.31 15.98 2.91
N LEU A 155 -11.38 15.06 1.95
CA LEU A 155 -12.30 15.21 0.81
C LEU A 155 -12.88 13.86 0.40
N GLU A 156 -13.94 13.90 -0.42
CA GLU A 156 -14.59 12.69 -0.91
C GLU A 156 -14.50 12.64 -2.43
N CYS A 157 -14.36 11.44 -2.99
CA CYS A 157 -14.26 11.30 -4.44
C CYS A 157 -14.52 9.86 -4.90
N SER A 158 -14.68 9.70 -6.22
CA SER A 158 -14.94 8.39 -6.82
C SER A 158 -13.99 8.14 -7.97
N ALA A 159 -13.64 6.87 -8.19
CA ALA A 159 -12.75 6.49 -9.26
C ALA A 159 -13.54 6.22 -10.54
N LEU A 160 -14.82 5.89 -10.38
CA LEU A 160 -15.69 5.62 -11.51
C LEU A 160 -16.24 6.90 -12.14
N THR A 161 -16.67 7.82 -11.28
CA THR A 161 -17.24 9.08 -11.76
C THR A 161 -16.24 10.23 -11.71
N GLN A 162 -15.16 10.04 -10.96
CA GLN A 162 -14.13 11.07 -10.82
C GLN A 162 -14.66 12.31 -10.10
N ARG A 163 -15.48 12.08 -9.06
CA ARG A 163 -16.03 13.19 -8.28
C ARG A 163 -15.01 14.29 -8.05
N GLY A 164 -13.81 13.90 -7.60
CA GLY A 164 -12.77 14.87 -7.34
C GLY A 164 -11.42 14.22 -7.06
N LEU A 165 -11.01 13.29 -7.93
CA LEU A 165 -9.73 12.61 -7.77
C LEU A 165 -8.58 13.62 -7.83
N LYS A 166 -8.57 14.43 -8.89
CA LYS A 166 -7.53 15.43 -9.08
C LYS A 166 -7.44 16.35 -7.87
N THR A 167 -8.56 16.54 -7.19
CA THR A 167 -8.62 17.38 -6.01
C THR A 167 -7.82 16.75 -4.88
N VAL A 168 -7.90 15.43 -4.78
CA VAL A 168 -7.18 14.71 -3.73
C VAL A 168 -5.68 14.94 -3.85
N PHE A 169 -5.16 14.68 -5.04
CA PHE A 169 -3.74 14.86 -5.32
C PHE A 169 -3.36 16.34 -5.24
N ASP A 170 -4.28 17.19 -5.68
CA ASP A 170 -4.05 18.63 -5.67
C ASP A 170 -3.78 19.13 -4.25
N GLU A 171 -4.63 18.71 -3.33
CA GLU A 171 -4.49 19.11 -1.93
C GLU A 171 -3.36 18.34 -1.26
N ALA A 172 -3.17 17.09 -1.68
CA ALA A 172 -2.12 16.24 -1.12
C ALA A 172 -0.75 16.86 -1.36
N ILE A 173 -0.52 17.30 -2.59
CA ILE A 173 0.74 17.95 -2.93
C ILE A 173 0.92 19.16 -2.03
N ARG A 174 -0.15 19.92 -1.89
CA ARG A 174 -0.19 21.10 -1.08
C ARG A 174 0.09 20.75 0.38
N ALA A 175 -0.25 19.52 0.77
CA ALA A 175 -0.05 19.06 2.15
C ALA A 175 1.42 19.19 2.58
N VAL A 176 2.34 19.14 1.63
CA VAL A 176 3.76 19.26 1.96
C VAL A 176 4.27 20.69 1.75
N LEU A 177 3.74 21.37 0.74
CA LEU A 177 4.18 22.73 0.44
C LEU A 177 3.82 23.71 1.56
N CYS A 178 2.53 23.77 1.89
CA CYS A 178 2.07 24.69 2.94
C CYS A 178 2.34 24.14 4.35
N PRO A 179 1.74 22.99 4.74
CA PRO A 179 1.97 22.40 6.08
C PRO A 179 3.46 22.14 6.34
N PRO A 180 3.81 21.60 7.52
CA PRO A 180 5.23 21.33 7.85
C PRO A 180 5.91 20.42 6.82
N PRO A 181 7.20 20.68 6.52
CA PRO A 181 7.99 19.90 5.55
C PRO A 181 8.09 18.42 5.89
N VAL A 182 8.89 17.71 5.10
CA VAL A 182 9.10 16.29 5.29
C VAL A 182 10.58 15.98 5.55
N LYS A 183 11.19 15.18 4.67
CA LYS A 183 12.61 14.81 4.81
C LYS A 183 12.90 14.21 6.18
N LYS A 184 12.94 12.89 6.25
CA LYS A 184 13.21 12.18 7.49
C LYS A 184 13.93 10.86 7.22
N ARG A 185 14.34 10.19 8.30
CA ARG A 185 15.04 8.91 8.21
C ARG A 185 16.41 9.07 7.55
N LYS A 186 17.37 8.26 8.00
CA LYS A 186 18.72 8.31 7.46
C LYS A 186 19.24 6.90 7.18
N ARG A 187 20.54 6.79 6.93
CA ARG A 187 21.16 5.50 6.65
C ARG A 187 20.96 4.53 7.82
N LYS A 188 21.23 3.25 7.58
CA LYS A 188 21.08 2.23 8.61
C LYS A 188 21.98 2.53 9.80
N CYS A 189 21.43 2.39 11.01
CA CYS A 189 22.18 2.65 12.23
C CYS A 189 21.98 1.54 13.25
N LEU A 190 20.82 0.90 13.19
CA LEU A 190 20.50 -0.18 14.13
C LEU A 190 20.29 -1.49 13.39
N LEU A 191 19.96 -2.54 14.13
CA LEU A 191 19.71 -3.86 13.56
C LEU A 191 18.61 -3.82 12.52
N LEU A 192 18.59 -4.83 11.65
CA LEU A 192 17.58 -4.91 10.60
C LEU A 192 16.33 -5.63 11.10
N GLY B 1 -4.15 -36.57 8.32
CA GLY B 1 -3.32 -37.28 9.33
C GLY B 1 -2.08 -37.91 8.72
N ILE B 2 -1.74 -37.49 7.50
CA ILE B 2 -0.57 -38.01 6.80
C ILE B 2 0.71 -37.32 7.28
N PRO B 3 1.77 -38.10 7.56
CA PRO B 3 3.05 -37.55 8.03
C PRO B 3 3.81 -36.82 6.92
N ALA B 4 5.13 -37.03 6.85
CA ALA B 4 5.95 -36.38 5.83
C ALA B 4 5.53 -36.78 4.42
N THR B 5 4.73 -37.84 4.33
CA THR B 5 4.25 -38.32 3.04
C THR B 5 3.09 -37.47 2.52
N ASN B 6 2.87 -36.33 3.18
CA ASN B 6 1.79 -35.43 2.78
C ASN B 6 2.18 -34.64 1.53
N LEU B 7 1.52 -34.96 0.43
CA LEU B 7 1.79 -34.28 -0.84
C LEU B 7 1.45 -32.80 -0.75
N SER B 8 0.38 -32.49 -0.02
CA SER B 8 -0.06 -31.12 0.15
C SER B 8 1.01 -30.27 0.84
N ARG B 9 1.78 -30.92 1.72
CA ARG B 9 2.84 -30.23 2.45
C ARG B 9 3.93 -29.75 1.51
N VAL B 10 4.33 -30.63 0.59
CA VAL B 10 5.37 -30.30 -0.38
C VAL B 10 4.95 -29.08 -1.19
N ALA B 11 3.74 -29.12 -1.72
CA ALA B 11 3.22 -28.02 -2.51
C ALA B 11 3.16 -26.76 -1.67
N GLY B 12 2.98 -26.95 -0.36
CA GLY B 12 2.92 -25.82 0.55
C GLY B 12 4.21 -25.04 0.55
N LEU B 13 5.32 -25.77 0.46
CA LEU B 13 6.63 -25.14 0.44
C LEU B 13 6.88 -24.49 -0.91
N GLU B 14 6.32 -25.09 -1.94
CA GLU B 14 6.44 -24.56 -3.30
C GLU B 14 5.71 -23.23 -3.38
N LYS B 15 4.56 -23.19 -2.73
CA LYS B 15 3.72 -22.01 -2.67
C LYS B 15 4.39 -20.91 -1.86
N GLN B 16 4.88 -21.28 -0.68
CA GLN B 16 5.55 -20.33 0.20
C GLN B 16 6.77 -19.73 -0.51
N LEU B 17 7.59 -20.62 -1.06
CA LEU B 17 8.78 -20.20 -1.79
C LEU B 17 8.40 -19.23 -2.91
N ALA B 18 7.34 -19.57 -3.64
CA ALA B 18 6.87 -18.75 -4.74
C ALA B 18 6.43 -17.38 -4.24
N ILE B 19 5.78 -17.36 -3.09
CA ILE B 19 5.34 -16.11 -2.49
C ILE B 19 6.57 -15.26 -2.22
N GLU B 20 7.60 -15.92 -1.72
CA GLU B 20 8.86 -15.25 -1.42
C GLU B 20 9.51 -14.77 -2.71
N LEU B 21 9.24 -15.48 -3.81
CA LEU B 21 9.78 -15.10 -5.11
C LEU B 21 9.28 -13.72 -5.49
N LYS B 22 8.01 -13.46 -5.16
CA LYS B 22 7.41 -12.17 -5.44
C LYS B 22 8.09 -11.10 -4.62
N VAL B 23 8.45 -11.49 -3.39
CA VAL B 23 9.14 -10.60 -2.48
C VAL B 23 10.53 -10.25 -3.01
N LYS B 24 11.29 -11.28 -3.37
CA LYS B 24 12.63 -11.11 -3.89
C LYS B 24 12.61 -10.30 -5.18
N GLN B 25 11.77 -10.73 -6.12
CA GLN B 25 11.64 -10.04 -7.40
C GLN B 25 11.12 -8.61 -7.22
N GLY B 26 10.37 -8.40 -6.14
CA GLY B 26 9.82 -7.08 -5.87
C GLY B 26 10.89 -6.05 -5.59
N ALA B 27 11.81 -6.40 -4.69
CA ALA B 27 12.90 -5.50 -4.33
C ALA B 27 13.80 -5.22 -5.52
N GLU B 28 14.18 -6.28 -6.23
CA GLU B 28 15.06 -6.16 -7.39
C GLU B 28 14.49 -5.18 -8.43
N ASN B 29 13.21 -5.32 -8.73
CA ASN B 29 12.57 -4.43 -9.70
C ASN B 29 12.71 -2.97 -9.28
N MET B 30 12.44 -2.71 -8.00
CA MET B 30 12.55 -1.36 -7.47
C MET B 30 14.01 -0.89 -7.49
N ILE B 31 14.92 -1.84 -7.28
CA ILE B 31 16.35 -1.53 -7.28
C ILE B 31 16.78 -0.99 -8.64
N GLN B 32 16.39 -1.67 -9.70
CA GLN B 32 16.73 -1.25 -11.04
C GLN B 32 16.09 0.09 -11.37
N THR B 33 14.94 0.34 -10.76
CA THR B 33 14.22 1.60 -10.96
C THR B 33 15.04 2.79 -10.48
N TYR B 34 15.55 2.70 -9.25
CA TYR B 34 16.36 3.77 -8.68
C TYR B 34 17.82 3.65 -9.09
N SER B 35 18.20 2.48 -9.58
CA SER B 35 19.58 2.23 -10.00
C SER B 35 20.02 3.25 -11.05
N ASN B 36 19.28 3.33 -12.15
CA ASN B 36 19.59 4.26 -13.22
C ASN B 36 18.31 4.81 -13.85
N GLY B 37 18.40 6.00 -14.42
CA GLY B 37 17.26 6.62 -15.05
C GLY B 37 17.12 8.09 -14.70
N SER B 38 15.88 8.56 -14.56
CA SER B 38 15.62 9.95 -14.22
C SER B 38 15.63 10.15 -12.71
N THR B 39 15.47 9.05 -11.97
CA THR B 39 15.47 9.11 -10.51
C THR B 39 16.83 8.72 -9.94
N LYS B 40 17.21 9.36 -8.83
CA LYS B 40 18.50 9.07 -8.20
C LYS B 40 18.32 8.90 -6.69
N ASP B 41 17.09 8.70 -6.25
CA ASP B 41 16.79 8.52 -4.84
C ASP B 41 17.46 7.26 -4.29
N ARG B 42 18.62 7.44 -3.68
CA ARG B 42 19.37 6.32 -3.12
C ARG B 42 18.69 5.77 -1.87
N LYS B 43 17.91 6.62 -1.20
CA LYS B 43 17.21 6.21 0.02
C LYS B 43 16.30 5.01 -0.27
N LEU B 44 15.46 5.14 -1.28
CA LEU B 44 14.55 4.07 -1.67
C LEU B 44 15.34 2.87 -2.19
N LEU B 45 16.44 3.17 -2.85
CA LEU B 45 17.32 2.15 -3.42
C LEU B 45 18.04 1.38 -2.31
N LEU B 46 18.33 2.08 -1.22
CA LEU B 46 19.03 1.49 -0.08
C LEU B 46 18.15 0.45 0.63
N THR B 47 16.90 0.81 0.86
CA THR B 47 15.96 -0.09 1.51
C THR B 47 15.68 -1.30 0.64
N ALA B 48 15.69 -1.07 -0.67
CA ALA B 48 15.43 -2.14 -1.63
C ALA B 48 16.56 -3.17 -1.59
N GLN B 49 17.79 -2.68 -1.39
CA GLN B 49 18.95 -3.55 -1.33
C GLN B 49 18.94 -4.43 -0.08
N GLN B 50 18.69 -3.83 1.08
CA GLN B 50 18.66 -4.56 2.34
C GLN B 50 17.52 -5.58 2.37
N MET B 51 16.33 -5.17 1.94
CA MET B 51 15.19 -6.07 1.93
C MET B 51 15.39 -7.21 0.95
N LEU B 52 16.12 -6.94 -0.13
CA LEU B 52 16.37 -7.97 -1.14
C LEU B 52 17.22 -9.09 -0.54
N GLN B 53 18.24 -8.71 0.21
CA GLN B 53 19.13 -9.68 0.85
C GLN B 53 18.34 -10.57 1.81
N ASP B 54 17.47 -9.94 2.58
CA ASP B 54 16.64 -10.67 3.53
C ASP B 54 15.77 -11.66 2.80
N SER B 55 15.20 -11.22 1.69
CA SER B 55 14.33 -12.06 0.88
C SER B 55 15.09 -13.28 0.37
N LYS B 56 16.35 -13.07 -0.01
CA LYS B 56 17.18 -14.16 -0.52
C LYS B 56 17.28 -15.28 0.52
N THR B 57 17.50 -14.89 1.77
CA THR B 57 17.60 -15.85 2.86
C THR B 57 16.32 -16.65 2.99
N LYS B 58 15.18 -15.97 2.88
CA LYS B 58 13.88 -16.63 2.98
C LYS B 58 13.77 -17.74 1.95
N ILE B 59 14.14 -17.43 0.71
CA ILE B 59 14.09 -18.40 -0.38
C ILE B 59 15.03 -19.57 -0.07
N ASP B 60 16.20 -19.25 0.48
CA ASP B 60 17.20 -20.26 0.82
C ASP B 60 16.68 -21.30 1.79
N ILE B 61 16.04 -20.86 2.87
CA ILE B 61 15.52 -21.80 3.88
C ILE B 61 14.36 -22.62 3.33
N ILE B 62 13.40 -21.95 2.73
CA ILE B 62 12.24 -22.62 2.16
C ILE B 62 12.67 -23.62 1.09
N ARG B 63 13.66 -23.23 0.29
CA ARG B 63 14.18 -24.08 -0.77
C ARG B 63 14.83 -25.34 -0.22
N MET B 64 15.69 -25.19 0.79
CA MET B 64 16.37 -26.33 1.38
C MET B 64 15.35 -27.25 2.06
N GLN B 65 14.38 -26.64 2.74
CA GLN B 65 13.35 -27.40 3.43
C GLN B 65 12.53 -28.19 2.43
N LEU B 66 12.29 -27.60 1.27
CA LEU B 66 11.54 -28.26 0.22
C LEU B 66 12.24 -29.56 -0.14
N ARG B 67 13.56 -29.49 -0.29
CA ARG B 67 14.35 -30.66 -0.61
C ARG B 67 14.18 -31.70 0.48
N ARG B 68 13.99 -31.23 1.72
CA ARG B 68 13.81 -32.13 2.86
C ARG B 68 12.50 -32.91 2.72
N ALA B 69 11.49 -32.24 2.16
CA ALA B 69 10.19 -32.86 1.97
C ALA B 69 10.25 -34.00 0.97
N LEU B 70 10.86 -33.74 -0.18
CA LEU B 70 11.00 -34.76 -1.22
C LEU B 70 11.95 -35.86 -0.79
N GLN B 71 12.95 -35.49 0.01
CA GLN B 71 13.93 -36.45 0.50
C GLN B 71 13.30 -37.40 1.52
N ALA B 72 12.38 -36.88 2.32
CA ALA B 72 11.70 -37.69 3.32
C ALA B 72 10.52 -38.44 2.71
N ASP B 73 10.14 -38.04 1.51
CA ASP B 73 9.03 -38.68 0.79
C ASP B 73 9.50 -39.96 0.11
N GLN B 74 10.72 -39.92 -0.43
CA GLN B 74 11.28 -41.09 -1.11
C GLN B 74 11.46 -42.25 -0.14
N LEU B 75 11.94 -41.95 1.06
CA LEU B 75 12.16 -42.96 2.09
C LEU B 75 10.92 -43.14 2.95
N GLU B 76 9.88 -42.38 2.63
CA GLU B 76 8.62 -42.43 3.37
C GLU B 76 8.81 -42.01 4.82
N ASN B 77 9.29 -42.93 5.66
CA ASN B 77 9.51 -42.65 7.07
C ASN B 77 10.98 -42.76 7.43
N GLN B 78 11.50 -43.98 7.36
CA GLN B 78 12.90 -44.25 7.69
C GLN B 78 13.19 -43.94 9.15
N ALA B 79 13.11 -44.96 10.00
CA ALA B 79 13.36 -44.79 11.43
C ALA B 79 14.82 -44.44 11.69
N ALA B 80 15.04 -43.43 12.51
CA ALA B 80 16.39 -43.00 12.85
C ALA B 80 16.98 -43.87 13.96
N PRO B 81 18.32 -44.06 13.99
CA PRO B 81 18.99 -44.87 15.00
C PRO B 81 18.66 -44.41 16.42
N MET A 1 9.64 21.17 -11.63
CA MET A 1 8.57 20.17 -11.43
C MET A 1 8.47 19.77 -9.96
N GLN A 2 7.33 20.05 -9.34
CA GLN A 2 7.12 19.72 -7.94
C GLN A 2 6.83 18.24 -7.80
N ALA A 3 7.86 17.47 -7.45
CA ALA A 3 7.70 16.03 -7.30
C ALA A 3 7.36 15.69 -5.86
N ILE A 4 6.19 15.10 -5.67
CA ILE A 4 5.72 14.73 -4.34
C ILE A 4 5.43 13.24 -4.25
N LYS A 5 5.85 12.62 -3.14
CA LYS A 5 5.63 11.19 -2.93
C LYS A 5 4.37 10.97 -2.10
N CYS A 6 3.34 10.41 -2.73
CA CYS A 6 2.09 10.14 -2.05
C CYS A 6 1.76 8.65 -2.05
N VAL A 7 1.70 8.08 -0.85
CA VAL A 7 1.40 6.66 -0.69
C VAL A 7 -0.06 6.46 -0.30
N VAL A 8 -0.73 5.54 -1.00
CA VAL A 8 -2.13 5.25 -0.73
C VAL A 8 -2.28 3.99 0.11
N VAL A 9 -2.98 4.11 1.23
CA VAL A 9 -3.21 2.98 2.12
C VAL A 9 -4.64 2.97 2.63
N GLY A 10 -5.14 1.78 2.97
CA GLY A 10 -6.50 1.67 3.47
C GLY A 10 -6.75 0.34 4.16
N ASP A 11 -7.67 0.35 5.13
CA ASP A 11 -8.01 -0.85 5.87
C ASP A 11 -8.68 -1.87 4.96
N GLY A 12 -9.40 -1.38 3.96
CA GLY A 12 -10.09 -2.25 3.03
C GLY A 12 -9.13 -3.18 2.30
N ALA A 13 -9.50 -4.45 2.18
CA ALA A 13 -8.66 -5.43 1.50
C ALA A 13 -8.40 -5.03 0.06
N VAL A 14 -9.31 -4.24 -0.51
CA VAL A 14 -9.16 -3.79 -1.89
C VAL A 14 -9.52 -2.32 -2.04
N GLY A 15 -8.73 -1.59 -2.84
CA GLY A 15 -8.99 -0.18 -3.05
C GLY A 15 -7.72 0.67 -3.04
N LYS A 16 -6.60 0.06 -2.65
CA LYS A 16 -5.33 0.77 -2.59
C LYS A 16 -4.75 1.10 -3.96
N THR A 17 -4.66 0.09 -4.85
CA THR A 17 -4.10 0.31 -6.18
C THR A 17 -5.13 0.90 -7.16
N CYS A 18 -6.39 0.52 -7.00
CA CYS A 18 -7.44 1.01 -7.89
C CYS A 18 -7.55 2.52 -7.86
N LEU A 19 -7.33 3.12 -6.70
CA LEU A 19 -7.41 4.57 -6.55
C LEU A 19 -6.37 5.26 -7.43
N LEU A 20 -5.14 4.73 -7.43
CA LEU A 20 -4.06 5.30 -8.23
C LEU A 20 -4.28 5.10 -9.73
N ILE A 21 -4.67 3.89 -10.12
CA ILE A 21 -4.89 3.59 -11.53
C ILE A 21 -6.04 4.40 -12.12
N SER A 22 -7.09 4.57 -11.34
CA SER A 22 -8.26 5.32 -11.80
C SER A 22 -7.90 6.76 -12.18
N TYR A 23 -6.99 7.36 -11.42
CA TYR A 23 -6.57 8.73 -11.67
C TYR A 23 -5.67 8.81 -12.90
N THR A 24 -5.05 7.69 -13.26
CA THR A 24 -4.13 7.66 -14.41
C THR A 24 -4.82 7.28 -15.72
N THR A 25 -5.76 6.33 -15.67
CA THR A 25 -6.44 5.88 -16.87
C THR A 25 -7.95 6.11 -16.83
N ASN A 26 -8.45 6.60 -15.69
CA ASN A 26 -9.88 6.85 -15.54
C ASN A 26 -10.67 5.57 -15.67
N ALA A 27 -9.97 4.45 -15.79
CA ALA A 27 -10.60 3.15 -15.93
C ALA A 27 -9.69 2.03 -15.44
N PHE A 28 -9.92 1.59 -14.21
CA PHE A 28 -9.12 0.52 -13.62
C PHE A 28 -9.43 -0.83 -14.28
N PRO A 29 -8.41 -1.50 -14.86
CA PRO A 29 -8.60 -2.79 -15.51
C PRO A 29 -9.30 -3.81 -14.61
N GLY A 30 -8.67 -4.13 -13.48
CA GLY A 30 -9.24 -5.09 -12.56
C GLY A 30 -8.88 -6.52 -12.90
N GLU A 31 -7.86 -7.04 -12.23
CA GLU A 31 -7.40 -8.41 -12.46
C GLU A 31 -6.62 -8.92 -11.27
N TYR A 32 -6.37 -10.23 -11.24
CA TYR A 32 -5.62 -10.85 -10.14
C TYR A 32 -4.22 -10.26 -10.01
N ILE A 33 -3.82 -9.48 -11.02
CA ILE A 33 -2.50 -8.85 -11.03
C ILE A 33 -2.24 -8.08 -9.72
N PRO A 34 -1.34 -8.59 -8.86
CA PRO A 34 -1.01 -7.94 -7.59
C PRO A 34 0.01 -6.82 -7.75
N THR A 35 0.51 -6.30 -6.64
CA THR A 35 1.49 -5.22 -6.66
C THR A 35 2.52 -5.40 -5.55
N VAL A 36 3.80 -5.37 -5.92
CA VAL A 36 4.88 -5.52 -4.96
C VAL A 36 6.02 -4.55 -5.25
N PHE A 37 6.10 -4.08 -6.50
CA PHE A 37 7.14 -3.14 -6.90
C PHE A 37 6.59 -2.11 -7.88
N ASP A 38 5.28 -2.14 -8.09
CA ASP A 38 4.63 -1.21 -9.01
C ASP A 38 4.87 0.24 -8.62
N ASN A 39 5.23 1.05 -9.60
CA ASN A 39 5.50 2.47 -9.39
C ASN A 39 5.24 3.25 -10.66
N TYR A 40 4.37 4.25 -10.58
CA TYR A 40 4.02 5.07 -11.74
C TYR A 40 4.19 6.56 -11.45
N SER A 41 4.17 7.36 -12.51
CA SER A 41 4.30 8.80 -12.40
C SER A 41 3.23 9.49 -13.23
N ALA A 42 2.79 10.65 -12.76
CA ALA A 42 1.75 11.40 -13.47
C ALA A 42 1.96 12.90 -13.33
N ASN A 43 1.85 13.62 -14.44
CA ASN A 43 2.01 15.06 -14.44
C ASN A 43 0.66 15.74 -14.23
N VAL A 44 0.60 16.68 -13.30
CA VAL A 44 -0.62 17.39 -12.99
C VAL A 44 -0.38 18.89 -12.81
N MET A 45 -1.38 19.69 -13.15
CA MET A 45 -1.30 21.13 -13.04
C MET A 45 -1.85 21.61 -11.70
N VAL A 46 -1.01 22.26 -10.91
CA VAL A 46 -1.42 22.76 -9.61
C VAL A 46 -0.99 24.22 -9.44
N ASP A 47 -1.98 25.11 -9.40
CA ASP A 47 -1.71 26.54 -9.24
C ASP A 47 -0.93 27.10 -10.41
N GLY A 48 -0.94 26.40 -11.54
CA GLY A 48 -0.22 26.86 -12.71
C GLY A 48 1.25 26.47 -12.65
N LYS A 49 1.56 25.54 -11.76
CA LYS A 49 2.92 25.06 -11.58
C LYS A 49 2.98 23.55 -11.79
N PRO A 50 3.66 23.09 -12.85
CA PRO A 50 3.76 21.65 -13.13
C PRO A 50 4.32 20.90 -11.93
N VAL A 51 3.63 19.82 -11.56
CA VAL A 51 4.07 19.02 -10.42
C VAL A 51 4.16 17.55 -10.76
N ASN A 52 5.27 16.94 -10.38
CA ASN A 52 5.49 15.51 -10.60
C ASN A 52 4.80 14.70 -9.52
N LEU A 53 3.95 13.76 -9.93
CA LEU A 53 3.21 12.94 -8.98
C LEU A 53 3.73 11.51 -8.95
N GLY A 54 4.02 11.04 -7.74
CA GLY A 54 4.50 9.68 -7.57
C GLY A 54 3.42 8.78 -7.00
N LEU A 55 3.05 7.75 -7.75
CA LEU A 55 2.01 6.82 -7.31
C LEU A 55 2.62 5.59 -6.66
N TRP A 56 2.31 5.40 -5.38
CA TRP A 56 2.83 4.26 -4.63
C TRP A 56 1.68 3.45 -4.02
N ASP A 57 1.71 2.14 -4.22
CA ASP A 57 0.67 1.26 -3.70
C ASP A 57 1.18 0.44 -2.53
N THR A 58 0.31 0.24 -1.53
CA THR A 58 0.67 -0.53 -0.35
C THR A 58 0.16 -1.96 -0.47
N ALA A 59 1.08 -2.89 -0.74
CA ALA A 59 0.73 -4.29 -0.87
C ALA A 59 0.16 -4.85 0.42
N GLY A 60 -1.13 -5.14 0.44
CA GLY A 60 -1.76 -5.67 1.63
C GLY A 60 -1.38 -7.12 1.90
N LEU A 61 -0.33 -7.31 2.70
CA LEU A 61 0.13 -8.66 3.03
C LEU A 61 1.08 -8.63 4.22
N GLU A 62 0.80 -9.46 5.22
CA GLU A 62 1.61 -9.52 6.44
C GLU A 62 2.87 -10.39 6.25
N ASP A 63 2.74 -11.45 5.46
CA ASP A 63 3.84 -12.37 5.22
C ASP A 63 5.07 -11.67 4.65
N TYR A 64 4.86 -10.53 3.99
CA TYR A 64 5.96 -9.78 3.41
C TYR A 64 6.93 -9.31 4.49
N ASP A 65 6.40 -8.63 5.49
CA ASP A 65 7.20 -8.13 6.61
C ASP A 65 8.25 -7.12 6.14
N ARG A 66 9.36 -7.61 5.59
CA ARG A 66 10.43 -6.75 5.12
C ARG A 66 10.03 -6.01 3.85
N LEU A 67 9.50 -6.74 2.88
CA LEU A 67 9.07 -6.12 1.62
C LEU A 67 7.86 -5.23 1.83
N ARG A 68 8.11 -3.96 2.09
CA ARG A 68 7.05 -2.98 2.32
C ARG A 68 7.34 -1.68 1.58
N PRO A 69 6.31 -0.84 1.34
CA PRO A 69 6.46 0.43 0.64
C PRO A 69 7.63 1.24 1.19
N LEU A 70 8.72 1.30 0.43
CA LEU A 70 9.91 2.04 0.84
C LEU A 70 9.64 3.53 0.85
N SER A 71 8.68 3.95 0.04
CA SER A 71 8.32 5.36 -0.07
C SER A 71 7.62 5.85 1.19
N TYR A 72 6.78 5.00 1.78
CA TYR A 72 6.01 5.33 2.97
C TYR A 72 6.75 6.32 3.91
N PRO A 73 7.96 5.98 4.40
CA PRO A 73 8.72 6.87 5.29
C PRO A 73 8.96 8.26 4.70
N GLN A 74 9.46 8.29 3.47
CA GLN A 74 9.76 9.54 2.77
C GLN A 74 8.48 10.25 2.30
N THR A 75 7.40 9.49 2.18
CA THR A 75 6.12 10.02 1.71
C THR A 75 5.81 11.39 2.31
N ASP A 76 5.58 12.36 1.44
CA ASP A 76 5.26 13.71 1.85
C ASP A 76 3.89 13.77 2.51
N VAL A 77 2.99 12.90 2.07
CA VAL A 77 1.63 12.86 2.61
C VAL A 77 0.94 11.54 2.28
N PHE A 78 0.17 11.02 3.24
CA PHE A 78 -0.55 9.76 3.05
C PHE A 78 -2.04 10.00 2.83
N LEU A 79 -2.69 9.06 2.15
CA LEU A 79 -4.11 9.15 1.90
C LEU A 79 -4.87 8.08 2.66
N ILE A 80 -5.82 8.49 3.49
CA ILE A 80 -6.60 7.55 4.28
C ILE A 80 -7.91 7.20 3.57
N CYS A 81 -7.95 6.00 2.99
CA CYS A 81 -9.13 5.54 2.27
C CYS A 81 -10.01 4.65 3.15
N PHE A 82 -11.31 4.93 3.14
CA PHE A 82 -12.27 4.16 3.92
C PHE A 82 -13.63 4.14 3.23
N SER A 83 -14.52 3.27 3.70
CA SER A 83 -15.85 3.15 3.10
C SER A 83 -16.82 4.12 3.77
N LEU A 84 -17.29 5.08 2.99
CA LEU A 84 -18.22 6.10 3.49
C LEU A 84 -19.55 5.51 3.95
N VAL A 85 -20.06 4.56 3.20
CA VAL A 85 -21.34 3.94 3.55
C VAL A 85 -21.25 3.15 4.85
N SER A 86 -20.02 2.90 5.31
CA SER A 86 -19.81 2.17 6.55
C SER A 86 -19.02 3.01 7.55
N PRO A 87 -19.69 3.54 8.59
CA PRO A 87 -19.04 4.38 9.60
C PRO A 87 -17.88 3.68 10.30
N ALA A 88 -17.98 2.35 10.43
CA ALA A 88 -16.94 1.57 11.10
C ALA A 88 -15.57 1.79 10.47
N SER A 89 -15.51 1.83 9.15
CA SER A 89 -14.23 2.04 8.45
C SER A 89 -13.63 3.37 8.89
N PHE A 90 -14.49 4.34 9.15
CA PHE A 90 -14.06 5.66 9.59
C PHE A 90 -13.51 5.58 11.01
N GLU A 91 -14.10 4.69 11.81
CA GLU A 91 -13.68 4.51 13.20
C GLU A 91 -12.33 3.81 13.28
N ASN A 92 -12.07 2.91 12.34
CA ASN A 92 -10.82 2.14 12.34
C ASN A 92 -9.65 2.94 11.77
N VAL A 93 -9.90 3.68 10.70
CA VAL A 93 -8.85 4.47 10.07
C VAL A 93 -8.20 5.44 11.05
N ARG A 94 -9.02 6.19 11.76
CA ARG A 94 -8.53 7.16 12.74
C ARG A 94 -7.97 6.44 13.96
N ALA A 95 -8.40 5.20 14.14
CA ALA A 95 -7.98 4.39 15.28
C ALA A 95 -6.52 3.94 15.19
N LYS A 96 -6.11 3.41 14.04
CA LYS A 96 -4.74 2.92 13.89
C LYS A 96 -3.82 3.87 13.12
N TRP A 97 -4.34 4.49 12.06
CA TRP A 97 -3.52 5.39 11.24
C TRP A 97 -3.09 6.64 11.99
N TYR A 98 -4.00 7.25 12.76
CA TYR A 98 -3.68 8.47 13.49
C TYR A 98 -2.53 8.28 14.49
N PRO A 99 -2.57 7.22 15.33
CA PRO A 99 -1.50 6.97 16.32
C PRO A 99 -0.17 6.61 15.67
N GLU A 100 -0.24 6.02 14.48
CA GLU A 100 0.97 5.60 13.76
C GLU A 100 1.67 6.80 13.13
N VAL A 101 0.92 7.63 12.42
CA VAL A 101 1.49 8.80 11.76
C VAL A 101 2.07 9.78 12.76
N ARG A 102 1.39 9.96 13.89
CA ARG A 102 1.87 10.87 14.93
C ARG A 102 3.13 10.36 15.60
N HIS A 103 3.29 9.03 15.62
CA HIS A 103 4.45 8.41 16.23
C HIS A 103 5.67 8.46 15.30
N HIS A 104 5.43 8.29 14.01
CA HIS A 104 6.50 8.30 13.03
C HIS A 104 6.92 9.72 12.70
N CYS A 105 5.94 10.62 12.64
CA CYS A 105 6.20 12.03 12.33
C CYS A 105 4.91 12.85 12.37
N PRO A 106 4.63 13.51 13.51
CA PRO A 106 3.42 14.34 13.66
C PRO A 106 3.47 15.60 12.79
N ASN A 107 4.65 15.90 12.26
CA ASN A 107 4.85 17.08 11.42
C ASN A 107 4.41 16.83 9.98
N THR A 108 4.30 15.55 9.61
CA THR A 108 3.90 15.19 8.26
C THR A 108 2.40 15.36 8.07
N PRO A 109 1.97 15.98 6.95
CA PRO A 109 0.55 16.19 6.67
C PRO A 109 -0.16 14.90 6.28
N ILE A 110 -1.48 14.87 6.48
CA ILE A 110 -2.28 13.71 6.15
C ILE A 110 -3.60 14.09 5.50
N ILE A 111 -3.86 13.52 4.33
CA ILE A 111 -5.09 13.80 3.61
C ILE A 111 -6.12 12.69 3.85
N LEU A 112 -7.39 13.00 3.59
CA LEU A 112 -8.45 12.03 3.78
C LEU A 112 -9.17 11.76 2.47
N VAL A 113 -9.41 10.48 2.18
CA VAL A 113 -10.05 10.07 0.95
C VAL A 113 -11.30 9.23 1.20
N GLY A 114 -12.38 9.54 0.48
CA GLY A 114 -13.61 8.80 0.61
C GLY A 114 -13.87 7.94 -0.60
N THR A 115 -13.05 6.90 -0.77
CA THR A 115 -13.16 6.00 -1.90
C THR A 115 -14.53 5.33 -1.97
N LYS A 116 -14.79 4.66 -3.09
CA LYS A 116 -16.05 3.98 -3.30
C LYS A 116 -17.24 4.92 -3.12
N LEU A 117 -17.36 5.89 -4.02
CA LEU A 117 -18.44 6.85 -3.97
C LEU A 117 -19.66 6.31 -4.72
N ASP A 118 -19.42 5.42 -5.67
CA ASP A 118 -20.48 4.83 -6.47
C ASP A 118 -21.50 4.09 -5.61
N LEU A 119 -21.02 3.40 -4.58
CA LEU A 119 -21.89 2.65 -3.68
C LEU A 119 -22.35 3.55 -2.53
N ARG A 120 -21.74 4.72 -2.43
CA ARG A 120 -22.08 5.68 -1.40
C ARG A 120 -23.30 6.49 -1.84
N ASP A 121 -23.60 6.42 -3.13
CA ASP A 121 -24.74 7.11 -3.69
C ASP A 121 -25.70 6.09 -4.29
N ASP A 122 -25.59 4.84 -3.84
CA ASP A 122 -26.42 3.76 -4.34
C ASP A 122 -27.53 3.43 -3.34
N LYS A 123 -28.72 3.91 -3.65
CA LYS A 123 -29.90 3.71 -2.80
C LYS A 123 -30.01 2.30 -2.29
N ASP A 124 -30.02 1.34 -3.21
CA ASP A 124 -30.16 -0.08 -2.85
C ASP A 124 -29.10 -0.54 -1.85
N THR A 125 -27.83 -0.19 -2.08
CA THR A 125 -26.76 -0.58 -1.17
C THR A 125 -26.96 0.10 0.18
N ILE A 126 -27.26 1.40 0.14
CA ILE A 126 -27.48 2.16 1.34
C ILE A 126 -28.64 1.56 2.14
N GLU A 127 -29.65 1.08 1.42
CA GLU A 127 -30.80 0.45 2.04
C GLU A 127 -30.35 -0.80 2.79
N LYS A 128 -29.36 -1.48 2.22
CA LYS A 128 -28.82 -2.70 2.80
C LYS A 128 -28.10 -2.41 4.12
N LEU A 129 -27.44 -1.26 4.20
CA LEU A 129 -26.72 -0.88 5.41
C LEU A 129 -27.69 -0.77 6.57
N LYS A 130 -28.90 -0.28 6.28
CA LYS A 130 -29.93 -0.14 7.28
C LYS A 130 -30.20 -1.48 7.95
N GLU A 131 -30.04 -2.55 7.17
CA GLU A 131 -30.26 -3.90 7.67
C GLU A 131 -29.25 -4.24 8.75
N LYS A 132 -28.07 -3.62 8.63
CA LYS A 132 -26.99 -3.85 9.59
C LYS A 132 -26.82 -2.64 10.52
N LYS A 133 -27.80 -1.74 10.47
CA LYS A 133 -27.80 -0.55 11.31
C LYS A 133 -26.64 0.41 10.98
N LEU A 134 -26.24 0.45 9.71
CA LEU A 134 -25.15 1.33 9.29
C LEU A 134 -25.68 2.43 8.36
N THR A 135 -25.05 3.60 8.42
CA THR A 135 -25.45 4.73 7.60
C THR A 135 -24.25 5.38 6.91
N PRO A 136 -24.45 5.98 5.72
CA PRO A 136 -23.38 6.63 4.96
C PRO A 136 -22.82 7.86 5.67
N ILE A 137 -21.58 8.21 5.35
CA ILE A 137 -20.92 9.36 5.94
C ILE A 137 -21.16 10.61 5.11
N THR A 138 -21.48 11.72 5.78
CA THR A 138 -21.73 12.98 5.09
C THR A 138 -20.46 13.83 5.08
N TYR A 139 -20.48 14.92 4.31
CA TYR A 139 -19.31 15.79 4.19
C TYR A 139 -18.92 16.41 5.54
N PRO A 140 -19.87 17.02 6.28
CA PRO A 140 -19.57 17.64 7.58
C PRO A 140 -19.08 16.62 8.62
N GLN A 141 -19.47 15.36 8.46
CA GLN A 141 -19.07 14.33 9.39
C GLN A 141 -17.57 14.08 9.31
N GLY A 142 -17.07 14.01 8.08
CA GLY A 142 -15.65 13.80 7.88
C GLY A 142 -14.87 15.07 8.14
N LEU A 143 -15.46 16.21 7.80
CA LEU A 143 -14.81 17.50 8.00
C LEU A 143 -14.38 17.65 9.46
N ALA A 144 -15.25 17.24 10.37
CA ALA A 144 -14.97 17.31 11.80
C ALA A 144 -13.80 16.40 12.16
N MET A 145 -13.73 15.26 11.49
CA MET A 145 -12.67 14.28 11.74
C MET A 145 -11.31 14.85 11.31
N ALA A 146 -11.31 15.62 10.23
CA ALA A 146 -10.08 16.22 9.72
C ALA A 146 -9.43 17.11 10.77
N LYS A 147 -10.20 18.05 11.30
CA LYS A 147 -9.71 18.95 12.33
C LYS A 147 -9.29 18.19 13.57
N GLU A 148 -10.01 17.11 13.83
CA GLU A 148 -9.75 16.26 14.98
C GLU A 148 -8.39 15.57 14.88
N ILE A 149 -8.11 15.01 13.69
CA ILE A 149 -6.87 14.31 13.47
C ILE A 149 -5.81 15.26 12.91
N GLY A 150 -6.16 16.54 12.91
CA GLY A 150 -5.24 17.55 12.42
C GLY A 150 -4.90 17.37 10.94
N ALA A 151 -5.74 16.61 10.24
CA ALA A 151 -5.52 16.37 8.81
C ALA A 151 -5.45 17.66 8.03
N VAL A 152 -4.62 17.66 7.00
CA VAL A 152 -4.44 18.84 6.17
C VAL A 152 -5.69 19.12 5.32
N LYS A 153 -6.39 18.06 4.91
CA LYS A 153 -7.60 18.23 4.09
C LYS A 153 -8.33 16.90 3.90
N TYR A 154 -9.65 16.99 3.79
CA TYR A 154 -10.50 15.81 3.61
C TYR A 154 -11.48 16.01 2.46
N LEU A 155 -11.56 15.03 1.56
CA LEU A 155 -12.47 15.11 0.42
C LEU A 155 -13.04 13.73 0.06
N GLU A 156 -14.08 13.74 -0.75
CA GLU A 156 -14.72 12.49 -1.21
C GLU A 156 -14.58 12.35 -2.72
N CYS A 157 -14.43 11.12 -3.19
CA CYS A 157 -14.27 10.87 -4.62
C CYS A 157 -14.52 9.41 -4.98
N SER A 158 -14.64 9.15 -6.29
CA SER A 158 -14.87 7.79 -6.79
C SER A 158 -13.84 7.43 -7.84
N ALA A 159 -13.51 6.15 -7.92
CA ALA A 159 -12.56 5.67 -8.90
C ALA A 159 -13.30 5.20 -10.16
N LEU A 160 -14.55 4.77 -9.96
CA LEU A 160 -15.37 4.30 -11.07
C LEU A 160 -16.02 5.47 -11.81
N THR A 161 -16.53 6.44 -11.05
CA THR A 161 -17.19 7.60 -11.64
C THR A 161 -16.26 8.80 -11.75
N GLN A 162 -15.13 8.74 -11.06
CA GLN A 162 -14.16 9.83 -11.08
C GLN A 162 -14.73 11.10 -10.45
N ARG A 163 -15.50 10.95 -9.37
CA ARG A 163 -16.10 12.10 -8.69
C ARG A 163 -15.11 13.25 -8.55
N GLY A 164 -14.00 13.00 -7.84
CA GLY A 164 -13.01 14.04 -7.66
C GLY A 164 -11.62 13.51 -7.36
N LEU A 165 -11.16 12.57 -8.18
CA LEU A 165 -9.84 11.98 -8.00
C LEU A 165 -8.74 13.02 -8.15
N LYS A 166 -8.83 13.81 -9.21
CA LYS A 166 -7.85 14.85 -9.49
C LYS A 166 -7.71 15.78 -8.29
N THR A 167 -8.83 16.04 -7.63
CA THR A 167 -8.86 16.91 -6.48
C THR A 167 -8.06 16.32 -5.32
N VAL A 168 -8.12 15.00 -5.16
CA VAL A 168 -7.41 14.33 -4.09
C VAL A 168 -5.91 14.56 -4.20
N PHE A 169 -5.36 14.21 -5.36
CA PHE A 169 -3.94 14.37 -5.61
C PHE A 169 -3.53 15.84 -5.65
N ASP A 170 -4.37 16.66 -6.28
CA ASP A 170 -4.10 18.10 -6.37
C ASP A 170 -3.97 18.72 -4.99
N GLU A 171 -4.89 18.37 -4.09
CA GLU A 171 -4.88 18.89 -2.73
C GLU A 171 -3.78 18.24 -1.89
N ALA A 172 -3.52 16.96 -2.15
CA ALA A 172 -2.49 16.22 -1.43
C ALA A 172 -1.13 16.85 -1.66
N ILE A 173 -0.88 17.28 -2.88
CA ILE A 173 0.38 17.91 -3.23
C ILE A 173 0.61 19.14 -2.36
N ARG A 174 -0.45 19.94 -2.20
CA ARG A 174 -0.40 21.15 -1.40
C ARG A 174 -0.05 20.81 0.04
N ALA A 175 -0.46 19.63 0.48
CA ALA A 175 -0.20 19.17 1.85
C ALA A 175 1.26 19.34 2.26
N VAL A 176 2.16 19.23 1.29
CA VAL A 176 3.59 19.37 1.58
C VAL A 176 4.12 20.78 1.29
N LEU A 177 3.51 21.45 0.30
CA LEU A 177 3.94 22.79 -0.07
C LEU A 177 3.53 23.85 0.95
N CYS A 178 2.23 23.96 1.23
CA CYS A 178 1.76 24.96 2.19
C CYS A 178 1.95 24.51 3.65
N PRO A 179 1.14 23.56 4.18
CA PRO A 179 1.33 23.07 5.56
C PRO A 179 2.79 22.73 5.86
N PRO A 180 3.13 22.34 7.11
CA PRO A 180 4.52 22.04 7.48
C PRO A 180 5.18 21.00 6.57
N PRO A 181 6.48 21.18 6.25
CA PRO A 181 7.24 20.28 5.38
C PRO A 181 7.28 18.84 5.86
N VAL A 182 8.08 18.04 5.17
CA VAL A 182 8.24 16.63 5.49
C VAL A 182 9.70 16.30 5.80
N LYS A 183 10.43 15.80 4.79
CA LYS A 183 11.84 15.44 4.95
C LYS A 183 12.07 14.57 6.18
N LYS A 184 12.14 13.26 5.97
CA LYS A 184 12.37 12.32 7.06
C LYS A 184 13.66 11.53 6.85
N ARG A 185 14.03 10.73 7.84
CA ARG A 185 15.24 9.92 7.77
C ARG A 185 15.10 8.66 8.59
N LYS A 186 15.43 7.51 7.98
CA LYS A 186 15.34 6.22 8.66
C LYS A 186 16.49 5.32 8.24
N ARG A 187 17.36 4.99 9.19
CA ARG A 187 18.50 4.13 8.92
C ARG A 187 18.76 3.19 10.09
N LYS A 188 19.55 2.14 9.85
CA LYS A 188 19.89 1.17 10.87
C LYS A 188 21.40 1.03 11.02
N CYS A 189 21.83 0.01 11.76
CA CYS A 189 23.25 -0.23 11.98
C CYS A 189 23.98 -0.44 10.66
N LEU A 190 25.30 -0.35 10.70
CA LEU A 190 26.11 -0.54 9.50
C LEU A 190 25.89 -1.91 8.88
N LEU A 191 26.16 -2.96 9.65
CA LEU A 191 25.99 -4.32 9.18
C LEU A 191 24.51 -4.66 9.00
N LEU A 192 24.10 -4.89 7.76
CA LEU A 192 22.71 -5.22 7.45
C LEU A 192 22.37 -6.63 7.94
N GLY B 1 0.26 -35.42 9.48
CA GLY B 1 -1.16 -35.88 9.48
C GLY B 1 -1.62 -36.31 8.10
N ILE B 2 -0.89 -35.91 7.07
CA ILE B 2 -1.23 -36.26 5.70
C ILE B 2 -0.65 -37.62 5.33
N PRO B 3 -1.48 -38.54 4.80
CA PRO B 3 -1.05 -39.88 4.41
C PRO B 3 -0.36 -39.90 3.04
N ALA B 4 -1.12 -40.16 1.98
CA ALA B 4 -0.56 -40.22 0.63
C ALA B 4 -0.78 -38.91 -0.13
N THR B 5 -1.70 -38.09 0.36
CA THR B 5 -1.99 -36.82 -0.28
C THR B 5 -0.98 -35.75 0.11
N ASN B 6 0.29 -36.16 0.22
CA ASN B 6 1.36 -35.25 0.59
C ASN B 6 1.68 -34.28 -0.55
N LEU B 7 0.93 -34.39 -1.65
CA LEU B 7 1.14 -33.51 -2.80
C LEU B 7 0.95 -32.05 -2.42
N SER B 8 0.05 -31.80 -1.46
CA SER B 8 -0.22 -30.44 -1.02
C SER B 8 1.00 -29.85 -0.33
N ARG B 9 1.83 -30.70 0.25
CA ARG B 9 3.04 -30.26 0.93
C ARG B 9 4.08 -29.75 -0.06
N VAL B 10 4.29 -30.51 -1.13
CA VAL B 10 5.26 -30.15 -2.15
C VAL B 10 4.82 -28.88 -2.87
N ALA B 11 3.59 -28.88 -3.36
CA ALA B 11 3.05 -27.73 -4.07
C ALA B 11 2.95 -26.53 -3.15
N GLY B 12 2.75 -26.81 -1.87
CA GLY B 12 2.65 -25.74 -0.89
C GLY B 12 3.94 -24.94 -0.80
N LEU B 13 5.06 -25.65 -0.87
CA LEU B 13 6.36 -25.01 -0.82
C LEU B 13 6.65 -24.28 -2.12
N GLU B 14 6.12 -24.81 -3.21
CA GLU B 14 6.29 -24.20 -4.52
C GLU B 14 5.54 -22.88 -4.55
N LYS B 15 4.34 -22.90 -3.96
CA LYS B 15 3.48 -21.73 -3.88
C LYS B 15 4.09 -20.69 -2.94
N GLN B 16 4.52 -21.13 -1.76
CA GLN B 16 5.14 -20.24 -0.79
C GLN B 16 6.37 -19.59 -1.37
N LEU B 17 7.24 -20.41 -1.93
CA LEU B 17 8.46 -19.94 -2.56
C LEU B 17 8.15 -18.91 -3.64
N ALA B 18 7.11 -19.19 -4.43
CA ALA B 18 6.70 -18.31 -5.51
C ALA B 18 6.27 -16.95 -4.97
N ILE B 19 5.57 -16.96 -3.85
CA ILE B 19 5.15 -15.71 -3.22
C ILE B 19 6.38 -14.90 -2.85
N GLU B 20 7.38 -15.61 -2.34
CA GLU B 20 8.63 -14.99 -1.96
C GLU B 20 9.36 -14.48 -3.20
N LEU B 21 9.12 -15.15 -4.33
CA LEU B 21 9.73 -14.74 -5.58
C LEU B 21 9.29 -13.33 -5.94
N LYS B 22 8.00 -13.05 -5.72
CA LYS B 22 7.46 -11.73 -6.00
C LYS B 22 8.13 -10.71 -5.08
N VAL B 23 8.39 -11.14 -3.85
CA VAL B 23 9.06 -10.31 -2.86
C VAL B 23 10.49 -10.00 -3.29
N LYS B 24 11.21 -11.03 -3.71
CA LYS B 24 12.60 -10.89 -4.13
C LYS B 24 12.71 -10.06 -5.40
N GLN B 25 11.94 -10.42 -6.42
CA GLN B 25 11.95 -9.70 -7.69
C GLN B 25 11.52 -8.25 -7.50
N GLY B 26 10.70 -8.00 -6.48
CA GLY B 26 10.22 -6.65 -6.23
C GLY B 26 11.31 -5.72 -5.73
N ALA B 27 12.05 -6.18 -4.72
CA ALA B 27 13.12 -5.39 -4.14
C ALA B 27 14.23 -5.13 -5.14
N GLU B 28 14.71 -6.19 -5.78
CA GLU B 28 15.80 -6.07 -6.76
C GLU B 28 15.46 -5.06 -7.85
N ASN B 29 14.24 -5.11 -8.36
CA ASN B 29 13.81 -4.18 -9.40
C ASN B 29 13.92 -2.74 -8.90
N MET B 30 13.48 -2.51 -7.67
CA MET B 30 13.54 -1.18 -7.08
C MET B 30 14.99 -0.76 -6.83
N ILE B 31 15.84 -1.73 -6.52
CA ILE B 31 17.26 -1.45 -6.28
C ILE B 31 17.89 -0.84 -7.52
N GLN B 32 17.63 -1.43 -8.68
CA GLN B 32 18.17 -0.93 -9.94
C GLN B 32 17.59 0.45 -10.23
N THR B 33 16.35 0.68 -9.81
CA THR B 33 15.69 1.96 -10.02
C THR B 33 16.44 3.10 -9.32
N TYR B 34 16.77 2.89 -8.05
CA TYR B 34 17.47 3.90 -7.27
C TYR B 34 18.99 3.82 -7.48
N SER B 35 19.44 2.68 -7.99
CA SER B 35 20.87 2.47 -8.23
C SER B 35 21.38 3.43 -9.31
N ASN B 36 22.70 3.46 -9.49
CA ASN B 36 23.33 4.32 -10.48
C ASN B 36 23.02 5.78 -10.21
N GLY B 37 23.48 6.67 -11.10
CA GLY B 37 23.25 8.09 -10.93
C GLY B 37 22.00 8.56 -11.65
N SER B 38 20.87 7.94 -11.35
CA SER B 38 19.61 8.31 -11.99
C SER B 38 18.80 9.22 -11.08
N THR B 39 18.96 9.03 -9.77
CA THR B 39 18.24 9.84 -8.78
C THR B 39 19.06 9.98 -7.50
N LYS B 40 18.67 10.92 -6.66
CA LYS B 40 19.36 11.16 -5.40
C LYS B 40 18.52 10.64 -4.23
N ASP B 41 18.50 9.33 -4.06
CA ASP B 41 17.74 8.71 -2.98
C ASP B 41 18.39 7.41 -2.52
N ARG B 42 19.44 7.55 -1.71
CA ARG B 42 20.15 6.38 -1.18
C ARG B 42 19.34 5.71 -0.09
N LYS B 43 18.49 6.48 0.58
CA LYS B 43 17.65 5.96 1.66
C LYS B 43 16.76 4.84 1.13
N LEU B 44 16.05 5.12 0.04
CA LEU B 44 15.16 4.13 -0.57
C LEU B 44 15.96 2.92 -1.06
N LEU B 45 17.14 3.19 -1.59
CA LEU B 45 18.01 2.14 -2.10
C LEU B 45 18.54 1.26 -0.97
N LEU B 46 18.75 1.87 0.20
CA LEU B 46 19.25 1.16 1.36
C LEU B 46 18.23 0.16 1.87
N THR B 47 16.97 0.60 1.98
CA THR B 47 15.90 -0.26 2.46
C THR B 47 15.65 -1.40 1.48
N ALA B 48 15.85 -1.12 0.20
CA ALA B 48 15.66 -2.12 -0.84
C ALA B 48 16.70 -3.23 -0.72
N GLN B 49 17.91 -2.85 -0.35
CA GLN B 49 19.01 -3.80 -0.20
C GLN B 49 18.79 -4.75 0.97
N GLN B 50 18.35 -4.21 2.10
CA GLN B 50 18.12 -5.02 3.30
C GLN B 50 16.93 -5.95 3.14
N MET B 51 15.79 -5.42 2.71
CA MET B 51 14.58 -6.22 2.54
C MET B 51 14.80 -7.33 1.50
N LEU B 52 15.64 -7.06 0.51
CA LEU B 52 15.93 -8.04 -0.52
C LEU B 52 16.76 -9.18 0.05
N GLN B 53 17.69 -8.84 0.93
CA GLN B 53 18.56 -9.83 1.55
C GLN B 53 17.73 -10.81 2.36
N ASP B 54 16.76 -10.27 3.09
CA ASP B 54 15.87 -11.08 3.90
C ASP B 54 15.10 -12.06 3.03
N SER B 55 14.69 -11.58 1.85
CA SER B 55 13.95 -12.40 0.91
C SER B 55 14.81 -13.52 0.34
N LYS B 56 16.07 -13.23 0.06
CA LYS B 56 16.98 -14.22 -0.49
C LYS B 56 17.08 -15.43 0.43
N THR B 57 17.22 -15.16 1.73
CA THR B 57 17.31 -16.23 2.72
C THR B 57 16.01 -17.02 2.76
N LYS B 58 14.89 -16.31 2.69
CA LYS B 58 13.57 -16.94 2.72
C LYS B 58 13.44 -17.96 1.59
N ILE B 59 13.94 -17.60 0.41
CA ILE B 59 13.89 -18.50 -0.74
C ILE B 59 14.80 -19.70 -0.51
N ASP B 60 15.96 -19.44 0.09
CA ASP B 60 16.94 -20.48 0.37
C ASP B 60 16.37 -21.61 1.24
N ILE B 61 15.71 -21.24 2.33
CA ILE B 61 15.15 -22.24 3.23
C ILE B 61 14.00 -23.00 2.60
N ILE B 62 13.07 -22.26 2.00
CA ILE B 62 11.93 -22.89 1.35
C ILE B 62 12.38 -23.81 0.22
N ARG B 63 13.41 -23.37 -0.50
CA ARG B 63 13.94 -24.14 -1.61
C ARG B 63 14.53 -25.45 -1.14
N MET B 64 15.35 -25.41 -0.09
CA MET B 64 15.96 -26.62 0.44
C MET B 64 14.89 -27.54 1.05
N GLN B 65 13.92 -26.93 1.73
CA GLN B 65 12.84 -27.68 2.35
C GLN B 65 12.02 -28.38 1.28
N LEU B 66 11.87 -27.72 0.14
CA LEU B 66 11.14 -28.30 -0.97
C LEU B 66 11.82 -29.57 -1.42
N ARG B 67 13.16 -29.53 -1.46
CA ARG B 67 13.93 -30.69 -1.83
C ARG B 67 13.65 -31.82 -0.85
N ARG B 68 13.40 -31.45 0.40
CA ARG B 68 13.11 -32.42 1.45
C ARG B 68 11.77 -33.10 1.19
N ALA B 69 10.82 -32.32 0.70
CA ALA B 69 9.48 -32.84 0.40
C ALA B 69 9.55 -33.94 -0.65
N LEU B 70 10.26 -33.68 -1.74
CA LEU B 70 10.41 -34.66 -2.82
C LEU B 70 11.24 -35.84 -2.34
N GLN B 71 12.19 -35.58 -1.45
CA GLN B 71 13.06 -36.62 -0.92
C GLN B 71 12.24 -37.62 -0.11
N ALA B 72 11.30 -37.10 0.67
CA ALA B 72 10.44 -37.94 1.49
C ALA B 72 9.24 -38.42 0.69
N ASP B 73 9.07 -37.85 -0.50
CA ASP B 73 7.97 -38.22 -1.38
C ASP B 73 8.29 -39.50 -2.13
N GLN B 74 9.55 -39.66 -2.50
CA GLN B 74 9.99 -40.85 -3.23
C GLN B 74 9.85 -42.09 -2.35
N LEU B 75 9.93 -41.89 -1.03
CA LEU B 75 9.81 -42.99 -0.09
C LEU B 75 8.53 -42.86 0.73
N GLU B 76 8.26 -43.85 1.58
CA GLU B 76 7.07 -43.85 2.41
C GLU B 76 7.20 -44.83 3.56
N ASN B 77 8.44 -45.20 3.87
CA ASN B 77 8.71 -46.14 4.96
C ASN B 77 9.79 -45.61 5.90
N GLN B 78 10.89 -45.14 5.32
CA GLN B 78 12.00 -44.61 6.11
C GLN B 78 11.53 -43.51 7.05
N ALA B 79 10.78 -42.55 6.50
CA ALA B 79 10.26 -41.44 7.30
C ALA B 79 8.96 -40.91 6.71
N ALA B 80 8.07 -40.44 7.59
CA ALA B 80 6.78 -39.90 7.16
C ALA B 80 6.94 -38.54 6.49
N PRO B 81 6.20 -38.27 5.41
CA PRO B 81 6.27 -36.99 4.69
C PRO B 81 5.62 -35.86 5.48
N MET A 1 10.43 21.18 -10.83
CA MET A 1 9.25 20.28 -10.86
C MET A 1 8.94 19.73 -9.47
N GLN A 2 7.87 20.24 -8.87
CA GLN A 2 7.46 19.81 -7.55
C GLN A 2 7.12 18.33 -7.53
N ALA A 3 8.07 17.51 -7.10
CA ALA A 3 7.84 16.07 -7.04
C ALA A 3 7.49 15.65 -5.63
N ILE A 4 6.30 15.10 -5.47
CA ILE A 4 5.81 14.65 -4.18
C ILE A 4 5.54 13.15 -4.19
N LYS A 5 5.92 12.48 -3.10
CA LYS A 5 5.72 11.04 -2.98
C LYS A 5 4.41 10.75 -2.25
N CYS A 6 3.44 10.21 -2.98
CA CYS A 6 2.14 9.89 -2.40
C CYS A 6 1.82 8.40 -2.51
N VAL A 7 1.62 7.77 -1.37
CA VAL A 7 1.29 6.35 -1.32
C VAL A 7 -0.13 6.14 -0.79
N VAL A 8 -0.91 5.31 -1.47
CA VAL A 8 -2.29 5.06 -1.06
C VAL A 8 -2.40 3.79 -0.23
N VAL A 9 -3.01 3.91 0.95
CA VAL A 9 -3.19 2.80 1.85
C VAL A 9 -4.60 2.79 2.43
N GLY A 10 -5.09 1.62 2.81
CA GLY A 10 -6.41 1.51 3.38
C GLY A 10 -6.66 0.18 4.06
N ASP A 11 -7.53 0.18 5.06
CA ASP A 11 -7.86 -1.05 5.78
C ASP A 11 -8.39 -2.11 4.83
N GLY A 12 -9.12 -1.66 3.81
CA GLY A 12 -9.68 -2.57 2.83
C GLY A 12 -8.61 -3.24 1.99
N ALA A 13 -8.58 -4.57 2.02
CA ALA A 13 -7.59 -5.32 1.25
C ALA A 13 -7.73 -5.02 -0.24
N VAL A 14 -8.87 -4.46 -0.63
CA VAL A 14 -9.12 -4.14 -2.04
C VAL A 14 -9.68 -2.72 -2.17
N GLY A 15 -9.05 -1.90 -3.03
CA GLY A 15 -9.50 -0.54 -3.23
C GLY A 15 -8.37 0.47 -3.28
N LYS A 16 -7.17 0.02 -2.93
CA LYS A 16 -5.99 0.90 -2.92
C LYS A 16 -5.47 1.26 -4.32
N THR A 17 -5.33 0.27 -5.21
CA THR A 17 -4.80 0.53 -6.55
C THR A 17 -5.81 1.17 -7.50
N CYS A 18 -7.09 0.86 -7.33
CA CYS A 18 -8.13 1.42 -8.19
C CYS A 18 -8.14 2.95 -8.14
N LEU A 19 -7.88 3.51 -6.96
CA LEU A 19 -7.88 4.96 -6.79
C LEU A 19 -6.80 5.61 -7.66
N LEU A 20 -5.58 5.08 -7.61
CA LEU A 20 -4.47 5.62 -8.37
C LEU A 20 -4.63 5.42 -9.88
N ILE A 21 -5.03 4.21 -10.27
CA ILE A 21 -5.19 3.89 -11.69
C ILE A 21 -6.26 4.74 -12.35
N SER A 22 -7.32 5.05 -11.63
CA SER A 22 -8.41 5.85 -12.18
C SER A 22 -7.94 7.24 -12.59
N TYR A 23 -7.05 7.83 -11.79
CA TYR A 23 -6.55 9.17 -12.08
C TYR A 23 -5.45 9.16 -13.15
N THR A 24 -4.72 8.06 -13.24
CA THR A 24 -3.62 7.94 -14.20
C THR A 24 -4.07 7.38 -15.55
N THR A 25 -5.16 6.60 -15.56
CA THR A 25 -5.63 6.00 -16.79
C THR A 25 -7.05 6.48 -17.13
N ASN A 26 -7.66 7.22 -16.22
CA ASN A 26 -9.01 7.73 -16.42
C ASN A 26 -10.02 6.60 -16.49
N ALA A 27 -9.54 5.38 -16.29
CA ALA A 27 -10.38 4.20 -16.33
C ALA A 27 -9.63 2.96 -15.88
N PHE A 28 -9.96 2.48 -14.69
CA PHE A 28 -9.29 1.29 -14.14
C PHE A 28 -9.71 0.04 -14.91
N PRO A 29 -8.73 -0.68 -15.52
CA PRO A 29 -9.02 -1.90 -16.28
C PRO A 29 -9.28 -3.09 -15.37
N GLY A 30 -9.89 -4.13 -15.92
CA GLY A 30 -10.19 -5.32 -15.15
C GLY A 30 -9.06 -6.34 -15.19
N GLU A 31 -8.09 -6.19 -14.28
CA GLU A 31 -6.96 -7.10 -14.21
C GLU A 31 -6.68 -7.52 -12.78
N TYR A 32 -6.66 -8.83 -12.55
CA TYR A 32 -6.40 -9.38 -11.22
C TYR A 32 -4.90 -9.32 -10.91
N ILE A 33 -4.11 -8.92 -11.90
CA ILE A 33 -2.66 -8.83 -11.74
C ILE A 33 -2.29 -8.01 -10.50
N PRO A 34 -1.69 -8.65 -9.48
CA PRO A 34 -1.28 -7.96 -8.25
C PRO A 34 -0.20 -6.92 -8.51
N THR A 35 -0.04 -5.99 -7.57
CA THR A 35 0.96 -4.94 -7.69
C THR A 35 2.06 -5.10 -6.64
N VAL A 36 3.29 -5.29 -7.10
CA VAL A 36 4.43 -5.45 -6.21
C VAL A 36 5.49 -4.38 -6.46
N PHE A 37 5.81 -4.16 -7.73
CA PHE A 37 6.82 -3.17 -8.10
C PHE A 37 6.26 -2.19 -9.13
N ASP A 38 4.98 -2.35 -9.45
CA ASP A 38 4.33 -1.48 -10.43
C ASP A 38 4.34 -0.02 -9.96
N ASN A 39 5.18 0.79 -10.60
CA ASN A 39 5.28 2.20 -10.26
C ASN A 39 4.96 3.08 -11.46
N TYR A 40 4.32 4.22 -11.21
CA TYR A 40 3.94 5.13 -12.27
C TYR A 40 3.85 6.57 -11.77
N SER A 41 4.37 7.50 -12.56
CA SER A 41 4.33 8.91 -12.21
C SER A 41 3.43 9.68 -13.18
N ALA A 42 2.93 10.82 -12.73
CA ALA A 42 2.05 11.63 -13.56
C ALA A 42 2.27 13.12 -13.30
N ASN A 43 1.97 13.95 -14.29
CA ASN A 43 2.12 15.40 -14.17
C ASN A 43 0.77 16.04 -13.87
N VAL A 44 0.74 16.92 -12.87
CA VAL A 44 -0.49 17.60 -12.49
C VAL A 44 -0.29 19.11 -12.38
N MET A 45 -1.32 19.85 -12.77
CA MET A 45 -1.28 21.31 -12.73
C MET A 45 -1.83 21.82 -11.40
N VAL A 46 -0.98 22.53 -10.65
CA VAL A 46 -1.38 23.08 -9.37
C VAL A 46 -0.96 24.53 -9.24
N ASP A 47 -1.96 25.42 -9.20
CA ASP A 47 -1.71 26.85 -9.08
C ASP A 47 -1.00 27.40 -10.30
N GLY A 48 -1.02 26.64 -11.40
CA GLY A 48 -0.36 27.07 -12.61
C GLY A 48 1.11 26.73 -12.59
N LYS A 49 1.48 25.84 -11.68
CA LYS A 49 2.86 25.41 -11.54
C LYS A 49 2.98 23.90 -11.74
N PRO A 50 3.80 23.44 -12.72
CA PRO A 50 3.97 22.01 -12.99
C PRO A 50 4.39 21.27 -11.73
N VAL A 51 3.70 20.16 -11.45
CA VAL A 51 4.00 19.36 -10.27
C VAL A 51 4.17 17.89 -10.62
N ASN A 52 5.31 17.33 -10.23
CA ASN A 52 5.58 15.92 -10.46
C ASN A 52 4.87 15.07 -9.41
N LEU A 53 4.09 14.11 -9.86
CA LEU A 53 3.34 13.25 -8.95
C LEU A 53 3.90 11.83 -8.90
N GLY A 54 4.12 11.34 -7.68
CA GLY A 54 4.64 10.00 -7.50
C GLY A 54 3.59 9.09 -6.91
N LEU A 55 3.15 8.11 -7.70
CA LEU A 55 2.13 7.17 -7.25
C LEU A 55 2.76 5.89 -6.72
N TRP A 56 2.32 5.48 -5.53
CA TRP A 56 2.83 4.27 -4.90
C TRP A 56 1.69 3.45 -4.32
N ASP A 57 1.58 2.20 -4.76
CA ASP A 57 0.51 1.31 -4.29
C ASP A 57 1.04 0.30 -3.28
N THR A 58 0.30 0.10 -2.20
CA THR A 58 0.68 -0.85 -1.16
C THR A 58 -0.22 -2.08 -1.21
N ALA A 59 0.31 -3.18 -1.74
CA ALA A 59 -0.44 -4.42 -1.85
C ALA A 59 -0.79 -4.99 -0.47
N GLY A 60 -1.89 -5.73 -0.39
CA GLY A 60 -2.31 -6.31 0.87
C GLY A 60 -1.72 -7.69 1.09
N LEU A 61 -0.40 -7.76 1.20
CA LEU A 61 0.30 -9.02 1.41
C LEU A 61 1.07 -8.99 2.73
N GLU A 62 0.91 -10.07 3.51
CA GLU A 62 1.59 -10.17 4.81
C GLU A 62 3.03 -10.63 4.66
N ASP A 63 3.28 -11.48 3.66
CA ASP A 63 4.62 -12.00 3.42
C ASP A 63 5.63 -10.87 3.20
N TYR A 64 5.14 -9.72 2.75
CA TYR A 64 6.00 -8.57 2.50
C TYR A 64 6.28 -7.81 3.80
N ASP A 65 6.28 -8.54 4.92
CA ASP A 65 6.53 -7.94 6.22
C ASP A 65 7.80 -7.09 6.21
N ARG A 66 8.92 -7.71 5.81
CA ARG A 66 10.19 -7.00 5.75
C ARG A 66 10.26 -6.14 4.49
N LEU A 67 9.62 -6.61 3.42
CA LEU A 67 9.61 -5.87 2.16
C LEU A 67 8.90 -4.54 2.33
N ARG A 68 7.57 -4.54 2.19
CA ARG A 68 6.76 -3.33 2.34
C ARG A 68 7.20 -2.23 1.35
N PRO A 69 6.31 -1.25 1.09
CA PRO A 69 6.62 -0.15 0.18
C PRO A 69 7.70 0.78 0.75
N LEU A 70 8.82 0.88 0.04
CA LEU A 70 9.93 1.72 0.47
C LEU A 70 9.53 3.19 0.47
N SER A 71 8.56 3.54 -0.35
CA SER A 71 8.10 4.92 -0.46
C SER A 71 7.33 5.36 0.78
N TYR A 72 6.56 4.45 1.35
CA TYR A 72 5.74 4.75 2.54
C TYR A 72 6.47 5.64 3.55
N PRO A 73 7.66 5.24 4.06
CA PRO A 73 8.41 6.04 5.03
C PRO A 73 8.70 7.46 4.55
N GLN A 74 9.23 7.57 3.33
CA GLN A 74 9.57 8.87 2.74
C GLN A 74 8.33 9.65 2.31
N THR A 75 7.23 8.93 2.10
CA THR A 75 5.98 9.54 1.65
C THR A 75 5.73 10.89 2.31
N ASP A 76 5.57 11.91 1.49
CA ASP A 76 5.30 13.27 1.98
C ASP A 76 3.89 13.40 2.51
N VAL A 77 2.99 12.55 2.03
CA VAL A 77 1.60 12.58 2.46
C VAL A 77 0.88 11.28 2.11
N PHE A 78 0.10 10.77 3.07
CA PHE A 78 -0.65 9.54 2.87
C PHE A 78 -2.13 9.80 2.65
N LEU A 79 -2.77 8.94 1.88
CA LEU A 79 -4.20 9.07 1.61
C LEU A 79 -4.97 7.96 2.31
N ILE A 80 -5.91 8.35 3.16
CA ILE A 80 -6.71 7.38 3.91
C ILE A 80 -8.03 7.11 3.19
N CYS A 81 -8.12 5.93 2.59
CA CYS A 81 -9.31 5.55 1.85
C CYS A 81 -10.24 4.69 2.70
N PHE A 82 -11.51 5.05 2.73
CA PHE A 82 -12.52 4.32 3.50
C PHE A 82 -13.88 4.42 2.82
N SER A 83 -14.83 3.59 3.26
CA SER A 83 -16.17 3.60 2.67
C SER A 83 -17.06 4.59 3.39
N LEU A 84 -17.39 5.67 2.70
CA LEU A 84 -18.22 6.73 3.24
C LEU A 84 -19.57 6.23 3.71
N VAL A 85 -20.22 5.40 2.89
CA VAL A 85 -21.55 4.91 3.25
C VAL A 85 -21.52 4.05 4.50
N SER A 86 -20.35 3.55 4.87
CA SER A 86 -20.22 2.71 6.07
C SER A 86 -19.39 3.42 7.14
N PRO A 87 -19.98 3.67 8.32
CA PRO A 87 -19.29 4.35 9.43
C PRO A 87 -18.11 3.55 9.96
N ALA A 88 -18.25 2.22 9.97
CA ALA A 88 -17.21 1.34 10.49
C ALA A 88 -15.86 1.60 9.82
N SER A 89 -15.87 1.81 8.50
CA SER A 89 -14.64 2.07 7.77
C SER A 89 -13.96 3.30 8.33
N PHE A 90 -14.78 4.26 8.76
CA PHE A 90 -14.30 5.51 9.34
C PHE A 90 -13.76 5.28 10.75
N GLU A 91 -14.38 4.33 11.45
CA GLU A 91 -13.99 4.01 12.82
C GLU A 91 -12.63 3.32 12.89
N ASN A 92 -12.30 2.55 11.87
CA ASN A 92 -11.04 1.81 11.86
C ASN A 92 -9.87 2.67 11.36
N VAL A 93 -10.11 3.51 10.36
CA VAL A 93 -9.05 4.35 9.81
C VAL A 93 -8.41 5.20 10.89
N ARG A 94 -9.23 5.89 11.67
CA ARG A 94 -8.75 6.74 12.76
C ARG A 94 -8.26 5.90 13.93
N ALA A 95 -8.73 4.67 14.01
CA ALA A 95 -8.38 3.77 15.10
C ALA A 95 -6.99 3.14 14.98
N LYS A 96 -6.61 2.71 13.78
CA LYS A 96 -5.31 2.06 13.59
C LYS A 96 -4.25 2.96 12.96
N TRP A 97 -4.62 3.72 11.94
CA TRP A 97 -3.68 4.59 11.25
C TRP A 97 -3.20 5.76 12.12
N TYR A 98 -4.12 6.39 12.85
CA TYR A 98 -3.77 7.54 13.69
C TYR A 98 -2.73 7.21 14.77
N PRO A 99 -2.91 6.11 15.54
CA PRO A 99 -1.96 5.74 16.60
C PRO A 99 -0.56 5.42 16.08
N GLU A 100 -0.49 4.97 14.85
CA GLU A 100 0.78 4.59 14.23
C GLU A 100 1.60 5.82 13.86
N VAL A 101 0.97 6.78 13.18
CA VAL A 101 1.65 7.99 12.76
C VAL A 101 2.09 8.83 13.96
N ARG A 102 1.22 8.90 14.97
CA ARG A 102 1.51 9.68 16.17
C ARG A 102 2.62 9.03 16.99
N HIS A 103 2.73 7.71 16.90
CA HIS A 103 3.74 6.96 17.64
C HIS A 103 5.15 7.40 17.23
N HIS A 104 5.34 7.58 15.93
CA HIS A 104 6.63 7.99 15.39
C HIS A 104 6.76 9.51 15.41
N CYS A 105 5.62 10.18 15.22
CA CYS A 105 5.56 11.64 15.20
C CYS A 105 6.48 12.22 14.11
N PRO A 106 6.38 11.71 12.87
CA PRO A 106 7.20 12.19 11.74
C PRO A 106 6.81 13.61 11.34
N ASN A 107 5.68 14.07 11.87
CA ASN A 107 5.18 15.41 11.57
C ASN A 107 4.77 15.51 10.11
N THR A 108 4.53 14.36 9.49
CA THR A 108 4.14 14.29 8.09
C THR A 108 2.64 14.56 7.92
N PRO A 109 2.26 15.44 6.98
CA PRO A 109 0.86 15.76 6.71
C PRO A 109 0.08 14.53 6.25
N ILE A 110 -1.24 14.55 6.44
CA ILE A 110 -2.07 13.41 6.05
C ILE A 110 -3.40 13.87 5.44
N ILE A 111 -3.68 13.38 4.25
CA ILE A 111 -4.92 13.71 3.56
C ILE A 111 -5.96 12.61 3.78
N LEU A 112 -7.23 12.95 3.60
CA LEU A 112 -8.30 11.98 3.77
C LEU A 112 -9.08 11.82 2.47
N VAL A 113 -9.36 10.58 2.11
CA VAL A 113 -10.08 10.29 0.87
C VAL A 113 -11.35 9.48 1.12
N GLY A 114 -12.47 10.00 0.64
CA GLY A 114 -13.74 9.30 0.78
C GLY A 114 -14.05 8.50 -0.46
N THR A 115 -13.26 7.45 -0.69
CA THR A 115 -13.42 6.60 -1.86
C THR A 115 -14.81 5.98 -1.94
N LYS A 116 -15.08 5.32 -3.07
CA LYS A 116 -16.36 4.68 -3.31
C LYS A 116 -17.51 5.66 -3.11
N LEU A 117 -17.64 6.59 -4.06
CA LEU A 117 -18.71 7.58 -4.02
C LEU A 117 -19.91 7.12 -4.84
N ASP A 118 -19.65 6.24 -5.81
CA ASP A 118 -20.72 5.73 -6.68
C ASP A 118 -21.81 5.00 -5.88
N LEU A 119 -21.41 4.33 -4.81
CA LEU A 119 -22.38 3.60 -3.97
C LEU A 119 -22.81 4.45 -2.78
N ARG A 120 -22.25 5.65 -2.70
CA ARG A 120 -22.58 6.57 -1.61
C ARG A 120 -23.84 7.35 -1.96
N ASP A 121 -24.20 7.32 -3.23
CA ASP A 121 -25.40 7.99 -3.70
C ASP A 121 -26.41 6.98 -4.21
N ASP A 122 -26.21 5.72 -3.83
CA ASP A 122 -27.11 4.64 -4.24
C ASP A 122 -28.10 4.30 -3.13
N LYS A 123 -29.36 4.61 -3.38
CA LYS A 123 -30.42 4.36 -2.42
C LYS A 123 -30.41 2.94 -1.90
N ASP A 124 -30.49 1.99 -2.81
CA ASP A 124 -30.52 0.56 -2.45
C ASP A 124 -29.34 0.16 -1.58
N THR A 125 -28.13 0.58 -1.96
CA THR A 125 -26.95 0.25 -1.17
C THR A 125 -27.02 0.89 0.19
N ILE A 126 -27.44 2.15 0.21
CA ILE A 126 -27.56 2.87 1.47
C ILE A 126 -28.54 2.13 2.36
N GLU A 127 -29.62 1.64 1.75
CA GLU A 127 -30.65 0.88 2.44
C GLU A 127 -30.09 -0.46 2.93
N LYS A 128 -29.18 -1.03 2.15
CA LYS A 128 -28.59 -2.31 2.46
C LYS A 128 -27.76 -2.22 3.73
N LEU A 129 -27.10 -1.10 3.91
CA LEU A 129 -26.32 -0.88 5.10
C LEU A 129 -27.24 -0.77 6.31
N LYS A 130 -28.43 -0.21 6.08
CA LYS A 130 -29.43 -0.07 7.13
C LYS A 130 -29.80 -1.43 7.68
N GLU A 131 -29.75 -2.45 6.81
CA GLU A 131 -30.08 -3.81 7.21
C GLU A 131 -29.17 -4.24 8.36
N LYS A 132 -27.96 -3.66 8.36
CA LYS A 132 -26.97 -3.96 9.39
C LYS A 132 -26.80 -2.79 10.35
N LYS A 133 -27.74 -1.84 10.28
CA LYS A 133 -27.74 -0.66 11.15
C LYS A 133 -26.57 0.28 10.87
N LEU A 134 -26.19 0.41 9.60
CA LEU A 134 -25.11 1.30 9.21
C LEU A 134 -25.63 2.46 8.38
N THR A 135 -25.09 3.66 8.61
CA THR A 135 -25.51 4.86 7.88
C THR A 135 -24.34 5.54 7.16
N PRO A 136 -24.62 6.23 6.03
CA PRO A 136 -23.57 6.91 5.25
C PRO A 136 -22.94 8.08 6.00
N ILE A 137 -21.71 8.43 5.61
CA ILE A 137 -20.99 9.53 6.23
C ILE A 137 -21.17 10.81 5.44
N THR A 138 -21.62 11.86 6.11
CA THR A 138 -21.84 13.13 5.45
C THR A 138 -20.54 13.95 5.41
N TYR A 139 -20.48 14.91 4.51
CA TYR A 139 -19.30 15.75 4.35
C TYR A 139 -18.87 16.40 5.67
N PRO A 140 -19.78 17.07 6.41
CA PRO A 140 -19.44 17.72 7.68
C PRO A 140 -18.98 16.72 8.74
N GLN A 141 -19.40 15.47 8.61
CA GLN A 141 -19.03 14.45 9.58
C GLN A 141 -17.54 14.13 9.47
N GLY A 142 -17.07 13.99 8.23
CA GLY A 142 -15.67 13.72 8.00
C GLY A 142 -14.82 14.96 8.21
N LEU A 143 -15.37 16.11 7.83
CA LEU A 143 -14.66 17.38 7.97
C LEU A 143 -14.17 17.56 9.41
N ALA A 144 -15.05 17.28 10.36
CA ALA A 144 -14.73 17.41 11.78
C ALA A 144 -13.65 16.40 12.19
N MET A 145 -13.78 15.17 11.72
CA MET A 145 -12.83 14.12 12.04
C MET A 145 -11.44 14.45 11.51
N ALA A 146 -11.38 15.12 10.37
CA ALA A 146 -10.11 15.50 9.76
C ALA A 146 -9.27 16.32 10.74
N LYS A 147 -9.85 17.41 11.21
CA LYS A 147 -9.17 18.30 12.16
C LYS A 147 -8.83 17.55 13.44
N GLU A 148 -9.71 16.63 13.80
CA GLU A 148 -9.54 15.82 15.01
C GLU A 148 -8.31 14.93 14.89
N ILE A 149 -8.14 14.29 13.74
CA ILE A 149 -7.01 13.40 13.52
C ILE A 149 -5.79 14.20 13.08
N GLY A 150 -5.91 15.51 13.14
CA GLY A 150 -4.81 16.38 12.74
C GLY A 150 -4.44 16.22 11.28
N ALA A 151 -5.45 16.12 10.42
CA ALA A 151 -5.24 15.95 8.99
C ALA A 151 -5.17 17.29 8.28
N VAL A 152 -4.39 17.34 7.22
CA VAL A 152 -4.24 18.57 6.45
C VAL A 152 -5.50 18.91 5.66
N LYS A 153 -6.21 17.88 5.19
CA LYS A 153 -7.43 18.11 4.42
C LYS A 153 -8.18 16.80 4.16
N TYR A 154 -9.50 16.90 4.07
CA TYR A 154 -10.36 15.74 3.84
C TYR A 154 -11.35 16.01 2.71
N LEU A 155 -11.45 15.07 1.77
CA LEU A 155 -12.38 15.20 0.65
C LEU A 155 -12.96 13.84 0.26
N GLU A 156 -14.04 13.86 -0.52
CA GLU A 156 -14.68 12.63 -0.96
C GLU A 156 -14.70 12.54 -2.48
N CYS A 157 -14.51 11.34 -3.02
CA CYS A 157 -14.50 11.13 -4.46
C CYS A 157 -14.70 9.67 -4.83
N SER A 158 -14.94 9.42 -6.12
CA SER A 158 -15.13 8.07 -6.64
C SER A 158 -14.14 7.78 -7.75
N ALA A 159 -13.75 6.52 -7.88
CA ALA A 159 -12.81 6.13 -8.92
C ALA A 159 -13.56 5.75 -10.19
N LEU A 160 -14.82 5.37 -10.04
CA LEU A 160 -15.65 4.99 -11.17
C LEU A 160 -16.24 6.21 -11.88
N THR A 161 -16.72 7.18 -11.09
CA THR A 161 -17.31 8.39 -11.65
C THR A 161 -16.29 9.52 -11.66
N GLN A 162 -15.23 9.35 -10.88
CA GLN A 162 -14.17 10.36 -10.80
C GLN A 162 -14.70 11.67 -10.24
N ARG A 163 -15.54 11.57 -9.19
CA ARG A 163 -16.11 12.76 -8.54
C ARG A 163 -15.08 13.88 -8.43
N GLY A 164 -14.02 13.62 -7.67
CA GLY A 164 -12.97 14.62 -7.49
C GLY A 164 -11.61 13.99 -7.24
N LEU A 165 -11.26 13.01 -8.08
CA LEU A 165 -9.98 12.33 -7.95
C LEU A 165 -8.83 13.32 -8.04
N LYS A 166 -8.83 14.13 -9.10
CA LYS A 166 -7.80 15.13 -9.30
C LYS A 166 -7.69 16.06 -8.10
N THR A 167 -8.83 16.33 -7.49
CA THR A 167 -8.87 17.20 -6.31
C THR A 167 -8.05 16.60 -5.18
N VAL A 168 -8.09 15.28 -5.06
CA VAL A 168 -7.35 14.58 -4.01
C VAL A 168 -5.85 14.82 -4.16
N PHE A 169 -5.35 14.54 -5.36
CA PHE A 169 -3.93 14.72 -5.65
C PHE A 169 -3.54 16.19 -5.59
N ASP A 170 -4.40 17.04 -6.13
CA ASP A 170 -4.15 18.48 -6.14
C ASP A 170 -3.99 19.02 -4.73
N GLU A 171 -4.89 18.61 -3.84
CA GLU A 171 -4.86 19.04 -2.44
C GLU A 171 -3.73 18.34 -1.69
N ALA A 172 -3.46 17.10 -2.07
CA ALA A 172 -2.41 16.32 -1.44
C ALA A 172 -1.06 16.99 -1.64
N ILE A 173 -0.85 17.52 -2.83
CA ILE A 173 0.40 18.21 -3.14
C ILE A 173 0.58 19.41 -2.23
N ARG A 174 -0.51 20.14 -2.00
CA ARG A 174 -0.48 21.31 -1.13
C ARG A 174 -0.05 20.91 0.27
N ALA A 175 -0.41 19.69 0.66
CA ALA A 175 -0.07 19.16 1.98
C ALA A 175 1.42 19.29 2.26
N VAL A 176 2.22 19.36 1.21
CA VAL A 176 3.67 19.48 1.36
C VAL A 176 4.14 20.94 1.22
N LEU A 177 3.53 21.66 0.29
CA LEU A 177 3.91 23.06 0.03
C LEU A 177 3.56 23.99 1.19
N CYS A 178 2.28 24.02 1.58
CA CYS A 178 1.86 24.91 2.66
C CYS A 178 2.15 24.33 4.06
N PRO A 179 1.39 23.32 4.55
CA PRO A 179 1.65 22.71 5.87
C PRO A 179 3.13 22.36 6.06
N PRO A 180 3.53 21.91 7.26
CA PRO A 180 4.93 21.58 7.56
C PRO A 180 5.51 20.54 6.59
N PRO A 181 6.81 20.69 6.23
CA PRO A 181 7.50 19.78 5.32
C PRO A 181 7.55 18.34 5.81
N VAL A 182 8.20 17.47 5.02
CA VAL A 182 8.34 16.06 5.35
C VAL A 182 9.79 15.61 5.29
N LYS A 183 10.15 14.65 6.14
CA LYS A 183 11.50 14.12 6.19
C LYS A 183 11.60 13.00 7.23
N LYS A 184 12.25 11.91 6.86
CA LYS A 184 12.41 10.78 7.77
C LYS A 184 13.52 9.85 7.31
N ARG A 185 14.24 9.27 8.26
CA ARG A 185 15.33 8.35 7.96
C ARG A 185 14.99 6.93 8.44
N LYS A 186 15.93 6.02 8.29
CA LYS A 186 15.73 4.63 8.72
C LYS A 186 17.06 3.94 9.02
N ARG A 187 17.68 3.39 7.98
CA ARG A 187 18.96 2.69 8.14
C ARG A 187 18.87 1.60 9.21
N LYS A 188 20.02 1.06 9.58
CA LYS A 188 20.08 0.01 10.59
C LYS A 188 21.47 -0.07 11.21
N CYS A 189 21.69 -1.10 12.02
CA CYS A 189 22.99 -1.29 12.67
C CYS A 189 23.90 -2.18 11.83
N LEU A 190 25.19 -2.18 12.19
CA LEU A 190 26.19 -2.98 11.48
C LEU A 190 26.30 -2.55 10.02
N LEU A 191 27.36 -1.82 9.70
CA LEU A 191 27.59 -1.35 8.34
C LEU A 191 27.83 -2.52 7.39
N LEU A 192 27.50 -2.33 6.12
CA LEU A 192 27.67 -3.38 5.12
C LEU A 192 29.03 -3.24 4.43
N GLY B 1 -0.17 -34.72 10.85
CA GLY B 1 -1.22 -33.95 10.13
C GLY B 1 -1.50 -34.50 8.75
N ILE B 2 -0.43 -34.73 7.97
CA ILE B 2 -0.56 -35.25 6.62
C ILE B 2 -0.17 -36.73 6.55
N PRO B 3 -1.00 -37.56 5.87
CA PRO B 3 -0.73 -39.00 5.75
C PRO B 3 0.43 -39.28 4.79
N ALA B 4 0.40 -40.46 4.17
CA ALA B 4 1.45 -40.87 3.23
C ALA B 4 1.52 -39.93 2.04
N THR B 5 0.50 -39.10 1.87
CA THR B 5 0.44 -38.15 0.76
C THR B 5 1.70 -37.29 0.71
N ASN B 6 1.77 -36.30 1.60
CA ASN B 6 2.92 -35.39 1.68
C ASN B 6 3.09 -34.61 0.37
N LEU B 7 2.13 -34.77 -0.55
CA LEU B 7 2.18 -34.08 -1.82
C LEU B 7 1.78 -32.61 -1.67
N SER B 8 0.71 -32.36 -0.92
CA SER B 8 0.23 -31.02 -0.68
C SER B 8 1.26 -30.19 0.07
N ARG B 9 2.07 -30.87 0.89
CA ARG B 9 3.10 -30.21 1.67
C ARG B 9 4.20 -29.66 0.76
N VAL B 10 4.62 -30.48 -0.19
CA VAL B 10 5.66 -30.11 -1.14
C VAL B 10 5.23 -28.87 -1.93
N ALA B 11 4.03 -28.91 -2.49
CA ALA B 11 3.51 -27.80 -3.27
C ALA B 11 3.38 -26.55 -2.41
N GLY B 12 3.15 -26.76 -1.12
CA GLY B 12 3.03 -25.63 -0.21
C GLY B 12 4.32 -24.86 -0.11
N LEU B 13 5.43 -25.59 -0.12
CA LEU B 13 6.75 -24.97 -0.05
C LEU B 13 7.08 -24.31 -1.39
N GLU B 14 6.57 -24.89 -2.47
CA GLU B 14 6.79 -24.34 -3.79
C GLU B 14 6.07 -23.00 -3.91
N LYS B 15 4.87 -22.97 -3.37
CA LYS B 15 4.03 -21.78 -3.38
C LYS B 15 4.63 -20.72 -2.46
N GLN B 16 5.01 -21.13 -1.25
CA GLN B 16 5.60 -20.20 -0.28
C GLN B 16 6.87 -19.60 -0.84
N LEU B 17 7.73 -20.47 -1.36
CA LEU B 17 9.00 -20.04 -1.94
C LEU B 17 8.74 -19.03 -3.06
N ALA B 18 7.76 -19.33 -3.89
CA ALA B 18 7.41 -18.46 -5.01
C ALA B 18 6.93 -17.10 -4.52
N ILE B 19 6.17 -17.10 -3.43
CA ILE B 19 5.70 -15.86 -2.85
C ILE B 19 6.90 -15.02 -2.46
N GLU B 20 7.91 -15.69 -1.91
CA GLU B 20 9.14 -15.04 -1.51
C GLU B 20 9.86 -14.51 -2.74
N LEU B 21 9.71 -15.21 -3.87
CA LEU B 21 10.33 -14.78 -5.12
C LEU B 21 9.82 -13.39 -5.49
N LYS B 22 8.54 -13.14 -5.20
CA LYS B 22 7.95 -11.85 -5.49
C LYS B 22 8.56 -10.80 -4.57
N VAL B 23 8.81 -11.21 -3.33
CA VAL B 23 9.43 -10.33 -2.34
C VAL B 23 10.86 -9.98 -2.74
N LYS B 24 11.61 -10.99 -3.17
CA LYS B 24 13.00 -10.80 -3.58
C LYS B 24 13.08 -9.97 -4.85
N GLN B 25 12.32 -10.38 -5.86
CA GLN B 25 12.29 -9.67 -7.13
C GLN B 25 11.78 -8.25 -6.95
N GLY B 26 10.95 -8.05 -5.92
CA GLY B 26 10.41 -6.73 -5.66
C GLY B 26 11.48 -5.74 -5.22
N ALA B 27 12.28 -6.16 -4.24
CA ALA B 27 13.36 -5.32 -3.73
C ALA B 27 14.34 -4.96 -4.84
N GLU B 28 14.78 -5.97 -5.58
CA GLU B 28 15.73 -5.78 -6.67
C GLU B 28 15.23 -4.74 -7.67
N ASN B 29 13.95 -4.81 -8.01
CA ASN B 29 13.35 -3.87 -8.95
C ASN B 29 13.54 -2.45 -8.45
N MET B 30 13.27 -2.26 -7.17
CA MET B 30 13.42 -0.94 -6.54
C MET B 30 14.89 -0.52 -6.55
N ILE B 31 15.78 -1.50 -6.42
CA ILE B 31 17.22 -1.23 -6.40
C ILE B 31 17.70 -0.67 -7.73
N GLN B 32 17.31 -1.31 -8.83
CA GLN B 32 17.71 -0.86 -10.15
C GLN B 32 17.11 0.50 -10.46
N THR B 33 15.98 0.79 -9.85
CA THR B 33 15.30 2.07 -10.06
C THR B 33 16.09 3.22 -9.45
N TYR B 34 16.48 3.07 -8.19
CA TYR B 34 17.21 4.12 -7.49
C TYR B 34 18.72 4.02 -7.76
N SER B 35 19.15 2.91 -8.34
CA SER B 35 20.56 2.72 -8.65
C SER B 35 21.07 3.82 -9.56
N ASN B 36 20.41 3.97 -10.71
CA ASN B 36 20.80 4.99 -11.68
C ASN B 36 19.61 5.37 -12.57
N GLY B 37 19.69 6.53 -13.19
CA GLY B 37 18.61 6.98 -14.06
C GLY B 37 18.13 8.38 -13.73
N SER B 38 16.86 8.64 -14.00
CA SER B 38 16.27 9.95 -13.72
C SER B 38 16.18 10.20 -12.22
N THR B 39 15.55 9.27 -11.51
CA THR B 39 15.39 9.40 -10.06
C THR B 39 16.71 9.16 -9.34
N LYS B 40 16.93 9.91 -8.27
CA LYS B 40 18.16 9.78 -7.49
C LYS B 40 17.87 9.84 -5.99
N ASP B 41 17.81 8.68 -5.36
CA ASP B 41 17.53 8.57 -3.94
C ASP B 41 18.24 7.36 -3.34
N ARG B 42 19.34 7.61 -2.63
CA ARG B 42 20.11 6.53 -2.01
C ARG B 42 19.40 5.97 -0.78
N LYS B 43 18.59 6.81 -0.14
CA LYS B 43 17.85 6.38 1.05
C LYS B 43 16.98 5.17 0.73
N LEU B 44 16.16 5.30 -0.30
CA LEU B 44 15.28 4.21 -0.72
C LEU B 44 16.11 3.02 -1.20
N LEU B 45 17.23 3.32 -1.85
CA LEU B 45 18.12 2.30 -2.37
C LEU B 45 18.71 1.47 -1.22
N LEU B 46 18.92 2.13 -0.07
CA LEU B 46 19.47 1.47 1.09
C LEU B 46 18.47 0.47 1.67
N THR B 47 17.22 0.89 1.79
CA THR B 47 16.17 0.03 2.32
C THR B 47 15.96 -1.17 1.40
N ALA B 48 16.15 -0.95 0.11
CA ALA B 48 15.97 -2.00 -0.88
C ALA B 48 17.05 -3.06 -0.72
N GLN B 49 18.26 -2.63 -0.39
CA GLN B 49 19.38 -3.55 -0.22
C GLN B 49 19.19 -4.46 0.99
N GLN B 50 18.80 -3.89 2.12
CA GLN B 50 18.60 -4.66 3.35
C GLN B 50 17.43 -5.63 3.23
N MET B 51 16.29 -5.14 2.72
CA MET B 51 15.11 -5.98 2.59
C MET B 51 15.33 -7.10 1.56
N LEU B 52 16.18 -6.82 0.57
CA LEU B 52 16.49 -7.80 -0.46
C LEU B 52 17.27 -8.96 0.12
N GLN B 53 18.25 -8.65 0.95
CA GLN B 53 19.09 -9.66 1.59
C GLN B 53 18.24 -10.58 2.45
N ASP B 54 17.34 -9.97 3.22
CA ASP B 54 16.46 -10.71 4.11
C ASP B 54 15.63 -11.71 3.31
N SER B 55 15.10 -11.25 2.19
CA SER B 55 14.27 -12.10 1.34
C SER B 55 15.06 -13.29 0.81
N LYS B 56 16.32 -13.04 0.44
CA LYS B 56 17.18 -14.10 -0.09
C LYS B 56 17.29 -15.25 0.90
N THR B 57 17.49 -14.91 2.17
CA THR B 57 17.60 -15.92 3.21
C THR B 57 16.32 -16.75 3.29
N LYS B 58 15.18 -16.07 3.21
CA LYS B 58 13.88 -16.76 3.25
C LYS B 58 13.81 -17.80 2.14
N ILE B 59 14.21 -17.41 0.93
CA ILE B 59 14.20 -18.33 -0.20
C ILE B 59 15.14 -19.51 0.08
N ASP B 60 16.27 -19.21 0.69
CA ASP B 60 17.28 -20.22 1.01
C ASP B 60 16.73 -21.33 1.92
N ILE B 61 16.05 -20.95 3.00
CA ILE B 61 15.51 -21.93 3.93
C ILE B 61 14.35 -22.70 3.33
N ILE B 62 13.41 -22.00 2.72
CA ILE B 62 12.25 -22.63 2.11
C ILE B 62 12.69 -23.59 1.00
N ARG B 63 13.71 -23.18 0.25
CA ARG B 63 14.22 -23.99 -0.85
C ARG B 63 14.83 -25.29 -0.35
N MET B 64 15.68 -25.21 0.68
CA MET B 64 16.33 -26.40 1.23
C MET B 64 15.31 -27.34 1.87
N GLN B 65 14.37 -26.77 2.61
CA GLN B 65 13.34 -27.57 3.27
C GLN B 65 12.49 -28.29 2.23
N LEU B 66 12.28 -27.63 1.10
CA LEU B 66 11.51 -28.21 0.02
C LEU B 66 12.20 -29.48 -0.45
N ARG B 67 13.52 -29.42 -0.56
CA ARG B 67 14.30 -30.58 -0.96
C ARG B 67 14.07 -31.72 0.04
N ARG B 68 13.91 -31.34 1.31
CA ARG B 68 13.67 -32.32 2.36
C ARG B 68 12.32 -33.00 2.18
N ALA B 69 11.36 -32.26 1.63
CA ALA B 69 10.02 -32.77 1.40
C ALA B 69 10.02 -33.88 0.36
N LEU B 70 10.70 -33.64 -0.77
CA LEU B 70 10.76 -34.63 -1.84
C LEU B 70 11.50 -35.88 -1.37
N GLN B 71 12.52 -35.68 -0.56
CA GLN B 71 13.31 -36.79 -0.05
C GLN B 71 12.49 -37.64 0.91
N ALA B 72 11.84 -36.98 1.87
CA ALA B 72 11.01 -37.66 2.85
C ALA B 72 9.77 -38.25 2.20
N ASP B 73 9.48 -37.82 0.98
CA ASP B 73 8.31 -38.31 0.26
C ASP B 73 8.61 -39.65 -0.42
N GLN B 74 9.81 -39.78 -0.97
CA GLN B 74 10.21 -41.01 -1.64
C GLN B 74 10.30 -42.16 -0.63
N LEU B 75 10.94 -41.90 0.50
CA LEU B 75 11.09 -42.91 1.54
C LEU B 75 9.89 -42.89 2.47
N GLU B 76 9.90 -43.76 3.48
CA GLU B 76 8.81 -43.85 4.43
C GLU B 76 9.28 -44.51 5.73
N ASN B 77 10.31 -45.35 5.63
CA ASN B 77 10.85 -46.04 6.79
C ASN B 77 11.90 -45.19 7.49
N GLN B 78 12.83 -44.67 6.71
CA GLN B 78 13.91 -43.84 7.25
C GLN B 78 13.34 -42.65 8.03
N ALA B 79 13.56 -42.64 9.34
CA ALA B 79 13.07 -41.57 10.19
C ALA B 79 14.21 -40.94 10.98
N ALA B 80 14.55 -39.71 10.63
CA ALA B 80 15.63 -38.98 11.31
C ALA B 80 15.16 -38.43 12.66
N PRO B 81 16.08 -38.27 13.62
CA PRO B 81 15.75 -37.75 14.95
C PRO B 81 15.24 -36.32 14.90
N MET A 1 10.85 20.72 -10.62
CA MET A 1 9.66 19.84 -10.69
C MET A 1 9.25 19.37 -9.31
N GLN A 2 8.15 19.93 -8.80
CA GLN A 2 7.65 19.58 -7.48
C GLN A 2 7.31 18.09 -7.39
N ALA A 3 8.24 17.32 -6.86
CA ALA A 3 8.04 15.88 -6.72
C ALA A 3 7.60 15.53 -5.30
N ILE A 4 6.40 14.98 -5.19
CA ILE A 4 5.85 14.61 -3.90
C ILE A 4 5.58 13.11 -3.85
N LYS A 5 5.90 12.50 -2.71
CA LYS A 5 5.68 11.06 -2.54
C LYS A 5 4.33 10.80 -1.88
N CYS A 6 3.40 10.25 -2.65
CA CYS A 6 2.07 9.94 -2.16
C CYS A 6 1.79 8.45 -2.22
N VAL A 7 1.61 7.84 -1.05
CA VAL A 7 1.35 6.41 -0.96
C VAL A 7 -0.07 6.13 -0.47
N VAL A 8 -0.78 5.27 -1.18
CA VAL A 8 -2.15 4.92 -0.81
C VAL A 8 -2.17 3.62 -0.02
N VAL A 9 -2.77 3.64 1.16
CA VAL A 9 -2.84 2.46 2.01
C VAL A 9 -4.27 2.15 2.45
N GLY A 10 -4.46 0.96 3.00
CA GLY A 10 -5.77 0.54 3.47
C GLY A 10 -5.70 -0.67 4.38
N ASP A 11 -6.65 -0.78 5.29
CA ASP A 11 -6.69 -1.89 6.23
C ASP A 11 -7.13 -3.18 5.55
N GLY A 12 -8.11 -3.06 4.65
CA GLY A 12 -8.61 -4.21 3.95
C GLY A 12 -9.83 -3.88 3.10
N ALA A 13 -10.26 -2.62 3.16
CA ALA A 13 -11.40 -2.16 2.40
C ALA A 13 -11.16 -2.29 0.90
N VAL A 14 -9.87 -2.41 0.53
CA VAL A 14 -9.49 -2.53 -0.87
C VAL A 14 -9.73 -1.22 -1.62
N GLY A 15 -8.95 -0.96 -2.66
CA GLY A 15 -9.09 0.27 -3.41
C GLY A 15 -7.83 1.11 -3.42
N LYS A 16 -6.72 0.53 -2.97
CA LYS A 16 -5.44 1.24 -2.93
C LYS A 16 -4.85 1.45 -4.31
N THR A 17 -4.78 0.39 -5.13
CA THR A 17 -4.21 0.51 -6.48
C THR A 17 -5.22 1.10 -7.46
N CYS A 18 -6.49 0.76 -7.28
CA CYS A 18 -7.54 1.24 -8.16
C CYS A 18 -7.65 2.78 -8.10
N LEU A 19 -7.46 3.33 -6.91
CA LEU A 19 -7.55 4.78 -6.73
C LEU A 19 -6.46 5.51 -7.50
N LEU A 20 -5.21 5.06 -7.33
CA LEU A 20 -4.08 5.68 -8.01
C LEU A 20 -4.10 5.41 -9.51
N ILE A 21 -4.54 4.22 -9.90
CA ILE A 21 -4.58 3.85 -11.31
C ILE A 21 -5.65 4.63 -12.07
N SER A 22 -6.79 4.84 -11.44
CA SER A 22 -7.89 5.57 -12.07
C SER A 22 -7.47 6.98 -12.44
N TYR A 23 -6.67 7.61 -11.60
CA TYR A 23 -6.22 8.98 -11.84
C TYR A 23 -5.22 9.07 -12.99
N THR A 24 -4.37 8.05 -13.13
CA THR A 24 -3.35 8.04 -14.17
C THR A 24 -3.81 7.39 -15.49
N THR A 25 -4.83 6.54 -15.42
CA THR A 25 -5.31 5.87 -16.62
C THR A 25 -6.76 6.21 -16.91
N ASN A 26 -7.39 6.97 -16.02
CA ASN A 26 -8.78 7.36 -16.18
C ASN A 26 -9.70 6.14 -16.20
N ALA A 27 -9.11 4.96 -15.99
CA ALA A 27 -9.88 3.73 -16.00
C ALA A 27 -9.03 2.56 -15.48
N PHE A 28 -9.42 2.02 -14.33
CA PHE A 28 -8.71 0.91 -13.73
C PHE A 28 -8.95 -0.38 -14.52
N PRO A 29 -7.89 -1.00 -15.07
CA PRO A 29 -8.01 -2.25 -15.84
C PRO A 29 -8.71 -3.35 -15.03
N GLY A 30 -8.18 -3.62 -13.84
CA GLY A 30 -8.76 -4.65 -12.99
C GLY A 30 -7.77 -5.74 -12.66
N GLU A 31 -7.93 -6.90 -13.30
CA GLU A 31 -7.05 -8.05 -13.09
C GLU A 31 -6.99 -8.44 -11.61
N TYR A 32 -6.26 -9.51 -11.32
CA TYR A 32 -6.13 -10.00 -9.94
C TYR A 32 -4.66 -10.07 -9.53
N ILE A 33 -3.77 -9.86 -10.51
CA ILE A 33 -2.34 -9.92 -10.25
C ILE A 33 -1.94 -9.00 -9.09
N PRO A 34 -1.18 -9.51 -8.11
CA PRO A 34 -0.75 -8.72 -6.95
C PRO A 34 0.19 -7.58 -7.34
N THR A 35 0.22 -6.55 -6.51
CA THR A 35 1.07 -5.39 -6.76
C THR A 35 2.19 -5.30 -5.73
N VAL A 36 3.40 -5.69 -6.13
CA VAL A 36 4.55 -5.65 -5.23
C VAL A 36 5.71 -4.88 -5.86
N PHE A 37 5.78 -4.89 -7.19
CA PHE A 37 6.85 -4.20 -7.91
C PHE A 37 6.29 -3.17 -8.87
N ASP A 38 7.19 -2.56 -9.66
CA ASP A 38 6.82 -1.56 -10.65
C ASP A 38 6.24 -0.31 -9.99
N ASN A 39 6.71 0.85 -10.44
CA ASN A 39 6.25 2.13 -9.91
C ASN A 39 5.50 2.92 -10.97
N TYR A 40 4.82 3.98 -10.56
CA TYR A 40 4.05 4.80 -11.49
C TYR A 40 4.32 6.29 -11.27
N SER A 41 4.59 7.00 -12.35
CA SER A 41 4.85 8.44 -12.28
C SER A 41 3.92 9.17 -13.23
N ALA A 42 3.45 10.33 -12.81
CA ALA A 42 2.53 11.12 -13.63
C ALA A 42 2.72 12.61 -13.40
N ASN A 43 2.74 13.38 -14.50
CA ASN A 43 2.89 14.83 -14.40
C ASN A 43 1.53 15.47 -14.18
N VAL A 44 1.45 16.33 -13.17
CA VAL A 44 0.19 17.00 -12.85
C VAL A 44 0.37 18.51 -12.75
N MET A 45 -0.64 19.23 -13.24
CA MET A 45 -0.62 20.69 -13.23
C MET A 45 -1.24 21.23 -11.95
N VAL A 46 -0.44 21.94 -11.16
CA VAL A 46 -0.92 22.51 -9.90
C VAL A 46 -0.49 23.97 -9.77
N ASP A 47 -1.48 24.87 -9.79
CA ASP A 47 -1.22 26.30 -9.68
C ASP A 47 -0.47 26.82 -10.90
N GLY A 48 -0.46 26.03 -11.97
CA GLY A 48 0.23 26.43 -13.18
C GLY A 48 1.70 26.10 -13.11
N LYS A 49 2.05 25.25 -12.15
CA LYS A 49 3.43 24.83 -11.95
C LYS A 49 3.56 23.31 -12.10
N PRO A 50 4.47 22.85 -12.98
CA PRO A 50 4.65 21.41 -13.18
C PRO A 50 4.95 20.69 -11.88
N VAL A 51 4.22 19.61 -11.61
CA VAL A 51 4.40 18.86 -10.38
C VAL A 51 4.60 17.37 -10.65
N ASN A 52 5.69 16.83 -10.11
CA ASN A 52 6.00 15.42 -10.25
C ASN A 52 5.22 14.62 -9.20
N LEU A 53 4.49 13.61 -9.66
CA LEU A 53 3.69 12.79 -8.75
C LEU A 53 4.26 11.38 -8.61
N GLY A 54 4.43 10.94 -7.36
CA GLY A 54 4.94 9.61 -7.11
C GLY A 54 3.87 8.68 -6.58
N LEU A 55 3.54 7.66 -7.37
CA LEU A 55 2.51 6.69 -6.99
C LEU A 55 3.14 5.46 -6.34
N TRP A 56 2.66 5.12 -5.16
CA TRP A 56 3.17 3.96 -4.42
C TRP A 56 2.02 3.13 -3.88
N ASP A 57 1.93 1.87 -4.32
CA ASP A 57 0.87 0.98 -3.88
C ASP A 57 1.35 0.05 -2.77
N THR A 58 0.51 -0.16 -1.76
CA THR A 58 0.84 -1.02 -0.64
C THR A 58 -0.11 -2.20 -0.56
N ALA A 59 0.28 -3.33 -1.15
CA ALA A 59 -0.55 -4.53 -1.15
C ALA A 59 -0.86 -4.99 0.26
N GLY A 60 -2.10 -5.41 0.49
CA GLY A 60 -2.50 -5.88 1.80
C GLY A 60 -1.88 -7.21 2.16
N LEU A 61 -0.63 -7.19 2.61
CA LEU A 61 0.08 -8.40 2.98
C LEU A 61 1.04 -8.14 4.14
N GLU A 62 0.92 -8.93 5.20
CA GLU A 62 1.77 -8.78 6.38
C GLU A 62 3.13 -9.45 6.19
N ASP A 63 3.16 -10.51 5.39
CA ASP A 63 4.40 -11.24 5.12
C ASP A 63 5.47 -10.33 4.53
N TYR A 64 5.05 -9.26 3.87
CA TYR A 64 5.97 -8.31 3.26
C TYR A 64 6.54 -7.34 4.29
N ASP A 65 6.81 -7.84 5.49
CA ASP A 65 7.35 -7.01 6.56
C ASP A 65 8.67 -6.37 6.11
N ARG A 66 9.50 -7.15 5.45
CA ARG A 66 10.80 -6.67 4.97
C ARG A 66 10.63 -5.90 3.66
N LEU A 67 9.81 -6.44 2.76
CA LEU A 67 9.57 -5.80 1.47
C LEU A 67 8.53 -4.69 1.61
N ARG A 68 8.40 -4.16 2.82
CA ARG A 68 7.45 -3.08 3.08
C ARG A 68 7.72 -1.88 2.17
N PRO A 69 6.69 -1.06 1.89
CA PRO A 69 6.83 0.11 1.03
C PRO A 69 8.01 0.99 1.45
N LEU A 70 9.01 1.07 0.59
CA LEU A 70 10.20 1.87 0.87
C LEU A 70 9.84 3.34 1.05
N SER A 71 8.71 3.73 0.45
CA SER A 71 8.23 5.09 0.54
C SER A 71 7.57 5.38 1.87
N TYR A 72 6.84 4.38 2.39
CA TYR A 72 6.14 4.50 3.67
C TYR A 72 6.89 5.37 4.69
N PRO A 73 8.19 5.11 4.94
CA PRO A 73 8.98 5.90 5.91
C PRO A 73 8.95 7.39 5.60
N GLN A 74 9.24 7.75 4.35
CA GLN A 74 9.26 9.16 3.95
C GLN A 74 7.86 9.74 3.82
N THR A 75 6.97 8.97 3.18
CA THR A 75 5.58 9.36 2.94
C THR A 75 5.32 10.85 3.15
N ASP A 76 5.44 11.63 2.08
CA ASP A 76 5.18 13.06 2.15
C ASP A 76 3.77 13.28 2.64
N VAL A 77 2.87 12.46 2.13
CA VAL A 77 1.46 12.52 2.50
C VAL A 77 0.76 11.23 2.08
N PHE A 78 0.04 10.60 3.01
CA PHE A 78 -0.68 9.37 2.69
C PHE A 78 -2.18 9.60 2.71
N LEU A 79 -2.89 8.90 1.83
CA LEU A 79 -4.34 9.03 1.74
C LEU A 79 -5.05 7.93 2.51
N ILE A 80 -6.09 8.30 3.24
CA ILE A 80 -6.86 7.34 4.02
C ILE A 80 -8.12 6.92 3.27
N CYS A 81 -8.14 5.67 2.80
CA CYS A 81 -9.29 5.16 2.07
C CYS A 81 -10.19 4.32 2.96
N PHE A 82 -11.48 4.61 2.92
CA PHE A 82 -12.47 3.88 3.70
C PHE A 82 -13.83 3.90 3.02
N SER A 83 -14.75 3.06 3.48
CA SER A 83 -16.07 2.98 2.89
C SER A 83 -17.03 3.94 3.58
N LEU A 84 -17.42 4.98 2.85
CA LEU A 84 -18.33 6.00 3.38
C LEU A 84 -19.65 5.41 3.83
N VAL A 85 -20.23 4.53 3.02
CA VAL A 85 -21.51 3.91 3.34
C VAL A 85 -21.44 3.10 4.62
N SER A 86 -20.22 2.78 5.04
CA SER A 86 -20.02 2.00 6.26
C SER A 86 -19.24 2.82 7.30
N PRO A 87 -19.90 3.28 8.38
CA PRO A 87 -19.26 4.07 9.42
C PRO A 87 -18.08 3.36 10.07
N ALA A 88 -18.19 2.04 10.21
CA ALA A 88 -17.15 1.24 10.85
C ALA A 88 -15.79 1.44 10.19
N SER A 89 -15.76 1.50 8.86
CA SER A 89 -14.52 1.70 8.14
C SER A 89 -13.86 3.00 8.59
N PHE A 90 -14.70 3.98 8.89
CA PHE A 90 -14.22 5.28 9.36
C PHE A 90 -13.65 5.15 10.76
N GLU A 91 -14.30 4.32 11.57
CA GLU A 91 -13.88 4.08 12.95
C GLU A 91 -12.60 3.26 13.00
N ASN A 92 -12.40 2.43 11.98
CA ASN A 92 -11.24 1.54 11.91
C ASN A 92 -9.98 2.27 11.44
N VAL A 93 -10.12 3.11 10.42
CA VAL A 93 -8.96 3.83 9.88
C VAL A 93 -8.26 4.66 10.96
N ARG A 94 -9.03 5.43 11.71
CA ARG A 94 -8.47 6.27 12.78
C ARG A 94 -8.06 5.41 13.97
N ALA A 95 -8.65 4.22 14.07
CA ALA A 95 -8.37 3.32 15.18
C ALA A 95 -6.94 2.79 15.19
N LYS A 96 -6.45 2.31 14.05
CA LYS A 96 -5.11 1.76 13.97
C LYS A 96 -4.08 2.72 13.35
N TRP A 97 -4.46 3.41 12.29
CA TRP A 97 -3.54 4.32 11.60
C TRP A 97 -3.14 5.52 12.45
N TYR A 98 -4.12 6.18 13.08
CA TYR A 98 -3.84 7.36 13.89
C TYR A 98 -2.81 7.11 15.00
N PRO A 99 -2.96 6.03 15.80
CA PRO A 99 -2.02 5.72 16.89
C PRO A 99 -0.62 5.40 16.38
N GLU A 100 -0.54 4.88 15.16
CA GLU A 100 0.74 4.51 14.57
C GLU A 100 1.55 5.73 14.11
N VAL A 101 0.89 6.62 13.37
CA VAL A 101 1.55 7.83 12.87
C VAL A 101 1.97 8.73 14.01
N ARG A 102 1.14 8.82 15.03
CA ARG A 102 1.43 9.68 16.18
C ARG A 102 2.60 9.13 17.00
N HIS A 103 2.81 7.82 16.96
CA HIS A 103 3.91 7.20 17.70
C HIS A 103 5.25 7.73 17.23
N HIS A 104 5.35 7.96 15.93
CA HIS A 104 6.57 8.49 15.34
C HIS A 104 6.58 10.01 15.39
N CYS A 105 5.38 10.58 15.26
CA CYS A 105 5.22 12.03 15.28
C CYS A 105 6.12 12.71 14.25
N PRO A 106 6.07 12.25 12.98
CA PRO A 106 6.89 12.83 11.91
C PRO A 106 6.45 14.25 11.57
N ASN A 107 5.30 14.65 12.10
CA ASN A 107 4.74 15.98 11.84
C ASN A 107 4.34 16.11 10.38
N THR A 108 4.24 14.96 9.72
CA THR A 108 3.85 14.91 8.32
C THR A 108 2.34 15.09 8.14
N PRO A 109 1.92 15.94 7.19
CA PRO A 109 0.49 16.18 6.93
C PRO A 109 -0.20 14.91 6.44
N ILE A 110 -1.50 14.82 6.67
CA ILE A 110 -2.26 13.65 6.26
C ILE A 110 -3.59 14.02 5.63
N ILE A 111 -3.85 13.45 4.45
CA ILE A 111 -5.09 13.72 3.73
C ILE A 111 -6.11 12.60 3.95
N LEU A 112 -7.38 12.90 3.72
CA LEU A 112 -8.45 11.91 3.88
C LEU A 112 -9.18 11.73 2.56
N VAL A 113 -9.49 10.47 2.23
CA VAL A 113 -10.17 10.16 0.98
C VAL A 113 -11.41 9.30 1.22
N GLY A 114 -12.46 9.58 0.46
CA GLY A 114 -13.69 8.82 0.58
C GLY A 114 -13.98 8.00 -0.67
N THR A 115 -13.19 6.95 -0.87
CA THR A 115 -13.34 6.08 -2.03
C THR A 115 -14.75 5.49 -2.09
N LYS A 116 -15.06 4.83 -3.20
CA LYS A 116 -16.37 4.20 -3.38
C LYS A 116 -17.48 5.25 -3.26
N LEU A 117 -17.47 6.21 -4.17
CA LEU A 117 -18.47 7.27 -4.14
C LEU A 117 -19.74 6.87 -4.92
N ASP A 118 -19.58 6.00 -5.92
CA ASP A 118 -20.72 5.56 -6.71
C ASP A 118 -21.79 4.88 -5.85
N LEU A 119 -21.34 4.09 -4.88
CA LEU A 119 -22.26 3.38 -4.00
C LEU A 119 -22.61 4.23 -2.78
N ARG A 120 -21.91 5.35 -2.63
CA ARG A 120 -22.14 6.26 -1.53
C ARG A 120 -23.33 7.15 -1.82
N ASP A 121 -23.55 7.43 -3.10
CA ASP A 121 -24.67 8.25 -3.53
C ASP A 121 -25.72 7.39 -4.20
N ASP A 122 -25.79 6.13 -3.80
CA ASP A 122 -26.76 5.20 -4.36
C ASP A 122 -27.91 4.97 -3.40
N LYS A 123 -29.09 5.43 -3.79
CA LYS A 123 -30.29 5.31 -2.98
C LYS A 123 -30.53 3.87 -2.53
N ASP A 124 -30.66 2.98 -3.49
CA ASP A 124 -30.92 1.58 -3.19
C ASP A 124 -29.86 0.99 -2.27
N THR A 125 -28.60 1.26 -2.54
CA THR A 125 -27.52 0.75 -1.69
C THR A 125 -27.67 1.32 -0.28
N ILE A 126 -27.98 2.61 -0.21
CA ILE A 126 -28.16 3.27 1.07
C ILE A 126 -29.28 2.58 1.85
N GLU A 127 -30.31 2.20 1.11
CA GLU A 127 -31.45 1.50 1.69
C GLU A 127 -31.00 0.15 2.25
N LYS A 128 -30.04 -0.48 1.56
CA LYS A 128 -29.52 -1.77 1.98
C LYS A 128 -28.74 -1.65 3.29
N LEU A 129 -28.04 -0.54 3.47
CA LEU A 129 -27.28 -0.33 4.68
C LEU A 129 -28.19 -0.35 5.90
N LYS A 130 -29.38 0.20 5.71
CA LYS A 130 -30.38 0.24 6.77
C LYS A 130 -30.68 -1.16 7.27
N GLU A 131 -30.61 -2.13 6.36
CA GLU A 131 -30.88 -3.53 6.68
C GLU A 131 -29.87 -4.03 7.69
N LYS A 132 -28.67 -3.48 7.63
CA LYS A 132 -27.60 -3.86 8.54
C LYS A 132 -27.40 -2.82 9.63
N LYS A 133 -28.34 -1.88 9.71
CA LYS A 133 -28.29 -0.82 10.72
C LYS A 133 -27.11 0.13 10.51
N LEU A 134 -26.67 0.28 9.27
CA LEU A 134 -25.55 1.15 8.95
C LEU A 134 -26.01 2.36 8.12
N THR A 135 -25.29 3.46 8.25
CA THR A 135 -25.61 4.68 7.50
C THR A 135 -24.35 5.25 6.85
N PRO A 136 -24.47 5.81 5.63
CA PRO A 136 -23.32 6.38 4.92
C PRO A 136 -22.83 7.68 5.55
N ILE A 137 -21.56 7.99 5.32
CA ILE A 137 -20.94 9.17 5.90
C ILE A 137 -21.20 10.42 5.06
N THR A 138 -21.51 11.52 5.73
CA THR A 138 -21.78 12.79 5.07
C THR A 138 -20.50 13.63 5.06
N TYR A 139 -20.52 14.75 4.35
CA TYR A 139 -19.35 15.62 4.25
C TYR A 139 -18.94 16.19 5.62
N PRO A 140 -19.88 16.78 6.38
CA PRO A 140 -19.57 17.36 7.70
C PRO A 140 -19.08 16.32 8.71
N GLN A 141 -19.49 15.07 8.51
CA GLN A 141 -19.09 13.99 9.42
C GLN A 141 -17.59 13.74 9.32
N GLY A 142 -17.10 13.68 8.09
CA GLY A 142 -15.69 13.46 7.88
C GLY A 142 -14.88 14.71 8.20
N LEU A 143 -15.46 15.87 7.91
CA LEU A 143 -14.79 17.14 8.18
C LEU A 143 -14.34 17.21 9.64
N ALA A 144 -15.24 16.80 10.54
CA ALA A 144 -14.93 16.80 11.96
C ALA A 144 -13.78 15.84 12.26
N MET A 145 -13.77 14.71 11.56
CA MET A 145 -12.73 13.71 11.74
C MET A 145 -11.37 14.27 11.35
N ALA A 146 -11.36 15.12 10.33
CA ALA A 146 -10.12 15.73 9.87
C ALA A 146 -9.46 16.53 10.98
N LYS A 147 -10.21 17.45 11.57
CA LYS A 147 -9.70 18.28 12.65
C LYS A 147 -9.33 17.42 13.85
N GLU A 148 -10.09 16.36 14.03
CA GLU A 148 -9.87 15.43 15.14
C GLU A 148 -8.53 14.73 15.03
N ILE A 149 -8.20 14.26 13.83
CA ILE A 149 -6.95 13.56 13.59
C ILE A 149 -5.88 14.54 13.14
N GLY A 150 -6.22 15.82 13.21
CA GLY A 150 -5.29 16.86 12.81
C GLY A 150 -4.93 16.79 11.34
N ALA A 151 -5.74 16.10 10.55
CA ALA A 151 -5.49 15.97 9.12
C ALA A 151 -5.50 17.32 8.43
N VAL A 152 -4.65 17.45 7.41
CA VAL A 152 -4.54 18.68 6.66
C VAL A 152 -5.80 18.97 5.84
N LYS A 153 -6.45 17.92 5.34
CA LYS A 153 -7.66 18.11 4.55
C LYS A 153 -8.36 16.79 4.23
N TYR A 154 -9.69 16.86 4.13
CA TYR A 154 -10.51 15.68 3.85
C TYR A 154 -11.50 15.93 2.70
N LEU A 155 -11.54 15.02 1.73
CA LEU A 155 -12.48 15.11 0.60
C LEU A 155 -12.97 13.73 0.19
N GLU A 156 -14.04 13.69 -0.62
CA GLU A 156 -14.61 12.44 -1.09
C GLU A 156 -14.55 12.35 -2.62
N CYS A 157 -14.40 11.13 -3.14
CA CYS A 157 -14.31 10.93 -4.59
C CYS A 157 -14.51 9.46 -4.97
N SER A 158 -14.67 9.23 -6.27
CA SER A 158 -14.85 7.87 -6.80
C SER A 158 -13.77 7.56 -7.82
N ALA A 159 -13.39 6.29 -7.91
CA ALA A 159 -12.38 5.88 -8.87
C ALA A 159 -13.03 5.48 -10.19
N LEU A 160 -14.27 5.02 -10.11
CA LEU A 160 -15.01 4.60 -11.30
C LEU A 160 -15.62 5.80 -12.05
N THR A 161 -16.22 6.72 -11.30
CA THR A 161 -16.85 7.89 -11.91
C THR A 161 -15.93 9.10 -11.88
N GLN A 162 -14.90 9.04 -11.05
CA GLN A 162 -13.93 10.13 -10.92
C GLN A 162 -14.58 11.37 -10.31
N ARG A 163 -15.45 11.18 -9.31
CA ARG A 163 -16.11 12.30 -8.64
C ARG A 163 -15.14 13.45 -8.37
N GLY A 164 -14.04 13.14 -7.69
CA GLY A 164 -13.06 14.16 -7.37
C GLY A 164 -11.64 13.62 -7.24
N LEU A 165 -11.29 12.66 -8.09
CA LEU A 165 -9.96 12.07 -8.06
C LEU A 165 -8.89 13.13 -8.30
N LYS A 166 -9.08 13.87 -9.39
CA LYS A 166 -8.15 14.93 -9.76
C LYS A 166 -7.98 15.90 -8.61
N THR A 167 -9.02 16.02 -7.80
CA THR A 167 -9.02 16.90 -6.66
C THR A 167 -8.11 16.35 -5.56
N VAL A 168 -8.24 15.05 -5.30
CA VAL A 168 -7.46 14.39 -4.25
C VAL A 168 -5.95 14.57 -4.45
N PHE A 169 -5.48 14.23 -5.64
CA PHE A 169 -4.07 14.36 -5.97
C PHE A 169 -3.63 15.82 -5.94
N ASP A 170 -4.55 16.71 -6.29
CA ASP A 170 -4.28 18.14 -6.31
C ASP A 170 -4.09 18.69 -4.89
N GLU A 171 -4.98 18.29 -3.99
CA GLU A 171 -4.94 18.74 -2.60
C GLU A 171 -3.82 18.06 -1.84
N ALA A 172 -3.58 16.81 -2.18
CA ALA A 172 -2.53 16.02 -1.54
C ALA A 172 -1.18 16.67 -1.75
N ILE A 173 -0.93 17.11 -2.97
CA ILE A 173 0.30 17.79 -3.30
C ILE A 173 0.41 19.06 -2.46
N ARG A 174 -0.69 19.80 -2.41
CA ARG A 174 -0.78 21.02 -1.63
C ARG A 174 -0.50 20.74 -0.15
N ALA A 175 -0.83 19.53 0.28
CA ALA A 175 -0.63 19.13 1.68
C ALA A 175 0.84 19.25 2.08
N VAL A 176 1.74 19.18 1.11
CA VAL A 176 3.17 19.29 1.40
C VAL A 176 3.69 20.71 1.17
N LEU A 177 3.14 21.39 0.17
CA LEU A 177 3.57 22.75 -0.16
C LEU A 177 3.20 23.75 0.94
N CYS A 178 1.91 23.81 1.28
CA CYS A 178 1.46 24.75 2.31
C CYS A 178 1.68 24.19 3.73
N PRO A 179 1.03 23.06 4.11
CA PRO A 179 1.21 22.47 5.45
C PRO A 179 2.69 22.23 5.78
N PRO A 180 2.96 21.81 7.02
CA PRO A 180 4.32 21.55 7.48
C PRO A 180 5.07 20.56 6.59
N PRO A 181 6.41 20.69 6.54
CA PRO A 181 7.28 19.83 5.73
C PRO A 181 7.15 18.34 6.05
N VAL A 182 8.05 17.57 5.47
CA VAL A 182 8.08 16.12 5.67
C VAL A 182 9.42 15.67 6.25
N LYS A 183 10.38 15.41 5.37
CA LYS A 183 11.72 14.98 5.78
C LYS A 183 11.64 13.78 6.73
N LYS A 184 12.57 13.71 7.67
CA LYS A 184 12.61 12.62 8.65
C LYS A 184 12.95 11.29 7.98
N ARG A 185 14.19 10.83 8.17
CA ARG A 185 14.65 9.58 7.59
C ARG A 185 15.98 9.17 8.19
N LYS A 186 16.17 7.86 8.40
CA LYS A 186 17.41 7.36 8.97
C LYS A 186 18.05 6.31 8.08
N ARG A 187 19.25 5.88 8.45
CA ARG A 187 19.99 4.88 7.67
C ARG A 187 19.85 3.50 8.30
N LYS A 188 19.83 2.46 7.46
CA LYS A 188 19.72 1.09 7.93
C LYS A 188 21.02 0.65 8.62
N CYS A 189 21.04 -0.60 9.08
CA CYS A 189 22.23 -1.13 9.76
C CYS A 189 23.10 -1.89 8.77
N LEU A 190 24.38 -2.05 9.11
CA LEU A 190 25.33 -2.77 8.26
C LEU A 190 25.44 -2.09 6.89
N LEU A 191 26.49 -1.29 6.72
CA LEU A 191 26.72 -0.58 5.46
C LEU A 191 27.21 -1.54 4.39
N LEU A 192 26.87 -1.22 3.13
CA LEU A 192 27.28 -2.05 2.01
C LEU A 192 28.68 -1.68 1.53
N GLY B 1 7.71 -31.34 8.39
CA GLY B 1 6.23 -31.22 8.24
C GLY B 1 5.56 -32.56 7.98
N ILE B 2 4.88 -32.66 6.85
CA ILE B 2 4.19 -33.90 6.49
C ILE B 2 4.91 -34.64 5.37
N PRO B 3 5.25 -35.93 5.58
CA PRO B 3 5.95 -36.74 4.57
C PRO B 3 5.09 -36.98 3.33
N ALA B 4 5.29 -38.12 2.68
CA ALA B 4 4.54 -38.47 1.48
C ALA B 4 3.05 -38.58 1.76
N THR B 5 2.70 -38.63 3.04
CA THR B 5 1.30 -38.73 3.46
C THR B 5 0.44 -37.71 2.74
N ASN B 6 0.85 -36.44 2.79
CA ASN B 6 0.11 -35.37 2.13
C ASN B 6 1.03 -34.53 1.25
N LEU B 7 0.73 -34.49 -0.05
CA LEU B 7 1.52 -33.72 -1.00
C LEU B 7 1.23 -32.23 -0.87
N SER B 8 0.22 -31.91 -0.07
CA SER B 8 -0.17 -30.52 0.14
C SER B 8 0.99 -29.71 0.73
N ARG B 9 1.80 -30.38 1.55
CA ARG B 9 2.95 -29.74 2.17
C ARG B 9 3.94 -29.29 1.11
N VAL B 10 4.21 -30.16 0.14
CA VAL B 10 5.13 -29.85 -0.94
C VAL B 10 4.65 -28.64 -1.72
N ALA B 11 3.40 -28.67 -2.14
CA ALA B 11 2.82 -27.57 -2.90
C ALA B 11 2.82 -26.28 -2.07
N GLY B 12 2.70 -26.45 -0.76
CA GLY B 12 2.69 -25.31 0.13
C GLY B 12 4.00 -24.56 0.07
N LEU B 13 5.09 -25.31 -0.03
CA LEU B 13 6.42 -24.70 -0.12
C LEU B 13 6.60 -24.05 -1.47
N GLU B 14 5.96 -24.62 -2.49
CA GLU B 14 6.02 -24.06 -3.83
C GLU B 14 5.33 -22.70 -3.84
N LYS B 15 4.22 -22.64 -3.14
CA LYS B 15 3.43 -21.43 -3.02
C LYS B 15 4.18 -20.38 -2.21
N GLN B 16 4.71 -20.80 -1.06
CA GLN B 16 5.47 -19.90 -0.19
C GLN B 16 6.66 -19.34 -0.93
N LEU B 17 7.41 -20.23 -1.56
CA LEU B 17 8.59 -19.84 -2.33
C LEU B 17 8.20 -18.82 -3.41
N ALA B 18 7.10 -19.10 -4.10
CA ALA B 18 6.61 -18.23 -5.16
C ALA B 18 6.22 -16.87 -4.60
N ILE B 19 5.64 -16.87 -3.40
CA ILE B 19 5.27 -15.62 -2.75
C ILE B 19 6.52 -14.81 -2.51
N GLU B 20 7.57 -15.50 -2.07
CA GLU B 20 8.84 -14.86 -1.82
C GLU B 20 9.45 -14.36 -3.14
N LEU B 21 9.10 -15.02 -4.24
CA LEU B 21 9.59 -14.61 -5.55
C LEU B 21 9.09 -13.20 -5.84
N LYS B 22 7.84 -12.93 -5.46
CA LYS B 22 7.25 -11.62 -5.65
C LYS B 22 8.00 -10.61 -4.80
N VAL B 23 8.41 -11.07 -3.63
CA VAL B 23 9.18 -10.24 -2.69
C VAL B 23 10.55 -9.90 -3.26
N LYS B 24 11.28 -10.92 -3.70
CA LYS B 24 12.61 -10.76 -4.25
C LYS B 24 12.57 -9.88 -5.50
N GLN B 25 11.69 -10.24 -6.44
CA GLN B 25 11.55 -9.48 -7.67
C GLN B 25 11.10 -8.05 -7.39
N GLY B 26 10.39 -7.87 -6.28
CA GLY B 26 9.89 -6.55 -5.91
C GLY B 26 11.01 -5.61 -5.53
N ALA B 27 11.91 -6.07 -4.67
CA ALA B 27 13.03 -5.27 -4.21
C ALA B 27 13.93 -4.87 -5.37
N GLU B 28 14.31 -5.84 -6.20
CA GLU B 28 15.18 -5.59 -7.34
C GLU B 28 14.61 -4.50 -8.24
N ASN B 29 13.32 -4.59 -8.53
CA ASN B 29 12.67 -3.60 -9.38
C ASN B 29 12.82 -2.20 -8.78
N MET B 30 12.69 -2.12 -7.46
CA MET B 30 12.84 -0.86 -6.76
C MET B 30 14.29 -0.36 -6.84
N ILE B 31 15.22 -1.31 -6.82
CA ILE B 31 16.65 -0.99 -6.89
C ILE B 31 16.99 -0.38 -8.25
N GLN B 32 16.53 -1.02 -9.32
CA GLN B 32 16.79 -0.55 -10.67
C GLN B 32 16.18 0.84 -10.88
N THR B 33 15.06 1.09 -10.20
CA THR B 33 14.38 2.38 -10.31
C THR B 33 15.27 3.52 -9.80
N TYR B 34 15.82 3.34 -8.61
CA TYR B 34 16.68 4.36 -8.00
C TYR B 34 18.13 4.21 -8.47
N SER B 35 18.44 3.06 -9.06
CA SER B 35 19.79 2.79 -9.54
C SER B 35 20.19 3.77 -10.64
N ASN B 36 19.75 3.48 -11.86
CA ASN B 36 20.06 4.33 -13.01
C ASN B 36 19.05 5.46 -13.14
N GLY B 37 19.23 6.28 -14.18
CA GLY B 37 18.33 7.40 -14.40
C GLY B 37 18.58 8.55 -13.44
N SER B 38 17.83 9.62 -13.59
CA SER B 38 17.97 10.78 -12.74
C SER B 38 17.43 10.50 -11.34
N THR B 39 18.34 10.16 -10.42
CA THR B 39 17.96 9.85 -9.04
C THR B 39 19.10 10.17 -8.08
N LYS B 40 18.74 10.65 -6.89
CA LYS B 40 19.74 10.99 -5.87
C LYS B 40 19.33 10.43 -4.52
N ASP B 41 18.07 10.01 -4.40
CA ASP B 41 17.56 9.46 -3.15
C ASP B 41 18.19 8.10 -2.86
N ARG B 42 19.33 8.12 -2.17
CA ARG B 42 20.05 6.90 -1.83
C ARG B 42 19.35 6.16 -0.69
N LYS B 43 18.60 6.88 0.12
CA LYS B 43 17.89 6.29 1.25
C LYS B 43 16.98 5.15 0.78
N LEU B 44 16.19 5.41 -0.25
CA LEU B 44 15.28 4.40 -0.79
C LEU B 44 16.05 3.24 -1.42
N LEU B 45 17.11 3.57 -2.13
CA LEU B 45 17.94 2.58 -2.80
C LEU B 45 18.63 1.66 -1.79
N LEU B 46 19.01 2.23 -0.64
CA LEU B 46 19.68 1.48 0.41
C LEU B 46 18.75 0.43 0.99
N THR B 47 17.53 0.83 1.31
CA THR B 47 16.55 -0.09 1.88
C THR B 47 16.23 -1.19 0.89
N ALA B 48 16.20 -0.83 -0.39
CA ALA B 48 15.92 -1.79 -1.44
C ALA B 48 16.96 -2.89 -1.44
N GLN B 49 18.21 -2.51 -1.16
CA GLN B 49 19.31 -3.47 -1.12
C GLN B 49 19.20 -4.41 0.08
N GLN B 50 18.74 -3.88 1.22
CA GLN B 50 18.61 -4.68 2.43
C GLN B 50 17.49 -5.69 2.31
N MET B 51 16.29 -5.19 2.00
CA MET B 51 15.11 -6.05 1.86
C MET B 51 15.32 -7.10 0.78
N LEU B 52 16.10 -6.76 -0.24
CA LEU B 52 16.37 -7.70 -1.33
C LEU B 52 17.22 -8.86 -0.83
N GLN B 53 18.23 -8.54 -0.04
CA GLN B 53 19.14 -9.54 0.51
C GLN B 53 18.38 -10.51 1.40
N ASP B 54 17.51 -9.96 2.24
CA ASP B 54 16.72 -10.76 3.15
C ASP B 54 15.88 -11.78 2.39
N SER B 55 15.28 -11.31 1.30
CA SER B 55 14.44 -12.16 0.47
C SER B 55 15.26 -13.25 -0.21
N LYS B 56 16.49 -12.93 -0.59
CA LYS B 56 17.36 -13.90 -1.24
C LYS B 56 17.53 -15.12 -0.35
N THR B 57 17.77 -14.88 0.94
CA THR B 57 17.94 -15.96 1.90
C THR B 57 16.62 -16.69 2.08
N LYS B 58 15.52 -15.95 2.03
CA LYS B 58 14.18 -16.51 2.19
C LYS B 58 13.94 -17.61 1.15
N ILE B 59 14.29 -17.32 -0.10
CA ILE B 59 14.11 -18.28 -1.18
C ILE B 59 15.02 -19.49 -0.98
N ASP B 60 16.24 -19.23 -0.53
CA ASP B 60 17.23 -20.29 -0.31
C ASP B 60 16.75 -21.36 0.68
N ILE B 61 16.21 -20.93 1.82
CA ILE B 61 15.74 -21.89 2.82
C ILE B 61 14.49 -22.61 2.38
N ILE B 62 13.51 -21.85 1.90
CA ILE B 62 12.25 -22.44 1.45
C ILE B 62 12.48 -23.44 0.32
N ARG B 63 13.40 -23.10 -0.58
CA ARG B 63 13.73 -23.95 -1.71
C ARG B 63 14.36 -25.26 -1.27
N MET B 64 15.35 -25.18 -0.38
CA MET B 64 16.05 -26.37 0.10
C MET B 64 15.10 -27.29 0.87
N GLN B 65 14.24 -26.69 1.70
CA GLN B 65 13.29 -27.46 2.50
C GLN B 65 12.33 -28.21 1.58
N LEU B 66 11.99 -27.57 0.46
CA LEU B 66 11.11 -28.20 -0.50
C LEU B 66 11.74 -29.49 -1.01
N ARG B 67 13.04 -29.42 -1.27
CA ARG B 67 13.78 -30.58 -1.74
C ARG B 67 13.70 -31.68 -0.69
N ARG B 68 13.67 -31.26 0.58
CA ARG B 68 13.59 -32.20 1.69
C ARG B 68 12.26 -32.94 1.69
N ALA B 69 11.21 -32.22 1.34
CA ALA B 69 9.86 -32.80 1.29
C ALA B 69 9.79 -33.95 0.29
N LEU B 70 10.28 -33.69 -0.92
CA LEU B 70 10.27 -34.72 -1.96
C LEU B 70 11.24 -35.85 -1.62
N GLN B 71 12.32 -35.50 -0.93
CA GLN B 71 13.32 -36.47 -0.53
C GLN B 71 12.71 -37.53 0.39
N ALA B 72 11.92 -37.07 1.35
CA ALA B 72 11.27 -37.96 2.30
C ALA B 72 10.01 -38.56 1.69
N ASP B 73 9.57 -37.98 0.58
CA ASP B 73 8.38 -38.46 -0.12
C ASP B 73 8.68 -39.74 -0.88
N GLN B 74 9.91 -39.87 -1.36
CA GLN B 74 10.32 -41.04 -2.12
C GLN B 74 10.36 -42.28 -1.23
N LEU B 75 10.65 -42.08 0.05
CA LEU B 75 10.72 -43.18 1.00
C LEU B 75 9.54 -43.15 1.98
N GLU B 76 9.57 -44.04 2.97
CA GLU B 76 8.52 -44.13 3.97
C GLU B 76 8.98 -44.92 5.18
N ASN B 77 10.23 -45.40 5.13
CA ASN B 77 10.80 -46.18 6.22
C ASN B 77 11.56 -45.29 7.19
N GLN B 78 12.41 -44.42 6.65
CA GLN B 78 13.20 -43.51 7.46
C GLN B 78 12.32 -42.67 8.37
N ALA B 79 12.47 -42.88 9.67
CA ALA B 79 11.68 -42.14 10.66
C ALA B 79 12.05 -40.66 10.65
N ALA B 80 13.23 -40.36 10.13
CA ALA B 80 13.71 -38.98 10.05
C ALA B 80 13.19 -38.29 8.80
N PRO B 81 13.00 -36.96 8.85
CA PRO B 81 12.50 -36.19 7.70
C PRO B 81 13.49 -36.18 6.54
N MET A 1 10.40 20.59 -11.46
CA MET A 1 9.18 19.75 -11.42
C MET A 1 8.87 19.32 -9.99
N GLN A 2 7.83 19.90 -9.41
CA GLN A 2 7.41 19.58 -8.05
C GLN A 2 7.09 18.10 -7.91
N ALA A 3 8.05 17.33 -7.40
CA ALA A 3 7.85 15.91 -7.23
C ALA A 3 7.46 15.58 -5.81
N ILE A 4 6.26 15.03 -5.66
CA ILE A 4 5.73 14.66 -4.36
C ILE A 4 5.44 13.16 -4.29
N LYS A 5 5.87 12.53 -3.20
CA LYS A 5 5.65 11.10 -3.02
C LYS A 5 4.41 10.85 -2.19
N CYS A 6 3.37 10.30 -2.83
CA CYS A 6 2.11 10.02 -2.15
C CYS A 6 1.79 8.53 -2.17
N VAL A 7 1.62 7.95 -0.99
CA VAL A 7 1.31 6.53 -0.86
C VAL A 7 -0.13 6.32 -0.39
N VAL A 8 -0.84 5.42 -1.06
CA VAL A 8 -2.23 5.12 -0.71
C VAL A 8 -2.32 3.88 0.18
N VAL A 9 -2.98 4.04 1.33
CA VAL A 9 -3.12 2.95 2.28
C VAL A 9 -4.58 2.75 2.68
N GLY A 10 -4.86 1.63 3.35
CA GLY A 10 -6.21 1.34 3.77
C GLY A 10 -6.32 -0.02 4.44
N ASP A 11 -7.00 -0.06 5.58
CA ASP A 11 -7.17 -1.30 6.33
C ASP A 11 -8.19 -2.20 5.63
N GLY A 12 -8.89 -1.65 4.65
CA GLY A 12 -9.88 -2.42 3.92
C GLY A 12 -9.27 -3.56 3.14
N ALA A 13 -10.09 -4.54 2.77
CA ALA A 13 -9.62 -5.69 2.01
C ALA A 13 -9.22 -5.29 0.60
N VAL A 14 -9.98 -4.38 0.01
CA VAL A 14 -9.71 -3.91 -1.34
C VAL A 14 -10.02 -2.43 -1.51
N GLY A 15 -9.55 -1.84 -2.60
CA GLY A 15 -9.79 -0.43 -2.86
C GLY A 15 -8.52 0.39 -2.89
N LYS A 16 -7.42 -0.22 -2.50
CA LYS A 16 -6.12 0.46 -2.46
C LYS A 16 -5.53 0.73 -3.85
N THR A 17 -5.49 -0.30 -4.71
CA THR A 17 -4.91 -0.14 -6.05
C THR A 17 -5.91 0.49 -7.03
N CYS A 18 -7.18 0.22 -6.84
CA CYS A 18 -8.23 0.76 -7.72
C CYS A 18 -8.18 2.28 -7.75
N LEU A 19 -8.01 2.89 -6.59
CA LEU A 19 -7.94 4.35 -6.49
C LEU A 19 -6.77 4.88 -7.31
N LEU A 20 -5.63 4.18 -7.20
CA LEU A 20 -4.41 4.55 -7.91
C LEU A 20 -4.56 4.39 -9.43
N ILE A 21 -5.14 3.27 -9.84
CA ILE A 21 -5.33 2.96 -11.27
C ILE A 21 -6.38 3.83 -11.92
N SER A 22 -7.43 4.16 -11.17
CA SER A 22 -8.53 4.96 -11.70
C SER A 22 -8.05 6.32 -12.20
N TYR A 23 -7.09 6.92 -11.50
CA TYR A 23 -6.56 8.21 -11.89
C TYR A 23 -5.58 8.12 -13.06
N THR A 24 -4.96 6.96 -13.22
CA THR A 24 -3.98 6.76 -14.29
C THR A 24 -4.61 6.22 -15.57
N THR A 25 -5.69 5.46 -15.45
CA THR A 25 -6.33 4.86 -16.61
C THR A 25 -7.78 5.34 -16.77
N ASN A 26 -8.24 6.13 -15.81
CA ASN A 26 -9.60 6.65 -15.83
C ASN A 26 -10.64 5.53 -15.75
N ALA A 27 -10.15 4.30 -15.60
CA ALA A 27 -11.02 3.14 -15.52
C ALA A 27 -10.24 1.89 -15.08
N PHE A 28 -10.54 1.41 -13.89
CA PHE A 28 -9.88 0.23 -13.36
C PHE A 28 -10.24 -1.02 -14.17
N PRO A 29 -9.24 -1.65 -14.82
CA PRO A 29 -9.47 -2.85 -15.63
C PRO A 29 -9.48 -4.12 -14.79
N GLY A 30 -8.61 -4.18 -13.79
CA GLY A 30 -8.55 -5.34 -12.92
C GLY A 30 -7.86 -6.52 -13.59
N GLU A 31 -6.84 -7.07 -12.93
CA GLU A 31 -6.10 -8.20 -13.47
C GLU A 31 -5.31 -8.91 -12.36
N TYR A 32 -4.77 -10.08 -12.69
CA TYR A 32 -4.01 -10.86 -11.73
C TYR A 32 -2.72 -10.13 -11.33
N ILE A 33 -2.40 -9.07 -12.06
CA ILE A 33 -1.21 -8.28 -11.80
C ILE A 33 -1.16 -7.82 -10.34
N PRO A 34 -0.13 -8.23 -9.57
CA PRO A 34 0.00 -7.86 -8.16
C PRO A 34 0.39 -6.39 -8.00
N THR A 35 0.67 -6.00 -6.76
CA THR A 35 1.06 -4.62 -6.48
C THR A 35 2.59 -4.45 -6.56
N VAL A 36 3.31 -5.55 -6.38
CA VAL A 36 4.77 -5.53 -6.44
C VAL A 36 5.26 -5.16 -7.84
N PHE A 37 5.76 -3.94 -7.98
CA PHE A 37 6.27 -3.46 -9.26
C PHE A 37 6.91 -2.08 -9.11
N ASP A 38 7.33 -1.50 -10.23
CA ASP A 38 7.95 -0.17 -10.22
C ASP A 38 7.40 0.70 -11.34
N ASN A 39 8.01 1.87 -11.52
CA ASN A 39 7.58 2.82 -12.54
C ASN A 39 6.12 3.23 -12.35
N TYR A 40 5.89 4.22 -11.51
CA TYR A 40 4.54 4.70 -11.23
C TYR A 40 4.53 6.21 -11.00
N SER A 41 4.52 6.99 -12.07
CA SER A 41 4.50 8.44 -11.96
C SER A 41 3.49 9.06 -12.90
N ALA A 42 2.99 10.21 -12.52
CA ALA A 42 2.01 10.94 -13.32
C ALA A 42 2.17 12.44 -13.14
N ASN A 43 1.97 13.20 -14.21
CA ASN A 43 2.10 14.65 -14.15
C ASN A 43 0.79 15.28 -13.67
N VAL A 44 0.89 16.32 -12.85
CA VAL A 44 -0.29 16.99 -12.33
C VAL A 44 -0.20 18.50 -12.51
N MET A 45 -1.33 19.11 -12.85
CA MET A 45 -1.39 20.55 -13.05
C MET A 45 -1.91 21.24 -11.81
N VAL A 46 -1.05 22.00 -11.15
CA VAL A 46 -1.42 22.72 -9.93
C VAL A 46 -0.95 24.16 -10.00
N ASP A 47 -1.90 25.09 -10.00
CA ASP A 47 -1.59 26.52 -10.07
C ASP A 47 -0.96 26.86 -11.41
N GLY A 48 -1.07 25.95 -12.37
CA GLY A 48 -0.50 26.17 -13.67
C GLY A 48 0.98 25.82 -13.69
N LYS A 49 1.41 25.12 -12.64
CA LYS A 49 2.81 24.71 -12.51
C LYS A 49 2.92 23.19 -12.60
N PRO A 50 3.77 22.65 -13.50
CA PRO A 50 3.93 21.21 -13.64
C PRO A 50 4.35 20.57 -12.32
N VAL A 51 3.67 19.49 -11.94
CA VAL A 51 3.96 18.80 -10.70
C VAL A 51 4.15 17.31 -10.91
N ASN A 52 5.31 16.80 -10.49
CA ASN A 52 5.61 15.38 -10.59
C ASN A 52 4.93 14.64 -9.45
N LEU A 53 4.18 13.59 -9.79
CA LEU A 53 3.46 12.82 -8.79
C LEU A 53 3.93 11.38 -8.72
N GLY A 54 4.22 10.92 -7.50
CA GLY A 54 4.65 9.56 -7.29
C GLY A 54 3.51 8.69 -6.82
N LEU A 55 3.16 7.69 -7.61
CA LEU A 55 2.05 6.81 -7.27
C LEU A 55 2.55 5.55 -6.57
N TRP A 56 2.11 5.37 -5.33
CA TRP A 56 2.49 4.21 -4.53
C TRP A 56 1.26 3.65 -3.83
N ASP A 57 1.30 2.38 -3.46
CA ASP A 57 0.17 1.74 -2.79
C ASP A 57 0.59 0.46 -2.07
N THR A 58 -0.01 0.23 -0.92
CA THR A 58 0.28 -0.96 -0.13
C THR A 58 -0.70 -2.08 -0.44
N ALA A 59 -0.22 -3.31 -0.39
CA ALA A 59 -1.06 -4.48 -0.67
C ALA A 59 -1.36 -5.26 0.61
N GLY A 60 -2.54 -5.86 0.67
CA GLY A 60 -2.90 -6.64 1.84
C GLY A 60 -2.37 -8.06 1.77
N LEU A 61 -1.07 -8.18 1.54
CA LEU A 61 -0.42 -9.48 1.45
C LEU A 61 0.47 -9.72 2.67
N GLU A 62 0.34 -10.91 3.26
CA GLU A 62 1.13 -11.26 4.45
C GLU A 62 2.53 -11.72 4.05
N ASP A 63 2.63 -12.39 2.91
CA ASP A 63 3.92 -12.89 2.42
C ASP A 63 4.93 -11.75 2.28
N TYR A 64 4.50 -10.64 1.69
CA TYR A 64 5.39 -9.49 1.50
C TYR A 64 5.73 -8.84 2.83
N ASP A 65 4.72 -8.24 3.46
CA ASP A 65 4.92 -7.57 4.76
C ASP A 65 5.89 -6.41 4.65
N ARG A 66 7.19 -6.72 4.71
CA ARG A 66 8.22 -5.70 4.63
C ARG A 66 8.44 -5.26 3.18
N LEU A 67 8.17 -6.15 2.24
CA LEU A 67 8.33 -5.84 0.82
C LEU A 67 7.12 -5.09 0.28
N ARG A 68 6.95 -3.84 0.70
CA ARG A 68 5.82 -3.03 0.26
C ARG A 68 5.92 -1.58 0.71
N PRO A 69 6.11 -1.31 2.02
CA PRO A 69 6.19 0.06 2.54
C PRO A 69 7.57 0.70 2.38
N LEU A 70 8.11 0.64 1.16
CA LEU A 70 9.41 1.24 0.89
C LEU A 70 9.32 2.76 0.94
N SER A 71 8.25 3.28 0.35
CA SER A 71 8.02 4.71 0.28
C SER A 71 7.40 5.26 1.57
N TYR A 72 6.51 4.48 2.18
CA TYR A 72 5.82 4.90 3.40
C TYR A 72 6.65 5.85 4.27
N PRO A 73 7.87 5.45 4.71
CA PRO A 73 8.72 6.33 5.54
C PRO A 73 9.03 7.66 4.86
N GLN A 74 9.47 7.57 3.60
CA GLN A 74 9.84 8.73 2.81
C GLN A 74 8.61 9.54 2.38
N THR A 75 7.45 8.89 2.39
CA THR A 75 6.19 9.52 1.99
C THR A 75 6.06 10.96 2.50
N ASP A 76 5.57 11.82 1.62
CA ASP A 76 5.36 13.23 1.94
C ASP A 76 3.93 13.44 2.45
N VAL A 77 3.03 12.56 2.04
CA VAL A 77 1.63 12.66 2.46
C VAL A 77 0.91 11.33 2.25
N PHE A 78 0.08 10.95 3.24
CA PHE A 78 -0.67 9.70 3.17
C PHE A 78 -2.14 9.96 2.88
N LEU A 79 -2.77 9.05 2.16
CA LEU A 79 -4.18 9.16 1.83
C LEU A 79 -4.99 8.13 2.61
N ILE A 80 -5.96 8.59 3.38
CA ILE A 80 -6.79 7.68 4.18
C ILE A 80 -8.08 7.35 3.43
N CYS A 81 -8.15 6.12 2.91
CA CYS A 81 -9.32 5.68 2.18
C CYS A 81 -10.26 4.85 3.06
N PHE A 82 -11.54 5.17 2.98
CA PHE A 82 -12.55 4.47 3.77
C PHE A 82 -13.91 4.50 3.06
N SER A 83 -14.85 3.69 3.53
CA SER A 83 -16.17 3.63 2.93
C SER A 83 -17.10 4.64 3.60
N LEU A 84 -17.50 5.66 2.83
CA LEU A 84 -18.36 6.71 3.35
C LEU A 84 -19.69 6.17 3.86
N VAL A 85 -20.30 5.26 3.10
CA VAL A 85 -21.60 4.72 3.50
C VAL A 85 -21.51 3.93 4.81
N SER A 86 -20.31 3.55 5.21
CA SER A 86 -20.13 2.79 6.46
C SER A 86 -19.32 3.60 7.47
N PRO A 87 -19.92 3.93 8.64
CA PRO A 87 -19.24 4.70 9.69
C PRO A 87 -18.03 3.97 10.28
N ALA A 88 -18.14 2.64 10.41
CA ALA A 88 -17.06 1.85 10.98
C ALA A 88 -15.74 2.08 10.27
N SER A 89 -15.77 2.14 8.95
CA SER A 89 -14.55 2.37 8.18
C SER A 89 -13.90 3.68 8.61
N PHE A 90 -14.75 4.65 8.95
CA PHE A 90 -14.29 5.96 9.40
C PHE A 90 -13.72 5.86 10.81
N GLU A 91 -14.31 4.98 11.62
CA GLU A 91 -13.86 4.78 12.99
C GLU A 91 -12.53 4.03 13.03
N ASN A 92 -12.32 3.15 12.05
CA ASN A 92 -11.11 2.34 11.99
C ASN A 92 -9.89 3.12 11.49
N VAL A 93 -10.09 3.97 10.49
CA VAL A 93 -8.99 4.75 9.93
C VAL A 93 -8.27 5.57 11.00
N ARG A 94 -9.03 6.32 11.79
CA ARG A 94 -8.45 7.14 12.85
C ARG A 94 -7.99 6.28 14.02
N ALA A 95 -8.53 5.07 14.09
CA ALA A 95 -8.21 4.13 15.16
C ALA A 95 -6.80 3.58 15.07
N LYS A 96 -6.37 3.19 13.86
CA LYS A 96 -5.03 2.60 13.70
C LYS A 96 -4.02 3.58 13.10
N TRP A 97 -4.43 4.34 12.08
CA TRP A 97 -3.53 5.27 11.41
C TRP A 97 -3.07 6.43 12.30
N TYR A 98 -4.01 7.07 12.99
CA TYR A 98 -3.68 8.21 13.83
C TYR A 98 -2.67 7.89 14.95
N PRO A 99 -2.86 6.79 15.72
CA PRO A 99 -1.95 6.44 16.83
C PRO A 99 -0.51 6.21 16.37
N GLU A 100 -0.36 5.78 15.13
CA GLU A 100 0.97 5.50 14.57
C GLU A 100 1.71 6.78 14.24
N VAL A 101 1.05 7.68 13.52
CA VAL A 101 1.67 8.94 13.12
C VAL A 101 1.95 9.85 14.31
N ARG A 102 1.04 9.85 15.27
CA ARG A 102 1.19 10.69 16.46
C ARG A 102 2.35 10.21 17.34
N HIS A 103 2.65 8.92 17.27
CA HIS A 103 3.72 8.34 18.07
C HIS A 103 5.09 8.65 17.45
N HIS A 104 5.17 8.59 16.13
CA HIS A 104 6.41 8.85 15.42
C HIS A 104 6.69 10.35 15.37
N CYS A 105 5.62 11.14 15.26
CA CYS A 105 5.72 12.59 15.20
C CYS A 105 6.54 13.05 13.99
N PRO A 106 6.31 12.46 12.79
CA PRO A 106 7.05 12.82 11.59
C PRO A 106 6.68 14.22 11.10
N ASN A 107 5.61 14.77 11.67
CA ASN A 107 5.13 16.10 11.28
C ASN A 107 4.70 16.09 9.82
N THR A 108 4.49 14.89 9.29
CA THR A 108 4.07 14.72 7.90
C THR A 108 2.57 14.99 7.74
N PRO A 109 2.19 15.80 6.73
CA PRO A 109 0.78 16.11 6.46
C PRO A 109 -0.01 14.85 6.09
N ILE A 110 -1.32 14.90 6.29
CA ILE A 110 -2.17 13.76 5.98
C ILE A 110 -3.48 14.19 5.33
N ILE A 111 -3.76 13.61 4.17
CA ILE A 111 -4.98 13.92 3.43
C ILE A 111 -6.04 12.86 3.70
N LEU A 112 -7.30 13.20 3.43
CA LEU A 112 -8.40 12.25 3.62
C LEU A 112 -9.12 11.99 2.31
N VAL A 113 -9.40 10.72 2.05
CA VAL A 113 -10.05 10.33 0.81
C VAL A 113 -11.32 9.50 1.07
N GLY A 114 -12.43 9.95 0.50
CA GLY A 114 -13.68 9.24 0.64
C GLY A 114 -13.98 8.40 -0.59
N THR A 115 -13.23 7.31 -0.75
CA THR A 115 -13.37 6.42 -1.89
C THR A 115 -14.76 5.80 -1.96
N LYS A 116 -15.08 5.21 -3.11
CA LYS A 116 -16.35 4.56 -3.32
C LYS A 116 -17.51 5.55 -3.11
N LEU A 117 -17.68 6.46 -4.05
CA LEU A 117 -18.76 7.45 -3.97
C LEU A 117 -20.00 6.94 -4.71
N ASP A 118 -19.78 6.06 -5.68
CA ASP A 118 -20.89 5.51 -6.48
C ASP A 118 -21.89 4.76 -5.60
N LEU A 119 -21.39 4.03 -4.62
CA LEU A 119 -22.25 3.26 -3.71
C LEU A 119 -22.69 4.11 -2.54
N ARG A 120 -22.14 5.32 -2.45
CA ARG A 120 -22.48 6.25 -1.38
C ARG A 120 -23.79 6.96 -1.71
N ASP A 121 -24.20 6.87 -2.97
CA ASP A 121 -25.43 7.51 -3.43
C ASP A 121 -26.43 6.46 -3.91
N ASP A 122 -26.20 5.21 -3.49
CA ASP A 122 -27.08 4.11 -3.89
C ASP A 122 -28.10 3.83 -2.80
N LYS A 123 -29.36 4.13 -3.10
CA LYS A 123 -30.46 3.94 -2.15
C LYS A 123 -30.47 2.54 -1.56
N ASP A 124 -30.57 1.55 -2.42
CA ASP A 124 -30.63 0.16 -1.98
C ASP A 124 -29.43 -0.23 -1.13
N THR A 125 -28.22 0.15 -1.54
CA THR A 125 -27.03 -0.18 -0.77
C THR A 125 -27.08 0.51 0.59
N ILE A 126 -27.47 1.78 0.57
CA ILE A 126 -27.59 2.56 1.79
C ILE A 126 -28.56 1.87 2.74
N GLU A 127 -29.64 1.34 2.16
CA GLU A 127 -30.66 0.64 2.92
C GLU A 127 -30.10 -0.63 3.53
N LYS A 128 -29.20 -1.29 2.80
CA LYS A 128 -28.61 -2.54 3.27
C LYS A 128 -27.82 -2.34 4.55
N LEU A 129 -27.11 -1.23 4.64
CA LEU A 129 -26.33 -0.94 5.83
C LEU A 129 -27.25 -0.70 7.02
N LYS A 130 -28.41 -0.13 6.74
CA LYS A 130 -29.40 0.13 7.77
C LYS A 130 -29.78 -1.17 8.47
N GLU A 131 -29.74 -2.26 7.71
CA GLU A 131 -30.07 -3.58 8.23
C GLU A 131 -29.12 -3.93 9.37
N LYS A 132 -27.91 -3.39 9.29
CA LYS A 132 -26.88 -3.62 10.30
C LYS A 132 -26.69 -2.38 11.17
N LYS A 133 -27.64 -1.45 11.07
CA LYS A 133 -27.63 -0.21 11.86
C LYS A 133 -26.46 0.70 11.48
N LEU A 134 -26.12 0.74 10.20
CA LEU A 134 -25.05 1.61 9.73
C LEU A 134 -25.59 2.72 8.83
N THR A 135 -24.96 3.89 8.88
CA THR A 135 -25.41 5.04 8.09
C THR A 135 -24.25 5.71 7.35
N PRO A 136 -24.52 6.33 6.18
CA PRO A 136 -23.50 7.01 5.37
C PRO A 136 -22.92 8.25 6.07
N ILE A 137 -21.70 8.63 5.68
CA ILE A 137 -21.02 9.78 6.25
C ILE A 137 -21.30 11.03 5.43
N THR A 138 -21.48 12.16 6.12
CA THR A 138 -21.75 13.42 5.46
C THR A 138 -20.45 14.22 5.27
N TYR A 139 -20.52 15.31 4.52
CA TYR A 139 -19.34 16.14 4.26
C TYR A 139 -18.80 16.78 5.55
N PRO A 140 -19.66 17.44 6.36
CA PRO A 140 -19.22 18.08 7.60
C PRO A 140 -18.63 17.10 8.60
N GLN A 141 -19.05 15.83 8.50
CA GLN A 141 -18.57 14.79 9.40
C GLN A 141 -17.08 14.56 9.19
N GLY A 142 -16.67 14.49 7.93
CA GLY A 142 -15.27 14.29 7.63
C GLY A 142 -14.47 15.55 7.84
N LEU A 143 -15.09 16.69 7.54
CA LEU A 143 -14.44 17.98 7.71
C LEU A 143 -13.99 18.15 9.16
N ALA A 144 -14.87 17.78 10.07
CA ALA A 144 -14.59 17.86 11.50
C ALA A 144 -13.46 16.92 11.89
N MET A 145 -13.39 15.78 11.21
CA MET A 145 -12.37 14.78 11.48
C MET A 145 -10.98 15.36 11.21
N ALA A 146 -10.86 16.12 10.13
CA ALA A 146 -9.58 16.73 9.76
C ALA A 146 -9.02 17.58 10.90
N LYS A 147 -9.89 18.19 11.68
CA LYS A 147 -9.48 19.05 12.79
C LYS A 147 -8.86 18.26 13.93
N GLU A 148 -9.50 17.16 14.30
CA GLU A 148 -9.04 16.34 15.42
C GLU A 148 -7.75 15.59 15.09
N ILE A 149 -7.69 14.99 13.90
CA ILE A 149 -6.50 14.25 13.50
C ILE A 149 -5.48 15.19 12.89
N GLY A 150 -5.86 16.47 12.81
CA GLY A 150 -4.97 17.47 12.26
C GLY A 150 -4.65 17.25 10.79
N ALA A 151 -5.62 16.70 10.06
CA ALA A 151 -5.43 16.44 8.63
C ALA A 151 -5.32 17.74 7.84
N VAL A 152 -4.45 17.74 6.84
CA VAL A 152 -4.25 18.92 6.02
C VAL A 152 -5.48 19.24 5.18
N LYS A 153 -6.20 18.21 4.76
CA LYS A 153 -7.40 18.41 3.95
C LYS A 153 -8.17 17.10 3.75
N TYR A 154 -9.49 17.23 3.64
CA TYR A 154 -10.37 16.08 3.47
C TYR A 154 -11.34 16.29 2.29
N LEU A 155 -11.43 15.30 1.41
CA LEU A 155 -12.34 15.38 0.26
C LEU A 155 -12.93 14.00 -0.06
N GLU A 156 -13.99 14.00 -0.89
CA GLU A 156 -14.64 12.76 -1.30
C GLU A 156 -14.57 12.60 -2.82
N CYS A 157 -14.46 11.35 -3.28
CA CYS A 157 -14.37 11.07 -4.71
C CYS A 157 -14.66 9.61 -5.03
N SER A 158 -14.85 9.32 -6.32
CA SER A 158 -15.12 7.96 -6.78
C SER A 158 -14.15 7.57 -7.87
N ALA A 159 -13.83 6.29 -7.93
CA ALA A 159 -12.92 5.78 -8.95
C ALA A 159 -13.69 5.36 -10.19
N LEU A 160 -14.97 5.03 -10.00
CA LEU A 160 -15.82 4.62 -11.10
C LEU A 160 -16.40 5.83 -11.84
N THR A 161 -16.85 6.82 -11.08
CA THR A 161 -17.46 8.01 -11.68
C THR A 161 -16.47 9.17 -11.77
N GLN A 162 -15.39 9.09 -10.99
CA GLN A 162 -14.36 10.14 -10.98
C GLN A 162 -14.91 11.44 -10.37
N ARG A 163 -15.71 11.32 -9.31
CA ARG A 163 -16.27 12.49 -8.64
C ARG A 163 -15.24 13.61 -8.54
N GLY A 164 -14.04 13.27 -8.09
CA GLY A 164 -12.98 14.26 -7.95
C GLY A 164 -11.63 13.66 -7.64
N LEU A 165 -11.23 12.64 -8.40
CA LEU A 165 -9.93 11.99 -8.20
C LEU A 165 -8.80 13.00 -8.35
N LYS A 166 -8.86 13.75 -9.45
CA LYS A 166 -7.84 14.76 -9.75
C LYS A 166 -7.70 15.74 -8.59
N THR A 167 -8.81 15.99 -7.91
CA THR A 167 -8.84 16.90 -6.78
C THR A 167 -8.05 16.34 -5.60
N VAL A 168 -8.14 15.02 -5.40
CA VAL A 168 -7.43 14.38 -4.31
C VAL A 168 -5.93 14.58 -4.44
N PHE A 169 -5.40 14.22 -5.61
CA PHE A 169 -3.98 14.36 -5.89
C PHE A 169 -3.57 15.83 -5.94
N ASP A 170 -4.46 16.65 -6.49
CA ASP A 170 -4.21 18.09 -6.61
C ASP A 170 -4.03 18.72 -5.24
N GLU A 171 -4.93 18.40 -4.32
CA GLU A 171 -4.88 18.92 -2.96
C GLU A 171 -3.75 18.28 -2.16
N ALA A 172 -3.50 17.00 -2.45
CA ALA A 172 -2.45 16.26 -1.77
C ALA A 172 -1.09 16.92 -2.00
N ILE A 173 -0.88 17.38 -3.22
CA ILE A 173 0.36 18.04 -3.58
C ILE A 173 0.57 19.26 -2.71
N ARG A 174 -0.51 20.03 -2.51
CA ARG A 174 -0.46 21.22 -1.69
C ARG A 174 -0.02 20.88 -0.26
N ALA A 175 -0.41 19.70 0.20
CA ALA A 175 -0.06 19.24 1.54
C ALA A 175 1.42 19.39 1.82
N VAL A 176 2.23 19.39 0.77
CA VAL A 176 3.67 19.53 0.92
C VAL A 176 4.14 20.97 0.69
N LEU A 177 3.47 21.67 -0.22
CA LEU A 177 3.85 23.06 -0.55
C LEU A 177 3.44 24.06 0.53
N CYS A 178 2.15 24.11 0.85
CA CYS A 178 1.67 25.07 1.85
C CYS A 178 1.96 24.61 3.29
N PRO A 179 1.24 23.61 3.86
CA PRO A 179 1.49 23.13 5.22
C PRO A 179 2.98 22.81 5.46
N PRO A 180 3.37 22.50 6.71
CA PRO A 180 4.77 22.18 7.04
C PRO A 180 5.35 21.06 6.19
N PRO A 181 6.65 21.17 5.82
CA PRO A 181 7.35 20.18 5.00
C PRO A 181 7.33 18.78 5.60
N VAL A 182 7.98 17.85 4.90
CA VAL A 182 8.05 16.45 5.34
C VAL A 182 9.49 16.03 5.58
N LYS A 183 10.14 15.55 4.52
CA LYS A 183 11.53 15.10 4.60
C LYS A 183 11.79 14.21 5.80
N LYS A 184 11.74 12.90 5.60
CA LYS A 184 11.98 11.94 6.66
C LYS A 184 12.89 10.82 6.19
N ARG A 185 14.16 10.88 6.59
CA ARG A 185 15.14 9.87 6.21
C ARG A 185 16.00 9.47 7.40
N LYS A 186 16.54 8.25 7.34
CA LYS A 186 17.38 7.73 8.41
C LYS A 186 18.02 6.40 8.02
N ARG A 187 19.19 6.12 8.59
CA ARG A 187 19.91 4.88 8.28
C ARG A 187 19.53 3.77 9.27
N LYS A 188 20.08 2.58 9.06
CA LYS A 188 19.80 1.45 9.93
C LYS A 188 21.06 0.61 10.14
N CYS A 189 21.60 0.06 9.06
CA CYS A 189 22.80 -0.77 9.13
C CYS A 189 23.87 -0.24 8.17
N LEU A 190 25.11 -0.20 8.63
CA LEU A 190 26.22 0.27 7.82
C LEU A 190 26.59 -0.74 6.74
N LEU A 191 27.08 -1.90 7.17
CA LEU A 191 27.47 -2.95 6.26
C LEU A 191 26.29 -3.42 5.41
N LEU A 192 26.59 -3.99 4.25
CA LEU A 192 25.55 -4.47 3.35
C LEU A 192 25.14 -5.90 3.71
N GLY B 1 0.16 -36.01 10.51
CA GLY B 1 1.03 -36.24 9.32
C GLY B 1 0.25 -36.29 8.03
N ILE B 2 0.90 -35.93 6.93
CA ILE B 2 0.25 -35.93 5.62
C ILE B 2 0.37 -37.30 4.96
N PRO B 3 -0.74 -37.84 4.43
CA PRO B 3 -0.76 -39.14 3.76
C PRO B 3 -0.15 -39.08 2.36
N ALA B 4 -0.71 -39.86 1.43
CA ALA B 4 -0.22 -39.89 0.06
C ALA B 4 -0.32 -38.51 -0.61
N THR B 5 -1.08 -37.61 0.03
CA THR B 5 -1.28 -36.26 -0.50
C THR B 5 -0.01 -35.41 -0.37
N ASN B 6 1.12 -36.06 -0.09
CA ASN B 6 2.39 -35.36 0.05
C ASN B 6 2.71 -34.54 -1.20
N LEU B 7 2.11 -34.91 -2.32
CA LEU B 7 2.33 -34.20 -3.57
C LEU B 7 1.96 -32.73 -3.44
N SER B 8 0.78 -32.47 -2.89
CA SER B 8 0.30 -31.11 -2.69
C SER B 8 1.28 -30.31 -1.84
N ARG B 9 1.91 -30.98 -0.89
CA ARG B 9 2.88 -30.32 -0.01
C ARG B 9 4.07 -29.79 -0.80
N VAL B 10 4.58 -30.61 -1.70
CA VAL B 10 5.73 -30.23 -2.53
C VAL B 10 5.40 -28.99 -3.36
N ALA B 11 4.27 -29.05 -4.06
CA ALA B 11 3.85 -27.93 -4.89
C ALA B 11 3.61 -26.69 -4.04
N GLY B 12 3.21 -26.91 -2.79
CA GLY B 12 2.96 -25.81 -1.89
C GLY B 12 4.23 -25.02 -1.62
N LEU B 13 5.35 -25.73 -1.51
CA LEU B 13 6.63 -25.12 -1.27
C LEU B 13 7.10 -24.39 -2.53
N GLU B 14 6.73 -24.93 -3.68
CA GLU B 14 7.08 -24.32 -4.96
C GLU B 14 6.33 -23.00 -5.10
N LYS B 15 5.08 -23.02 -4.67
CA LYS B 15 4.23 -21.85 -4.70
C LYS B 15 4.73 -20.79 -3.72
N GLN B 16 5.01 -21.23 -2.49
CA GLN B 16 5.51 -20.33 -1.45
C GLN B 16 6.84 -19.73 -1.91
N LEU B 17 7.71 -20.59 -2.41
CA LEU B 17 9.01 -20.18 -2.90
C LEU B 17 8.84 -19.17 -4.04
N ALA B 18 7.91 -19.44 -4.95
CA ALA B 18 7.65 -18.56 -6.08
C ALA B 18 7.16 -17.21 -5.60
N ILE B 19 6.45 -17.23 -4.48
CA ILE B 19 5.93 -16.00 -3.90
C ILE B 19 7.08 -15.18 -3.35
N GLU B 20 8.00 -15.88 -2.68
CA GLU B 20 9.18 -15.25 -2.12
C GLU B 20 10.01 -14.67 -3.26
N LEU B 21 9.90 -15.28 -4.44
CA LEU B 21 10.61 -14.80 -5.62
C LEU B 21 10.13 -13.41 -5.99
N LYS B 22 8.80 -13.22 -5.94
CA LYS B 22 8.21 -11.92 -6.25
C LYS B 22 8.72 -10.89 -5.25
N VAL B 23 8.98 -11.35 -4.03
CA VAL B 23 9.49 -10.51 -2.97
C VAL B 23 10.95 -10.15 -3.25
N LYS B 24 11.73 -11.16 -3.62
CA LYS B 24 13.15 -10.97 -3.90
C LYS B 24 13.35 -10.03 -5.10
N GLN B 25 12.66 -10.33 -6.20
CA GLN B 25 12.75 -9.52 -7.41
C GLN B 25 12.22 -8.12 -7.16
N GLY B 26 11.27 -7.99 -6.23
CA GLY B 26 10.70 -6.70 -5.94
C GLY B 26 11.73 -5.74 -5.36
N ALA B 27 12.48 -6.23 -4.38
CA ALA B 27 13.51 -5.41 -3.73
C ALA B 27 14.60 -5.02 -4.72
N GLU B 28 15.14 -6.01 -5.42
CA GLU B 28 16.21 -5.77 -6.38
C GLU B 28 15.80 -4.75 -7.43
N ASN B 29 14.57 -4.85 -7.92
CA ASN B 29 14.08 -3.91 -8.92
C ASN B 29 14.15 -2.48 -8.37
N MET B 30 13.74 -2.30 -7.12
CA MET B 30 13.76 -1.00 -6.48
C MET B 30 15.22 -0.55 -6.27
N ILE B 31 16.08 -1.49 -5.94
CA ILE B 31 17.50 -1.19 -5.72
C ILE B 31 18.14 -0.63 -6.98
N GLN B 32 17.88 -1.28 -8.12
CA GLN B 32 18.42 -0.82 -9.40
C GLN B 32 17.93 0.58 -9.72
N THR B 33 16.68 0.86 -9.39
CA THR B 33 16.08 2.17 -9.65
C THR B 33 16.79 3.27 -8.89
N TYR B 34 16.99 3.08 -7.59
CA TYR B 34 17.65 4.08 -6.76
C TYR B 34 19.17 3.95 -6.81
N SER B 35 19.65 2.85 -7.37
CA SER B 35 21.09 2.62 -7.48
C SER B 35 21.76 3.73 -8.29
N ASN B 36 21.09 4.16 -9.36
CA ASN B 36 21.61 5.21 -10.22
C ASN B 36 20.49 6.11 -10.71
N GLY B 37 20.83 7.05 -11.59
CA GLY B 37 19.85 7.97 -12.12
C GLY B 37 19.86 9.32 -11.43
N SER B 38 18.73 10.02 -11.48
CA SER B 38 18.61 11.33 -10.86
C SER B 38 18.18 11.20 -9.40
N THR B 39 18.02 9.96 -8.95
CA THR B 39 17.61 9.70 -7.57
C THR B 39 18.73 10.01 -6.59
N LYS B 40 18.37 10.18 -5.32
CA LYS B 40 19.33 10.48 -4.29
C LYS B 40 18.85 9.99 -2.92
N ASP B 41 17.57 9.62 -2.87
CA ASP B 41 16.97 9.13 -1.64
C ASP B 41 17.59 7.79 -1.22
N ARG B 42 18.47 7.85 -0.22
CA ARG B 42 19.14 6.65 0.28
C ARG B 42 18.18 5.80 1.11
N LYS B 43 17.15 6.42 1.67
CA LYS B 43 16.17 5.72 2.48
C LYS B 43 15.51 4.59 1.70
N LEU B 44 15.05 4.90 0.49
CA LEU B 44 14.39 3.91 -0.37
C LEU B 44 15.37 2.80 -0.76
N LEU B 45 16.61 3.19 -1.03
CA LEU B 45 17.64 2.24 -1.43
C LEU B 45 18.08 1.37 -0.25
N LEU B 46 18.09 1.95 0.95
CA LEU B 46 18.49 1.23 2.15
C LEU B 46 17.46 0.16 2.50
N THR B 47 16.19 0.53 2.46
CA THR B 47 15.11 -0.40 2.77
C THR B 47 15.05 -1.53 1.76
N ALA B 48 15.30 -1.20 0.50
CA ALA B 48 15.29 -2.18 -0.57
C ALA B 48 16.41 -3.20 -0.38
N GLN B 49 17.55 -2.72 0.09
CA GLN B 49 18.71 -3.57 0.32
C GLN B 49 18.47 -4.57 1.45
N GLN B 50 17.99 -4.06 2.59
CA GLN B 50 17.73 -4.91 3.75
C GLN B 50 16.61 -5.91 3.50
N MET B 51 15.54 -5.45 2.85
CA MET B 51 14.41 -6.34 2.56
C MET B 51 14.81 -7.42 1.55
N LEU B 52 15.78 -7.11 0.70
CA LEU B 52 16.25 -8.07 -0.29
C LEU B 52 16.98 -9.22 0.38
N GLN B 53 17.83 -8.88 1.35
CA GLN B 53 18.61 -9.88 2.08
C GLN B 53 17.67 -10.83 2.82
N ASP B 54 16.66 -10.26 3.46
CA ASP B 54 15.68 -11.02 4.20
C ASP B 54 15.00 -12.04 3.29
N SER B 55 14.74 -11.62 2.06
CA SER B 55 14.09 -12.49 1.09
C SER B 55 15.03 -13.62 0.67
N LYS B 56 16.32 -13.33 0.57
CA LYS B 56 17.30 -14.34 0.19
C LYS B 56 17.24 -15.52 1.14
N THR B 57 17.13 -15.22 2.43
CA THR B 57 17.06 -16.26 3.45
C THR B 57 15.76 -17.04 3.32
N LYS B 58 14.67 -16.35 3.03
CA LYS B 58 13.37 -16.98 2.87
C LYS B 58 13.41 -18.06 1.79
N ILE B 59 13.99 -17.74 0.65
CA ILE B 59 14.10 -18.69 -0.45
C ILE B 59 15.00 -19.86 -0.03
N ASP B 60 16.06 -19.53 0.70
CA ASP B 60 17.02 -20.54 1.17
C ASP B 60 16.36 -21.64 2.00
N ILE B 61 15.53 -21.27 2.96
CA ILE B 61 14.87 -22.26 3.82
C ILE B 61 13.80 -23.04 3.06
N ILE B 62 12.95 -22.33 2.34
CA ILE B 62 11.88 -22.98 1.57
C ILE B 62 12.47 -23.95 0.55
N ARG B 63 13.57 -23.55 -0.07
CA ARG B 63 14.25 -24.36 -1.08
C ARG B 63 14.80 -25.66 -0.49
N MET B 64 15.48 -25.57 0.65
CA MET B 64 16.06 -26.75 1.28
C MET B 64 14.96 -27.70 1.76
N GLN B 65 13.93 -27.14 2.38
CA GLN B 65 12.82 -27.95 2.88
C GLN B 65 12.12 -28.64 1.73
N LEU B 66 12.04 -27.96 0.59
CA LEU B 66 11.41 -28.51 -0.58
C LEU B 66 12.13 -29.79 -0.98
N ARG B 67 13.45 -29.75 -0.95
CA ARG B 67 14.26 -30.91 -1.28
C ARG B 67 13.93 -32.04 -0.30
N ARG B 68 13.62 -31.66 0.93
CA ARG B 68 13.28 -32.64 1.97
C ARG B 68 11.98 -33.33 1.63
N ALA B 69 11.09 -32.62 0.95
CA ALA B 69 9.79 -33.15 0.56
C ALA B 69 9.94 -34.24 -0.50
N LEU B 70 10.70 -33.93 -1.55
CA LEU B 70 10.93 -34.88 -2.64
C LEU B 70 11.66 -36.11 -2.12
N GLN B 71 12.51 -35.90 -1.12
CA GLN B 71 13.27 -36.99 -0.53
C GLN B 71 12.36 -37.92 0.26
N ALA B 72 11.54 -37.35 1.13
CA ALA B 72 10.61 -38.13 1.93
C ALA B 72 9.48 -38.68 1.07
N ASP B 73 9.42 -38.21 -0.18
CA ASP B 73 8.39 -38.66 -1.10
C ASP B 73 8.88 -39.84 -1.93
N GLN B 74 10.18 -39.83 -2.23
CA GLN B 74 10.78 -40.92 -3.00
C GLN B 74 10.68 -42.23 -2.23
N LEU B 75 10.86 -42.15 -0.92
CA LEU B 75 10.79 -43.32 -0.06
C LEU B 75 9.41 -43.43 0.60
N GLU B 76 9.25 -44.44 1.46
CA GLU B 76 7.99 -44.66 2.16
C GLU B 76 8.22 -45.43 3.44
N ASN B 77 9.34 -46.15 3.50
CA ASN B 77 9.68 -46.94 4.67
C ASN B 77 10.14 -46.04 5.81
N GLN B 78 11.12 -45.19 5.53
CA GLN B 78 11.65 -44.27 6.53
C GLN B 78 10.56 -43.35 7.06
N ALA B 79 9.57 -43.08 6.22
CA ALA B 79 8.46 -42.21 6.62
C ALA B 79 7.43 -42.97 7.46
N ALA B 80 7.38 -44.28 7.27
CA ALA B 80 6.44 -45.12 8.00
C ALA B 80 7.01 -45.53 9.36
N PRO B 81 6.14 -45.76 10.37
CA PRO B 81 6.56 -46.17 11.71
C PRO B 81 7.40 -47.45 11.69
N MET A 1 10.60 19.71 -11.49
CA MET A 1 9.39 18.86 -11.43
C MET A 1 9.06 18.51 -9.98
N GLN A 2 7.99 19.10 -9.47
CA GLN A 2 7.56 18.85 -8.10
C GLN A 2 7.20 17.38 -7.89
N ALA A 3 8.14 16.62 -7.36
CA ALA A 3 7.90 15.19 -7.14
C ALA A 3 7.47 14.92 -5.71
N ILE A 4 6.26 14.40 -5.58
CA ILE A 4 5.70 14.08 -4.27
C ILE A 4 5.33 12.61 -4.21
N LYS A 5 5.95 11.89 -3.29
CA LYS A 5 5.68 10.46 -3.14
C LYS A 5 4.59 10.22 -2.10
N CYS A 6 3.42 9.79 -2.56
CA CYS A 6 2.29 9.54 -1.68
C CYS A 6 1.88 8.07 -1.70
N VAL A 7 1.80 7.48 -0.51
CA VAL A 7 1.42 6.07 -0.38
C VAL A 7 -0.04 5.94 0.02
N VAL A 8 -0.77 5.06 -0.66
CA VAL A 8 -2.17 4.85 -0.37
C VAL A 8 -2.37 3.64 0.54
N VAL A 9 -3.04 3.87 1.67
CA VAL A 9 -3.30 2.83 2.65
C VAL A 9 -4.78 2.71 2.96
N GLY A 10 -5.16 1.62 3.64
CA GLY A 10 -6.54 1.42 3.99
C GLY A 10 -6.76 0.11 4.74
N ASP A 11 -7.65 0.14 5.73
CA ASP A 11 -7.93 -1.06 6.52
C ASP A 11 -8.98 -1.92 5.83
N GLY A 12 -9.64 -1.35 4.83
CA GLY A 12 -10.66 -2.09 4.10
C GLY A 12 -10.10 -3.30 3.39
N ALA A 13 -10.98 -4.13 2.85
CA ALA A 13 -10.57 -5.34 2.15
C ALA A 13 -9.88 -4.99 0.83
N VAL A 14 -10.46 -4.06 0.10
CA VAL A 14 -9.91 -3.63 -1.19
C VAL A 14 -10.21 -2.16 -1.45
N GLY A 15 -9.39 -1.53 -2.31
CA GLY A 15 -9.61 -0.13 -2.64
C GLY A 15 -8.31 0.67 -2.67
N LYS A 16 -7.21 0.05 -2.24
CA LYS A 16 -5.93 0.73 -2.22
C LYS A 16 -5.34 0.94 -3.62
N THR A 17 -5.32 -0.11 -4.43
CA THR A 17 -4.76 -0.01 -5.78
C THR A 17 -5.75 0.59 -6.77
N CYS A 18 -7.02 0.32 -6.58
CA CYS A 18 -8.06 0.84 -7.48
C CYS A 18 -8.10 2.36 -7.48
N LEU A 19 -7.88 2.97 -6.33
CA LEU A 19 -7.92 4.42 -6.22
C LEU A 19 -6.85 5.09 -7.09
N LEU A 20 -5.61 4.64 -6.95
CA LEU A 20 -4.50 5.21 -7.73
C LEU A 20 -4.59 4.83 -9.21
N ILE A 21 -4.92 3.57 -9.49
CA ILE A 21 -5.02 3.09 -10.87
C ILE A 21 -6.10 3.82 -11.65
N SER A 22 -7.22 4.10 -11.00
CA SER A 22 -8.32 4.78 -11.66
C SER A 22 -7.92 6.15 -12.18
N TYR A 23 -7.08 6.86 -11.43
CA TYR A 23 -6.65 8.19 -11.82
C TYR A 23 -5.48 8.13 -12.82
N THR A 24 -4.72 7.04 -12.79
CA THR A 24 -3.57 6.90 -13.68
C THR A 24 -3.92 6.23 -15.00
N THR A 25 -4.97 5.41 -15.00
CA THR A 25 -5.37 4.70 -16.21
C THR A 25 -6.77 5.08 -16.64
N ASN A 26 -7.46 5.85 -15.81
CA ASN A 26 -8.82 6.29 -16.10
C ASN A 26 -9.78 5.11 -16.09
N ALA A 27 -9.25 3.94 -15.78
CA ALA A 27 -10.06 2.72 -15.73
C ALA A 27 -9.30 1.59 -15.05
N PHE A 28 -9.73 1.23 -13.84
CA PHE A 28 -9.08 0.17 -13.08
C PHE A 28 -9.41 -1.21 -13.67
N PRO A 29 -8.40 -1.97 -14.12
CA PRO A 29 -8.60 -3.32 -14.68
C PRO A 29 -9.20 -4.28 -13.67
N GLY A 30 -9.27 -5.56 -14.06
CA GLY A 30 -9.81 -6.57 -13.18
C GLY A 30 -8.75 -7.21 -12.30
N GLU A 31 -9.18 -8.12 -11.43
CA GLU A 31 -8.28 -8.82 -10.51
C GLU A 31 -7.62 -7.83 -9.53
N TYR A 32 -7.24 -8.34 -8.37
CA TYR A 32 -6.62 -7.52 -7.34
C TYR A 32 -5.64 -8.35 -6.50
N ILE A 33 -5.55 -9.63 -6.81
CA ILE A 33 -4.66 -10.53 -6.08
C ILE A 33 -3.21 -10.02 -6.10
N PRO A 34 -2.66 -9.70 -7.29
CA PRO A 34 -1.29 -9.21 -7.41
C PRO A 34 -1.19 -7.71 -7.18
N THR A 35 -0.24 -7.29 -6.37
CA THR A 35 -0.05 -5.87 -6.06
C THR A 35 1.43 -5.49 -6.08
N VAL A 36 2.29 -6.50 -5.93
CA VAL A 36 3.74 -6.28 -5.94
C VAL A 36 4.24 -6.01 -7.36
N PHE A 37 4.81 -4.82 -7.56
CA PHE A 37 5.34 -4.44 -8.87
C PHE A 37 6.07 -3.11 -8.79
N ASP A 38 6.66 -2.69 -9.91
CA ASP A 38 7.39 -1.43 -9.97
C ASP A 38 6.79 -0.49 -11.01
N ASN A 39 7.49 0.61 -11.28
CA ASN A 39 7.02 1.60 -12.25
C ASN A 39 5.66 2.16 -11.85
N TYR A 40 5.67 3.24 -11.08
CA TYR A 40 4.44 3.88 -10.63
C TYR A 40 4.60 5.38 -10.53
N SER A 41 4.61 6.05 -11.69
CA SER A 41 4.75 7.49 -11.74
C SER A 41 3.72 8.10 -12.69
N ALA A 42 3.25 9.30 -12.36
CA ALA A 42 2.26 9.98 -13.17
C ALA A 42 2.45 11.49 -13.12
N ASN A 43 2.22 12.15 -14.26
CA ASN A 43 2.37 13.60 -14.33
C ASN A 43 1.02 14.28 -14.11
N VAL A 44 1.03 15.30 -13.25
CA VAL A 44 -0.20 16.03 -12.92
C VAL A 44 0.04 17.54 -12.96
N MET A 45 -0.98 18.27 -13.43
CA MET A 45 -0.90 19.73 -13.53
C MET A 45 -1.45 20.40 -12.27
N VAL A 46 -0.62 21.22 -11.64
CA VAL A 46 -1.03 21.93 -10.43
C VAL A 46 -0.65 23.39 -10.51
N ASP A 47 -1.66 24.25 -10.65
CA ASP A 47 -1.43 25.69 -10.74
C ASP A 47 -0.60 26.05 -11.98
N GLY A 48 -0.57 25.14 -12.94
CA GLY A 48 0.19 25.38 -14.16
C GLY A 48 1.64 25.01 -14.00
N LYS A 49 1.93 24.25 -12.95
CA LYS A 49 3.29 23.81 -12.66
C LYS A 49 3.37 22.29 -12.74
N PRO A 50 4.26 21.74 -13.58
CA PRO A 50 4.40 20.29 -13.70
C PRO A 50 4.71 19.65 -12.35
N VAL A 51 3.97 18.61 -12.01
CA VAL A 51 4.17 17.93 -10.74
C VAL A 51 4.33 16.42 -10.92
N ASN A 52 5.45 15.91 -10.45
CA ASN A 52 5.74 14.48 -10.50
C ASN A 52 5.00 13.77 -9.37
N LEU A 53 4.23 12.74 -9.72
CA LEU A 53 3.47 11.99 -8.72
C LEU A 53 4.05 10.61 -8.49
N GLY A 54 4.26 10.27 -7.22
CA GLY A 54 4.79 8.97 -6.87
C GLY A 54 3.71 8.09 -6.27
N LEU A 55 3.28 7.09 -7.01
CA LEU A 55 2.21 6.20 -6.55
C LEU A 55 2.79 4.93 -5.92
N TRP A 56 2.25 4.57 -4.76
CA TRP A 56 2.69 3.37 -4.05
C TRP A 56 1.48 2.53 -3.65
N ASP A 57 1.71 1.22 -3.46
CA ASP A 57 0.64 0.31 -3.08
C ASP A 57 1.03 -0.52 -1.87
N THR A 58 0.24 -0.41 -0.80
CA THR A 58 0.50 -1.16 0.42
C THR A 58 -0.67 -2.08 0.77
N ALA A 59 -0.67 -2.60 2.00
CA ALA A 59 -1.72 -3.50 2.45
C ALA A 59 -1.80 -4.75 1.58
N GLY A 60 -2.83 -5.56 1.81
CA GLY A 60 -3.01 -6.77 1.04
C GLY A 60 -2.22 -7.95 1.59
N LEU A 61 -1.24 -8.42 0.83
CA LEU A 61 -0.41 -9.54 1.23
C LEU A 61 0.30 -9.26 2.56
N GLU A 62 0.20 -10.21 3.48
CA GLU A 62 0.83 -10.08 4.79
C GLU A 62 2.31 -10.43 4.76
N ASP A 63 2.66 -11.40 3.92
CA ASP A 63 4.05 -11.84 3.80
C ASP A 63 4.97 -10.69 3.40
N TYR A 64 4.42 -9.69 2.72
CA TYR A 64 5.19 -8.53 2.30
C TYR A 64 5.28 -7.50 3.42
N ASP A 65 5.49 -7.97 4.64
CA ASP A 65 5.59 -7.09 5.81
C ASP A 65 6.61 -5.98 5.56
N ARG A 66 7.86 -6.36 5.37
CA ARG A 66 8.93 -5.40 5.13
C ARG A 66 8.96 -4.96 3.66
N LEU A 67 8.84 -5.92 2.76
CA LEU A 67 8.85 -5.65 1.33
C LEU A 67 7.52 -5.03 0.86
N ARG A 68 7.26 -3.78 1.23
CA ARG A 68 6.03 -3.11 0.84
C ARG A 68 5.99 -1.64 1.26
N PRO A 69 6.16 -1.33 2.56
CA PRO A 69 6.13 0.05 3.05
C PRO A 69 7.49 0.76 2.99
N LEU A 70 8.19 0.62 1.87
CA LEU A 70 9.49 1.27 1.73
C LEU A 70 9.34 2.78 1.65
N SER A 71 8.33 3.23 0.90
CA SER A 71 8.07 4.66 0.73
C SER A 71 7.35 5.25 1.93
N TYR A 72 6.44 4.48 2.53
CA TYR A 72 5.65 4.93 3.68
C TYR A 72 6.41 5.93 4.58
N PRO A 73 7.62 5.59 5.07
CA PRO A 73 8.39 6.50 5.94
C PRO A 73 8.67 7.84 5.27
N GLN A 74 9.17 7.79 4.04
CA GLN A 74 9.51 9.00 3.29
C GLN A 74 8.26 9.71 2.75
N THR A 75 7.16 8.97 2.64
CA THR A 75 5.91 9.51 2.13
C THR A 75 5.67 10.94 2.60
N ASP A 76 5.53 11.84 1.64
CA ASP A 76 5.30 13.25 1.93
C ASP A 76 3.89 13.49 2.47
N VAL A 77 2.97 12.60 2.10
CA VAL A 77 1.58 12.73 2.54
C VAL A 77 0.83 11.40 2.37
N PHE A 78 0.03 11.05 3.37
CA PHE A 78 -0.74 9.80 3.33
C PHE A 78 -2.21 10.07 3.06
N LEU A 79 -2.86 9.15 2.35
CA LEU A 79 -4.28 9.27 2.05
C LEU A 79 -5.06 8.26 2.88
N ILE A 80 -6.04 8.75 3.63
CA ILE A 80 -6.85 7.89 4.47
C ILE A 80 -8.13 7.47 3.74
N CYS A 81 -8.15 6.23 3.27
CA CYS A 81 -9.30 5.70 2.55
C CYS A 81 -10.21 4.90 3.47
N PHE A 82 -11.51 5.17 3.37
CA PHE A 82 -12.51 4.47 4.18
C PHE A 82 -13.86 4.44 3.46
N SER A 83 -14.78 3.61 3.94
CA SER A 83 -16.10 3.50 3.33
C SER A 83 -17.07 4.49 3.96
N LEU A 84 -17.46 5.49 3.18
CA LEU A 84 -18.39 6.51 3.63
C LEU A 84 -19.71 5.92 4.11
N VAL A 85 -20.24 4.98 3.34
CA VAL A 85 -21.52 4.35 3.67
C VAL A 85 -21.46 3.62 5.00
N SER A 86 -20.26 3.38 5.49
CA SER A 86 -20.07 2.68 6.76
C SER A 86 -19.34 3.57 7.78
N PRO A 87 -20.06 4.11 8.77
CA PRO A 87 -19.46 4.98 9.80
C PRO A 87 -18.35 4.28 10.57
N ALA A 88 -18.37 2.95 10.58
CA ALA A 88 -17.36 2.18 11.29
C ALA A 88 -15.98 2.33 10.66
N SER A 89 -15.93 2.24 9.33
CA SER A 89 -14.65 2.39 8.63
C SER A 89 -14.05 3.74 8.96
N PHE A 90 -14.91 4.74 9.12
CA PHE A 90 -14.48 6.08 9.46
C PHE A 90 -13.98 6.12 10.90
N GLU A 91 -14.59 5.29 11.73
CA GLU A 91 -14.23 5.19 13.14
C GLU A 91 -12.88 4.49 13.31
N ASN A 92 -12.61 3.54 12.42
CA ASN A 92 -11.39 2.75 12.46
C ASN A 92 -10.16 3.52 11.97
N VAL A 93 -10.32 4.32 10.92
CA VAL A 93 -9.20 5.08 10.38
C VAL A 93 -8.56 5.98 11.43
N ARG A 94 -9.38 6.74 12.15
CA ARG A 94 -8.89 7.62 13.20
C ARG A 94 -8.46 6.83 14.43
N ALA A 95 -8.99 5.61 14.54
CA ALA A 95 -8.70 4.75 15.68
C ALA A 95 -7.28 4.16 15.66
N LYS A 96 -6.86 3.61 14.51
CA LYS A 96 -5.54 2.99 14.43
C LYS A 96 -4.50 3.85 13.70
N TRP A 97 -4.89 4.49 12.60
CA TRP A 97 -3.95 5.31 11.83
C TRP A 97 -3.47 6.55 12.58
N TYR A 98 -4.37 7.22 13.30
CA TYR A 98 -4.01 8.43 14.02
C TYR A 98 -2.98 8.19 15.14
N PRO A 99 -3.17 7.16 16.00
CA PRO A 99 -2.22 6.88 17.09
C PRO A 99 -0.81 6.58 16.58
N GLU A 100 -0.72 6.07 15.36
CA GLU A 100 0.57 5.71 14.77
C GLU A 100 1.33 6.95 14.30
N VAL A 101 0.65 7.82 13.57
CA VAL A 101 1.26 9.05 13.06
C VAL A 101 1.68 9.96 14.20
N ARG A 102 0.84 10.06 15.22
CA ARG A 102 1.12 10.90 16.38
C ARG A 102 2.25 10.33 17.22
N HIS A 103 2.40 9.02 17.18
CA HIS A 103 3.45 8.34 17.95
C HIS A 103 4.83 8.79 17.49
N HIS A 104 4.98 8.94 16.18
CA HIS A 104 6.25 9.37 15.60
C HIS A 104 6.33 10.88 15.53
N CYS A 105 5.17 11.51 15.35
CA CYS A 105 5.08 12.96 15.25
C CYS A 105 6.03 13.50 14.17
N PRO A 106 5.98 12.92 12.95
CA PRO A 106 6.85 13.35 11.84
C PRO A 106 6.52 14.75 11.35
N ASN A 107 5.38 15.28 11.80
CA ASN A 107 4.92 16.61 11.40
C ASN A 107 4.56 16.59 9.91
N THR A 108 4.38 15.38 9.39
CA THR A 108 4.04 15.17 7.98
C THR A 108 2.54 15.43 7.74
N PRO A 109 2.20 16.13 6.64
CA PRO A 109 0.81 16.43 6.30
C PRO A 109 0.03 15.16 6.00
N ILE A 110 -1.30 15.22 6.16
CA ILE A 110 -2.15 14.05 5.91
C ILE A 110 -3.46 14.44 5.23
N ILE A 111 -3.75 13.81 4.11
CA ILE A 111 -4.97 14.08 3.36
C ILE A 111 -6.04 13.04 3.70
N LEU A 112 -7.29 13.36 3.41
CA LEU A 112 -8.39 12.45 3.68
C LEU A 112 -9.13 12.10 2.38
N VAL A 113 -9.43 10.83 2.20
CA VAL A 113 -10.10 10.36 0.99
C VAL A 113 -11.37 9.58 1.33
N GLY A 114 -12.43 9.85 0.59
CA GLY A 114 -13.69 9.15 0.79
C GLY A 114 -13.99 8.20 -0.35
N THR A 115 -13.15 7.17 -0.49
CA THR A 115 -13.30 6.19 -1.56
C THR A 115 -14.71 5.59 -1.57
N LYS A 116 -15.07 5.00 -2.70
CA LYS A 116 -16.38 4.38 -2.86
C LYS A 116 -17.48 5.41 -2.63
N LEU A 117 -17.49 6.44 -3.46
CA LEU A 117 -18.46 7.52 -3.36
C LEU A 117 -19.74 7.20 -4.13
N ASP A 118 -19.58 6.54 -5.26
CA ASP A 118 -20.73 6.18 -6.09
C ASP A 118 -21.73 5.31 -5.34
N LEU A 119 -21.24 4.50 -4.40
CA LEU A 119 -22.10 3.63 -3.62
C LEU A 119 -22.52 4.29 -2.32
N ARG A 120 -22.05 5.51 -2.11
CA ARG A 120 -22.39 6.27 -0.91
C ARG A 120 -23.62 7.13 -1.18
N ASP A 121 -23.79 7.53 -2.43
CA ASP A 121 -24.92 8.34 -2.82
C ASP A 121 -25.95 7.49 -3.56
N ASP A 122 -25.97 6.20 -3.24
CA ASP A 122 -26.88 5.28 -3.89
C ASP A 122 -28.08 4.99 -3.00
N LYS A 123 -29.25 5.37 -3.49
CA LYS A 123 -30.50 5.20 -2.76
C LYS A 123 -30.72 3.77 -2.29
N ASP A 124 -30.79 2.85 -3.24
CA ASP A 124 -31.01 1.44 -2.93
C ASP A 124 -29.95 0.90 -1.98
N THR A 125 -28.68 1.22 -2.22
CA THR A 125 -27.61 0.76 -1.35
C THR A 125 -27.81 1.33 0.05
N ILE A 126 -28.18 2.61 0.12
CA ILE A 126 -28.41 3.27 1.39
C ILE A 126 -29.52 2.53 2.14
N GLU A 127 -30.53 2.12 1.39
CA GLU A 127 -31.65 1.37 1.94
C GLU A 127 -31.13 0.08 2.56
N LYS A 128 -30.10 -0.49 1.94
CA LYS A 128 -29.50 -1.73 2.41
C LYS A 128 -28.71 -1.49 3.68
N LEU A 129 -28.06 -0.33 3.78
CA LEU A 129 -27.28 -0.01 4.96
C LEU A 129 -28.17 0.01 6.19
N LYS A 130 -29.40 0.47 6.00
CA LYS A 130 -30.38 0.52 7.07
C LYS A 130 -30.58 -0.87 7.66
N GLU A 131 -30.46 -1.89 6.81
CA GLU A 131 -30.62 -3.27 7.23
C GLU A 131 -29.55 -3.64 8.25
N LYS A 132 -28.40 -2.98 8.15
CA LYS A 132 -27.29 -3.21 9.06
C LYS A 132 -27.15 -2.08 10.06
N LYS A 133 -28.12 -1.18 10.05
CA LYS A 133 -28.14 -0.03 10.97
C LYS A 133 -26.99 0.94 10.71
N LEU A 134 -26.52 0.99 9.46
CA LEU A 134 -25.44 1.91 9.11
C LEU A 134 -25.92 3.01 8.16
N THR A 135 -25.29 4.17 8.25
CA THR A 135 -25.64 5.30 7.41
C THR A 135 -24.38 5.93 6.79
N PRO A 136 -24.46 6.41 5.54
CA PRO A 136 -23.31 7.02 4.86
C PRO A 136 -22.92 8.37 5.45
N ILE A 137 -21.62 8.65 5.43
CA ILE A 137 -21.07 9.89 5.99
C ILE A 137 -21.29 11.08 5.08
N THR A 138 -21.53 12.25 5.68
CA THR A 138 -21.74 13.47 4.93
C THR A 138 -20.43 14.26 4.86
N TYR A 139 -20.41 15.33 4.06
CA TYR A 139 -19.19 16.13 3.90
C TYR A 139 -18.80 16.85 5.19
N PRO A 140 -19.73 17.56 5.87
CA PRO A 140 -19.42 18.27 7.11
C PRO A 140 -18.98 17.33 8.24
N GLN A 141 -19.39 16.07 8.17
CA GLN A 141 -19.03 15.09 9.18
C GLN A 141 -17.53 14.82 9.11
N GLY A 142 -17.03 14.64 7.90
CA GLY A 142 -15.61 14.38 7.71
C GLY A 142 -14.80 15.65 7.84
N LEU A 143 -15.36 16.76 7.37
CA LEU A 143 -14.67 18.05 7.43
C LEU A 143 -14.29 18.39 8.87
N ALA A 144 -15.20 18.13 9.80
CA ALA A 144 -14.95 18.41 11.21
C ALA A 144 -13.81 17.55 11.75
N MET A 145 -13.74 16.31 11.28
CA MET A 145 -12.70 15.38 11.72
C MET A 145 -11.33 15.80 11.20
N ALA A 146 -11.29 16.38 10.01
CA ALA A 146 -10.03 16.81 9.41
C ALA A 146 -9.34 17.85 10.30
N LYS A 147 -10.12 18.66 10.99
CA LYS A 147 -9.57 19.70 11.87
C LYS A 147 -8.89 19.13 13.10
N GLU A 148 -9.54 18.17 13.73
CA GLU A 148 -9.01 17.55 14.96
C GLU A 148 -7.79 16.68 14.68
N ILE A 149 -7.85 15.86 13.64
CA ILE A 149 -6.72 14.98 13.31
C ILE A 149 -5.61 15.79 12.68
N GLY A 150 -5.83 17.09 12.56
CA GLY A 150 -4.84 17.98 11.98
C GLY A 150 -4.56 17.68 10.53
N ALA A 151 -5.58 17.22 9.82
CA ALA A 151 -5.44 16.90 8.39
C ALA A 151 -5.31 18.16 7.56
N VAL A 152 -4.49 18.08 6.53
CA VAL A 152 -4.26 19.22 5.64
C VAL A 152 -5.49 19.50 4.77
N LYS A 153 -6.23 18.45 4.42
CA LYS A 153 -7.41 18.60 3.60
C LYS A 153 -8.20 17.30 3.50
N TYR A 154 -9.52 17.43 3.41
CA TYR A 154 -10.41 16.27 3.32
C TYR A 154 -11.39 16.40 2.15
N LEU A 155 -11.47 15.35 1.33
CA LEU A 155 -12.39 15.35 0.18
C LEU A 155 -12.98 13.96 -0.04
N GLU A 156 -14.03 13.90 -0.85
CA GLU A 156 -14.69 12.63 -1.16
C GLU A 156 -14.75 12.43 -2.68
N CYS A 157 -14.56 11.18 -3.11
CA CYS A 157 -14.59 10.86 -4.54
C CYS A 157 -14.77 9.36 -4.77
N SER A 158 -15.04 8.99 -6.03
CA SER A 158 -15.21 7.60 -6.40
C SER A 158 -14.22 7.22 -7.48
N ALA A 159 -13.80 5.95 -7.48
CA ALA A 159 -12.84 5.48 -8.48
C ALA A 159 -13.56 4.97 -9.73
N LEU A 160 -14.77 4.42 -9.54
CA LEU A 160 -15.55 3.90 -10.64
C LEU A 160 -16.07 5.02 -11.53
N THR A 161 -16.55 6.09 -10.91
CA THR A 161 -17.09 7.22 -11.65
C THR A 161 -16.07 8.34 -11.76
N GLN A 162 -15.07 8.30 -10.89
CA GLN A 162 -14.00 9.31 -10.88
C GLN A 162 -14.55 10.67 -10.49
N ARG A 163 -15.46 10.69 -9.50
CA ARG A 163 -16.06 11.94 -9.02
C ARG A 163 -15.02 13.07 -8.93
N GLY A 164 -14.05 12.90 -8.04
CA GLY A 164 -13.02 13.90 -7.87
C GLY A 164 -11.65 13.32 -7.56
N LEU A 165 -11.28 12.27 -8.29
CA LEU A 165 -9.99 11.62 -8.09
C LEU A 165 -8.83 12.61 -8.27
N LYS A 166 -8.85 13.30 -9.41
CA LYS A 166 -7.80 14.27 -9.72
C LYS A 166 -7.66 15.30 -8.61
N THR A 167 -8.79 15.63 -8.00
CA THR A 167 -8.81 16.59 -6.90
C THR A 167 -8.01 16.08 -5.72
N VAL A 168 -8.10 14.77 -5.47
CA VAL A 168 -7.38 14.16 -4.35
C VAL A 168 -5.88 14.33 -4.50
N PHE A 169 -5.37 13.88 -5.64
CA PHE A 169 -3.94 13.97 -5.94
C PHE A 169 -3.49 15.43 -6.06
N ASP A 170 -4.31 16.23 -6.71
CA ASP A 170 -4.01 17.66 -6.90
C ASP A 170 -3.86 18.37 -5.56
N GLU A 171 -4.79 18.10 -4.65
CA GLU A 171 -4.76 18.72 -3.33
C GLU A 171 -3.68 18.10 -2.45
N ALA A 172 -3.45 16.81 -2.65
CA ALA A 172 -2.44 16.09 -1.88
C ALA A 172 -1.06 16.69 -2.11
N ILE A 173 -0.80 17.07 -3.35
CA ILE A 173 0.47 17.68 -3.71
C ILE A 173 0.67 18.96 -2.92
N ARG A 174 -0.40 19.75 -2.84
CA ARG A 174 -0.37 21.01 -2.10
C ARG A 174 0.05 20.75 -0.65
N ALA A 175 -0.35 19.60 -0.13
CA ALA A 175 -0.02 19.22 1.25
C ALA A 175 1.47 19.37 1.55
N VAL A 176 2.29 19.31 0.50
CA VAL A 176 3.73 19.45 0.67
C VAL A 176 4.21 20.87 0.36
N LEU A 177 3.58 21.52 -0.61
CA LEU A 177 3.97 22.87 -1.01
C LEU A 177 3.56 23.94 0.01
N CYS A 178 2.27 24.01 0.33
CA CYS A 178 1.79 25.04 1.28
C CYS A 178 2.07 24.65 2.74
N PRO A 179 1.30 23.70 3.35
CA PRO A 179 1.54 23.29 4.74
C PRO A 179 3.01 22.96 5.01
N PRO A 180 3.38 22.68 6.28
CA PRO A 180 4.77 22.37 6.65
C PRO A 180 5.37 21.21 5.86
N PRO A 181 6.67 21.30 5.52
CA PRO A 181 7.40 20.27 4.76
C PRO A 181 7.34 18.89 5.40
N VAL A 182 8.04 17.95 4.78
CA VAL A 182 8.10 16.57 5.27
C VAL A 182 9.51 16.17 5.66
N LYS A 183 10.23 15.52 4.75
CA LYS A 183 11.61 15.08 5.00
C LYS A 183 11.68 14.10 6.16
N LYS A 184 12.61 13.14 6.07
CA LYS A 184 12.78 12.14 7.12
C LYS A 184 14.13 11.44 6.98
N ARG A 185 14.84 11.33 8.11
CA ARG A 185 16.14 10.68 8.13
C ARG A 185 16.23 9.69 9.29
N LYS A 186 16.79 8.51 9.03
CA LYS A 186 16.93 7.50 10.07
C LYS A 186 18.11 6.57 9.79
N ARG A 187 17.95 5.70 8.79
CA ARG A 187 19.00 4.75 8.42
C ARG A 187 19.31 3.80 9.58
N LYS A 188 20.19 2.83 9.31
CA LYS A 188 20.57 1.86 10.34
C LYS A 188 22.03 1.45 10.18
N CYS A 189 22.54 0.72 11.16
CA CYS A 189 23.93 0.27 11.14
C CYS A 189 24.01 -1.21 10.79
N LEU A 190 24.19 -1.50 9.50
CA LEU A 190 24.29 -2.88 9.03
C LEU A 190 25.15 -2.96 7.77
N LEU A 191 26.28 -3.67 7.88
CA LEU A 191 27.19 -3.82 6.76
C LEU A 191 26.57 -4.68 5.66
N LEU A 192 26.67 -4.21 4.42
CA LEU A 192 26.12 -4.95 3.29
C LEU A 192 27.16 -5.90 2.70
N GLY B 1 4.27 -40.62 8.66
CA GLY B 1 4.58 -40.32 7.24
C GLY B 1 3.35 -39.88 6.45
N ILE B 2 3.51 -38.82 5.66
CA ILE B 2 2.41 -38.29 4.86
C ILE B 2 2.14 -39.18 3.66
N PRO B 3 0.85 -39.48 3.38
CA PRO B 3 0.47 -40.32 2.25
C PRO B 3 0.67 -39.62 0.91
N ALA B 4 -0.17 -39.95 -0.07
CA ALA B 4 -0.07 -39.34 -1.40
C ALA B 4 -0.27 -37.83 -1.33
N THR B 5 -0.79 -37.36 -0.20
CA THR B 5 -1.02 -35.92 0.01
C THR B 5 0.30 -35.15 -0.01
N ASN B 6 1.41 -35.87 0.11
CA ASN B 6 2.73 -35.25 0.10
C ASN B 6 2.96 -34.46 -1.18
N LEU B 7 2.17 -34.76 -2.22
CA LEU B 7 2.30 -34.09 -3.49
C LEU B 7 1.94 -32.61 -3.36
N SER B 8 0.88 -32.33 -2.61
CA SER B 8 0.42 -30.96 -2.40
C SER B 8 1.49 -30.15 -1.65
N ARG B 9 2.21 -30.82 -0.76
CA ARG B 9 3.25 -30.19 0.02
C ARG B 9 4.38 -29.72 -0.89
N VAL B 10 4.78 -30.57 -1.83
CA VAL B 10 5.84 -30.24 -2.77
C VAL B 10 5.48 -28.96 -3.52
N ALA B 11 4.28 -28.94 -4.08
CA ALA B 11 3.81 -27.78 -4.82
C ALA B 11 3.75 -26.57 -3.91
N GLY B 12 3.54 -26.83 -2.63
CA GLY B 12 3.46 -25.75 -1.65
C GLY B 12 4.77 -25.00 -1.56
N LEU B 13 5.88 -25.74 -1.68
CA LEU B 13 7.20 -25.13 -1.64
C LEU B 13 7.50 -24.43 -2.95
N GLU B 14 6.98 -24.98 -4.03
CA GLU B 14 7.16 -24.38 -5.35
C GLU B 14 6.44 -23.04 -5.41
N LYS B 15 5.24 -23.03 -4.83
CA LYS B 15 4.41 -21.85 -4.78
C LYS B 15 5.02 -20.80 -3.85
N GLN B 16 5.43 -21.23 -2.66
CA GLN B 16 6.05 -20.32 -1.70
C GLN B 16 7.31 -19.71 -2.27
N LEU B 17 8.15 -20.57 -2.81
CA LEU B 17 9.40 -20.13 -3.43
C LEU B 17 9.11 -19.10 -4.51
N ALA B 18 8.09 -19.37 -5.31
CA ALA B 18 7.69 -18.49 -6.40
C ALA B 18 7.26 -17.13 -5.83
N ILE B 19 6.52 -17.18 -4.74
CA ILE B 19 6.06 -15.97 -4.09
C ILE B 19 7.27 -15.16 -3.63
N GLU B 20 8.27 -15.90 -3.14
CA GLU B 20 9.50 -15.30 -2.68
C GLU B 20 10.25 -14.64 -3.82
N LEU B 21 10.09 -15.14 -5.05
CA LEU B 21 10.75 -14.54 -6.19
C LEU B 21 10.18 -13.15 -6.43
N LYS B 22 8.88 -13.02 -6.19
CA LYS B 22 8.21 -11.74 -6.35
C LYS B 22 8.77 -10.76 -5.33
N VAL B 23 9.17 -11.32 -4.18
CA VAL B 23 9.75 -10.53 -3.11
C VAL B 23 11.19 -10.14 -3.46
N LYS B 24 11.98 -11.12 -3.88
CA LYS B 24 13.37 -10.89 -4.24
C LYS B 24 13.47 -9.94 -5.43
N GLN B 25 12.74 -10.25 -6.50
CA GLN B 25 12.75 -9.42 -7.69
C GLN B 25 12.14 -8.06 -7.40
N GLY B 26 11.24 -8.01 -6.42
CA GLY B 26 10.61 -6.75 -6.06
C GLY B 26 11.58 -5.75 -5.49
N ALA B 27 12.41 -6.21 -4.55
CA ALA B 27 13.40 -5.37 -3.92
C ALA B 27 14.49 -4.95 -4.90
N GLU B 28 15.04 -5.94 -5.61
CA GLU B 28 16.10 -5.68 -6.59
C GLU B 28 15.68 -4.64 -7.62
N ASN B 29 14.46 -4.76 -8.12
CA ASN B 29 13.95 -3.80 -9.10
C ASN B 29 13.94 -2.40 -8.51
N MET B 30 13.44 -2.30 -7.28
CA MET B 30 13.38 -1.02 -6.59
C MET B 30 14.79 -0.51 -6.32
N ILE B 31 15.72 -1.43 -6.09
CA ILE B 31 17.11 -1.09 -5.82
C ILE B 31 17.75 -0.42 -7.04
N GLN B 32 17.56 -1.03 -8.20
CA GLN B 32 18.12 -0.48 -9.44
C GLN B 32 17.51 0.87 -9.76
N THR B 33 16.28 1.07 -9.30
CA THR B 33 15.57 2.33 -9.52
C THR B 33 16.29 3.49 -8.83
N TYR B 34 16.61 3.31 -7.55
CA TYR B 34 17.29 4.34 -6.78
C TYR B 34 18.80 4.26 -6.96
N SER B 35 19.28 3.11 -7.43
CA SER B 35 20.71 2.91 -7.64
C SER B 35 21.26 3.93 -8.63
N ASN B 36 20.51 4.17 -9.70
CA ASN B 36 20.92 5.13 -10.72
C ASN B 36 20.79 6.55 -10.21
N GLY B 37 21.07 7.52 -11.09
CA GLY B 37 20.98 8.92 -10.70
C GLY B 37 19.56 9.44 -10.80
N SER B 38 19.44 10.76 -10.99
CA SER B 38 18.14 11.41 -11.11
C SER B 38 17.33 11.25 -9.82
N THR B 39 17.99 10.80 -8.76
CA THR B 39 17.33 10.60 -7.47
C THR B 39 18.34 10.75 -6.32
N LYS B 40 17.82 11.11 -5.15
CA LYS B 40 18.67 11.29 -3.97
C LYS B 40 18.09 10.55 -2.76
N ASP B 41 17.08 9.74 -3.01
CA ASP B 41 16.44 8.99 -1.93
C ASP B 41 17.24 7.73 -1.59
N ARG B 42 18.25 7.90 -0.73
CA ARG B 42 19.09 6.80 -0.32
C ARG B 42 18.37 5.88 0.66
N LYS B 43 17.42 6.44 1.40
CA LYS B 43 16.65 5.68 2.38
C LYS B 43 15.95 4.50 1.73
N LEU B 44 15.26 4.76 0.63
CA LEU B 44 14.55 3.71 -0.10
C LEU B 44 15.51 2.63 -0.56
N LEU B 45 16.72 3.04 -0.92
CA LEU B 45 17.75 2.13 -1.40
C LEU B 45 18.30 1.28 -0.25
N LEU B 46 18.38 1.87 0.94
CA LEU B 46 18.89 1.19 2.11
C LEU B 46 17.95 0.07 2.55
N THR B 47 16.66 0.39 2.61
CA THR B 47 15.66 -0.58 3.04
C THR B 47 15.53 -1.72 2.04
N ALA B 48 15.56 -1.37 0.75
CA ALA B 48 15.44 -2.36 -0.31
C ALA B 48 16.62 -3.33 -0.28
N GLN B 49 17.81 -2.80 0.04
CA GLN B 49 19.02 -3.61 0.08
C GLN B 49 18.95 -4.67 1.20
N GLN B 50 18.59 -4.23 2.40
CA GLN B 50 18.52 -5.15 3.54
C GLN B 50 17.39 -6.16 3.39
N MET B 51 16.23 -5.70 2.91
CA MET B 51 15.09 -6.60 2.74
C MET B 51 15.33 -7.60 1.62
N LEU B 52 16.14 -7.20 0.64
CA LEU B 52 16.45 -8.08 -0.49
C LEU B 52 17.31 -9.24 -0.03
N GLN B 53 18.31 -8.95 0.80
CA GLN B 53 19.21 -9.99 1.30
C GLN B 53 18.42 -11.01 2.11
N ASP B 54 17.50 -10.51 2.92
CA ASP B 54 16.66 -11.36 3.75
C ASP B 54 15.87 -12.33 2.86
N SER B 55 15.40 -11.82 1.73
CA SER B 55 14.63 -12.64 0.80
C SER B 55 15.49 -13.74 0.21
N LYS B 56 16.74 -13.43 -0.07
CA LYS B 56 17.66 -14.41 -0.64
C LYS B 56 17.76 -15.63 0.26
N THR B 57 17.89 -15.38 1.56
CA THR B 57 17.98 -16.46 2.53
C THR B 57 16.71 -17.31 2.50
N LYS B 58 15.56 -16.65 2.44
CA LYS B 58 14.28 -17.35 2.39
C LYS B 58 14.22 -18.29 1.20
N ILE B 59 14.62 -17.80 0.03
CA ILE B 59 14.63 -18.63 -1.17
C ILE B 59 15.58 -19.82 -0.97
N ASP B 60 16.71 -19.54 -0.32
CA ASP B 60 17.71 -20.56 -0.06
C ASP B 60 17.15 -21.72 0.76
N ILE B 61 16.44 -21.42 1.84
CA ILE B 61 15.88 -22.48 2.68
C ILE B 61 14.74 -23.22 1.99
N ILE B 62 13.81 -22.46 1.42
CA ILE B 62 12.67 -23.06 0.74
C ILE B 62 13.12 -23.95 -0.41
N ARG B 63 14.14 -23.49 -1.11
CA ARG B 63 14.69 -24.21 -2.26
C ARG B 63 15.28 -25.56 -1.83
N MET B 64 16.11 -25.54 -0.79
CA MET B 64 16.73 -26.77 -0.31
C MET B 64 15.70 -27.74 0.24
N GLN B 65 14.71 -27.19 0.96
CA GLN B 65 13.65 -28.01 1.54
C GLN B 65 12.85 -28.69 0.44
N LEU B 66 12.66 -27.99 -0.68
CA LEU B 66 11.93 -28.54 -1.79
C LEU B 66 12.65 -29.78 -2.30
N ARG B 67 13.97 -29.68 -2.37
CA ARG B 67 14.78 -30.81 -2.80
C ARG B 67 14.56 -31.99 -1.87
N ARG B 68 14.32 -31.68 -0.59
CA ARG B 68 14.08 -32.70 0.41
C ARG B 68 12.78 -33.42 0.15
N ALA B 69 11.78 -32.67 -0.31
CA ALA B 69 10.47 -33.23 -0.61
C ALA B 69 10.55 -34.29 -1.70
N LEU B 70 11.22 -33.95 -2.80
CA LEU B 70 11.36 -34.87 -3.92
C LEU B 70 12.25 -36.05 -3.52
N GLN B 71 13.21 -35.80 -2.65
CA GLN B 71 14.11 -36.83 -2.18
C GLN B 71 13.38 -37.82 -1.27
N ALA B 72 12.40 -37.31 -0.53
CA ALA B 72 11.62 -38.14 0.38
C ALA B 72 10.39 -38.71 -0.32
N ASP B 73 10.15 -38.25 -1.55
CA ASP B 73 9.00 -38.73 -2.32
C ASP B 73 9.37 -39.98 -3.12
N GLN B 74 10.59 -40.00 -3.65
CA GLN B 74 11.05 -41.15 -4.42
C GLN B 74 11.05 -42.41 -3.57
N LEU B 75 11.44 -42.27 -2.30
CA LEU B 75 11.48 -43.39 -1.37
C LEU B 75 10.18 -43.48 -0.57
N GLU B 76 9.20 -42.68 -0.97
CA GLU B 76 7.89 -42.66 -0.31
C GLU B 76 7.98 -42.11 1.11
N ASN B 77 8.42 -42.94 2.06
CA ASN B 77 8.51 -42.53 3.46
C ASN B 77 9.93 -42.64 4.00
N GLN B 78 10.32 -43.85 4.39
CA GLN B 78 11.65 -44.10 4.94
C GLN B 78 11.86 -43.34 6.23
N ALA B 79 10.76 -42.91 6.84
CA ALA B 79 10.82 -42.15 8.09
C ALA B 79 11.05 -43.09 9.28
N ALA B 80 10.22 -44.12 9.38
CA ALA B 80 10.33 -45.09 10.47
C ALA B 80 11.37 -46.16 10.13
N PRO B 81 11.96 -46.80 11.17
CA PRO B 81 12.96 -47.85 10.97
C PRO B 81 12.33 -49.19 10.60
N MET A 1 9.94 20.78 -11.22
CA MET A 1 8.86 19.78 -11.04
C MET A 1 8.72 19.39 -9.58
N GLN A 2 7.57 19.68 -8.99
CA GLN A 2 7.32 19.36 -7.60
C GLN A 2 7.03 17.88 -7.44
N ALA A 3 8.04 17.11 -7.07
CA ALA A 3 7.87 15.68 -6.90
C ALA A 3 7.49 15.34 -5.47
N ILE A 4 6.31 14.75 -5.31
CA ILE A 4 5.81 14.37 -4.00
C ILE A 4 5.50 12.88 -3.95
N LYS A 5 5.94 12.22 -2.88
CA LYS A 5 5.70 10.80 -2.72
C LYS A 5 4.46 10.56 -1.88
N CYS A 6 3.41 10.04 -2.53
CA CYS A 6 2.15 9.79 -1.85
C CYS A 6 1.76 8.31 -1.92
N VAL A 7 1.61 7.69 -0.76
CA VAL A 7 1.22 6.28 -0.69
C VAL A 7 -0.23 6.14 -0.27
N VAL A 8 -0.97 5.31 -0.99
CA VAL A 8 -2.39 5.10 -0.69
C VAL A 8 -2.59 3.84 0.13
N VAL A 9 -3.22 3.98 1.29
CA VAL A 9 -3.49 2.86 2.18
C VAL A 9 -4.95 2.84 2.60
N GLY A 10 -5.45 1.65 2.95
CA GLY A 10 -6.82 1.51 3.37
C GLY A 10 -7.13 0.12 3.88
N ASP A 11 -7.95 0.04 4.94
CA ASP A 11 -8.32 -1.24 5.53
C ASP A 11 -9.13 -2.08 4.55
N GLY A 12 -9.69 -1.42 3.53
CA GLY A 12 -10.47 -2.12 2.54
C GLY A 12 -9.66 -3.13 1.75
N ALA A 13 -10.21 -4.32 1.57
CA ALA A 13 -9.52 -5.38 0.84
C ALA A 13 -9.23 -4.95 -0.58
N VAL A 14 -10.12 -4.15 -1.17
CA VAL A 14 -9.95 -3.67 -2.53
C VAL A 14 -10.20 -2.16 -2.61
N GLY A 15 -9.35 -1.47 -3.38
CA GLY A 15 -9.51 -0.03 -3.52
C GLY A 15 -8.19 0.72 -3.56
N LYS A 16 -7.09 0.04 -3.26
CA LYS A 16 -5.77 0.68 -3.26
C LYS A 16 -5.27 1.00 -4.67
N THR A 17 -5.35 0.03 -5.59
CA THR A 17 -4.87 0.25 -6.95
C THR A 17 -5.89 1.00 -7.81
N CYS A 18 -7.17 0.75 -7.55
CA CYS A 18 -8.24 1.39 -8.31
C CYS A 18 -8.21 2.91 -8.17
N LEU A 19 -7.86 3.38 -6.97
CA LEU A 19 -7.81 4.82 -6.71
C LEU A 19 -6.79 5.51 -7.62
N LEU A 20 -5.58 4.95 -7.68
CA LEU A 20 -4.52 5.50 -8.51
C LEU A 20 -4.80 5.31 -10.00
N ILE A 21 -5.23 4.12 -10.37
CA ILE A 21 -5.51 3.80 -11.77
C ILE A 21 -6.61 4.66 -12.35
N SER A 22 -7.67 4.90 -11.59
CA SER A 22 -8.79 5.70 -12.06
C SER A 22 -8.35 7.12 -12.44
N TYR A 23 -7.43 7.69 -11.67
CA TYR A 23 -6.97 9.04 -11.94
C TYR A 23 -5.91 9.08 -13.05
N THR A 24 -5.20 7.98 -13.24
CA THR A 24 -4.15 7.92 -14.25
C THR A 24 -4.66 7.42 -15.60
N THR A 25 -5.74 6.63 -15.60
CA THR A 25 -6.29 6.10 -16.84
C THR A 25 -7.72 6.56 -17.06
N ASN A 26 -8.28 7.25 -16.06
CA ASN A 26 -9.64 7.76 -16.14
C ASN A 26 -10.65 6.62 -16.17
N ALA A 27 -10.16 5.40 -16.07
CA ALA A 27 -11.02 4.22 -16.09
C ALA A 27 -10.27 2.96 -15.71
N PHE A 28 -10.70 2.32 -14.63
CA PHE A 28 -10.06 1.10 -14.16
C PHE A 28 -10.43 -0.09 -15.06
N PRO A 29 -9.42 -0.73 -15.71
CA PRO A 29 -9.66 -1.86 -16.59
C PRO A 29 -10.04 -3.12 -15.82
N GLY A 30 -9.78 -3.12 -14.52
CA GLY A 30 -10.11 -4.27 -13.69
C GLY A 30 -9.05 -5.35 -13.76
N GLU A 31 -7.79 -4.94 -13.80
CA GLU A 31 -6.68 -5.88 -13.86
C GLU A 31 -6.40 -6.48 -12.49
N TYR A 32 -5.69 -7.61 -12.46
CA TYR A 32 -5.37 -8.27 -11.21
C TYR A 32 -4.02 -7.79 -10.66
N ILE A 33 -2.97 -8.60 -10.82
CA ILE A 33 -1.63 -8.24 -10.33
C ILE A 33 -1.63 -8.09 -8.80
N PRO A 34 -0.89 -8.96 -8.08
CA PRO A 34 -0.83 -8.91 -6.62
C PRO A 34 -0.10 -7.66 -6.11
N THR A 35 0.27 -6.79 -7.04
CA THR A 35 0.97 -5.55 -6.70
C THR A 35 2.30 -5.84 -6.01
N VAL A 36 3.36 -5.92 -6.81
CA VAL A 36 4.70 -6.18 -6.29
C VAL A 36 5.75 -6.13 -7.42
N PHE A 37 6.35 -4.96 -7.60
CA PHE A 37 7.36 -4.77 -8.63
C PHE A 37 7.96 -3.38 -8.58
N ASP A 38 7.14 -2.36 -8.81
CA ASP A 38 7.59 -0.98 -8.78
C ASP A 38 6.41 -0.02 -8.67
N ASN A 39 6.71 1.27 -8.78
CA ASN A 39 5.68 2.31 -8.68
C ASN A 39 5.44 2.96 -10.05
N TYR A 40 4.66 4.04 -10.04
CA TYR A 40 4.36 4.76 -11.27
C TYR A 40 4.50 6.26 -11.07
N SER A 41 4.55 7.00 -12.17
CA SER A 41 4.67 8.46 -12.12
C SER A 41 3.68 9.13 -13.05
N ALA A 42 3.19 10.29 -12.64
CA ALA A 42 2.22 11.04 -13.43
C ALA A 42 2.40 12.54 -13.25
N ASN A 43 2.15 13.30 -14.31
CA ASN A 43 2.27 14.75 -14.25
C ASN A 43 0.91 15.38 -13.98
N VAL A 44 0.86 16.26 -13.00
CA VAL A 44 -0.39 16.93 -12.65
C VAL A 44 -0.20 18.44 -12.54
N MET A 45 -1.21 19.17 -13.00
CA MET A 45 -1.19 20.62 -12.98
C MET A 45 -1.87 21.16 -11.73
N VAL A 46 -1.11 21.87 -10.90
CA VAL A 46 -1.64 22.44 -9.67
C VAL A 46 -1.29 23.92 -9.55
N ASP A 47 -2.30 24.77 -9.63
CA ASP A 47 -2.09 26.21 -9.52
C ASP A 47 -1.21 26.74 -10.65
N GLY A 48 -1.07 25.96 -11.72
CA GLY A 48 -0.25 26.38 -12.84
C GLY A 48 1.20 26.03 -12.65
N LYS A 49 1.47 25.16 -11.69
CA LYS A 49 2.82 24.72 -11.39
C LYS A 49 2.95 23.21 -11.58
N PRO A 50 3.67 22.76 -12.63
CA PRO A 50 3.84 21.32 -12.90
C PRO A 50 4.43 20.59 -11.71
N VAL A 51 3.80 19.50 -11.32
CA VAL A 51 4.27 18.73 -10.18
C VAL A 51 4.40 17.24 -10.52
N ASN A 52 5.49 16.63 -10.06
CA ASN A 52 5.73 15.22 -10.28
C ASN A 52 4.96 14.40 -9.24
N LEU A 53 4.09 13.51 -9.70
CA LEU A 53 3.28 12.70 -8.82
C LEU A 53 3.81 11.27 -8.72
N GLY A 54 3.97 10.80 -7.48
CA GLY A 54 4.44 9.46 -7.26
C GLY A 54 3.32 8.56 -6.76
N LEU A 55 2.94 7.58 -7.56
CA LEU A 55 1.85 6.68 -7.20
C LEU A 55 2.38 5.39 -6.57
N TRP A 56 2.00 5.16 -5.32
CA TRP A 56 2.42 3.97 -4.60
C TRP A 56 1.20 3.26 -4.02
N ASP A 57 0.88 2.09 -4.57
CA ASP A 57 -0.26 1.32 -4.11
C ASP A 57 0.17 0.15 -3.24
N THR A 58 -0.21 0.19 -1.96
CA THR A 58 0.13 -0.87 -1.02
C THR A 58 -0.74 -2.10 -1.26
N ALA A 59 -0.09 -3.19 -1.66
CA ALA A 59 -0.81 -4.44 -1.93
C ALA A 59 -1.59 -4.90 -0.71
N GLY A 60 -2.73 -5.55 -0.95
CA GLY A 60 -3.56 -6.03 0.14
C GLY A 60 -3.04 -7.31 0.73
N LEU A 61 -1.86 -7.73 0.30
CA LEU A 61 -1.24 -8.96 0.80
C LEU A 61 -0.47 -8.70 2.10
N GLU A 62 -0.61 -9.60 3.05
CA GLU A 62 0.06 -9.48 4.34
C GLU A 62 1.51 -9.96 4.28
N ASP A 63 1.72 -11.00 3.50
CA ASP A 63 3.05 -11.60 3.35
C ASP A 63 4.08 -10.58 2.88
N TYR A 64 3.64 -9.58 2.11
CA TYR A 64 4.54 -8.56 1.61
C TYR A 64 4.63 -7.38 2.58
N ASP A 65 4.44 -7.67 3.86
CA ASP A 65 4.51 -6.63 4.89
C ASP A 65 5.83 -5.87 4.82
N ARG A 66 6.92 -6.60 4.62
CA ARG A 66 8.25 -5.99 4.54
C ARG A 66 8.51 -5.42 3.14
N LEU A 67 8.24 -6.23 2.12
CA LEU A 67 8.45 -5.82 0.74
C LEU A 67 7.23 -5.08 0.19
N ARG A 68 7.11 -3.79 0.53
CA ARG A 68 5.99 -2.97 0.07
C ARG A 68 6.06 -1.54 0.59
N PRO A 69 6.23 -1.34 1.91
CA PRO A 69 6.29 0.01 2.51
C PRO A 69 7.66 0.66 2.40
N LEU A 70 8.28 0.57 1.22
CA LEU A 70 9.59 1.20 1.02
C LEU A 70 9.46 2.71 1.02
N SER A 71 8.42 3.19 0.35
CA SER A 71 8.18 4.62 0.23
C SER A 71 7.50 5.19 1.48
N TYR A 72 6.61 4.40 2.08
CA TYR A 72 5.86 4.81 3.27
C TYR A 72 6.66 5.78 4.17
N PRO A 73 7.89 5.42 4.61
CA PRO A 73 8.68 6.30 5.47
C PRO A 73 8.94 7.68 4.86
N GLN A 74 9.38 7.69 3.61
CA GLN A 74 9.68 8.94 2.89
C GLN A 74 8.41 9.66 2.47
N THR A 75 7.30 8.93 2.39
CA THR A 75 6.01 9.49 1.98
C THR A 75 5.79 10.89 2.55
N ASP A 76 5.72 11.87 1.66
CA ASP A 76 5.50 13.26 2.03
C ASP A 76 4.08 13.47 2.57
N VAL A 77 3.16 12.60 2.15
CA VAL A 77 1.77 12.70 2.59
C VAL A 77 1.01 11.39 2.34
N PHE A 78 0.21 10.99 3.34
CA PHE A 78 -0.56 9.76 3.23
C PHE A 78 -2.04 10.05 2.99
N LEU A 79 -2.71 9.16 2.27
CA LEU A 79 -4.13 9.31 2.00
C LEU A 79 -4.92 8.26 2.76
N ILE A 80 -5.87 8.71 3.58
CA ILE A 80 -6.70 7.79 4.36
C ILE A 80 -7.99 7.48 3.62
N CYS A 81 -8.05 6.30 3.02
CA CYS A 81 -9.23 5.88 2.27
C CYS A 81 -10.11 4.95 3.09
N PHE A 82 -11.40 5.26 3.10
CA PHE A 82 -12.37 4.45 3.84
C PHE A 82 -13.73 4.47 3.14
N SER A 83 -14.62 3.57 3.55
CA SER A 83 -15.94 3.48 2.95
C SER A 83 -16.92 4.39 3.69
N LEU A 84 -17.42 5.40 3.00
CA LEU A 84 -18.35 6.36 3.57
C LEU A 84 -19.65 5.69 4.03
N VAL A 85 -20.19 4.82 3.20
CA VAL A 85 -21.44 4.13 3.51
C VAL A 85 -21.33 3.33 4.80
N SER A 86 -20.11 3.03 5.20
CA SER A 86 -19.87 2.27 6.42
C SER A 86 -19.04 3.09 7.42
N PRO A 87 -19.66 3.57 8.52
CA PRO A 87 -18.96 4.38 9.53
C PRO A 87 -17.83 3.61 10.20
N ALA A 88 -17.93 2.28 10.20
CA ALA A 88 -16.91 1.43 10.82
C ALA A 88 -15.55 1.67 10.19
N SER A 89 -15.50 1.74 8.87
CA SER A 89 -14.25 1.98 8.16
C SER A 89 -13.65 3.30 8.64
N PHE A 90 -14.51 4.25 8.92
CA PHE A 90 -14.10 5.56 9.41
C PHE A 90 -13.57 5.42 10.83
N GLU A 91 -14.16 4.49 11.58
CA GLU A 91 -13.76 4.23 12.96
C GLU A 91 -12.41 3.53 13.04
N ASN A 92 -12.14 2.68 12.04
CA ASN A 92 -10.90 1.91 12.01
C ASN A 92 -9.71 2.74 11.54
N VAL A 93 -9.91 3.61 10.55
CA VAL A 93 -8.81 4.42 10.03
C VAL A 93 -8.16 5.25 11.13
N ARG A 94 -8.97 5.94 11.92
CA ARG A 94 -8.45 6.75 13.02
C ARG A 94 -7.99 5.87 14.17
N ALA A 95 -8.52 4.64 14.21
CA ALA A 95 -8.19 3.70 15.26
C ALA A 95 -6.74 3.23 15.24
N LYS A 96 -6.25 2.84 14.05
CA LYS A 96 -4.87 2.34 13.94
C LYS A 96 -3.89 3.37 13.35
N TRP A 97 -4.30 4.07 12.30
CA TRP A 97 -3.43 5.04 11.64
C TRP A 97 -3.09 6.25 12.52
N TYR A 98 -4.09 6.85 13.15
CA TYR A 98 -3.88 8.04 13.97
C TYR A 98 -2.88 7.82 15.12
N PRO A 99 -3.00 6.72 15.91
CA PRO A 99 -2.10 6.47 17.03
C PRO A 99 -0.65 6.24 16.59
N GLU A 100 -0.47 5.73 15.38
CA GLU A 100 0.86 5.46 14.85
C GLU A 100 1.57 6.73 14.43
N VAL A 101 0.89 7.57 13.66
CA VAL A 101 1.48 8.82 13.18
C VAL A 101 1.77 9.76 14.34
N ARG A 102 0.88 9.80 15.32
CA ARG A 102 1.05 10.67 16.48
C ARG A 102 2.20 10.20 17.37
N HIS A 103 2.45 8.89 17.35
CA HIS A 103 3.52 8.31 18.15
C HIS A 103 4.89 8.68 17.58
N HIS A 104 5.03 8.59 16.27
CA HIS A 104 6.28 8.92 15.61
C HIS A 104 6.48 10.43 15.56
N CYS A 105 5.37 11.15 15.44
CA CYS A 105 5.39 12.61 15.38
C CYS A 105 6.31 13.09 14.25
N PRO A 106 6.13 12.56 13.03
CA PRO A 106 6.95 12.94 11.87
C PRO A 106 6.67 14.38 11.43
N ASN A 107 5.60 14.97 11.95
CA ASN A 107 5.22 16.33 11.59
C ASN A 107 4.80 16.37 10.13
N THR A 108 4.53 15.20 9.58
CA THR A 108 4.11 15.06 8.19
C THR A 108 2.61 15.28 8.04
N PRO A 109 2.18 16.06 7.02
CA PRO A 109 0.76 16.33 6.77
C PRO A 109 0.00 15.07 6.39
N ILE A 110 -1.31 15.09 6.59
CA ILE A 110 -2.14 13.93 6.27
C ILE A 110 -3.45 14.34 5.62
N ILE A 111 -3.72 13.75 4.46
CA ILE A 111 -4.93 14.05 3.71
C ILE A 111 -5.99 12.98 3.97
N LEU A 112 -7.24 13.30 3.70
CA LEU A 112 -8.34 12.36 3.88
C LEU A 112 -9.06 12.11 2.57
N VAL A 113 -9.33 10.84 2.28
CA VAL A 113 -9.99 10.47 1.04
C VAL A 113 -11.25 9.65 1.30
N GLY A 114 -12.34 10.04 0.65
CA GLY A 114 -13.59 9.33 0.80
C GLY A 114 -13.91 8.49 -0.43
N THR A 115 -13.05 7.52 -0.70
CA THR A 115 -13.20 6.65 -1.85
C THR A 115 -14.58 5.98 -1.89
N LYS A 116 -14.97 5.53 -3.08
CA LYS A 116 -16.25 4.86 -3.27
C LYS A 116 -17.40 5.77 -2.91
N LEU A 117 -17.77 6.67 -3.83
CA LEU A 117 -18.88 7.57 -3.60
C LEU A 117 -20.09 7.22 -4.45
N ASP A 118 -19.86 6.47 -5.52
CA ASP A 118 -20.95 6.09 -6.41
C ASP A 118 -22.02 5.33 -5.62
N LEU A 119 -21.60 4.70 -4.53
CA LEU A 119 -22.53 3.97 -3.67
C LEU A 119 -22.92 4.79 -2.45
N ARG A 120 -22.18 5.89 -2.21
CA ARG A 120 -22.46 6.75 -1.07
C ARG A 120 -23.74 7.55 -1.31
N ASP A 121 -23.96 7.93 -2.56
CA ASP A 121 -25.15 8.69 -2.92
C ASP A 121 -26.15 7.78 -3.61
N ASP A 122 -26.10 6.49 -3.29
CA ASP A 122 -27.00 5.52 -3.89
C ASP A 122 -28.11 5.13 -2.93
N LYS A 123 -29.33 5.49 -3.28
CA LYS A 123 -30.49 5.19 -2.45
C LYS A 123 -30.58 3.72 -2.08
N ASP A 124 -30.58 2.88 -3.10
CA ASP A 124 -30.68 1.43 -2.90
C ASP A 124 -29.56 0.92 -1.99
N THR A 125 -28.34 1.38 -2.21
CA THR A 125 -27.21 0.96 -1.38
C THR A 125 -27.42 1.44 0.05
N ILE A 126 -27.87 2.68 0.18
CA ILE A 126 -28.12 3.25 1.49
C ILE A 126 -29.15 2.41 2.22
N GLU A 127 -30.14 1.94 1.47
CA GLU A 127 -31.18 1.08 2.00
C GLU A 127 -30.57 -0.20 2.55
N LYS A 128 -29.52 -0.66 1.87
CA LYS A 128 -28.83 -1.88 2.27
C LYS A 128 -28.09 -1.70 3.58
N LEU A 129 -27.52 -0.51 3.77
CA LEU A 129 -26.78 -0.22 4.99
C LEU A 129 -27.68 -0.34 6.21
N LYS A 130 -28.92 0.08 6.04
CA LYS A 130 -29.90 0.02 7.11
C LYS A 130 -30.07 -1.42 7.59
N GLU A 131 -29.90 -2.36 6.66
CA GLU A 131 -30.04 -3.77 6.98
C GLU A 131 -28.99 -4.19 7.98
N LYS A 132 -27.83 -3.53 7.93
CA LYS A 132 -26.74 -3.83 8.84
C LYS A 132 -26.64 -2.76 9.93
N LYS A 133 -27.67 -1.92 10.02
CA LYS A 133 -27.73 -0.87 11.02
C LYS A 133 -26.62 0.16 10.84
N LEU A 134 -26.14 0.33 9.61
CA LEU A 134 -25.09 1.30 9.31
C LEU A 134 -25.63 2.43 8.44
N THR A 135 -24.99 3.59 8.52
CA THR A 135 -25.37 4.75 7.74
C THR A 135 -24.16 5.37 7.05
N PRO A 136 -24.34 5.95 5.85
CA PRO A 136 -23.24 6.56 5.11
C PRO A 136 -22.75 7.86 5.74
N ILE A 137 -21.49 8.19 5.47
CA ILE A 137 -20.86 9.38 6.03
C ILE A 137 -21.11 10.61 5.14
N THR A 138 -21.42 11.73 5.78
CA THR A 138 -21.68 12.96 5.08
C THR A 138 -20.41 13.83 5.01
N TYR A 139 -20.47 14.93 4.27
CA TYR A 139 -19.32 15.81 4.12
C TYR A 139 -18.88 16.43 5.46
N PRO A 140 -19.81 17.03 6.24
CA PRO A 140 -19.47 17.65 7.52
C PRO A 140 -18.94 16.64 8.54
N GLN A 141 -19.34 15.38 8.41
CA GLN A 141 -18.89 14.34 9.32
C GLN A 141 -17.39 14.14 9.21
N GLY A 142 -16.89 14.09 7.99
CA GLY A 142 -15.48 13.93 7.76
C GLY A 142 -14.72 15.21 8.04
N LEU A 143 -15.34 16.33 7.71
CA LEU A 143 -14.74 17.65 7.92
C LEU A 143 -14.29 17.79 9.38
N ALA A 144 -15.16 17.37 10.30
CA ALA A 144 -14.87 17.45 11.72
C ALA A 144 -13.69 16.54 12.08
N MET A 145 -13.65 15.36 11.48
CA MET A 145 -12.58 14.40 11.75
C MET A 145 -11.21 14.97 11.36
N ALA A 146 -11.19 15.79 10.32
CA ALA A 146 -9.94 16.40 9.85
C ALA A 146 -9.36 17.34 10.89
N LYS A 147 -10.24 18.02 11.63
CA LYS A 147 -9.80 18.98 12.64
C LYS A 147 -9.14 18.29 13.83
N GLU A 148 -9.73 17.19 14.28
CA GLU A 148 -9.22 16.45 15.43
C GLU A 148 -7.90 15.75 15.12
N ILE A 149 -7.84 15.09 13.96
CA ILE A 149 -6.62 14.38 13.57
C ILE A 149 -5.61 15.37 13.00
N GLY A 150 -6.00 16.64 12.97
CA GLY A 150 -5.13 17.68 12.45
C GLY A 150 -4.79 17.48 11.00
N ALA A 151 -5.69 16.86 10.26
CA ALA A 151 -5.48 16.61 8.84
C ALA A 151 -5.35 17.91 8.06
N VAL A 152 -4.45 17.91 7.08
CA VAL A 152 -4.22 19.08 6.26
C VAL A 152 -5.42 19.40 5.38
N LYS A 153 -6.16 18.36 4.97
CA LYS A 153 -7.34 18.55 4.14
C LYS A 153 -8.12 17.25 3.96
N TYR A 154 -9.43 17.37 3.87
CA TYR A 154 -10.32 16.22 3.70
C TYR A 154 -11.30 16.41 2.55
N LEU A 155 -11.40 15.41 1.68
CA LEU A 155 -12.34 15.46 0.56
C LEU A 155 -12.91 14.07 0.24
N GLU A 156 -14.05 14.06 -0.46
CA GLU A 156 -14.70 12.80 -0.84
C GLU A 156 -14.77 12.68 -2.36
N CYS A 157 -14.63 11.47 -2.89
CA CYS A 157 -14.67 11.26 -4.33
C CYS A 157 -14.89 9.79 -4.68
N SER A 158 -15.16 9.54 -5.96
CA SER A 158 -15.38 8.18 -6.45
C SER A 158 -14.44 7.89 -7.62
N ALA A 159 -14.04 6.63 -7.76
CA ALA A 159 -13.13 6.25 -8.83
C ALA A 159 -13.90 5.90 -10.10
N LEU A 160 -15.18 5.57 -9.96
CA LEU A 160 -16.01 5.23 -11.10
C LEU A 160 -16.52 6.48 -11.82
N THR A 161 -16.96 7.46 -11.05
CA THR A 161 -17.49 8.69 -11.63
C THR A 161 -16.47 9.82 -11.65
N GLN A 162 -15.36 9.63 -10.92
CA GLN A 162 -14.31 10.64 -10.84
C GLN A 162 -14.80 11.90 -10.12
N ARG A 163 -15.70 11.71 -9.16
CA ARG A 163 -16.27 12.82 -8.39
C ARG A 163 -15.24 13.93 -8.14
N GLY A 164 -14.06 13.55 -7.66
CA GLY A 164 -13.03 14.52 -7.39
C GLY A 164 -11.66 13.88 -7.17
N LEU A 165 -11.33 12.89 -7.98
CA LEU A 165 -10.04 12.21 -7.86
C LEU A 165 -8.89 13.19 -8.02
N LYS A 166 -8.90 13.95 -9.11
CA LYS A 166 -7.86 14.93 -9.38
C LYS A 166 -7.71 15.89 -8.21
N THR A 167 -8.82 16.20 -7.58
CA THR A 167 -8.82 17.10 -6.43
C THR A 167 -8.03 16.50 -5.28
N VAL A 168 -8.12 15.18 -5.11
CA VAL A 168 -7.41 14.51 -4.03
C VAL A 168 -5.90 14.70 -4.18
N PHE A 169 -5.38 14.34 -5.35
CA PHE A 169 -3.96 14.47 -5.64
C PHE A 169 -3.54 15.93 -5.67
N ASP A 170 -4.35 16.77 -6.29
CA ASP A 170 -4.06 18.19 -6.41
C ASP A 170 -3.92 18.84 -5.03
N GLU A 171 -4.85 18.54 -4.14
CA GLU A 171 -4.84 19.08 -2.79
C GLU A 171 -3.76 18.42 -1.93
N ALA A 172 -3.52 17.15 -2.19
CA ALA A 172 -2.53 16.39 -1.45
C ALA A 172 -1.14 16.98 -1.65
N ILE A 173 -0.87 17.39 -2.88
CA ILE A 173 0.42 17.99 -3.23
C ILE A 173 0.62 19.25 -2.39
N ARG A 174 -0.45 20.02 -2.24
CA ARG A 174 -0.40 21.25 -1.46
C ARG A 174 0.05 20.96 -0.03
N ALA A 175 -0.36 19.80 0.47
CA ALA A 175 -0.02 19.37 1.83
C ALA A 175 1.47 19.51 2.12
N VAL A 176 2.28 19.47 1.07
CA VAL A 176 3.73 19.60 1.23
C VAL A 176 4.20 21.02 0.98
N LEU A 177 3.60 21.69 0.01
CA LEU A 177 3.97 23.06 -0.34
C LEU A 177 3.62 24.06 0.77
N CYS A 178 2.35 24.10 1.17
CA CYS A 178 1.91 25.04 2.20
C CYS A 178 2.30 24.55 3.61
N PRO A 179 1.77 23.39 4.09
CA PRO A 179 2.12 22.89 5.42
C PRO A 179 3.63 22.67 5.57
N PRO A 180 4.09 22.35 6.79
CA PRO A 180 5.53 22.13 7.05
C PRO A 180 6.11 21.01 6.20
N PRO A 181 7.38 21.15 5.76
CA PRO A 181 8.07 20.14 4.94
C PRO A 181 8.05 18.75 5.55
N VAL A 182 8.67 17.80 4.86
CA VAL A 182 8.74 16.42 5.31
C VAL A 182 10.18 16.05 5.68
N LYS A 183 10.84 15.30 4.79
CA LYS A 183 12.23 14.87 5.01
C LYS A 183 12.45 14.34 6.42
N LYS A 184 12.43 13.01 6.56
CA LYS A 184 12.65 12.39 7.87
C LYS A 184 13.75 11.34 7.80
N ARG A 185 14.38 11.07 8.94
CA ARG A 185 15.47 10.10 9.01
C ARG A 185 14.97 8.76 9.55
N LYS A 186 15.51 7.68 9.02
CA LYS A 186 15.14 6.34 9.44
C LYS A 186 16.09 5.30 8.84
N ARG A 187 16.86 4.65 9.70
CA ARG A 187 17.82 3.65 9.25
C ARG A 187 18.17 2.67 10.37
N LYS A 188 18.40 1.42 10.00
CA LYS A 188 18.74 0.38 10.97
C LYS A 188 20.09 0.66 11.62
N CYS A 189 20.40 -0.07 12.69
CA CYS A 189 21.66 0.11 13.39
C CYS A 189 22.83 -0.30 12.52
N LEU A 190 23.98 0.34 12.72
CA LEU A 190 25.19 0.05 11.96
C LEU A 190 24.98 0.30 10.47
N LEU A 191 25.48 1.43 9.98
CA LEU A 191 25.36 1.78 8.58
C LEU A 191 26.02 0.73 7.68
N LEU A 192 25.60 0.68 6.43
CA LEU A 192 26.16 -0.27 5.47
C LEU A 192 27.48 0.23 4.91
N GLY B 1 8.84 -34.55 7.62
CA GLY B 1 8.79 -35.88 8.28
C GLY B 1 7.43 -36.55 8.15
N ILE B 2 6.87 -36.51 6.94
CA ILE B 2 5.57 -37.10 6.68
C ILE B 2 5.66 -38.62 6.61
N PRO B 3 4.74 -39.33 7.28
CA PRO B 3 4.73 -40.80 7.31
C PRO B 3 4.25 -41.41 5.99
N ALA B 4 3.19 -40.84 5.44
CA ALA B 4 2.63 -41.32 4.19
C ALA B 4 3.20 -40.55 3.00
N THR B 5 3.87 -39.44 3.31
CA THR B 5 4.47 -38.58 2.30
C THR B 5 3.41 -38.03 1.35
N ASN B 6 3.00 -36.79 1.60
CA ASN B 6 1.98 -36.13 0.80
C ASN B 6 2.60 -35.13 -0.16
N LEU B 7 2.05 -35.04 -1.37
CA LEU B 7 2.54 -34.12 -2.39
C LEU B 7 2.11 -32.69 -2.08
N SER B 8 1.12 -32.55 -1.21
CA SER B 8 0.61 -31.24 -0.83
C SER B 8 1.70 -30.41 -0.16
N ARG B 9 2.54 -31.09 0.63
CA ARG B 9 3.63 -30.42 1.33
C ARG B 9 4.70 -29.94 0.35
N VAL B 10 5.05 -30.80 -0.60
CA VAL B 10 6.06 -30.46 -1.60
C VAL B 10 5.64 -29.23 -2.40
N ALA B 11 4.41 -29.27 -2.92
CA ALA B 11 3.89 -28.16 -3.68
C ALA B 11 3.74 -26.92 -2.81
N GLY B 12 3.52 -27.16 -1.52
CA GLY B 12 3.38 -26.06 -0.59
C GLY B 12 4.65 -25.26 -0.47
N LEU B 13 5.78 -25.94 -0.55
CA LEU B 13 7.08 -25.29 -0.47
C LEU B 13 7.35 -24.57 -1.78
N GLU B 14 6.84 -25.13 -2.87
CA GLU B 14 7.00 -24.52 -4.18
C GLU B 14 6.25 -23.20 -4.21
N LYS B 15 5.07 -23.21 -3.60
CA LYS B 15 4.22 -22.04 -3.51
C LYS B 15 4.86 -20.99 -2.60
N GLN B 16 5.30 -21.42 -1.43
CA GLN B 16 5.93 -20.52 -0.47
C GLN B 16 7.17 -19.89 -1.09
N LEU B 17 8.02 -20.73 -1.66
CA LEU B 17 9.24 -20.26 -2.31
C LEU B 17 8.91 -19.25 -3.40
N ALA B 18 7.89 -19.55 -4.18
CA ALA B 18 7.46 -18.67 -5.26
C ALA B 18 7.00 -17.32 -4.73
N ILE B 19 6.32 -17.34 -3.59
CA ILE B 19 5.86 -16.12 -2.97
C ILE B 19 7.08 -15.29 -2.58
N GLU B 20 8.08 -15.97 -2.05
CA GLU B 20 9.32 -15.33 -1.66
C GLU B 20 10.05 -14.82 -2.90
N LEU B 21 9.83 -15.51 -4.03
CA LEU B 21 10.44 -15.12 -5.30
C LEU B 21 9.97 -13.72 -5.68
N LYS B 22 8.70 -13.44 -5.43
CA LYS B 22 8.14 -12.14 -5.73
C LYS B 22 8.77 -11.09 -4.83
N VAL B 23 9.05 -11.51 -3.59
CA VAL B 23 9.68 -10.64 -2.61
C VAL B 23 11.10 -10.30 -3.04
N LYS B 24 11.84 -11.33 -3.48
CA LYS B 24 13.22 -11.15 -3.92
C LYS B 24 13.28 -10.30 -5.18
N GLN B 25 12.49 -10.68 -6.18
CA GLN B 25 12.45 -9.95 -7.44
C GLN B 25 11.96 -8.52 -7.23
N GLY B 26 11.15 -8.32 -6.20
CA GLY B 26 10.63 -6.99 -5.93
C GLY B 26 11.70 -6.03 -5.43
N ALA B 27 12.48 -6.49 -4.45
CA ALA B 27 13.54 -5.66 -3.89
C ALA B 27 14.58 -5.32 -4.94
N GLU B 28 15.06 -6.33 -5.66
CA GLU B 28 16.08 -6.13 -6.70
C GLU B 28 15.62 -5.11 -7.73
N ASN B 29 14.38 -5.20 -8.17
CA ASN B 29 13.84 -4.28 -9.15
C ASN B 29 13.96 -2.85 -8.64
N MET B 30 13.57 -2.65 -7.39
CA MET B 30 13.65 -1.33 -6.77
C MET B 30 15.10 -0.88 -6.65
N ILE B 31 15.99 -1.84 -6.44
CA ILE B 31 17.41 -1.54 -6.30
C ILE B 31 17.99 -1.00 -7.59
N GLN B 32 17.73 -1.68 -8.70
CA GLN B 32 18.24 -1.25 -10.00
C GLN B 32 17.67 0.11 -10.38
N THR B 33 16.48 0.42 -9.88
CA THR B 33 15.82 1.68 -10.17
C THR B 33 16.62 2.85 -9.60
N TYR B 34 16.98 2.76 -8.32
CA TYR B 34 17.73 3.82 -7.65
C TYR B 34 19.23 3.66 -7.87
N SER B 35 19.67 2.47 -8.25
CA SER B 35 21.09 2.22 -8.49
C SER B 35 21.54 2.85 -9.80
N ASN B 36 20.91 2.45 -10.89
CA ASN B 36 21.25 2.97 -12.22
C ASN B 36 20.03 3.58 -12.89
N GLY B 37 20.19 4.77 -13.44
CA GLY B 37 19.08 5.43 -14.12
C GLY B 37 18.55 6.61 -13.32
N SER B 38 17.28 6.94 -13.56
CA SER B 38 16.64 8.04 -12.85
C SER B 38 16.51 7.74 -11.37
N THR B 39 17.43 8.27 -10.57
CA THR B 39 17.42 8.05 -9.13
C THR B 39 16.68 9.19 -8.42
N LYS B 40 15.99 8.85 -7.34
CA LYS B 40 15.24 9.84 -6.57
C LYS B 40 15.82 10.01 -5.18
N ASP B 41 15.88 8.92 -4.42
CA ASP B 41 16.41 8.96 -3.06
C ASP B 41 17.16 7.67 -2.72
N ARG B 42 18.26 7.83 -1.99
CA ARG B 42 19.08 6.69 -1.58
C ARG B 42 18.41 5.89 -0.47
N LYS B 43 17.56 6.55 0.31
CA LYS B 43 16.87 5.90 1.42
C LYS B 43 16.08 4.69 0.92
N LEU B 44 15.40 4.86 -0.21
CA LEU B 44 14.61 3.78 -0.80
C LEU B 44 15.53 2.66 -1.28
N LEU B 45 16.70 3.05 -1.77
CA LEU B 45 17.69 2.10 -2.28
C LEU B 45 18.30 1.29 -1.14
N LEU B 46 18.45 1.92 0.03
CA LEU B 46 19.03 1.25 1.18
C LEU B 46 18.11 0.15 1.70
N THR B 47 16.82 0.46 1.82
CA THR B 47 15.84 -0.53 2.29
C THR B 47 15.79 -1.70 1.34
N ALA B 48 15.76 -1.41 0.05
CA ALA B 48 15.69 -2.44 -0.97
C ALA B 48 16.88 -3.39 -0.83
N GLN B 49 18.03 -2.85 -0.47
CA GLN B 49 19.24 -3.65 -0.30
C GLN B 49 19.11 -4.63 0.86
N GLN B 50 18.70 -4.13 2.03
CA GLN B 50 18.56 -4.97 3.21
C GLN B 50 17.41 -5.97 3.07
N MET B 51 16.24 -5.47 2.66
CA MET B 51 15.07 -6.31 2.49
C MET B 51 15.34 -7.42 1.47
N LEU B 52 16.24 -7.14 0.53
CA LEU B 52 16.58 -8.13 -0.50
C LEU B 52 17.40 -9.25 0.13
N GLN B 53 18.31 -8.88 1.03
CA GLN B 53 19.15 -9.85 1.72
C GLN B 53 18.29 -10.83 2.51
N ASP B 54 17.30 -10.26 3.20
CA ASP B 54 16.39 -11.06 4.01
C ASP B 54 15.66 -12.07 3.15
N SER B 55 15.23 -11.62 1.97
CA SER B 55 14.51 -12.49 1.03
C SER B 55 15.40 -13.63 0.54
N LYS B 56 16.68 -13.33 0.32
CA LYS B 56 17.61 -14.36 -0.16
C LYS B 56 17.66 -15.52 0.82
N THR B 57 17.75 -15.21 2.10
CA THR B 57 17.78 -16.23 3.14
C THR B 57 16.50 -17.07 3.11
N LYS B 58 15.37 -16.39 2.95
CA LYS B 58 14.08 -17.06 2.91
C LYS B 58 14.06 -18.12 1.80
N ILE B 59 14.52 -17.73 0.62
CA ILE B 59 14.56 -18.66 -0.52
C ILE B 59 15.51 -19.82 -0.22
N ASP B 60 16.63 -19.51 0.42
CA ASP B 60 17.63 -20.51 0.75
C ASP B 60 17.08 -21.64 1.62
N ILE B 61 16.37 -21.29 2.69
CA ILE B 61 15.82 -22.31 3.59
C ILE B 61 14.68 -23.09 2.94
N ILE B 62 13.74 -22.38 2.35
CA ILE B 62 12.60 -23.02 1.70
C ILE B 62 13.07 -23.95 0.58
N ARG B 63 14.09 -23.52 -0.16
CA ARG B 63 14.63 -24.31 -1.26
C ARG B 63 15.27 -25.61 -0.78
N MET B 64 16.11 -25.52 0.25
CA MET B 64 16.78 -26.70 0.78
C MET B 64 15.78 -27.66 1.40
N GLN B 65 14.77 -27.13 2.09
CA GLN B 65 13.77 -27.97 2.73
C GLN B 65 12.99 -28.76 1.70
N LEU B 66 12.65 -28.11 0.58
CA LEU B 66 11.92 -28.77 -0.48
C LEU B 66 12.73 -29.97 -0.97
N ARG B 67 14.04 -29.77 -1.07
CA ARG B 67 14.94 -30.83 -1.49
C ARG B 67 14.84 -32.00 -0.50
N ARG B 68 14.61 -31.66 0.76
CA ARG B 68 14.49 -32.66 1.82
C ARG B 68 13.23 -33.49 1.60
N ALA B 69 12.18 -32.84 1.11
CA ALA B 69 10.91 -33.51 0.86
C ALA B 69 11.06 -34.61 -0.17
N LEU B 70 11.69 -34.28 -1.30
CA LEU B 70 11.91 -35.26 -2.35
C LEU B 70 12.93 -36.30 -1.93
N GLN B 71 13.91 -35.87 -1.13
CA GLN B 71 14.95 -36.77 -0.65
C GLN B 71 14.37 -37.81 0.28
N ALA B 72 13.34 -37.40 1.04
CA ALA B 72 12.68 -38.29 1.98
C ALA B 72 11.50 -39.00 1.29
N ASP B 73 11.18 -38.54 0.09
CA ASP B 73 10.09 -39.12 -0.68
C ASP B 73 10.53 -40.41 -1.36
N GLN B 74 11.70 -40.36 -1.98
CA GLN B 74 12.25 -41.53 -2.67
C GLN B 74 12.40 -42.70 -1.71
N LEU B 75 12.99 -42.42 -0.55
CA LEU B 75 13.19 -43.44 0.47
C LEU B 75 11.96 -43.57 1.36
N GLU B 76 12.06 -44.40 2.39
CA GLU B 76 10.95 -44.61 3.32
C GLU B 76 11.45 -45.21 4.63
N ASN B 77 12.76 -45.46 4.70
CA ASN B 77 13.35 -46.02 5.90
C ASN B 77 14.05 -44.94 6.73
N GLN B 78 14.84 -44.12 6.05
CA GLN B 78 15.57 -43.04 6.72
C GLN B 78 14.61 -42.07 7.41
N ALA B 79 13.43 -41.88 6.81
CA ALA B 79 12.43 -40.98 7.36
C ALA B 79 11.44 -41.74 8.25
N ALA B 80 10.56 -42.50 7.63
CA ALA B 80 9.57 -43.28 8.37
C ALA B 80 10.18 -44.56 8.93
N PRO B 81 9.59 -45.12 10.01
CA PRO B 81 10.09 -46.34 10.64
C PRO B 81 10.24 -47.49 9.64
N MET A 1 10.73 20.55 -11.25
CA MET A 1 9.49 19.72 -11.23
C MET A 1 9.18 19.24 -9.82
N GLN A 2 8.14 19.82 -9.23
CA GLN A 2 7.74 19.45 -7.87
C GLN A 2 7.37 17.98 -7.78
N ALA A 3 8.31 17.16 -7.35
CA ALA A 3 8.06 15.73 -7.23
C ALA A 3 7.73 15.35 -5.80
N ILE A 4 6.52 14.84 -5.61
CA ILE A 4 6.05 14.44 -4.28
C ILE A 4 5.74 12.95 -4.23
N LYS A 5 6.16 12.31 -3.14
CA LYS A 5 5.92 10.87 -2.97
C LYS A 5 4.65 10.64 -2.17
N CYS A 6 3.62 10.13 -2.84
CA CYS A 6 2.34 9.87 -2.18
C CYS A 6 1.98 8.39 -2.24
N VAL A 7 1.76 7.80 -1.07
CA VAL A 7 1.40 6.39 -0.98
C VAL A 7 -0.06 6.24 -0.54
N VAL A 8 -0.79 5.37 -1.24
CA VAL A 8 -2.20 5.15 -0.93
C VAL A 8 -2.38 3.94 -0.02
N VAL A 9 -2.99 4.16 1.13
CA VAL A 9 -3.24 3.10 2.10
C VAL A 9 -4.66 3.19 2.65
N GLY A 10 -5.19 2.06 3.09
CA GLY A 10 -6.54 2.04 3.64
C GLY A 10 -6.76 0.88 4.59
N ASP A 11 -8.01 0.61 4.92
CA ASP A 11 -8.35 -0.48 5.82
C ASP A 11 -7.76 -1.80 5.34
N GLY A 12 -7.48 -1.87 4.04
CA GLY A 12 -6.91 -3.08 3.47
C GLY A 12 -7.92 -3.95 2.76
N ALA A 13 -9.19 -3.53 2.80
CA ALA A 13 -10.24 -4.30 2.15
C ALA A 13 -10.19 -4.15 0.63
N VAL A 14 -10.02 -2.91 0.16
CA VAL A 14 -9.97 -2.63 -1.27
C VAL A 14 -9.99 -1.12 -1.53
N GLY A 15 -9.24 -0.68 -2.56
CA GLY A 15 -9.22 0.73 -2.90
C GLY A 15 -7.82 1.30 -3.03
N LYS A 16 -6.81 0.51 -2.69
CA LYS A 16 -5.42 0.97 -2.77
C LYS A 16 -4.92 1.12 -4.21
N THR A 17 -5.12 0.10 -5.03
CA THR A 17 -4.66 0.14 -6.42
C THR A 17 -5.63 0.89 -7.33
N CYS A 18 -6.93 0.73 -7.09
CA CYS A 18 -7.95 1.37 -7.91
C CYS A 18 -7.85 2.89 -7.89
N LEU A 19 -7.53 3.45 -6.73
CA LEU A 19 -7.43 4.90 -6.59
C LEU A 19 -6.35 5.48 -7.51
N LEU A 20 -5.17 4.86 -7.50
CA LEU A 20 -4.05 5.33 -8.33
C LEU A 20 -4.31 5.12 -9.82
N ILE A 21 -4.80 3.94 -10.18
CA ILE A 21 -5.06 3.61 -11.59
C ILE A 21 -6.14 4.51 -12.20
N SER A 22 -7.17 4.81 -11.44
CA SER A 22 -8.27 5.63 -11.94
C SER A 22 -7.80 7.01 -12.37
N TYR A 23 -6.86 7.59 -11.64
CA TYR A 23 -6.34 8.91 -11.95
C TYR A 23 -5.44 8.90 -13.18
N THR A 24 -4.72 7.81 -13.40
CA THR A 24 -3.80 7.69 -14.53
C THR A 24 -4.44 7.09 -15.79
N THR A 25 -5.51 6.32 -15.61
CA THR A 25 -6.15 5.68 -16.76
C THR A 25 -7.60 6.14 -16.93
N ASN A 26 -8.07 6.96 -15.99
CA ASN A 26 -9.43 7.47 -16.03
C ASN A 26 -10.45 6.33 -15.96
N ALA A 27 -9.94 5.11 -15.80
CA ALA A 27 -10.80 3.94 -15.71
C ALA A 27 -10.02 2.70 -15.28
N PHE A 28 -10.38 2.15 -14.13
CA PHE A 28 -9.71 0.97 -13.60
C PHE A 28 -10.10 -0.28 -14.40
N PRO A 29 -9.13 -0.94 -15.05
CA PRO A 29 -9.40 -2.15 -15.84
C PRO A 29 -10.10 -3.23 -15.02
N GLY A 30 -9.72 -3.35 -13.76
CA GLY A 30 -10.32 -4.34 -12.88
C GLY A 30 -9.44 -5.55 -12.69
N GLU A 31 -8.14 -5.32 -12.51
CA GLU A 31 -7.19 -6.41 -12.31
C GLU A 31 -6.69 -6.44 -10.87
N TYR A 32 -5.90 -7.45 -10.53
CA TYR A 32 -5.36 -7.58 -9.18
C TYR A 32 -3.99 -8.24 -9.19
N ILE A 33 -3.53 -8.63 -10.38
CA ILE A 33 -2.23 -9.27 -10.53
C ILE A 33 -1.09 -8.30 -10.22
N PRO A 34 -1.07 -7.11 -10.85
CA PRO A 34 -0.01 -6.11 -10.63
C PRO A 34 -0.26 -5.30 -9.35
N THR A 35 0.55 -5.55 -8.33
CA THR A 35 0.43 -4.84 -7.07
C THR A 35 1.65 -5.08 -6.18
N VAL A 36 2.62 -5.82 -6.70
CA VAL A 36 3.84 -6.12 -5.96
C VAL A 36 4.99 -5.23 -6.44
N PHE A 37 5.02 -4.95 -7.73
CA PHE A 37 6.07 -4.13 -8.32
C PHE A 37 5.51 -3.25 -9.44
N ASP A 38 6.40 -2.67 -10.24
CA ASP A 38 6.02 -1.81 -11.35
C ASP A 38 5.27 -0.58 -10.84
N ASN A 39 5.99 0.53 -10.73
CA ASN A 39 5.40 1.78 -10.26
C ASN A 39 4.97 2.66 -11.42
N TYR A 40 4.17 3.68 -11.13
CA TYR A 40 3.69 4.59 -12.16
C TYR A 40 3.84 6.05 -11.73
N SER A 41 3.99 6.93 -12.70
CA SER A 41 4.14 8.36 -12.42
C SER A 41 3.15 9.17 -13.26
N ALA A 42 2.80 10.35 -12.78
CA ALA A 42 1.85 11.20 -13.48
C ALA A 42 2.17 12.69 -13.29
N ASN A 43 1.89 13.48 -14.30
CA ASN A 43 2.13 14.93 -14.24
C ASN A 43 0.84 15.65 -13.88
N VAL A 44 0.93 16.55 -12.90
CA VAL A 44 -0.24 17.29 -12.45
C VAL A 44 0.05 18.79 -12.36
N MET A 45 -0.97 19.59 -12.69
CA MET A 45 -0.87 21.04 -12.65
C MET A 45 -1.34 21.59 -11.31
N VAL A 46 -0.45 22.29 -10.62
CA VAL A 46 -0.79 22.87 -9.32
C VAL A 46 -0.30 24.31 -9.25
N ASP A 47 -1.25 25.25 -9.28
CA ASP A 47 -0.94 26.67 -9.22
C ASP A 47 -0.24 27.13 -10.50
N GLY A 48 -0.33 26.31 -11.54
CA GLY A 48 0.31 26.65 -12.79
C GLY A 48 1.77 26.22 -12.79
N LYS A 49 2.12 25.42 -11.80
CA LYS A 49 3.47 24.92 -11.64
C LYS A 49 3.51 23.41 -11.92
N PRO A 50 4.39 22.95 -12.83
CA PRO A 50 4.48 21.52 -13.14
C PRO A 50 4.82 20.73 -11.89
N VAL A 51 4.07 19.66 -11.64
CA VAL A 51 4.29 18.85 -10.46
C VAL A 51 4.42 17.37 -10.79
N ASN A 52 5.54 16.79 -10.40
CA ASN A 52 5.79 15.37 -10.61
C ASN A 52 5.08 14.57 -9.52
N LEU A 53 4.27 13.60 -9.94
CA LEU A 53 3.51 12.80 -8.99
C LEU A 53 4.03 11.36 -8.94
N GLY A 54 4.28 10.88 -7.72
CA GLY A 54 4.75 9.53 -7.53
C GLY A 54 3.64 8.63 -7.01
N LEU A 55 3.25 7.64 -7.81
CA LEU A 55 2.19 6.73 -7.40
C LEU A 55 2.76 5.45 -6.81
N TRP A 56 2.40 5.18 -5.55
CA TRP A 56 2.87 3.99 -4.85
C TRP A 56 1.71 3.24 -4.23
N ASP A 57 1.58 1.96 -4.55
CA ASP A 57 0.50 1.14 -4.02
C ASP A 57 0.98 0.28 -2.85
N THR A 58 0.15 0.19 -1.81
CA THR A 58 0.47 -0.59 -0.63
C THR A 58 -0.56 -1.70 -0.40
N ALA A 59 -0.50 -2.32 0.78
CA ALA A 59 -1.43 -3.39 1.12
C ALA A 59 -1.31 -4.57 0.17
N GLY A 60 -2.31 -5.47 0.22
CA GLY A 60 -2.30 -6.63 -0.64
C GLY A 60 -2.10 -7.93 0.14
N LEU A 61 -0.95 -8.03 0.80
CA LEU A 61 -0.64 -9.22 1.59
C LEU A 61 0.21 -8.83 2.80
N GLU A 62 -0.12 -9.40 3.95
CA GLU A 62 0.59 -9.11 5.20
C GLU A 62 1.92 -9.88 5.28
N ASP A 63 2.13 -10.78 4.32
CA ASP A 63 3.34 -11.58 4.30
C ASP A 63 4.57 -10.72 3.97
N TYR A 64 4.35 -9.68 3.18
CA TYR A 64 5.43 -8.78 2.78
C TYR A 64 5.71 -7.76 3.87
N ASP A 65 4.70 -6.94 4.18
CA ASP A 65 4.82 -5.90 5.21
C ASP A 65 5.86 -4.86 4.82
N ARG A 66 7.14 -5.20 4.99
CA ARG A 66 8.23 -4.29 4.66
C ARG A 66 8.48 -4.23 3.16
N LEU A 67 8.35 -5.37 2.49
CA LEU A 67 8.57 -5.44 1.04
C LEU A 67 7.34 -4.97 0.28
N ARG A 68 7.11 -3.67 0.28
CA ARG A 68 5.96 -3.09 -0.43
C ARG A 68 5.91 -1.57 -0.29
N PRO A 69 5.94 -1.02 0.94
CA PRO A 69 5.86 0.41 1.19
C PRO A 69 7.21 1.10 1.42
N LEU A 70 8.18 0.86 0.54
CA LEU A 70 9.47 1.49 0.67
C LEU A 70 9.35 3.01 0.67
N SER A 71 8.32 3.51 0.00
CA SER A 71 8.09 4.94 -0.09
C SER A 71 7.45 5.48 1.19
N TYR A 72 6.57 4.68 1.78
CA TYR A 72 5.86 5.05 3.01
C TYR A 72 6.70 5.93 3.95
N PRO A 73 7.92 5.49 4.35
CA PRO A 73 8.77 6.27 5.26
C PRO A 73 9.08 7.67 4.74
N GLN A 74 9.55 7.74 3.49
CA GLN A 74 9.90 9.01 2.87
C GLN A 74 8.66 9.79 2.43
N THR A 75 7.55 9.09 2.28
CA THR A 75 6.28 9.68 1.84
C THR A 75 6.07 11.07 2.43
N ASP A 76 5.69 12.01 1.56
CA ASP A 76 5.45 13.38 1.96
C ASP A 76 4.04 13.51 2.56
N VAL A 77 3.13 12.64 2.12
CA VAL A 77 1.76 12.67 2.61
C VAL A 77 1.04 11.36 2.32
N PHE A 78 0.23 10.90 3.29
CA PHE A 78 -0.51 9.65 3.14
C PHE A 78 -1.98 9.91 2.88
N LEU A 79 -2.61 9.03 2.10
CA LEU A 79 -4.03 9.15 1.79
C LEU A 79 -4.83 8.07 2.52
N ILE A 80 -5.79 8.48 3.32
CA ILE A 80 -6.61 7.53 4.07
C ILE A 80 -7.91 7.24 3.32
N CYS A 81 -7.98 6.06 2.70
CA CYS A 81 -9.16 5.66 1.96
C CYS A 81 -10.06 4.76 2.80
N PHE A 82 -11.35 5.10 2.82
CA PHE A 82 -12.34 4.34 3.57
C PHE A 82 -13.70 4.36 2.88
N SER A 83 -14.60 3.49 3.33
CA SER A 83 -15.94 3.42 2.74
C SER A 83 -16.89 4.37 3.45
N LEU A 84 -17.45 5.31 2.69
CA LEU A 84 -18.35 6.31 3.23
C LEU A 84 -19.66 5.70 3.71
N VAL A 85 -20.24 4.81 2.92
CA VAL A 85 -21.51 4.19 3.27
C VAL A 85 -21.43 3.42 4.59
N SER A 86 -20.20 3.08 4.97
CA SER A 86 -19.98 2.35 6.22
C SER A 86 -19.15 3.18 7.20
N PRO A 87 -19.75 3.64 8.32
CA PRO A 87 -19.04 4.43 9.33
C PRO A 87 -17.94 3.64 10.01
N ALA A 88 -18.03 2.32 9.93
CA ALA A 88 -17.02 1.45 10.55
C ALA A 88 -15.65 1.67 9.93
N SER A 89 -15.60 1.74 8.60
CA SER A 89 -14.34 1.96 7.90
C SER A 89 -13.73 3.26 8.37
N PHE A 90 -14.60 4.24 8.63
CA PHE A 90 -14.18 5.55 9.11
C PHE A 90 -13.66 5.43 10.54
N GLU A 91 -14.29 4.52 11.28
CA GLU A 91 -13.91 4.26 12.66
C GLU A 91 -12.58 3.53 12.75
N ASN A 92 -12.33 2.67 11.77
CA ASN A 92 -11.11 1.88 11.71
C ASN A 92 -9.89 2.70 11.32
N VAL A 93 -10.05 3.58 10.33
CA VAL A 93 -8.93 4.40 9.87
C VAL A 93 -8.35 5.25 10.99
N ARG A 94 -9.20 5.95 11.72
CA ARG A 94 -8.76 6.79 12.83
C ARG A 94 -8.36 5.95 14.04
N ALA A 95 -8.85 4.72 14.08
CA ALA A 95 -8.57 3.82 15.21
C ALA A 95 -7.19 3.18 15.13
N LYS A 96 -6.78 2.72 13.95
CA LYS A 96 -5.49 2.05 13.80
C LYS A 96 -4.41 2.93 13.15
N TRP A 97 -4.76 3.64 12.09
CA TRP A 97 -3.80 4.49 11.38
C TRP A 97 -3.35 5.70 12.21
N TYR A 98 -4.23 6.23 13.05
CA TYR A 98 -3.90 7.40 13.85
C TYR A 98 -2.88 7.10 14.97
N PRO A 99 -3.10 6.04 15.78
CA PRO A 99 -2.19 5.69 16.88
C PRO A 99 -0.75 5.47 16.43
N GLU A 100 -0.58 5.06 15.18
CA GLU A 100 0.75 4.78 14.64
C GLU A 100 1.51 6.07 14.32
N VAL A 101 0.86 6.99 13.62
CA VAL A 101 1.48 8.25 13.25
C VAL A 101 1.72 9.14 14.47
N ARG A 102 0.78 9.13 15.40
CA ARG A 102 0.89 9.93 16.62
C ARG A 102 1.99 9.41 17.54
N HIS A 103 2.25 8.11 17.47
CA HIS A 103 3.26 7.49 18.32
C HIS A 103 4.67 7.80 17.80
N HIS A 104 4.86 7.69 16.50
CA HIS A 104 6.15 7.96 15.88
C HIS A 104 6.38 9.46 15.76
N CYS A 105 5.30 10.18 15.49
CA CYS A 105 5.35 11.63 15.35
C CYS A 105 6.28 12.04 14.21
N PRO A 106 6.07 11.50 12.99
CA PRO A 106 6.90 11.83 11.83
C PRO A 106 6.74 13.27 11.38
N ASN A 107 5.71 13.93 11.93
CA ASN A 107 5.42 15.33 11.58
C ASN A 107 4.99 15.42 10.11
N THR A 108 4.63 14.28 9.55
CA THR A 108 4.19 14.21 8.17
C THR A 108 2.69 14.50 8.04
N PRO A 109 2.29 15.33 7.06
CA PRO A 109 0.88 15.66 6.84
C PRO A 109 0.08 14.45 6.37
N ILE A 110 -1.23 14.48 6.58
CA ILE A 110 -2.09 13.37 6.18
C ILE A 110 -3.39 13.86 5.54
N ILE A 111 -3.65 13.37 4.34
CA ILE A 111 -4.86 13.73 3.61
C ILE A 111 -5.92 12.66 3.82
N LEU A 112 -7.18 13.00 3.54
CA LEU A 112 -8.27 12.04 3.70
C LEU A 112 -8.98 11.83 2.37
N VAL A 113 -9.25 10.57 2.06
CA VAL A 113 -9.93 10.21 0.80
C VAL A 113 -11.18 9.40 1.05
N GLY A 114 -12.26 9.78 0.38
CA GLY A 114 -13.52 9.07 0.51
C GLY A 114 -13.85 8.27 -0.74
N THR A 115 -13.11 7.20 -0.96
CA THR A 115 -13.29 6.35 -2.14
C THR A 115 -14.70 5.77 -2.20
N LYS A 116 -15.05 5.24 -3.37
CA LYS A 116 -16.36 4.64 -3.60
C LYS A 116 -17.47 5.67 -3.37
N LEU A 117 -17.56 6.63 -4.28
CA LEU A 117 -18.58 7.68 -4.17
C LEU A 117 -19.86 7.27 -4.91
N ASP A 118 -19.71 6.42 -5.94
CA ASP A 118 -20.85 5.97 -6.71
C ASP A 118 -21.87 5.24 -5.85
N LEU A 119 -21.40 4.44 -4.91
CA LEU A 119 -22.27 3.69 -4.01
C LEU A 119 -22.65 4.54 -2.80
N ARG A 120 -21.98 5.67 -2.66
CA ARG A 120 -22.24 6.57 -1.55
C ARG A 120 -23.44 7.46 -1.87
N ASP A 121 -23.76 7.56 -3.15
CA ASP A 121 -24.89 8.35 -3.61
C ASP A 121 -25.94 7.46 -4.24
N ASP A 122 -25.93 6.18 -3.88
CA ASP A 122 -26.89 5.22 -4.42
C ASP A 122 -27.97 4.90 -3.38
N LYS A 123 -29.20 5.28 -3.70
CA LYS A 123 -30.33 5.06 -2.81
C LYS A 123 -30.44 3.61 -2.37
N ASP A 124 -30.60 2.71 -3.33
CA ASP A 124 -30.74 1.29 -3.05
C ASP A 124 -29.57 0.75 -2.23
N THR A 125 -28.35 1.10 -2.60
CA THR A 125 -27.17 0.64 -1.88
C THR A 125 -27.19 1.19 -0.46
N ILE A 126 -27.53 2.47 -0.33
CA ILE A 126 -27.60 3.11 0.97
C ILE A 126 -28.59 2.37 1.85
N GLU A 127 -29.68 1.94 1.23
CA GLU A 127 -30.72 1.19 1.92
C GLU A 127 -30.14 -0.11 2.46
N LYS A 128 -29.20 -0.68 1.71
CA LYS A 128 -28.56 -1.93 2.09
C LYS A 128 -27.80 -1.80 3.41
N LEU A 129 -27.15 -0.66 3.65
CA LEU A 129 -26.42 -0.47 4.90
C LEU A 129 -27.41 -0.49 6.06
N LYS A 130 -28.60 0.02 5.82
CA LYS A 130 -29.65 0.06 6.83
C LYS A 130 -29.94 -1.34 7.34
N GLU A 131 -29.79 -2.32 6.46
CA GLU A 131 -30.03 -3.71 6.81
C GLU A 131 -29.08 -4.15 7.92
N LYS A 132 -27.91 -3.53 7.94
CA LYS A 132 -26.89 -3.84 8.93
C LYS A 132 -26.79 -2.72 9.98
N LYS A 133 -27.76 -1.81 9.95
CA LYS A 133 -27.81 -0.69 10.89
C LYS A 133 -26.69 0.31 10.67
N LEU A 134 -26.22 0.42 9.43
CA LEU A 134 -25.15 1.36 9.11
C LEU A 134 -25.66 2.46 8.19
N THR A 135 -25.02 3.62 8.24
CA THR A 135 -25.42 4.75 7.41
C THR A 135 -24.19 5.40 6.76
N PRO A 136 -24.37 6.00 5.57
CA PRO A 136 -23.27 6.64 4.85
C PRO A 136 -22.79 7.92 5.51
N ILE A 137 -21.53 8.27 5.26
CA ILE A 137 -20.91 9.45 5.84
C ILE A 137 -21.15 10.68 4.98
N THR A 138 -21.41 11.81 5.65
CA THR A 138 -21.63 13.07 4.94
C THR A 138 -20.34 13.88 4.90
N TYR A 139 -20.31 14.90 4.05
CA TYR A 139 -19.11 15.73 3.90
C TYR A 139 -18.72 16.44 5.21
N PRO A 140 -19.66 17.12 5.89
CA PRO A 140 -19.35 17.81 7.15
C PRO A 140 -18.91 16.86 8.26
N GLN A 141 -19.33 15.60 8.16
CA GLN A 141 -18.97 14.61 9.17
C GLN A 141 -17.48 14.32 9.14
N GLY A 142 -16.96 14.12 7.93
CA GLY A 142 -15.55 13.87 7.76
C GLY A 142 -14.72 15.10 8.03
N LEU A 143 -15.26 16.26 7.67
CA LEU A 143 -14.57 17.53 7.88
C LEU A 143 -14.16 17.67 9.34
N ALA A 144 -15.09 17.35 10.24
CA ALA A 144 -14.83 17.42 11.67
C ALA A 144 -13.78 16.39 12.08
N MET A 145 -13.78 15.26 11.40
CA MET A 145 -12.82 14.19 11.67
C MET A 145 -11.40 14.60 11.32
N ALA A 146 -11.26 15.42 10.29
CA ALA A 146 -9.94 15.87 9.86
C ALA A 146 -9.28 16.76 10.90
N LYS A 147 -10.10 17.51 11.65
CA LYS A 147 -9.57 18.41 12.67
C LYS A 147 -8.98 17.66 13.86
N GLU A 148 -9.66 16.62 14.28
CA GLU A 148 -9.21 15.82 15.43
C GLU A 148 -7.96 15.00 15.10
N ILE A 149 -7.98 14.35 13.94
CA ILE A 149 -6.85 13.55 13.51
C ILE A 149 -5.72 14.44 13.04
N GLY A 150 -5.99 15.74 13.01
CA GLY A 150 -5.00 16.70 12.58
C GLY A 150 -4.65 16.58 11.10
N ALA A 151 -5.61 16.11 10.31
CA ALA A 151 -5.40 15.94 8.87
C ALA A 151 -5.24 17.29 8.18
N VAL A 152 -4.34 17.31 7.19
CA VAL A 152 -4.09 18.53 6.44
C VAL A 152 -5.30 18.91 5.59
N LYS A 153 -6.03 17.91 5.10
CA LYS A 153 -7.21 18.15 4.28
C LYS A 153 -8.00 16.88 4.02
N TYR A 154 -9.31 17.03 3.92
CA TYR A 154 -10.20 15.88 3.68
C TYR A 154 -11.17 16.16 2.53
N LEU A 155 -11.27 15.21 1.60
CA LEU A 155 -12.19 15.34 0.46
C LEU A 155 -12.79 13.98 0.09
N GLU A 156 -13.84 14.01 -0.73
CA GLU A 156 -14.51 12.80 -1.18
C GLU A 156 -14.45 12.69 -2.70
N CYS A 157 -14.34 11.46 -3.21
CA CYS A 157 -14.25 11.26 -4.65
C CYS A 157 -14.53 9.81 -5.05
N SER A 158 -14.70 9.59 -6.36
CA SER A 158 -14.96 8.27 -6.90
C SER A 158 -13.95 7.92 -7.99
N ALA A 159 -13.65 6.64 -8.12
CA ALA A 159 -12.71 6.18 -9.13
C ALA A 159 -13.44 5.84 -10.43
N LEU A 160 -14.71 5.49 -10.32
CA LEU A 160 -15.51 5.16 -11.49
C LEU A 160 -16.06 6.41 -12.16
N THR A 161 -16.57 7.36 -11.36
CA THR A 161 -17.14 8.58 -11.90
C THR A 161 -16.14 9.73 -11.88
N GLN A 162 -15.10 9.60 -11.06
CA GLN A 162 -14.07 10.63 -10.94
C GLN A 162 -14.62 11.90 -10.29
N ARG A 163 -15.47 11.73 -9.28
CA ARG A 163 -16.04 12.88 -8.57
C ARG A 163 -15.01 13.98 -8.34
N GLY A 164 -13.83 13.57 -7.85
CA GLY A 164 -12.77 14.54 -7.60
C GLY A 164 -11.45 13.88 -7.25
N LEU A 165 -11.02 12.94 -8.09
CA LEU A 165 -9.76 12.23 -7.86
C LEU A 165 -8.58 13.19 -7.98
N LYS A 166 -8.55 13.94 -9.09
CA LYS A 166 -7.48 14.89 -9.33
C LYS A 166 -7.35 15.87 -8.17
N THR A 167 -8.48 16.22 -7.57
CA THR A 167 -8.50 17.12 -6.43
C THR A 167 -7.72 16.53 -5.26
N VAL A 168 -7.82 15.21 -5.09
CA VAL A 168 -7.13 14.52 -4.01
C VAL A 168 -5.62 14.72 -4.12
N PHE A 169 -5.08 14.40 -5.29
CA PHE A 169 -3.65 14.54 -5.54
C PHE A 169 -3.23 16.01 -5.51
N ASP A 170 -4.06 16.85 -6.11
CA ASP A 170 -3.78 18.28 -6.18
C ASP A 170 -3.62 18.88 -4.78
N GLU A 171 -4.54 18.53 -3.90
CA GLU A 171 -4.52 19.02 -2.52
C GLU A 171 -3.44 18.32 -1.71
N ALA A 172 -3.20 17.05 -2.02
CA ALA A 172 -2.21 16.26 -1.32
C ALA A 172 -0.82 16.85 -1.50
N ILE A 173 -0.55 17.34 -2.71
CA ILE A 173 0.73 17.96 -3.02
C ILE A 173 0.96 19.15 -2.10
N ARG A 174 -0.09 19.95 -1.91
CA ARG A 174 -0.03 21.12 -1.06
C ARG A 174 0.33 20.72 0.37
N ALA A 175 -0.08 19.51 0.76
CA ALA A 175 0.18 19.00 2.09
C ALA A 175 1.66 19.13 2.48
N VAL A 176 2.54 19.12 1.49
CA VAL A 176 3.97 19.24 1.76
C VAL A 176 4.47 20.68 1.57
N LEU A 177 3.91 21.37 0.58
CA LEU A 177 4.33 22.76 0.29
C LEU A 177 3.97 23.72 1.42
N CYS A 178 2.68 23.79 1.76
CA CYS A 178 2.24 24.72 2.82
C CYS A 178 2.45 24.14 4.23
N PRO A 179 1.64 23.16 4.70
CA PRO A 179 1.82 22.56 6.04
C PRO A 179 3.29 22.20 6.32
N PRO A 180 3.61 21.70 7.53
CA PRO A 180 5.00 21.36 7.90
C PRO A 180 5.66 20.39 6.91
N PRO A 181 6.96 20.59 6.62
CA PRO A 181 7.73 19.76 5.69
C PRO A 181 7.78 18.28 6.10
N VAL A 182 8.56 17.51 5.34
CA VAL A 182 8.72 16.08 5.59
C VAL A 182 10.17 15.78 5.98
N LYS A 183 10.70 14.67 5.44
CA LYS A 183 12.07 14.26 5.74
C LYS A 183 12.30 14.08 7.23
N LYS A 184 12.23 12.83 7.69
CA LYS A 184 12.43 12.50 9.09
C LYS A 184 12.51 10.99 9.30
N ARG A 185 13.69 10.42 9.07
CA ARG A 185 13.88 8.98 9.23
C ARG A 185 15.31 8.68 9.69
N LYS A 186 15.56 7.41 10.03
CA LYS A 186 16.87 6.99 10.49
C LYS A 186 17.50 5.97 9.53
N ARG A 187 18.79 5.74 9.67
CA ARG A 187 19.51 4.79 8.82
C ARG A 187 19.97 3.58 9.61
N LYS A 188 20.14 2.46 8.92
CA LYS A 188 20.57 1.22 9.57
C LYS A 188 22.09 1.14 9.61
N CYS A 189 22.72 1.24 8.45
CA CYS A 189 24.19 1.19 8.35
C CYS A 189 24.67 1.79 7.04
N LEU A 190 25.78 2.52 7.09
CA LEU A 190 26.35 3.14 5.90
C LEU A 190 27.06 2.12 5.02
N LEU A 191 27.78 1.21 5.66
CA LEU A 191 28.51 0.17 4.94
C LEU A 191 27.59 -0.96 4.51
N LEU A 192 27.67 -1.33 3.23
CA LEU A 192 26.83 -2.40 2.69
C LEU A 192 27.21 -3.74 3.32
N GLY B 1 -0.92 -36.95 10.28
CA GLY B 1 -1.41 -36.00 9.24
C GLY B 1 -1.35 -36.58 7.84
N ILE B 2 -0.21 -36.41 7.18
CA ILE B 2 -0.02 -36.93 5.83
C ILE B 2 0.72 -38.27 5.84
N PRO B 3 0.22 -39.27 5.09
CA PRO B 3 0.84 -40.59 5.01
C PRO B 3 2.10 -40.58 4.16
N ALA B 4 2.41 -41.71 3.54
CA ALA B 4 3.59 -41.84 2.69
C ALA B 4 3.51 -40.88 1.50
N THR B 5 2.32 -40.34 1.26
CA THR B 5 2.11 -39.42 0.16
C THR B 5 3.12 -38.26 0.20
N ASN B 6 2.94 -37.36 1.17
CA ASN B 6 3.82 -36.21 1.33
C ASN B 6 3.87 -35.38 0.06
N LEU B 7 2.88 -35.57 -0.81
CA LEU B 7 2.81 -34.83 -2.07
C LEU B 7 2.33 -33.40 -1.84
N SER B 8 1.32 -33.25 -0.98
CA SER B 8 0.78 -31.94 -0.67
C SER B 8 1.79 -31.09 0.09
N ARG B 9 2.61 -31.75 0.90
CA ARG B 9 3.63 -31.06 1.69
C ARG B 9 4.65 -30.41 0.78
N VAL B 10 5.11 -31.17 -0.22
CA VAL B 10 6.09 -30.68 -1.18
C VAL B 10 5.57 -29.44 -1.88
N ALA B 11 4.35 -29.52 -2.40
CA ALA B 11 3.72 -28.42 -3.09
C ALA B 11 3.59 -27.22 -2.17
N GLY B 12 3.40 -27.50 -0.88
CA GLY B 12 3.27 -26.44 0.09
C GLY B 12 4.50 -25.58 0.13
N LEU B 13 5.67 -26.24 0.05
CA LEU B 13 6.93 -25.52 0.06
C LEU B 13 7.11 -24.76 -1.25
N GLU B 14 6.59 -25.34 -2.32
CA GLU B 14 6.66 -24.70 -3.63
C GLU B 14 5.89 -23.38 -3.58
N LYS B 15 4.76 -23.43 -2.87
CA LYS B 15 3.91 -22.28 -2.69
C LYS B 15 4.59 -21.23 -1.82
N GLN B 16 5.16 -21.68 -0.70
CA GLN B 16 5.84 -20.79 0.23
C GLN B 16 7.00 -20.05 -0.44
N LEU B 17 7.88 -20.80 -1.09
CA LEU B 17 9.01 -20.21 -1.77
C LEU B 17 8.52 -19.27 -2.87
N ALA B 18 7.41 -19.63 -3.50
CA ALA B 18 6.84 -18.82 -4.57
C ALA B 18 6.41 -17.46 -4.03
N ILE B 19 5.81 -17.47 -2.85
CA ILE B 19 5.40 -16.23 -2.21
C ILE B 19 6.63 -15.37 -1.95
N GLU B 20 7.70 -16.04 -1.53
CA GLU B 20 8.96 -15.38 -1.26
C GLU B 20 9.56 -14.86 -2.56
N LEU B 21 9.25 -15.53 -3.67
CA LEU B 21 9.74 -15.10 -4.98
C LEU B 21 9.19 -13.73 -5.30
N LYS B 22 7.92 -13.51 -4.95
CA LYS B 22 7.27 -12.23 -5.17
C LYS B 22 7.99 -11.17 -4.35
N VAL B 23 8.39 -11.58 -3.15
CA VAL B 23 9.11 -10.70 -2.23
C VAL B 23 10.48 -10.33 -2.82
N LYS B 24 11.25 -11.35 -3.20
CA LYS B 24 12.57 -11.14 -3.77
C LYS B 24 12.50 -10.29 -5.03
N GLN B 25 11.64 -10.70 -5.95
CA GLN B 25 11.47 -9.99 -7.20
C GLN B 25 10.95 -8.58 -6.95
N GLY B 26 10.23 -8.41 -5.83
CA GLY B 26 9.69 -7.11 -5.49
C GLY B 26 10.77 -6.12 -5.15
N ALA B 27 11.72 -6.55 -4.32
CA ALA B 27 12.83 -5.69 -3.93
C ALA B 27 13.72 -5.35 -5.11
N GLU B 28 14.07 -6.38 -5.89
CA GLU B 28 14.93 -6.20 -7.06
C GLU B 28 14.35 -5.16 -8.02
N ASN B 29 13.06 -5.26 -8.30
CA ASN B 29 12.41 -4.32 -9.20
C ASN B 29 12.51 -2.90 -8.66
N MET B 30 12.29 -2.75 -7.37
CA MET B 30 12.37 -1.45 -6.71
C MET B 30 13.80 -0.93 -6.76
N ILE B 31 14.76 -1.84 -6.69
CA ILE B 31 16.17 -1.48 -6.71
C ILE B 31 16.56 -0.90 -8.07
N GLN B 32 16.17 -1.60 -9.14
CA GLN B 32 16.48 -1.15 -10.50
C GLN B 32 15.78 0.17 -10.80
N THR B 33 14.67 0.40 -10.10
CA THR B 33 13.90 1.63 -10.29
C THR B 33 14.66 2.84 -9.78
N TYR B 34 15.17 2.76 -8.56
CA TYR B 34 15.92 3.86 -7.97
C TYR B 34 17.40 3.82 -8.36
N SER B 35 17.84 2.67 -8.87
CA SER B 35 19.23 2.52 -9.29
C SER B 35 19.55 3.42 -10.47
N ASN B 36 18.76 3.30 -11.54
CA ASN B 36 18.95 4.09 -12.73
C ASN B 36 17.77 5.04 -12.96
N GLY B 37 18.06 6.26 -13.37
CA GLY B 37 17.01 7.23 -13.60
C GLY B 37 17.43 8.64 -13.24
N SER B 38 16.46 9.46 -12.83
CA SER B 38 16.73 10.84 -12.45
C SER B 38 16.51 11.04 -10.96
N THR B 39 16.17 9.96 -10.26
CA THR B 39 15.94 10.02 -8.83
C THR B 39 17.24 10.21 -8.06
N LYS B 40 17.15 10.59 -6.79
CA LYS B 40 18.33 10.80 -5.96
C LYS B 40 18.11 10.25 -4.56
N ASP B 41 16.87 9.85 -4.27
CA ASP B 41 16.52 9.31 -2.95
C ASP B 41 17.26 8.00 -2.71
N ARG B 42 18.39 8.10 -2.01
CA ARG B 42 19.20 6.93 -1.69
C ARG B 42 18.51 6.04 -0.66
N LYS B 43 17.65 6.65 0.15
CA LYS B 43 16.93 5.92 1.19
C LYS B 43 16.11 4.78 0.59
N LEU B 44 15.40 5.07 -0.50
CA LEU B 44 14.57 4.08 -1.17
C LEU B 44 15.42 2.93 -1.72
N LEU B 45 16.56 3.27 -2.30
CA LEU B 45 17.45 2.26 -2.88
C LEU B 45 18.14 1.45 -1.79
N LEU B 46 18.43 2.11 -0.66
CA LEU B 46 19.10 1.46 0.46
C LEU B 46 18.20 0.41 1.10
N THR B 47 16.94 0.76 1.33
CA THR B 47 16.00 -0.15 1.95
C THR B 47 15.68 -1.32 1.03
N ALA B 48 15.56 -1.05 -0.26
CA ALA B 48 15.25 -2.09 -1.22
C ALA B 48 16.37 -3.11 -1.29
N GLN B 49 17.61 -2.63 -1.16
CA GLN B 49 18.79 -3.50 -1.20
C GLN B 49 18.83 -4.45 -0.01
N GLN B 50 18.65 -3.90 1.19
CA GLN B 50 18.68 -4.71 2.41
C GLN B 50 17.53 -5.70 2.47
N MET B 51 16.32 -5.24 2.12
CA MET B 51 15.15 -6.11 2.15
C MET B 51 15.31 -7.25 1.14
N LEU B 52 16.02 -6.99 0.06
CA LEU B 52 16.25 -8.00 -0.97
C LEU B 52 17.13 -9.11 -0.42
N GLN B 53 18.16 -8.73 0.32
CA GLN B 53 19.09 -9.69 0.92
C GLN B 53 18.34 -10.62 1.87
N ASP B 54 17.48 -10.02 2.68
CA ASP B 54 16.69 -10.77 3.64
C ASP B 54 15.83 -11.80 2.93
N SER B 55 15.22 -11.38 1.83
CA SER B 55 14.35 -12.25 1.05
C SER B 55 15.13 -13.41 0.45
N LYS B 56 16.36 -13.13 -0.01
CA LYS B 56 17.18 -14.17 -0.60
C LYS B 56 17.40 -15.31 0.38
N THR B 57 17.66 -14.95 1.64
CA THR B 57 17.86 -15.95 2.67
C THR B 57 16.61 -16.80 2.85
N LYS B 58 15.45 -16.16 2.82
CA LYS B 58 14.18 -16.86 2.97
C LYS B 58 14.05 -17.96 1.91
N ILE B 59 14.34 -17.61 0.67
CA ILE B 59 14.27 -18.58 -0.43
C ILE B 59 15.27 -19.70 -0.21
N ASP B 60 16.46 -19.34 0.28
CA ASP B 60 17.52 -20.32 0.52
C ASP B 60 17.08 -21.44 1.47
N ILE B 61 16.47 -21.08 2.60
CA ILE B 61 16.02 -22.08 3.57
C ILE B 61 14.84 -22.88 3.05
N ILE B 62 13.84 -22.20 2.53
CA ILE B 62 12.66 -22.86 2.00
C ILE B 62 13.03 -23.81 0.85
N ARG B 63 13.96 -23.37 0.02
CA ARG B 63 14.41 -24.16 -1.12
C ARG B 63 15.11 -25.44 -0.67
N MET B 64 16.04 -25.32 0.28
CA MET B 64 16.78 -26.47 0.78
C MET B 64 15.84 -27.45 1.48
N GLN B 65 14.90 -26.92 2.26
CA GLN B 65 13.95 -27.76 2.97
C GLN B 65 13.09 -28.53 1.98
N LEU B 66 12.79 -27.89 0.87
CA LEU B 66 11.99 -28.51 -0.17
C LEU B 66 12.72 -29.73 -0.70
N ARG B 67 14.04 -29.60 -0.83
CA ARG B 67 14.86 -30.71 -1.30
C ARG B 67 14.78 -31.85 -0.29
N ARG B 68 14.63 -31.49 0.99
CA ARG B 68 14.52 -32.46 2.06
C ARG B 68 13.24 -33.27 1.91
N ALA B 69 12.20 -32.61 1.40
CA ALA B 69 10.90 -33.23 1.22
C ALA B 69 10.97 -34.32 0.14
N LEU B 70 11.55 -33.98 -1.00
CA LEU B 70 11.68 -34.92 -2.10
C LEU B 70 12.63 -36.05 -1.73
N GLN B 71 13.67 -35.71 -0.96
CA GLN B 71 14.65 -36.70 -0.53
C GLN B 71 13.99 -37.74 0.38
N ALA B 72 13.07 -37.28 1.23
CA ALA B 72 12.37 -38.17 2.14
C ALA B 72 11.12 -38.73 1.47
N ASP B 73 10.82 -38.23 0.28
CA ASP B 73 9.66 -38.69 -0.48
C ASP B 73 9.99 -39.95 -1.26
N GLN B 74 11.23 -40.02 -1.75
CA GLN B 74 11.69 -41.18 -2.52
C GLN B 74 11.70 -42.43 -1.65
N LEU B 75 12.10 -42.28 -0.39
CA LEU B 75 12.14 -43.40 0.54
C LEU B 75 10.86 -43.49 1.36
N GLU B 76 10.68 -44.60 2.05
CA GLU B 76 9.50 -44.81 2.88
C GLU B 76 9.81 -45.71 4.07
N ASN B 77 10.99 -46.31 4.05
CA ASN B 77 11.42 -47.20 5.13
C ASN B 77 12.54 -46.57 5.94
N GLN B 78 13.59 -46.13 5.25
CA GLN B 78 14.73 -45.51 5.91
C GLN B 78 14.31 -44.31 6.74
N ALA B 79 15.00 -44.08 7.86
CA ALA B 79 14.71 -42.97 8.75
C ALA B 79 13.34 -43.13 9.40
N ALA B 80 13.16 -42.48 10.55
CA ALA B 80 11.90 -42.54 11.28
C ALA B 80 10.93 -41.47 10.79
N PRO B 81 9.62 -41.68 10.98
CA PRO B 81 8.60 -40.72 10.54
C PRO B 81 8.72 -39.38 11.25
N MET A 1 10.80 20.01 -11.22
CA MET A 1 9.53 19.25 -11.23
C MET A 1 9.16 18.82 -9.82
N GLN A 2 8.08 19.38 -9.29
CA GLN A 2 7.61 19.06 -7.94
C GLN A 2 7.25 17.59 -7.82
N ALA A 3 8.19 16.78 -7.34
CA ALA A 3 7.94 15.35 -7.19
C ALA A 3 7.56 15.04 -5.75
N ILE A 4 6.36 14.53 -5.58
CA ILE A 4 5.84 14.20 -4.26
C ILE A 4 5.59 12.71 -4.12
N LYS A 5 5.95 12.14 -2.98
CA LYS A 5 5.76 10.72 -2.73
C LYS A 5 4.43 10.50 -2.00
N CYS A 6 3.47 9.91 -2.69
CA CYS A 6 2.16 9.64 -2.11
C CYS A 6 1.85 8.15 -2.11
N VAL A 7 1.56 7.61 -0.93
CA VAL A 7 1.22 6.21 -0.78
C VAL A 7 -0.23 6.05 -0.33
N VAL A 8 -0.96 5.16 -1.00
CA VAL A 8 -2.36 4.93 -0.66
C VAL A 8 -2.52 3.72 0.23
N VAL A 9 -3.11 3.93 1.41
CA VAL A 9 -3.34 2.87 2.36
C VAL A 9 -4.80 2.86 2.83
N GLY A 10 -5.28 1.69 3.24
CA GLY A 10 -6.65 1.56 3.69
C GLY A 10 -6.88 0.28 4.47
N ASP A 11 -7.91 0.28 5.31
CA ASP A 11 -8.22 -0.90 6.12
C ASP A 11 -8.99 -1.93 5.31
N GLY A 12 -9.85 -1.45 4.42
CA GLY A 12 -10.64 -2.35 3.58
C GLY A 12 -9.77 -3.31 2.80
N ALA A 13 -10.28 -4.52 2.56
CA ALA A 13 -9.54 -5.53 1.82
C ALA A 13 -9.17 -5.03 0.43
N VAL A 14 -9.94 -4.09 -0.09
CA VAL A 14 -9.69 -3.54 -1.41
C VAL A 14 -9.90 -2.03 -1.45
N GLY A 15 -9.06 -1.34 -2.21
CA GLY A 15 -9.17 0.10 -2.32
C GLY A 15 -7.82 0.80 -2.42
N LYS A 16 -6.76 0.09 -2.04
CA LYS A 16 -5.42 0.67 -2.06
C LYS A 16 -4.87 0.84 -3.48
N THR A 17 -4.95 -0.21 -4.30
CA THR A 17 -4.44 -0.14 -5.66
C THR A 17 -5.43 0.51 -6.63
N CYS A 18 -6.72 0.27 -6.41
CA CYS A 18 -7.76 0.82 -7.28
C CYS A 18 -7.78 2.35 -7.27
N LEU A 19 -7.54 2.95 -6.11
CA LEU A 19 -7.58 4.41 -6.01
C LEU A 19 -6.48 5.07 -6.85
N LEU A 20 -5.24 4.59 -6.70
CA LEU A 20 -4.12 5.15 -7.45
C LEU A 20 -4.19 4.82 -8.94
N ILE A 21 -4.52 3.56 -9.25
CA ILE A 21 -4.61 3.13 -10.65
C ILE A 21 -5.71 3.87 -11.39
N SER A 22 -6.81 4.14 -10.70
CA SER A 22 -7.95 4.82 -11.30
C SER A 22 -7.55 6.21 -11.80
N TYR A 23 -6.69 6.89 -11.06
CA TYR A 23 -6.25 8.22 -11.42
C TYR A 23 -5.29 8.20 -12.62
N THR A 24 -4.59 7.08 -12.79
CA THR A 24 -3.62 6.96 -13.88
C THR A 24 -4.23 6.36 -15.15
N THR A 25 -5.20 5.48 -15.00
CA THR A 25 -5.82 4.83 -16.15
C THR A 25 -7.30 5.14 -16.27
N ASN A 26 -7.81 5.95 -15.34
CA ASN A 26 -9.22 6.33 -15.35
C ASN A 26 -10.13 5.12 -15.18
N ALA A 27 -9.55 3.94 -14.99
CA ALA A 27 -10.34 2.73 -14.85
C ALA A 27 -9.51 1.56 -14.32
N PHE A 28 -9.93 1.00 -13.20
CA PHE A 28 -9.23 -0.13 -12.59
C PHE A 28 -9.48 -1.41 -13.41
N PRO A 29 -8.40 -2.03 -13.94
CA PRO A 29 -8.52 -3.27 -14.73
C PRO A 29 -9.42 -4.31 -14.08
N GLY A 30 -9.00 -4.83 -12.93
CA GLY A 30 -9.79 -5.83 -12.23
C GLY A 30 -8.95 -6.99 -11.73
N GLU A 31 -7.64 -6.91 -11.95
CA GLU A 31 -6.72 -7.95 -11.51
C GLU A 31 -6.54 -7.91 -10.00
N TYR A 32 -5.65 -8.74 -9.49
CA TYR A 32 -5.39 -8.80 -8.05
C TYR A 32 -4.08 -9.50 -7.75
N ILE A 33 -3.29 -9.73 -8.80
CA ILE A 33 -1.99 -10.41 -8.65
C ILE A 33 -0.86 -9.40 -8.46
N PRO A 34 -0.73 -8.40 -9.35
CA PRO A 34 0.33 -7.38 -9.25
C PRO A 34 0.04 -6.32 -8.20
N THR A 35 0.90 -6.24 -7.19
CA THR A 35 0.73 -5.26 -6.12
C THR A 35 2.00 -5.14 -5.28
N VAL A 36 3.03 -5.89 -5.66
CA VAL A 36 4.31 -5.88 -4.96
C VAL A 36 5.26 -4.86 -5.58
N PHE A 37 5.04 -4.57 -6.87
CA PHE A 37 5.87 -3.60 -7.59
C PHE A 37 5.23 -2.22 -7.57
N ASP A 38 6.03 -1.21 -7.22
CA ASP A 38 5.54 0.17 -7.18
C ASP A 38 6.62 1.13 -7.69
N ASN A 39 6.34 1.76 -8.83
CA ASN A 39 7.30 2.70 -9.43
C ASN A 39 6.65 3.49 -10.56
N TYR A 40 5.34 3.69 -10.48
CA TYR A 40 4.62 4.43 -11.50
C TYR A 40 4.66 5.93 -11.23
N SER A 41 4.69 6.73 -12.30
CA SER A 41 4.72 8.18 -12.17
C SER A 41 3.72 8.81 -13.13
N ALA A 42 3.21 9.98 -12.74
CA ALA A 42 2.24 10.69 -13.56
C ALA A 42 2.39 12.20 -13.43
N ASN A 43 2.18 12.92 -14.52
CA ASN A 43 2.29 14.38 -14.51
C ASN A 43 0.92 15.01 -14.25
N VAL A 44 0.90 15.99 -13.36
CA VAL A 44 -0.34 16.66 -13.01
C VAL A 44 -0.15 18.17 -12.93
N MET A 45 -1.15 18.91 -13.40
CA MET A 45 -1.11 20.36 -13.42
C MET A 45 -1.72 20.94 -12.14
N VAL A 46 -0.92 21.70 -11.41
CA VAL A 46 -1.37 22.32 -10.18
C VAL A 46 -0.97 23.79 -10.12
N ASP A 47 -1.97 24.67 -10.17
CA ASP A 47 -1.74 26.11 -10.13
C ASP A 47 -0.95 26.58 -11.34
N GLY A 48 -0.89 25.74 -12.38
CA GLY A 48 -0.16 26.11 -13.58
C GLY A 48 1.31 25.76 -13.46
N LYS A 49 1.63 24.94 -12.47
CA LYS A 49 3.01 24.51 -12.23
C LYS A 49 3.13 22.99 -12.37
N PRO A 50 3.97 22.50 -13.29
CA PRO A 50 4.15 21.06 -13.50
C PRO A 50 4.54 20.35 -12.20
N VAL A 51 3.83 19.27 -11.89
CA VAL A 51 4.10 18.51 -10.67
C VAL A 51 4.27 17.03 -10.94
N ASN A 52 5.36 16.47 -10.44
CA ASN A 52 5.64 15.04 -10.59
C ASN A 52 4.93 14.26 -9.49
N LEU A 53 4.13 13.27 -9.89
CA LEU A 53 3.39 12.46 -8.94
C LEU A 53 4.00 11.08 -8.77
N GLY A 54 4.23 10.69 -7.51
CA GLY A 54 4.79 9.38 -7.22
C GLY A 54 3.72 8.40 -6.79
N LEU A 55 3.46 7.40 -7.62
CA LEU A 55 2.43 6.41 -7.31
C LEU A 55 3.04 5.17 -6.66
N TRP A 56 2.59 4.87 -5.44
CA TRP A 56 3.09 3.71 -4.71
C TRP A 56 1.93 2.89 -4.16
N ASP A 57 1.72 1.71 -4.72
CA ASP A 57 0.63 0.83 -4.28
C ASP A 57 1.03 0.05 -3.03
N THR A 58 0.40 0.39 -1.90
CA THR A 58 0.68 -0.29 -0.65
C THR A 58 -0.02 -1.64 -0.59
N ALA A 59 0.73 -2.71 -0.86
CA ALA A 59 0.18 -4.06 -0.84
C ALA A 59 -0.47 -4.38 0.50
N GLY A 60 -1.66 -4.96 0.45
CA GLY A 60 -2.36 -5.32 1.68
C GLY A 60 -1.97 -6.68 2.19
N LEU A 61 -1.03 -7.32 1.50
CA LEU A 61 -0.55 -8.65 1.88
C LEU A 61 0.32 -8.57 3.13
N GLU A 62 0.15 -9.52 4.04
CA GLU A 62 0.92 -9.56 5.28
C GLU A 62 2.30 -10.18 5.07
N ASP A 63 2.36 -11.18 4.20
CA ASP A 63 3.62 -11.87 3.91
C ASP A 63 4.69 -10.91 3.41
N TYR A 64 4.29 -9.86 2.69
CA TYR A 64 5.22 -8.88 2.17
C TYR A 64 5.62 -7.87 3.24
N ASP A 65 5.51 -8.27 4.50
CA ASP A 65 5.86 -7.40 5.63
C ASP A 65 7.30 -6.89 5.50
N ARG A 66 8.17 -7.74 4.97
CA ARG A 66 9.57 -7.36 4.78
C ARG A 66 9.75 -6.53 3.52
N LEU A 67 8.94 -6.83 2.50
CA LEU A 67 9.00 -6.12 1.23
C LEU A 67 7.95 -5.01 1.17
N ARG A 68 7.62 -4.45 2.33
CA ARG A 68 6.64 -3.37 2.40
C ARG A 68 7.11 -2.15 1.62
N PRO A 69 6.18 -1.28 1.18
CA PRO A 69 6.51 -0.07 0.42
C PRO A 69 7.61 0.75 1.10
N LEU A 70 8.71 0.94 0.40
CA LEU A 70 9.84 1.71 0.93
C LEU A 70 9.47 3.18 1.02
N SER A 71 8.52 3.59 0.19
CA SER A 71 8.08 4.98 0.14
C SER A 71 7.36 5.40 1.41
N TYR A 72 6.57 4.49 1.98
CA TYR A 72 5.79 4.77 3.19
C TYR A 72 6.49 5.72 4.16
N PRO A 73 7.70 5.37 4.68
CA PRO A 73 8.43 6.22 5.63
C PRO A 73 8.72 7.61 5.07
N GLN A 74 9.26 7.67 3.86
CA GLN A 74 9.62 8.92 3.21
C GLN A 74 8.39 9.69 2.71
N THR A 75 7.28 8.97 2.55
CA THR A 75 6.03 9.55 2.06
C THR A 75 5.83 10.98 2.53
N ASP A 76 5.61 11.88 1.58
CA ASP A 76 5.39 13.28 1.86
C ASP A 76 3.99 13.51 2.43
N VAL A 77 3.06 12.64 2.06
CA VAL A 77 1.68 12.75 2.52
C VAL A 77 0.94 11.42 2.33
N PHE A 78 0.15 11.03 3.33
CA PHE A 78 -0.60 9.78 3.26
C PHE A 78 -2.07 10.03 3.01
N LEU A 79 -2.71 9.11 2.28
CA LEU A 79 -4.13 9.22 1.99
C LEU A 79 -4.92 8.20 2.81
N ILE A 80 -5.86 8.67 3.60
CA ILE A 80 -6.67 7.78 4.43
C ILE A 80 -7.97 7.42 3.71
N CYS A 81 -8.01 6.20 3.17
CA CYS A 81 -9.17 5.72 2.45
C CYS A 81 -10.08 4.87 3.34
N PHE A 82 -11.37 5.19 3.32
CA PHE A 82 -12.36 4.45 4.10
C PHE A 82 -13.70 4.44 3.39
N SER A 83 -14.62 3.59 3.85
CA SER A 83 -15.93 3.49 3.24
C SER A 83 -16.91 4.47 3.86
N LEU A 84 -17.32 5.45 3.07
CA LEU A 84 -18.24 6.49 3.51
C LEU A 84 -19.60 5.91 3.90
N VAL A 85 -20.11 4.99 3.09
CA VAL A 85 -21.41 4.39 3.35
C VAL A 85 -21.38 3.48 4.58
N SER A 86 -20.25 3.48 5.29
CA SER A 86 -20.11 2.69 6.51
C SER A 86 -19.29 3.46 7.54
N PRO A 87 -19.96 4.06 8.55
CA PRO A 87 -19.28 4.84 9.61
C PRO A 87 -18.17 4.08 10.33
N ALA A 88 -18.32 2.76 10.44
CA ALA A 88 -17.32 1.94 11.12
C ALA A 88 -15.92 2.14 10.54
N SER A 89 -15.83 2.17 9.22
CA SER A 89 -14.54 2.36 8.56
C SER A 89 -13.92 3.69 9.01
N PHE A 90 -14.76 4.68 9.24
CA PHE A 90 -14.32 6.00 9.70
C PHE A 90 -13.77 5.89 11.12
N GLU A 91 -14.39 5.01 11.91
CA GLU A 91 -13.98 4.79 13.28
C GLU A 91 -12.66 4.04 13.35
N ASN A 92 -12.42 3.17 12.37
CA ASN A 92 -11.21 2.36 12.32
C ASN A 92 -9.98 3.17 11.90
N VAL A 93 -10.13 3.98 10.86
CA VAL A 93 -9.02 4.78 10.34
C VAL A 93 -8.41 5.67 11.43
N ARG A 94 -9.26 6.41 12.14
CA ARG A 94 -8.79 7.29 13.20
C ARG A 94 -8.35 6.50 14.42
N ALA A 95 -8.85 5.27 14.51
CA ALA A 95 -8.54 4.39 15.63
C ALA A 95 -7.11 3.87 15.62
N LYS A 96 -6.65 3.39 14.46
CA LYS A 96 -5.31 2.83 14.37
C LYS A 96 -4.29 3.77 13.71
N TRP A 97 -4.67 4.44 12.63
CA TRP A 97 -3.76 5.33 11.92
C TRP A 97 -3.36 6.56 12.75
N TYR A 98 -4.33 7.17 13.42
CA TYR A 98 -4.04 8.37 14.21
C TYR A 98 -3.02 8.14 15.32
N PRO A 99 -3.15 7.07 16.13
CA PRO A 99 -2.21 6.80 17.23
C PRO A 99 -0.80 6.48 16.72
N GLU A 100 -0.72 5.96 15.51
CA GLU A 100 0.56 5.59 14.91
C GLU A 100 1.36 6.82 14.48
N VAL A 101 0.72 7.71 13.75
CA VAL A 101 1.38 8.92 13.26
C VAL A 101 1.75 9.86 14.41
N ARG A 102 0.85 9.96 15.39
CA ARG A 102 1.09 10.82 16.54
C ARG A 102 2.21 10.27 17.43
N HIS A 103 2.39 8.96 17.40
CA HIS A 103 3.43 8.32 18.20
C HIS A 103 4.81 8.81 17.79
N HIS A 104 5.00 8.97 16.50
CA HIS A 104 6.28 9.42 15.96
C HIS A 104 6.30 10.95 15.84
N CYS A 105 5.13 11.52 15.63
CA CYS A 105 4.98 12.97 15.49
C CYS A 105 5.92 13.51 14.41
N PRO A 106 5.89 12.92 13.21
CA PRO A 106 6.74 13.35 12.09
C PRO A 106 6.37 14.75 11.59
N ASN A 107 5.22 15.23 12.05
CA ASN A 107 4.71 16.55 11.65
C ASN A 107 4.34 16.54 10.18
N THR A 108 4.23 15.34 9.62
CA THR A 108 3.86 15.17 8.22
C THR A 108 2.37 15.38 7.99
N PRO A 109 1.99 16.12 6.94
CA PRO A 109 0.58 16.40 6.63
C PRO A 109 -0.16 15.11 6.29
N ILE A 110 -1.49 15.13 6.45
CA ILE A 110 -2.30 13.96 6.17
C ILE A 110 -3.59 14.32 5.46
N ILE A 111 -3.82 13.68 4.32
CA ILE A 111 -5.01 13.92 3.52
C ILE A 111 -6.07 12.86 3.80
N LEU A 112 -7.33 13.18 3.53
CA LEU A 112 -8.42 12.24 3.74
C LEU A 112 -9.13 11.95 2.43
N VAL A 113 -9.41 10.67 2.20
CA VAL A 113 -10.07 10.25 0.96
C VAL A 113 -11.33 9.44 1.25
N GLY A 114 -12.37 9.71 0.46
CA GLY A 114 -13.62 8.99 0.60
C GLY A 114 -13.87 8.09 -0.59
N THR A 115 -13.03 7.07 -0.73
CA THR A 115 -13.12 6.12 -1.84
C THR A 115 -14.51 5.47 -1.90
N LYS A 116 -14.76 4.80 -3.02
CA LYS A 116 -16.03 4.12 -3.23
C LYS A 116 -17.20 5.10 -3.08
N LEU A 117 -17.25 6.08 -3.97
CA LEU A 117 -18.31 7.09 -3.95
C LEU A 117 -19.52 6.61 -4.75
N ASP A 118 -19.27 5.71 -5.70
CA ASP A 118 -20.35 5.17 -6.54
C ASP A 118 -21.41 4.48 -5.70
N LEU A 119 -20.98 3.83 -4.62
CA LEU A 119 -21.90 3.12 -3.74
C LEU A 119 -22.25 3.97 -2.53
N ARG A 120 -21.47 5.03 -2.33
CA ARG A 120 -21.70 5.95 -1.25
C ARG A 120 -23.06 6.59 -1.39
N ASP A 121 -23.36 7.01 -2.60
CA ASP A 121 -24.63 7.65 -2.91
C ASP A 121 -25.56 6.70 -3.65
N ASP A 122 -25.43 5.40 -3.37
CA ASP A 122 -26.27 4.41 -4.01
C ASP A 122 -27.53 4.17 -3.19
N LYS A 123 -28.66 4.47 -3.78
CA LYS A 123 -29.96 4.32 -3.12
C LYS A 123 -30.15 2.92 -2.55
N ASP A 124 -30.09 1.93 -3.42
CA ASP A 124 -30.28 0.54 -3.03
C ASP A 124 -29.31 0.12 -1.94
N THR A 125 -28.03 0.47 -2.10
CA THR A 125 -27.01 0.12 -1.12
C THR A 125 -27.30 0.83 0.20
N ILE A 126 -27.67 2.10 0.11
CA ILE A 126 -27.98 2.89 1.29
C ILE A 126 -29.13 2.22 2.03
N GLU A 127 -30.08 1.70 1.26
CA GLU A 127 -31.23 1.00 1.81
C GLU A 127 -30.77 -0.23 2.58
N LYS A 128 -29.72 -0.86 2.07
CA LYS A 128 -29.17 -2.06 2.70
C LYS A 128 -28.52 -1.73 4.04
N LEU A 129 -27.85 -0.59 4.11
CA LEU A 129 -27.20 -0.17 5.34
C LEU A 129 -28.24 0.00 6.43
N LYS A 130 -29.41 0.47 6.06
CA LYS A 130 -30.50 0.66 7.00
C LYS A 130 -30.81 -0.66 7.70
N GLU A 131 -30.62 -1.75 6.97
CA GLU A 131 -30.88 -3.07 7.50
C GLU A 131 -29.93 -3.37 8.65
N LYS A 132 -28.75 -2.75 8.59
CA LYS A 132 -27.73 -2.93 9.61
C LYS A 132 -27.57 -1.66 10.45
N LYS A 133 -28.50 -0.73 10.29
CA LYS A 133 -28.51 0.53 11.04
C LYS A 133 -27.28 1.39 10.74
N LEU A 134 -26.82 1.34 9.49
CA LEU A 134 -25.66 2.14 9.09
C LEU A 134 -26.08 3.22 8.08
N THR A 135 -25.38 4.35 8.11
CA THR A 135 -25.66 5.44 7.19
C THR A 135 -24.38 6.01 6.59
N PRO A 136 -24.44 6.54 5.36
CA PRO A 136 -23.27 7.09 4.68
C PRO A 136 -22.77 8.38 5.32
N ILE A 137 -21.48 8.66 5.14
CA ILE A 137 -20.86 9.86 5.70
C ILE A 137 -21.06 11.06 4.80
N THR A 138 -21.36 12.20 5.42
CA THR A 138 -21.57 13.44 4.67
C THR A 138 -20.29 14.27 4.65
N TYR A 139 -20.28 15.33 3.85
CA TYR A 139 -19.10 16.18 3.73
C TYR A 139 -18.72 16.86 5.06
N PRO A 140 -19.67 17.51 5.75
CA PRO A 140 -19.39 18.18 7.02
C PRO A 140 -18.95 17.20 8.12
N GLN A 141 -19.37 15.95 8.00
CA GLN A 141 -19.02 14.93 8.98
C GLN A 141 -17.52 14.67 8.96
N GLY A 142 -16.97 14.51 7.77
CA GLY A 142 -15.55 14.29 7.62
C GLY A 142 -14.77 15.57 7.79
N LEU A 143 -15.35 16.68 7.33
CA LEU A 143 -14.70 17.98 7.45
C LEU A 143 -14.31 18.23 8.90
N ALA A 144 -15.22 17.88 9.81
CA ALA A 144 -14.98 18.04 11.23
C ALA A 144 -13.83 17.15 11.69
N MET A 145 -13.75 15.96 11.11
CA MET A 145 -12.71 15.00 11.44
C MET A 145 -11.33 15.57 11.11
N ALA A 146 -11.25 16.35 10.05
CA ALA A 146 -9.99 16.95 9.64
C ALA A 146 -9.44 17.89 10.72
N LYS A 147 -10.33 18.53 11.46
CA LYS A 147 -9.92 19.45 12.51
C LYS A 147 -9.28 18.74 13.70
N GLU A 148 -9.87 17.65 14.12
CA GLU A 148 -9.38 16.89 15.27
C GLU A 148 -8.05 16.20 14.99
N ILE A 149 -7.96 15.54 13.84
CA ILE A 149 -6.73 14.85 13.47
C ILE A 149 -5.76 15.81 12.82
N GLY A 150 -6.18 17.07 12.72
CA GLY A 150 -5.36 18.10 12.12
C GLY A 150 -5.01 17.81 10.68
N ALA A 151 -5.91 17.12 9.99
CA ALA A 151 -5.70 16.78 8.59
C ALA A 151 -5.55 18.02 7.72
N VAL A 152 -4.64 17.96 6.76
CA VAL A 152 -4.41 19.09 5.88
C VAL A 152 -5.61 19.35 4.98
N LYS A 153 -6.32 18.28 4.61
CA LYS A 153 -7.49 18.42 3.76
C LYS A 153 -8.25 17.09 3.63
N TYR A 154 -9.57 17.20 3.50
CA TYR A 154 -10.43 16.01 3.39
C TYR A 154 -11.40 16.13 2.21
N LEU A 155 -11.43 15.10 1.37
CA LEU A 155 -12.32 15.08 0.22
C LEU A 155 -12.84 13.67 -0.05
N GLU A 156 -13.88 13.57 -0.89
CA GLU A 156 -14.46 12.28 -1.24
C GLU A 156 -14.53 12.12 -2.76
N CYS A 157 -14.32 10.90 -3.25
CA CYS A 157 -14.34 10.65 -4.69
C CYS A 157 -14.48 9.16 -5.00
N SER A 158 -14.75 8.85 -6.26
CA SER A 158 -14.89 7.47 -6.72
C SER A 158 -13.87 7.14 -7.79
N ALA A 159 -13.45 5.89 -7.82
CA ALA A 159 -12.48 5.43 -8.81
C ALA A 159 -13.20 4.95 -10.07
N LEU A 160 -14.45 4.53 -9.90
CA LEU A 160 -15.26 4.06 -11.01
C LEU A 160 -15.88 5.21 -11.79
N THR A 161 -16.39 6.20 -11.08
CA THR A 161 -17.03 7.36 -11.72
C THR A 161 -16.10 8.56 -11.80
N GLN A 162 -14.99 8.52 -11.06
CA GLN A 162 -14.02 9.61 -11.06
C GLN A 162 -14.62 10.88 -10.48
N ARG A 163 -15.44 10.76 -9.43
CA ARG A 163 -16.06 11.93 -8.79
C ARG A 163 -15.08 13.09 -8.68
N GLY A 164 -13.94 12.84 -8.06
CA GLY A 164 -12.94 13.88 -7.89
C GLY A 164 -11.55 13.34 -7.58
N LEU A 165 -11.12 12.33 -8.33
CA LEU A 165 -9.81 11.73 -8.14
C LEU A 165 -8.71 12.78 -8.35
N LYS A 166 -8.82 13.50 -9.45
CA LYS A 166 -7.85 14.54 -9.79
C LYS A 166 -7.71 15.53 -8.65
N THR A 167 -8.80 15.71 -7.91
CA THR A 167 -8.82 16.64 -6.78
C THR A 167 -8.01 16.08 -5.61
N VAL A 168 -8.09 14.76 -5.41
CA VAL A 168 -7.37 14.11 -4.32
C VAL A 168 -5.86 14.33 -4.46
N PHE A 169 -5.35 13.98 -5.63
CA PHE A 169 -3.93 14.12 -5.93
C PHE A 169 -3.54 15.59 -5.98
N ASP A 170 -4.43 16.41 -6.55
CA ASP A 170 -4.18 17.84 -6.67
C ASP A 170 -4.01 18.50 -5.29
N GLU A 171 -4.92 18.18 -4.37
CA GLU A 171 -4.88 18.73 -3.03
C GLU A 171 -3.76 18.10 -2.21
N ALA A 172 -3.49 16.82 -2.46
CA ALA A 172 -2.45 16.10 -1.75
C ALA A 172 -1.10 16.74 -2.00
N ILE A 173 -0.86 17.18 -3.23
CA ILE A 173 0.38 17.83 -3.58
C ILE A 173 0.57 19.08 -2.75
N ARG A 174 -0.50 19.87 -2.63
CA ARG A 174 -0.46 21.10 -1.84
C ARG A 174 -0.07 20.79 -0.41
N ALA A 175 -0.51 19.64 0.07
CA ALA A 175 -0.21 19.19 1.44
C ALA A 175 1.29 19.28 1.74
N VAL A 176 2.11 19.23 0.70
CA VAL A 176 3.55 19.32 0.87
C VAL A 176 4.08 20.74 0.63
N LEU A 177 3.45 21.45 -0.30
CA LEU A 177 3.87 22.81 -0.65
C LEU A 177 3.48 23.85 0.40
N CYS A 178 2.17 23.96 0.69
CA CYS A 178 1.70 24.96 1.65
C CYS A 178 1.97 24.55 3.11
N PRO A 179 1.21 23.58 3.70
CA PRO A 179 1.43 23.16 5.09
C PRO A 179 2.91 22.84 5.38
N PRO A 180 3.26 22.55 6.65
CA PRO A 180 4.65 22.26 7.03
C PRO A 180 5.27 21.12 6.23
N PRO A 181 6.58 21.22 5.91
CA PRO A 181 7.30 20.21 5.13
C PRO A 181 7.24 18.81 5.74
N VAL A 182 7.80 17.85 5.00
CA VAL A 182 7.84 16.46 5.42
C VAL A 182 9.27 15.92 5.41
N LYS A 183 9.58 15.04 6.36
CA LYS A 183 10.91 14.45 6.45
C LYS A 183 10.98 13.41 7.57
N LYS A 184 11.85 12.42 7.38
CA LYS A 184 12.01 11.36 8.37
C LYS A 184 13.25 10.53 8.05
N ARG A 185 14.29 10.67 8.88
CA ARG A 185 15.53 9.94 8.67
C ARG A 185 15.85 9.06 9.87
N LYS A 186 15.95 7.75 9.63
CA LYS A 186 16.25 6.80 10.69
C LYS A 186 16.62 5.44 10.11
N ARG A 187 17.92 5.13 10.12
CA ARG A 187 18.40 3.86 9.59
C ARG A 187 17.86 2.69 10.42
N LYS A 188 18.02 1.48 9.91
CA LYS A 188 17.55 0.29 10.61
C LYS A 188 18.71 -0.57 11.10
N CYS A 189 19.90 -0.30 10.59
CA CYS A 189 21.10 -1.06 10.98
C CYS A 189 22.33 -0.17 11.04
N LEU A 190 22.13 1.14 10.86
CA LEU A 190 23.22 2.10 10.89
C LEU A 190 24.28 1.78 9.83
N LEU A 191 25.24 0.92 10.18
CA LEU A 191 26.29 0.54 9.26
C LEU A 191 25.75 -0.34 8.13
N LEU A 192 26.35 -0.23 6.96
CA LEU A 192 25.93 -1.00 5.79
C LEU A 192 26.55 -2.40 5.83
N GLY B 1 -1.63 -33.48 8.62
CA GLY B 1 -1.61 -34.97 8.55
C GLY B 1 -1.74 -35.48 7.13
N ILE B 2 -0.62 -35.59 6.43
CA ILE B 2 -0.62 -36.08 5.06
C ILE B 2 0.01 -37.46 4.96
N PRO B 3 -0.62 -38.39 4.21
CA PRO B 3 -0.12 -39.75 4.04
C PRO B 3 1.14 -39.80 3.18
N ALA B 4 1.37 -40.94 2.54
CA ALA B 4 2.55 -41.12 1.68
C ALA B 4 2.53 -40.13 0.52
N THR B 5 1.39 -39.50 0.28
CA THR B 5 1.24 -38.53 -0.80
C THR B 5 2.31 -37.44 -0.71
N ASN B 6 2.17 -36.56 0.29
CA ASN B 6 3.11 -35.48 0.50
C ASN B 6 3.22 -34.57 -0.73
N LEU B 7 2.25 -34.69 -1.63
CA LEU B 7 2.23 -33.88 -2.85
C LEU B 7 1.78 -32.46 -2.55
N SER B 8 0.85 -32.32 -1.61
CA SER B 8 0.33 -31.02 -1.23
C SER B 8 1.41 -30.16 -0.59
N ARG B 9 2.19 -30.78 0.29
CA ARG B 9 3.28 -30.08 0.97
C ARG B 9 4.31 -29.58 -0.02
N VAL B 10 4.64 -30.45 -0.99
CA VAL B 10 5.62 -30.10 -2.01
C VAL B 10 5.20 -28.85 -2.78
N ALA B 11 3.96 -28.84 -3.25
CA ALA B 11 3.44 -27.71 -4.00
C ALA B 11 3.38 -26.46 -3.13
N GLY B 12 3.19 -26.67 -1.83
CA GLY B 12 3.13 -25.55 -0.91
C GLY B 12 4.44 -24.81 -0.85
N LEU B 13 5.54 -25.56 -0.96
CA LEU B 13 6.87 -24.97 -0.93
C LEU B 13 7.17 -24.29 -2.26
N GLU B 14 6.62 -24.84 -3.34
CA GLU B 14 6.79 -24.25 -4.66
C GLU B 14 6.04 -22.93 -4.72
N LYS B 15 4.86 -22.93 -4.14
CA LYS B 15 4.01 -21.73 -4.10
C LYS B 15 4.64 -20.68 -3.21
N GLN B 16 5.06 -21.09 -2.00
CA GLN B 16 5.70 -20.18 -1.06
C GLN B 16 6.97 -19.62 -1.68
N LEU B 17 7.76 -20.51 -2.25
CA LEU B 17 9.00 -20.14 -2.91
C LEU B 17 8.70 -19.10 -4.00
N ALA B 18 7.63 -19.35 -4.76
CA ALA B 18 7.22 -18.45 -5.83
C ALA B 18 6.84 -17.08 -5.27
N ILE B 19 6.14 -17.10 -4.15
CA ILE B 19 5.72 -15.87 -3.49
C ILE B 19 6.95 -15.07 -3.09
N GLU B 20 7.95 -15.79 -2.61
CA GLU B 20 9.20 -15.17 -2.19
C GLU B 20 9.90 -14.53 -3.39
N LEU B 21 9.67 -15.07 -4.59
CA LEU B 21 10.29 -14.50 -5.78
C LEU B 21 9.71 -13.11 -6.02
N LYS B 22 8.42 -12.96 -5.75
CA LYS B 22 7.76 -11.67 -5.90
C LYS B 22 8.40 -10.69 -4.96
N VAL B 23 8.80 -11.19 -3.80
CA VAL B 23 9.47 -10.39 -2.79
C VAL B 23 10.88 -10.02 -3.24
N LYS B 24 11.60 -11.00 -3.76
CA LYS B 24 12.97 -10.80 -4.23
C LYS B 24 13.01 -9.85 -5.43
N GLN B 25 12.20 -10.16 -6.43
CA GLN B 25 12.14 -9.34 -7.64
C GLN B 25 11.66 -7.93 -7.33
N GLY B 26 10.85 -7.80 -6.28
CA GLY B 26 10.34 -6.49 -5.91
C GLY B 26 11.44 -5.58 -5.40
N ALA B 27 12.28 -6.11 -4.53
CA ALA B 27 13.38 -5.35 -3.97
C ALA B 27 14.36 -4.92 -5.04
N GLU B 28 14.78 -5.88 -5.87
CA GLU B 28 15.72 -5.61 -6.95
C GLU B 28 15.23 -4.48 -7.85
N ASN B 29 13.94 -4.50 -8.20
CA ASN B 29 13.37 -3.47 -9.04
C ASN B 29 13.57 -2.10 -8.42
N MET B 30 13.29 -2.01 -7.12
CA MET B 30 13.45 -0.76 -6.40
C MET B 30 14.91 -0.33 -6.39
N ILE B 31 15.81 -1.31 -6.29
CA ILE B 31 17.24 -1.03 -6.27
C ILE B 31 17.70 -0.40 -7.59
N GLN B 32 17.29 -1.00 -8.69
CA GLN B 32 17.65 -0.50 -10.02
C GLN B 32 17.16 0.93 -10.22
N THR B 33 16.01 1.24 -9.62
CA THR B 33 15.43 2.56 -9.73
C THR B 33 16.31 3.64 -9.09
N TYR B 34 16.73 3.38 -7.85
CA TYR B 34 17.58 4.33 -7.13
C TYR B 34 19.06 4.15 -7.47
N SER B 35 19.39 3.03 -8.09
CA SER B 35 20.77 2.75 -8.46
C SER B 35 21.28 3.80 -9.45
N ASN B 36 20.54 4.00 -10.53
CA ASN B 36 20.91 4.98 -11.55
C ASN B 36 19.68 5.62 -12.16
N GLY B 37 19.86 6.78 -12.78
CA GLY B 37 18.75 7.47 -13.41
C GLY B 37 18.61 8.90 -12.92
N SER B 38 17.37 9.40 -12.90
CA SER B 38 17.10 10.76 -12.45
C SER B 38 16.96 10.82 -10.94
N THR B 39 16.14 9.91 -10.39
CA THR B 39 15.90 9.86 -8.95
C THR B 39 17.15 9.39 -8.21
N LYS B 40 17.41 10.00 -7.06
CA LYS B 40 18.57 9.65 -6.25
C LYS B 40 18.22 9.68 -4.77
N ASP B 41 18.10 8.51 -4.17
CA ASP B 41 17.77 8.39 -2.75
C ASP B 41 18.44 7.17 -2.14
N ARG B 42 19.50 7.41 -1.36
CA ARG B 42 20.23 6.34 -0.71
C ARG B 42 19.42 5.70 0.40
N LYS B 43 18.52 6.46 0.99
CA LYS B 43 17.68 5.95 2.06
C LYS B 43 16.80 4.81 1.56
N LEU B 44 16.08 5.06 0.46
CA LEU B 44 15.21 4.06 -0.13
C LEU B 44 16.03 2.92 -0.73
N LEU B 45 17.18 3.27 -1.32
CA LEU B 45 18.07 2.30 -1.93
C LEU B 45 18.64 1.36 -0.86
N LEU B 46 18.84 1.91 0.34
CA LEU B 46 19.38 1.13 1.45
C LEU B 46 18.38 0.06 1.88
N THR B 47 17.12 0.46 2.04
CA THR B 47 16.07 -0.48 2.45
C THR B 47 15.89 -1.57 1.39
N ALA B 48 15.96 -1.17 0.14
CA ALA B 48 15.80 -2.09 -0.96
C ALA B 48 16.85 -3.19 -0.89
N GLN B 49 18.05 -2.81 -0.45
CA GLN B 49 19.16 -3.75 -0.32
C GLN B 49 18.92 -4.75 0.81
N GLN B 50 18.34 -4.27 1.92
CA GLN B 50 18.07 -5.12 3.07
C GLN B 50 16.97 -6.12 2.77
N MET B 51 15.83 -5.59 2.33
CA MET B 51 14.68 -6.42 2.00
C MET B 51 15.04 -7.46 0.94
N LEU B 52 15.98 -7.10 0.05
CA LEU B 52 16.42 -8.01 -1.00
C LEU B 52 17.23 -9.16 -0.42
N GLN B 53 18.15 -8.82 0.48
CA GLN B 53 19.00 -9.82 1.11
C GLN B 53 18.16 -10.82 1.89
N ASP B 54 17.19 -10.29 2.63
CA ASP B 54 16.30 -11.12 3.44
C ASP B 54 15.58 -12.11 2.55
N SER B 55 15.12 -11.64 1.40
CA SER B 55 14.40 -12.48 0.45
C SER B 55 15.30 -13.57 -0.12
N LYS B 56 16.56 -13.23 -0.40
CA LYS B 56 17.49 -14.19 -0.95
C LYS B 56 17.62 -15.41 -0.05
N THR B 57 17.66 -15.16 1.25
CA THR B 57 17.76 -16.24 2.23
C THR B 57 16.50 -17.11 2.21
N LYS B 58 15.33 -16.47 2.15
CA LYS B 58 14.07 -17.19 2.13
C LYS B 58 14.02 -18.18 0.97
N ILE B 59 14.40 -17.73 -0.23
CA ILE B 59 14.40 -18.59 -1.40
C ILE B 59 15.35 -19.77 -1.18
N ASP B 60 16.49 -19.48 -0.56
CA ASP B 60 17.51 -20.50 -0.30
C ASP B 60 16.99 -21.63 0.59
N ILE B 61 16.35 -21.27 1.71
CA ILE B 61 15.84 -22.29 2.63
C ILE B 61 14.64 -23.03 2.06
N ILE B 62 13.68 -22.30 1.53
CA ILE B 62 12.49 -22.91 0.96
C ILE B 62 12.86 -23.85 -0.19
N ARG B 63 13.83 -23.46 -0.99
CA ARG B 63 14.28 -24.25 -2.12
C ARG B 63 14.87 -25.59 -1.68
N MET B 64 15.77 -25.55 -0.70
CA MET B 64 16.42 -26.76 -0.20
C MET B 64 15.40 -27.71 0.45
N GLN B 65 14.50 -27.16 1.24
CA GLN B 65 13.48 -27.96 1.91
C GLN B 65 12.59 -28.64 0.90
N LEU B 66 12.28 -27.93 -0.18
CA LEU B 66 11.45 -28.47 -1.24
C LEU B 66 12.08 -29.73 -1.78
N ARG B 67 13.39 -29.66 -2.03
CA ARG B 67 14.13 -30.80 -2.53
C ARG B 67 14.04 -31.96 -1.56
N ARG B 68 13.96 -31.63 -0.27
CA ARG B 68 13.87 -32.64 0.78
C ARG B 68 12.56 -33.40 0.66
N ALA B 69 11.51 -32.67 0.29
CA ALA B 69 10.18 -33.25 0.15
C ALA B 69 10.14 -34.28 -0.98
N LEU B 70 10.66 -33.90 -2.14
CA LEU B 70 10.67 -34.79 -3.29
C LEU B 70 11.61 -35.97 -3.06
N GLN B 71 12.70 -35.71 -2.34
CA GLN B 71 13.68 -36.75 -2.04
C GLN B 71 13.07 -37.82 -1.14
N ALA B 72 12.13 -37.40 -0.30
CA ALA B 72 11.46 -38.33 0.60
C ALA B 72 10.21 -38.91 -0.04
N ASP B 73 9.80 -38.30 -1.15
CA ASP B 73 8.61 -38.76 -1.87
C ASP B 73 8.96 -39.94 -2.77
N GLN B 74 10.14 -39.90 -3.37
CA GLN B 74 10.58 -40.98 -4.25
C GLN B 74 10.75 -42.28 -3.47
N LEU B 75 11.03 -42.16 -2.18
CA LEU B 75 11.21 -43.32 -1.32
C LEU B 75 10.03 -43.47 -0.35
N GLU B 76 8.98 -42.71 -0.60
CA GLU B 76 7.77 -42.73 0.24
C GLU B 76 8.07 -42.18 1.63
N ASN B 77 8.74 -42.98 2.45
CA ASN B 77 9.09 -42.56 3.81
C ASN B 77 10.45 -43.12 4.21
N GLN B 78 11.10 -42.46 5.16
CA GLN B 78 12.40 -42.89 5.65
C GLN B 78 12.82 -42.10 6.88
N ALA B 79 13.05 -42.82 7.98
CA ALA B 79 13.46 -42.19 9.23
C ALA B 79 12.44 -41.15 9.69
N ALA B 80 11.19 -41.32 9.26
CA ALA B 80 10.13 -40.41 9.64
C ALA B 80 9.53 -40.78 11.00
N PRO B 81 9.04 -39.79 11.75
CA PRO B 81 8.44 -40.02 13.08
C PRO B 81 7.05 -40.66 12.99
N MET A 1 11.00 19.41 -11.54
CA MET A 1 9.63 18.82 -11.51
C MET A 1 9.25 18.41 -10.09
N GLN A 2 8.29 19.13 -9.51
CA GLN A 2 7.83 18.84 -8.16
C GLN A 2 7.34 17.41 -8.04
N ALA A 3 8.21 16.52 -7.57
CA ALA A 3 7.84 15.12 -7.41
C ALA A 3 7.44 14.83 -5.97
N ILE A 4 6.19 14.42 -5.79
CA ILE A 4 5.68 14.12 -4.47
C ILE A 4 5.25 12.65 -4.37
N LYS A 5 5.64 11.99 -3.29
CA LYS A 5 5.31 10.59 -3.10
C LYS A 5 4.06 10.44 -2.25
N CYS A 6 2.98 9.99 -2.87
CA CYS A 6 1.72 9.79 -2.17
C CYS A 6 1.33 8.31 -2.16
N VAL A 7 1.33 7.72 -0.97
CA VAL A 7 0.97 6.31 -0.82
C VAL A 7 -0.47 6.14 -0.36
N VAL A 8 -1.19 5.25 -1.03
CA VAL A 8 -2.59 4.99 -0.69
C VAL A 8 -2.70 3.78 0.22
N VAL A 9 -3.29 3.97 1.40
CA VAL A 9 -3.46 2.89 2.37
C VAL A 9 -4.85 2.91 2.98
N GLY A 10 -5.18 1.83 3.69
CA GLY A 10 -6.48 1.71 4.32
C GLY A 10 -6.62 0.40 5.05
N ASP A 11 -7.86 -0.09 5.15
CA ASP A 11 -8.11 -1.36 5.82
C ASP A 11 -7.22 -2.46 5.26
N GLY A 12 -6.89 -2.37 3.98
CA GLY A 12 -6.03 -3.35 3.36
C GLY A 12 -6.75 -4.39 2.53
N ALA A 13 -8.07 -4.43 2.63
CA ALA A 13 -8.85 -5.40 1.87
C ALA A 13 -8.92 -5.05 0.39
N VAL A 14 -9.20 -3.77 0.10
CA VAL A 14 -9.30 -3.30 -1.29
C VAL A 14 -9.47 -1.77 -1.33
N GLY A 15 -9.24 -1.20 -2.52
CA GLY A 15 -9.41 0.23 -2.68
C GLY A 15 -8.11 0.99 -2.89
N LYS A 16 -6.98 0.34 -2.62
CA LYS A 16 -5.68 0.98 -2.76
C LYS A 16 -5.25 1.21 -4.22
N THR A 17 -5.34 0.18 -5.06
CA THR A 17 -4.93 0.32 -6.46
C THR A 17 -6.01 0.96 -7.33
N CYS A 18 -7.26 0.65 -7.05
CA CYS A 18 -8.38 1.18 -7.83
C CYS A 18 -8.45 2.70 -7.81
N LEU A 19 -8.16 3.29 -6.65
CA LEU A 19 -8.21 4.74 -6.49
C LEU A 19 -7.20 5.44 -7.39
N LEU A 20 -5.95 4.99 -7.35
CA LEU A 20 -4.89 5.59 -8.16
C LEU A 20 -5.04 5.30 -9.66
N ILE A 21 -5.43 4.07 -9.99
CA ILE A 21 -5.59 3.68 -11.39
C ILE A 21 -6.63 4.53 -12.10
N SER A 22 -7.71 4.84 -11.40
CA SER A 22 -8.80 5.64 -11.96
C SER A 22 -8.31 7.02 -12.39
N TYR A 23 -7.41 7.59 -11.61
CA TYR A 23 -6.87 8.91 -11.89
C TYR A 23 -5.85 8.90 -13.03
N THR A 24 -5.13 7.79 -13.18
CA THR A 24 -4.10 7.68 -14.21
C THR A 24 -4.63 7.12 -15.53
N THR A 25 -5.70 6.33 -15.46
CA THR A 25 -6.25 5.72 -16.67
C THR A 25 -7.66 6.21 -16.95
N ASN A 26 -8.21 6.99 -16.03
CA ASN A 26 -9.56 7.54 -16.18
C ASN A 26 -10.60 6.41 -16.17
N ALA A 27 -10.13 5.20 -15.95
CA ALA A 27 -11.01 4.03 -15.92
C ALA A 27 -10.28 2.80 -15.41
N PHE A 28 -10.68 2.31 -14.25
CA PHE A 28 -10.06 1.14 -13.66
C PHE A 28 -10.57 -0.14 -14.31
N PRO A 29 -9.68 -0.97 -14.88
CA PRO A 29 -10.05 -2.22 -15.53
C PRO A 29 -10.21 -3.36 -14.53
N GLY A 30 -10.38 -4.58 -15.04
CA GLY A 30 -10.53 -5.73 -14.18
C GLY A 30 -9.29 -6.62 -14.17
N GLU A 31 -8.24 -6.15 -13.50
CA GLU A 31 -7.00 -6.90 -13.42
C GLU A 31 -6.87 -7.60 -12.06
N TYR A 32 -6.15 -8.72 -12.05
CA TYR A 32 -5.96 -9.49 -10.82
C TYR A 32 -4.47 -9.63 -10.51
N ILE A 33 -3.64 -9.10 -11.40
CA ILE A 33 -2.19 -9.17 -11.22
C ILE A 33 -1.76 -8.45 -9.94
N PRO A 34 -0.87 -9.08 -9.14
CA PRO A 34 -0.38 -8.49 -7.88
C PRO A 34 0.21 -7.09 -8.09
N THR A 35 0.25 -6.32 -7.01
CA THR A 35 0.79 -4.96 -7.06
C THR A 35 2.30 -4.98 -7.32
N VAL A 36 2.99 -5.93 -6.70
CA VAL A 36 4.44 -6.04 -6.87
C VAL A 36 4.80 -6.35 -8.31
N PHE A 37 5.49 -5.39 -8.95
CA PHE A 37 5.91 -5.56 -10.34
C PHE A 37 6.71 -4.35 -10.81
N ASP A 38 6.08 -3.18 -10.83
CA ASP A 38 6.74 -1.96 -11.26
C ASP A 38 6.03 -0.73 -10.72
N ASN A 39 6.43 0.45 -11.19
CA ASN A 39 5.83 1.70 -10.76
C ASN A 39 5.47 2.57 -11.96
N TYR A 40 4.56 3.52 -11.75
CA TYR A 40 4.12 4.41 -12.81
C TYR A 40 3.81 5.80 -12.28
N SER A 41 4.43 6.81 -12.88
CA SER A 41 4.23 8.20 -12.48
C SER A 41 3.27 8.91 -13.42
N ALA A 42 2.63 9.95 -12.92
CA ALA A 42 1.68 10.73 -13.71
C ALA A 42 1.89 12.22 -13.52
N ASN A 43 1.68 13.00 -14.58
CA ASN A 43 1.85 14.44 -14.51
C ASN A 43 0.56 15.11 -14.07
N VAL A 44 0.67 16.01 -13.10
CA VAL A 44 -0.51 16.71 -12.58
C VAL A 44 -0.29 18.22 -12.58
N MET A 45 -1.32 18.95 -12.99
CA MET A 45 -1.28 20.40 -13.06
C MET A 45 -1.93 21.04 -11.83
N VAL A 46 -1.13 21.72 -11.00
CA VAL A 46 -1.64 22.37 -9.82
C VAL A 46 -1.21 23.84 -9.77
N ASP A 47 -2.17 24.74 -9.83
CA ASP A 47 -1.90 26.16 -9.80
C ASP A 47 -1.04 26.59 -10.99
N GLY A 48 -0.96 25.72 -12.00
CA GLY A 48 -0.16 26.04 -13.17
C GLY A 48 1.29 25.63 -13.01
N LYS A 49 1.54 24.82 -12.00
CA LYS A 49 2.89 24.34 -11.72
C LYS A 49 2.98 22.85 -11.98
N PRO A 50 3.84 22.41 -12.94
CA PRO A 50 3.98 20.99 -13.25
C PRO A 50 4.44 20.21 -12.04
N VAL A 51 3.75 19.13 -11.72
CA VAL A 51 4.10 18.30 -10.56
C VAL A 51 4.19 16.82 -10.90
N ASN A 52 5.31 16.22 -10.54
CA ASN A 52 5.51 14.79 -10.75
C ASN A 52 4.79 14.01 -9.67
N LEU A 53 3.86 13.14 -10.08
CA LEU A 53 3.08 12.36 -9.13
C LEU A 53 3.59 10.94 -8.98
N GLY A 54 3.77 10.51 -7.73
CA GLY A 54 4.23 9.16 -7.46
C GLY A 54 3.10 8.30 -6.94
N LEU A 55 2.76 7.26 -7.68
CA LEU A 55 1.67 6.36 -7.29
C LEU A 55 2.20 5.13 -6.56
N TRP A 56 1.77 4.98 -5.31
CA TRP A 56 2.19 3.85 -4.49
C TRP A 56 0.99 3.24 -3.77
N ASP A 57 1.07 1.96 -3.46
CA ASP A 57 -0.01 1.26 -2.77
C ASP A 57 0.46 -0.07 -2.21
N THR A 58 0.19 -0.30 -0.93
CA THR A 58 0.58 -1.55 -0.27
C THR A 58 -0.20 -2.73 -0.80
N ALA A 59 0.50 -3.81 -1.12
CA ALA A 59 -0.14 -5.01 -1.65
C ALA A 59 -1.01 -5.67 -0.58
N GLY A 60 -2.05 -6.36 -1.03
CA GLY A 60 -2.95 -7.02 -0.10
C GLY A 60 -2.41 -8.35 0.38
N LEU A 61 -1.39 -8.31 1.23
CA LEU A 61 -0.79 -9.53 1.76
C LEU A 61 0.09 -9.23 2.97
N GLU A 62 0.21 -10.22 3.85
CA GLU A 62 1.01 -10.07 5.06
C GLU A 62 2.50 -10.31 4.78
N ASP A 63 2.79 -11.19 3.84
CA ASP A 63 4.17 -11.51 3.50
C ASP A 63 4.92 -10.29 2.97
N TYR A 64 4.19 -9.40 2.29
CA TYR A 64 4.80 -8.19 1.73
C TYR A 64 4.86 -7.08 2.77
N ASP A 65 4.90 -7.45 4.04
CA ASP A 65 4.97 -6.48 5.13
C ASP A 65 6.18 -5.57 4.97
N ARG A 66 7.37 -6.18 4.86
CA ARG A 66 8.60 -5.42 4.71
C ARG A 66 8.84 -5.03 3.25
N LEU A 67 8.61 -5.97 2.34
CA LEU A 67 8.80 -5.72 0.90
C LEU A 67 7.59 -5.03 0.28
N ARG A 68 7.43 -3.73 0.54
CA ARG A 68 6.31 -2.98 -0.02
C ARG A 68 6.30 -1.51 0.44
N PRO A 69 6.38 -1.24 1.75
CA PRO A 69 6.35 0.13 2.28
C PRO A 69 7.70 0.85 2.19
N LEU A 70 8.32 0.84 1.02
CA LEU A 70 9.60 1.52 0.84
C LEU A 70 9.41 3.03 0.91
N SER A 71 8.36 3.49 0.24
CA SER A 71 8.05 4.91 0.18
C SER A 71 7.47 5.42 1.50
N TYR A 72 6.66 4.60 2.15
CA TYR A 72 6.02 4.97 3.41
C TYR A 72 6.81 6.01 4.22
N PRO A 73 8.08 5.71 4.61
CA PRO A 73 8.90 6.66 5.38
C PRO A 73 9.07 8.01 4.70
N GLN A 74 9.48 7.98 3.43
CA GLN A 74 9.71 9.20 2.66
C GLN A 74 8.39 9.86 2.22
N THR A 75 7.32 9.07 2.20
CA THR A 75 6.01 9.54 1.77
C THR A 75 5.71 10.94 2.29
N ASP A 76 5.48 11.86 1.35
CA ASP A 76 5.16 13.23 1.71
C ASP A 76 3.82 13.28 2.42
N VAL A 77 2.87 12.50 1.93
CA VAL A 77 1.54 12.43 2.51
C VAL A 77 0.79 11.19 2.03
N PHE A 78 0.18 10.47 2.98
CA PHE A 78 -0.58 9.28 2.64
C PHE A 78 -2.08 9.55 2.74
N LEU A 79 -2.86 8.88 1.90
CA LEU A 79 -4.30 9.06 1.87
C LEU A 79 -5.02 7.99 2.70
N ILE A 80 -6.02 8.42 3.48
CA ILE A 80 -6.79 7.49 4.29
C ILE A 80 -8.09 7.11 3.58
N CYS A 81 -8.15 5.89 3.08
CA CYS A 81 -9.33 5.42 2.36
C CYS A 81 -10.26 4.61 3.26
N PHE A 82 -11.55 4.93 3.22
CA PHE A 82 -12.55 4.25 4.01
C PHE A 82 -13.92 4.32 3.34
N SER A 83 -14.85 3.49 3.81
CA SER A 83 -16.20 3.48 3.24
C SER A 83 -17.11 4.46 3.97
N LEU A 84 -17.64 5.41 3.22
CA LEU A 84 -18.51 6.43 3.79
C LEU A 84 -19.85 5.84 4.22
N VAL A 85 -20.43 5.00 3.37
CA VAL A 85 -21.73 4.40 3.66
C VAL A 85 -21.69 3.55 4.92
N SER A 86 -20.50 3.15 5.34
CA SER A 86 -20.34 2.33 6.53
C SER A 86 -19.48 3.07 7.57
N PRO A 87 -20.09 3.52 8.68
CA PRO A 87 -19.36 4.25 9.74
C PRO A 87 -18.23 3.43 10.36
N ALA A 88 -18.40 2.12 10.40
CA ALA A 88 -17.40 1.23 10.99
C ALA A 88 -16.03 1.42 10.34
N SER A 89 -16.00 1.51 9.01
CA SER A 89 -14.74 1.70 8.30
C SER A 89 -14.07 2.98 8.77
N PHE A 90 -14.88 3.98 9.09
CA PHE A 90 -14.38 5.26 9.58
C PHE A 90 -13.75 5.06 10.95
N GLU A 91 -14.34 4.15 11.73
CA GLU A 91 -13.84 3.83 13.07
C GLU A 91 -12.53 3.07 12.98
N ASN A 92 -12.41 2.25 11.93
CA ASN A 92 -11.23 1.42 11.72
C ASN A 92 -9.99 2.24 11.40
N VAL A 93 -10.12 3.18 10.47
CA VAL A 93 -8.99 4.02 10.08
C VAL A 93 -8.39 4.75 11.27
N ARG A 94 -9.24 5.38 12.06
CA ARG A 94 -8.79 6.12 13.23
C ARG A 94 -8.37 5.17 14.36
N ALA A 95 -8.86 3.93 14.29
CA ALA A 95 -8.55 2.94 15.33
C ALA A 95 -7.13 2.41 15.25
N LYS A 96 -6.68 1.98 14.07
CA LYS A 96 -5.35 1.41 13.93
C LYS A 96 -4.34 2.37 13.26
N TRP A 97 -4.76 3.03 12.19
CA TRP A 97 -3.87 3.93 11.45
C TRP A 97 -3.49 5.18 12.25
N TYR A 98 -4.46 5.82 12.88
CA TYR A 98 -4.21 7.05 13.62
C TYR A 98 -3.18 6.88 14.75
N PRO A 99 -3.31 5.83 15.60
CA PRO A 99 -2.38 5.61 16.72
C PRO A 99 -0.94 5.31 16.26
N GLU A 100 -0.80 4.76 15.06
CA GLU A 100 0.51 4.41 14.53
C GLU A 100 1.31 5.64 14.12
N VAL A 101 0.69 6.52 13.35
CA VAL A 101 1.36 7.73 12.89
C VAL A 101 1.72 8.65 14.04
N ARG A 102 0.83 8.74 15.02
CA ARG A 102 1.06 9.61 16.17
C ARG A 102 2.17 9.09 17.07
N HIS A 103 2.38 7.77 17.06
CA HIS A 103 3.42 7.15 17.88
C HIS A 103 4.80 7.65 17.45
N HIS A 104 4.99 7.79 16.14
CA HIS A 104 6.25 8.25 15.61
C HIS A 104 6.30 9.77 15.56
N CYS A 105 5.14 10.37 15.35
CA CYS A 105 5.03 11.83 15.27
C CYS A 105 5.99 12.40 14.21
N PRO A 106 5.91 11.89 12.97
CA PRO A 106 6.78 12.35 11.88
C PRO A 106 6.49 13.80 11.47
N ASN A 107 5.38 14.33 11.98
CA ASN A 107 4.97 15.70 11.66
C ASN A 107 4.61 15.80 10.18
N THR A 108 4.44 14.64 9.56
CA THR A 108 4.11 14.55 8.14
C THR A 108 2.62 14.82 7.91
N PRO A 109 2.29 15.67 6.92
CA PRO A 109 0.89 16.00 6.60
C PRO A 109 0.11 14.76 6.14
N ILE A 110 -1.20 14.76 6.38
CA ILE A 110 -2.03 13.63 6.00
C ILE A 110 -3.36 14.07 5.41
N ILE A 111 -3.67 13.52 4.23
CA ILE A 111 -4.92 13.85 3.54
C ILE A 111 -5.96 12.76 3.82
N LEU A 112 -7.23 13.10 3.62
CA LEU A 112 -8.32 12.16 3.86
C LEU A 112 -9.10 11.93 2.57
N VAL A 113 -9.45 10.67 2.30
CA VAL A 113 -10.19 10.34 1.09
C VAL A 113 -11.43 9.52 1.40
N GLY A 114 -12.55 9.92 0.79
CA GLY A 114 -13.80 9.21 0.97
C GLY A 114 -14.14 8.39 -0.25
N THR A 115 -13.33 7.37 -0.52
CA THR A 115 -13.53 6.50 -1.67
C THR A 115 -14.94 5.93 -1.72
N LYS A 116 -15.29 5.37 -2.87
CA LYS A 116 -16.61 4.78 -3.07
C LYS A 116 -17.72 5.82 -2.85
N LEU A 117 -17.81 6.76 -3.78
CA LEU A 117 -18.82 7.82 -3.71
C LEU A 117 -20.06 7.42 -4.52
N ASP A 118 -19.87 6.52 -5.47
CA ASP A 118 -20.97 6.05 -6.32
C ASP A 118 -22.08 5.42 -5.49
N LEU A 119 -21.70 4.68 -4.45
CA LEU A 119 -22.66 4.02 -3.59
C LEU A 119 -22.95 4.84 -2.34
N ARG A 120 -22.22 5.93 -2.18
CA ARG A 120 -22.39 6.82 -1.05
C ARG A 120 -23.53 7.80 -1.31
N ASP A 121 -23.70 8.16 -2.58
CA ASP A 121 -24.76 9.07 -2.97
C ASP A 121 -25.87 8.30 -3.67
N ASP A 122 -25.98 7.01 -3.32
CA ASP A 122 -26.99 6.15 -3.93
C ASP A 122 -28.16 5.93 -2.97
N LYS A 123 -29.32 6.43 -3.37
CA LYS A 123 -30.53 6.31 -2.58
C LYS A 123 -30.80 4.87 -2.17
N ASP A 124 -30.92 3.99 -3.16
CA ASP A 124 -31.20 2.58 -2.92
C ASP A 124 -30.17 1.96 -1.99
N THR A 125 -28.89 2.22 -2.23
CA THR A 125 -27.84 1.68 -1.37
C THR A 125 -28.00 2.21 0.05
N ILE A 126 -28.28 3.50 0.15
CA ILE A 126 -28.48 4.13 1.45
C ILE A 126 -29.62 3.44 2.18
N GLU A 127 -30.63 3.07 1.41
CA GLU A 127 -31.79 2.37 1.96
C GLU A 127 -31.36 1.00 2.49
N LYS A 128 -30.41 0.38 1.79
CA LYS A 128 -29.90 -0.92 2.19
C LYS A 128 -29.16 -0.86 3.51
N LEU A 129 -28.43 0.23 3.72
CA LEU A 129 -27.69 0.41 4.96
C LEU A 129 -28.64 0.41 6.15
N LYS A 130 -29.81 0.99 5.94
CA LYS A 130 -30.83 1.05 6.98
C LYS A 130 -31.18 -0.35 7.45
N GLU A 131 -31.10 -1.31 6.54
CA GLU A 131 -31.42 -2.70 6.84
C GLU A 131 -30.43 -3.25 7.86
N LYS A 132 -29.22 -2.71 7.83
CA LYS A 132 -28.17 -3.13 8.75
C LYS A 132 -27.95 -2.09 9.84
N LYS A 133 -28.87 -1.13 9.93
CA LYS A 133 -28.80 -0.06 10.92
C LYS A 133 -27.57 0.82 10.75
N LEU A 134 -27.09 0.95 9.50
CA LEU A 134 -25.93 1.79 9.22
C LEU A 134 -26.33 3.01 8.38
N THR A 135 -25.57 4.08 8.53
CA THR A 135 -25.82 5.31 7.79
C THR A 135 -24.53 5.83 7.18
N PRO A 136 -24.60 6.42 5.97
CA PRO A 136 -23.42 6.94 5.28
C PRO A 136 -22.86 8.20 5.94
N ILE A 137 -21.57 8.42 5.76
CA ILE A 137 -20.88 9.57 6.36
C ILE A 137 -21.11 10.83 5.53
N THR A 138 -21.44 11.92 6.21
CA THR A 138 -21.67 13.19 5.55
C THR A 138 -20.37 13.98 5.47
N TYR A 139 -20.36 15.05 4.68
CA TYR A 139 -19.17 15.87 4.51
C TYR A 139 -18.68 16.47 5.85
N PRO A 140 -19.57 17.11 6.64
CA PRO A 140 -19.17 17.70 7.92
C PRO A 140 -18.69 16.67 8.93
N GLN A 141 -19.16 15.44 8.80
CA GLN A 141 -18.78 14.37 9.72
C GLN A 141 -17.30 14.06 9.58
N GLY A 142 -16.84 13.94 8.35
CA GLY A 142 -15.43 13.68 8.10
C GLY A 142 -14.58 14.91 8.29
N LEU A 143 -15.13 16.07 7.92
CA LEU A 143 -14.42 17.33 8.04
C LEU A 143 -13.96 17.56 9.48
N ALA A 144 -14.84 17.25 10.42
CA ALA A 144 -14.53 17.43 11.84
C ALA A 144 -13.37 16.55 12.27
N MET A 145 -13.35 15.30 11.77
CA MET A 145 -12.28 14.37 12.11
C MET A 145 -10.95 14.81 11.50
N ALA A 146 -11.01 15.43 10.33
CA ALA A 146 -9.80 15.90 9.66
C ALA A 146 -9.00 16.83 10.57
N LYS A 147 -9.69 17.82 11.14
CA LYS A 147 -9.06 18.77 12.03
C LYS A 147 -8.61 18.09 13.32
N GLU A 148 -9.36 17.09 13.73
CA GLU A 148 -9.08 16.33 14.94
C GLU A 148 -7.76 15.57 14.82
N ILE A 149 -7.56 14.93 13.67
CA ILE A 149 -6.34 14.16 13.44
C ILE A 149 -5.24 15.05 12.88
N GLY A 150 -5.50 16.35 12.88
CA GLY A 150 -4.53 17.30 12.39
C GLY A 150 -4.28 17.17 10.90
N ALA A 151 -5.19 16.49 10.21
CA ALA A 151 -5.07 16.29 8.77
C ALA A 151 -5.03 17.62 8.02
N VAL A 152 -4.25 17.64 6.95
CA VAL A 152 -4.10 18.84 6.14
C VAL A 152 -5.38 19.16 5.36
N LYS A 153 -6.10 18.12 4.95
CA LYS A 153 -7.33 18.33 4.19
C LYS A 153 -8.11 17.02 4.01
N TYR A 154 -9.43 17.15 3.95
CA TYR A 154 -10.32 16.00 3.80
C TYR A 154 -11.33 16.22 2.67
N LEU A 155 -11.46 15.23 1.79
CA LEU A 155 -12.41 15.30 0.69
C LEU A 155 -13.00 13.93 0.38
N GLU A 156 -14.09 13.91 -0.39
CA GLU A 156 -14.75 12.66 -0.76
C GLU A 156 -14.85 12.56 -2.27
N CYS A 157 -14.68 11.35 -2.80
CA CYS A 157 -14.74 11.14 -4.24
C CYS A 157 -14.92 9.68 -4.61
N SER A 158 -15.22 9.43 -5.88
CA SER A 158 -15.42 8.08 -6.40
C SER A 158 -14.44 7.78 -7.51
N ALA A 159 -14.05 6.51 -7.64
CA ALA A 159 -13.12 6.11 -8.68
C ALA A 159 -13.89 5.76 -9.96
N LEU A 160 -15.16 5.39 -9.79
CA LEU A 160 -16.00 5.03 -10.93
C LEU A 160 -16.56 6.27 -11.61
N THR A 161 -17.04 7.22 -10.81
CA THR A 161 -17.63 8.44 -11.35
C THR A 161 -16.59 9.56 -11.40
N GLN A 162 -15.53 9.38 -10.61
CA GLN A 162 -14.44 10.36 -10.55
C GLN A 162 -14.94 11.68 -10.00
N ARG A 163 -15.75 11.62 -8.93
CA ARG A 163 -16.27 12.83 -8.30
C ARG A 163 -15.22 13.92 -8.20
N GLY A 164 -14.16 13.65 -7.45
CA GLY A 164 -13.09 14.63 -7.28
C GLY A 164 -11.73 14.00 -7.12
N LEU A 165 -11.44 12.98 -7.92
CA LEU A 165 -10.15 12.29 -7.86
C LEU A 165 -9.00 13.29 -8.04
N LYS A 166 -9.11 14.11 -9.07
CA LYS A 166 -8.09 15.11 -9.38
C LYS A 166 -7.81 15.99 -8.16
N THR A 167 -8.87 16.28 -7.41
CA THR A 167 -8.76 17.11 -6.23
C THR A 167 -7.94 16.43 -5.14
N VAL A 168 -8.09 15.11 -5.02
CA VAL A 168 -7.35 14.36 -4.01
C VAL A 168 -5.85 14.51 -4.20
N PHE A 169 -5.39 14.19 -5.41
CA PHE A 169 -3.97 14.28 -5.74
C PHE A 169 -3.49 15.73 -5.75
N ASP A 170 -4.33 16.62 -6.29
CA ASP A 170 -3.99 18.03 -6.37
C ASP A 170 -3.78 18.63 -4.97
N GLU A 171 -4.68 18.30 -4.06
CA GLU A 171 -4.61 18.79 -2.69
C GLU A 171 -3.51 18.08 -1.91
N ALA A 172 -3.32 16.80 -2.20
CA ALA A 172 -2.30 16.01 -1.51
C ALA A 172 -0.91 16.57 -1.78
N ILE A 173 -0.67 16.97 -3.02
CA ILE A 173 0.61 17.55 -3.40
C ILE A 173 0.87 18.82 -2.61
N ARG A 174 -0.16 19.66 -2.51
CA ARG A 174 -0.07 20.91 -1.77
C ARG A 174 0.27 20.64 -0.31
N ALA A 175 -0.20 19.49 0.19
CA ALA A 175 0.02 19.09 1.57
C ALA A 175 1.49 19.19 1.98
N VAL A 176 2.39 19.06 1.01
CA VAL A 176 3.82 19.16 1.32
C VAL A 176 4.38 20.54 0.97
N LEU A 177 3.83 21.17 -0.07
CA LEU A 177 4.29 22.49 -0.49
C LEU A 177 3.89 23.59 0.49
N CYS A 178 2.59 23.71 0.77
CA CYS A 178 2.11 24.75 1.69
C CYS A 178 2.30 24.35 3.16
N PRO A 179 1.47 23.44 3.75
CA PRO A 179 1.64 23.01 5.14
C PRO A 179 3.10 22.63 5.44
N PRO A 180 3.43 22.27 6.70
CA PRO A 180 4.81 21.91 7.07
C PRO A 180 5.39 20.80 6.20
N PRO A 181 6.70 20.89 5.87
CA PRO A 181 7.39 19.90 5.03
C PRO A 181 7.34 18.49 5.59
N VAL A 182 8.01 17.57 4.90
CA VAL A 182 8.05 16.18 5.30
C VAL A 182 9.47 15.73 5.62
N LYS A 183 10.18 15.25 4.59
CA LYS A 183 11.56 14.78 4.75
C LYS A 183 11.63 13.59 5.71
N LYS A 184 12.69 12.80 5.57
CA LYS A 184 12.89 11.63 6.42
C LYS A 184 14.35 11.18 6.38
N ARG A 185 14.86 10.78 7.54
CA ARG A 185 16.25 10.33 7.62
C ARG A 185 16.47 9.50 8.90
N LYS A 186 16.51 8.18 8.74
CA LYS A 186 16.73 7.28 9.87
C LYS A 186 16.96 5.85 9.38
N ARG A 187 18.11 5.29 9.71
CA ARG A 187 18.46 3.94 9.30
C ARG A 187 18.28 2.96 10.46
N LYS A 188 18.54 1.67 10.18
CA LYS A 188 18.41 0.63 11.17
C LYS A 188 19.74 0.37 11.86
N CYS A 189 20.77 0.05 11.06
CA CYS A 189 22.10 -0.22 11.59
C CYS A 189 23.13 0.73 11.00
N LEU A 190 24.15 1.06 11.79
CA LEU A 190 25.21 1.96 11.34
C LEU A 190 26.06 1.30 10.26
N LEU A 191 26.42 0.04 10.50
CA LEU A 191 27.24 -0.71 9.55
C LEU A 191 26.38 -1.25 8.41
N LEU A 192 26.82 -0.99 7.18
CA LEU A 192 26.10 -1.44 6.00
C LEU A 192 26.47 -2.89 5.66
N GLY B 1 -1.47 -37.16 10.69
CA GLY B 1 -1.97 -38.33 9.92
C GLY B 1 -0.98 -38.80 8.87
N ILE B 2 -1.07 -38.24 7.68
CA ILE B 2 -0.17 -38.61 6.59
C ILE B 2 1.17 -37.88 6.70
N PRO B 3 2.29 -38.62 6.55
CA PRO B 3 3.63 -38.02 6.64
C PRO B 3 4.00 -37.22 5.39
N ALA B 4 5.29 -37.19 5.07
CA ALA B 4 5.77 -36.46 3.90
C ALA B 4 5.17 -37.02 2.61
N THR B 5 4.57 -38.20 2.70
CA THR B 5 3.97 -38.85 1.55
C THR B 5 3.05 -37.89 0.79
N ASN B 6 2.47 -36.93 1.52
CA ASN B 6 1.58 -35.95 0.92
C ASN B 6 2.34 -35.05 -0.05
N LEU B 7 1.94 -35.06 -1.32
CA LEU B 7 2.59 -34.26 -2.35
C LEU B 7 2.17 -32.79 -2.24
N SER B 8 1.01 -32.56 -1.63
CA SER B 8 0.50 -31.20 -1.46
C SER B 8 1.49 -30.32 -0.70
N ARG B 9 2.24 -30.94 0.21
CA ARG B 9 3.22 -30.22 1.00
C ARG B 9 4.38 -29.74 0.14
N VAL B 10 4.86 -30.63 -0.74
CA VAL B 10 5.97 -30.29 -1.62
C VAL B 10 5.63 -29.08 -2.48
N ALA B 11 4.47 -29.11 -3.13
CA ALA B 11 4.04 -28.00 -3.97
C ALA B 11 3.87 -26.75 -3.13
N GLY B 12 3.55 -26.95 -1.85
CA GLY B 12 3.37 -25.83 -0.95
C GLY B 12 4.66 -25.06 -0.78
N LEU B 13 5.77 -25.79 -0.75
CA LEU B 13 7.08 -25.17 -0.60
C LEU B 13 7.48 -24.47 -1.90
N GLU B 14 7.04 -25.04 -3.02
CA GLU B 14 7.32 -24.46 -4.32
C GLU B 14 6.59 -23.12 -4.45
N LYS B 15 5.35 -23.11 -3.95
CA LYS B 15 4.52 -21.93 -3.97
C LYS B 15 5.06 -20.87 -3.02
N GLN B 16 5.41 -21.29 -1.81
CA GLN B 16 5.97 -20.38 -0.81
C GLN B 16 7.25 -19.75 -1.32
N LEU B 17 8.14 -20.59 -1.82
CA LEU B 17 9.41 -20.13 -2.36
C LEU B 17 9.15 -19.12 -3.48
N ALA B 18 8.20 -19.43 -4.35
CA ALA B 18 7.87 -18.57 -5.46
C ALA B 18 7.34 -17.23 -4.98
N ILE B 19 6.56 -17.26 -3.90
CA ILE B 19 6.04 -16.03 -3.32
C ILE B 19 7.20 -15.16 -2.89
N GLU B 20 8.19 -15.80 -2.27
CA GLU B 20 9.38 -15.11 -1.82
C GLU B 20 10.15 -14.58 -3.02
N LEU B 21 10.02 -15.26 -4.16
CA LEU B 21 10.70 -14.83 -5.38
C LEU B 21 10.20 -13.45 -5.76
N LYS B 22 8.91 -13.22 -5.61
CA LYS B 22 8.31 -11.93 -5.91
C LYS B 22 8.89 -10.89 -4.96
N VAL B 23 9.10 -11.32 -3.72
CA VAL B 23 9.69 -10.44 -2.70
C VAL B 23 11.11 -10.05 -3.09
N LYS B 24 11.92 -11.05 -3.41
CA LYS B 24 13.31 -10.82 -3.80
C LYS B 24 13.38 -9.95 -5.05
N GLN B 25 12.64 -10.35 -6.08
CA GLN B 25 12.61 -9.60 -7.33
C GLN B 25 12.08 -8.19 -7.11
N GLY B 26 11.23 -8.03 -6.10
CA GLY B 26 10.66 -6.73 -5.80
C GLY B 26 11.71 -5.74 -5.33
N ALA B 27 12.55 -6.17 -4.39
CA ALA B 27 13.60 -5.33 -3.85
C ALA B 27 14.61 -4.95 -4.93
N GLU B 28 15.09 -5.95 -5.66
CA GLU B 28 16.07 -5.73 -6.72
C GLU B 28 15.58 -4.70 -7.73
N ASN B 29 14.31 -4.78 -8.09
CA ASN B 29 13.73 -3.83 -9.03
C ASN B 29 13.84 -2.42 -8.49
N MET B 30 13.49 -2.25 -7.22
CA MET B 30 13.57 -0.94 -6.57
C MET B 30 15.01 -0.46 -6.51
N ILE B 31 15.94 -1.41 -6.37
CA ILE B 31 17.36 -1.08 -6.29
C ILE B 31 17.86 -0.56 -7.63
N GLN B 32 17.53 -1.28 -8.71
CA GLN B 32 17.96 -0.90 -10.04
C GLN B 32 17.43 0.48 -10.43
N THR B 33 16.27 0.84 -9.89
CA THR B 33 15.65 2.13 -10.17
C THR B 33 16.47 3.27 -9.58
N TYR B 34 16.82 3.15 -8.30
CA TYR B 34 17.59 4.19 -7.62
C TYR B 34 19.10 4.02 -7.84
N SER B 35 19.49 2.86 -8.34
CA SER B 35 20.91 2.59 -8.60
C SER B 35 21.42 3.39 -9.79
N ASN B 36 22.70 3.23 -10.09
CA ASN B 36 23.34 3.92 -11.21
C ASN B 36 23.19 5.44 -11.08
N GLY B 37 22.09 5.97 -11.61
CA GLY B 37 21.85 7.40 -11.53
C GLY B 37 20.41 7.77 -11.83
N SER B 38 20.20 8.96 -12.38
CA SER B 38 18.86 9.45 -12.71
C SER B 38 17.98 9.54 -11.47
N THR B 39 18.60 9.39 -10.30
CA THR B 39 17.89 9.46 -9.04
C THR B 39 18.71 10.21 -7.98
N LYS B 40 18.22 10.23 -6.74
CA LYS B 40 18.91 10.91 -5.66
C LYS B 40 18.37 10.45 -4.30
N ASP B 41 17.54 9.41 -4.33
CA ASP B 41 16.94 8.88 -3.10
C ASP B 41 17.70 7.65 -2.61
N ARG B 42 18.77 7.87 -1.86
CA ARG B 42 19.57 6.78 -1.33
C ARG B 42 18.86 6.11 -0.16
N LYS B 43 17.99 6.85 0.51
CA LYS B 43 17.25 6.34 1.65
C LYS B 43 16.45 5.10 1.24
N LEU B 44 15.65 5.24 0.20
CA LEU B 44 14.85 4.14 -0.31
C LEU B 44 15.73 3.03 -0.88
N LEU B 45 16.78 3.46 -1.59
CA LEU B 45 17.72 2.52 -2.19
C LEU B 45 18.36 1.67 -1.09
N LEU B 46 18.54 2.28 0.07
CA LEU B 46 19.13 1.61 1.21
C LEU B 46 18.19 0.54 1.74
N THR B 47 16.92 0.90 1.89
CA THR B 47 15.91 -0.03 2.38
C THR B 47 15.76 -1.20 1.44
N ALA B 48 15.81 -0.92 0.14
CA ALA B 48 15.70 -1.94 -0.88
C ALA B 48 16.80 -2.97 -0.71
N GLN B 49 17.99 -2.49 -0.33
CA GLN B 49 19.14 -3.34 -0.12
C GLN B 49 18.94 -4.26 1.09
N GLN B 50 18.38 -3.71 2.16
CA GLN B 50 18.13 -4.48 3.38
C GLN B 50 17.08 -5.55 3.15
N MET B 51 15.92 -5.13 2.67
CA MET B 51 14.82 -6.04 2.40
C MET B 51 15.22 -7.15 1.43
N LEU B 52 16.10 -6.82 0.49
CA LEU B 52 16.56 -7.80 -0.49
C LEU B 52 17.36 -8.90 0.18
N GLN B 53 18.24 -8.50 1.10
CA GLN B 53 19.08 -9.45 1.83
C GLN B 53 18.21 -10.41 2.64
N ASP B 54 17.21 -9.83 3.33
CA ASP B 54 16.30 -10.62 4.14
C ASP B 54 15.60 -11.66 3.28
N SER B 55 15.20 -11.25 2.09
CA SER B 55 14.52 -12.14 1.16
C SER B 55 15.45 -13.27 0.72
N LYS B 56 16.73 -12.97 0.58
CA LYS B 56 17.71 -13.96 0.17
C LYS B 56 17.70 -15.14 1.13
N THR B 57 17.68 -14.82 2.42
CA THR B 57 17.64 -15.84 3.47
C THR B 57 16.35 -16.64 3.39
N LYS B 58 15.23 -15.94 3.22
CA LYS B 58 13.93 -16.60 3.14
C LYS B 58 13.91 -17.64 2.03
N ILE B 59 14.40 -17.27 0.86
CA ILE B 59 14.45 -18.19 -0.27
C ILE B 59 15.38 -19.35 0.05
N ASP B 60 16.48 -19.05 0.71
CA ASP B 60 17.48 -20.06 1.08
C ASP B 60 16.89 -21.18 1.94
N ILE B 61 16.13 -20.82 2.98
CA ILE B 61 15.55 -21.83 3.87
C ILE B 61 14.45 -22.63 3.17
N ILE B 62 13.54 -21.95 2.51
CA ILE B 62 12.45 -22.61 1.80
C ILE B 62 12.99 -23.53 0.73
N ARG B 63 14.04 -23.10 0.05
CA ARG B 63 14.66 -23.87 -1.01
C ARG B 63 15.25 -25.18 -0.48
N MET B 64 16.01 -25.09 0.60
CA MET B 64 16.63 -26.28 1.18
C MET B 64 15.58 -27.21 1.78
N GLN B 65 14.55 -26.63 2.38
CA GLN B 65 13.47 -27.43 2.97
C GLN B 65 12.76 -28.22 1.90
N LEU B 66 12.54 -27.59 0.75
CA LEU B 66 11.89 -28.25 -0.36
C LEU B 66 12.69 -29.48 -0.74
N ARG B 67 14.01 -29.33 -0.75
CA ARG B 67 14.91 -30.42 -1.06
C ARG B 67 14.70 -31.57 -0.07
N ARG B 68 14.36 -31.20 1.17
CA ARG B 68 14.12 -32.18 2.21
C ARG B 68 12.89 -33.01 1.89
N ALA B 69 11.91 -32.35 1.27
CA ALA B 69 10.67 -33.00 0.90
C ALA B 69 10.87 -34.05 -0.19
N LEU B 70 11.59 -33.69 -1.24
CA LEU B 70 11.85 -34.62 -2.33
C LEU B 70 12.76 -35.75 -1.86
N GLN B 71 13.73 -35.41 -1.02
CA GLN B 71 14.66 -36.39 -0.49
C GLN B 71 13.91 -37.44 0.33
N ALA B 72 12.91 -36.99 1.08
CA ALA B 72 12.10 -37.88 1.90
C ALA B 72 10.99 -38.51 1.06
N ASP B 73 10.82 -38.00 -0.15
CA ASP B 73 9.81 -38.51 -1.06
C ASP B 73 10.35 -39.70 -1.85
N GLN B 74 11.64 -39.70 -2.11
CA GLN B 74 12.30 -40.77 -2.84
C GLN B 74 12.24 -42.06 -2.03
N LEU B 75 12.41 -41.95 -0.72
CA LEU B 75 12.37 -43.10 0.18
C LEU B 75 11.01 -43.24 0.83
N GLU B 76 10.05 -42.44 0.36
CA GLU B 76 8.68 -42.46 0.87
C GLU B 76 8.62 -41.92 2.30
N ASN B 77 9.03 -42.73 3.27
CA ASN B 77 9.02 -42.31 4.67
C ASN B 77 10.38 -42.51 5.33
N GLN B 78 10.65 -43.74 5.76
CA GLN B 78 11.92 -44.07 6.40
C GLN B 78 12.31 -43.03 7.45
N ALA B 79 11.87 -43.26 8.69
CA ALA B 79 12.17 -42.34 9.78
C ALA B 79 13.46 -42.73 10.49
N ALA B 80 14.32 -41.74 10.74
CA ALA B 80 15.59 -41.98 11.41
C ALA B 80 15.43 -41.92 12.93
N PRO B 81 16.23 -42.69 13.68
CA PRO B 81 16.17 -42.72 15.14
C PRO B 81 16.41 -41.35 15.75
N MET A 1 10.68 20.63 -11.06
CA MET A 1 9.40 19.88 -11.04
C MET A 1 9.07 19.43 -9.62
N GLN A 2 7.95 19.92 -9.09
CA GLN A 2 7.52 19.59 -7.74
C GLN A 2 7.15 18.11 -7.63
N ALA A 3 8.10 17.30 -7.19
CA ALA A 3 7.85 15.87 -7.03
C ALA A 3 7.51 15.55 -5.60
N ILE A 4 6.32 15.02 -5.38
CA ILE A 4 5.86 14.69 -4.04
C ILE A 4 5.55 13.19 -3.92
N LYS A 5 5.96 12.60 -2.80
CA LYS A 5 5.72 11.19 -2.54
C LYS A 5 4.45 11.01 -1.72
N CYS A 6 3.45 10.37 -2.32
CA CYS A 6 2.17 10.17 -1.64
C CYS A 6 1.81 8.69 -1.48
N VAL A 7 1.80 8.18 -0.27
CA VAL A 7 1.49 6.77 -0.07
C VAL A 7 0.02 6.56 0.28
N VAL A 8 -0.64 5.70 -0.48
CA VAL A 8 -2.05 5.41 -0.26
C VAL A 8 -2.22 4.15 0.57
N VAL A 9 -2.92 4.28 1.70
CA VAL A 9 -3.15 3.16 2.60
C VAL A 9 -4.56 3.18 3.17
N GLY A 10 -5.01 2.03 3.67
CA GLY A 10 -6.33 1.93 4.24
C GLY A 10 -6.59 0.58 4.88
N ASP A 11 -7.70 0.45 5.58
CA ASP A 11 -8.06 -0.79 6.24
C ASP A 11 -8.85 -1.71 5.30
N GLY A 12 -9.38 -1.13 4.24
CA GLY A 12 -10.15 -1.91 3.28
C GLY A 12 -9.31 -2.98 2.61
N ALA A 13 -9.88 -4.17 2.50
CA ALA A 13 -9.18 -5.30 1.87
C ALA A 13 -8.83 -4.96 0.42
N VAL A 14 -9.69 -4.17 -0.22
CA VAL A 14 -9.48 -3.78 -1.61
C VAL A 14 -9.73 -2.28 -1.80
N GLY A 15 -8.96 -1.65 -2.68
CA GLY A 15 -9.14 -0.23 -2.94
C GLY A 15 -7.83 0.52 -3.07
N LYS A 16 -6.71 -0.14 -2.77
CA LYS A 16 -5.40 0.51 -2.86
C LYS A 16 -4.96 0.75 -4.30
N THR A 17 -5.05 -0.26 -5.15
CA THR A 17 -4.63 -0.11 -6.54
C THR A 17 -5.72 0.56 -7.39
N CYS A 18 -6.97 0.33 -7.05
CA CYS A 18 -8.09 0.91 -7.78
C CYS A 18 -8.02 2.44 -7.76
N LEU A 19 -7.64 3.00 -6.61
CA LEU A 19 -7.54 4.45 -6.46
C LEU A 19 -6.45 5.00 -7.39
N LEU A 20 -5.32 4.30 -7.45
CA LEU A 20 -4.19 4.71 -8.28
C LEU A 20 -4.50 4.57 -9.77
N ILE A 21 -5.06 3.43 -10.15
CA ILE A 21 -5.36 3.15 -11.55
C ILE A 21 -6.41 4.09 -12.11
N SER A 22 -7.44 4.36 -11.33
CA SER A 22 -8.52 5.24 -11.76
C SER A 22 -8.01 6.65 -12.07
N TYR A 23 -7.06 7.12 -11.27
CA TYR A 23 -6.51 8.45 -11.46
C TYR A 23 -5.58 8.53 -12.67
N THR A 24 -4.89 7.43 -12.98
CA THR A 24 -3.95 7.41 -14.09
C THR A 24 -4.59 6.95 -15.41
N THR A 25 -5.65 6.15 -15.34
CA THR A 25 -6.29 5.63 -16.54
C THR A 25 -7.74 6.08 -16.66
N ASN A 26 -8.21 6.84 -15.66
CA ASN A 26 -9.58 7.34 -15.65
C ASN A 26 -10.59 6.19 -15.55
N ALA A 27 -10.10 4.96 -15.49
CA ALA A 27 -10.95 3.79 -15.40
C ALA A 27 -10.14 2.53 -15.15
N PHE A 28 -10.46 1.83 -14.06
CA PHE A 28 -9.75 0.60 -13.72
C PHE A 28 -10.17 -0.56 -14.64
N PRO A 29 -9.22 -1.11 -15.42
CA PRO A 29 -9.51 -2.22 -16.34
C PRO A 29 -9.48 -3.57 -15.63
N GLY A 30 -8.45 -3.80 -14.82
CA GLY A 30 -8.33 -5.06 -14.10
C GLY A 30 -7.15 -5.87 -14.57
N GLU A 31 -7.34 -6.65 -15.64
CA GLU A 31 -6.28 -7.48 -16.20
C GLU A 31 -5.73 -8.45 -15.16
N TYR A 32 -4.60 -9.07 -15.49
CA TYR A 32 -3.95 -10.03 -14.59
C TYR A 32 -2.70 -9.41 -13.98
N ILE A 33 -2.39 -8.19 -14.38
CA ILE A 33 -1.21 -7.47 -13.88
C ILE A 33 -1.10 -7.58 -12.36
N PRO A 34 0.09 -7.95 -11.83
CA PRO A 34 0.29 -8.08 -10.39
C PRO A 34 0.27 -6.74 -9.67
N THR A 35 0.54 -6.77 -8.37
CA THR A 35 0.54 -5.55 -7.55
C THR A 35 1.87 -5.39 -6.82
N VAL A 36 2.85 -6.20 -7.21
CA VAL A 36 4.18 -6.16 -6.59
C VAL A 36 4.96 -4.94 -7.05
N PHE A 37 5.03 -4.75 -8.37
CA PHE A 37 5.75 -3.63 -8.94
C PHE A 37 4.86 -2.40 -9.03
N ASP A 38 5.44 -1.23 -8.74
CA ASP A 38 4.69 0.02 -8.79
C ASP A 38 5.63 1.22 -8.67
N ASN A 39 5.62 2.07 -9.69
CA ASN A 39 6.46 3.26 -9.70
C ASN A 39 6.04 4.21 -10.81
N TYR A 40 4.77 4.15 -11.19
CA TYR A 40 4.23 4.99 -12.25
C TYR A 40 4.30 6.47 -11.87
N SER A 41 4.24 7.33 -12.87
CA SER A 41 4.27 8.78 -12.64
C SER A 41 3.19 9.46 -13.47
N ALA A 42 2.72 10.59 -12.97
CA ALA A 42 1.68 11.35 -13.63
C ALA A 42 1.86 12.84 -13.39
N ASN A 43 1.82 13.62 -14.47
CA ASN A 43 1.98 15.07 -14.35
C ASN A 43 0.64 15.71 -14.01
N VAL A 44 0.64 16.55 -12.98
CA VAL A 44 -0.58 17.21 -12.54
C VAL A 44 -0.38 18.72 -12.41
N MET A 45 -1.40 19.46 -12.81
CA MET A 45 -1.38 20.93 -12.76
C MET A 45 -1.93 21.44 -11.44
N VAL A 46 -1.10 22.16 -10.68
CA VAL A 46 -1.52 22.71 -9.41
C VAL A 46 -1.17 24.18 -9.32
N ASP A 47 -2.19 25.03 -9.32
CA ASP A 47 -1.99 26.48 -9.24
C ASP A 47 -1.24 27.00 -10.45
N GLY A 48 -1.19 26.20 -11.52
CA GLY A 48 -0.50 26.60 -12.72
C GLY A 48 0.98 26.27 -12.66
N LYS A 49 1.34 25.42 -11.71
CA LYS A 49 2.71 25.00 -11.53
C LYS A 49 2.85 23.50 -11.79
N PRO A 50 3.72 23.09 -12.74
CA PRO A 50 3.91 21.67 -13.05
C PRO A 50 4.32 20.90 -11.81
N VAL A 51 3.66 19.78 -11.56
CA VAL A 51 3.97 18.97 -10.38
C VAL A 51 4.20 17.50 -10.73
N ASN A 52 5.32 16.96 -10.26
CA ASN A 52 5.66 15.57 -10.48
C ASN A 52 4.96 14.70 -9.44
N LEU A 53 4.25 13.68 -9.90
CA LEU A 53 3.50 12.80 -9.01
C LEU A 53 3.77 11.33 -9.32
N GLY A 54 4.53 10.68 -8.47
CA GLY A 54 4.80 9.27 -8.67
C GLY A 54 3.58 8.43 -8.33
N LEU A 55 3.77 7.12 -8.20
CA LEU A 55 2.69 6.22 -7.83
C LEU A 55 3.13 5.38 -6.63
N TRP A 56 2.30 5.32 -5.59
CA TRP A 56 2.66 4.56 -4.40
C TRP A 56 1.50 3.71 -3.89
N ASP A 57 1.83 2.58 -3.28
CA ASP A 57 0.82 1.68 -2.73
C ASP A 57 1.43 0.77 -1.67
N THR A 58 0.62 0.36 -0.70
CA THR A 58 1.09 -0.51 0.37
C THR A 58 0.94 -1.98 0.00
N ALA A 59 -0.02 -2.27 -0.88
CA ALA A 59 -0.27 -3.64 -1.32
C ALA A 59 -0.70 -4.54 -0.16
N GLY A 60 -1.94 -5.01 -0.21
CA GLY A 60 -2.46 -5.87 0.85
C GLY A 60 -1.87 -7.26 0.80
N LEU A 61 -0.67 -7.43 1.34
CA LEU A 61 0.00 -8.72 1.36
C LEU A 61 0.92 -8.84 2.57
N GLU A 62 0.75 -9.91 3.34
CA GLU A 62 1.55 -10.15 4.54
C GLU A 62 2.92 -10.74 4.20
N ASP A 63 2.98 -11.53 3.14
CA ASP A 63 4.24 -12.16 2.72
C ASP A 63 5.31 -11.10 2.45
N TYR A 64 4.92 -9.98 1.86
CA TYR A 64 5.84 -8.90 1.56
C TYR A 64 6.09 -8.04 2.78
N ASP A 65 5.05 -7.31 3.21
CA ASP A 65 5.13 -6.43 4.37
C ASP A 65 6.14 -5.31 4.15
N ARG A 66 7.42 -5.63 4.31
CA ARG A 66 8.48 -4.64 4.13
C ARG A 66 8.82 -4.46 2.65
N LEU A 67 8.60 -5.50 1.85
CA LEU A 67 8.91 -5.44 0.43
C LEU A 67 7.81 -4.70 -0.34
N ARG A 68 7.71 -3.38 -0.11
CA ARG A 68 6.70 -2.56 -0.79
C ARG A 68 6.71 -1.11 -0.29
N PRO A 69 6.58 -0.89 1.04
CA PRO A 69 6.54 0.45 1.63
C PRO A 69 7.91 1.11 1.74
N LEU A 70 8.71 1.03 0.69
CA LEU A 70 10.04 1.65 0.69
C LEU A 70 9.91 3.17 0.84
N SER A 71 8.86 3.71 0.23
CA SER A 71 8.61 5.14 0.27
C SER A 71 8.04 5.58 1.61
N TYR A 72 7.19 4.73 2.21
CA TYR A 72 6.55 5.02 3.48
C TYR A 72 7.36 5.99 4.37
N PRO A 73 8.64 5.69 4.69
CA PRO A 73 9.46 6.58 5.53
C PRO A 73 9.59 7.99 4.96
N GLN A 74 9.94 8.08 3.69
CA GLN A 74 10.13 9.36 3.00
C GLN A 74 8.80 10.05 2.68
N THR A 75 7.72 9.27 2.63
CA THR A 75 6.39 9.79 2.31
C THR A 75 6.19 11.23 2.74
N ASP A 76 5.79 12.06 1.79
CA ASP A 76 5.54 13.47 2.04
C ASP A 76 4.10 13.71 2.48
N VAL A 77 3.21 12.78 2.10
CA VAL A 77 1.80 12.89 2.45
C VAL A 77 1.10 11.54 2.30
N PHE A 78 0.13 11.29 3.18
CA PHE A 78 -0.62 10.03 3.15
C PHE A 78 -2.08 10.25 2.77
N LEU A 79 -2.71 9.20 2.26
CA LEU A 79 -4.13 9.26 1.88
C LEU A 79 -4.90 8.20 2.65
N ILE A 80 -5.90 8.63 3.40
CA ILE A 80 -6.71 7.72 4.19
C ILE A 80 -7.96 7.29 3.45
N CYS A 81 -7.98 6.04 2.98
CA CYS A 81 -9.13 5.53 2.25
C CYS A 81 -9.99 4.65 3.15
N PHE A 82 -11.29 4.92 3.15
CA PHE A 82 -12.25 4.16 3.94
C PHE A 82 -13.62 4.19 3.27
N SER A 83 -14.54 3.34 3.74
CA SER A 83 -15.87 3.27 3.16
C SER A 83 -16.81 4.26 3.84
N LEU A 84 -17.33 5.18 3.04
CA LEU A 84 -18.23 6.23 3.55
C LEU A 84 -19.57 5.66 4.01
N VAL A 85 -20.13 4.75 3.22
CA VAL A 85 -21.43 4.17 3.58
C VAL A 85 -21.37 3.39 4.89
N SER A 86 -20.16 3.07 5.32
CA SER A 86 -19.97 2.33 6.57
C SER A 86 -19.21 3.17 7.60
N PRO A 87 -19.88 3.60 8.68
CA PRO A 87 -19.26 4.43 9.73
C PRO A 87 -18.15 3.69 10.46
N ALA A 88 -18.14 2.36 10.35
CA ALA A 88 -17.15 1.55 11.02
C ALA A 88 -15.75 1.81 10.47
N SER A 89 -15.63 1.88 9.14
CA SER A 89 -14.34 2.14 8.51
C SER A 89 -13.79 3.46 9.01
N PHE A 90 -14.68 4.43 9.18
CA PHE A 90 -14.29 5.75 9.67
C PHE A 90 -13.86 5.64 11.13
N GLU A 91 -14.49 4.73 11.85
CA GLU A 91 -14.19 4.50 13.26
C GLU A 91 -12.82 3.85 13.41
N ASN A 92 -12.47 2.99 12.46
CA ASN A 92 -11.21 2.27 12.48
C ASN A 92 -10.03 3.16 12.08
N VAL A 93 -10.20 3.93 11.02
CA VAL A 93 -9.14 4.80 10.53
C VAL A 93 -8.67 5.76 11.63
N ARG A 94 -9.62 6.39 12.31
CA ARG A 94 -9.31 7.33 13.37
C ARG A 94 -8.84 6.58 14.63
N ALA A 95 -9.18 5.31 14.72
CA ALA A 95 -8.82 4.51 15.88
C ALA A 95 -7.38 3.98 15.86
N LYS A 96 -6.97 3.37 14.75
CA LYS A 96 -5.62 2.81 14.65
C LYS A 96 -4.65 3.66 13.82
N TRP A 97 -5.11 4.12 12.65
CA TRP A 97 -4.26 4.91 11.76
C TRP A 97 -3.91 6.28 12.33
N TYR A 98 -4.78 6.85 13.16
CA TYR A 98 -4.54 8.17 13.74
C TYR A 98 -3.43 8.15 14.80
N PRO A 99 -3.48 7.23 15.79
CA PRO A 99 -2.48 7.15 16.86
C PRO A 99 -1.09 6.76 16.33
N GLU A 100 -1.06 6.05 15.22
CA GLU A 100 0.19 5.58 14.63
C GLU A 100 1.08 6.75 14.20
N VAL A 101 0.49 7.70 13.47
CA VAL A 101 1.22 8.86 13.02
C VAL A 101 1.81 9.63 14.20
N ARG A 102 1.05 9.67 15.29
CA ARG A 102 1.46 10.37 16.50
C ARG A 102 2.66 9.69 17.16
N HIS A 103 2.66 8.37 17.17
CA HIS A 103 3.75 7.60 17.78
C HIS A 103 5.07 7.85 17.07
N HIS A 104 5.04 7.85 15.75
CA HIS A 104 6.25 8.08 14.95
C HIS A 104 6.54 9.57 14.82
N CYS A 105 5.49 10.38 14.96
CA CYS A 105 5.59 11.82 14.87
C CYS A 105 6.48 12.26 13.69
N PRO A 106 6.19 11.77 12.47
CA PRO A 106 6.97 12.12 11.28
C PRO A 106 6.80 13.59 10.89
N ASN A 107 5.82 14.25 11.51
CA ASN A 107 5.54 15.65 11.23
C ASN A 107 5.07 15.80 9.78
N THR A 108 4.64 14.67 9.21
CA THR A 108 4.18 14.64 7.84
C THR A 108 2.66 14.90 7.76
N PRO A 109 2.22 15.73 6.79
CA PRO A 109 0.80 16.04 6.61
C PRO A 109 0.00 14.80 6.24
N ILE A 110 -1.31 14.83 6.50
CA ILE A 110 -2.16 13.68 6.19
C ILE A 110 -3.49 14.11 5.57
N ILE A 111 -3.78 13.55 4.42
CA ILE A 111 -5.02 13.85 3.71
C ILE A 111 -6.05 12.75 3.96
N LEU A 112 -7.32 13.06 3.70
CA LEU A 112 -8.39 12.08 3.89
C LEU A 112 -9.10 11.82 2.58
N VAL A 113 -9.33 10.54 2.30
CA VAL A 113 -9.99 10.15 1.05
C VAL A 113 -11.25 9.33 1.30
N GLY A 114 -12.35 9.77 0.69
CA GLY A 114 -13.61 9.06 0.83
C GLY A 114 -13.90 8.22 -0.42
N THR A 115 -13.15 7.15 -0.58
CA THR A 115 -13.30 6.27 -1.74
C THR A 115 -14.68 5.63 -1.79
N LYS A 116 -14.96 4.97 -2.91
CA LYS A 116 -16.24 4.30 -3.12
C LYS A 116 -17.40 5.27 -2.91
N LEU A 117 -17.54 6.21 -3.84
CA LEU A 117 -18.62 7.20 -3.77
C LEU A 117 -19.84 6.70 -4.56
N ASP A 118 -19.60 5.83 -5.53
CA ASP A 118 -20.68 5.29 -6.36
C ASP A 118 -21.70 4.53 -5.52
N LEU A 119 -21.22 3.77 -4.54
CA LEU A 119 -22.10 3.01 -3.66
C LEU A 119 -22.54 3.84 -2.46
N ARG A 120 -21.97 5.04 -2.35
CA ARG A 120 -22.31 5.95 -1.27
C ARG A 120 -23.53 6.77 -1.64
N ASP A 121 -23.87 6.73 -2.93
CA ASP A 121 -25.02 7.45 -3.44
C ASP A 121 -26.01 6.44 -4.05
N ASP A 122 -25.84 5.18 -3.66
CA ASP A 122 -26.71 4.11 -4.15
C ASP A 122 -27.77 3.77 -3.13
N LYS A 123 -28.95 4.35 -3.33
CA LYS A 123 -30.09 4.16 -2.44
C LYS A 123 -30.23 2.72 -1.97
N ASP A 124 -30.31 1.80 -2.92
CA ASP A 124 -30.48 0.38 -2.62
C ASP A 124 -29.38 -0.14 -1.69
N THR A 125 -28.12 0.19 -2.00
CA THR A 125 -27.00 -0.26 -1.17
C THR A 125 -27.11 0.36 0.22
N ILE A 126 -27.39 1.66 0.24
CA ILE A 126 -27.54 2.37 1.50
C ILE A 126 -28.65 1.73 2.33
N GLU A 127 -29.71 1.30 1.65
CA GLU A 127 -30.82 0.65 2.30
C GLU A 127 -30.34 -0.65 2.94
N LYS A 128 -29.39 -1.32 2.28
CA LYS A 128 -28.84 -2.56 2.78
C LYS A 128 -28.11 -2.34 4.09
N LEU A 129 -27.46 -1.20 4.22
CA LEU A 129 -26.73 -0.87 5.43
C LEU A 129 -27.69 -0.81 6.61
N LYS A 130 -28.90 -0.32 6.35
CA LYS A 130 -29.92 -0.22 7.38
C LYS A 130 -30.17 -1.60 7.98
N GLU A 131 -30.02 -2.63 7.15
CA GLU A 131 -30.23 -4.00 7.58
C GLU A 131 -29.18 -4.38 8.63
N LYS A 132 -28.01 -3.75 8.54
CA LYS A 132 -26.93 -4.01 9.47
C LYS A 132 -26.77 -2.85 10.46
N LYS A 133 -27.73 -1.93 10.45
CA LYS A 133 -27.73 -0.78 11.36
C LYS A 133 -26.61 0.21 11.04
N LEU A 134 -26.23 0.31 9.77
CA LEU A 134 -25.19 1.24 9.35
C LEU A 134 -25.74 2.37 8.49
N THR A 135 -25.11 3.54 8.55
CA THR A 135 -25.53 4.69 7.77
C THR A 135 -24.35 5.35 7.07
N PRO A 136 -24.59 5.99 5.91
CA PRO A 136 -23.53 6.65 5.13
C PRO A 136 -22.97 7.88 5.83
N ILE A 137 -21.73 8.24 5.50
CA ILE A 137 -21.07 9.40 6.08
C ILE A 137 -21.32 10.65 5.24
N THR A 138 -21.57 11.77 5.91
CA THR A 138 -21.83 13.03 5.22
C THR A 138 -20.54 13.85 5.11
N TYR A 139 -20.59 14.93 4.33
CA TYR A 139 -19.41 15.78 4.13
C TYR A 139 -18.94 16.44 5.44
N PRO A 140 -19.86 17.08 6.20
CA PRO A 140 -19.49 17.74 7.46
C PRO A 140 -18.97 16.77 8.50
N GLN A 141 -19.36 15.51 8.39
CA GLN A 141 -18.92 14.48 9.33
C GLN A 141 -17.43 14.26 9.20
N GLY A 142 -16.96 14.15 7.96
CA GLY A 142 -15.56 13.96 7.70
C GLY A 142 -14.77 15.23 7.90
N LEU A 143 -15.38 16.36 7.54
CA LEU A 143 -14.73 17.66 7.69
C LEU A 143 -14.27 17.85 9.12
N ALA A 144 -15.15 17.53 10.07
CA ALA A 144 -14.84 17.68 11.49
C ALA A 144 -13.73 16.72 11.90
N MET A 145 -13.82 15.48 11.41
CA MET A 145 -12.82 14.46 11.73
C MET A 145 -11.44 14.88 11.26
N ALA A 146 -11.38 15.58 10.13
CA ALA A 146 -10.11 16.06 9.59
C ALA A 146 -9.44 17.03 10.55
N LYS A 147 -10.15 18.08 10.92
CA LYS A 147 -9.63 19.09 11.83
C LYS A 147 -9.29 18.45 13.17
N GLU A 148 -10.07 17.45 13.52
CA GLU A 148 -9.90 16.73 14.78
C GLU A 148 -8.59 15.95 14.79
N ILE A 149 -8.30 15.25 13.70
CA ILE A 149 -7.09 14.45 13.59
C ILE A 149 -5.92 15.30 13.10
N GLY A 150 -6.13 16.61 13.10
CA GLY A 150 -5.11 17.53 12.65
C GLY A 150 -4.73 17.33 11.20
N ALA A 151 -5.56 16.60 10.46
CA ALA A 151 -5.31 16.34 9.05
C ALA A 151 -5.21 17.64 8.26
N VAL A 152 -4.41 17.61 7.20
CA VAL A 152 -4.23 18.79 6.36
C VAL A 152 -5.48 19.11 5.55
N LYS A 153 -6.18 18.08 5.07
CA LYS A 153 -7.39 18.27 4.28
C LYS A 153 -8.13 16.97 4.04
N TYR A 154 -9.45 17.07 3.93
CA TYR A 154 -10.31 15.91 3.71
C TYR A 154 -11.26 16.13 2.53
N LEU A 155 -11.32 15.15 1.63
CA LEU A 155 -12.22 15.20 0.48
C LEU A 155 -12.73 13.81 0.13
N GLU A 156 -13.89 13.76 -0.53
CA GLU A 156 -14.49 12.49 -0.93
C GLU A 156 -14.48 12.37 -2.46
N CYS A 157 -14.36 11.14 -2.97
CA CYS A 157 -14.33 10.92 -4.41
C CYS A 157 -14.59 9.46 -4.78
N SER A 158 -14.81 9.22 -6.07
CA SER A 158 -15.06 7.88 -6.58
C SER A 158 -14.07 7.53 -7.68
N ALA A 159 -13.75 6.24 -7.78
CA ALA A 159 -12.84 5.78 -8.81
C ALA A 159 -13.61 5.40 -10.07
N LEU A 160 -14.89 5.08 -9.89
CA LEU A 160 -15.75 4.71 -11.00
C LEU A 160 -16.31 5.94 -11.71
N THR A 161 -16.76 6.92 -10.93
CA THR A 161 -17.35 8.13 -11.51
C THR A 161 -16.37 9.30 -11.51
N GLN A 162 -15.32 9.19 -10.70
CA GLN A 162 -14.30 10.24 -10.61
C GLN A 162 -14.86 11.50 -9.96
N ARG A 163 -15.65 11.34 -8.89
CA ARG A 163 -16.23 12.47 -8.19
C ARG A 163 -15.18 13.56 -7.94
N GLY A 164 -13.95 13.15 -7.66
CA GLY A 164 -12.89 14.12 -7.42
C GLY A 164 -11.54 13.49 -7.12
N LEU A 165 -11.12 12.55 -7.96
CA LEU A 165 -9.83 11.88 -7.79
C LEU A 165 -8.69 12.87 -7.94
N LYS A 166 -8.73 13.62 -9.05
CA LYS A 166 -7.70 14.61 -9.35
C LYS A 166 -7.55 15.58 -8.19
N THR A 167 -8.66 15.88 -7.53
CA THR A 167 -8.66 16.79 -6.40
C THR A 167 -7.83 16.23 -5.24
N VAL A 168 -7.90 14.92 -5.05
CA VAL A 168 -7.15 14.26 -3.97
C VAL A 168 -5.65 14.40 -4.19
N PHE A 169 -5.20 14.00 -5.38
CA PHE A 169 -3.79 14.08 -5.75
C PHE A 169 -3.31 15.53 -5.81
N ASP A 170 -4.16 16.40 -6.33
CA ASP A 170 -3.83 17.82 -6.44
C ASP A 170 -3.70 18.48 -5.08
N GLU A 171 -4.67 18.24 -4.21
CA GLU A 171 -4.69 18.80 -2.87
C GLU A 171 -3.61 18.16 -1.99
N ALA A 172 -3.35 16.89 -2.25
CA ALA A 172 -2.34 16.16 -1.50
C ALA A 172 -0.97 16.81 -1.69
N ILE A 173 -0.69 17.25 -2.90
CA ILE A 173 0.56 17.92 -3.21
C ILE A 173 0.73 19.17 -2.35
N ARG A 174 -0.35 19.95 -2.25
CA ARG A 174 -0.34 21.17 -1.46
C ARG A 174 -0.02 20.87 0.00
N ALA A 175 -0.42 19.68 0.45
CA ALA A 175 -0.19 19.25 1.83
C ALA A 175 1.28 19.38 2.21
N VAL A 176 2.16 19.36 1.23
CA VAL A 176 3.59 19.46 1.48
C VAL A 176 4.10 20.89 1.27
N LEU A 177 3.56 21.57 0.27
CA LEU A 177 3.98 22.95 -0.04
C LEU A 177 3.58 23.94 1.05
N CYS A 178 2.28 23.99 1.36
CA CYS A 178 1.79 24.93 2.37
C CYS A 178 2.10 24.45 3.80
N PRO A 179 1.56 23.29 4.24
CA PRO A 179 1.83 22.77 5.59
C PRO A 179 3.32 22.56 5.83
N PRO A 180 3.72 22.19 7.06
CA PRO A 180 5.13 21.99 7.40
C PRO A 180 5.79 20.93 6.51
N PRO A 181 7.08 21.13 6.16
CA PRO A 181 7.84 20.20 5.31
C PRO A 181 7.84 18.77 5.83
N VAL A 182 8.58 17.92 5.13
CA VAL A 182 8.68 16.51 5.49
C VAL A 182 10.10 16.12 5.84
N LYS A 183 10.86 15.66 4.85
CA LYS A 183 12.25 15.24 5.05
C LYS A 183 12.36 14.28 6.24
N LYS A 184 12.22 12.99 5.96
CA LYS A 184 12.31 11.97 7.00
C LYS A 184 13.17 10.79 6.53
N ARG A 185 14.30 10.60 7.20
CA ARG A 185 15.21 9.51 6.87
C ARG A 185 15.03 8.34 7.82
N LYS A 186 15.11 7.13 7.28
CA LYS A 186 14.95 5.92 8.09
C LYS A 186 16.02 4.89 7.72
N ARG A 187 16.89 4.57 8.69
CA ARG A 187 17.96 3.61 8.47
C ARG A 187 17.73 2.36 9.32
N LYS A 188 18.41 1.26 8.95
CA LYS A 188 18.30 0.02 9.68
C LYS A 188 18.61 0.20 11.16
N CYS A 189 17.59 0.03 12.00
CA CYS A 189 17.75 0.20 13.44
C CYS A 189 18.09 -1.14 14.10
N LEU A 190 18.00 -1.18 15.42
CA LEU A 190 18.30 -2.40 16.17
C LEU A 190 17.31 -3.51 15.83
N LEU A 191 16.03 -3.25 16.08
CA LEU A 191 14.99 -4.22 15.81
C LEU A 191 14.40 -4.02 14.41
N LEU A 192 14.89 -4.79 13.45
CA LEU A 192 14.41 -4.70 12.07
C LEU A 192 13.35 -5.76 11.80
N GLY B 1 -5.76 -32.23 8.22
CA GLY B 1 -5.21 -33.62 8.30
C GLY B 1 -5.05 -34.26 6.94
N ILE B 2 -3.82 -34.33 6.46
CA ILE B 2 -3.53 -34.92 5.16
C ILE B 2 -3.18 -36.40 5.30
N PRO B 3 -3.75 -37.26 4.43
CA PRO B 3 -3.49 -38.71 4.45
C PRO B 3 -2.08 -39.04 3.98
N ALA B 4 -1.91 -40.27 3.48
CA ALA B 4 -0.61 -40.73 3.00
C ALA B 4 -0.11 -39.88 1.84
N THR B 5 -1.01 -39.08 1.26
CA THR B 5 -0.64 -38.22 0.13
C THR B 5 0.56 -37.36 0.46
N ASN B 6 0.35 -36.36 1.32
CA ASN B 6 1.43 -35.45 1.74
C ASN B 6 2.02 -34.70 0.56
N LEU B 7 1.38 -34.81 -0.60
CA LEU B 7 1.86 -34.14 -1.81
C LEU B 7 1.52 -32.65 -1.77
N SER B 8 0.40 -32.33 -1.13
CA SER B 8 -0.04 -30.94 -1.01
C SER B 8 1.00 -30.09 -0.29
N ARG B 9 1.73 -30.72 0.63
CA ARG B 9 2.77 -30.03 1.39
C ARG B 9 3.89 -29.57 0.47
N VAL B 10 4.31 -30.46 -0.42
CA VAL B 10 5.38 -30.15 -1.37
C VAL B 10 5.01 -28.95 -2.23
N ALA B 11 3.82 -28.98 -2.81
CA ALA B 11 3.35 -27.88 -3.63
C ALA B 11 3.25 -26.61 -2.82
N GLY B 12 2.99 -26.77 -1.52
CA GLY B 12 2.88 -25.62 -0.65
C GLY B 12 4.18 -24.87 -0.54
N LEU B 13 5.28 -25.60 -0.55
CA LEU B 13 6.61 -25.01 -0.47
C LEU B 13 6.95 -24.35 -1.80
N GLU B 14 6.45 -24.94 -2.88
CA GLU B 14 6.68 -24.39 -4.20
C GLU B 14 5.94 -23.06 -4.33
N LYS B 15 4.74 -23.03 -3.80
CA LYS B 15 3.90 -21.85 -3.80
C LYS B 15 4.49 -20.76 -2.91
N GLN B 16 4.85 -21.15 -1.70
CA GLN B 16 5.45 -20.22 -0.74
C GLN B 16 6.73 -19.64 -1.31
N LEU B 17 7.59 -20.53 -1.78
CA LEU B 17 8.86 -20.12 -2.36
C LEU B 17 8.62 -19.16 -3.53
N ALA B 18 7.64 -19.49 -4.36
CA ALA B 18 7.32 -18.65 -5.52
C ALA B 18 6.86 -17.27 -5.07
N ILE B 19 6.09 -17.23 -3.99
CA ILE B 19 5.64 -15.97 -3.43
C ILE B 19 6.84 -15.16 -3.00
N GLU B 20 7.80 -15.84 -2.39
CA GLU B 20 9.04 -15.23 -1.95
C GLU B 20 9.85 -14.78 -3.16
N LEU B 21 9.68 -15.48 -4.28
CA LEU B 21 10.37 -15.14 -5.51
C LEU B 21 9.97 -13.73 -5.95
N LYS B 22 8.69 -13.43 -5.77
CA LYS B 22 8.16 -12.12 -6.12
C LYS B 22 8.78 -11.09 -5.19
N VAL B 23 8.99 -11.51 -3.94
CA VAL B 23 9.61 -10.67 -2.93
C VAL B 23 11.05 -10.34 -3.32
N LYS B 24 11.79 -11.38 -3.71
CA LYS B 24 13.18 -11.22 -4.11
C LYS B 24 13.30 -10.36 -5.36
N GLN B 25 12.52 -10.72 -6.38
CA GLN B 25 12.52 -9.98 -7.64
C GLN B 25 12.06 -8.56 -7.43
N GLY B 26 11.23 -8.36 -6.40
CA GLY B 26 10.72 -7.03 -6.11
C GLY B 26 11.79 -6.10 -5.59
N ALA B 27 12.63 -6.62 -4.71
CA ALA B 27 13.71 -5.83 -4.13
C ALA B 27 14.72 -5.42 -5.19
N GLU B 28 15.19 -6.40 -5.96
CA GLU B 28 16.18 -6.15 -7.00
C GLU B 28 15.71 -5.08 -7.98
N ASN B 29 14.46 -5.17 -8.42
CA ASN B 29 13.92 -4.20 -9.36
C ASN B 29 13.99 -2.80 -8.78
N MET B 30 13.59 -2.67 -7.52
CA MET B 30 13.63 -1.39 -6.83
C MET B 30 15.06 -0.90 -6.66
N ILE B 31 15.98 -1.84 -6.49
CA ILE B 31 17.40 -1.51 -6.32
C ILE B 31 17.94 -0.84 -7.58
N GLN B 32 17.66 -1.43 -8.73
CA GLN B 32 18.13 -0.89 -10.00
C GLN B 32 17.49 0.48 -10.27
N THR B 33 16.30 0.67 -9.71
CA THR B 33 15.58 1.93 -9.89
C THR B 33 16.31 3.08 -9.21
N TYR B 34 16.66 2.89 -7.94
CA TYR B 34 17.37 3.92 -7.18
C TYR B 34 18.87 3.86 -7.40
N SER B 35 19.33 2.75 -7.98
CA SER B 35 20.76 2.57 -8.26
C SER B 35 21.31 3.74 -9.07
N ASN B 36 20.80 3.91 -10.28
CA ASN B 36 21.25 4.98 -11.16
C ASN B 36 20.08 5.59 -11.93
N GLY B 37 20.06 6.91 -12.04
CA GLY B 37 19.00 7.59 -12.76
C GLY B 37 18.62 8.91 -12.12
N SER B 38 17.43 9.41 -12.45
CA SER B 38 16.96 10.67 -11.91
C SER B 38 16.50 10.50 -10.46
N THR B 39 17.46 10.44 -9.55
CA THR B 39 17.17 10.28 -8.13
C THR B 39 18.41 10.50 -7.29
N LYS B 40 18.21 10.79 -6.01
CA LYS B 40 19.33 11.03 -5.09
C LYS B 40 19.08 10.36 -3.74
N ASP B 41 17.82 10.06 -3.45
CA ASP B 41 17.45 9.44 -2.18
C ASP B 41 18.12 8.07 -2.03
N ARG B 42 19.21 8.05 -1.28
CA ARG B 42 19.97 6.83 -1.05
C ARG B 42 19.25 5.92 -0.06
N LYS B 43 18.43 6.52 0.80
CA LYS B 43 17.69 5.76 1.81
C LYS B 43 16.82 4.69 1.16
N LEU B 44 16.16 5.04 0.06
CA LEU B 44 15.31 4.10 -0.66
C LEU B 44 16.12 2.90 -1.14
N LEU B 45 17.34 3.16 -1.59
CA LEU B 45 18.23 2.10 -2.08
C LEU B 45 18.67 1.20 -0.94
N LEU B 46 18.83 1.78 0.24
CA LEU B 46 19.25 1.03 1.42
C LEU B 46 18.20 0.01 1.82
N THR B 47 16.94 0.43 1.82
CA THR B 47 15.83 -0.46 2.18
C THR B 47 15.69 -1.58 1.17
N ALA B 48 15.91 -1.26 -0.10
CA ALA B 48 15.79 -2.24 -1.17
C ALA B 48 16.89 -3.30 -1.04
N GLN B 49 18.06 -2.85 -0.62
CA GLN B 49 19.21 -3.75 -0.45
C GLN B 49 19.00 -4.71 0.71
N GLN B 50 18.61 -4.18 1.86
CA GLN B 50 18.40 -5.00 3.05
C GLN B 50 17.23 -5.97 2.88
N MET B 51 16.17 -5.52 2.21
CA MET B 51 15.01 -6.36 1.99
C MET B 51 15.34 -7.47 0.98
N LEU B 52 16.28 -7.20 0.08
CA LEU B 52 16.69 -8.16 -0.94
C LEU B 52 17.44 -9.34 -0.31
N GLN B 53 18.36 -9.05 0.59
CA GLN B 53 19.13 -10.11 1.25
C GLN B 53 18.22 -10.98 2.09
N ASP B 54 17.38 -10.33 2.86
CA ASP B 54 16.45 -11.01 3.73
C ASP B 54 15.58 -11.97 2.93
N SER B 55 15.22 -11.55 1.72
CA SER B 55 14.41 -12.37 0.85
C SER B 55 15.20 -13.56 0.32
N LYS B 56 16.48 -13.33 0.02
CA LYS B 56 17.34 -14.39 -0.48
C LYS B 56 17.38 -15.55 0.50
N THR B 57 17.54 -15.23 1.79
CA THR B 57 17.56 -16.23 2.83
C THR B 57 16.24 -16.99 2.89
N LYS B 58 15.15 -16.25 2.74
CA LYS B 58 13.82 -16.84 2.76
C LYS B 58 13.69 -17.93 1.70
N ILE B 59 14.19 -17.65 0.51
CA ILE B 59 14.15 -18.62 -0.59
C ILE B 59 15.04 -19.81 -0.29
N ASP B 60 16.20 -19.54 0.30
CA ASP B 60 17.17 -20.58 0.65
C ASP B 60 16.59 -21.65 1.57
N ILE B 61 15.91 -21.23 2.64
CA ILE B 61 15.34 -22.18 3.59
C ILE B 61 14.17 -22.94 2.99
N ILE B 62 13.26 -22.22 2.37
CA ILE B 62 12.09 -22.85 1.75
C ILE B 62 12.51 -23.84 0.68
N ARG B 63 13.53 -23.47 -0.09
CA ARG B 63 14.04 -24.31 -1.16
C ARG B 63 14.63 -25.61 -0.63
N MET B 64 15.48 -25.51 0.40
CA MET B 64 16.11 -26.70 0.97
C MET B 64 15.07 -27.60 1.63
N GLN B 65 14.12 -26.99 2.34
CA GLN B 65 13.08 -27.75 3.01
C GLN B 65 12.23 -28.48 1.98
N LEU B 66 12.07 -27.87 0.81
CA LEU B 66 11.32 -28.48 -0.25
C LEU B 66 11.99 -29.78 -0.66
N ARG B 67 13.32 -29.73 -0.74
CA ARG B 67 14.10 -30.91 -1.09
C ARG B 67 13.84 -31.99 -0.05
N ARG B 68 13.62 -31.56 1.19
CA ARG B 68 13.36 -32.49 2.29
C ARG B 68 12.03 -33.21 2.08
N ALA B 69 11.06 -32.48 1.53
CA ALA B 69 9.74 -33.02 1.27
C ALA B 69 9.80 -34.18 0.27
N LEU B 70 10.49 -33.97 -0.84
CA LEU B 70 10.62 -34.99 -1.86
C LEU B 70 11.43 -36.17 -1.33
N GLN B 71 12.49 -35.85 -0.60
CA GLN B 71 13.35 -36.88 -0.01
C GLN B 71 12.60 -37.71 1.01
N ALA B 72 11.61 -37.11 1.67
CA ALA B 72 10.82 -37.80 2.67
C ALA B 72 9.61 -38.48 2.05
N ASP B 73 9.34 -38.15 0.80
CA ASP B 73 8.19 -38.72 0.09
C ASP B 73 8.58 -40.00 -0.65
N GLN B 74 9.86 -40.12 -1.01
CA GLN B 74 10.34 -41.30 -1.71
C GLN B 74 10.37 -42.51 -0.78
N LEU B 75 10.65 -42.26 0.50
CA LEU B 75 10.70 -43.33 1.49
C LEU B 75 9.39 -43.44 2.24
N GLU B 76 8.44 -42.58 1.88
CA GLU B 76 7.13 -42.56 2.50
C GLU B 76 7.22 -42.29 4.00
N ASN B 77 7.51 -43.31 4.79
CA ASN B 77 7.63 -43.17 6.24
C ASN B 77 9.07 -43.38 6.69
N GLN B 78 9.52 -44.63 6.65
CA GLN B 78 10.89 -44.97 7.05
C GLN B 78 11.12 -44.60 8.51
N ALA B 79 11.03 -45.58 9.39
CA ALA B 79 11.23 -45.36 10.82
C ALA B 79 12.71 -45.13 11.14
N ALA B 80 13.02 -45.07 12.43
CA ALA B 80 14.39 -44.86 12.88
C ALA B 80 15.23 -46.13 12.74
N PRO B 81 16.55 -45.99 12.52
CA PRO B 81 17.45 -47.14 12.37
C PRO B 81 17.60 -47.93 13.67
N MET A 1 10.31 21.32 -11.64
CA MET A 1 9.06 20.52 -11.62
C MET A 1 8.79 19.98 -10.21
N GLN A 2 7.72 20.48 -9.59
CA GLN A 2 7.35 20.08 -8.25
C GLN A 2 7.01 18.59 -8.20
N ALA A 3 7.98 17.77 -7.82
CA ALA A 3 7.76 16.33 -7.74
C ALA A 3 7.43 15.94 -6.30
N ILE A 4 6.23 15.41 -6.11
CA ILE A 4 5.78 15.00 -4.79
C ILE A 4 5.51 13.51 -4.73
N LYS A 5 5.89 12.89 -3.62
CA LYS A 5 5.68 11.46 -3.42
C LYS A 5 4.37 11.24 -2.68
N CYS A 6 3.41 10.63 -3.36
CA CYS A 6 2.10 10.37 -2.76
C CYS A 6 1.78 8.87 -2.73
N VAL A 7 1.47 8.36 -1.54
CA VAL A 7 1.13 6.96 -1.36
C VAL A 7 -0.29 6.83 -0.82
N VAL A 8 -1.08 5.96 -1.43
CA VAL A 8 -2.46 5.76 -1.01
C VAL A 8 -2.71 4.33 -0.55
N VAL A 9 -3.37 4.22 0.59
CA VAL A 9 -3.67 2.92 1.18
C VAL A 9 -5.08 2.93 1.78
N GLY A 10 -5.70 1.76 1.84
CA GLY A 10 -7.03 1.65 2.40
C GLY A 10 -7.05 0.87 3.70
N ASP A 11 -8.24 0.54 4.19
CA ASP A 11 -8.40 -0.21 5.42
C ASP A 11 -7.58 -1.50 5.37
N GLY A 12 -7.35 -2.00 4.16
CA GLY A 12 -6.58 -3.22 3.99
C GLY A 12 -7.33 -4.29 3.24
N ALA A 13 -8.64 -4.13 3.14
CA ALA A 13 -9.47 -5.12 2.45
C ALA A 13 -9.31 -5.03 0.93
N VAL A 14 -9.34 -3.81 0.40
CA VAL A 14 -9.20 -3.57 -1.04
C VAL A 14 -9.52 -2.12 -1.39
N GLY A 15 -8.91 -1.61 -2.46
CA GLY A 15 -9.17 -0.23 -2.89
C GLY A 15 -7.92 0.63 -2.97
N LYS A 16 -6.76 0.02 -2.75
CA LYS A 16 -5.49 0.74 -2.80
C LYS A 16 -5.07 1.14 -4.23
N THR A 17 -5.10 0.18 -5.16
CA THR A 17 -4.68 0.44 -6.53
C THR A 17 -5.77 1.12 -7.37
N CYS A 18 -7.02 0.82 -7.09
CA CYS A 18 -8.14 1.39 -7.84
C CYS A 18 -8.17 2.92 -7.77
N LEU A 19 -7.81 3.48 -6.63
CA LEU A 19 -7.84 4.93 -6.44
C LEU A 19 -6.80 5.63 -7.33
N LEU A 20 -5.56 5.16 -7.30
CA LEU A 20 -4.50 5.77 -8.09
C LEU A 20 -4.68 5.53 -9.59
N ILE A 21 -5.07 4.32 -9.96
CA ILE A 21 -5.26 3.97 -11.37
C ILE A 21 -6.37 4.79 -12.02
N SER A 22 -7.43 5.01 -11.28
CA SER A 22 -8.58 5.77 -11.79
C SER A 22 -8.19 7.18 -12.20
N TYR A 23 -7.29 7.80 -11.44
CA TYR A 23 -6.87 9.17 -11.74
C TYR A 23 -5.87 9.22 -12.90
N THR A 24 -5.10 8.17 -13.08
CA THR A 24 -4.10 8.13 -14.15
C THR A 24 -4.62 7.54 -15.46
N THR A 25 -5.65 6.70 -15.37
CA THR A 25 -6.20 6.07 -16.57
C THR A 25 -7.67 6.43 -16.78
N ASN A 26 -8.25 7.14 -15.82
CA ASN A 26 -9.66 7.54 -15.89
C ASN A 26 -10.57 6.32 -15.91
N ALA A 27 -9.98 5.15 -15.76
CA ALA A 27 -10.74 3.90 -15.77
C ALA A 27 -9.92 2.74 -15.20
N PHE A 28 -10.35 2.21 -14.06
CA PHE A 28 -9.65 1.10 -13.42
C PHE A 28 -10.05 -0.23 -14.07
N PRO A 29 -9.05 -0.98 -14.59
CA PRO A 29 -9.31 -2.28 -15.24
C PRO A 29 -9.65 -3.37 -14.22
N GLY A 30 -8.92 -3.40 -13.11
CA GLY A 30 -9.16 -4.39 -12.09
C GLY A 30 -8.03 -5.41 -12.00
N GLU A 31 -8.30 -6.63 -12.48
CA GLU A 31 -7.32 -7.71 -12.46
C GLU A 31 -6.92 -8.08 -11.02
N TYR A 32 -7.21 -9.32 -10.63
CA TYR A 32 -6.89 -9.80 -9.30
C TYR A 32 -5.38 -9.89 -9.11
N ILE A 33 -4.65 -9.78 -10.22
CA ILE A 33 -3.19 -9.86 -10.20
C ILE A 33 -2.60 -8.97 -9.10
N PRO A 34 -1.80 -9.54 -8.18
CA PRO A 34 -1.18 -8.78 -7.09
C PRO A 34 -0.29 -7.66 -7.61
N THR A 35 0.05 -6.73 -6.73
CA THR A 35 0.90 -5.61 -7.10
C THR A 35 1.91 -5.29 -6.01
N VAL A 36 3.12 -5.83 -6.14
CA VAL A 36 4.17 -5.60 -5.15
C VAL A 36 5.05 -4.42 -5.58
N PHE A 37 5.11 -4.18 -6.88
CA PHE A 37 5.89 -3.08 -7.43
C PHE A 37 4.98 -2.02 -8.05
N ASP A 38 5.37 -0.76 -7.91
CA ASP A 38 4.58 0.34 -8.45
C ASP A 38 5.47 1.51 -8.86
N ASN A 39 5.28 2.00 -10.08
CA ASN A 39 6.06 3.12 -10.60
C ASN A 39 5.32 3.83 -11.71
N TYR A 40 4.55 4.85 -11.35
CA TYR A 40 3.78 5.62 -12.33
C TYR A 40 3.98 7.11 -12.11
N SER A 41 4.02 7.87 -13.21
CA SER A 41 4.21 9.32 -13.12
C SER A 41 3.18 10.03 -13.99
N ALA A 42 2.69 11.16 -13.49
CA ALA A 42 1.70 11.95 -14.19
C ALA A 42 1.86 13.44 -13.91
N ASN A 43 1.60 14.26 -14.91
CA ASN A 43 1.71 15.70 -14.75
C ASN A 43 0.35 16.29 -14.39
N VAL A 44 0.34 17.16 -13.37
CA VAL A 44 -0.91 17.77 -12.92
C VAL A 44 -0.74 19.27 -12.71
N MET A 45 -1.80 20.01 -12.99
CA MET A 45 -1.80 21.47 -12.85
C MET A 45 -2.26 21.89 -11.46
N VAL A 46 -1.39 22.61 -10.76
CA VAL A 46 -1.71 23.09 -9.42
C VAL A 46 -1.35 24.56 -9.27
N ASP A 47 -2.36 25.41 -9.13
CA ASP A 47 -2.16 26.85 -8.98
C ASP A 47 -1.57 27.45 -10.24
N GLY A 48 -1.62 26.71 -11.35
CA GLY A 48 -1.06 27.19 -12.59
C GLY A 48 0.41 26.90 -12.70
N LYS A 49 0.89 26.02 -11.82
CA LYS A 49 2.30 25.64 -11.79
C LYS A 49 2.43 24.15 -12.06
N PRO A 50 3.21 23.74 -13.09
CA PRO A 50 3.39 22.32 -13.40
C PRO A 50 3.91 21.55 -12.20
N VAL A 51 3.26 20.43 -11.90
CA VAL A 51 3.66 19.62 -10.76
C VAL A 51 3.83 18.15 -11.14
N ASN A 52 4.98 17.59 -10.78
CA ASN A 52 5.28 16.19 -11.03
C ASN A 52 4.61 15.33 -9.97
N LEU A 53 3.79 14.37 -10.39
CA LEU A 53 3.09 13.51 -9.47
C LEU A 53 3.69 12.10 -9.41
N GLY A 54 3.96 11.64 -8.20
CA GLY A 54 4.50 10.31 -8.00
C GLY A 54 3.46 9.36 -7.47
N LEU A 55 3.23 8.25 -8.18
CA LEU A 55 2.24 7.28 -7.76
C LEU A 55 2.86 6.15 -6.96
N TRP A 56 2.43 6.02 -5.71
CA TRP A 56 2.93 4.99 -4.81
C TRP A 56 1.77 4.32 -4.10
N ASP A 57 1.95 3.06 -3.70
CA ASP A 57 0.91 2.33 -3.00
C ASP A 57 1.43 1.01 -2.46
N THR A 58 0.68 0.43 -1.51
CA THR A 58 1.04 -0.84 -0.91
C THR A 58 -0.11 -1.83 -0.99
N ALA A 59 0.21 -3.09 -1.32
CA ALA A 59 -0.80 -4.12 -1.44
C ALA A 59 -1.18 -4.70 -0.07
N GLY A 60 -2.37 -5.25 0.03
CA GLY A 60 -2.83 -5.82 1.28
C GLY A 60 -2.22 -7.18 1.56
N LEU A 61 -1.16 -7.20 2.38
CA LEU A 61 -0.49 -8.45 2.72
C LEU A 61 0.41 -8.26 3.94
N GLU A 62 0.22 -9.10 4.95
CA GLU A 62 1.00 -9.02 6.18
C GLU A 62 2.36 -9.69 6.04
N ASP A 63 2.43 -10.73 5.20
CA ASP A 63 3.68 -11.45 4.98
C ASP A 63 4.77 -10.52 4.50
N TYR A 64 4.38 -9.42 3.87
CA TYR A 64 5.34 -8.44 3.34
C TYR A 64 5.87 -7.54 4.45
N ASP A 65 6.04 -8.10 5.65
CA ASP A 65 6.55 -7.35 6.79
C ASP A 65 7.90 -6.73 6.45
N ARG A 66 8.76 -7.52 5.80
CA ARG A 66 10.08 -7.06 5.41
C ARG A 66 10.02 -6.26 4.11
N LEU A 67 9.33 -6.80 3.11
CA LEU A 67 9.19 -6.13 1.82
C LEU A 67 8.07 -5.10 1.88
N ARG A 68 8.30 -4.01 2.61
CA ARG A 68 7.31 -2.95 2.76
C ARG A 68 7.60 -1.80 1.79
N PRO A 69 6.59 -0.96 1.51
CA PRO A 69 6.75 0.18 0.59
C PRO A 69 7.93 1.07 0.99
N LEU A 70 8.93 1.13 0.11
CA LEU A 70 10.12 1.92 0.36
C LEU A 70 9.79 3.40 0.39
N SER A 71 8.84 3.80 -0.45
CA SER A 71 8.44 5.20 -0.55
C SER A 71 7.68 5.65 0.69
N TYR A 72 6.77 4.80 1.17
CA TYR A 72 5.94 5.09 2.34
C TYR A 72 6.59 6.10 3.31
N PRO A 73 7.77 5.76 3.89
CA PRO A 73 8.45 6.66 4.84
C PRO A 73 8.76 8.04 4.24
N GLN A 74 9.37 8.04 3.06
CA GLN A 74 9.75 9.27 2.38
C GLN A 74 8.56 10.01 1.78
N THR A 75 7.46 9.28 1.56
CA THR A 75 6.26 9.85 0.96
C THR A 75 5.90 11.18 1.60
N ASP A 76 5.67 12.19 0.76
CA ASP A 76 5.33 13.52 1.23
C ASP A 76 3.92 13.57 1.82
N VAL A 77 3.08 12.59 1.50
CA VAL A 77 1.71 12.56 2.01
C VAL A 77 1.16 11.14 2.09
N PHE A 78 0.13 10.98 2.91
CA PHE A 78 -0.56 9.71 3.04
C PHE A 78 -2.02 9.89 2.69
N LEU A 79 -2.63 8.88 2.07
CA LEU A 79 -4.04 8.96 1.70
C LEU A 79 -4.83 7.86 2.38
N ILE A 80 -5.77 8.26 3.23
CA ILE A 80 -6.60 7.30 3.95
C ILE A 80 -7.92 7.06 3.23
N CYS A 81 -8.02 5.90 2.59
CA CYS A 81 -9.23 5.55 1.85
C CYS A 81 -10.11 4.58 2.64
N PHE A 82 -11.40 4.90 2.72
CA PHE A 82 -12.36 4.07 3.43
C PHE A 82 -13.73 4.16 2.78
N SER A 83 -14.63 3.25 3.16
CA SER A 83 -15.97 3.23 2.59
C SER A 83 -16.92 4.11 3.40
N LEU A 84 -17.38 5.19 2.78
CA LEU A 84 -18.28 6.13 3.43
C LEU A 84 -19.60 5.47 3.83
N VAL A 85 -20.17 4.69 2.93
CA VAL A 85 -21.44 4.02 3.19
C VAL A 85 -21.35 3.08 4.38
N SER A 86 -20.13 2.74 4.76
CA SER A 86 -19.91 1.84 5.89
C SER A 86 -19.09 2.55 6.98
N PRO A 87 -19.75 3.01 8.06
CA PRO A 87 -19.06 3.70 9.16
C PRO A 87 -17.92 2.89 9.76
N ALA A 88 -18.05 1.57 9.72
CA ALA A 88 -17.03 0.69 10.29
C ALA A 88 -15.66 0.96 9.69
N SER A 89 -15.60 1.12 8.37
CA SER A 89 -14.33 1.39 7.69
C SER A 89 -13.71 2.65 8.27
N PHE A 90 -14.56 3.61 8.63
CA PHE A 90 -14.11 4.87 9.21
C PHE A 90 -13.52 4.61 10.60
N GLU A 91 -14.11 3.65 11.30
CA GLU A 91 -13.65 3.28 12.64
C GLU A 91 -12.31 2.56 12.59
N ASN A 92 -12.12 1.75 11.53
CA ASN A 92 -10.91 0.96 11.37
C ASN A 92 -9.71 1.80 10.95
N VAL A 93 -9.91 2.71 10.01
CA VAL A 93 -8.81 3.55 9.53
C VAL A 93 -8.16 4.32 10.67
N ARG A 94 -8.97 4.97 11.50
CA ARG A 94 -8.46 5.73 12.63
C ARG A 94 -7.99 4.78 13.74
N ALA A 95 -8.48 3.55 13.70
CA ALA A 95 -8.13 2.56 14.71
C ALA A 95 -6.73 1.95 14.52
N LYS A 96 -6.40 1.56 13.30
CA LYS A 96 -5.10 0.94 13.04
C LYS A 96 -4.09 1.87 12.36
N TRP A 97 -4.54 2.62 11.35
CA TRP A 97 -3.66 3.52 10.62
C TRP A 97 -3.17 4.71 11.46
N TYR A 98 -4.08 5.34 12.20
CA TYR A 98 -3.73 6.49 13.02
C TYR A 98 -2.63 6.20 14.05
N PRO A 99 -2.74 5.10 14.83
CA PRO A 99 -1.74 4.75 15.84
C PRO A 99 -0.36 4.44 15.24
N GLU A 100 -0.37 3.98 14.00
CA GLU A 100 0.86 3.61 13.30
C GLU A 100 1.64 4.86 12.85
N VAL A 101 0.95 5.79 12.21
CA VAL A 101 1.58 7.01 11.72
C VAL A 101 2.08 7.87 12.88
N ARG A 102 1.31 7.93 13.96
CA ARG A 102 1.70 8.72 15.13
C ARG A 102 2.90 8.11 15.85
N HIS A 103 3.04 6.79 15.75
CA HIS A 103 4.14 6.08 16.40
C HIS A 103 5.45 6.30 15.64
N HIS A 104 5.38 6.21 14.33
CA HIS A 104 6.57 6.40 13.49
C HIS A 104 6.98 7.85 13.43
N CYS A 105 5.99 8.73 13.49
CA CYS A 105 6.22 10.18 13.45
C CYS A 105 6.98 10.57 12.18
N PRO A 106 6.47 10.18 10.99
CA PRO A 106 7.12 10.51 9.71
C PRO A 106 7.08 12.00 9.42
N ASN A 107 6.30 12.73 10.20
CA ASN A 107 6.16 14.18 10.03
C ASN A 107 5.50 14.50 8.69
N THR A 108 5.00 13.45 8.03
CA THR A 108 4.33 13.60 6.75
C THR A 108 2.87 14.00 6.94
N PRO A 109 2.41 15.04 6.20
CA PRO A 109 1.03 15.48 6.28
C PRO A 109 0.09 14.35 5.87
N ILE A 110 -1.16 14.40 6.31
CA ILE A 110 -2.08 13.32 5.98
C ILE A 110 -3.38 13.82 5.37
N ILE A 111 -3.70 13.29 4.21
CA ILE A 111 -4.90 13.65 3.49
C ILE A 111 -5.97 12.59 3.74
N LEU A 112 -7.23 12.95 3.57
CA LEU A 112 -8.32 12.00 3.78
C LEU A 112 -9.12 11.82 2.50
N VAL A 113 -9.42 10.57 2.17
CA VAL A 113 -10.15 10.26 0.96
C VAL A 113 -11.40 9.42 1.23
N GLY A 114 -12.51 9.82 0.63
CA GLY A 114 -13.75 9.09 0.79
C GLY A 114 -14.10 8.30 -0.45
N THR A 115 -13.29 7.28 -0.73
CA THR A 115 -13.48 6.45 -1.91
C THR A 115 -14.87 5.84 -1.95
N LYS A 116 -15.20 5.26 -3.10
CA LYS A 116 -16.50 4.63 -3.30
C LYS A 116 -17.63 5.64 -3.10
N LEU A 117 -17.70 6.62 -3.99
CA LEU A 117 -18.74 7.65 -3.92
C LEU A 117 -19.94 7.25 -4.77
N ASP A 118 -19.71 6.37 -5.75
CA ASP A 118 -20.77 5.92 -6.64
C ASP A 118 -21.90 5.25 -5.86
N LEU A 119 -21.54 4.47 -4.85
CA LEU A 119 -22.51 3.75 -4.04
C LEU A 119 -22.85 4.53 -2.77
N ARG A 120 -22.18 5.66 -2.57
CA ARG A 120 -22.41 6.50 -1.41
C ARG A 120 -23.58 7.45 -1.66
N ASP A 121 -23.82 7.73 -2.93
CA ASP A 121 -24.91 8.61 -3.32
C ASP A 121 -26.00 7.80 -4.00
N ASP A 122 -26.02 6.49 -3.71
CA ASP A 122 -27.01 5.60 -4.30
C ASP A 122 -28.12 5.28 -3.31
N LYS A 123 -29.33 5.74 -3.65
CA LYS A 123 -30.50 5.53 -2.82
C LYS A 123 -30.70 4.07 -2.45
N ASP A 124 -30.81 3.23 -3.47
CA ASP A 124 -31.02 1.79 -3.27
C ASP A 124 -29.93 1.17 -2.40
N THR A 125 -28.68 1.51 -2.68
CA THR A 125 -27.57 0.98 -1.89
C THR A 125 -27.68 1.45 -0.44
N ILE A 126 -28.00 2.73 -0.29
CA ILE A 126 -28.17 3.30 1.03
C ILE A 126 -29.25 2.55 1.78
N GLU A 127 -30.30 2.19 1.06
CA GLU A 127 -31.40 1.43 1.62
C GLU A 127 -30.91 0.07 2.10
N LYS A 128 -29.95 -0.50 1.37
CA LYS A 128 -29.39 -1.80 1.71
C LYS A 128 -28.58 -1.73 2.99
N LEU A 129 -27.89 -0.62 3.20
CA LEU A 129 -27.09 -0.44 4.40
C LEU A 129 -27.97 -0.51 5.64
N LYS A 130 -29.18 0.02 5.52
CA LYS A 130 -30.14 0.02 6.60
C LYS A 130 -30.39 -1.41 7.07
N GLU A 131 -30.33 -2.34 6.11
CA GLU A 131 -30.56 -3.75 6.40
C GLU A 131 -29.51 -4.27 7.36
N LYS A 132 -28.31 -3.70 7.28
CA LYS A 132 -27.20 -4.11 8.14
C LYS A 132 -26.98 -3.10 9.25
N LYS A 133 -27.93 -2.17 9.40
CA LYS A 133 -27.88 -1.14 10.44
C LYS A 133 -26.73 -0.17 10.23
N LEU A 134 -26.33 0.02 8.98
CA LEU A 134 -25.24 0.96 8.66
C LEU A 134 -25.75 2.17 7.88
N THR A 135 -25.08 3.30 8.05
CA THR A 135 -25.45 4.53 7.36
C THR A 135 -24.21 5.18 6.73
N PRO A 136 -24.36 5.81 5.55
CA PRO A 136 -23.24 6.45 4.87
C PRO A 136 -22.76 7.71 5.58
N ILE A 137 -21.44 7.95 5.51
CA ILE A 137 -20.82 9.08 6.16
C ILE A 137 -21.10 10.38 5.41
N THR A 138 -21.38 11.45 6.17
CA THR A 138 -21.65 12.74 5.59
C THR A 138 -20.37 13.58 5.56
N TYR A 139 -20.40 14.71 4.86
CA TYR A 139 -19.22 15.57 4.75
C TYR A 139 -18.76 16.09 6.12
N PRO A 140 -19.66 16.64 6.96
CA PRO A 140 -19.28 17.16 8.28
C PRO A 140 -18.76 16.06 9.21
N GLN A 141 -19.19 14.83 8.98
CA GLN A 141 -18.75 13.71 9.80
C GLN A 141 -17.25 13.48 9.63
N GLY A 142 -16.79 13.51 8.39
CA GLY A 142 -15.38 13.34 8.11
C GLY A 142 -14.58 14.57 8.48
N LEU A 143 -15.18 15.74 8.28
CA LEU A 143 -14.53 16.99 8.61
C LEU A 143 -14.06 16.97 10.06
N ALA A 144 -14.90 16.42 10.93
CA ALA A 144 -14.58 16.31 12.34
C ALA A 144 -13.40 15.38 12.58
N MET A 145 -13.28 14.36 11.73
CA MET A 145 -12.19 13.39 11.84
C MET A 145 -10.85 14.05 11.55
N ALA A 146 -10.82 14.91 10.55
CA ALA A 146 -9.59 15.60 10.18
C ALA A 146 -9.06 16.44 11.33
N LYS A 147 -9.96 16.94 12.17
CA LYS A 147 -9.57 17.77 13.31
C LYS A 147 -8.86 16.98 14.41
N GLU A 148 -9.39 15.80 14.71
CA GLU A 148 -8.83 14.96 15.78
C GLU A 148 -7.48 14.38 15.39
N ILE A 149 -7.39 13.85 14.17
CA ILE A 149 -6.14 13.27 13.70
C ILE A 149 -5.24 14.35 13.14
N GLY A 150 -5.74 15.58 13.14
CA GLY A 150 -4.97 16.70 12.65
C GLY A 150 -4.61 16.57 11.18
N ALA A 151 -5.53 15.98 10.40
CA ALA A 151 -5.29 15.80 8.97
C ALA A 151 -5.15 17.14 8.27
N VAL A 152 -4.27 17.19 7.27
CA VAL A 152 -4.05 18.42 6.53
C VAL A 152 -5.25 18.79 5.68
N LYS A 153 -6.01 17.78 5.23
CA LYS A 153 -7.19 18.04 4.41
C LYS A 153 -8.00 16.76 4.18
N TYR A 154 -9.31 16.92 4.09
CA TYR A 154 -10.22 15.79 3.89
C TYR A 154 -11.21 16.05 2.76
N LEU A 155 -11.33 15.09 1.84
CA LEU A 155 -12.26 15.20 0.72
C LEU A 155 -12.85 13.84 0.36
N GLU A 156 -13.92 13.85 -0.44
CA GLU A 156 -14.58 12.61 -0.87
C GLU A 156 -14.57 12.51 -2.40
N CYS A 157 -14.45 11.28 -2.91
CA CYS A 157 -14.43 11.08 -4.37
C CYS A 157 -14.68 9.61 -4.73
N SER A 158 -14.92 9.38 -6.02
CA SER A 158 -15.16 8.04 -6.55
C SER A 158 -14.19 7.74 -7.68
N ALA A 159 -13.83 6.46 -7.82
CA ALA A 159 -12.93 6.04 -8.88
C ALA A 159 -13.72 5.63 -10.12
N LEU A 160 -14.98 5.28 -9.91
CA LEU A 160 -15.85 4.88 -11.00
C LEU A 160 -16.42 6.10 -11.73
N THR A 161 -16.85 7.09 -10.97
CA THR A 161 -17.44 8.29 -11.55
C THR A 161 -16.42 9.43 -11.60
N GLN A 162 -15.36 9.31 -10.81
CA GLN A 162 -14.31 10.32 -10.76
C GLN A 162 -14.84 11.63 -10.17
N ARG A 163 -15.62 11.51 -9.09
CA ARG A 163 -16.18 12.69 -8.42
C ARG A 163 -15.15 13.79 -8.28
N GLY A 164 -14.14 13.56 -7.45
CA GLY A 164 -13.11 14.56 -7.24
C GLY A 164 -11.73 13.97 -7.01
N LEU A 165 -11.34 13.02 -7.86
CA LEU A 165 -10.03 12.39 -7.76
C LEU A 165 -8.94 13.42 -7.96
N LYS A 166 -9.13 14.26 -8.98
CA LYS A 166 -8.19 15.31 -9.30
C LYS A 166 -7.91 16.16 -8.09
N THR A 167 -8.98 16.51 -7.41
CA THR A 167 -8.91 17.32 -6.20
C THR A 167 -8.05 16.65 -5.13
N VAL A 168 -8.14 15.32 -5.03
CA VAL A 168 -7.35 14.60 -4.04
C VAL A 168 -5.86 14.81 -4.24
N PHE A 169 -5.41 14.53 -5.47
CA PHE A 169 -4.01 14.69 -5.83
C PHE A 169 -3.60 16.16 -5.80
N ASP A 170 -4.49 17.03 -6.27
CA ASP A 170 -4.24 18.46 -6.31
C ASP A 170 -3.98 19.01 -4.92
N GLU A 171 -4.86 18.65 -3.98
CA GLU A 171 -4.74 19.10 -2.59
C GLU A 171 -3.59 18.39 -1.87
N ALA A 172 -3.37 17.12 -2.22
CA ALA A 172 -2.32 16.33 -1.61
C ALA A 172 -0.96 16.97 -1.86
N ILE A 173 -0.76 17.47 -3.08
CA ILE A 173 0.49 18.13 -3.43
C ILE A 173 0.71 19.30 -2.49
N ARG A 174 -0.34 20.08 -2.27
CA ARG A 174 -0.28 21.24 -1.38
C ARG A 174 0.08 20.80 0.02
N ALA A 175 -0.38 19.60 0.39
CA ALA A 175 -0.13 19.04 1.72
C ALA A 175 1.34 19.11 2.11
N VAL A 176 2.24 19.11 1.12
CA VAL A 176 3.67 19.17 1.43
C VAL A 176 4.20 20.60 1.28
N LEU A 177 3.65 21.35 0.33
CA LEU A 177 4.10 22.73 0.10
C LEU A 177 3.77 23.64 1.27
N CYS A 178 2.49 23.70 1.65
CA CYS A 178 2.08 24.57 2.75
C CYS A 178 2.28 23.91 4.13
N PRO A 179 1.61 22.76 4.43
CA PRO A 179 1.78 22.06 5.70
C PRO A 179 3.24 21.77 6.02
N PRO A 180 3.49 21.22 7.22
CA PRO A 180 4.85 20.91 7.67
C PRO A 180 5.60 19.99 6.69
N PRO A 181 6.94 20.04 6.73
CA PRO A 181 7.80 19.23 5.85
C PRO A 181 7.54 17.74 5.94
N VAL A 182 8.44 16.97 5.31
CA VAL A 182 8.34 15.53 5.29
C VAL A 182 9.53 14.87 5.95
N LYS A 183 10.57 14.58 5.17
CA LYS A 183 11.78 13.96 5.68
C LYS A 183 11.48 12.67 6.45
N LYS A 184 12.49 12.17 7.14
CA LYS A 184 12.35 10.95 7.94
C LYS A 184 13.23 11.02 9.19
N ARG A 185 13.02 10.11 10.13
CA ARG A 185 13.80 10.08 11.36
C ARG A 185 15.28 9.91 11.06
N LYS A 186 15.73 8.66 10.96
CA LYS A 186 17.14 8.36 10.68
C LYS A 186 17.28 7.08 9.88
N ARG A 187 18.53 6.68 9.63
CA ARG A 187 18.81 5.47 8.87
C ARG A 187 18.35 4.23 9.64
N LYS A 188 18.34 3.09 8.95
CA LYS A 188 17.92 1.83 9.56
C LYS A 188 18.66 1.58 10.87
N CYS A 189 17.91 1.19 11.90
CA CYS A 189 18.49 0.93 13.22
C CYS A 189 17.81 -0.28 13.88
N LEU A 190 16.49 -0.33 13.79
CA LEU A 190 15.73 -1.42 14.38
C LEU A 190 15.47 -2.53 13.37
N LEU A 191 15.34 -3.76 13.86
CA LEU A 191 15.08 -4.91 13.01
C LEU A 191 13.80 -4.73 12.21
N LEU A 192 13.68 -5.47 11.11
CA LEU A 192 12.50 -5.38 10.25
C LEU A 192 11.34 -6.17 10.85
N GLY B 1 5.03 -37.50 11.31
CA GLY B 1 4.84 -38.67 10.41
C GLY B 1 3.57 -38.59 9.60
N ILE B 2 3.56 -37.70 8.60
CA ILE B 2 2.39 -37.52 7.75
C ILE B 2 2.37 -38.54 6.63
N PRO B 3 1.21 -39.20 6.40
CA PRO B 3 1.07 -40.22 5.36
C PRO B 3 0.98 -39.62 3.96
N ALA B 4 -0.25 -39.42 3.47
CA ALA B 4 -0.47 -38.86 2.14
C ALA B 4 -0.77 -37.36 2.19
N THR B 5 -1.10 -36.87 3.39
CA THR B 5 -1.41 -35.46 3.56
C THR B 5 -0.15 -34.60 3.46
N ASN B 6 1.00 -35.24 3.25
CA ASN B 6 2.27 -34.53 3.14
C ASN B 6 2.38 -33.85 1.79
N LEU B 7 1.49 -34.21 0.86
CA LEU B 7 1.49 -33.62 -0.47
C LEU B 7 1.18 -32.13 -0.41
N SER B 8 0.28 -31.76 0.49
CA SER B 8 -0.12 -30.36 0.65
C SER B 8 1.04 -29.54 1.23
N ARG B 9 1.87 -30.18 2.04
CA ARG B 9 3.01 -29.50 2.65
C ARG B 9 4.06 -29.15 1.60
N VAL B 10 4.34 -30.10 0.72
CA VAL B 10 5.32 -29.89 -0.34
C VAL B 10 4.91 -28.74 -1.24
N ALA B 11 3.68 -28.77 -1.71
CA ALA B 11 3.16 -27.72 -2.57
C ALA B 11 3.12 -26.40 -1.81
N GLY B 12 2.94 -26.50 -0.50
CA GLY B 12 2.89 -25.30 0.32
C GLY B 12 4.20 -24.54 0.28
N LEU B 13 5.30 -25.29 0.22
CA LEU B 13 6.62 -24.69 0.15
C LEU B 13 6.86 -24.11 -1.22
N GLU B 14 6.31 -24.76 -2.24
CA GLU B 14 6.44 -24.28 -3.61
C GLU B 14 5.69 -22.96 -3.75
N LYS B 15 4.52 -22.90 -3.11
CA LYS B 15 3.69 -21.71 -3.13
C LYS B 15 4.35 -20.59 -2.34
N GLN B 16 4.81 -20.90 -1.14
CA GLN B 16 5.49 -19.92 -0.29
C GLN B 16 6.72 -19.40 -0.99
N LEU B 17 7.52 -20.32 -1.50
CA LEU B 17 8.74 -20.00 -2.23
C LEU B 17 8.42 -19.08 -3.40
N ALA B 18 7.35 -19.40 -4.12
CA ALA B 18 6.92 -18.61 -5.27
C ALA B 18 6.54 -17.20 -4.85
N ILE B 19 5.82 -17.11 -3.73
CA ILE B 19 5.41 -15.81 -3.19
C ILE B 19 6.65 -14.99 -2.87
N GLU B 20 7.64 -15.66 -2.31
CA GLU B 20 8.89 -15.03 -1.95
C GLU B 20 9.60 -14.50 -3.19
N LEU B 21 9.38 -15.13 -4.35
CA LEU B 21 10.01 -14.66 -5.58
C LEU B 21 9.47 -13.30 -5.92
N LYS B 22 8.16 -13.13 -5.74
CA LYS B 22 7.52 -11.84 -6.00
C LYS B 22 8.14 -10.79 -5.09
N VAL B 23 8.52 -11.23 -3.89
CA VAL B 23 9.15 -10.37 -2.91
C VAL B 23 10.57 -10.03 -3.33
N LYS B 24 11.31 -11.04 -3.79
CA LYS B 24 12.69 -10.85 -4.22
C LYS B 24 12.75 -9.97 -5.45
N GLN B 25 11.97 -10.32 -6.47
CA GLN B 25 11.92 -9.55 -7.70
C GLN B 25 11.44 -8.13 -7.44
N GLY B 26 10.64 -7.96 -6.39
CA GLY B 26 10.14 -6.64 -6.05
C GLY B 26 11.25 -5.70 -5.60
N ALA B 27 12.10 -6.20 -4.70
CA ALA B 27 13.21 -5.41 -4.19
C ALA B 27 14.19 -5.05 -5.31
N GLU B 28 14.62 -6.06 -6.06
CA GLU B 28 15.57 -5.86 -7.15
C GLU B 28 15.08 -4.81 -8.13
N ASN B 29 13.80 -4.91 -8.51
CA ASN B 29 13.22 -3.94 -9.44
C ASN B 29 13.36 -2.53 -8.91
N MET B 30 13.14 -2.38 -7.60
CA MET B 30 13.26 -1.07 -6.97
C MET B 30 14.71 -0.62 -6.97
N ILE B 31 15.63 -1.57 -6.81
CA ILE B 31 17.06 -1.28 -6.81
C ILE B 31 17.50 -0.71 -8.15
N GLN B 32 17.11 -1.37 -9.22
CA GLN B 32 17.46 -0.93 -10.57
C GLN B 32 16.88 0.44 -10.87
N THR B 33 15.74 0.73 -10.25
CA THR B 33 15.07 2.00 -10.45
C THR B 33 15.93 3.16 -9.94
N TYR B 34 16.43 3.04 -8.71
CA TYR B 34 17.25 4.07 -8.11
C TYR B 34 18.72 3.92 -8.51
N SER B 35 19.09 2.73 -8.98
CA SER B 35 20.46 2.47 -9.40
C SER B 35 20.69 2.93 -10.83
N ASN B 36 21.94 2.89 -11.27
CA ASN B 36 22.29 3.30 -12.63
C ASN B 36 21.85 4.74 -12.89
N GLY B 37 22.75 5.69 -12.65
CA GLY B 37 22.42 7.09 -12.87
C GLY B 37 22.66 7.94 -11.65
N SER B 38 22.86 7.28 -10.50
CA SER B 38 23.12 7.98 -9.25
C SER B 38 21.98 8.93 -8.90
N THR B 39 21.04 8.46 -8.09
CA THR B 39 19.90 9.27 -7.68
C THR B 39 20.13 9.89 -6.31
N LYS B 40 19.45 11.00 -6.04
CA LYS B 40 19.58 11.69 -4.76
C LYS B 40 18.86 10.93 -3.66
N ASP B 41 17.90 10.09 -4.05
CA ASP B 41 17.13 9.31 -3.09
C ASP B 41 17.87 8.02 -2.72
N ARG B 42 18.94 8.14 -1.94
CA ARG B 42 19.72 6.99 -1.52
C ARG B 42 18.99 6.19 -0.45
N LYS B 43 18.13 6.86 0.30
CA LYS B 43 17.38 6.22 1.37
C LYS B 43 16.54 5.07 0.82
N LEU B 44 15.96 5.28 -0.36
CA LEU B 44 15.13 4.26 -1.00
C LEU B 44 15.98 3.06 -1.41
N LEU B 45 17.12 3.34 -2.04
CA LEU B 45 18.02 2.28 -2.49
C LEU B 45 18.51 1.46 -1.31
N LEU B 46 18.76 2.13 -0.19
CA LEU B 46 19.24 1.46 1.01
C LEU B 46 18.24 0.42 1.48
N THR B 47 16.96 0.79 1.49
CA THR B 47 15.90 -0.11 1.91
C THR B 47 15.74 -1.25 0.91
N ALA B 48 15.97 -0.96 -0.37
CA ALA B 48 15.86 -1.96 -1.42
C ALA B 48 16.95 -3.00 -1.29
N GLN B 49 18.15 -2.55 -0.91
CA GLN B 49 19.30 -3.43 -0.74
C GLN B 49 19.09 -4.41 0.41
N GLN B 50 18.63 -3.89 1.54
CA GLN B 50 18.41 -4.73 2.73
C GLN B 50 17.25 -5.70 2.55
N MET B 51 16.09 -5.20 2.14
CA MET B 51 14.92 -6.05 1.95
C MET B 51 15.20 -7.13 0.91
N LEU B 52 16.08 -6.83 -0.04
CA LEU B 52 16.42 -7.79 -1.09
C LEU B 52 17.25 -8.93 -0.51
N GLN B 53 18.22 -8.58 0.33
CA GLN B 53 19.08 -9.58 0.95
C GLN B 53 18.28 -10.49 1.87
N ASP B 54 17.37 -9.90 2.62
CA ASP B 54 16.53 -10.63 3.54
C ASP B 54 15.68 -11.63 2.76
N SER B 55 15.18 -11.19 1.61
CA SER B 55 14.35 -12.03 0.77
C SER B 55 15.15 -13.20 0.20
N LYS B 56 16.38 -12.94 -0.22
CA LYS B 56 17.22 -14.00 -0.77
C LYS B 56 17.37 -15.13 0.23
N THR B 57 17.50 -14.77 1.51
CA THR B 57 17.64 -15.77 2.55
C THR B 57 16.37 -16.62 2.64
N LYS B 58 15.22 -15.96 2.58
CA LYS B 58 13.94 -16.66 2.64
C LYS B 58 13.84 -17.71 1.54
N ILE B 59 14.18 -17.31 0.32
CA ILE B 59 14.14 -18.22 -0.81
C ILE B 59 15.10 -19.39 -0.59
N ASP B 60 16.26 -19.08 -0.02
CA ASP B 60 17.29 -20.08 0.23
C ASP B 60 16.82 -21.17 1.21
N ILE B 61 16.23 -20.77 2.33
CA ILE B 61 15.76 -21.74 3.32
C ILE B 61 14.54 -22.51 2.84
N ILE B 62 13.55 -21.80 2.32
CA ILE B 62 12.34 -22.44 1.82
C ILE B 62 12.66 -23.44 0.73
N ARG B 63 13.61 -23.08 -0.14
CA ARG B 63 14.00 -23.94 -1.24
C ARG B 63 14.64 -25.23 -0.75
N MET B 64 15.58 -25.12 0.17
CA MET B 64 16.27 -26.29 0.71
C MET B 64 15.31 -27.19 1.47
N GLN B 65 14.43 -26.59 2.27
CA GLN B 65 13.46 -27.37 3.04
C GLN B 65 12.52 -28.13 2.12
N LEU B 66 12.17 -27.50 1.00
CA LEU B 66 11.31 -28.13 0.02
C LEU B 66 11.95 -29.43 -0.45
N ARG B 67 13.23 -29.36 -0.77
CA ARG B 67 13.96 -30.53 -1.21
C ARG B 67 13.93 -31.61 -0.13
N ARG B 68 13.91 -31.16 1.12
CA ARG B 68 13.88 -32.09 2.25
C ARG B 68 12.56 -32.85 2.28
N ALA B 69 11.49 -32.16 1.89
CA ALA B 69 10.17 -32.74 1.86
C ALA B 69 10.08 -33.89 0.86
N LEU B 70 10.56 -33.64 -0.35
CA LEU B 70 10.54 -34.66 -1.40
C LEU B 70 11.48 -35.80 -1.06
N GLN B 71 12.57 -35.48 -0.37
CA GLN B 71 13.54 -36.49 0.03
C GLN B 71 12.90 -37.49 0.98
N ALA B 72 12.18 -36.98 1.97
CA ALA B 72 11.50 -37.83 2.95
C ALA B 72 10.24 -38.41 2.34
N ASP B 73 9.82 -37.86 1.21
CA ASP B 73 8.62 -38.33 0.52
C ASP B 73 8.89 -39.66 -0.18
N GLN B 74 9.98 -39.71 -0.93
CA GLN B 74 10.35 -40.93 -1.65
C GLN B 74 10.54 -42.09 -0.67
N LEU B 75 11.41 -41.88 0.31
CA LEU B 75 11.67 -42.91 1.32
C LEU B 75 10.55 -42.93 2.35
N GLU B 76 10.69 -43.78 3.37
CA GLU B 76 9.68 -43.89 4.41
C GLU B 76 10.26 -44.50 5.67
N ASN B 77 11.53 -44.89 5.61
CA ASN B 77 12.22 -45.50 6.75
C ASN B 77 13.04 -44.46 7.50
N GLN B 78 13.87 -43.74 6.76
CA GLN B 78 14.73 -42.71 7.35
C GLN B 78 13.90 -41.65 8.05
N ALA B 79 14.36 -41.21 9.22
CA ALA B 79 13.67 -40.19 9.99
C ALA B 79 14.61 -39.07 10.41
N ALA B 80 15.59 -39.40 11.23
CA ALA B 80 16.56 -38.40 11.71
C ALA B 80 17.67 -38.19 10.68
N PRO B 81 18.22 -36.96 10.61
CA PRO B 81 19.29 -36.63 9.67
C PRO B 81 20.63 -37.27 10.06
N MET A 1 11.10 19.03 -11.70
CA MET A 1 9.79 18.34 -11.66
C MET A 1 9.39 18.00 -10.23
N GLN A 2 8.37 18.67 -9.73
CA GLN A 2 7.89 18.46 -8.37
C GLN A 2 7.45 17.02 -8.16
N ALA A 3 8.34 16.18 -7.64
CA ALA A 3 8.02 14.79 -7.40
C ALA A 3 7.62 14.58 -5.95
N ILE A 4 6.39 14.14 -5.76
CA ILE A 4 5.86 13.90 -4.43
C ILE A 4 5.52 12.42 -4.24
N LYS A 5 5.85 11.89 -3.07
CA LYS A 5 5.58 10.49 -2.76
C LYS A 5 4.26 10.35 -2.03
N CYS A 6 3.29 9.73 -2.68
CA CYS A 6 1.97 9.53 -2.10
C CYS A 6 1.63 8.05 -2.00
N VAL A 7 1.46 7.57 -0.77
CA VAL A 7 1.11 6.17 -0.53
C VAL A 7 -0.34 6.03 -0.11
N VAL A 8 -1.06 5.11 -0.74
CA VAL A 8 -2.46 4.88 -0.43
C VAL A 8 -2.64 3.66 0.47
N VAL A 9 -3.38 3.85 1.57
CA VAL A 9 -3.63 2.76 2.51
C VAL A 9 -5.08 2.73 2.96
N GLY A 10 -5.50 1.60 3.52
CA GLY A 10 -6.87 1.46 3.98
C GLY A 10 -7.12 0.13 4.65
N ASP A 11 -7.76 0.17 5.82
CA ASP A 11 -8.06 -1.06 6.57
C ASP A 11 -9.02 -1.95 5.79
N GLY A 12 -9.75 -1.35 4.85
CA GLY A 12 -10.69 -2.10 4.05
C GLY A 12 -10.06 -3.29 3.35
N ALA A 13 -10.88 -4.28 2.99
CA ALA A 13 -10.38 -5.47 2.32
C ALA A 13 -9.64 -5.11 1.04
N VAL A 14 -10.22 -4.20 0.26
CA VAL A 14 -9.62 -3.77 -0.99
C VAL A 14 -9.96 -2.32 -1.30
N GLY A 15 -9.33 -1.76 -2.33
CA GLY A 15 -9.58 -0.37 -2.70
C GLY A 15 -8.33 0.48 -2.69
N LYS A 16 -7.21 -0.13 -2.28
CA LYS A 16 -5.94 0.59 -2.21
C LYS A 16 -5.35 0.89 -3.59
N THR A 17 -5.28 -0.13 -4.44
CA THR A 17 -4.72 0.06 -5.79
C THR A 17 -5.73 0.66 -6.76
N CYS A 18 -7.01 0.36 -6.56
CA CYS A 18 -8.06 0.86 -7.44
C CYS A 18 -8.08 2.37 -7.48
N LEU A 19 -7.80 3.02 -6.36
CA LEU A 19 -7.80 4.48 -6.28
C LEU A 19 -6.74 5.06 -7.22
N LEU A 20 -5.54 4.49 -7.19
CA LEU A 20 -4.45 4.97 -8.04
C LEU A 20 -4.70 4.67 -9.52
N ILE A 21 -5.14 3.45 -9.82
CA ILE A 21 -5.39 3.04 -11.19
C ILE A 21 -6.48 3.88 -11.84
N SER A 22 -7.54 4.17 -11.10
CA SER A 22 -8.65 4.96 -11.61
C SER A 22 -8.19 6.34 -12.05
N TYR A 23 -7.28 6.94 -11.31
CA TYR A 23 -6.79 8.27 -11.62
C TYR A 23 -5.76 8.24 -12.76
N THR A 24 -5.07 7.12 -12.93
CA THR A 24 -4.05 6.99 -13.96
C THR A 24 -4.61 6.43 -15.27
N THR A 25 -5.68 5.65 -15.18
CA THR A 25 -6.28 5.05 -16.38
C THR A 25 -7.72 5.50 -16.59
N ASN A 26 -8.23 6.29 -15.66
CA ASN A 26 -9.60 6.80 -15.74
C ASN A 26 -10.62 5.66 -15.64
N ALA A 27 -10.13 4.44 -15.45
CA ALA A 27 -11.00 3.28 -15.34
C ALA A 27 -10.24 2.04 -14.90
N PHE A 28 -10.71 1.42 -13.81
CA PHE A 28 -10.07 0.22 -13.29
C PHE A 28 -10.55 -1.02 -14.06
N PRO A 29 -9.62 -1.77 -14.68
CA PRO A 29 -9.96 -2.98 -15.44
C PRO A 29 -10.72 -4.01 -14.60
N GLY A 30 -10.10 -4.45 -13.51
CA GLY A 30 -10.72 -5.42 -12.64
C GLY A 30 -9.75 -6.47 -12.14
N GLU A 31 -8.46 -6.16 -12.22
CA GLU A 31 -7.43 -7.09 -11.77
C GLU A 31 -6.80 -6.61 -10.46
N TYR A 32 -6.20 -7.54 -9.73
CA TYR A 32 -5.57 -7.22 -8.45
C TYR A 32 -4.24 -7.95 -8.29
N ILE A 33 -3.93 -8.83 -9.22
CA ILE A 33 -2.68 -9.59 -9.19
C ILE A 33 -1.45 -8.67 -9.10
N PRO A 34 -1.33 -7.68 -10.00
CA PRO A 34 -0.19 -6.75 -10.00
C PRO A 34 -0.31 -5.69 -8.90
N THR A 35 0.57 -5.77 -7.91
CA THR A 35 0.57 -4.82 -6.80
C THR A 35 1.95 -4.73 -6.16
N VAL A 36 2.93 -5.42 -6.77
CA VAL A 36 4.30 -5.42 -6.28
C VAL A 36 5.26 -4.97 -7.38
N PHE A 37 4.86 -5.15 -8.64
CA PHE A 37 5.68 -4.77 -9.77
C PHE A 37 6.07 -3.29 -9.71
N ASP A 38 7.03 -2.90 -10.54
CA ASP A 38 7.49 -1.52 -10.59
C ASP A 38 6.67 -0.67 -11.56
N ASN A 39 7.20 0.48 -11.94
CA ASN A 39 6.53 1.39 -12.87
C ASN A 39 5.23 1.92 -12.29
N TYR A 40 5.32 3.02 -11.56
CA TYR A 40 4.15 3.65 -10.95
C TYR A 40 4.32 5.16 -10.84
N SER A 41 4.44 5.82 -11.99
CA SER A 41 4.60 7.27 -12.01
C SER A 41 3.67 7.91 -13.03
N ALA A 42 3.18 9.10 -12.71
CA ALA A 42 2.28 9.83 -13.59
C ALA A 42 2.49 11.33 -13.46
N ASN A 43 2.18 12.07 -14.53
CA ASN A 43 2.34 13.52 -14.53
C ASN A 43 1.02 14.21 -14.20
N VAL A 44 1.09 15.24 -13.36
CA VAL A 44 -0.10 15.98 -12.95
C VAL A 44 0.16 17.48 -12.98
N MET A 45 -0.84 18.23 -13.44
CA MET A 45 -0.75 19.68 -13.55
C MET A 45 -1.26 20.35 -12.27
N VAL A 46 -0.38 21.11 -11.62
CA VAL A 46 -0.73 21.81 -10.39
C VAL A 46 -0.26 23.26 -10.42
N ASP A 47 -1.22 24.18 -10.50
CA ASP A 47 -0.93 25.60 -10.54
C ASP A 47 -0.20 25.99 -11.83
N GLY A 48 -0.25 25.10 -12.81
CA GLY A 48 0.42 25.38 -14.07
C GLY A 48 1.86 24.95 -14.05
N LYS A 49 2.23 24.17 -13.05
CA LYS A 49 3.60 23.69 -12.91
C LYS A 49 3.63 22.16 -12.98
N PRO A 50 4.46 21.58 -13.87
CA PRO A 50 4.55 20.12 -13.99
C PRO A 50 4.89 19.48 -12.64
N VAL A 51 4.13 18.47 -12.26
CA VAL A 51 4.35 17.79 -10.99
C VAL A 51 4.45 16.27 -11.16
N ASN A 52 5.55 15.71 -10.71
CA ASN A 52 5.76 14.27 -10.77
C ASN A 52 5.00 13.58 -9.63
N LEU A 53 4.18 12.61 -9.99
CA LEU A 53 3.38 11.89 -9.00
C LEU A 53 3.93 10.50 -8.71
N GLY A 54 4.10 10.20 -7.42
CA GLY A 54 4.59 8.91 -7.01
C GLY A 54 3.47 8.01 -6.53
N LEU A 55 3.18 6.97 -7.29
CA LEU A 55 2.11 6.04 -6.94
C LEU A 55 2.64 4.82 -6.21
N TRP A 56 2.15 4.60 -4.99
CA TRP A 56 2.57 3.47 -4.18
C TRP A 56 1.36 2.79 -3.55
N ASP A 57 1.10 1.55 -3.94
CA ASP A 57 -0.03 0.80 -3.42
C ASP A 57 0.42 -0.32 -2.48
N THR A 58 0.02 -0.22 -1.22
CA THR A 58 0.39 -1.22 -0.21
C THR A 58 -0.43 -2.49 -0.39
N ALA A 59 0.22 -3.55 -0.86
CA ALA A 59 -0.45 -4.83 -1.07
C ALA A 59 -1.07 -5.35 0.22
N GLY A 60 -2.21 -6.02 0.09
CA GLY A 60 -2.88 -6.56 1.26
C GLY A 60 -2.37 -7.93 1.64
N LEU A 61 -1.23 -8.31 1.08
CA LEU A 61 -0.63 -9.62 1.37
C LEU A 61 0.36 -9.51 2.53
N GLU A 62 0.15 -10.31 3.55
CA GLU A 62 1.02 -10.29 4.73
C GLU A 62 2.34 -11.01 4.46
N ASP A 63 2.43 -11.70 3.33
CA ASP A 63 3.64 -12.42 2.96
C ASP A 63 4.77 -11.45 2.64
N TYR A 64 4.44 -10.36 1.97
CA TYR A 64 5.43 -9.35 1.60
C TYR A 64 4.89 -7.95 1.81
N ASP A 65 4.06 -7.79 2.84
CA ASP A 65 3.47 -6.50 3.16
C ASP A 65 4.55 -5.44 3.35
N ARG A 66 5.74 -5.90 3.74
CA ARG A 66 6.87 -5.01 3.97
C ARG A 66 7.58 -4.65 2.66
N LEU A 67 7.47 -5.52 1.67
CA LEU A 67 8.10 -5.30 0.37
C LEU A 67 7.23 -4.42 -0.52
N ARG A 68 7.05 -3.16 -0.11
CA ARG A 68 6.23 -2.22 -0.88
C ARG A 68 6.17 -0.83 -0.24
N PRO A 69 5.87 -0.74 1.07
CA PRO A 69 5.78 0.54 1.78
C PRO A 69 7.14 1.20 2.04
N LEU A 70 8.09 0.99 1.13
CA LEU A 70 9.41 1.58 1.26
C LEU A 70 9.31 3.10 1.35
N SER A 71 8.45 3.66 0.50
CA SER A 71 8.26 5.11 0.45
C SER A 71 7.51 5.62 1.68
N TYR A 72 6.55 4.83 2.16
CA TYR A 72 5.73 5.19 3.32
C TYR A 72 6.42 6.17 4.29
N PRO A 73 7.61 5.82 4.84
CA PRO A 73 8.32 6.70 5.78
C PRO A 73 8.62 8.08 5.18
N GLN A 74 9.21 8.09 3.99
CA GLN A 74 9.56 9.34 3.31
C GLN A 74 8.33 10.04 2.72
N THR A 75 7.27 9.28 2.51
CA THR A 75 6.03 9.80 1.92
C THR A 75 5.70 11.20 2.43
N ASP A 76 5.53 12.12 1.49
CA ASP A 76 5.19 13.51 1.82
C ASP A 76 3.83 13.58 2.48
N VAL A 77 2.91 12.74 2.01
CA VAL A 77 1.55 12.71 2.54
C VAL A 77 0.84 11.42 2.14
N PHE A 78 0.17 10.80 3.10
CA PHE A 78 -0.55 9.55 2.86
C PHE A 78 -2.06 9.80 2.80
N LEU A 79 -2.76 9.03 1.98
CA LEU A 79 -4.21 9.17 1.83
C LEU A 79 -4.94 8.13 2.68
N ILE A 80 -5.94 8.57 3.43
CA ILE A 80 -6.72 7.68 4.28
C ILE A 80 -8.02 7.28 3.57
N CYS A 81 -8.08 6.02 3.14
CA CYS A 81 -9.26 5.51 2.46
C CYS A 81 -10.15 4.71 3.41
N PHE A 82 -11.45 4.98 3.37
CA PHE A 82 -12.40 4.28 4.22
C PHE A 82 -13.78 4.22 3.56
N SER A 83 -14.67 3.40 4.12
CA SER A 83 -16.01 3.24 3.56
C SER A 83 -16.97 4.26 4.18
N LEU A 84 -17.35 5.25 3.37
CA LEU A 84 -18.24 6.30 3.83
C LEU A 84 -19.59 5.77 4.30
N VAL A 85 -20.16 4.84 3.55
CA VAL A 85 -21.47 4.28 3.89
C VAL A 85 -21.44 3.58 5.24
N SER A 86 -20.23 3.26 5.70
CA SER A 86 -20.07 2.61 7.00
C SER A 86 -19.25 3.48 7.94
N PRO A 87 -19.89 4.05 8.99
CA PRO A 87 -19.22 4.93 9.95
C PRO A 87 -18.06 4.23 10.66
N ALA A 88 -18.19 2.93 10.89
CA ALA A 88 -17.16 2.17 11.58
C ALA A 88 -15.78 2.33 10.94
N SER A 89 -15.73 2.27 9.61
CA SER A 89 -14.46 2.42 8.91
C SER A 89 -13.83 3.76 9.28
N PHE A 90 -14.69 4.76 9.47
CA PHE A 90 -14.23 6.10 9.83
C PHE A 90 -13.70 6.09 11.26
N GLU A 91 -14.35 5.30 12.11
CA GLU A 91 -13.95 5.18 13.51
C GLU A 91 -12.64 4.40 13.63
N ASN A 92 -12.39 3.53 12.65
CA ASN A 92 -11.21 2.67 12.66
C ASN A 92 -9.98 3.39 12.09
N VAL A 93 -10.17 4.18 11.05
CA VAL A 93 -9.04 4.89 10.42
C VAL A 93 -8.35 5.82 11.40
N ARG A 94 -9.12 6.65 12.10
CA ARG A 94 -8.56 7.58 13.07
C ARG A 94 -8.07 6.83 14.32
N ALA A 95 -8.61 5.63 14.51
CA ALA A 95 -8.27 4.81 15.65
C ALA A 95 -6.85 4.26 15.59
N LYS A 96 -6.47 3.67 14.45
CA LYS A 96 -5.15 3.07 14.31
C LYS A 96 -4.16 3.95 13.52
N TRP A 97 -4.61 4.55 12.43
CA TRP A 97 -3.74 5.36 11.59
C TRP A 97 -3.24 6.62 12.30
N TYR A 98 -4.11 7.31 13.03
CA TYR A 98 -3.73 8.54 13.71
C TYR A 98 -2.61 8.33 14.73
N PRO A 99 -2.73 7.32 15.63
CA PRO A 99 -1.70 7.06 16.65
C PRO A 99 -0.38 6.58 16.04
N GLU A 100 -0.47 5.92 14.90
CA GLU A 100 0.71 5.40 14.22
C GLU A 100 1.49 6.49 13.51
N VAL A 101 0.76 7.31 12.74
CA VAL A 101 1.38 8.40 12.00
C VAL A 101 2.03 9.42 12.93
N ARG A 102 1.38 9.69 14.05
CA ARG A 102 1.92 10.65 15.01
C ARG A 102 3.18 10.12 15.69
N HIS A 103 3.27 8.80 15.81
CA HIS A 103 4.43 8.17 16.46
C HIS A 103 5.63 8.12 15.52
N HIS A 104 5.39 7.73 14.27
CA HIS A 104 6.46 7.63 13.28
C HIS A 104 6.77 8.98 12.64
N CYS A 105 5.73 9.75 12.39
CA CYS A 105 5.88 11.07 11.78
C CYS A 105 5.45 12.17 12.73
N PRO A 106 6.42 12.81 13.42
CA PRO A 106 6.14 13.88 14.38
C PRO A 106 5.51 15.11 13.71
N ASN A 107 5.68 15.23 12.40
CA ASN A 107 5.12 16.35 11.66
C ASN A 107 5.04 16.06 10.17
N THR A 108 3.93 15.45 9.75
CA THR A 108 3.72 15.12 8.34
C THR A 108 2.27 15.36 7.95
N PRO A 109 2.02 16.14 6.88
CA PRO A 109 0.66 16.43 6.41
C PRO A 109 -0.06 15.16 6.00
N ILE A 110 -1.36 15.09 6.30
CA ILE A 110 -2.15 13.91 5.95
C ILE A 110 -3.47 14.30 5.29
N ILE A 111 -3.73 13.71 4.13
CA ILE A 111 -4.96 13.98 3.38
C ILE A 111 -5.99 12.91 3.68
N LEU A 112 -7.25 13.21 3.44
CA LEU A 112 -8.34 12.26 3.69
C LEU A 112 -9.09 11.97 2.39
N VAL A 113 -9.46 10.72 2.20
CA VAL A 113 -10.17 10.30 1.00
C VAL A 113 -11.44 9.51 1.33
N GLY A 114 -12.49 9.79 0.58
CA GLY A 114 -13.75 9.08 0.77
C GLY A 114 -14.06 8.17 -0.40
N THR A 115 -13.25 7.13 -0.56
CA THR A 115 -13.41 6.18 -1.66
C THR A 115 -14.80 5.55 -1.66
N LYS A 116 -15.13 4.88 -2.76
CA LYS A 116 -16.42 4.23 -2.92
C LYS A 116 -17.56 5.22 -2.73
N LEU A 117 -17.68 6.16 -3.66
CA LEU A 117 -18.74 7.16 -3.61
C LEU A 117 -19.97 6.68 -4.37
N ASP A 118 -19.75 5.77 -5.32
CA ASP A 118 -20.85 5.24 -6.13
C ASP A 118 -21.88 4.53 -5.27
N LEU A 119 -21.43 3.85 -4.22
CA LEU A 119 -22.32 3.13 -3.32
C LEU A 119 -22.67 3.98 -2.11
N ARG A 120 -22.12 5.18 -2.06
CA ARG A 120 -22.38 6.10 -0.96
C ARG A 120 -23.57 6.99 -1.29
N ASP A 121 -23.78 7.23 -2.57
CA ASP A 121 -24.88 8.06 -3.02
C ASP A 121 -25.98 7.18 -3.63
N ASP A 122 -26.06 5.94 -3.15
CA ASP A 122 -27.05 5.00 -3.66
C ASP A 122 -28.17 4.80 -2.64
N LYS A 123 -29.38 5.20 -3.04
CA LYS A 123 -30.55 5.08 -2.20
C LYS A 123 -30.74 3.66 -1.67
N ASP A 124 -30.81 2.71 -2.59
CA ASP A 124 -31.00 1.30 -2.24
C ASP A 124 -29.90 0.81 -1.29
N THR A 125 -28.65 1.14 -1.59
CA THR A 125 -27.54 0.72 -0.74
C THR A 125 -27.69 1.36 0.64
N ILE A 126 -28.04 2.64 0.66
CA ILE A 126 -28.23 3.36 1.90
C ILE A 126 -29.30 2.67 2.73
N GLU A 127 -30.32 2.19 2.03
CA GLU A 127 -31.42 1.48 2.66
C GLU A 127 -30.89 0.18 3.29
N LYS A 128 -29.92 -0.44 2.62
CA LYS A 128 -29.33 -1.67 3.10
C LYS A 128 -28.57 -1.43 4.40
N LEU A 129 -27.92 -0.28 4.50
CA LEU A 129 -27.18 0.06 5.70
C LEU A 129 -28.12 0.11 6.89
N LYS A 130 -29.33 0.59 6.65
CA LYS A 130 -30.35 0.67 7.68
C LYS A 130 -30.60 -0.70 8.29
N GLU A 131 -30.46 -1.73 7.47
CA GLU A 131 -30.66 -3.10 7.92
C GLU A 131 -29.66 -3.46 9.00
N LYS A 132 -28.49 -2.84 8.92
CA LYS A 132 -27.42 -3.09 9.88
C LYS A 132 -27.28 -1.91 10.85
N LYS A 133 -28.24 -0.99 10.77
CA LYS A 133 -28.27 0.18 11.65
C LYS A 133 -27.09 1.12 11.38
N LEU A 134 -26.60 1.13 10.13
CA LEU A 134 -25.49 2.01 9.77
C LEU A 134 -25.96 3.08 8.79
N THR A 135 -25.25 4.21 8.79
CA THR A 135 -25.58 5.32 7.89
C THR A 135 -24.31 5.86 7.22
N PRO A 136 -24.42 6.34 5.98
CA PRO A 136 -23.26 6.87 5.24
C PRO A 136 -22.77 8.19 5.81
N ILE A 137 -21.48 8.46 5.62
CA ILE A 137 -20.86 9.68 6.13
C ILE A 137 -21.11 10.86 5.21
N THR A 138 -21.40 12.01 5.80
CA THR A 138 -21.64 13.22 5.05
C THR A 138 -20.36 14.06 4.97
N TYR A 139 -20.37 15.11 4.15
CA TYR A 139 -19.19 15.96 3.98
C TYR A 139 -18.80 16.68 5.28
N PRO A 140 -19.76 17.36 5.97
CA PRO A 140 -19.46 18.08 7.21
C PRO A 140 -18.99 17.17 8.33
N GLN A 141 -19.37 15.89 8.28
CA GLN A 141 -18.98 14.94 9.31
C GLN A 141 -17.48 14.67 9.23
N GLY A 142 -16.98 14.49 8.01
CA GLY A 142 -15.57 14.24 7.81
C GLY A 142 -14.76 15.52 7.93
N LEU A 143 -15.33 16.63 7.47
CA LEU A 143 -14.65 17.92 7.53
C LEU A 143 -14.21 18.22 8.96
N ALA A 144 -15.08 17.93 9.91
CA ALA A 144 -14.78 18.16 11.32
C ALA A 144 -13.63 17.29 11.79
N MET A 145 -13.65 16.02 11.38
CA MET A 145 -12.60 15.08 11.76
C MET A 145 -11.25 15.49 11.17
N ALA A 146 -11.27 16.07 9.97
CA ALA A 146 -10.04 16.50 9.31
C ALA A 146 -9.26 17.44 10.21
N LYS A 147 -9.94 18.43 10.77
CA LYS A 147 -9.32 19.39 11.66
C LYS A 147 -8.90 18.73 12.97
N GLU A 148 -9.69 17.76 13.39
CA GLU A 148 -9.45 17.04 14.63
C GLU A 148 -8.16 16.23 14.55
N ILE A 149 -7.96 15.53 13.45
CA ILE A 149 -6.77 14.70 13.27
C ILE A 149 -5.63 15.53 12.70
N GLY A 150 -5.84 16.84 12.66
CA GLY A 150 -4.84 17.76 12.15
C GLY A 150 -4.51 17.53 10.68
N ALA A 151 -5.43 16.91 9.96
CA ALA A 151 -5.24 16.64 8.54
C ALA A 151 -5.16 17.93 7.73
N VAL A 152 -4.35 17.90 6.67
CA VAL A 152 -4.18 19.05 5.81
C VAL A 152 -5.44 19.34 4.99
N LYS A 153 -6.16 18.28 4.61
CA LYS A 153 -7.38 18.45 3.82
C LYS A 153 -8.14 17.13 3.68
N TYR A 154 -9.46 17.25 3.58
CA TYR A 154 -10.32 16.07 3.46
C TYR A 154 -11.32 16.23 2.31
N LEU A 155 -11.41 15.20 1.46
CA LEU A 155 -12.34 15.22 0.33
C LEU A 155 -12.90 13.82 0.07
N GLU A 156 -13.97 13.75 -0.73
CA GLU A 156 -14.59 12.48 -1.08
C GLU A 156 -14.62 12.30 -2.59
N CYS A 157 -14.47 11.05 -3.04
CA CYS A 157 -14.48 10.77 -4.47
C CYS A 157 -14.73 9.29 -4.76
N SER A 158 -14.99 8.99 -6.04
CA SER A 158 -15.23 7.62 -6.48
C SER A 158 -14.27 7.25 -7.59
N ALA A 159 -13.91 5.98 -7.64
CA ALA A 159 -12.99 5.50 -8.67
C ALA A 159 -13.77 5.10 -9.92
N LEU A 160 -15.03 4.73 -9.73
CA LEU A 160 -15.90 4.33 -10.84
C LEU A 160 -16.48 5.53 -11.56
N THR A 161 -16.93 6.53 -10.81
CA THR A 161 -17.53 7.72 -11.40
C THR A 161 -16.56 8.89 -11.48
N GLN A 162 -15.48 8.82 -10.70
CA GLN A 162 -14.46 9.87 -10.68
C GLN A 162 -15.01 11.16 -10.05
N ARG A 163 -15.85 11.01 -9.02
CA ARG A 163 -16.42 12.18 -8.33
C ARG A 163 -15.42 13.31 -8.21
N GLY A 164 -14.22 12.99 -7.73
CA GLY A 164 -13.19 14.00 -7.56
C GLY A 164 -11.82 13.41 -7.27
N LEU A 165 -11.40 12.44 -8.09
CA LEU A 165 -10.09 11.81 -7.92
C LEU A 165 -8.98 12.81 -8.18
N LYS A 166 -9.10 13.55 -9.27
CA LYS A 166 -8.11 14.54 -9.66
C LYS A 166 -7.85 15.52 -8.52
N THR A 167 -8.91 15.82 -7.77
CA THR A 167 -8.82 16.73 -6.65
C THR A 167 -7.97 16.14 -5.52
N VAL A 168 -8.08 14.84 -5.32
CA VAL A 168 -7.33 14.16 -4.28
C VAL A 168 -5.83 14.31 -4.51
N PHE A 169 -5.38 13.91 -5.69
CA PHE A 169 -3.97 14.00 -6.05
C PHE A 169 -3.49 15.44 -6.13
N ASP A 170 -4.32 16.30 -6.72
CA ASP A 170 -3.98 17.71 -6.87
C ASP A 170 -3.81 18.39 -5.52
N GLU A 171 -4.73 18.12 -4.61
CA GLU A 171 -4.68 18.71 -3.27
C GLU A 171 -3.60 18.06 -2.41
N ALA A 172 -3.40 16.77 -2.61
CA ALA A 172 -2.41 16.02 -1.85
C ALA A 172 -1.00 16.57 -2.10
N ILE A 173 -0.73 16.92 -3.34
CA ILE A 173 0.56 17.47 -3.72
C ILE A 173 0.82 18.75 -2.92
N ARG A 174 -0.21 19.58 -2.83
CA ARG A 174 -0.12 20.84 -2.10
C ARG A 174 0.21 20.58 -0.63
N ALA A 175 -0.29 19.45 -0.12
CA ALA A 175 -0.08 19.08 1.28
C ALA A 175 1.38 19.19 1.69
N VAL A 176 2.30 19.04 0.73
CA VAL A 176 3.71 19.15 1.03
C VAL A 176 4.28 20.52 0.68
N LEU A 177 3.75 21.14 -0.38
CA LEU A 177 4.22 22.46 -0.82
C LEU A 177 3.76 23.60 0.10
N CYS A 178 2.44 23.73 0.30
CA CYS A 178 1.91 24.82 1.13
C CYS A 178 2.07 24.52 2.64
N PRO A 179 1.26 23.62 3.26
CA PRO A 179 1.39 23.30 4.68
C PRO A 179 2.84 22.96 5.07
N PRO A 180 3.12 22.68 6.36
CA PRO A 180 4.48 22.38 6.82
C PRO A 180 5.13 21.23 6.03
N PRO A 181 6.45 21.33 5.77
CA PRO A 181 7.20 20.31 5.03
C PRO A 181 7.10 18.91 5.61
N VAL A 182 7.87 18.00 5.03
CA VAL A 182 7.87 16.61 5.47
C VAL A 182 9.23 16.23 6.08
N LYS A 183 10.09 15.61 5.26
CA LYS A 183 11.42 15.19 5.73
C LYS A 183 11.32 14.47 7.07
N LYS A 184 12.37 14.61 7.89
CA LYS A 184 12.41 13.98 9.21
C LYS A 184 12.39 12.46 9.11
N ARG A 185 13.57 11.86 9.06
CA ARG A 185 13.70 10.40 8.97
C ARG A 185 15.05 9.95 9.49
N LYS A 186 15.18 8.65 9.73
CA LYS A 186 16.43 8.08 10.23
C LYS A 186 16.63 6.66 9.71
N ARG A 187 17.88 6.19 9.74
CA ARG A 187 18.20 4.84 9.26
C ARG A 187 17.55 3.78 10.15
N LYS A 188 17.79 2.52 9.81
CA LYS A 188 17.23 1.40 10.56
C LYS A 188 17.80 1.38 11.98
N CYS A 189 17.03 0.78 12.91
CA CYS A 189 17.45 0.68 14.29
C CYS A 189 17.38 -0.76 14.78
N LEU A 190 16.51 -1.54 14.18
CA LEU A 190 16.34 -2.94 14.55
C LEU A 190 17.35 -3.83 13.83
N LEU A 191 18.14 -4.56 14.61
CA LEU A 191 19.16 -5.45 14.05
C LEU A 191 18.51 -6.58 13.25
N LEU A 192 18.39 -6.39 11.94
CA LEU A 192 17.79 -7.39 11.08
C LEU A 192 18.87 -8.25 10.42
N GLY B 1 6.77 -40.20 6.92
CA GLY B 1 5.56 -41.04 6.71
C GLY B 1 4.38 -40.24 6.18
N ILE B 2 4.54 -39.68 5.00
CA ILE B 2 3.48 -38.88 4.38
C ILE B 2 2.89 -39.59 3.16
N PRO B 3 1.55 -39.64 3.06
CA PRO B 3 0.87 -40.28 1.95
C PRO B 3 0.93 -39.44 0.68
N ALA B 4 -0.11 -39.51 -0.15
CA ALA B 4 -0.16 -38.76 -1.39
C ALA B 4 -0.10 -37.25 -1.11
N THR B 5 -0.33 -36.88 0.14
CA THR B 5 -0.32 -35.48 0.55
C THR B 5 1.05 -34.85 0.27
N ASN B 6 2.08 -35.68 0.20
CA ASN B 6 3.44 -35.19 -0.05
C ASN B 6 3.50 -34.43 -1.37
N LEU B 7 2.72 -34.87 -2.34
CA LEU B 7 2.69 -34.21 -3.65
C LEU B 7 2.27 -32.76 -3.50
N SER B 8 1.25 -32.52 -2.68
CA SER B 8 0.75 -31.18 -2.44
C SER B 8 1.78 -30.37 -1.65
N ARG B 9 2.55 -31.06 -0.82
CA ARG B 9 3.57 -30.41 -0.01
C ARG B 9 4.65 -29.81 -0.89
N VAL B 10 5.08 -30.58 -1.89
CA VAL B 10 6.10 -30.13 -2.83
C VAL B 10 5.63 -28.89 -3.59
N ALA B 11 4.43 -28.97 -4.15
CA ALA B 11 3.86 -27.85 -4.89
C ALA B 11 3.67 -26.65 -4.00
N GLY B 12 3.42 -26.91 -2.72
CA GLY B 12 3.23 -25.84 -1.76
C GLY B 12 4.48 -25.01 -1.62
N LEU B 13 5.63 -25.68 -1.65
CA LEU B 13 6.91 -24.99 -1.53
C LEU B 13 7.22 -24.25 -2.82
N GLU B 14 6.74 -24.78 -3.93
CA GLU B 14 6.93 -24.15 -5.22
C GLU B 14 6.13 -22.85 -5.26
N LYS B 15 4.92 -22.90 -4.73
CA LYS B 15 4.04 -21.76 -4.65
C LYS B 15 4.57 -20.72 -3.67
N GLN B 16 4.95 -21.18 -2.49
CA GLN B 16 5.50 -20.30 -1.45
C GLN B 16 6.77 -19.63 -1.95
N LEU B 17 7.68 -20.44 -2.45
CA LEU B 17 8.95 -19.94 -2.97
C LEU B 17 8.71 -18.92 -4.06
N ALA B 18 7.72 -19.19 -4.91
CA ALA B 18 7.39 -18.29 -6.01
C ALA B 18 6.92 -16.94 -5.47
N ILE B 19 6.10 -16.99 -4.43
CA ILE B 19 5.63 -15.78 -3.80
C ILE B 19 6.81 -14.99 -3.27
N GLU B 20 7.75 -15.73 -2.69
CA GLU B 20 8.98 -15.14 -2.17
C GLU B 20 9.79 -14.53 -3.30
N LEU B 21 9.72 -15.14 -4.48
CA LEU B 21 10.43 -14.61 -5.64
C LEU B 21 9.93 -13.22 -5.96
N LYS B 22 8.65 -12.99 -5.70
CA LYS B 22 8.04 -11.69 -5.93
C LYS B 22 8.61 -10.71 -4.92
N VAL B 23 8.87 -11.24 -3.74
CA VAL B 23 9.45 -10.46 -2.66
C VAL B 23 10.89 -10.05 -2.97
N LYS B 24 11.70 -11.03 -3.33
CA LYS B 24 13.10 -10.80 -3.66
C LYS B 24 13.23 -9.86 -4.86
N GLN B 25 12.52 -10.19 -5.93
CA GLN B 25 12.55 -9.37 -7.15
C GLN B 25 12.06 -7.96 -6.87
N GLY B 26 11.18 -7.82 -5.89
CA GLY B 26 10.63 -6.52 -5.57
C GLY B 26 11.68 -5.58 -4.98
N ALA B 27 12.41 -6.08 -3.99
CA ALA B 27 13.44 -5.29 -3.33
C ALA B 27 14.58 -4.95 -4.30
N GLU B 28 15.00 -5.95 -5.06
CA GLU B 28 16.10 -5.77 -6.01
C GLU B 28 15.79 -4.65 -7.00
N ASN B 29 14.56 -4.66 -7.54
CA ASN B 29 14.15 -3.63 -8.50
C ASN B 29 14.27 -2.25 -7.87
N MET B 30 13.79 -2.12 -6.63
CA MET B 30 13.85 -0.85 -5.92
C MET B 30 15.28 -0.41 -5.71
N ILE B 31 16.18 -1.38 -5.52
CA ILE B 31 17.58 -1.10 -5.30
C ILE B 31 18.23 -0.55 -6.58
N GLN B 32 17.98 -1.21 -7.70
CA GLN B 32 18.55 -0.80 -8.97
C GLN B 32 18.13 0.62 -9.34
N THR B 33 16.93 1.01 -8.90
CA THR B 33 16.41 2.34 -9.18
C THR B 33 17.24 3.43 -8.50
N TYR B 34 17.48 3.27 -7.20
CA TYR B 34 18.25 4.25 -6.43
C TYR B 34 19.74 4.01 -6.54
N SER B 35 20.12 2.82 -7.00
CA SER B 35 21.54 2.47 -7.14
C SER B 35 22.20 3.31 -8.23
N ASN B 36 21.91 2.97 -9.49
CA ASN B 36 22.48 3.67 -10.63
C ASN B 36 21.59 4.85 -11.05
N GLY B 37 22.02 5.56 -12.08
CA GLY B 37 21.25 6.69 -12.57
C GLY B 37 21.41 7.92 -11.69
N SER B 38 20.56 8.92 -11.90
CA SER B 38 20.62 10.15 -11.14
C SER B 38 19.64 10.11 -9.97
N THR B 39 20.15 9.80 -8.78
CA THR B 39 19.32 9.73 -7.59
C THR B 39 20.05 10.30 -6.37
N LYS B 40 19.40 10.23 -5.22
CA LYS B 40 19.99 10.73 -3.98
C LYS B 40 19.29 10.14 -2.76
N ASP B 41 18.12 9.56 -2.99
CA ASP B 41 17.35 8.94 -1.90
C ASP B 41 18.01 7.66 -1.43
N ARG B 42 18.97 7.79 -0.51
CA ARG B 42 19.68 6.64 0.03
C ARG B 42 18.81 5.88 1.03
N LYS B 43 17.87 6.57 1.65
CA LYS B 43 16.99 5.95 2.64
C LYS B 43 16.21 4.80 2.01
N LEU B 44 15.55 5.08 0.89
CA LEU B 44 14.78 4.05 0.19
C LEU B 44 15.69 2.92 -0.26
N LEU B 45 16.92 3.28 -0.60
CA LEU B 45 17.91 2.31 -1.06
C LEU B 45 18.39 1.45 0.10
N LEU B 46 18.44 2.05 1.29
CA LEU B 46 18.91 1.35 2.48
C LEU B 46 17.92 0.25 2.87
N THR B 47 16.63 0.57 2.87
CA THR B 47 15.61 -0.40 3.23
C THR B 47 15.55 -1.52 2.20
N ALA B 48 15.60 -1.14 0.93
CA ALA B 48 15.54 -2.10 -0.15
C ALA B 48 16.67 -3.11 -0.03
N GLN B 49 17.83 -2.65 0.42
CA GLN B 49 19.00 -3.50 0.59
C GLN B 49 18.79 -4.52 1.71
N GLN B 50 18.34 -4.06 2.86
CA GLN B 50 18.13 -4.94 4.00
C GLN B 50 16.94 -5.89 3.77
N MET B 51 15.81 -5.34 3.36
CA MET B 51 14.63 -6.15 3.10
C MET B 51 14.91 -7.22 2.05
N LEU B 52 15.85 -6.92 1.14
CA LEU B 52 16.22 -7.87 0.10
C LEU B 52 17.00 -9.04 0.70
N GLN B 53 17.90 -8.73 1.63
CA GLN B 53 18.71 -9.74 2.29
C GLN B 53 17.81 -10.74 3.01
N ASP B 54 16.77 -10.21 3.66
CA ASP B 54 15.82 -11.02 4.38
C ASP B 54 15.09 -11.94 3.42
N SER B 55 14.79 -11.40 2.24
CA SER B 55 14.08 -12.14 1.21
C SER B 55 14.96 -13.27 0.66
N LYS B 56 16.24 -12.99 0.48
CA LYS B 56 17.17 -13.99 -0.06
C LYS B 56 17.20 -15.23 0.83
N THR B 57 17.28 -15.02 2.13
CA THR B 57 17.32 -16.12 3.08
C THR B 57 16.04 -16.94 3.00
N LYS B 58 14.91 -16.26 2.88
CA LYS B 58 13.61 -16.92 2.79
C LYS B 58 13.57 -17.91 1.63
N ILE B 59 14.04 -17.48 0.47
CA ILE B 59 14.06 -18.36 -0.70
C ILE B 59 15.02 -19.53 -0.46
N ASP B 60 16.14 -19.23 0.19
CA ASP B 60 17.15 -20.25 0.48
C ASP B 60 16.60 -21.43 1.28
N ILE B 61 15.86 -21.14 2.35
CA ILE B 61 15.31 -22.21 3.18
C ILE B 61 14.22 -22.99 2.46
N ILE B 62 13.29 -22.27 1.84
CA ILE B 62 12.21 -22.91 1.11
C ILE B 62 12.75 -23.77 -0.03
N ARG B 63 13.78 -23.26 -0.69
CA ARG B 63 14.40 -23.95 -1.81
C ARG B 63 15.08 -25.24 -1.36
N MET B 64 15.87 -25.17 -0.29
CA MET B 64 16.57 -26.35 0.22
C MET B 64 15.60 -27.41 0.71
N GLN B 65 14.58 -26.98 1.45
CA GLN B 65 13.59 -27.90 1.98
C GLN B 65 12.84 -28.58 0.85
N LEU B 66 12.58 -27.84 -0.21
CA LEU B 66 11.89 -28.37 -1.36
C LEU B 66 12.66 -29.56 -1.91
N ARG B 67 13.98 -29.39 -2.01
CA ARG B 67 14.85 -30.45 -2.50
C ARG B 67 14.73 -31.66 -1.59
N ARG B 68 14.51 -31.39 -0.29
CA ARG B 68 14.38 -32.46 0.69
C ARG B 68 13.12 -33.27 0.42
N ALA B 69 12.11 -32.60 -0.11
CA ALA B 69 10.83 -33.23 -0.42
C ALA B 69 10.96 -34.22 -1.58
N LEU B 70 11.59 -33.78 -2.66
CA LEU B 70 11.77 -34.63 -3.84
C LEU B 70 12.64 -35.82 -3.50
N GLN B 71 13.56 -35.63 -2.57
CA GLN B 71 14.45 -36.70 -2.14
C GLN B 71 13.66 -37.75 -1.36
N ALA B 72 12.92 -37.30 -0.35
CA ALA B 72 12.12 -38.19 0.47
C ALA B 72 11.02 -38.84 -0.35
N ASP B 73 10.79 -38.29 -1.54
CA ASP B 73 9.76 -38.82 -2.44
C ASP B 73 10.36 -39.85 -3.39
N GLN B 74 11.63 -39.63 -3.75
CA GLN B 74 12.33 -40.54 -4.65
C GLN B 74 12.55 -41.89 -3.96
N LEU B 75 12.81 -41.84 -2.65
CA LEU B 75 13.03 -43.06 -1.88
C LEU B 75 11.74 -43.49 -1.17
N GLU B 76 10.66 -42.77 -1.48
CA GLU B 76 9.35 -43.04 -0.88
C GLU B 76 9.36 -42.78 0.63
N ASN B 77 10.00 -43.66 1.38
CA ASN B 77 10.07 -43.51 2.84
C ASN B 77 11.47 -43.83 3.35
N GLN B 78 11.93 -45.06 3.09
CA GLN B 78 13.24 -45.51 3.53
C GLN B 78 13.34 -45.48 5.06
N ALA B 79 13.03 -46.61 5.69
CA ALA B 79 13.08 -46.70 7.14
C ALA B 79 14.53 -46.60 7.63
N ALA B 80 14.70 -46.06 8.84
CA ALA B 80 16.02 -45.89 9.42
C ALA B 80 16.61 -47.25 9.83
N PRO B 81 17.92 -47.46 9.59
CA PRO B 81 18.59 -48.71 9.94
C PRO B 81 18.36 -49.12 11.40
N MET A 1 10.62 19.21 -11.35
CA MET A 1 9.51 18.23 -11.17
C MET A 1 9.30 17.94 -9.69
N GLN A 2 8.16 18.36 -9.16
CA GLN A 2 7.85 18.13 -7.76
C GLN A 2 7.48 16.66 -7.54
N ALA A 3 8.44 15.89 -7.07
CA ALA A 3 8.20 14.46 -6.82
C ALA A 3 7.75 14.24 -5.39
N ILE A 4 6.54 13.71 -5.25
CA ILE A 4 5.97 13.45 -3.94
C ILE A 4 5.59 11.98 -3.79
N LYS A 5 5.88 11.41 -2.63
CA LYS A 5 5.58 10.00 -2.36
C LYS A 5 4.23 9.87 -1.65
N CYS A 6 3.28 9.26 -2.34
CA CYS A 6 1.94 9.07 -1.78
C CYS A 6 1.60 7.59 -1.65
N VAL A 7 1.27 7.17 -0.43
CA VAL A 7 0.92 5.78 -0.17
C VAL A 7 -0.56 5.67 0.23
N VAL A 8 -1.25 4.73 -0.40
CA VAL A 8 -2.66 4.51 -0.11
C VAL A 8 -2.86 3.31 0.83
N VAL A 9 -3.51 3.57 1.97
CA VAL A 9 -3.76 2.52 2.94
C VAL A 9 -5.19 2.60 3.47
N GLY A 10 -5.70 1.47 3.96
CA GLY A 10 -7.05 1.44 4.50
C GLY A 10 -7.39 0.10 5.13
N ASP A 11 -8.24 0.14 6.15
CA ASP A 11 -8.64 -1.08 6.84
C ASP A 11 -9.47 -1.98 5.93
N GLY A 12 -10.05 -1.39 4.89
CA GLY A 12 -10.87 -2.14 3.97
C GLY A 12 -10.12 -3.29 3.34
N ALA A 13 -10.81 -4.40 3.13
CA ALA A 13 -10.20 -5.59 2.53
C ALA A 13 -9.61 -5.26 1.17
N VAL A 14 -10.27 -4.38 0.42
CA VAL A 14 -9.81 -3.99 -0.90
C VAL A 14 -10.07 -2.51 -1.16
N GLY A 15 -9.17 -1.87 -1.90
CA GLY A 15 -9.34 -0.46 -2.22
C GLY A 15 -8.04 0.31 -2.30
N LYS A 16 -6.93 -0.30 -1.86
CA LYS A 16 -5.63 0.37 -1.88
C LYS A 16 -5.06 0.51 -3.30
N THR A 17 -5.08 -0.57 -4.09
CA THR A 17 -4.53 -0.53 -5.44
C THR A 17 -5.51 0.09 -6.45
N CYS A 18 -6.81 -0.12 -6.22
CA CYS A 18 -7.84 0.40 -7.12
C CYS A 18 -7.80 1.93 -7.21
N LEU A 19 -7.57 2.59 -6.09
CA LEU A 19 -7.53 4.05 -6.05
C LEU A 19 -6.41 4.60 -6.94
N LEU A 20 -5.24 3.97 -6.85
CA LEU A 20 -4.08 4.40 -7.64
C LEU A 20 -4.26 4.13 -9.14
N ILE A 21 -4.75 2.94 -9.48
CA ILE A 21 -4.95 2.57 -10.88
C ILE A 21 -6.03 3.40 -11.55
N SER A 22 -7.09 3.71 -10.82
CA SER A 22 -8.20 4.48 -11.36
C SER A 22 -7.75 5.86 -11.84
N TYR A 23 -6.82 6.47 -11.14
CA TYR A 23 -6.34 7.80 -11.50
C TYR A 23 -5.52 7.77 -12.79
N THR A 24 -4.76 6.71 -13.00
CA THR A 24 -3.91 6.59 -14.18
C THR A 24 -4.58 5.90 -15.36
N THR A 25 -5.61 5.08 -15.12
CA THR A 25 -6.28 4.36 -16.20
C THR A 25 -7.74 4.73 -16.31
N ASN A 26 -8.26 5.44 -15.32
CA ASN A 26 -9.67 5.84 -15.31
C ASN A 26 -10.56 4.60 -15.32
N ALA A 27 -9.93 3.44 -15.18
CA ALA A 27 -10.66 2.18 -15.18
C ALA A 27 -9.80 1.05 -14.65
N PHE A 28 -10.06 0.62 -13.42
CA PHE A 28 -9.31 -0.46 -12.80
C PHE A 28 -9.68 -1.81 -13.42
N PRO A 29 -8.69 -2.54 -13.96
CA PRO A 29 -8.93 -3.86 -14.59
C PRO A 29 -9.77 -4.77 -13.71
N GLY A 30 -9.67 -4.59 -12.40
CA GLY A 30 -10.44 -5.40 -11.47
C GLY A 30 -9.76 -6.72 -11.14
N GLU A 31 -8.49 -6.65 -10.75
CA GLU A 31 -7.73 -7.85 -10.41
C GLU A 31 -7.23 -7.77 -8.97
N TYR A 32 -6.64 -8.85 -8.50
CA TYR A 32 -6.11 -8.91 -7.13
C TYR A 32 -4.71 -9.51 -7.10
N ILE A 33 -4.28 -10.05 -8.25
CA ILE A 33 -2.97 -10.67 -8.35
C ILE A 33 -1.86 -9.61 -8.40
N PRO A 34 -1.96 -8.60 -9.29
CA PRO A 34 -0.96 -7.56 -9.41
C PRO A 34 -1.03 -6.53 -8.28
N THR A 35 0.07 -6.37 -7.57
CA THR A 35 0.14 -5.42 -6.46
C THR A 35 1.59 -5.11 -6.11
N VAL A 36 2.51 -5.89 -6.67
CA VAL A 36 3.94 -5.70 -6.43
C VAL A 36 4.72 -5.78 -7.74
N PHE A 37 5.14 -4.62 -8.23
CA PHE A 37 5.89 -4.54 -9.47
C PHE A 37 6.47 -3.15 -9.67
N ASP A 38 6.95 -2.86 -10.87
CA ASP A 38 7.54 -1.57 -11.19
C ASP A 38 6.56 -0.70 -11.98
N ASN A 39 7.00 0.49 -12.36
CA ASN A 39 6.16 1.43 -13.12
C ASN A 39 4.93 1.85 -12.32
N TYR A 40 5.03 2.99 -11.64
CA TYR A 40 3.94 3.50 -10.83
C TYR A 40 3.99 5.02 -10.75
N SER A 41 4.77 5.64 -11.63
CA SER A 41 4.90 7.10 -11.63
C SER A 41 3.94 7.73 -12.64
N ALA A 42 3.56 8.97 -12.37
CA ALA A 42 2.65 9.70 -13.24
C ALA A 42 2.94 11.20 -13.21
N ASN A 43 2.65 11.87 -14.32
CA ASN A 43 2.88 13.31 -14.41
C ASN A 43 1.56 14.07 -14.24
N VAL A 44 1.56 15.07 -13.37
CA VAL A 44 0.37 15.86 -13.11
C VAL A 44 0.69 17.34 -13.07
N MET A 45 -0.25 18.16 -13.54
CA MET A 45 -0.08 19.61 -13.58
C MET A 45 -0.71 20.25 -12.34
N VAL A 46 0.12 20.91 -11.54
CA VAL A 46 -0.36 21.57 -10.32
C VAL A 46 0.16 23.00 -10.25
N ASP A 47 -0.75 23.96 -10.35
CA ASP A 47 -0.39 25.38 -10.27
C ASP A 47 0.53 25.78 -11.42
N GLY A 48 0.53 24.98 -12.50
CA GLY A 48 1.39 25.29 -13.63
C GLY A 48 2.80 24.80 -13.41
N LYS A 49 2.96 23.94 -12.42
CA LYS A 49 4.26 23.39 -12.08
C LYS A 49 4.24 21.87 -12.18
N PRO A 50 4.97 21.29 -13.16
CA PRO A 50 4.99 19.83 -13.33
C PRO A 50 5.42 19.13 -12.05
N VAL A 51 4.66 18.13 -11.64
CA VAL A 51 4.97 17.40 -10.41
C VAL A 51 5.01 15.90 -10.64
N ASN A 52 6.07 15.27 -10.15
CA ASN A 52 6.25 13.83 -10.25
C ASN A 52 5.41 13.14 -9.18
N LEU A 53 4.54 12.23 -9.63
CA LEU A 53 3.67 11.51 -8.72
C LEU A 53 4.10 10.06 -8.53
N GLY A 54 4.20 9.63 -7.27
CA GLY A 54 4.58 8.28 -6.97
C GLY A 54 3.43 7.48 -6.40
N LEU A 55 3.04 6.41 -7.10
CA LEU A 55 1.93 5.58 -6.66
C LEU A 55 2.44 4.36 -5.88
N TRP A 56 2.05 4.26 -4.62
CA TRP A 56 2.47 3.15 -3.78
C TRP A 56 1.27 2.46 -3.15
N ASP A 57 1.09 1.18 -3.46
CA ASP A 57 -0.03 0.41 -2.93
C ASP A 57 0.46 -0.64 -1.92
N THR A 58 -0.09 -0.58 -0.71
CA THR A 58 0.29 -1.52 0.34
C THR A 58 -0.61 -2.76 0.31
N ALA A 59 -0.07 -3.86 -0.18
CA ALA A 59 -0.82 -5.11 -0.27
C ALA A 59 -1.19 -5.63 1.12
N GLY A 60 -2.38 -6.19 1.23
CA GLY A 60 -2.84 -6.71 2.50
C GLY A 60 -2.16 -8.02 2.87
N LEU A 61 -1.31 -8.51 1.99
CA LEU A 61 -0.59 -9.76 2.22
C LEU A 61 0.30 -9.64 3.46
N GLU A 62 0.18 -10.60 4.36
CA GLU A 62 0.97 -10.60 5.60
C GLU A 62 2.38 -11.13 5.38
N ASP A 63 2.56 -11.92 4.34
CA ASP A 63 3.86 -12.51 4.04
C ASP A 63 4.91 -11.43 3.78
N TYR A 64 4.56 -10.45 2.96
CA TYR A 64 5.47 -9.36 2.62
C TYR A 64 5.95 -8.66 3.88
N ASP A 65 5.03 -7.95 4.55
CA ASP A 65 5.33 -7.23 5.77
C ASP A 65 6.40 -6.15 5.53
N ARG A 66 7.65 -6.57 5.45
CA ARG A 66 8.77 -5.66 5.23
C ARG A 66 8.80 -5.16 3.78
N LEU A 67 8.70 -6.09 2.83
CA LEU A 67 8.74 -5.75 1.42
C LEU A 67 7.50 -4.97 0.99
N ARG A 68 7.73 -3.82 0.34
CA ARG A 68 6.69 -2.91 -0.19
C ARG A 68 6.49 -1.64 0.65
N PRO A 69 6.10 -1.73 1.94
CA PRO A 69 5.86 -0.55 2.77
C PRO A 69 7.13 0.03 3.40
N LEU A 70 8.29 -0.22 2.80
CA LEU A 70 9.53 0.32 3.33
C LEU A 70 9.56 1.83 3.15
N SER A 71 8.82 2.31 2.16
CA SER A 71 8.74 3.73 1.85
C SER A 71 7.84 4.46 2.85
N TYR A 72 6.76 3.79 3.26
CA TYR A 72 5.78 4.35 4.19
C TYR A 72 6.39 5.38 5.15
N PRO A 73 7.46 5.05 5.90
CA PRO A 73 8.09 5.99 6.85
C PRO A 73 8.52 7.29 6.17
N GLN A 74 9.25 7.16 5.06
CA GLN A 74 9.73 8.33 4.32
C GLN A 74 8.62 9.01 3.53
N THR A 75 7.54 8.28 3.25
CA THR A 75 6.41 8.82 2.49
C THR A 75 6.11 10.26 2.86
N ASP A 76 5.88 11.08 1.84
CA ASP A 76 5.60 12.49 2.03
C ASP A 76 4.19 12.71 2.59
N VAL A 77 3.24 11.90 2.13
CA VAL A 77 1.86 12.01 2.59
C VAL A 77 1.10 10.71 2.37
N PHE A 78 0.22 10.39 3.31
CA PHE A 78 -0.57 9.16 3.23
C PHE A 78 -2.06 9.49 3.07
N LEU A 79 -2.78 8.64 2.33
CA LEU A 79 -4.20 8.84 2.11
C LEU A 79 -5.02 7.86 2.96
N ILE A 80 -6.04 8.39 3.65
CA ILE A 80 -6.89 7.56 4.48
C ILE A 80 -8.17 7.21 3.74
N CYS A 81 -8.25 5.98 3.26
CA CYS A 81 -9.43 5.52 2.52
C CYS A 81 -10.40 4.78 3.45
N PHE A 82 -11.67 5.16 3.37
CA PHE A 82 -12.70 4.54 4.19
C PHE A 82 -14.06 4.57 3.47
N SER A 83 -15.01 3.80 3.98
CA SER A 83 -16.34 3.74 3.38
C SER A 83 -17.26 4.79 3.99
N LEU A 84 -17.64 5.77 3.17
CA LEU A 84 -18.51 6.86 3.62
C LEU A 84 -19.88 6.34 4.06
N VAL A 85 -20.45 5.44 3.26
CA VAL A 85 -21.78 4.90 3.56
C VAL A 85 -21.80 4.18 4.91
N SER A 86 -20.63 3.85 5.41
CA SER A 86 -20.52 3.17 6.70
C SER A 86 -19.68 3.98 7.68
N PRO A 87 -20.32 4.65 8.66
CA PRO A 87 -19.63 5.48 9.64
C PRO A 87 -18.56 4.72 10.41
N ALA A 88 -18.75 3.41 10.58
CA ALA A 88 -17.80 2.59 11.31
C ALA A 88 -16.40 2.69 10.74
N SER A 89 -16.27 2.64 9.41
CA SER A 89 -14.98 2.74 8.77
C SER A 89 -14.31 4.04 9.18
N PHE A 90 -15.12 5.08 9.36
CA PHE A 90 -14.63 6.38 9.76
C PHE A 90 -14.14 6.33 11.21
N GLU A 91 -14.84 5.54 12.02
CA GLU A 91 -14.50 5.37 13.43
C GLU A 91 -13.21 4.57 13.60
N ASN A 92 -12.93 3.70 12.64
CA ASN A 92 -11.76 2.83 12.69
C ASN A 92 -10.50 3.54 12.18
N VAL A 93 -10.63 4.31 11.10
CA VAL A 93 -9.49 5.00 10.52
C VAL A 93 -8.81 5.91 11.55
N ARG A 94 -9.60 6.73 12.23
CA ARG A 94 -9.07 7.64 13.23
C ARG A 94 -8.67 6.89 14.50
N ALA A 95 -9.26 5.71 14.66
CA ALA A 95 -9.02 4.87 15.83
C ALA A 95 -7.60 4.29 15.87
N LYS A 96 -7.13 3.74 14.74
CA LYS A 96 -5.81 3.12 14.71
C LYS A 96 -4.73 3.99 14.04
N TRP A 97 -5.08 4.63 12.93
CA TRP A 97 -4.11 5.46 12.20
C TRP A 97 -3.67 6.70 12.98
N TYR A 98 -4.60 7.35 13.65
CA TYR A 98 -4.27 8.58 14.39
C TYR A 98 -3.29 8.34 15.55
N PRO A 99 -3.54 7.32 16.41
CA PRO A 99 -2.66 7.05 17.57
C PRO A 99 -1.24 6.65 17.15
N GLU A 100 -1.12 6.07 15.96
CA GLU A 100 0.18 5.61 15.46
C GLU A 100 1.04 6.77 15.00
N VAL A 101 0.47 7.66 14.20
CA VAL A 101 1.21 8.82 13.69
C VAL A 101 1.58 9.78 14.82
N ARG A 102 0.67 9.96 15.76
CA ARG A 102 0.91 10.86 16.89
C ARG A 102 1.97 10.31 17.82
N HIS A 103 2.09 8.98 17.86
CA HIS A 103 3.06 8.31 18.71
C HIS A 103 4.49 8.72 18.36
N HIS A 104 4.73 8.88 17.06
CA HIS A 104 6.05 9.28 16.58
C HIS A 104 6.13 10.78 16.39
N CYS A 105 4.99 11.37 16.07
CA CYS A 105 4.89 12.81 15.85
C CYS A 105 5.84 13.27 14.75
N PRO A 106 5.79 12.63 13.55
CA PRO A 106 6.66 12.99 12.42
C PRO A 106 6.32 14.37 11.88
N ASN A 107 5.18 14.91 12.30
CA ASN A 107 4.71 16.21 11.84
C ASN A 107 4.40 16.17 10.35
N THR A 108 4.20 14.97 9.84
CA THR A 108 3.90 14.76 8.43
C THR A 108 2.42 15.03 8.13
N PRO A 109 2.13 15.77 7.04
CA PRO A 109 0.75 16.08 6.66
C PRO A 109 -0.03 14.82 6.28
N ILE A 110 -1.35 14.87 6.38
CA ILE A 110 -2.17 13.71 6.06
C ILE A 110 -3.45 14.11 5.32
N ILE A 111 -3.67 13.49 4.18
CA ILE A 111 -4.86 13.76 3.37
C ILE A 111 -5.94 12.73 3.68
N LEU A 112 -7.19 13.07 3.38
CA LEU A 112 -8.30 12.17 3.61
C LEU A 112 -9.02 11.85 2.32
N VAL A 113 -9.31 10.56 2.11
CA VAL A 113 -9.98 10.12 0.90
C VAL A 113 -11.24 9.32 1.18
N GLY A 114 -12.33 9.72 0.53
CA GLY A 114 -13.60 9.03 0.71
C GLY A 114 -13.89 8.14 -0.48
N THR A 115 -13.16 7.03 -0.57
CA THR A 115 -13.32 6.10 -1.68
C THR A 115 -14.75 5.55 -1.77
N LYS A 116 -15.03 4.88 -2.88
CA LYS A 116 -16.35 4.30 -3.11
C LYS A 116 -17.43 5.36 -2.99
N LEU A 117 -17.49 6.26 -3.96
CA LEU A 117 -18.49 7.33 -3.98
C LEU A 117 -19.72 6.89 -4.76
N ASP A 118 -19.53 5.92 -5.66
CA ASP A 118 -20.63 5.41 -6.47
C ASP A 118 -21.75 4.85 -5.61
N LEU A 119 -21.39 4.18 -4.52
CA LEU A 119 -22.37 3.60 -3.61
C LEU A 119 -22.72 4.56 -2.49
N ARG A 120 -22.03 5.69 -2.43
CA ARG A 120 -22.26 6.70 -1.42
C ARG A 120 -23.37 7.65 -1.86
N ASP A 121 -23.48 7.83 -3.16
CA ASP A 121 -24.51 8.69 -3.72
C ASP A 121 -25.59 7.83 -4.36
N ASP A 122 -25.70 6.59 -3.88
CA ASP A 122 -26.69 5.66 -4.41
C ASP A 122 -27.92 5.58 -3.51
N LYS A 123 -29.04 6.02 -4.04
CA LYS A 123 -30.31 6.03 -3.32
C LYS A 123 -30.63 4.65 -2.74
N ASP A 124 -30.71 3.66 -3.62
CA ASP A 124 -31.03 2.31 -3.22
C ASP A 124 -30.05 1.77 -2.17
N THR A 125 -28.76 1.99 -2.38
CA THR A 125 -27.75 1.54 -1.42
C THR A 125 -27.96 2.24 -0.09
N ILE A 126 -28.22 3.54 -0.15
CA ILE A 126 -28.46 4.32 1.05
C ILE A 126 -29.65 3.75 1.80
N GLU A 127 -30.65 3.33 1.05
CA GLU A 127 -31.85 2.73 1.61
C GLU A 127 -31.47 1.45 2.35
N LYS A 128 -30.49 0.73 1.80
CA LYS A 128 -30.03 -0.52 2.39
C LYS A 128 -29.31 -0.27 3.71
N LEU A 129 -28.57 0.83 3.80
CA LEU A 129 -27.85 1.15 5.01
C LEU A 129 -28.82 1.31 6.17
N LYS A 130 -29.98 1.86 5.89
CA LYS A 130 -31.02 2.06 6.88
C LYS A 130 -31.39 0.73 7.52
N GLU A 131 -31.31 -0.33 6.72
CA GLU A 131 -31.64 -1.67 7.19
C GLU A 131 -30.67 -2.12 8.27
N LYS A 132 -29.44 -1.63 8.19
CA LYS A 132 -28.41 -1.97 9.15
C LYS A 132 -28.19 -0.83 10.14
N LYS A 133 -29.09 0.15 10.10
CA LYS A 133 -29.03 1.30 11.01
C LYS A 133 -27.79 2.16 10.75
N LEU A 134 -27.29 2.14 9.52
CA LEU A 134 -26.12 2.95 9.16
C LEU A 134 -26.49 4.06 8.19
N THR A 135 -25.73 5.15 8.24
CA THR A 135 -25.96 6.29 7.36
C THR A 135 -24.65 6.76 6.74
N PRO A 136 -24.69 7.19 5.45
CA PRO A 136 -23.48 7.64 4.75
C PRO A 136 -22.96 8.98 5.28
N ILE A 137 -21.65 9.16 5.19
CA ILE A 137 -21.00 10.37 5.68
C ILE A 137 -21.20 11.55 4.74
N THR A 138 -21.47 12.71 5.31
CA THR A 138 -21.66 13.93 4.54
C THR A 138 -20.36 14.72 4.48
N TYR A 139 -20.31 15.73 3.62
CA TYR A 139 -19.10 16.53 3.46
C TYR A 139 -18.66 17.20 4.77
N PRO A 140 -19.58 17.90 5.49
CA PRO A 140 -19.24 18.56 6.75
C PRO A 140 -18.82 17.57 7.85
N GLN A 141 -19.32 16.35 7.76
CA GLN A 141 -18.99 15.33 8.76
C GLN A 141 -17.52 14.99 8.71
N GLY A 142 -16.99 14.81 7.51
CA GLY A 142 -15.58 14.50 7.36
C GLY A 142 -14.71 15.72 7.55
N LEU A 143 -15.21 16.87 7.10
CA LEU A 143 -14.48 18.12 7.25
C LEU A 143 -14.09 18.36 8.70
N ALA A 144 -15.05 18.12 9.60
CA ALA A 144 -14.82 18.31 11.03
C ALA A 144 -13.74 17.34 11.52
N MET A 145 -13.73 16.13 10.95
CA MET A 145 -12.77 15.11 11.32
C MET A 145 -11.35 15.51 10.92
N ALA A 146 -11.24 16.22 9.80
CA ALA A 146 -9.94 16.67 9.30
C ALA A 146 -9.30 17.66 10.25
N LYS A 147 -10.11 18.46 10.93
CA LYS A 147 -9.60 19.46 11.86
C LYS A 147 -8.99 18.83 13.11
N GLU A 148 -9.66 17.84 13.65
CA GLU A 148 -9.21 17.16 14.87
C GLU A 148 -7.95 16.34 14.63
N ILE A 149 -7.93 15.57 13.55
CA ILE A 149 -6.78 14.75 13.23
C ILE A 149 -5.67 15.60 12.61
N GLY A 150 -5.95 16.89 12.49
CA GLY A 150 -4.99 17.81 11.94
C GLY A 150 -4.67 17.53 10.49
N ALA A 151 -5.63 16.93 9.78
CA ALA A 151 -5.45 16.60 8.37
C ALA A 151 -5.25 17.84 7.53
N VAL A 152 -4.37 17.75 6.56
CA VAL A 152 -4.08 18.87 5.68
C VAL A 152 -5.27 19.17 4.77
N LYS A 153 -6.00 18.14 4.38
CA LYS A 153 -7.17 18.31 3.52
C LYS A 153 -7.97 17.02 3.39
N TYR A 154 -9.28 17.16 3.26
CA TYR A 154 -10.18 16.02 3.14
C TYR A 154 -11.13 16.18 1.96
N LEU A 155 -11.24 15.14 1.14
CA LEU A 155 -12.15 15.17 -0.02
C LEU A 155 -12.75 13.78 -0.27
N GLU A 156 -13.80 13.75 -1.09
CA GLU A 156 -14.47 12.49 -1.43
C GLU A 156 -14.42 12.25 -2.94
N CYS A 157 -14.29 10.99 -3.34
CA CYS A 157 -14.22 10.65 -4.76
C CYS A 157 -14.49 9.17 -5.02
N SER A 158 -14.67 8.83 -6.29
CA SER A 158 -14.92 7.43 -6.69
C SER A 158 -13.92 6.99 -7.75
N ALA A 159 -13.59 5.72 -7.74
CA ALA A 159 -12.67 5.17 -8.72
C ALA A 159 -13.42 4.65 -9.95
N LEU A 160 -14.68 4.29 -9.74
CA LEU A 160 -15.52 3.79 -10.82
C LEU A 160 -16.10 4.93 -11.66
N THR A 161 -16.58 5.98 -10.98
CA THR A 161 -17.18 7.12 -11.67
C THR A 161 -16.20 8.27 -11.83
N GLN A 162 -15.07 8.20 -11.12
CA GLN A 162 -14.05 9.24 -11.19
C GLN A 162 -14.57 10.59 -10.67
N ARG A 163 -15.36 10.56 -9.59
CA ARG A 163 -15.90 11.79 -9.01
C ARG A 163 -14.84 12.90 -8.97
N GLY A 164 -13.80 12.70 -8.18
CA GLY A 164 -12.75 13.69 -8.07
C GLY A 164 -11.40 13.10 -7.69
N LEU A 165 -10.95 12.10 -8.44
CA LEU A 165 -9.66 11.47 -8.18
C LEU A 165 -8.52 12.44 -8.37
N LYS A 166 -8.56 13.16 -9.49
CA LYS A 166 -7.52 14.14 -9.82
C LYS A 166 -7.33 15.13 -8.69
N THR A 167 -8.44 15.50 -8.05
CA THR A 167 -8.41 16.43 -6.93
C THR A 167 -7.65 15.85 -5.74
N VAL A 168 -7.80 14.55 -5.53
CA VAL A 168 -7.14 13.89 -4.41
C VAL A 168 -5.62 14.02 -4.51
N PHE A 169 -5.09 13.60 -5.66
CA PHE A 169 -3.65 13.67 -5.91
C PHE A 169 -3.18 15.11 -6.00
N ASP A 170 -3.94 15.93 -6.69
CA ASP A 170 -3.61 17.34 -6.88
C ASP A 170 -3.46 18.06 -5.53
N GLU A 171 -4.42 17.83 -4.65
CA GLU A 171 -4.41 18.46 -3.33
C GLU A 171 -3.38 17.81 -2.42
N ALA A 172 -3.19 16.50 -2.58
CA ALA A 172 -2.23 15.76 -1.78
C ALA A 172 -0.83 16.29 -1.98
N ILE A 173 -0.50 16.62 -3.22
CA ILE A 173 0.80 17.16 -3.56
C ILE A 173 1.05 18.44 -2.76
N ARG A 174 0.01 19.26 -2.66
CA ARG A 174 0.10 20.52 -1.93
C ARG A 174 0.48 20.26 -0.48
N ALA A 175 0.03 19.13 0.06
CA ALA A 175 0.30 18.74 1.43
C ALA A 175 1.80 18.83 1.76
N VAL A 176 2.63 18.74 0.73
CA VAL A 176 4.07 18.81 0.92
C VAL A 176 4.63 20.21 0.62
N LEU A 177 4.02 20.89 -0.35
CA LEU A 177 4.48 22.22 -0.74
C LEU A 177 4.12 23.32 0.26
N CYS A 178 2.83 23.46 0.58
CA CYS A 178 2.40 24.51 1.51
C CYS A 178 2.59 24.09 2.98
N PRO A 179 1.75 23.18 3.54
CA PRO A 179 1.89 22.75 4.95
C PRO A 179 3.34 22.35 5.28
N PRO A 180 3.65 22.08 6.57
CA PRO A 180 5.00 21.71 6.99
C PRO A 180 5.57 20.49 6.26
N PRO A 181 6.89 20.48 6.01
CA PRO A 181 7.58 19.38 5.31
C PRO A 181 7.34 18.02 5.94
N VAL A 182 7.89 16.99 5.32
CA VAL A 182 7.76 15.62 5.77
C VAL A 182 9.11 14.97 6.03
N LYS A 183 10.10 15.32 5.23
CA LYS A 183 11.45 14.75 5.35
C LYS A 183 11.93 14.76 6.80
N LYS A 184 12.16 13.57 7.34
CA LYS A 184 12.63 13.42 8.72
C LYS A 184 12.95 11.96 9.02
N ARG A 185 14.18 11.55 8.68
CA ARG A 185 14.61 10.17 8.92
C ARG A 185 16.11 10.02 8.65
N LYS A 186 16.69 8.93 9.17
CA LYS A 186 18.11 8.66 8.99
C LYS A 186 18.33 7.22 8.56
N ARG A 187 19.59 6.79 8.53
CA ARG A 187 19.93 5.42 8.14
C ARG A 187 19.76 4.46 9.31
N LYS A 188 20.22 3.23 9.14
CA LYS A 188 20.11 2.22 10.19
C LYS A 188 21.48 1.94 10.81
N CYS A 189 22.53 2.50 10.21
CA CYS A 189 23.89 2.31 10.70
C CYS A 189 24.25 0.83 10.79
N LEU A 190 24.74 0.27 9.68
CA LEU A 190 25.13 -1.13 9.63
C LEU A 190 25.85 -1.45 8.33
N LEU A 191 26.87 -2.29 8.42
CA LEU A 191 27.64 -2.69 7.25
C LEU A 191 26.80 -3.48 6.26
N LEU A 192 27.06 -3.29 4.97
CA LEU A 192 26.32 -3.98 3.93
C LEU A 192 27.05 -5.27 3.52
N GLY B 1 -2.45 -36.33 2.39
CA GLY B 1 -1.93 -35.03 2.89
C GLY B 1 -0.80 -35.21 3.90
N ILE B 2 0.37 -35.61 3.41
CA ILE B 2 1.53 -35.81 4.27
C ILE B 2 2.49 -34.64 4.20
N PRO B 3 2.85 -34.07 5.36
CA PRO B 3 3.77 -32.93 5.44
C PRO B 3 5.24 -33.35 5.37
N ALA B 4 5.48 -34.66 5.41
CA ALA B 4 6.83 -35.18 5.36
C ALA B 4 7.28 -35.45 3.93
N THR B 5 6.43 -36.13 3.17
CA THR B 5 6.73 -36.45 1.78
C THR B 5 5.46 -36.70 0.97
N ASN B 6 5.09 -35.75 0.13
CA ASN B 6 3.90 -35.86 -0.69
C ASN B 6 3.86 -34.77 -1.76
N LEU B 7 3.14 -35.02 -2.84
CA LEU B 7 3.03 -34.05 -3.93
C LEU B 7 2.46 -32.72 -3.44
N SER B 8 1.62 -32.79 -2.41
CA SER B 8 1.01 -31.58 -1.84
C SER B 8 2.06 -30.74 -1.13
N ARG B 9 2.95 -31.40 -0.41
CA ARG B 9 4.02 -30.72 0.32
C ARG B 9 5.00 -30.08 -0.64
N VAL B 10 5.36 -30.82 -1.69
CA VAL B 10 6.29 -30.34 -2.69
C VAL B 10 5.79 -29.05 -3.34
N ALA B 11 4.54 -29.08 -3.80
CA ALA B 11 3.94 -27.91 -4.44
C ALA B 11 3.84 -26.76 -3.45
N GLY B 12 3.69 -27.10 -2.18
CA GLY B 12 3.59 -26.08 -1.15
C GLY B 12 4.83 -25.23 -1.11
N LEU B 13 5.99 -25.89 -1.25
CA LEU B 13 7.27 -25.19 -1.24
C LEU B 13 7.43 -24.37 -2.51
N GLU B 14 6.92 -24.90 -3.61
CA GLU B 14 6.99 -24.20 -4.88
C GLU B 14 6.22 -22.89 -4.77
N LYS B 15 5.09 -22.97 -4.07
CA LYS B 15 4.23 -21.82 -3.83
C LYS B 15 4.91 -20.81 -2.89
N GLN B 16 5.47 -21.32 -1.80
CA GLN B 16 6.13 -20.46 -0.82
C GLN B 16 7.27 -19.68 -1.43
N LEU B 17 8.18 -20.38 -2.10
CA LEU B 17 9.31 -19.73 -2.74
C LEU B 17 8.83 -18.73 -3.79
N ALA B 18 7.74 -19.06 -4.47
CA ALA B 18 7.19 -18.19 -5.49
C ALA B 18 6.73 -16.89 -4.87
N ILE B 19 6.10 -16.99 -3.70
CA ILE B 19 5.65 -15.82 -2.98
C ILE B 19 6.86 -14.96 -2.64
N GLU B 20 7.93 -15.64 -2.25
CA GLU B 20 9.17 -14.98 -1.91
C GLU B 20 9.80 -14.36 -3.14
N LEU B 21 9.53 -14.96 -4.31
CA LEU B 21 10.05 -14.43 -5.56
C LEU B 21 9.47 -13.04 -5.80
N LYS B 22 8.21 -12.87 -5.40
CA LYS B 22 7.54 -11.58 -5.54
C LYS B 22 8.21 -10.58 -4.61
N VAL B 23 8.60 -11.07 -3.44
CA VAL B 23 9.29 -10.26 -2.45
C VAL B 23 10.65 -9.81 -2.97
N LYS B 24 11.41 -10.78 -3.50
CA LYS B 24 12.73 -10.50 -4.05
C LYS B 24 12.65 -9.52 -5.22
N GLN B 25 11.78 -9.83 -6.17
CA GLN B 25 11.60 -8.99 -7.34
C GLN B 25 11.08 -7.60 -6.95
N GLY B 26 10.36 -7.54 -5.82
CA GLY B 26 9.83 -6.26 -5.37
C GLY B 26 10.92 -5.30 -4.96
N ALA B 27 11.83 -5.77 -4.12
CA ALA B 27 12.93 -4.94 -3.65
C ALA B 27 13.79 -4.49 -4.82
N GLU B 28 14.13 -5.43 -5.69
CA GLU B 28 14.95 -5.12 -6.87
C GLU B 28 14.31 -4.01 -7.71
N ASN B 29 13.00 -4.07 -7.87
CA ASN B 29 12.28 -3.07 -8.64
C ASN B 29 12.52 -1.67 -8.08
N MET B 30 12.40 -1.54 -6.76
CA MET B 30 12.62 -0.26 -6.11
C MET B 30 14.07 0.15 -6.22
N ILE B 31 14.96 -0.84 -6.20
CA ILE B 31 16.40 -0.59 -6.30
C ILE B 31 16.74 -0.01 -7.67
N GLN B 32 16.23 -0.65 -8.72
CA GLN B 32 16.47 -0.22 -10.09
C GLN B 32 16.00 1.21 -10.31
N THR B 33 14.90 1.57 -9.65
CA THR B 33 14.33 2.91 -9.78
C THR B 33 15.29 3.98 -9.25
N TYR B 34 15.80 3.77 -8.03
CA TYR B 34 16.71 4.73 -7.41
C TYR B 34 18.15 4.49 -7.85
N SER B 35 18.41 3.34 -8.45
CA SER B 35 19.77 3.00 -8.90
C SER B 35 20.27 4.00 -9.93
N ASN B 36 19.45 4.26 -10.95
CA ASN B 36 19.81 5.19 -12.00
C ASN B 36 19.78 6.63 -11.48
N GLY B 37 20.08 7.58 -12.36
CA GLY B 37 20.09 8.98 -11.97
C GLY B 37 18.69 9.56 -11.88
N SER B 38 18.60 10.89 -11.89
CA SER B 38 17.32 11.58 -11.82
C SER B 38 16.59 11.24 -10.52
N THR B 39 17.32 10.67 -9.57
CA THR B 39 16.74 10.31 -8.28
C THR B 39 17.69 10.67 -7.14
N LYS B 40 17.13 11.25 -6.07
CA LYS B 40 17.91 11.64 -4.92
C LYS B 40 17.40 10.96 -3.65
N ASP B 41 16.56 9.94 -3.83
CA ASP B 41 16.01 9.21 -2.70
C ASP B 41 16.80 7.94 -2.43
N ARG B 42 17.97 8.09 -1.83
CA ARG B 42 18.82 6.96 -1.51
C ARG B 42 18.29 6.16 -0.31
N LYS B 43 17.52 6.83 0.53
CA LYS B 43 16.95 6.20 1.72
C LYS B 43 16.13 4.96 1.36
N LEU B 44 15.19 5.12 0.45
CA LEU B 44 14.36 3.99 0.01
C LEU B 44 15.23 2.96 -0.69
N LEU B 45 16.26 3.45 -1.36
CA LEU B 45 17.20 2.58 -2.06
C LEU B 45 17.99 1.75 -1.06
N LEU B 46 18.25 2.35 0.10
CA LEU B 46 18.99 1.69 1.17
C LEU B 46 18.15 0.56 1.79
N THR B 47 16.88 0.84 2.05
CA THR B 47 15.99 -0.15 2.63
C THR B 47 15.67 -1.26 1.64
N ALA B 48 15.64 -0.91 0.35
CA ALA B 48 15.36 -1.89 -0.67
C ALA B 48 16.50 -2.88 -0.78
N GLN B 49 17.72 -2.39 -0.59
CA GLN B 49 18.92 -3.22 -0.64
C GLN B 49 18.93 -4.23 0.50
N GLN B 50 18.69 -3.76 1.72
CA GLN B 50 18.69 -4.64 2.89
C GLN B 50 17.54 -5.65 2.84
N MET B 51 16.37 -5.20 2.41
CA MET B 51 15.21 -6.09 2.32
C MET B 51 15.39 -7.11 1.21
N LEU B 52 16.15 -6.74 0.18
CA LEU B 52 16.41 -7.64 -0.94
C LEU B 52 17.32 -8.78 -0.49
N GLN B 53 18.34 -8.44 0.28
CA GLN B 53 19.29 -9.42 0.78
C GLN B 53 18.57 -10.45 1.63
N ASP B 54 17.70 -9.96 2.51
CA ASP B 54 16.94 -10.82 3.40
C ASP B 54 16.09 -11.79 2.58
N SER B 55 15.46 -11.28 1.55
CA SER B 55 14.61 -12.09 0.68
C SER B 55 15.43 -13.18 0.00
N LYS B 56 16.66 -12.84 -0.40
CA LYS B 56 17.52 -13.81 -1.08
C LYS B 56 17.73 -15.03 -0.19
N THR B 57 17.97 -14.79 1.10
CA THR B 57 18.17 -15.88 2.04
C THR B 57 16.92 -16.76 2.13
N LYS B 58 15.75 -16.10 2.14
CA LYS B 58 14.48 -16.82 2.21
C LYS B 58 14.35 -17.82 1.06
N ILE B 59 14.65 -17.35 -0.14
CA ILE B 59 14.58 -18.21 -1.32
C ILE B 59 15.59 -19.35 -1.22
N ASP B 60 16.77 -19.03 -0.70
CA ASP B 60 17.84 -20.02 -0.56
C ASP B 60 17.42 -21.22 0.27
N ILE B 61 16.82 -20.98 1.43
CA ILE B 61 16.40 -22.08 2.30
C ILE B 61 15.21 -22.84 1.74
N ILE B 62 14.19 -22.13 1.31
CA ILE B 62 13.01 -22.75 0.74
C ILE B 62 13.37 -23.58 -0.49
N ARG B 63 14.29 -23.07 -1.30
CA ARG B 63 14.73 -23.74 -2.51
C ARG B 63 15.44 -25.05 -2.20
N MET B 64 16.37 -25.02 -1.24
CA MET B 64 17.12 -26.21 -0.87
C MET B 64 16.19 -27.26 -0.27
N GLN B 65 15.27 -26.82 0.60
CA GLN B 65 14.34 -27.73 1.24
C GLN B 65 13.45 -28.40 0.21
N LEU B 66 13.05 -27.65 -0.80
CA LEU B 66 12.22 -28.18 -1.86
C LEU B 66 12.92 -29.37 -2.51
N ARG B 67 14.20 -29.19 -2.81
CA ARG B 67 15.00 -30.24 -3.41
C ARG B 67 15.01 -31.46 -2.48
N ARG B 68 14.96 -31.20 -1.18
CA ARG B 68 14.96 -32.27 -0.18
C ARG B 68 13.69 -33.09 -0.29
N ALA B 69 12.61 -32.41 -0.70
CA ALA B 69 11.31 -33.05 -0.84
C ALA B 69 11.30 -34.04 -2.00
N LEU B 70 11.82 -33.61 -3.16
CA LEU B 70 11.88 -34.46 -4.33
C LEU B 70 12.77 -35.66 -4.09
N GLN B 71 13.88 -35.42 -3.41
CA GLN B 71 14.83 -36.48 -3.10
C GLN B 71 14.24 -37.47 -2.10
N ALA B 72 13.59 -36.93 -1.06
CA ALA B 72 12.97 -37.75 -0.04
C ALA B 72 11.84 -38.59 -0.62
N ASP B 73 11.33 -38.14 -1.76
CA ASP B 73 10.25 -38.85 -2.43
C ASP B 73 10.79 -39.96 -3.31
N GLN B 74 12.00 -39.76 -3.84
CA GLN B 74 12.63 -40.76 -4.69
C GLN B 74 12.98 -42.01 -3.90
N LEU B 75 13.45 -41.81 -2.66
CA LEU B 75 13.83 -42.92 -1.80
C LEU B 75 12.66 -43.33 -0.91
N GLU B 76 11.53 -42.67 -1.10
CA GLU B 76 10.33 -42.94 -0.34
C GLU B 76 10.55 -42.67 1.16
N ASN B 77 11.17 -43.63 1.83
CA ASN B 77 11.46 -43.50 3.26
C ASN B 77 12.96 -43.54 3.52
N GLN B 78 13.55 -44.72 3.36
CA GLN B 78 14.98 -44.91 3.57
C GLN B 78 15.39 -44.53 4.99
N ALA B 79 14.40 -44.36 5.86
CA ALA B 79 14.64 -43.99 7.25
C ALA B 79 15.45 -42.70 7.35
N ALA B 80 14.75 -41.58 7.46
CA ALA B 80 15.41 -40.28 7.57
C ALA B 80 15.78 -39.97 9.01
N PRO B 81 16.89 -39.24 9.24
CA PRO B 81 17.34 -38.88 10.59
C PRO B 81 16.30 -38.07 11.35
N MET A 1 10.18 21.11 -11.11
CA MET A 1 8.97 20.23 -11.10
C MET A 1 8.71 19.70 -9.70
N GLN A 2 7.67 20.24 -9.05
CA GLN A 2 7.31 19.84 -7.70
C GLN A 2 6.98 18.36 -7.65
N ALA A 3 7.94 17.54 -7.23
CA ALA A 3 7.71 16.11 -7.15
C ALA A 3 7.39 15.70 -5.72
N ILE A 4 6.19 15.16 -5.55
CA ILE A 4 5.72 14.72 -4.24
C ILE A 4 5.41 13.23 -4.26
N LYS A 5 5.85 12.52 -3.22
CA LYS A 5 5.61 11.08 -3.12
C LYS A 5 4.37 10.80 -2.29
N CYS A 6 3.32 10.32 -2.95
CA CYS A 6 2.07 10.01 -2.28
C CYS A 6 1.74 8.53 -2.38
N VAL A 7 1.64 7.87 -1.23
CA VAL A 7 1.34 6.44 -1.18
C VAL A 7 -0.07 6.20 -0.65
N VAL A 8 -0.81 5.34 -1.35
CA VAL A 8 -2.17 5.01 -0.95
C VAL A 8 -2.19 3.72 -0.13
N VAL A 9 -2.79 3.78 1.05
CA VAL A 9 -2.86 2.62 1.94
C VAL A 9 -4.29 2.30 2.34
N GLY A 10 -4.47 1.12 2.93
CA GLY A 10 -5.79 0.69 3.37
C GLY A 10 -5.73 -0.59 4.19
N ASP A 11 -6.27 -0.53 5.40
CA ASP A 11 -6.27 -1.70 6.29
C ASP A 11 -7.07 -2.85 5.68
N GLY A 12 -8.17 -2.52 5.01
CA GLY A 12 -9.01 -3.54 4.39
C GLY A 12 -10.11 -2.94 3.55
N ALA A 13 -10.10 -1.63 3.40
CA ALA A 13 -11.11 -0.93 2.60
C ALA A 13 -10.94 -1.24 1.12
N VAL A 14 -9.73 -1.58 0.73
CA VAL A 14 -9.42 -1.91 -0.67
C VAL A 14 -9.62 -0.68 -1.56
N GLY A 15 -8.84 -0.60 -2.64
CA GLY A 15 -8.95 0.53 -3.53
C GLY A 15 -7.67 1.36 -3.62
N LYS A 16 -6.55 0.75 -3.22
CA LYS A 16 -5.27 1.43 -3.25
C LYS A 16 -4.73 1.62 -4.67
N THR A 17 -4.74 0.56 -5.47
CA THR A 17 -4.23 0.66 -6.85
C THR A 17 -5.25 1.30 -7.78
N CYS A 18 -6.52 0.93 -7.62
CA CYS A 18 -7.58 1.46 -8.45
C CYS A 18 -7.67 2.99 -8.32
N LEU A 19 -7.41 3.49 -7.12
CA LEU A 19 -7.46 4.94 -6.88
C LEU A 19 -6.44 5.68 -7.76
N LEU A 20 -5.22 5.17 -7.78
CA LEU A 20 -4.15 5.79 -8.58
C LEU A 20 -4.41 5.61 -10.08
N ILE A 21 -4.84 4.41 -10.47
CA ILE A 21 -5.09 4.11 -11.88
C ILE A 21 -6.23 4.95 -12.46
N SER A 22 -7.28 5.15 -11.68
CA SER A 22 -8.43 5.91 -12.14
C SER A 22 -8.06 7.35 -12.51
N TYR A 23 -7.16 7.94 -11.75
CA TYR A 23 -6.74 9.32 -12.00
C TYR A 23 -5.73 9.41 -13.14
N THR A 24 -4.95 8.34 -13.35
CA THR A 24 -3.93 8.33 -14.39
C THR A 24 -4.47 7.80 -15.73
N THR A 25 -5.51 6.98 -15.69
CA THR A 25 -6.07 6.41 -16.91
C THR A 25 -7.53 6.82 -17.12
N ASN A 26 -8.10 7.50 -16.13
CA ASN A 26 -9.49 7.94 -16.21
C ASN A 26 -10.44 6.75 -16.24
N ALA A 27 -9.88 5.56 -16.11
CA ALA A 27 -10.69 4.33 -16.13
C ALA A 27 -9.88 3.13 -15.69
N PHE A 28 -10.27 2.52 -14.59
CA PHE A 28 -9.57 1.35 -14.07
C PHE A 28 -10.03 0.08 -14.80
N PRO A 29 -9.09 -0.65 -15.44
CA PRO A 29 -9.42 -1.88 -16.17
C PRO A 29 -9.90 -2.99 -15.24
N GLY A 30 -9.03 -3.39 -14.31
CA GLY A 30 -9.38 -4.44 -13.37
C GLY A 30 -8.32 -5.51 -13.26
N GLU A 31 -7.88 -5.77 -12.03
CA GLU A 31 -6.86 -6.78 -11.77
C GLU A 31 -6.88 -7.21 -10.32
N TYR A 32 -7.11 -8.50 -10.09
CA TYR A 32 -7.14 -9.06 -8.75
C TYR A 32 -5.78 -9.62 -8.36
N ILE A 33 -4.81 -9.46 -9.25
CA ILE A 33 -3.47 -9.96 -9.01
C ILE A 33 -2.74 -9.13 -7.96
N PRO A 34 -2.11 -9.78 -6.97
CA PRO A 34 -1.38 -9.09 -5.91
C PRO A 34 -0.28 -8.20 -6.46
N THR A 35 -0.42 -6.89 -6.27
CA THR A 35 0.56 -5.93 -6.76
C THR A 35 1.68 -5.71 -5.75
N VAL A 36 2.84 -6.29 -6.04
CA VAL A 36 4.00 -6.16 -5.16
C VAL A 36 4.87 -4.97 -5.57
N PHE A 37 4.74 -4.58 -6.84
CA PHE A 37 5.50 -3.44 -7.37
C PHE A 37 4.71 -2.14 -7.22
N ASP A 38 5.43 -1.03 -7.17
CA ASP A 38 4.81 0.28 -7.03
C ASP A 38 5.75 1.39 -7.45
N ASN A 39 5.47 2.00 -8.60
CA ASN A 39 6.30 3.09 -9.12
C ASN A 39 5.68 3.68 -10.39
N TYR A 40 5.02 4.82 -10.24
CA TYR A 40 4.39 5.50 -11.37
C TYR A 40 4.60 7.01 -11.28
N SER A 41 4.56 7.68 -12.42
CA SER A 41 4.72 9.13 -12.47
C SER A 41 3.66 9.76 -13.34
N ALA A 42 3.13 10.89 -12.90
CA ALA A 42 2.11 11.61 -13.64
C ALA A 42 2.23 13.12 -13.43
N ASN A 43 1.92 13.89 -14.47
CA ASN A 43 2.00 15.34 -14.38
C ASN A 43 0.64 15.93 -13.99
N VAL A 44 0.67 16.84 -13.02
CA VAL A 44 -0.56 17.47 -12.55
C VAL A 44 -0.38 18.98 -12.41
N MET A 45 -1.43 19.72 -12.75
CA MET A 45 -1.42 21.17 -12.68
C MET A 45 -1.91 21.67 -11.33
N VAL A 46 -1.05 22.40 -10.62
CA VAL A 46 -1.40 22.94 -9.32
C VAL A 46 -1.02 24.41 -9.22
N ASP A 47 -2.02 25.28 -9.09
CA ASP A 47 -1.80 26.71 -8.98
C ASP A 47 -1.14 27.28 -10.24
N GLY A 48 -1.19 26.51 -11.33
CA GLY A 48 -0.59 26.96 -12.57
C GLY A 48 0.88 26.64 -12.64
N LYS A 49 1.32 25.75 -11.75
CA LYS A 49 2.72 25.34 -11.69
C LYS A 49 2.84 23.84 -11.89
N PRO A 50 3.68 23.38 -12.85
CA PRO A 50 3.85 21.95 -13.10
C PRO A 50 4.26 21.21 -11.84
N VAL A 51 3.56 20.11 -11.55
CA VAL A 51 3.85 19.32 -10.37
C VAL A 51 4.02 17.84 -10.69
N ASN A 52 5.16 17.28 -10.31
CA ASN A 52 5.43 15.87 -10.52
C ASN A 52 4.71 15.03 -9.47
N LEU A 53 3.96 14.05 -9.91
CA LEU A 53 3.20 13.20 -9.00
C LEU A 53 3.80 11.80 -8.89
N GLY A 54 4.01 11.36 -7.65
CA GLY A 54 4.55 10.03 -7.42
C GLY A 54 3.50 9.08 -6.90
N LEU A 55 3.13 8.10 -7.70
CA LEU A 55 2.10 7.14 -7.31
C LEU A 55 2.72 5.87 -6.73
N TRP A 56 2.29 5.51 -5.53
CA TRP A 56 2.81 4.32 -4.86
C TRP A 56 1.67 3.49 -4.27
N ASP A 57 1.68 2.19 -4.58
CA ASP A 57 0.65 1.29 -4.07
C ASP A 57 1.24 0.32 -3.06
N THR A 58 0.48 0.03 -2.00
CA THR A 58 0.93 -0.87 -0.95
C THR A 58 -0.21 -1.76 -0.46
N ALA A 59 0.01 -2.43 0.66
CA ALA A 59 -0.98 -3.31 1.26
C ALA A 59 -1.36 -4.45 0.31
N GLY A 60 -2.40 -5.20 0.69
CA GLY A 60 -2.83 -6.33 -0.13
C GLY A 60 -2.31 -7.65 0.39
N LEU A 61 -1.30 -7.59 1.25
CA LEU A 61 -0.71 -8.79 1.83
C LEU A 61 -0.03 -8.48 3.15
N GLU A 62 -0.26 -9.34 4.14
CA GLU A 62 0.31 -9.15 5.47
C GLU A 62 1.76 -9.64 5.52
N ASP A 63 2.01 -10.79 4.91
CA ASP A 63 3.35 -11.38 4.91
C ASP A 63 4.38 -10.44 4.30
N TYR A 64 3.93 -9.52 3.44
CA TYR A 64 4.84 -8.57 2.80
C TYR A 64 5.21 -7.43 3.74
N ASP A 65 5.39 -7.75 5.02
CA ASP A 65 5.76 -6.74 6.01
C ASP A 65 7.05 -6.03 5.60
N ARG A 66 8.02 -6.81 5.10
CA ARG A 66 9.30 -6.25 4.67
C ARG A 66 9.22 -5.64 3.28
N LEU A 67 8.66 -6.40 2.33
CA LEU A 67 8.55 -5.93 0.95
C LEU A 67 7.21 -5.24 0.72
N ARG A 68 7.15 -3.93 1.01
CA ARG A 68 5.91 -3.18 0.82
C ARG A 68 6.06 -1.69 1.18
N PRO A 69 6.56 -1.37 2.40
CA PRO A 69 6.71 0.03 2.84
C PRO A 69 8.02 0.68 2.41
N LEU A 70 8.38 0.56 1.13
CA LEU A 70 9.61 1.17 0.66
C LEU A 70 9.49 2.70 0.63
N SER A 71 8.35 3.15 0.13
CA SER A 71 8.08 4.59 0.03
C SER A 71 7.55 5.16 1.34
N TYR A 72 6.68 4.40 2.01
CA TYR A 72 6.07 4.82 3.27
C TYR A 72 6.94 5.81 4.08
N PRO A 73 8.19 5.45 4.44
CA PRO A 73 9.07 6.33 5.22
C PRO A 73 9.29 7.69 4.54
N GLN A 74 9.67 7.64 3.27
CA GLN A 74 9.94 8.86 2.50
C GLN A 74 8.66 9.58 2.09
N THR A 75 7.55 8.84 2.07
CA THR A 75 6.26 9.39 1.69
C THR A 75 6.03 10.78 2.28
N ASP A 76 5.77 11.74 1.41
CA ASP A 76 5.52 13.12 1.81
C ASP A 76 4.12 13.26 2.41
N VAL A 77 3.21 12.38 2.00
CA VAL A 77 1.84 12.43 2.50
C VAL A 77 1.12 11.10 2.24
N PHE A 78 0.35 10.65 3.23
CA PHE A 78 -0.41 9.41 3.12
C PHE A 78 -1.89 9.69 2.92
N LEU A 79 -2.56 8.82 2.16
CA LEU A 79 -3.99 8.97 1.91
C LEU A 79 -4.76 7.89 2.66
N ILE A 80 -5.72 8.31 3.47
CA ILE A 80 -6.53 7.37 4.24
C ILE A 80 -7.83 7.08 3.51
N CYS A 81 -7.91 5.91 2.88
CA CYS A 81 -9.09 5.52 2.13
C CYS A 81 -10.01 4.62 2.95
N PHE A 82 -11.31 4.91 2.89
CA PHE A 82 -12.31 4.14 3.61
C PHE A 82 -13.67 4.23 2.91
N SER A 83 -14.59 3.35 3.30
CA SER A 83 -15.92 3.33 2.69
C SER A 83 -16.88 4.24 3.44
N LEU A 84 -17.31 5.30 2.77
CA LEU A 84 -18.22 6.28 3.37
C LEU A 84 -19.55 5.64 3.77
N VAL A 85 -20.09 4.80 2.89
CA VAL A 85 -21.37 4.14 3.15
C VAL A 85 -21.32 3.28 4.41
N SER A 86 -20.11 2.96 4.86
CA SER A 86 -19.94 2.15 6.06
C SER A 86 -19.14 2.92 7.13
N PRO A 87 -19.81 3.33 8.23
CA PRO A 87 -19.16 4.08 9.32
C PRO A 87 -18.03 3.29 9.97
N ALA A 88 -18.09 1.97 9.90
CA ALA A 88 -17.08 1.13 10.50
C ALA A 88 -15.71 1.37 9.89
N SER A 89 -15.65 1.50 8.57
CA SER A 89 -14.39 1.75 7.89
C SER A 89 -13.76 3.03 8.42
N PHE A 90 -14.61 4.00 8.73
CA PHE A 90 -14.16 5.27 9.26
C PHE A 90 -13.59 5.07 10.66
N GLU A 91 -14.20 4.12 11.38
CA GLU A 91 -13.78 3.79 12.73
C GLU A 91 -12.45 3.05 12.74
N ASN A 92 -12.24 2.21 11.73
CA ASN A 92 -11.03 1.41 11.62
C ASN A 92 -9.81 2.24 11.21
N VAL A 93 -9.99 3.11 10.22
CA VAL A 93 -8.89 3.94 9.74
C VAL A 93 -8.27 4.77 10.87
N ARG A 94 -9.12 5.44 11.64
CA ARG A 94 -8.67 6.26 12.75
C ARG A 94 -8.21 5.40 13.93
N ALA A 95 -8.69 4.16 13.97
CA ALA A 95 -8.36 3.23 15.05
C ALA A 95 -6.90 2.78 15.07
N LYS A 96 -6.37 2.34 13.91
CA LYS A 96 -5.00 1.85 13.85
C LYS A 96 -4.01 2.85 13.23
N TRP A 97 -4.41 3.51 12.16
CA TRP A 97 -3.52 4.45 11.46
C TRP A 97 -3.18 5.68 12.31
N TYR A 98 -4.17 6.24 13.00
CA TYR A 98 -3.96 7.44 13.80
C TYR A 98 -2.96 7.23 14.95
N PRO A 99 -3.09 6.15 15.76
CA PRO A 99 -2.19 5.90 16.89
C PRO A 99 -0.73 5.72 16.47
N GLU A 100 -0.52 5.26 15.25
CA GLU A 100 0.83 5.02 14.75
C GLU A 100 1.55 6.32 14.39
N VAL A 101 0.86 7.17 13.62
CA VAL A 101 1.45 8.44 13.20
C VAL A 101 1.71 9.35 14.40
N ARG A 102 0.79 9.35 15.35
CA ARG A 102 0.92 10.18 16.54
C ARG A 102 2.05 9.69 17.45
N HIS A 103 2.34 8.38 17.39
CA HIS A 103 3.38 7.79 18.21
C HIS A 103 4.78 8.15 17.70
N HIS A 104 4.92 8.20 16.38
CA HIS A 104 6.19 8.53 15.75
C HIS A 104 6.40 10.05 15.68
N CYS A 105 5.30 10.79 15.60
CA CYS A 105 5.36 12.25 15.51
C CYS A 105 6.26 12.69 14.36
N PRO A 106 6.08 12.13 13.15
CA PRO A 106 6.89 12.48 11.98
C PRO A 106 6.65 13.91 11.51
N ASN A 107 5.59 14.53 12.05
CA ASN A 107 5.23 15.90 11.67
C ASN A 107 4.80 15.94 10.21
N THR A 108 4.61 14.76 9.63
CA THR A 108 4.20 14.64 8.24
C THR A 108 2.69 14.85 8.09
N PRO A 109 2.26 15.64 7.09
CA PRO A 109 0.84 15.91 6.85
C PRO A 109 0.10 14.64 6.45
N ILE A 110 -1.22 14.64 6.66
CA ILE A 110 -2.03 13.47 6.31
C ILE A 110 -3.34 13.88 5.66
N ILE A 111 -3.61 13.33 4.49
CA ILE A 111 -4.82 13.62 3.74
C ILE A 111 -5.86 12.54 3.97
N LEU A 112 -7.13 12.86 3.72
CA LEU A 112 -8.22 11.91 3.88
C LEU A 112 -8.94 11.70 2.55
N VAL A 113 -9.21 10.45 2.23
CA VAL A 113 -9.87 10.12 0.97
C VAL A 113 -11.13 9.28 1.19
N GLY A 114 -12.22 9.69 0.57
CA GLY A 114 -13.47 8.96 0.68
C GLY A 114 -13.77 8.20 -0.60
N THR A 115 -13.01 7.14 -0.85
CA THR A 115 -13.18 6.33 -2.05
C THR A 115 -14.58 5.75 -2.14
N LYS A 116 -14.90 5.23 -3.32
CA LYS A 116 -16.21 4.64 -3.58
C LYS A 116 -17.33 5.64 -3.32
N LEU A 117 -17.47 6.60 -4.22
CA LEU A 117 -18.51 7.63 -4.11
C LEU A 117 -19.74 7.23 -4.92
N ASP A 118 -19.54 6.39 -5.93
CA ASP A 118 -20.63 5.95 -6.79
C ASP A 118 -21.72 5.22 -6.00
N LEU A 119 -21.32 4.47 -4.98
CA LEU A 119 -22.28 3.74 -4.15
C LEU A 119 -22.60 4.51 -2.87
N ARG A 120 -21.97 5.66 -2.72
CA ARG A 120 -22.18 6.50 -1.56
C ARG A 120 -23.37 7.44 -1.80
N ASP A 121 -23.56 7.80 -3.06
CA ASP A 121 -24.66 8.67 -3.44
C ASP A 121 -25.73 7.85 -4.15
N ASP A 122 -25.77 6.55 -3.85
CA ASP A 122 -26.73 5.65 -4.47
C ASP A 122 -27.89 5.36 -3.52
N LYS A 123 -29.08 5.81 -3.90
CA LYS A 123 -30.29 5.61 -3.11
C LYS A 123 -30.49 4.15 -2.74
N ASP A 124 -30.55 3.30 -3.75
CA ASP A 124 -30.77 1.87 -3.55
C ASP A 124 -29.72 1.27 -2.63
N THR A 125 -28.45 1.59 -2.87
CA THR A 125 -27.37 1.07 -2.03
C THR A 125 -27.55 1.56 -0.61
N ILE A 126 -27.89 2.83 -0.46
CA ILE A 126 -28.11 3.42 0.84
C ILE A 126 -29.21 2.66 1.56
N GLU A 127 -30.22 2.28 0.79
CA GLU A 127 -31.34 1.51 1.32
C GLU A 127 -30.84 0.17 1.86
N LYS A 128 -29.84 -0.38 1.18
CA LYS A 128 -29.26 -1.66 1.56
C LYS A 128 -28.49 -1.54 2.88
N LEU A 129 -27.83 -0.41 3.07
CA LEU A 129 -27.07 -0.19 4.29
C LEU A 129 -27.98 -0.25 5.51
N LYS A 130 -29.19 0.25 5.33
CA LYS A 130 -30.18 0.26 6.40
C LYS A 130 -30.45 -1.18 6.86
N GLU A 131 -30.35 -2.11 5.92
CA GLU A 131 -30.60 -3.51 6.21
C GLU A 131 -29.58 -4.03 7.21
N LYS A 132 -28.38 -3.46 7.16
CA LYS A 132 -27.31 -3.86 8.06
C LYS A 132 -27.14 -2.85 9.19
N LYS A 133 -28.07 -1.91 9.27
CA LYS A 133 -28.06 -0.89 10.32
C LYS A 133 -26.89 0.08 10.16
N LEU A 134 -26.42 0.26 8.93
CA LEU A 134 -25.31 1.17 8.65
C LEU A 134 -25.78 2.37 7.83
N THR A 135 -25.10 3.50 8.00
CA THR A 135 -25.44 4.71 7.27
C THR A 135 -24.19 5.34 6.65
N PRO A 136 -24.31 5.93 5.45
CA PRO A 136 -23.18 6.55 4.76
C PRO A 136 -22.71 7.83 5.45
N ILE A 137 -21.43 8.16 5.27
CA ILE A 137 -20.85 9.35 5.89
C ILE A 137 -21.07 10.60 5.04
N THR A 138 -21.37 11.70 5.72
CA THR A 138 -21.60 12.98 5.04
C THR A 138 -20.31 13.80 5.06
N TYR A 139 -20.33 14.93 4.36
CA TYR A 139 -19.14 15.79 4.28
C TYR A 139 -18.74 16.36 5.65
N PRO A 140 -19.68 16.95 6.42
CA PRO A 140 -19.37 17.52 7.74
C PRO A 140 -18.91 16.46 8.74
N GLN A 141 -19.35 15.22 8.56
CA GLN A 141 -18.98 14.15 9.47
C GLN A 141 -17.48 13.86 9.38
N GLY A 142 -16.97 13.80 8.15
CA GLY A 142 -15.57 13.56 7.94
C GLY A 142 -14.74 14.79 8.24
N LEU A 143 -15.28 15.96 7.92
CA LEU A 143 -14.59 17.22 8.16
C LEU A 143 -14.15 17.32 9.62
N ALA A 144 -15.04 16.90 10.52
CA ALA A 144 -14.75 16.93 11.95
C ALA A 144 -13.61 15.97 12.30
N MET A 145 -13.65 14.78 11.70
CA MET A 145 -12.62 13.77 11.93
C MET A 145 -11.25 14.29 11.50
N ALA A 146 -11.22 15.06 10.43
CA ALA A 146 -9.97 15.62 9.92
C ALA A 146 -9.32 16.52 10.96
N LYS A 147 -10.08 17.50 11.45
CA LYS A 147 -9.58 18.43 12.45
C LYS A 147 -9.19 17.67 13.71
N GLU A 148 -9.92 16.61 13.98
CA GLU A 148 -9.69 15.78 15.15
C GLU A 148 -8.33 15.09 15.06
N ILE A 149 -8.03 14.53 13.90
CA ILE A 149 -6.77 13.83 13.68
C ILE A 149 -5.69 14.79 13.21
N GLY A 150 -6.03 16.08 13.25
CA GLY A 150 -5.08 17.11 12.84
C GLY A 150 -4.66 16.95 11.39
N ALA A 151 -5.51 16.33 10.58
CA ALA A 151 -5.21 16.12 9.17
C ALA A 151 -5.11 17.44 8.42
N VAL A 152 -4.38 17.42 7.32
CA VAL A 152 -4.18 18.61 6.50
C VAL A 152 -5.41 18.91 5.64
N LYS A 153 -6.13 17.87 5.20
CA LYS A 153 -7.31 18.08 4.37
C LYS A 153 -8.07 16.76 4.15
N TYR A 154 -9.39 16.88 4.07
CA TYR A 154 -10.26 15.72 3.86
C TYR A 154 -11.24 15.95 2.71
N LEU A 155 -11.31 14.99 1.79
CA LEU A 155 -12.23 15.07 0.65
C LEU A 155 -12.78 13.69 0.27
N GLU A 156 -13.84 13.68 -0.53
CA GLU A 156 -14.44 12.44 -0.99
C GLU A 156 -14.48 12.39 -2.51
N CYS A 157 -14.33 11.18 -3.08
CA CYS A 157 -14.33 11.03 -4.53
C CYS A 157 -14.54 9.58 -4.94
N SER A 158 -14.80 9.37 -6.24
CA SER A 158 -15.01 8.04 -6.79
C SER A 158 -14.04 7.76 -7.93
N ALA A 159 -13.66 6.49 -8.08
CA ALA A 159 -12.75 6.09 -9.14
C ALA A 159 -13.55 5.69 -10.38
N LEU A 160 -14.81 5.34 -10.18
CA LEU A 160 -15.70 4.95 -11.27
C LEU A 160 -16.27 6.16 -11.99
N THR A 161 -16.70 7.15 -11.21
CA THR A 161 -17.29 8.36 -11.79
C THR A 161 -16.28 9.50 -11.82
N GLN A 162 -15.21 9.36 -11.06
CA GLN A 162 -14.17 10.37 -10.99
C GLN A 162 -14.70 11.67 -10.39
N ARG A 163 -15.47 11.54 -9.30
CA ARG A 163 -16.04 12.71 -8.63
C ARG A 163 -15.00 13.83 -8.50
N GLY A 164 -13.91 13.56 -7.78
CA GLY A 164 -12.87 14.56 -7.60
C GLY A 164 -11.52 13.96 -7.28
N LEU A 165 -11.10 12.98 -8.07
CA LEU A 165 -9.81 12.34 -7.87
C LEU A 165 -8.68 13.36 -7.97
N LYS A 166 -8.70 14.15 -9.04
CA LYS A 166 -7.70 15.17 -9.28
C LYS A 166 -7.59 16.11 -8.09
N THR A 167 -8.71 16.32 -7.41
CA THR A 167 -8.75 17.19 -6.23
C THR A 167 -7.95 16.57 -5.09
N VAL A 168 -8.03 15.24 -4.96
CA VAL A 168 -7.31 14.54 -3.91
C VAL A 168 -5.81 14.78 -4.03
N PHE A 169 -5.28 14.50 -5.21
CA PHE A 169 -3.86 14.68 -5.48
C PHE A 169 -3.49 16.16 -5.45
N ASP A 170 -4.37 16.99 -5.99
CA ASP A 170 -4.14 18.43 -6.03
C ASP A 170 -3.95 18.99 -4.64
N GLU A 171 -4.84 18.61 -3.73
CA GLU A 171 -4.77 19.07 -2.34
C GLU A 171 -3.64 18.38 -1.59
N ALA A 172 -3.41 17.11 -1.92
CA ALA A 172 -2.36 16.33 -1.28
C ALA A 172 -1.00 16.97 -1.51
N ILE A 173 -0.79 17.47 -2.72
CA ILE A 173 0.46 18.14 -3.07
C ILE A 173 0.66 19.34 -2.16
N ARG A 174 -0.42 20.09 -1.96
CA ARG A 174 -0.40 21.27 -1.10
C ARG A 174 0.00 20.88 0.33
N ALA A 175 -0.32 19.64 0.71
CA ALA A 175 0.00 19.14 2.04
C ALA A 175 1.48 19.28 2.34
N VAL A 176 2.30 19.32 1.30
CA VAL A 176 3.74 19.44 1.47
C VAL A 176 4.22 20.89 1.32
N LEU A 177 3.60 21.61 0.38
CA LEU A 177 3.98 23.00 0.12
C LEU A 177 3.65 23.93 1.29
N CYS A 178 2.38 23.96 1.69
CA CYS A 178 1.96 24.85 2.78
C CYS A 178 2.25 24.25 4.18
N PRO A 179 1.45 23.26 4.68
CA PRO A 179 1.69 22.66 5.99
C PRO A 179 3.17 22.27 6.20
N PRO A 180 3.55 21.82 7.41
CA PRO A 180 4.94 21.46 7.73
C PRO A 180 5.53 20.42 6.77
N PRO A 181 6.84 20.54 6.44
CA PRO A 181 7.53 19.63 5.53
C PRO A 181 7.53 18.18 6.00
N VAL A 182 8.26 17.34 5.25
CA VAL A 182 8.36 15.92 5.57
C VAL A 182 9.81 15.54 5.86
N LYS A 183 10.48 14.91 4.89
CA LYS A 183 11.88 14.49 5.05
C LYS A 183 12.11 13.76 6.37
N LYS A 184 12.03 12.43 6.33
CA LYS A 184 12.25 11.63 7.52
C LYS A 184 12.72 10.22 7.18
N ARG A 185 13.99 9.95 7.42
CA ARG A 185 14.59 8.64 7.15
C ARG A 185 16.06 8.63 7.57
N LYS A 186 16.56 7.45 7.91
CA LYS A 186 17.96 7.30 8.33
C LYS A 186 18.49 5.92 8.00
N ARG A 187 19.80 5.75 8.16
CA ARG A 187 20.45 4.47 7.89
C ARG A 187 20.38 3.55 9.10
N LYS A 188 20.47 2.25 8.86
CA LYS A 188 20.40 1.27 9.95
C LYS A 188 21.79 1.04 10.55
N CYS A 189 22.70 0.50 9.74
CA CYS A 189 24.05 0.23 10.20
C CYS A 189 25.06 0.50 9.08
N LEU A 190 26.34 0.31 9.38
CA LEU A 190 27.40 0.54 8.41
C LEU A 190 27.17 -0.32 7.17
N LEU A 191 27.28 -1.63 7.33
CA LEU A 191 27.07 -2.56 6.23
C LEU A 191 25.74 -3.30 6.37
N LEU A 192 25.27 -3.90 5.29
CA LEU A 192 24.02 -4.63 5.30
C LEU A 192 24.16 -5.98 4.62
N GLY B 1 2.74 -35.75 10.78
CA GLY B 1 1.48 -36.47 11.08
C GLY B 1 0.89 -37.16 9.86
N ILE B 2 1.31 -36.71 8.68
CA ILE B 2 0.82 -37.27 7.42
C ILE B 2 1.70 -38.43 6.97
N PRO B 3 1.09 -39.58 6.60
CA PRO B 3 1.83 -40.75 6.15
C PRO B 3 2.39 -40.62 4.73
N ALA B 4 1.64 -41.12 3.74
CA ALA B 4 2.07 -41.07 2.35
C ALA B 4 1.42 -39.91 1.60
N THR B 5 0.34 -39.37 2.16
CA THR B 5 -0.37 -38.26 1.54
C THR B 5 0.33 -36.93 1.83
N ASN B 6 1.66 -36.97 1.92
CA ASN B 6 2.44 -35.77 2.20
C ASN B 6 2.82 -35.04 0.91
N LEU B 7 2.12 -35.33 -0.17
CA LEU B 7 2.39 -34.70 -1.45
C LEU B 7 2.02 -33.22 -1.41
N SER B 8 0.91 -32.92 -0.73
CA SER B 8 0.44 -31.55 -0.62
C SER B 8 1.46 -30.68 0.12
N ARG B 9 2.20 -31.30 1.04
CA ARG B 9 3.22 -30.59 1.81
C ARG B 9 4.32 -30.08 0.89
N VAL B 10 4.77 -30.96 0.00
CA VAL B 10 5.83 -30.60 -0.94
C VAL B 10 5.41 -29.41 -1.78
N ALA B 11 4.21 -29.48 -2.36
CA ALA B 11 3.70 -28.41 -3.18
C ALA B 11 3.58 -27.13 -2.35
N GLY B 12 3.36 -27.32 -1.06
CA GLY B 12 3.24 -26.18 -0.16
C GLY B 12 4.51 -25.37 -0.14
N LEU B 13 5.65 -26.06 -0.13
CA LEU B 13 6.95 -25.41 -0.13
C LEU B 13 7.19 -24.74 -1.47
N GLU B 14 6.67 -25.36 -2.53
CA GLU B 14 6.81 -24.80 -3.86
C GLU B 14 6.07 -23.48 -3.93
N LYS B 15 4.90 -23.45 -3.29
CA LYS B 15 4.06 -22.27 -3.24
C LYS B 15 4.72 -21.18 -2.39
N GLN B 16 5.20 -21.58 -1.21
CA GLN B 16 5.86 -20.64 -0.31
C GLN B 16 7.07 -20.03 -0.99
N LEU B 17 7.92 -20.88 -1.54
CA LEU B 17 9.12 -20.44 -2.23
C LEU B 17 8.75 -19.48 -3.36
N ALA B 18 7.67 -19.79 -4.08
CA ALA B 18 7.23 -18.97 -5.20
C ALA B 18 6.83 -17.58 -4.70
N ILE B 19 6.15 -17.53 -3.56
CA ILE B 19 5.75 -16.27 -2.97
C ILE B 19 7.00 -15.44 -2.70
N GLU B 20 8.05 -16.12 -2.24
CA GLU B 20 9.32 -15.48 -1.95
C GLU B 20 9.93 -14.93 -3.22
N LEU B 21 9.63 -15.55 -4.35
CA LEU B 21 10.13 -15.10 -5.64
C LEU B 21 9.47 -13.79 -6.03
N LYS B 22 8.23 -13.59 -5.60
CA LYS B 22 7.49 -12.38 -5.92
C LYS B 22 8.10 -11.20 -5.18
N VAL B 23 8.41 -11.43 -3.91
CA VAL B 23 9.01 -10.41 -3.07
C VAL B 23 10.47 -10.16 -3.44
N LYS B 24 11.23 -11.24 -3.57
CA LYS B 24 12.63 -11.16 -3.95
C LYS B 24 12.80 -10.39 -5.26
N GLN B 25 12.06 -10.80 -6.28
CA GLN B 25 12.12 -10.14 -7.58
C GLN B 25 11.59 -8.71 -7.47
N GLY B 26 10.69 -8.48 -6.53
CA GLY B 26 10.12 -7.16 -6.35
C GLY B 26 11.17 -6.15 -5.93
N ALA B 27 11.98 -6.52 -4.94
CA ALA B 27 13.03 -5.64 -4.44
C ALA B 27 14.06 -5.35 -5.53
N GLU B 28 14.51 -6.41 -6.20
CA GLU B 28 15.50 -6.27 -7.26
C GLU B 28 15.04 -5.29 -8.32
N ASN B 29 13.77 -5.39 -8.73
CA ASN B 29 13.22 -4.47 -9.73
C ASN B 29 13.37 -3.04 -9.27
N MET B 30 13.02 -2.80 -8.00
CA MET B 30 13.12 -1.47 -7.41
C MET B 30 14.57 -1.03 -7.36
N ILE B 31 15.47 -1.99 -7.17
CA ILE B 31 16.90 -1.70 -7.09
C ILE B 31 17.43 -1.19 -8.42
N GLN B 32 17.10 -1.89 -9.50
CA GLN B 32 17.55 -1.49 -10.83
C GLN B 32 16.96 -0.14 -11.21
N THR B 33 15.81 0.18 -10.64
CA THR B 33 15.14 1.45 -10.92
C THR B 33 15.94 2.63 -10.39
N TYR B 34 16.35 2.54 -9.12
CA TYR B 34 17.12 3.62 -8.50
C TYR B 34 18.62 3.47 -8.77
N SER B 35 19.02 2.29 -9.21
CA SER B 35 20.43 2.02 -9.51
C SER B 35 20.95 2.97 -10.59
N ASN B 36 20.02 3.61 -11.31
CA ASN B 36 20.39 4.54 -12.37
C ASN B 36 20.94 5.84 -11.79
N GLY B 37 21.18 6.81 -12.66
CA GLY B 37 21.70 8.10 -12.22
C GLY B 37 20.64 9.00 -11.63
N SER B 38 20.02 9.81 -12.48
CA SER B 38 18.98 10.73 -12.04
C SER B 38 17.81 9.97 -11.42
N THR B 39 17.61 10.15 -10.12
CA THR B 39 16.53 9.48 -9.41
C THR B 39 15.85 10.44 -8.43
N LYS B 40 14.96 9.91 -7.62
CA LYS B 40 14.24 10.71 -6.63
C LYS B 40 14.97 10.70 -5.29
N ASP B 41 15.08 9.53 -4.68
CA ASP B 41 15.75 9.39 -3.40
C ASP B 41 16.57 8.10 -3.34
N ARG B 42 17.82 8.23 -2.92
CA ARG B 42 18.72 7.08 -2.83
C ARG B 42 18.30 6.14 -1.70
N LYS B 43 17.62 6.68 -0.69
CA LYS B 43 17.17 5.88 0.45
C LYS B 43 16.29 4.72 -0.01
N LEU B 44 15.51 4.94 -1.05
CA LEU B 44 14.63 3.91 -1.58
C LEU B 44 15.46 2.73 -2.10
N LEU B 45 16.65 3.04 -2.60
CA LEU B 45 17.56 2.03 -3.13
C LEU B 45 18.15 1.20 -1.98
N LEU B 46 18.40 1.87 -0.87
CA LEU B 46 18.97 1.22 0.31
C LEU B 46 18.00 0.21 0.89
N THR B 47 16.73 0.60 1.02
CA THR B 47 15.70 -0.28 1.57
C THR B 47 15.51 -1.51 0.69
N ALA B 48 15.51 -1.30 -0.62
CA ALA B 48 15.33 -2.38 -1.56
C ALA B 48 16.48 -3.38 -1.45
N GLN B 49 17.68 -2.86 -1.21
CA GLN B 49 18.88 -3.69 -1.08
C GLN B 49 18.80 -4.60 0.14
N GLN B 50 18.48 -4.03 1.30
CA GLN B 50 18.39 -4.80 2.54
C GLN B 50 17.24 -5.80 2.51
N MET B 51 16.06 -5.37 2.06
CA MET B 51 14.90 -6.24 2.01
C MET B 51 15.13 -7.38 1.02
N LEU B 52 15.94 -7.12 0.00
CA LEU B 52 16.24 -8.13 -1.01
C LEU B 52 17.10 -9.24 -0.43
N GLN B 53 18.11 -8.85 0.35
CA GLN B 53 19.02 -9.81 0.97
C GLN B 53 18.24 -10.74 1.89
N ASP B 54 17.34 -10.15 2.68
CA ASP B 54 16.52 -10.91 3.60
C ASP B 54 15.71 -11.95 2.84
N SER B 55 15.20 -11.53 1.68
CA SER B 55 14.40 -12.41 0.84
C SER B 55 15.23 -13.60 0.37
N LYS B 56 16.49 -13.35 0.02
CA LYS B 56 17.37 -14.41 -0.45
C LYS B 56 17.46 -15.53 0.56
N THR B 57 17.63 -15.16 1.84
CA THR B 57 17.71 -16.14 2.91
C THR B 57 16.44 -16.97 2.97
N LYS B 58 15.29 -16.31 2.81
CA LYS B 58 14.00 -16.99 2.85
C LYS B 58 13.95 -18.12 1.82
N ILE B 59 14.35 -17.83 0.59
CA ILE B 59 14.35 -18.84 -0.46
C ILE B 59 15.34 -19.95 -0.12
N ASP B 60 16.49 -19.56 0.42
CA ASP B 60 17.53 -20.51 0.79
C ASP B 60 17.03 -21.61 1.71
N ILE B 61 16.32 -21.23 2.78
CA ILE B 61 15.81 -22.21 3.74
C ILE B 61 14.67 -23.03 3.15
N ILE B 62 13.72 -22.35 2.54
CA ILE B 62 12.57 -23.02 1.94
C ILE B 62 13.02 -24.01 0.88
N ARG B 63 14.03 -23.62 0.11
CA ARG B 63 14.57 -24.45 -0.95
C ARG B 63 15.22 -25.72 -0.41
N MET B 64 16.07 -25.57 0.62
CA MET B 64 16.75 -26.72 1.19
C MET B 64 15.77 -27.69 1.85
N GLN B 65 14.79 -27.15 2.59
CA GLN B 65 13.81 -27.98 3.26
C GLN B 65 12.98 -28.75 2.26
N LEU B 66 12.68 -28.11 1.13
CA LEU B 66 11.91 -28.76 0.09
C LEU B 66 12.65 -29.99 -0.40
N ARG B 67 13.95 -29.86 -0.58
CA ARG B 67 14.79 -30.97 -1.00
C ARG B 67 14.69 -32.10 0.01
N ARG B 68 14.53 -31.72 1.28
CA ARG B 68 14.42 -32.70 2.35
C ARG B 68 13.15 -33.52 2.21
N ALA B 69 12.11 -32.87 1.70
CA ALA B 69 10.82 -33.51 1.50
C ALA B 69 10.89 -34.58 0.42
N LEU B 70 11.44 -34.21 -0.74
CA LEU B 70 11.56 -35.14 -1.85
C LEU B 70 12.46 -36.31 -1.48
N GLN B 71 13.43 -36.05 -0.60
CA GLN B 71 14.34 -37.08 -0.14
C GLN B 71 13.60 -38.11 0.71
N ALA B 72 12.86 -37.61 1.70
CA ALA B 72 12.10 -38.48 2.59
C ALA B 72 11.03 -39.22 1.82
N ASP B 73 10.73 -38.74 0.62
CA ASP B 73 9.73 -39.36 -0.24
C ASP B 73 10.38 -40.37 -1.18
N GLN B 74 11.68 -40.21 -1.40
CA GLN B 74 12.42 -41.10 -2.26
C GLN B 74 12.76 -42.40 -1.53
N LEU B 75 12.92 -42.31 -0.22
CA LEU B 75 13.25 -43.47 0.60
C LEU B 75 12.03 -43.97 1.36
N GLU B 76 10.91 -43.30 1.13
CA GLU B 76 9.64 -43.65 1.78
C GLU B 76 9.75 -43.53 3.30
N ASN B 77 10.28 -44.59 3.94
CA ASN B 77 10.44 -44.61 5.38
C ASN B 77 11.91 -44.72 5.77
N GLN B 78 12.58 -45.74 5.23
CA GLN B 78 13.99 -45.97 5.51
C GLN B 78 14.22 -46.15 7.01
N ALA B 79 13.17 -46.53 7.72
CA ALA B 79 13.23 -46.74 9.17
C ALA B 79 13.71 -45.46 9.87
N ALA B 80 12.76 -44.62 10.25
CA ALA B 80 13.08 -43.38 10.94
C ALA B 80 13.19 -43.59 12.44
N PRO B 81 14.02 -42.77 13.14
CA PRO B 81 14.21 -42.89 14.59
C PRO B 81 12.90 -42.74 15.35
N MET A 1 10.51 20.54 -11.13
CA MET A 1 9.27 19.71 -11.11
C MET A 1 8.97 19.21 -9.70
N GLN A 2 7.96 19.80 -9.07
CA GLN A 2 7.57 19.42 -7.72
C GLN A 2 7.21 17.94 -7.66
N ALA A 3 8.13 17.13 -7.15
CA ALA A 3 7.91 15.70 -7.06
C ALA A 3 7.60 15.30 -5.64
N ILE A 4 6.42 14.77 -5.43
CA ILE A 4 5.97 14.37 -4.10
C ILE A 4 5.51 12.92 -4.07
N LYS A 5 5.98 12.20 -3.04
CA LYS A 5 5.65 10.78 -2.89
C LYS A 5 4.45 10.60 -1.96
N CYS A 6 3.35 10.14 -2.53
CA CYS A 6 2.12 9.92 -1.76
C CYS A 6 1.69 8.45 -1.82
N VAL A 7 1.58 7.82 -0.66
CA VAL A 7 1.18 6.42 -0.59
C VAL A 7 -0.30 6.29 -0.22
N VAL A 8 -1.02 5.47 -0.95
CA VAL A 8 -2.45 5.27 -0.70
C VAL A 8 -2.70 3.98 0.07
N VAL A 9 -3.35 4.11 1.23
CA VAL A 9 -3.65 2.96 2.07
C VAL A 9 -5.05 3.08 2.64
N GLY A 10 -5.67 1.93 2.94
CA GLY A 10 -7.01 1.91 3.49
C GLY A 10 -7.36 0.59 4.14
N ASP A 11 -8.32 0.62 5.05
CA ASP A 11 -8.75 -0.58 5.76
C ASP A 11 -9.43 -1.55 4.80
N GLY A 12 -10.09 -1.01 3.78
CA GLY A 12 -10.77 -1.85 2.81
C GLY A 12 -9.84 -2.84 2.13
N ALA A 13 -10.30 -4.07 1.97
CA ALA A 13 -9.50 -5.11 1.34
C ALA A 13 -9.21 -4.77 -0.12
N VAL A 14 -10.02 -3.87 -0.69
CA VAL A 14 -9.84 -3.46 -2.08
C VAL A 14 -10.15 -1.98 -2.26
N GLY A 15 -9.37 -1.31 -3.11
CA GLY A 15 -9.58 0.10 -3.36
C GLY A 15 -8.30 0.92 -3.35
N LYS A 16 -7.18 0.27 -3.02
CA LYS A 16 -5.90 0.96 -2.97
C LYS A 16 -5.36 1.31 -4.35
N THR A 17 -5.33 0.35 -5.27
CA THR A 17 -4.82 0.59 -6.62
C THR A 17 -5.85 1.27 -7.52
N CYS A 18 -7.12 0.94 -7.32
CA CYS A 18 -8.19 1.50 -8.14
C CYS A 18 -8.23 3.03 -8.03
N LEU A 19 -7.92 3.55 -6.85
CA LEU A 19 -7.94 5.00 -6.62
C LEU A 19 -6.91 5.71 -7.51
N LEU A 20 -5.68 5.20 -7.53
CA LEU A 20 -4.61 5.79 -8.33
C LEU A 20 -4.84 5.62 -9.83
N ILE A 21 -5.23 4.41 -10.23
CA ILE A 21 -5.45 4.12 -11.64
C ILE A 21 -6.59 4.95 -12.24
N SER A 22 -7.63 5.18 -11.46
CA SER A 22 -8.78 5.95 -11.92
C SER A 22 -8.40 7.37 -12.30
N TYR A 23 -7.49 7.98 -11.55
CA TYR A 23 -7.07 9.35 -11.84
C TYR A 23 -6.03 9.40 -12.96
N THR A 24 -5.31 8.30 -13.16
CA THR A 24 -4.27 8.26 -14.19
C THR A 24 -4.79 7.77 -15.53
N THR A 25 -5.83 6.94 -15.52
CA THR A 25 -6.38 6.39 -16.74
C THR A 25 -7.84 6.79 -16.94
N ASN A 26 -8.40 7.48 -15.94
CA ASN A 26 -9.79 7.92 -15.99
C ASN A 26 -10.75 6.74 -16.02
N ALA A 27 -10.20 5.53 -15.94
CA ALA A 27 -11.00 4.32 -15.96
C ALA A 27 -10.15 3.08 -15.67
N PHE A 28 -10.44 2.42 -14.56
CA PHE A 28 -9.69 1.22 -14.19
C PHE A 28 -9.95 0.09 -15.18
N PRO A 29 -8.91 -0.36 -15.91
CA PRO A 29 -9.04 -1.44 -16.89
C PRO A 29 -9.38 -2.78 -16.24
N GLY A 30 -8.63 -3.12 -15.20
CA GLY A 30 -8.86 -4.37 -14.49
C GLY A 30 -7.59 -5.16 -14.28
N GLU A 31 -6.78 -4.74 -13.32
CA GLU A 31 -5.53 -5.41 -13.03
C GLU A 31 -5.77 -6.86 -12.63
N TYR A 32 -4.82 -7.73 -12.98
CA TYR A 32 -4.92 -9.15 -12.66
C TYR A 32 -3.70 -9.62 -11.87
N ILE A 33 -2.59 -8.89 -12.00
CA ILE A 33 -1.36 -9.23 -11.30
C ILE A 33 -1.21 -8.41 -10.02
N PRO A 34 -0.40 -8.87 -9.06
CA PRO A 34 -0.19 -8.16 -7.80
C PRO A 34 0.50 -6.81 -8.00
N THR A 35 0.38 -5.95 -7.01
CA THR A 35 0.99 -4.61 -7.08
C THR A 35 2.51 -4.70 -7.19
N VAL A 36 3.09 -5.72 -6.54
CA VAL A 36 4.54 -5.91 -6.57
C VAL A 36 5.06 -6.02 -8.00
N PHE A 37 5.71 -4.95 -8.47
CA PHE A 37 6.27 -4.92 -9.81
C PHE A 37 7.02 -3.62 -10.07
N ASP A 38 6.27 -2.54 -10.25
CA ASP A 38 6.87 -1.22 -10.51
C ASP A 38 5.96 -0.11 -9.99
N ASN A 39 6.47 1.12 -10.03
CA ASN A 39 5.71 2.28 -9.57
C ASN A 39 5.08 3.02 -10.74
N TYR A 40 4.30 4.06 -10.44
CA TYR A 40 3.64 4.85 -11.46
C TYR A 40 3.82 6.34 -11.19
N SER A 41 3.89 7.13 -12.26
CA SER A 41 4.04 8.58 -12.13
C SER A 41 3.06 9.31 -13.02
N ALA A 42 2.64 10.49 -12.56
CA ALA A 42 1.69 11.31 -13.31
C ALA A 42 1.95 12.79 -13.08
N ASN A 43 1.63 13.61 -14.08
CA ASN A 43 1.83 15.05 -13.95
C ASN A 43 0.51 15.74 -13.58
N VAL A 44 0.55 16.56 -12.55
CA VAL A 44 -0.63 17.27 -12.09
C VAL A 44 -0.40 18.78 -12.04
N MET A 45 -1.43 19.53 -12.43
CA MET A 45 -1.36 20.99 -12.45
C MET A 45 -1.82 21.59 -11.14
N VAL A 46 -0.94 22.32 -10.49
CA VAL A 46 -1.26 22.98 -9.22
C VAL A 46 -0.78 24.42 -9.22
N ASP A 47 -1.73 25.35 -9.16
CA ASP A 47 -1.41 26.77 -9.15
C ASP A 47 -0.71 27.20 -10.43
N GLY A 48 -0.82 26.38 -11.47
CA GLY A 48 -0.18 26.71 -12.73
C GLY A 48 1.28 26.29 -12.75
N LYS A 49 1.65 25.46 -11.78
CA LYS A 49 3.02 24.97 -11.67
C LYS A 49 3.06 23.45 -11.84
N PRO A 50 3.80 22.94 -12.86
CA PRO A 50 3.89 21.51 -13.09
C PRO A 50 4.39 20.77 -11.86
N VAL A 51 3.70 19.70 -11.48
CA VAL A 51 4.07 18.93 -10.30
C VAL A 51 4.18 17.44 -10.62
N ASN A 52 5.31 16.84 -10.25
CA ASN A 52 5.54 15.42 -10.43
C ASN A 52 4.83 14.64 -9.33
N LEU A 53 3.93 13.75 -9.73
CA LEU A 53 3.15 12.96 -8.78
C LEU A 53 3.65 11.52 -8.70
N GLY A 54 3.88 11.07 -7.47
CA GLY A 54 4.33 9.70 -7.26
C GLY A 54 3.20 8.83 -6.76
N LEU A 55 2.83 7.82 -7.53
CA LEU A 55 1.74 6.93 -7.15
C LEU A 55 2.28 5.68 -6.45
N TRP A 56 1.90 5.49 -5.20
CA TRP A 56 2.33 4.35 -4.42
C TRP A 56 1.14 3.71 -3.70
N ASP A 57 1.26 2.41 -3.43
CA ASP A 57 0.18 1.69 -2.76
C ASP A 57 0.65 0.32 -2.29
N THR A 58 0.42 0.02 -1.02
CA THR A 58 0.82 -1.26 -0.45
C THR A 58 -0.16 -2.36 -0.83
N ALA A 59 0.37 -3.50 -1.24
CA ALA A 59 -0.47 -4.63 -1.64
C ALA A 59 -1.29 -5.15 -0.46
N GLY A 60 -2.32 -5.93 -0.77
CA GLY A 60 -3.18 -6.47 0.27
C GLY A 60 -2.61 -7.73 0.88
N LEU A 61 -1.33 -7.99 0.63
CA LEU A 61 -0.67 -9.18 1.16
C LEU A 61 0.13 -8.83 2.42
N GLU A 62 -0.26 -9.42 3.53
CA GLU A 62 0.41 -9.17 4.81
C GLU A 62 1.71 -9.96 4.93
N ASP A 63 1.94 -10.88 4.00
CA ASP A 63 3.14 -11.70 4.02
C ASP A 63 4.37 -10.87 3.64
N TYR A 64 4.19 -9.95 2.69
CA TYR A 64 5.31 -9.10 2.25
C TYR A 64 4.81 -7.69 1.93
N ASP A 65 3.90 -7.18 2.74
CA ASP A 65 3.36 -5.84 2.55
C ASP A 65 4.47 -4.79 2.58
N ARG A 66 5.62 -5.18 3.12
CA ARG A 66 6.76 -4.28 3.22
C ARG A 66 7.53 -4.20 1.90
N LEU A 67 7.43 -5.25 1.08
CA LEU A 67 8.12 -5.29 -0.20
C LEU A 67 7.36 -4.48 -1.25
N ARG A 68 7.36 -3.15 -1.09
CA ARG A 68 6.68 -2.26 -2.05
C ARG A 68 6.69 -0.80 -1.59
N PRO A 69 6.21 -0.51 -0.36
CA PRO A 69 6.14 0.87 0.14
C PRO A 69 7.38 1.33 0.90
N LEU A 70 8.52 1.41 0.21
CA LEU A 70 9.75 1.88 0.85
C LEU A 70 9.61 3.36 1.17
N SER A 71 8.75 4.02 0.39
CA SER A 71 8.50 5.44 0.54
C SER A 71 7.74 5.77 1.82
N TYR A 72 6.82 4.88 2.21
CA TYR A 72 5.98 5.07 3.40
C TYR A 72 6.60 6.05 4.42
N PRO A 73 7.84 5.81 4.92
CA PRO A 73 8.47 6.73 5.89
C PRO A 73 8.58 8.15 5.34
N GLN A 74 9.10 8.26 4.12
CA GLN A 74 9.27 9.55 3.45
C GLN A 74 7.92 10.20 3.16
N THR A 75 6.97 9.38 2.70
CA THR A 75 5.63 9.84 2.34
C THR A 75 5.31 11.23 2.88
N ASP A 76 5.44 12.23 2.00
CA ASP A 76 5.15 13.60 2.36
C ASP A 76 3.78 13.69 3.00
N VAL A 77 2.85 12.94 2.43
CA VAL A 77 1.48 12.88 2.91
C VAL A 77 0.76 11.66 2.35
N PHE A 78 0.13 10.88 3.21
CA PHE A 78 -0.58 9.69 2.77
C PHE A 78 -2.08 9.90 2.85
N LEU A 79 -2.82 9.23 1.97
CA LEU A 79 -4.28 9.37 1.93
C LEU A 79 -4.97 8.25 2.72
N ILE A 80 -5.96 8.63 3.50
CA ILE A 80 -6.72 7.65 4.29
C ILE A 80 -7.99 7.27 3.54
N CYS A 81 -8.02 6.04 3.02
CA CYS A 81 -9.17 5.55 2.26
C CYS A 81 -10.07 4.66 3.10
N PHE A 82 -11.36 4.95 3.06
CA PHE A 82 -12.36 4.17 3.81
C PHE A 82 -13.71 4.24 3.12
N SER A 83 -14.63 3.38 3.53
CA SER A 83 -15.96 3.35 2.91
C SER A 83 -16.93 4.27 3.66
N LEU A 84 -17.33 5.35 2.99
CA LEU A 84 -18.23 6.33 3.59
C LEU A 84 -19.56 5.70 3.97
N VAL A 85 -20.10 4.88 3.08
CA VAL A 85 -21.39 4.23 3.32
C VAL A 85 -21.35 3.36 4.57
N SER A 86 -20.15 3.04 5.02
CA SER A 86 -19.97 2.22 6.22
C SER A 86 -19.22 3.00 7.31
N PRO A 87 -19.89 3.37 8.40
CA PRO A 87 -19.27 4.13 9.50
C PRO A 87 -18.12 3.39 10.17
N ALA A 88 -18.17 2.07 10.16
CA ALA A 88 -17.13 1.25 10.78
C ALA A 88 -15.76 1.53 10.17
N SER A 89 -15.69 1.68 8.86
CA SER A 89 -14.44 1.95 8.19
C SER A 89 -13.82 3.24 8.75
N PHE A 90 -14.69 4.21 9.01
CA PHE A 90 -14.25 5.49 9.55
C PHE A 90 -13.81 5.32 10.99
N GLU A 91 -14.46 4.40 11.68
CA GLU A 91 -14.17 4.12 13.08
C GLU A 91 -12.84 3.40 13.25
N ASN A 92 -12.49 2.59 12.25
CA ASN A 92 -11.26 1.80 12.29
C ASN A 92 -10.05 2.60 11.80
N VAL A 93 -10.23 3.41 10.76
CA VAL A 93 -9.13 4.20 10.22
C VAL A 93 -8.50 5.09 11.27
N ARG A 94 -9.34 5.82 12.00
CA ARG A 94 -8.87 6.73 13.05
C ARG A 94 -8.39 5.94 14.26
N ALA A 95 -8.83 4.70 14.36
CA ALA A 95 -8.48 3.84 15.49
C ALA A 95 -7.06 3.29 15.42
N LYS A 96 -6.66 2.74 14.27
CA LYS A 96 -5.33 2.16 14.13
C LYS A 96 -4.34 3.04 13.38
N TRP A 97 -4.78 3.65 12.28
CA TRP A 97 -3.90 4.49 11.46
C TRP A 97 -3.45 5.76 12.18
N TYR A 98 -4.38 6.44 12.87
CA TYR A 98 -4.06 7.68 13.56
C TYR A 98 -2.93 7.51 14.59
N PRO A 99 -3.00 6.50 15.47
CA PRO A 99 -1.96 6.27 16.49
C PRO A 99 -0.61 5.89 15.89
N GLU A 100 -0.65 5.27 14.71
CA GLU A 100 0.55 4.82 14.02
C GLU A 100 1.28 5.99 13.38
N VAL A 101 0.53 6.92 12.81
CA VAL A 101 1.11 8.09 12.17
C VAL A 101 1.95 8.86 13.18
N ARG A 102 1.49 8.89 14.42
CA ARG A 102 2.19 9.59 15.49
C ARG A 102 3.55 8.96 15.77
N HIS A 103 3.59 7.63 15.75
CA HIS A 103 4.82 6.89 16.04
C HIS A 103 5.77 6.88 14.83
N HIS A 104 5.20 6.75 13.63
CA HIS A 104 5.99 6.71 12.41
C HIS A 104 6.44 8.10 11.99
N CYS A 105 5.63 9.10 12.32
CA CYS A 105 5.94 10.48 11.97
C CYS A 105 5.52 11.45 13.08
N PRO A 106 6.49 12.06 13.78
CA PRO A 106 6.20 13.01 14.87
C PRO A 106 5.34 14.18 14.39
N ASN A 107 5.43 14.50 13.10
CA ASN A 107 4.67 15.60 12.52
C ASN A 107 4.70 15.54 11.00
N THR A 108 3.63 15.00 10.41
CA THR A 108 3.53 14.89 8.95
C THR A 108 2.11 15.20 8.48
N PRO A 109 1.96 16.01 7.42
CA PRO A 109 0.63 16.36 6.89
C PRO A 109 -0.10 15.13 6.38
N ILE A 110 -1.38 15.03 6.69
CA ILE A 110 -2.18 13.88 6.27
C ILE A 110 -3.50 14.30 5.65
N ILE A 111 -3.77 13.76 4.46
CA ILE A 111 -5.01 14.05 3.75
C ILE A 111 -6.03 12.95 3.99
N LEU A 112 -7.30 13.26 3.79
CA LEU A 112 -8.38 12.28 3.98
C LEU A 112 -9.14 12.07 2.68
N VAL A 113 -9.43 10.81 2.37
CA VAL A 113 -10.15 10.47 1.15
C VAL A 113 -11.39 9.62 1.43
N GLY A 114 -12.50 9.98 0.80
CA GLY A 114 -13.72 9.24 0.97
C GLY A 114 -14.06 8.43 -0.26
N THR A 115 -13.23 7.43 -0.54
CA THR A 115 -13.41 6.57 -1.71
C THR A 115 -14.81 5.98 -1.76
N LYS A 116 -15.16 5.43 -2.91
CA LYS A 116 -16.46 4.82 -3.12
C LYS A 116 -17.58 5.83 -2.88
N LEU A 117 -17.69 6.80 -3.78
CA LEU A 117 -18.71 7.83 -3.70
C LEU A 117 -19.92 7.44 -4.53
N ASP A 118 -19.71 6.55 -5.49
CA ASP A 118 -20.78 6.11 -6.38
C ASP A 118 -21.93 5.47 -5.62
N LEU A 119 -21.61 4.68 -4.59
CA LEU A 119 -22.64 4.01 -3.79
C LEU A 119 -22.96 4.79 -2.52
N ARG A 120 -22.22 5.87 -2.30
CA ARG A 120 -22.43 6.72 -1.13
C ARG A 120 -23.61 7.63 -1.38
N ASP A 121 -23.83 7.98 -2.64
CA ASP A 121 -24.95 8.82 -3.02
C ASP A 121 -25.98 7.98 -3.76
N ASP A 122 -25.92 6.67 -3.55
CA ASP A 122 -26.84 5.75 -4.19
C ASP A 122 -27.95 5.33 -3.24
N LYS A 123 -29.17 5.73 -3.55
CA LYS A 123 -30.34 5.42 -2.75
C LYS A 123 -30.43 3.94 -2.42
N ASP A 124 -30.44 3.12 -3.47
CA ASP A 124 -30.53 1.66 -3.31
C ASP A 124 -29.44 1.13 -2.40
N THR A 125 -28.20 1.56 -2.63
CA THR A 125 -27.09 1.10 -1.80
C THR A 125 -27.31 1.53 -0.35
N ILE A 126 -27.74 2.78 -0.18
CA ILE A 126 -28.01 3.31 1.15
C ILE A 126 -29.06 2.45 1.83
N GLU A 127 -30.04 2.02 1.05
CA GLU A 127 -31.10 1.16 1.54
C GLU A 127 -30.53 -0.17 2.01
N LYS A 128 -29.50 -0.64 1.31
CA LYS A 128 -28.85 -1.90 1.64
C LYS A 128 -28.15 -1.79 2.99
N LEU A 129 -27.57 -0.63 3.26
CA LEU A 129 -26.87 -0.41 4.51
C LEU A 129 -27.84 -0.56 5.67
N LYS A 130 -29.07 -0.12 5.46
CA LYS A 130 -30.11 -0.22 6.48
C LYS A 130 -30.29 -1.67 6.90
N GLU A 131 -30.08 -2.58 5.94
CA GLU A 131 -30.23 -4.00 6.20
C GLU A 131 -29.22 -4.45 7.24
N LYS A 132 -28.08 -3.77 7.27
CA LYS A 132 -27.02 -4.09 8.21
C LYS A 132 -26.95 -3.04 9.33
N LYS A 133 -27.95 -2.17 9.37
CA LYS A 133 -28.02 -1.12 10.39
C LYS A 133 -26.89 -0.10 10.27
N LEU A 134 -26.39 0.10 9.04
CA LEU A 134 -25.33 1.06 8.81
C LEU A 134 -25.82 2.24 7.97
N THR A 135 -25.15 3.38 8.12
CA THR A 135 -25.50 4.59 7.37
C THR A 135 -24.26 5.26 6.80
N PRO A 136 -24.38 5.91 5.62
CA PRO A 136 -23.25 6.58 4.98
C PRO A 136 -22.82 7.84 5.72
N ILE A 137 -21.53 8.17 5.60
CA ILE A 137 -20.97 9.33 6.27
C ILE A 137 -21.24 10.62 5.49
N THR A 138 -21.51 11.69 6.22
CA THR A 138 -21.78 12.99 5.62
C THR A 138 -20.50 13.82 5.59
N TYR A 139 -20.53 14.94 4.88
CA TYR A 139 -19.34 15.79 4.76
C TYR A 139 -18.92 16.38 6.12
N PRO A 140 -19.84 16.98 6.89
CA PRO A 140 -19.50 17.55 8.20
C PRO A 140 -18.98 16.52 9.20
N GLN A 141 -19.38 15.26 9.01
CA GLN A 141 -18.95 14.19 9.89
C GLN A 141 -17.45 13.96 9.76
N GLY A 142 -16.98 13.92 8.52
CA GLY A 142 -15.57 13.73 8.27
C GLY A 142 -14.78 14.99 8.53
N LEU A 143 -15.37 16.14 8.21
CA LEU A 143 -14.72 17.42 8.43
C LEU A 143 -14.25 17.55 9.87
N ALA A 144 -15.12 17.14 10.80
CA ALA A 144 -14.80 17.20 12.22
C ALA A 144 -13.66 16.25 12.55
N MET A 145 -13.64 15.10 11.88
CA MET A 145 -12.59 14.10 12.10
C MET A 145 -11.25 14.62 11.60
N ALA A 146 -11.27 15.40 10.52
CA ALA A 146 -10.04 15.95 9.97
C ALA A 146 -9.35 16.85 10.98
N LYS A 147 -10.10 17.82 11.50
CA LYS A 147 -9.55 18.74 12.50
C LYS A 147 -9.11 17.98 13.74
N GLU A 148 -9.84 16.92 14.04
CA GLU A 148 -9.55 16.08 15.19
C GLU A 148 -8.21 15.37 15.05
N ILE A 149 -7.97 14.80 13.87
CA ILE A 149 -6.72 14.09 13.62
C ILE A 149 -5.66 15.04 13.11
N GLY A 150 -5.95 16.34 13.21
CA GLY A 150 -5.02 17.37 12.77
C GLY A 150 -4.69 17.25 11.30
N ALA A 151 -5.54 16.58 10.54
CA ALA A 151 -5.32 16.40 9.11
C ALA A 151 -5.28 17.74 8.39
N VAL A 152 -4.51 17.79 7.31
CA VAL A 152 -4.37 18.99 6.53
C VAL A 152 -5.62 19.29 5.71
N LYS A 153 -6.32 18.25 5.28
CA LYS A 153 -7.54 18.43 4.49
C LYS A 153 -8.27 17.10 4.28
N TYR A 154 -9.59 17.19 4.19
CA TYR A 154 -10.44 16.02 4.01
C TYR A 154 -11.44 16.22 2.87
N LEU A 155 -11.53 15.24 1.97
CA LEU A 155 -12.47 15.32 0.84
C LEU A 155 -13.03 13.94 0.51
N GLU A 156 -14.10 13.92 -0.29
CA GLU A 156 -14.74 12.68 -0.71
C GLU A 156 -14.78 12.60 -2.24
N CYS A 157 -14.53 11.41 -2.78
CA CYS A 157 -14.54 11.22 -4.23
C CYS A 157 -14.75 9.76 -4.61
N SER A 158 -15.01 9.53 -5.90
CA SER A 158 -15.22 8.19 -6.41
C SER A 158 -14.26 7.88 -7.55
N ALA A 159 -13.90 6.61 -7.69
CA ALA A 159 -13.00 6.19 -8.75
C ALA A 159 -13.78 5.79 -10.00
N LEU A 160 -15.05 5.44 -9.79
CA LEU A 160 -15.91 5.03 -10.90
C LEU A 160 -16.47 6.24 -11.63
N THR A 161 -16.92 7.23 -10.88
CA THR A 161 -17.51 8.43 -11.46
C THR A 161 -16.50 9.58 -11.49
N GLN A 162 -15.41 9.41 -10.75
CA GLN A 162 -14.36 10.44 -10.68
C GLN A 162 -14.89 11.73 -10.07
N ARG A 163 -15.65 11.62 -8.98
CA ARG A 163 -16.20 12.79 -8.30
C ARG A 163 -15.15 13.89 -8.15
N GLY A 164 -14.07 13.60 -7.43
CA GLY A 164 -13.03 14.58 -7.23
C GLY A 164 -11.66 13.98 -6.96
N LEU A 165 -11.25 13.02 -7.79
CA LEU A 165 -9.94 12.38 -7.62
C LEU A 165 -8.82 13.40 -7.75
N LYS A 166 -8.87 14.20 -8.82
CA LYS A 166 -7.87 15.22 -9.07
C LYS A 166 -7.73 16.15 -7.88
N THR A 167 -8.86 16.42 -7.22
CA THR A 167 -8.88 17.28 -6.05
C THR A 167 -8.02 16.70 -4.94
N VAL A 168 -8.06 15.36 -4.80
CA VAL A 168 -7.29 14.69 -3.77
C VAL A 168 -5.80 14.95 -3.93
N PHE A 169 -5.29 14.66 -5.13
CA PHE A 169 -3.88 14.86 -5.44
C PHE A 169 -3.51 16.34 -5.42
N ASP A 170 -4.40 17.16 -5.96
CA ASP A 170 -4.19 18.60 -6.01
C ASP A 170 -4.01 19.19 -4.62
N GLU A 171 -4.89 18.80 -3.71
CA GLU A 171 -4.85 19.27 -2.33
C GLU A 171 -3.72 18.61 -1.55
N ALA A 172 -3.45 17.35 -1.87
CA ALA A 172 -2.40 16.59 -1.20
C ALA A 172 -1.04 17.23 -1.40
N ILE A 173 -0.81 17.71 -2.62
CA ILE A 173 0.46 18.36 -2.94
C ILE A 173 0.65 19.58 -2.04
N ARG A 174 -0.43 20.36 -1.88
CA ARG A 174 -0.40 21.54 -1.05
C ARG A 174 -0.08 21.17 0.39
N ALA A 175 -0.45 19.95 0.77
CA ALA A 175 -0.22 19.45 2.11
C ALA A 175 1.26 19.53 2.49
N VAL A 176 2.14 19.50 1.49
CA VAL A 176 3.57 19.57 1.76
C VAL A 176 4.12 20.99 1.58
N LEU A 177 3.49 21.76 0.69
CA LEU A 177 3.95 23.13 0.41
C LEU A 177 3.60 24.08 1.55
N CYS A 178 2.32 24.16 1.88
CA CYS A 178 1.88 25.07 2.95
C CYS A 178 2.22 24.51 4.34
N PRO A 179 1.71 23.32 4.73
CA PRO A 179 2.02 22.72 6.04
C PRO A 179 3.52 22.46 6.21
N PRO A 180 3.96 21.98 7.39
CA PRO A 180 5.38 21.71 7.64
C PRO A 180 5.99 20.73 6.63
N PRO A 181 7.26 20.95 6.23
CA PRO A 181 7.97 20.09 5.28
C PRO A 181 8.12 18.65 5.76
N VAL A 182 8.69 17.82 4.89
CA VAL A 182 8.91 16.42 5.18
C VAL A 182 10.34 16.00 4.82
N LYS A 183 10.84 14.98 5.52
CA LYS A 183 12.18 14.47 5.27
C LYS A 183 12.34 13.06 5.83
N LYS A 184 13.13 12.23 5.14
CA LYS A 184 13.36 10.86 5.56
C LYS A 184 14.15 10.81 6.87
N ARG A 185 14.32 9.61 7.41
CA ARG A 185 15.05 9.43 8.66
C ARG A 185 16.39 8.74 8.41
N LYS A 186 17.08 8.39 9.49
CA LYS A 186 18.38 7.73 9.40
C LYS A 186 18.22 6.29 8.94
N ARG A 187 19.35 5.61 8.78
CA ARG A 187 19.36 4.22 8.33
C ARG A 187 20.36 3.38 9.14
N LYS A 188 20.51 2.12 8.75
CA LYS A 188 21.43 1.22 9.44
C LYS A 188 22.89 1.66 9.23
N CYS A 189 23.76 1.22 10.13
CA CYS A 189 25.18 1.58 10.03
C CYS A 189 25.99 0.41 9.49
N LEU A 190 25.37 -0.77 9.42
CA LEU A 190 26.05 -1.95 8.92
C LEU A 190 26.16 -1.91 7.39
N LEU A 191 26.91 -2.86 6.84
CA LEU A 191 27.10 -2.93 5.39
C LEU A 191 25.99 -3.75 4.74
N LEU A 192 25.86 -3.61 3.42
CA LEU A 192 24.83 -4.34 2.69
C LEU A 192 25.37 -5.68 2.19
N GLY B 1 6.31 -31.40 12.13
CA GLY B 1 5.50 -31.42 10.87
C GLY B 1 5.45 -32.79 10.23
N ILE B 2 5.25 -32.82 8.91
CA ILE B 2 5.17 -34.07 8.19
C ILE B 2 6.46 -34.32 7.37
N PRO B 3 7.03 -35.53 7.46
CA PRO B 3 8.26 -35.87 6.74
C PRO B 3 8.06 -36.02 5.23
N ALA B 4 7.87 -37.26 4.77
CA ALA B 4 7.68 -37.52 3.35
C ALA B 4 6.20 -37.63 2.98
N THR B 5 5.41 -38.20 3.88
CA THR B 5 3.98 -38.36 3.65
C THR B 5 3.32 -37.03 3.32
N ASN B 6 2.08 -37.09 2.86
CA ASN B 6 1.33 -35.88 2.50
C ASN B 6 2.05 -35.10 1.41
N LEU B 7 1.63 -35.30 0.17
CA LEU B 7 2.23 -34.62 -0.97
C LEU B 7 1.96 -33.12 -0.92
N SER B 8 0.96 -32.73 -0.15
CA SER B 8 0.59 -31.33 -0.01
C SER B 8 1.69 -30.53 0.68
N ARG B 9 2.47 -31.22 1.52
CA ARG B 9 3.56 -30.57 2.25
C ARG B 9 4.64 -30.09 1.28
N VAL B 10 5.01 -30.96 0.35
CA VAL B 10 6.02 -30.63 -0.65
C VAL B 10 5.57 -29.45 -1.49
N ALA B 11 4.35 -29.55 -2.02
CA ALA B 11 3.79 -28.49 -2.84
C ALA B 11 3.68 -27.22 -2.02
N GLY B 12 3.51 -27.39 -0.71
CA GLY B 12 3.39 -26.26 0.18
C GLY B 12 4.66 -25.43 0.18
N LEU B 13 5.80 -26.12 0.12
CA LEU B 13 7.09 -25.44 0.09
C LEU B 13 7.29 -24.78 -1.26
N GLU B 14 6.74 -25.40 -2.29
CA GLU B 14 6.83 -24.85 -3.64
C GLU B 14 6.05 -23.55 -3.71
N LYS B 15 4.89 -23.55 -3.06
CA LYS B 15 4.01 -22.40 -3.00
C LYS B 15 4.64 -21.29 -2.16
N GLN B 16 5.13 -21.66 -0.97
CA GLN B 16 5.76 -20.71 -0.07
C GLN B 16 6.97 -20.08 -0.75
N LEU B 17 7.81 -20.92 -1.31
CA LEU B 17 9.01 -20.46 -2.01
C LEU B 17 8.62 -19.50 -3.13
N ALA B 18 7.57 -19.84 -3.87
CA ALA B 18 7.09 -19.02 -4.97
C ALA B 18 6.63 -17.66 -4.47
N ILE B 19 5.96 -17.65 -3.33
CA ILE B 19 5.51 -16.40 -2.73
C ILE B 19 6.73 -15.55 -2.43
N GLU B 20 7.77 -16.21 -1.92
CA GLU B 20 9.01 -15.55 -1.61
C GLU B 20 9.67 -15.06 -2.89
N LEU B 21 9.43 -15.77 -4.00
CA LEU B 21 9.98 -15.38 -5.29
C LEU B 21 9.46 -14.00 -5.66
N LYS B 22 8.21 -13.74 -5.31
CA LYS B 22 7.60 -12.45 -5.59
C LYS B 22 8.28 -11.39 -4.73
N VAL B 23 8.65 -11.81 -3.53
CA VAL B 23 9.33 -10.94 -2.59
C VAL B 23 10.73 -10.59 -3.08
N LYS B 24 11.50 -11.62 -3.42
CA LYS B 24 12.85 -11.43 -3.91
C LYS B 24 12.87 -10.65 -5.22
N GLN B 25 12.07 -11.09 -6.18
CA GLN B 25 11.98 -10.42 -7.47
C GLN B 25 11.45 -9.00 -7.31
N GLY B 26 10.66 -8.77 -6.27
CA GLY B 26 10.12 -7.44 -6.04
C GLY B 26 11.18 -6.47 -5.59
N ALA B 27 12.04 -6.92 -4.69
CA ALA B 27 13.11 -6.10 -4.17
C ALA B 27 14.16 -5.82 -5.25
N GLU B 28 14.53 -6.87 -5.98
CA GLU B 28 15.52 -6.74 -7.04
C GLU B 28 15.10 -5.68 -8.05
N ASN B 29 13.84 -5.71 -8.45
CA ASN B 29 13.32 -4.73 -9.41
C ASN B 29 13.46 -3.32 -8.85
N MET B 30 13.09 -3.16 -7.60
CA MET B 30 13.18 -1.86 -6.93
C MET B 30 14.62 -1.38 -6.86
N ILE B 31 15.55 -2.31 -6.64
CA ILE B 31 16.96 -1.98 -6.53
C ILE B 31 17.49 -1.46 -7.87
N GLN B 32 17.19 -2.18 -8.94
CA GLN B 32 17.65 -1.79 -10.27
C GLN B 32 17.07 -0.46 -10.68
N THR B 33 15.91 -0.13 -10.12
CA THR B 33 15.24 1.13 -10.43
C THR B 33 15.99 2.34 -9.87
N TYR B 34 16.35 2.28 -8.59
CA TYR B 34 17.05 3.37 -7.94
C TYR B 34 18.56 3.29 -8.15
N SER B 35 19.05 2.10 -8.48
CA SER B 35 20.48 1.89 -8.69
C SER B 35 20.89 2.37 -10.08
N ASN B 36 22.14 2.82 -10.19
CA ASN B 36 22.66 3.31 -11.47
C ASN B 36 21.82 4.46 -11.99
N GLY B 37 22.10 4.89 -13.23
CA GLY B 37 21.36 5.99 -13.83
C GLY B 37 21.39 7.25 -12.99
N SER B 38 20.23 7.67 -12.51
CA SER B 38 20.14 8.87 -11.69
C SER B 38 18.74 9.00 -11.08
N THR B 39 18.69 9.25 -9.78
CA THR B 39 17.42 9.39 -9.07
C THR B 39 17.59 10.21 -7.79
N LYS B 40 18.81 10.26 -7.28
CA LYS B 40 19.12 11.01 -6.07
C LYS B 40 18.32 10.47 -4.88
N ASP B 41 17.71 9.30 -5.05
CA ASP B 41 16.93 8.69 -3.98
C ASP B 41 17.56 7.37 -3.54
N ARG B 42 18.69 7.48 -2.85
CA ARG B 42 19.40 6.31 -2.36
C ARG B 42 18.67 5.67 -1.18
N LYS B 43 17.91 6.50 -0.46
CA LYS B 43 17.16 6.02 0.69
C LYS B 43 16.23 4.89 0.29
N LEU B 44 15.42 5.12 -0.75
CA LEU B 44 14.51 4.10 -1.24
C LEU B 44 15.29 2.90 -1.73
N LEU B 45 16.45 3.16 -2.31
CA LEU B 45 17.32 2.10 -2.81
C LEU B 45 17.79 1.24 -1.64
N LEU B 46 17.97 1.88 -0.49
CA LEU B 46 18.41 1.18 0.72
C LEU B 46 17.37 0.16 1.16
N THR B 47 16.10 0.58 1.18
CA THR B 47 15.02 -0.30 1.59
C THR B 47 14.95 -1.52 0.69
N ALA B 48 15.16 -1.31 -0.59
CA ALA B 48 15.12 -2.38 -1.57
C ALA B 48 16.27 -3.37 -1.36
N GLN B 49 17.42 -2.82 -0.98
CA GLN B 49 18.61 -3.62 -0.75
C GLN B 49 18.48 -4.49 0.50
N GLN B 50 18.06 -3.89 1.61
CA GLN B 50 17.90 -4.61 2.87
C GLN B 50 16.80 -5.66 2.79
N MET B 51 15.67 -5.29 2.18
CA MET B 51 14.55 -6.22 2.06
C MET B 51 14.88 -7.38 1.13
N LEU B 52 15.77 -7.12 0.16
CA LEU B 52 16.18 -8.14 -0.79
C LEU B 52 17.01 -9.22 -0.08
N GLN B 53 17.92 -8.78 0.77
CA GLN B 53 18.78 -9.70 1.50
C GLN B 53 17.95 -10.62 2.38
N ASP B 54 16.97 -10.04 3.05
CA ASP B 54 16.08 -10.80 3.92
C ASP B 54 15.38 -11.88 3.11
N SER B 55 14.96 -11.53 1.90
CA SER B 55 14.27 -12.46 1.02
C SER B 55 15.21 -13.58 0.59
N LYS B 56 16.47 -13.26 0.36
CA LYS B 56 17.45 -14.26 -0.06
C LYS B 56 17.52 -15.40 0.95
N THR B 57 17.56 -15.05 2.22
CA THR B 57 17.61 -16.04 3.28
C THR B 57 16.36 -16.90 3.29
N LYS B 58 15.21 -16.26 3.16
CA LYS B 58 13.93 -16.97 3.16
C LYS B 58 13.89 -18.04 2.08
N ILE B 59 14.29 -17.68 0.85
CA ILE B 59 14.31 -18.63 -0.25
C ILE B 59 15.30 -19.74 0.03
N ASP B 60 16.45 -19.38 0.61
CA ASP B 60 17.50 -20.33 0.93
C ASP B 60 17.02 -21.46 1.84
N ILE B 61 16.33 -21.10 2.93
CA ILE B 61 15.85 -22.11 3.87
C ILE B 61 14.71 -22.94 3.27
N ILE B 62 13.74 -22.26 2.68
CA ILE B 62 12.60 -22.95 2.08
C ILE B 62 13.06 -23.91 0.98
N ARG B 63 14.05 -23.47 0.21
CA ARG B 63 14.59 -24.26 -0.89
C ARG B 63 15.27 -25.53 -0.38
N MET B 64 16.13 -25.39 0.63
CA MET B 64 16.86 -26.53 1.18
C MET B 64 15.91 -27.52 1.84
N GLN B 65 14.92 -27.01 2.57
CA GLN B 65 13.96 -27.87 3.25
C GLN B 65 13.14 -28.66 2.24
N LEU B 66 12.82 -28.04 1.12
CA LEU B 66 12.07 -28.69 0.08
C LEU B 66 12.85 -29.91 -0.41
N ARG B 67 14.15 -29.72 -0.59
CA ARG B 67 15.02 -30.80 -1.03
C ARG B 67 14.98 -31.93 0.00
N ARG B 68 14.81 -31.57 1.26
CA ARG B 68 14.74 -32.54 2.35
C ARG B 68 13.50 -33.40 2.20
N ALA B 69 12.42 -32.79 1.74
CA ALA B 69 11.16 -33.47 1.55
C ALA B 69 11.28 -34.58 0.51
N LEU B 70 11.85 -34.23 -0.65
CA LEU B 70 12.04 -35.19 -1.72
C LEU B 70 13.07 -36.23 -1.33
N GLN B 71 14.10 -35.79 -0.62
CA GLN B 71 15.17 -36.69 -0.18
C GLN B 71 14.62 -37.75 0.77
N ALA B 72 13.66 -37.34 1.61
CA ALA B 72 13.05 -38.26 2.57
C ALA B 72 11.99 -39.11 1.89
N ASP B 73 11.56 -38.66 0.72
CA ASP B 73 10.55 -39.39 -0.05
C ASP B 73 11.19 -40.47 -0.90
N GLN B 74 12.45 -40.25 -1.27
CA GLN B 74 13.19 -41.21 -2.10
C GLN B 74 13.46 -42.49 -1.30
N LEU B 75 13.90 -42.32 -0.07
CA LEU B 75 14.21 -43.45 0.80
C LEU B 75 12.96 -43.95 1.51
N GLU B 76 13.08 -45.10 2.17
CA GLU B 76 11.96 -45.69 2.90
C GLU B 76 12.46 -46.59 4.01
N ASN B 77 13.78 -46.71 4.12
CA ASN B 77 14.39 -47.54 5.16
C ASN B 77 14.93 -46.68 6.29
N GLN B 78 15.70 -45.66 5.93
CA GLN B 78 16.28 -44.75 6.91
C GLN B 78 15.20 -44.07 7.74
N ALA B 79 14.04 -43.84 7.12
CA ALA B 79 12.94 -43.20 7.80
C ALA B 79 12.40 -44.08 8.92
N ALA B 80 11.65 -43.47 9.85
CA ALA B 80 11.08 -44.19 10.97
C ALA B 80 9.93 -45.09 10.52
N PRO B 81 9.85 -46.33 11.03
CA PRO B 81 8.78 -47.27 10.66
C PRO B 81 7.41 -46.79 11.10
N MET A 1 9.68 21.02 -11.15
CA MET A 1 8.66 19.95 -11.01
C MET A 1 8.53 19.53 -9.55
N GLN A 2 7.40 19.90 -8.94
CA GLN A 2 7.15 19.56 -7.55
C GLN A 2 6.89 18.05 -7.41
N ALA A 3 7.92 17.31 -7.03
CA ALA A 3 7.77 15.87 -6.90
C ALA A 3 7.41 15.50 -5.47
N ILE A 4 6.23 14.89 -5.33
CA ILE A 4 5.72 14.48 -4.03
C ILE A 4 5.47 12.98 -4.01
N LYS A 5 5.83 12.34 -2.90
CA LYS A 5 5.62 10.90 -2.76
C LYS A 5 4.31 10.62 -2.05
N CYS A 6 3.36 10.09 -2.80
CA CYS A 6 2.04 9.78 -2.25
C CYS A 6 1.72 8.29 -2.38
N VAL A 7 1.58 7.62 -1.24
CA VAL A 7 1.28 6.19 -1.22
C VAL A 7 -0.12 5.95 -0.66
N VAL A 8 -0.89 5.11 -1.36
CA VAL A 8 -2.25 4.81 -0.94
C VAL A 8 -2.28 3.50 -0.16
N VAL A 9 -2.87 3.55 1.03
CA VAL A 9 -2.96 2.37 1.89
C VAL A 9 -4.41 2.14 2.36
N GLY A 10 -4.70 0.89 2.72
CA GLY A 10 -6.02 0.54 3.20
C GLY A 10 -5.99 -0.60 4.20
N ASP A 11 -6.38 -0.30 5.43
CA ASP A 11 -6.39 -1.31 6.50
C ASP A 11 -7.18 -2.54 6.08
N GLY A 12 -8.27 -2.33 5.36
CA GLY A 12 -9.10 -3.43 4.91
C GLY A 12 -10.25 -2.99 4.03
N ALA A 13 -10.35 -1.68 3.82
CA ALA A 13 -11.41 -1.12 2.99
C ALA A 13 -11.15 -1.39 1.51
N VAL A 14 -9.89 -1.71 1.18
CA VAL A 14 -9.50 -1.99 -0.19
C VAL A 14 -9.65 -0.76 -1.07
N GLY A 15 -8.86 -0.69 -2.14
CA GLY A 15 -8.92 0.46 -3.04
C GLY A 15 -7.61 1.21 -3.13
N LYS A 16 -6.50 0.54 -2.80
CA LYS A 16 -5.18 1.17 -2.84
C LYS A 16 -4.69 1.40 -4.27
N THR A 17 -4.73 0.36 -5.10
CA THR A 17 -4.25 0.45 -6.48
C THR A 17 -5.29 1.06 -7.42
N CYS A 18 -6.55 0.69 -7.23
CA CYS A 18 -7.64 1.19 -8.06
C CYS A 18 -7.75 2.71 -8.00
N LEU A 19 -7.49 3.28 -6.82
CA LEU A 19 -7.59 4.73 -6.63
C LEU A 19 -6.58 5.47 -7.51
N LEU A 20 -5.31 5.06 -7.47
CA LEU A 20 -4.27 5.70 -8.26
C LEU A 20 -4.45 5.44 -9.77
N ILE A 21 -4.84 4.22 -10.12
CA ILE A 21 -5.04 3.86 -11.53
C ILE A 21 -6.14 4.71 -12.16
N SER A 22 -7.22 4.90 -11.42
CA SER A 22 -8.36 5.67 -11.90
C SER A 22 -7.95 7.10 -12.25
N TYR A 23 -7.05 7.67 -11.47
CA TYR A 23 -6.59 9.03 -11.70
C TYR A 23 -5.70 9.14 -12.93
N THR A 24 -4.96 8.07 -13.22
CA THR A 24 -4.04 8.07 -14.36
C THR A 24 -4.66 7.55 -15.65
N THR A 25 -5.68 6.69 -15.52
CA THR A 25 -6.33 6.11 -16.69
C THR A 25 -7.80 6.48 -16.78
N ASN A 26 -8.27 7.24 -15.80
CA ASN A 26 -9.67 7.67 -15.76
C ASN A 26 -10.63 6.49 -15.66
N ALA A 27 -10.07 5.29 -15.55
CA ALA A 27 -10.88 4.08 -15.46
C ALA A 27 -10.03 2.85 -15.11
N PHE A 28 -10.40 2.16 -14.05
CA PHE A 28 -9.66 0.98 -13.62
C PHE A 28 -10.05 -0.22 -14.49
N PRO A 29 -9.07 -0.83 -15.21
CA PRO A 29 -9.33 -1.99 -16.07
C PRO A 29 -9.92 -3.16 -15.30
N GLY A 30 -9.13 -3.75 -14.41
CA GLY A 30 -9.60 -4.87 -13.63
C GLY A 30 -8.60 -6.00 -13.56
N GLU A 31 -7.62 -5.87 -12.66
CA GLU A 31 -6.60 -6.90 -12.49
C GLU A 31 -6.17 -6.98 -11.03
N TYR A 32 -5.27 -7.92 -10.73
CA TYR A 32 -4.78 -8.11 -9.37
C TYR A 32 -3.34 -8.62 -9.37
N ILE A 33 -2.73 -8.67 -10.55
CA ILE A 33 -1.37 -9.14 -10.68
C ILE A 33 -0.35 -8.02 -10.39
N PRO A 34 -0.50 -6.85 -11.05
CA PRO A 34 0.42 -5.73 -10.84
C PRO A 34 0.08 -4.95 -9.57
N THR A 35 0.90 -5.14 -8.53
CA THR A 35 0.68 -4.46 -7.26
C THR A 35 1.86 -4.67 -6.32
N VAL A 36 3.01 -5.05 -6.89
CA VAL A 36 4.21 -5.29 -6.11
C VAL A 36 5.31 -4.28 -6.45
N PHE A 37 5.89 -4.45 -7.64
CA PHE A 37 6.95 -3.55 -8.09
C PHE A 37 6.46 -2.64 -9.21
N ASP A 38 5.16 -2.67 -9.47
CA ASP A 38 4.56 -1.84 -10.52
C ASP A 38 4.26 -0.44 -10.00
N ASN A 39 5.13 0.51 -10.33
CA ASN A 39 4.95 1.90 -9.89
C ASN A 39 5.21 2.86 -11.05
N TYR A 40 4.44 3.94 -11.10
CA TYR A 40 4.60 4.93 -12.16
C TYR A 40 4.34 6.34 -11.64
N SER A 41 4.76 7.33 -12.42
CA SER A 41 4.57 8.73 -12.04
C SER A 41 3.65 9.43 -13.04
N ALA A 42 3.02 10.50 -12.58
CA ALA A 42 2.09 11.25 -13.42
C ALA A 42 2.28 12.76 -13.28
N ASN A 43 2.15 13.48 -14.39
CA ASN A 43 2.30 14.94 -14.39
C ASN A 43 0.95 15.60 -14.16
N VAL A 44 0.90 16.55 -13.23
CA VAL A 44 -0.33 17.25 -12.91
C VAL A 44 -0.09 18.75 -12.74
N MET A 45 -1.10 19.54 -13.08
CA MET A 45 -1.03 20.99 -12.97
C MET A 45 -1.63 21.47 -11.65
N VAL A 46 -0.83 22.17 -10.86
CA VAL A 46 -1.28 22.69 -9.58
C VAL A 46 -0.85 24.14 -9.40
N ASP A 47 -1.83 25.04 -9.41
CA ASP A 47 -1.56 26.48 -9.26
C ASP A 47 -0.73 27.02 -10.42
N GLY A 48 -0.68 26.27 -11.52
CA GLY A 48 0.09 26.70 -12.66
C GLY A 48 1.54 26.30 -12.54
N LYS A 49 1.80 25.39 -11.61
CA LYS A 49 3.16 24.90 -11.36
C LYS A 49 3.22 23.39 -11.58
N PRO A 50 3.94 22.92 -12.61
CA PRO A 50 4.04 21.49 -12.90
C PRO A 50 4.55 20.74 -11.69
N VAL A 51 3.86 19.66 -11.34
CA VAL A 51 4.24 18.85 -10.18
C VAL A 51 4.35 17.37 -10.53
N ASN A 52 5.43 16.77 -10.06
CA ASN A 52 5.68 15.35 -10.29
C ASN A 52 4.95 14.52 -9.23
N LEU A 53 4.05 13.66 -9.70
CA LEU A 53 3.28 12.81 -8.79
C LEU A 53 3.82 11.39 -8.76
N GLY A 54 4.07 10.90 -7.55
CA GLY A 54 4.58 9.55 -7.39
C GLY A 54 3.50 8.59 -6.93
N LEU A 55 3.13 7.65 -7.79
CA LEU A 55 2.10 6.68 -7.45
C LEU A 55 2.73 5.39 -6.93
N TRP A 56 2.42 5.05 -5.68
CA TRP A 56 2.96 3.85 -5.06
C TRP A 56 1.85 2.98 -4.48
N ASP A 57 2.11 1.68 -4.39
CA ASP A 57 1.13 0.73 -3.86
C ASP A 57 1.64 0.11 -2.56
N THR A 58 0.74 -0.04 -1.60
CA THR A 58 1.09 -0.62 -0.31
C THR A 58 0.92 -2.13 -0.32
N ALA A 59 -0.04 -2.61 -1.11
CA ALA A 59 -0.32 -4.05 -1.21
C ALA A 59 -0.71 -4.64 0.13
N GLY A 60 -2.00 -4.93 0.29
CA GLY A 60 -2.49 -5.49 1.53
C GLY A 60 -2.09 -6.94 1.73
N LEU A 61 -0.99 -7.16 2.44
CA LEU A 61 -0.50 -8.51 2.71
C LEU A 61 0.54 -8.51 3.82
N GLU A 62 0.60 -9.63 4.55
CA GLU A 62 1.53 -9.76 5.66
C GLU A 62 2.93 -10.17 5.20
N ASP A 63 3.00 -10.99 4.16
CA ASP A 63 4.28 -11.45 3.63
C ASP A 63 5.17 -10.29 3.21
N TYR A 64 4.56 -9.21 2.74
CA TYR A 64 5.32 -8.04 2.30
C TYR A 64 5.69 -7.14 3.48
N ASP A 65 5.96 -7.75 4.62
CA ASP A 65 6.34 -7.01 5.81
C ASP A 65 7.76 -6.45 5.67
N ARG A 66 8.67 -7.30 5.20
CA ARG A 66 10.06 -6.90 5.01
C ARG A 66 10.22 -6.15 3.68
N LEU A 67 9.42 -6.55 2.69
CA LEU A 67 9.46 -5.90 1.38
C LEU A 67 8.46 -4.75 1.36
N ARG A 68 8.25 -4.13 2.52
CA ARG A 68 7.33 -3.02 2.64
C ARG A 68 7.68 -1.90 1.67
N PRO A 69 6.68 -1.11 1.22
CA PRO A 69 6.90 -0.01 0.29
C PRO A 69 7.99 0.93 0.76
N LEU A 70 9.06 1.04 -0.02
CA LEU A 70 10.18 1.90 0.33
C LEU A 70 9.76 3.36 0.33
N SER A 71 8.71 3.66 -0.44
CA SER A 71 8.20 5.01 -0.53
C SER A 71 7.39 5.39 0.70
N TYR A 72 6.63 4.43 1.24
CA TYR A 72 5.80 4.66 2.41
C TYR A 72 6.48 5.55 3.48
N PRO A 73 7.69 5.18 3.96
CA PRO A 73 8.40 5.98 4.97
C PRO A 73 8.64 7.42 4.52
N GLN A 74 9.17 7.59 3.32
CA GLN A 74 9.46 8.91 2.77
C GLN A 74 8.20 9.67 2.37
N THR A 75 7.12 8.93 2.14
CA THR A 75 5.85 9.52 1.74
C THR A 75 5.58 10.85 2.43
N ASP A 76 5.50 11.91 1.64
CA ASP A 76 5.26 13.25 2.16
C ASP A 76 3.86 13.36 2.75
N VAL A 77 2.93 12.57 2.23
CA VAL A 77 1.55 12.58 2.70
C VAL A 77 0.84 11.28 2.32
N PHE A 78 0.10 10.72 3.27
CA PHE A 78 -0.61 9.46 3.03
C PHE A 78 -2.10 9.70 2.84
N LEU A 79 -2.72 8.84 2.03
CA LEU A 79 -4.15 8.93 1.78
C LEU A 79 -4.87 7.82 2.52
N ILE A 80 -5.83 8.19 3.36
CA ILE A 80 -6.58 7.22 4.14
C ILE A 80 -7.89 6.86 3.42
N CYS A 81 -7.93 5.66 2.84
CA CYS A 81 -9.10 5.20 2.12
C CYS A 81 -9.98 4.31 2.98
N PHE A 82 -11.28 4.62 2.99
CA PHE A 82 -12.25 3.85 3.78
C PHE A 82 -13.62 3.87 3.11
N SER A 83 -14.52 3.01 3.56
CA SER A 83 -15.86 2.94 2.99
C SER A 83 -16.79 3.88 3.71
N LEU A 84 -17.32 4.85 2.96
CA LEU A 84 -18.22 5.85 3.52
C LEU A 84 -19.55 5.24 3.97
N VAL A 85 -20.11 4.35 3.15
CA VAL A 85 -21.38 3.71 3.47
C VAL A 85 -21.29 2.88 4.75
N SER A 86 -20.06 2.57 5.16
CA SER A 86 -19.84 1.78 6.36
C SER A 86 -19.09 2.59 7.42
N PRO A 87 -19.75 2.93 8.55
CA PRO A 87 -19.14 3.71 9.62
C PRO A 87 -17.99 2.97 10.31
N ALA A 88 -17.98 1.64 10.21
CA ALA A 88 -16.93 0.84 10.83
C ALA A 88 -15.56 1.12 10.22
N SER A 89 -15.50 1.19 8.89
CA SER A 89 -14.24 1.46 8.22
C SER A 89 -13.69 2.80 8.69
N PHE A 90 -14.61 3.73 8.94
CA PHE A 90 -14.26 5.07 9.43
C PHE A 90 -13.79 4.98 10.87
N GLU A 91 -14.38 4.04 11.61
CA GLU A 91 -14.04 3.82 13.01
C GLU A 91 -12.67 3.19 13.17
N ASN A 92 -12.29 2.37 12.21
CA ASN A 92 -11.01 1.65 12.25
C ASN A 92 -9.85 2.47 11.71
N VAL A 93 -10.10 3.33 10.71
CA VAL A 93 -9.03 4.12 10.12
C VAL A 93 -8.32 5.01 11.16
N ARG A 94 -9.10 5.76 11.93
CA ARG A 94 -8.53 6.63 12.95
C ARG A 94 -8.03 5.81 14.14
N ALA A 95 -8.55 4.59 14.26
CA ALA A 95 -8.20 3.69 15.34
C ALA A 95 -6.76 3.18 15.25
N LYS A 96 -6.37 2.71 14.07
CA LYS A 96 -5.02 2.16 13.89
C LYS A 96 -4.05 3.12 13.19
N TRP A 97 -4.53 3.78 12.14
CA TRP A 97 -3.67 4.69 11.37
C TRP A 97 -3.25 5.94 12.16
N TYR A 98 -4.17 6.56 12.89
CA TYR A 98 -3.84 7.77 13.65
C TYR A 98 -2.71 7.55 14.65
N PRO A 99 -2.76 6.48 15.47
CA PRO A 99 -1.70 6.20 16.45
C PRO A 99 -0.36 5.85 15.80
N GLU A 100 -0.42 5.31 14.59
CA GLU A 100 0.77 4.91 13.86
C GLU A 100 1.50 6.13 13.29
N VAL A 101 0.74 6.98 12.60
CA VAL A 101 1.31 8.19 12.00
C VAL A 101 1.94 9.09 13.04
N ARG A 102 1.28 9.22 14.19
CA ARG A 102 1.80 10.05 15.28
C ARG A 102 3.04 9.42 15.89
N HIS A 103 3.14 8.10 15.78
CA HIS A 103 4.26 7.36 16.34
C HIS A 103 5.50 7.48 15.44
N HIS A 104 5.27 7.50 14.13
CA HIS A 104 6.34 7.61 13.17
C HIS A 104 6.78 9.06 13.02
N CYS A 105 5.79 9.95 12.91
CA CYS A 105 6.06 11.39 12.76
C CYS A 105 4.76 12.17 12.60
N PRO A 106 4.25 12.79 13.69
CA PRO A 106 3.01 13.57 13.65
C PRO A 106 3.16 14.84 12.80
N ASN A 107 4.40 15.22 12.53
CA ASN A 107 4.67 16.42 11.75
C ASN A 107 4.31 16.23 10.28
N THR A 108 4.20 14.98 9.84
CA THR A 108 3.86 14.68 8.45
C THR A 108 2.38 14.89 8.19
N PRO A 109 2.03 15.58 7.09
CA PRO A 109 0.62 15.84 6.73
C PRO A 109 -0.07 14.56 6.26
N ILE A 110 -1.37 14.48 6.55
CA ILE A 110 -2.15 13.32 6.16
C ILE A 110 -3.49 13.72 5.54
N ILE A 111 -3.76 13.21 4.35
CA ILE A 111 -5.01 13.50 3.65
C ILE A 111 -6.03 12.39 3.89
N LEU A 112 -7.30 12.69 3.70
CA LEU A 112 -8.36 11.71 3.88
C LEU A 112 -9.11 11.50 2.59
N VAL A 113 -9.38 10.24 2.26
CA VAL A 113 -10.07 9.90 1.02
C VAL A 113 -11.31 9.06 1.28
N GLY A 114 -12.39 9.40 0.58
CA GLY A 114 -13.63 8.66 0.71
C GLY A 114 -13.91 7.84 -0.54
N THR A 115 -13.08 6.83 -0.77
CA THR A 115 -13.23 5.97 -1.95
C THR A 115 -14.62 5.36 -2.03
N LYS A 116 -14.95 4.83 -3.21
CA LYS A 116 -16.25 4.20 -3.43
C LYS A 116 -17.37 5.19 -3.17
N LEU A 117 -17.47 6.21 -4.01
CA LEU A 117 -18.51 7.22 -3.87
C LEU A 117 -19.75 6.81 -4.67
N ASP A 118 -19.54 5.97 -5.68
CA ASP A 118 -20.63 5.50 -6.53
C ASP A 118 -21.69 4.76 -5.70
N LEU A 119 -21.23 4.00 -4.71
CA LEU A 119 -22.14 3.24 -3.84
C LEU A 119 -22.50 4.04 -2.60
N ARG A 120 -21.87 5.19 -2.43
CA ARG A 120 -22.12 6.05 -1.30
C ARG A 120 -23.26 7.02 -1.62
N ASP A 121 -23.52 7.21 -2.90
CA ASP A 121 -24.58 8.10 -3.34
C ASP A 121 -25.69 7.28 -4.00
N ASP A 122 -25.73 5.98 -3.69
CA ASP A 122 -26.73 5.10 -4.25
C ASP A 122 -27.80 4.75 -3.22
N LYS A 123 -29.04 5.16 -3.52
CA LYS A 123 -30.17 4.93 -2.63
C LYS A 123 -30.30 3.46 -2.24
N ASP A 124 -30.50 2.61 -3.24
CA ASP A 124 -30.67 1.19 -3.02
C ASP A 124 -29.50 0.58 -2.24
N THR A 125 -28.27 0.93 -2.62
CA THR A 125 -27.10 0.40 -1.93
C THR A 125 -27.10 0.90 -0.49
N ILE A 126 -27.45 2.17 -0.30
CA ILE A 126 -27.50 2.75 1.04
C ILE A 126 -28.50 1.97 1.88
N GLU A 127 -29.59 1.58 1.24
CA GLU A 127 -30.62 0.80 1.90
C GLU A 127 -30.05 -0.53 2.38
N LYS A 128 -29.10 -1.07 1.61
CA LYS A 128 -28.46 -2.33 1.93
C LYS A 128 -27.73 -2.25 3.28
N LEU A 129 -27.04 -1.15 3.53
CA LEU A 129 -26.34 -1.00 4.80
C LEU A 129 -27.34 -1.06 5.95
N LYS A 130 -28.52 -0.50 5.70
CA LYS A 130 -29.59 -0.49 6.70
C LYS A 130 -29.91 -1.90 7.14
N GLU A 131 -29.79 -2.84 6.21
CA GLU A 131 -30.07 -4.25 6.49
C GLU A 131 -29.13 -4.75 7.58
N LYS A 132 -27.95 -4.16 7.63
CA LYS A 132 -26.93 -4.52 8.61
C LYS A 132 -26.81 -3.44 9.70
N LYS A 133 -27.78 -2.53 9.72
CA LYS A 133 -27.81 -1.45 10.71
C LYS A 133 -26.67 -0.45 10.54
N LEU A 134 -26.19 -0.29 9.31
CA LEU A 134 -25.11 0.65 9.02
C LEU A 134 -25.61 1.82 8.18
N THR A 135 -24.96 2.97 8.31
CA THR A 135 -25.33 4.16 7.56
C THR A 135 -24.09 4.83 6.95
N PRO A 136 -24.25 5.47 5.78
CA PRO A 136 -23.13 6.14 5.10
C PRO A 136 -22.67 7.41 5.82
N ILE A 137 -21.41 7.78 5.61
CA ILE A 137 -20.84 8.96 6.24
C ILE A 137 -21.09 10.21 5.40
N THR A 138 -21.38 11.32 6.09
CA THR A 138 -21.64 12.58 5.42
C THR A 138 -20.38 13.43 5.37
N TYR A 139 -20.39 14.51 4.59
CA TYR A 139 -19.23 15.37 4.45
C TYR A 139 -18.83 16.04 5.78
N PRO A 140 -19.78 16.64 6.52
CA PRO A 140 -19.46 17.29 7.79
C PRO A 140 -18.93 16.32 8.84
N GLN A 141 -19.30 15.05 8.71
CA GLN A 141 -18.85 14.03 9.65
C GLN A 141 -17.36 13.81 9.51
N GLY A 142 -16.91 13.70 8.27
CA GLY A 142 -15.50 13.52 7.99
C GLY A 142 -14.72 14.78 8.25
N LEU A 143 -15.33 15.93 7.96
CA LEU A 143 -14.69 17.22 8.18
C LEU A 143 -14.19 17.33 9.61
N ALA A 144 -15.02 16.91 10.56
CA ALA A 144 -14.67 16.93 11.96
C ALA A 144 -13.51 15.98 12.24
N MET A 145 -13.51 14.86 11.50
CA MET A 145 -12.47 13.86 11.64
C MET A 145 -11.10 14.44 11.27
N ALA A 146 -11.08 15.28 10.25
CA ALA A 146 -9.84 15.92 9.81
C ALA A 146 -9.22 16.73 10.93
N LYS A 147 -10.02 17.60 11.53
CA LYS A 147 -9.55 18.44 12.62
C LYS A 147 -9.18 17.62 13.84
N GLU A 148 -9.89 16.52 14.01
CA GLU A 148 -9.68 15.63 15.15
C GLU A 148 -8.34 14.90 15.05
N ILE A 149 -8.03 14.39 13.86
CA ILE A 149 -6.77 13.66 13.67
C ILE A 149 -5.70 14.60 13.14
N GLY A 150 -6.04 15.88 13.06
CA GLY A 150 -5.10 16.89 12.59
C GLY A 150 -4.78 16.76 11.11
N ALA A 151 -5.63 16.04 10.37
CA ALA A 151 -5.43 15.86 8.94
C ALA A 151 -5.29 17.19 8.24
N VAL A 152 -4.48 17.21 7.18
CA VAL A 152 -4.26 18.43 6.42
C VAL A 152 -5.43 18.76 5.51
N LYS A 153 -6.14 17.74 5.05
CA LYS A 153 -7.25 17.93 4.15
C LYS A 153 -8.01 16.62 3.97
N TYR A 154 -9.33 16.73 3.92
CA TYR A 154 -10.21 15.57 3.77
C TYR A 154 -11.24 15.78 2.66
N LEU A 155 -11.30 14.83 1.72
CA LEU A 155 -12.27 14.89 0.64
C LEU A 155 -12.76 13.48 0.26
N GLU A 156 -13.91 13.44 -0.41
CA GLU A 156 -14.48 12.17 -0.85
C GLU A 156 -14.57 12.13 -2.37
N CYS A 157 -14.41 10.94 -2.96
CA CYS A 157 -14.46 10.81 -4.42
C CYS A 157 -14.65 9.36 -4.84
N SER A 158 -14.94 9.18 -6.13
CA SER A 158 -15.14 7.85 -6.70
C SER A 158 -14.14 7.61 -7.84
N ALA A 159 -13.74 6.35 -8.00
CA ALA A 159 -12.81 5.98 -9.05
C ALA A 159 -13.56 5.64 -10.33
N LEU A 160 -14.80 5.22 -10.19
CA LEU A 160 -15.64 4.87 -11.33
C LEU A 160 -16.25 6.09 -11.98
N THR A 161 -16.76 7.02 -11.18
CA THR A 161 -17.40 8.23 -11.70
C THR A 161 -16.47 9.43 -11.67
N GLN A 162 -15.36 9.31 -10.94
CA GLN A 162 -14.39 10.39 -10.83
C GLN A 162 -14.96 11.61 -10.09
N ARG A 163 -15.76 11.36 -9.06
CA ARG A 163 -16.36 12.44 -8.27
C ARG A 163 -15.37 13.57 -8.03
N GLY A 164 -14.17 13.22 -7.55
CA GLY A 164 -13.16 14.24 -7.29
C GLY A 164 -11.77 13.66 -7.09
N LEU A 165 -11.35 12.79 -8.01
CA LEU A 165 -10.03 12.18 -7.93
C LEU A 165 -8.94 13.23 -8.08
N LYS A 166 -9.06 14.04 -9.12
CA LYS A 166 -8.08 15.09 -9.40
C LYS A 166 -7.91 15.99 -8.19
N THR A 167 -8.97 16.12 -7.41
CA THR A 167 -8.96 16.96 -6.22
C THR A 167 -8.13 16.31 -5.12
N VAL A 168 -8.20 14.99 -5.01
CA VAL A 168 -7.45 14.27 -3.98
C VAL A 168 -5.95 14.47 -4.18
N PHE A 169 -5.48 14.17 -5.38
CA PHE A 169 -4.06 14.33 -5.71
C PHE A 169 -3.65 15.79 -5.67
N ASP A 170 -4.52 16.67 -6.15
CA ASP A 170 -4.26 18.10 -6.16
C ASP A 170 -4.07 18.62 -4.74
N GLU A 171 -4.95 18.17 -3.84
CA GLU A 171 -4.91 18.58 -2.45
C GLU A 171 -3.76 17.89 -1.72
N ALA A 172 -3.49 16.66 -2.10
CA ALA A 172 -2.42 15.89 -1.49
C ALA A 172 -1.08 16.58 -1.72
N ILE A 173 -0.90 17.11 -2.93
CA ILE A 173 0.32 17.83 -3.25
C ILE A 173 0.40 19.06 -2.36
N ARG A 174 -0.75 19.72 -2.22
CA ARG A 174 -0.88 20.90 -1.38
C ARG A 174 -0.52 20.56 0.06
N ALA A 175 -0.76 19.31 0.43
CA ALA A 175 -0.47 18.81 1.78
C ALA A 175 1.00 19.00 2.13
N VAL A 176 1.85 19.12 1.12
CA VAL A 176 3.27 19.31 1.34
C VAL A 176 3.68 20.79 1.23
N LEU A 177 3.07 21.49 0.28
CA LEU A 177 3.39 22.90 0.05
C LEU A 177 2.90 23.84 1.14
N CYS A 178 1.60 23.82 1.43
CA CYS A 178 1.04 24.73 2.45
C CYS A 178 1.44 24.33 3.88
N PRO A 179 0.88 23.24 4.46
CA PRO A 179 1.23 22.81 5.82
C PRO A 179 2.73 22.57 5.98
N PRO A 180 3.20 22.23 7.20
CA PRO A 180 4.62 22.00 7.46
C PRO A 180 5.25 20.95 6.53
N PRO A 181 6.52 21.16 6.12
CA PRO A 181 7.24 20.25 5.23
C PRO A 181 7.35 18.82 5.77
N VAL A 182 8.01 17.96 5.00
CA VAL A 182 8.20 16.57 5.39
C VAL A 182 9.69 16.24 5.54
N LYS A 183 10.28 15.68 4.49
CA LYS A 183 11.69 15.32 4.49
C LYS A 183 12.04 14.40 5.66
N LYS A 184 12.43 13.16 5.33
CA LYS A 184 12.80 12.19 6.36
C LYS A 184 14.10 11.48 5.99
N ARG A 185 14.69 10.81 6.98
CA ARG A 185 15.95 10.09 6.77
C ARG A 185 16.29 9.24 8.00
N LYS A 186 16.41 7.93 7.78
CA LYS A 186 16.74 7.00 8.86
C LYS A 186 17.27 5.67 8.30
N ARG A 187 18.49 5.32 8.68
CA ARG A 187 19.10 4.08 8.22
C ARG A 187 18.63 2.89 9.06
N LYS A 188 18.74 1.69 8.51
CA LYS A 188 18.31 0.49 9.21
C LYS A 188 19.13 0.28 10.48
N CYS A 189 20.37 -0.19 10.31
CA CYS A 189 21.25 -0.43 11.46
C CYS A 189 22.71 -0.51 11.02
N LEU A 190 22.97 -1.31 9.99
CA LEU A 190 24.33 -1.48 9.48
C LEU A 190 24.55 -0.68 8.20
N LEU A 191 25.79 -0.33 7.92
CA LEU A 191 26.14 0.43 6.73
C LEU A 191 26.41 -0.49 5.54
N LEU A 192 26.42 0.08 4.35
CA LEU A 192 26.66 -0.68 3.13
C LEU A 192 28.07 -1.27 3.12
N GLY B 1 1.86 -35.51 11.57
CA GLY B 1 1.42 -36.84 11.07
C GLY B 1 0.43 -36.73 9.93
N ILE B 2 0.89 -36.22 8.79
CA ILE B 2 0.05 -36.06 7.61
C ILE B 2 -0.01 -37.36 6.80
N PRO B 3 -1.22 -37.83 6.49
CA PRO B 3 -1.41 -39.06 5.72
C PRO B 3 -1.20 -38.88 4.21
N ALA B 4 -2.27 -38.57 3.48
CA ALA B 4 -2.19 -38.38 2.04
C ALA B 4 -2.11 -36.90 1.68
N THR B 5 -2.44 -36.02 2.62
CA THR B 5 -2.41 -34.59 2.39
C THR B 5 -0.97 -34.08 2.34
N ASN B 6 0.00 -34.99 2.47
CA ASN B 6 1.41 -34.62 2.43
C ASN B 6 1.76 -33.95 1.11
N LEU B 7 0.94 -34.21 0.09
CA LEU B 7 1.16 -33.62 -1.23
C LEU B 7 0.88 -32.12 -1.22
N SER B 8 -0.23 -31.75 -0.59
CA SER B 8 -0.62 -30.34 -0.51
C SER B 8 0.46 -29.53 0.21
N ARG B 9 1.17 -30.18 1.13
CA ARG B 9 2.24 -29.52 1.87
C ARG B 9 3.35 -29.09 0.92
N VAL B 10 3.72 -29.99 0.01
CA VAL B 10 4.76 -29.71 -0.96
C VAL B 10 4.35 -28.53 -1.84
N ALA B 11 3.14 -28.60 -2.38
CA ALA B 11 2.63 -27.53 -3.23
C ALA B 11 2.59 -26.22 -2.46
N GLY B 12 2.40 -26.33 -1.15
CA GLY B 12 2.35 -25.15 -0.31
C GLY B 12 3.68 -24.42 -0.33
N LEU B 13 4.76 -25.19 -0.35
CA LEU B 13 6.09 -24.60 -0.38
C LEU B 13 6.36 -24.01 -1.75
N GLU B 14 5.78 -24.63 -2.78
CA GLU B 14 5.92 -24.14 -4.14
C GLU B 14 5.32 -22.74 -4.22
N LYS B 15 4.19 -22.59 -3.54
CA LYS B 15 3.48 -21.34 -3.46
C LYS B 15 4.26 -20.32 -2.64
N GLN B 16 4.81 -20.77 -1.52
CA GLN B 16 5.58 -19.91 -0.64
C GLN B 16 6.79 -19.31 -1.35
N LEU B 17 7.58 -20.16 -1.98
CA LEU B 17 8.77 -19.71 -2.70
C LEU B 17 8.37 -18.75 -3.82
N ALA B 18 7.23 -19.02 -4.46
CA ALA B 18 6.75 -18.17 -5.55
C ALA B 18 6.44 -16.78 -5.03
N ILE B 19 5.82 -16.73 -3.85
CA ILE B 19 5.50 -15.47 -3.21
C ILE B 19 6.78 -14.70 -2.95
N GLU B 20 7.80 -15.45 -2.54
CA GLU B 20 9.10 -14.88 -2.26
C GLU B 20 9.75 -14.34 -3.54
N LEU B 21 9.40 -14.93 -4.68
CA LEU B 21 9.93 -14.46 -5.96
C LEU B 21 9.45 -13.04 -6.22
N LYS B 22 8.17 -12.80 -5.95
CA LYS B 22 7.60 -11.48 -6.12
C LYS B 22 8.31 -10.49 -5.21
N VAL B 23 8.68 -10.99 -4.04
CA VAL B 23 9.39 -10.21 -3.04
C VAL B 23 10.82 -9.90 -3.50
N LYS B 24 11.50 -10.94 -4.00
CA LYS B 24 12.87 -10.81 -4.48
C LYS B 24 12.94 -9.84 -5.65
N GLN B 25 12.08 -10.06 -6.64
CA GLN B 25 12.03 -9.21 -7.82
C GLN B 25 11.62 -7.79 -7.47
N GLY B 26 10.87 -7.64 -6.38
CA GLY B 26 10.43 -6.31 -5.97
C GLY B 26 11.60 -5.45 -5.53
N ALA B 27 12.45 -5.99 -4.67
CA ALA B 27 13.60 -5.25 -4.17
C ALA B 27 14.60 -4.96 -5.29
N GLU B 28 15.00 -6.00 -6.02
CA GLU B 28 15.96 -5.85 -7.12
C GLU B 28 15.49 -4.83 -8.13
N ASN B 29 14.19 -4.81 -8.41
CA ASN B 29 13.63 -3.86 -9.37
C ASN B 29 13.87 -2.44 -8.89
N MET B 30 13.60 -2.19 -7.61
CA MET B 30 13.79 -0.87 -7.03
C MET B 30 15.27 -0.50 -7.04
N ILE B 31 16.13 -1.49 -6.82
CA ILE B 31 17.57 -1.25 -6.81
C ILE B 31 18.05 -0.75 -8.17
N GLN B 32 17.58 -1.39 -9.23
CA GLN B 32 17.96 -1.01 -10.58
C GLN B 32 17.54 0.44 -10.87
N THR B 33 16.38 0.83 -10.37
CA THR B 33 15.87 2.18 -10.57
C THR B 33 16.83 3.22 -9.99
N TYR B 34 17.24 3.03 -8.75
CA TYR B 34 18.14 3.97 -8.08
C TYR B 34 19.60 3.66 -8.40
N SER B 35 19.85 2.48 -8.97
CA SER B 35 21.20 2.06 -9.31
C SER B 35 21.89 3.11 -10.18
N ASN B 36 21.29 3.41 -11.33
CA ASN B 36 21.86 4.40 -12.25
C ASN B 36 21.84 5.79 -11.62
N GLY B 37 22.98 6.17 -11.03
CA GLY B 37 23.07 7.48 -10.38
C GLY B 37 22.14 7.62 -9.20
N SER B 38 21.45 8.75 -9.13
CA SER B 38 20.51 9.00 -8.04
C SER B 38 19.25 9.70 -8.55
N THR B 39 18.17 8.94 -8.65
CA THR B 39 16.90 9.49 -9.14
C THR B 39 16.23 10.36 -8.08
N LYS B 40 16.19 9.88 -6.84
CA LYS B 40 15.57 10.63 -5.76
C LYS B 40 16.49 10.70 -4.54
N ASP B 41 16.62 9.60 -3.82
CA ASP B 41 17.46 9.54 -2.63
C ASP B 41 18.13 8.18 -2.50
N ARG B 42 19.31 8.17 -1.89
CA ARG B 42 20.06 6.94 -1.69
C ARG B 42 19.41 6.06 -0.63
N LYS B 43 18.67 6.69 0.29
CA LYS B 43 18.00 5.96 1.36
C LYS B 43 17.08 4.88 0.79
N LEU B 44 16.42 5.21 -0.31
CA LEU B 44 15.52 4.28 -0.97
C LEU B 44 16.31 3.11 -1.57
N LEU B 45 17.49 3.41 -2.07
CA LEU B 45 18.35 2.40 -2.68
C LEU B 45 18.91 1.46 -1.61
N LEU B 46 19.18 2.00 -0.43
CA LEU B 46 19.72 1.22 0.67
C LEU B 46 18.69 0.23 1.19
N THR B 47 17.46 0.70 1.38
CA THR B 47 16.38 -0.15 1.88
C THR B 47 16.12 -1.29 0.91
N ALA B 48 16.24 -0.99 -0.38
CA ALA B 48 16.02 -1.99 -1.41
C ALA B 48 17.08 -3.08 -1.34
N GLN B 49 18.31 -2.66 -1.02
CA GLN B 49 19.43 -3.60 -0.92
C GLN B 49 19.27 -4.54 0.27
N GLN B 50 18.97 -3.99 1.43
CA GLN B 50 18.82 -4.77 2.65
C GLN B 50 17.61 -5.71 2.59
N MET B 51 16.51 -5.24 2.03
CA MET B 51 15.31 -6.05 1.93
C MET B 51 15.50 -7.17 0.90
N LEU B 52 16.35 -6.94 -0.09
CA LEU B 52 16.60 -7.95 -1.12
C LEU B 52 17.40 -9.13 -0.57
N GLN B 53 18.44 -8.85 0.21
CA GLN B 53 19.25 -9.92 0.79
C GLN B 53 18.43 -10.79 1.70
N ASP B 54 17.66 -10.13 2.54
CA ASP B 54 16.80 -10.80 3.49
C ASP B 54 15.85 -11.73 2.76
N SER B 55 15.37 -11.28 1.61
CA SER B 55 14.44 -12.07 0.81
C SER B 55 15.15 -13.28 0.23
N LYS B 56 16.41 -13.10 -0.17
CA LYS B 56 17.20 -14.18 -0.73
C LYS B 56 17.33 -15.32 0.27
N THR B 57 17.58 -14.98 1.53
CA THR B 57 17.70 -15.99 2.56
C THR B 57 16.42 -16.80 2.67
N LYS B 58 15.28 -16.09 2.63
CA LYS B 58 13.99 -16.75 2.70
C LYS B 58 13.88 -17.79 1.58
N ILE B 59 14.50 -17.49 0.44
CA ILE B 59 14.48 -18.40 -0.70
C ILE B 59 15.22 -19.69 -0.34
N ASP B 60 16.33 -19.54 0.36
CA ASP B 60 17.17 -20.66 0.76
C ASP B 60 16.42 -21.65 1.65
N ILE B 61 15.75 -21.15 2.69
CA ILE B 61 15.04 -22.02 3.62
C ILE B 61 13.86 -22.73 2.95
N ILE B 62 13.04 -21.97 2.24
CA ILE B 62 11.88 -22.55 1.57
C ILE B 62 12.31 -23.57 0.52
N ARG B 63 13.38 -23.25 -0.20
CA ARG B 63 13.91 -24.12 -1.23
C ARG B 63 14.44 -25.43 -0.65
N MET B 64 15.25 -25.32 0.40
CA MET B 64 15.82 -26.50 1.05
C MET B 64 14.74 -27.36 1.67
N GLN B 65 13.75 -26.71 2.30
CA GLN B 65 12.65 -27.44 2.93
C GLN B 65 11.85 -28.21 1.90
N LEU B 66 11.66 -27.60 0.73
CA LEU B 66 10.94 -28.25 -0.34
C LEU B 66 11.61 -29.56 -0.68
N ARG B 67 12.94 -29.54 -0.72
CA ARG B 67 13.72 -30.73 -1.01
C ARG B 67 13.49 -31.79 0.08
N ARG B 68 13.32 -31.32 1.31
CA ARG B 68 13.09 -32.22 2.44
C ARG B 68 11.74 -32.91 2.33
N ALA B 69 10.78 -32.21 1.72
CA ALA B 69 9.43 -32.76 1.56
C ALA B 69 9.41 -33.91 0.56
N LEU B 70 10.00 -33.69 -0.61
CA LEU B 70 10.03 -34.72 -1.64
C LEU B 70 10.88 -35.90 -1.20
N GLN B 71 11.89 -35.61 -0.39
CA GLN B 71 12.77 -36.66 0.12
C GLN B 71 12.05 -37.50 1.16
N ALA B 72 11.45 -36.83 2.14
CA ALA B 72 10.70 -37.52 3.20
C ALA B 72 9.50 -38.24 2.61
N ASP B 73 9.15 -37.88 1.39
CA ASP B 73 8.02 -38.49 0.70
C ASP B 73 8.43 -39.80 0.05
N GLN B 74 9.63 -39.81 -0.53
CA GLN B 74 10.15 -41.00 -1.19
C GLN B 74 10.33 -42.13 -0.19
N LEU B 75 10.65 -41.78 1.06
CA LEU B 75 10.86 -42.76 2.11
C LEU B 75 9.69 -42.76 3.10
N GLU B 76 9.60 -43.81 3.90
CA GLU B 76 8.53 -43.93 4.89
C GLU B 76 9.02 -44.64 6.14
N ASN B 77 10.26 -45.12 6.11
CA ASN B 77 10.85 -45.82 7.25
C ASN B 77 11.53 -44.85 8.21
N GLN B 78 12.30 -43.93 7.64
CA GLN B 78 13.02 -42.94 8.44
C GLN B 78 12.06 -42.14 9.32
N ALA B 79 12.24 -42.23 10.63
CA ALA B 79 11.40 -41.51 11.57
C ALA B 79 11.86 -40.07 11.74
N ALA B 80 10.89 -39.16 11.89
CA ALA B 80 11.20 -37.75 12.05
C ALA B 80 11.55 -37.43 13.50
N PRO B 81 12.43 -36.44 13.74
CA PRO B 81 12.85 -36.05 15.08
C PRO B 81 11.74 -35.34 15.85
N MET A 1 11.00 20.49 -10.60
CA MET A 1 9.70 19.79 -10.66
C MET A 1 9.29 19.30 -9.27
N GLN A 2 8.22 19.86 -8.73
CA GLN A 2 7.74 19.49 -7.41
C GLN A 2 7.32 18.03 -7.37
N ALA A 3 8.22 17.16 -6.93
CA ALA A 3 7.92 15.74 -6.84
C ALA A 3 7.52 15.37 -5.43
N ILE A 4 6.30 14.89 -5.29
CA ILE A 4 5.77 14.51 -3.99
C ILE A 4 5.47 13.02 -3.93
N LYS A 5 5.82 12.40 -2.81
CA LYS A 5 5.59 10.97 -2.63
C LYS A 5 4.27 10.73 -1.90
N CYS A 6 3.30 10.17 -2.62
CA CYS A 6 2.00 9.89 -2.05
C CYS A 6 1.71 8.39 -2.05
N VAL A 7 1.53 7.82 -0.86
CA VAL A 7 1.26 6.40 -0.72
C VAL A 7 -0.17 6.16 -0.26
N VAL A 8 -0.87 5.25 -0.94
CA VAL A 8 -2.24 4.92 -0.60
C VAL A 8 -2.29 3.66 0.25
N VAL A 9 -2.88 3.77 1.44
CA VAL A 9 -2.98 2.64 2.36
C VAL A 9 -4.42 2.44 2.84
N GLY A 10 -4.73 1.20 3.23
CA GLY A 10 -6.06 0.89 3.70
C GLY A 10 -6.07 -0.34 4.60
N ASP A 11 -7.12 -0.48 5.40
CA ASP A 11 -7.24 -1.62 6.30
C ASP A 11 -7.97 -2.78 5.63
N GLY A 12 -8.96 -2.46 4.80
CA GLY A 12 -9.70 -3.49 4.10
C GLY A 12 -10.78 -2.91 3.20
N ALA A 13 -10.66 -1.63 2.90
CA ALA A 13 -11.62 -0.94 2.03
C ALA A 13 -11.45 -1.38 0.58
N VAL A 14 -10.30 -1.97 0.26
CA VAL A 14 -10.02 -2.43 -1.09
C VAL A 14 -10.10 -1.29 -2.09
N GLY A 15 -9.07 -0.44 -2.11
CA GLY A 15 -9.06 0.69 -3.02
C GLY A 15 -7.68 1.32 -3.17
N LYS A 16 -6.64 0.58 -2.81
CA LYS A 16 -5.28 1.09 -2.91
C LYS A 16 -4.80 1.18 -4.35
N THR A 17 -5.00 0.10 -5.11
CA THR A 17 -4.57 0.08 -6.51
C THR A 17 -5.60 0.78 -7.41
N CYS A 18 -6.88 0.57 -7.13
CA CYS A 18 -7.94 1.17 -7.93
C CYS A 18 -7.88 2.70 -7.90
N LEU A 19 -7.53 3.27 -6.75
CA LEU A 19 -7.46 4.73 -6.61
C LEU A 19 -6.36 5.31 -7.49
N LEU A 20 -5.16 4.72 -7.42
CA LEU A 20 -4.02 5.19 -8.21
C LEU A 20 -4.22 4.93 -9.70
N ILE A 21 -4.66 3.72 -10.04
CA ILE A 21 -4.86 3.33 -11.44
C ILE A 21 -5.97 4.15 -12.11
N SER A 22 -7.03 4.43 -11.36
CA SER A 22 -8.15 5.19 -11.90
C SER A 22 -7.72 6.57 -12.38
N TYR A 23 -6.80 7.19 -11.64
CA TYR A 23 -6.32 8.51 -11.98
C TYR A 23 -5.28 8.48 -13.12
N THR A 24 -4.59 7.34 -13.24
CA THR A 24 -3.56 7.21 -14.27
C THR A 24 -4.09 6.65 -15.58
N THR A 25 -5.14 5.85 -15.51
CA THR A 25 -5.71 5.24 -16.72
C THR A 25 -7.15 5.66 -16.93
N ASN A 26 -7.69 6.44 -16.00
CA ASN A 26 -9.07 6.92 -16.08
C ASN A 26 -10.06 5.76 -16.01
N ALA A 27 -9.54 4.56 -15.84
CA ALA A 27 -10.38 3.37 -15.77
C ALA A 27 -9.58 2.15 -15.32
N PHE A 28 -9.83 1.68 -14.11
CA PHE A 28 -9.14 0.51 -13.58
C PHE A 28 -9.49 -0.74 -14.38
N PRO A 29 -8.49 -1.38 -15.03
CA PRO A 29 -8.72 -2.59 -15.81
C PRO A 29 -8.96 -3.82 -14.94
N GLY A 30 -8.09 -4.01 -13.94
CA GLY A 30 -8.21 -5.15 -13.05
C GLY A 30 -7.77 -6.44 -13.71
N GLU A 31 -6.45 -6.59 -13.87
CA GLU A 31 -5.89 -7.78 -14.50
C GLU A 31 -5.23 -8.68 -13.45
N TYR A 32 -4.84 -9.88 -13.88
CA TYR A 32 -4.19 -10.84 -12.98
C TYR A 32 -2.82 -10.33 -12.51
N ILE A 33 -2.38 -9.22 -13.09
CA ILE A 33 -1.09 -8.62 -12.74
C ILE A 33 -0.96 -8.44 -11.23
N PRO A 34 0.21 -8.80 -10.65
CA PRO A 34 0.46 -8.68 -9.21
C PRO A 34 0.24 -7.26 -8.69
N THR A 35 0.47 -7.07 -7.40
CA THR A 35 0.29 -5.75 -6.78
C THR A 35 1.59 -5.26 -6.14
N VAL A 36 2.66 -6.03 -6.30
CA VAL A 36 3.96 -5.65 -5.74
C VAL A 36 4.72 -4.73 -6.69
N PHE A 37 4.44 -4.86 -7.99
CA PHE A 37 5.09 -4.04 -9.00
C PHE A 37 4.21 -2.86 -9.40
N ASP A 38 4.64 -1.65 -9.06
CA ASP A 38 3.89 -0.45 -9.38
C ASP A 38 4.79 0.63 -9.98
N ASN A 39 5.22 1.58 -9.16
CA ASN A 39 6.09 2.66 -9.61
C ASN A 39 5.49 3.39 -10.80
N TYR A 40 4.75 4.46 -10.52
CA TYR A 40 4.13 5.25 -11.59
C TYR A 40 4.41 6.73 -11.38
N SER A 41 4.39 7.49 -12.48
CA SER A 41 4.63 8.93 -12.42
C SER A 41 3.58 9.67 -13.24
N ALA A 42 3.14 10.81 -12.72
CA ALA A 42 2.12 11.61 -13.39
C ALA A 42 2.36 13.10 -13.15
N ASN A 43 2.10 13.91 -14.16
CA ASN A 43 2.28 15.36 -14.03
C ASN A 43 0.99 16.03 -13.58
N VAL A 44 1.10 16.94 -12.62
CA VAL A 44 -0.06 17.65 -12.10
C VAL A 44 0.14 19.16 -12.16
N MET A 45 -0.92 19.86 -12.51
CA MET A 45 -0.87 21.32 -12.61
C MET A 45 -1.38 21.95 -11.32
N VAL A 46 -0.48 22.61 -10.58
CA VAL A 46 -0.85 23.24 -9.32
C VAL A 46 -0.30 24.66 -9.24
N ASP A 47 -1.18 25.63 -9.13
CA ASP A 47 -0.79 27.03 -9.03
C ASP A 47 -0.06 27.48 -10.29
N GLY A 48 -0.21 26.71 -11.37
CA GLY A 48 0.45 27.06 -12.61
C GLY A 48 1.89 26.60 -12.63
N LYS A 49 2.23 25.70 -11.71
CA LYS A 49 3.58 25.18 -11.60
C LYS A 49 3.60 23.67 -11.78
N PRO A 50 4.45 23.15 -12.69
CA PRO A 50 4.53 21.70 -12.93
C PRO A 50 4.85 20.95 -11.64
N VAL A 51 4.08 19.89 -11.39
CA VAL A 51 4.28 19.08 -10.18
C VAL A 51 4.39 17.60 -10.51
N ASN A 52 5.48 16.99 -10.05
CA ASN A 52 5.70 15.56 -10.27
C ASN A 52 4.94 14.75 -9.22
N LEU A 53 4.11 13.83 -9.68
CA LEU A 53 3.31 12.99 -8.78
C LEU A 53 3.91 11.60 -8.64
N GLY A 54 4.08 11.16 -7.40
CA GLY A 54 4.62 9.85 -7.14
C GLY A 54 3.57 8.89 -6.63
N LEU A 55 3.19 7.92 -7.46
CA LEU A 55 2.17 6.95 -7.08
C LEU A 55 2.82 5.68 -6.54
N TRP A 56 2.57 5.38 -5.27
CA TRP A 56 3.13 4.20 -4.65
C TRP A 56 2.08 3.47 -3.81
N ASP A 57 2.02 2.14 -3.96
CA ASP A 57 1.07 1.33 -3.21
C ASP A 57 1.73 0.79 -1.94
N THR A 58 0.92 0.45 -0.95
CA THR A 58 1.44 -0.06 0.32
C THR A 58 0.54 -1.13 0.90
N ALA A 59 -0.22 -1.81 0.04
CA ALA A 59 -1.13 -2.86 0.48
C ALA A 59 -1.08 -4.07 -0.43
N GLY A 60 -1.76 -5.14 -0.04
CA GLY A 60 -1.78 -6.35 -0.83
C GLY A 60 -1.69 -7.60 0.02
N LEU A 61 -0.48 -8.09 0.22
CA LEU A 61 -0.25 -9.29 1.02
C LEU A 61 0.40 -8.94 2.36
N GLU A 62 -0.12 -9.52 3.44
CA GLU A 62 0.41 -9.27 4.77
C GLU A 62 1.65 -10.11 5.04
N ASP A 63 1.82 -11.18 4.28
CA ASP A 63 2.96 -12.06 4.44
C ASP A 63 4.28 -11.32 4.29
N TYR A 64 4.27 -10.28 3.46
CA TYR A 64 5.47 -9.48 3.23
C TYR A 64 5.12 -8.00 3.06
N ASP A 65 4.37 -7.47 4.01
CA ASP A 65 3.95 -6.07 3.97
C ASP A 65 5.14 -5.12 3.97
N ARG A 66 6.34 -5.67 4.18
CA ARG A 66 7.56 -4.86 4.20
C ARG A 66 8.06 -4.57 2.78
N LEU A 67 7.85 -5.51 1.88
CA LEU A 67 8.28 -5.38 0.49
C LEU A 67 7.25 -4.59 -0.32
N ARG A 68 7.14 -3.29 -0.07
CA ARG A 68 6.18 -2.44 -0.79
C ARG A 68 6.19 -0.99 -0.28
N PRO A 69 6.06 -0.78 1.04
CA PRO A 69 6.01 0.58 1.62
C PRO A 69 7.39 1.21 1.78
N LEU A 70 8.24 1.07 0.76
CA LEU A 70 9.57 1.67 0.81
C LEU A 70 9.47 3.19 0.88
N SER A 71 8.51 3.72 0.14
CA SER A 71 8.29 5.17 0.09
C SER A 71 7.62 5.66 1.37
N TYR A 72 6.72 4.85 1.91
CA TYR A 72 5.97 5.17 3.13
C TYR A 72 6.75 6.08 4.09
N PRO A 73 7.96 5.67 4.55
CA PRO A 73 8.76 6.48 5.48
C PRO A 73 9.05 7.89 4.94
N GLN A 74 9.56 7.95 3.72
CA GLN A 74 9.88 9.22 3.07
C GLN A 74 8.64 9.96 2.61
N THR A 75 7.54 9.23 2.45
CA THR A 75 6.27 9.79 1.99
C THR A 75 5.99 11.16 2.58
N ASP A 76 5.73 12.11 1.70
CA ASP A 76 5.42 13.48 2.11
C ASP A 76 3.99 13.56 2.62
N VAL A 77 3.13 12.70 2.08
CA VAL A 77 1.73 12.67 2.47
C VAL A 77 1.06 11.37 2.04
N PHE A 78 0.34 10.74 2.97
CA PHE A 78 -0.37 9.50 2.67
C PHE A 78 -1.88 9.70 2.76
N LEU A 79 -2.62 8.98 1.94
CA LEU A 79 -4.08 9.09 1.92
C LEU A 79 -4.74 8.02 2.76
N ILE A 80 -5.79 8.42 3.49
CA ILE A 80 -6.54 7.49 4.33
C ILE A 80 -7.81 7.03 3.60
N CYS A 81 -7.79 5.82 3.07
CA CYS A 81 -8.93 5.28 2.33
C CYS A 81 -9.82 4.43 3.23
N PHE A 82 -11.12 4.70 3.19
CA PHE A 82 -12.09 3.96 3.98
C PHE A 82 -13.46 3.96 3.30
N SER A 83 -14.35 3.10 3.78
CA SER A 83 -15.69 3.00 3.21
C SER A 83 -16.65 3.96 3.90
N LEU A 84 -17.16 4.92 3.14
CA LEU A 84 -18.07 5.92 3.66
C LEU A 84 -19.41 5.31 4.08
N VAL A 85 -19.94 4.44 3.25
CA VAL A 85 -21.23 3.81 3.53
C VAL A 85 -21.20 3.00 4.82
N SER A 86 -20.00 2.68 5.27
CA SER A 86 -19.83 1.92 6.51
C SER A 86 -19.08 2.74 7.57
N PRO A 87 -19.78 3.14 8.65
CA PRO A 87 -19.17 3.94 9.73
C PRO A 87 -18.07 3.21 10.47
N ALA A 88 -18.00 1.89 10.30
CA ALA A 88 -16.98 1.09 10.98
C ALA A 88 -15.60 1.33 10.40
N SER A 89 -15.50 1.36 9.08
CA SER A 89 -14.21 1.59 8.42
C SER A 89 -13.66 2.94 8.86
N PHE A 90 -14.57 3.90 9.03
CA PHE A 90 -14.21 5.24 9.47
C PHE A 90 -13.75 5.19 10.92
N GLU A 91 -14.36 4.29 11.68
CA GLU A 91 -14.04 4.10 13.08
C GLU A 91 -12.66 3.43 13.26
N ASN A 92 -12.33 2.55 12.32
CA ASN A 92 -11.08 1.80 12.38
C ASN A 92 -9.88 2.62 11.90
N VAL A 93 -10.05 3.44 10.88
CA VAL A 93 -8.95 4.24 10.36
C VAL A 93 -8.32 5.12 11.44
N ARG A 94 -9.15 5.85 12.17
CA ARG A 94 -8.66 6.71 13.24
C ARG A 94 -8.22 5.87 14.44
N ALA A 95 -8.74 4.65 14.51
CA ALA A 95 -8.44 3.75 15.61
C ALA A 95 -7.00 3.20 15.57
N LYS A 96 -6.57 2.72 14.40
CA LYS A 96 -5.22 2.14 14.27
C LYS A 96 -4.21 3.07 13.61
N TRP A 97 -4.61 3.73 12.52
CA TRP A 97 -3.70 4.60 11.78
C TRP A 97 -3.30 5.85 12.57
N TYR A 98 -4.26 6.52 13.20
CA TYR A 98 -3.98 7.74 13.94
C TYR A 98 -2.93 7.54 15.05
N PRO A 99 -3.06 6.50 15.91
CA PRO A 99 -2.10 6.25 16.99
C PRO A 99 -0.70 5.91 16.49
N GLU A 100 -0.63 5.36 15.30
CA GLU A 100 0.65 4.94 14.71
C GLU A 100 1.45 6.15 14.23
N VAL A 101 0.82 7.02 13.47
CA VAL A 101 1.49 8.21 12.95
C VAL A 101 1.94 9.12 14.07
N ARG A 102 1.06 9.29 15.07
CA ARG A 102 1.36 10.14 16.21
C ARG A 102 2.46 9.53 17.07
N HIS A 103 2.57 8.20 17.05
CA HIS A 103 3.57 7.49 17.83
C HIS A 103 4.98 7.90 17.41
N HIS A 104 5.16 8.11 16.10
CA HIS A 104 6.46 8.51 15.56
C HIS A 104 6.57 10.03 15.55
N CYS A 105 5.42 10.68 15.40
CA CYS A 105 5.35 12.15 15.37
C CYS A 105 6.25 12.73 14.28
N PRO A 106 6.11 12.23 13.02
CA PRO A 106 6.92 12.71 11.90
C PRO A 106 6.57 14.15 11.52
N ASN A 107 5.47 14.65 12.07
CA ASN A 107 5.00 16.01 11.78
C ASN A 107 4.63 16.12 10.31
N THR A 108 4.41 14.95 9.69
CA THR A 108 4.05 14.88 8.28
C THR A 108 2.55 15.09 8.08
N PRO A 109 2.16 15.91 7.07
CA PRO A 109 0.75 16.18 6.78
C PRO A 109 0.01 14.91 6.37
N ILE A 110 -1.31 14.91 6.53
CA ILE A 110 -2.11 13.75 6.17
C ILE A 110 -3.42 14.14 5.49
N ILE A 111 -3.65 13.57 4.32
CA ILE A 111 -4.86 13.83 3.55
C ILE A 111 -5.90 12.74 3.80
N LEU A 112 -7.17 13.05 3.57
CA LEU A 112 -8.23 12.09 3.78
C LEU A 112 -8.99 11.84 2.48
N VAL A 113 -9.29 10.57 2.22
CA VAL A 113 -9.98 10.18 1.00
C VAL A 113 -11.21 9.31 1.28
N GLY A 114 -12.29 9.61 0.58
CA GLY A 114 -13.52 8.85 0.74
C GLY A 114 -13.80 7.97 -0.47
N THR A 115 -12.94 6.99 -0.69
CA THR A 115 -13.06 6.08 -1.82
C THR A 115 -14.46 5.46 -1.90
N LYS A 116 -14.76 4.89 -3.06
CA LYS A 116 -16.06 4.26 -3.30
C LYS A 116 -17.20 5.25 -3.05
N LEU A 117 -17.29 6.26 -3.91
CA LEU A 117 -18.33 7.28 -3.79
C LEU A 117 -19.57 6.85 -4.58
N ASP A 118 -19.36 5.98 -5.57
CA ASP A 118 -20.45 5.50 -6.41
C ASP A 118 -21.52 4.79 -5.58
N LEU A 119 -21.09 4.01 -4.59
CA LEU A 119 -22.02 3.28 -3.73
C LEU A 119 -22.37 4.08 -2.48
N ARG A 120 -21.73 5.22 -2.32
CA ARG A 120 -21.97 6.09 -1.17
C ARG A 120 -23.12 7.05 -1.48
N ASP A 121 -23.24 7.40 -2.75
CA ASP A 121 -24.30 8.30 -3.18
C ASP A 121 -25.38 7.52 -3.91
N ASP A 122 -25.47 6.24 -3.59
CA ASP A 122 -26.46 5.37 -4.23
C ASP A 122 -27.64 5.13 -3.29
N LYS A 123 -28.80 5.60 -3.72
CA LYS A 123 -30.02 5.46 -2.94
C LYS A 123 -30.28 4.02 -2.55
N ASP A 124 -30.39 3.15 -3.54
CA ASP A 124 -30.66 1.73 -3.31
C ASP A 124 -29.63 1.12 -2.37
N THR A 125 -28.35 1.40 -2.62
CA THR A 125 -27.29 0.87 -1.76
C THR A 125 -27.48 1.38 -0.35
N ILE A 126 -27.83 2.65 -0.23
CA ILE A 126 -28.06 3.26 1.07
C ILE A 126 -29.18 2.52 1.78
N GLU A 127 -30.19 2.12 1.00
CA GLU A 127 -31.31 1.36 1.54
C GLU A 127 -30.81 0.04 2.10
N LYS A 128 -29.79 -0.52 1.44
CA LYS A 128 -29.19 -1.78 1.84
C LYS A 128 -28.39 -1.62 3.13
N LEU A 129 -27.75 -0.47 3.30
CA LEU A 129 -26.97 -0.22 4.50
C LEU A 129 -27.86 -0.30 5.72
N LYS A 130 -29.14 -0.01 5.52
CA LYS A 130 -30.12 -0.06 6.58
C LYS A 130 -30.34 -1.50 7.04
N GLU A 131 -30.21 -2.42 6.10
CA GLU A 131 -30.41 -3.84 6.39
C GLU A 131 -29.39 -4.31 7.42
N LYS A 132 -28.21 -3.71 7.38
CA LYS A 132 -27.14 -4.07 8.31
C LYS A 132 -27.05 -3.05 9.44
N LYS A 133 -28.02 -2.15 9.50
CA LYS A 133 -28.08 -1.12 10.53
C LYS A 133 -26.92 -0.13 10.41
N LEU A 134 -26.39 0.03 9.21
CA LEU A 134 -25.29 0.97 8.98
C LEU A 134 -25.74 2.14 8.11
N THR A 135 -25.09 3.27 8.28
CA THR A 135 -25.41 4.47 7.50
C THR A 135 -24.14 5.08 6.91
N PRO A 136 -24.23 5.67 5.71
CA PRO A 136 -23.07 6.28 5.03
C PRO A 136 -22.61 7.57 5.71
N ILE A 137 -21.33 7.88 5.57
CA ILE A 137 -20.74 9.07 6.17
C ILE A 137 -21.05 10.32 5.35
N THR A 138 -21.34 11.42 6.04
CA THR A 138 -21.65 12.68 5.38
C THR A 138 -20.38 13.54 5.30
N TYR A 139 -20.46 14.65 4.58
CA TYR A 139 -19.32 15.54 4.42
C TYR A 139 -18.87 16.16 5.75
N PRO A 140 -19.79 16.75 6.54
CA PRO A 140 -19.43 17.36 7.83
C PRO A 140 -18.88 16.35 8.83
N GLN A 141 -19.28 15.09 8.69
CA GLN A 141 -18.81 14.04 9.61
C GLN A 141 -17.32 13.85 9.46
N GLY A 142 -16.86 13.77 8.21
CA GLY A 142 -15.46 13.61 7.94
C GLY A 142 -14.69 14.90 8.15
N LEU A 143 -15.34 16.01 7.81
CA LEU A 143 -14.74 17.33 7.97
C LEU A 143 -14.23 17.52 9.40
N ALA A 144 -15.07 17.14 10.35
CA ALA A 144 -14.72 17.25 11.77
C ALA A 144 -13.56 16.32 12.10
N MET A 145 -13.53 15.17 11.44
CA MET A 145 -12.48 14.18 11.63
C MET A 145 -11.13 14.76 11.23
N ALA A 146 -11.12 15.55 10.16
CA ALA A 146 -9.90 16.16 9.67
C ALA A 146 -9.27 17.06 10.73
N LYS A 147 -10.06 17.98 11.26
CA LYS A 147 -9.59 18.90 12.29
C LYS A 147 -9.20 18.15 13.56
N GLU A 148 -9.91 17.06 13.81
CA GLU A 148 -9.68 16.24 14.99
C GLU A 148 -8.31 15.56 14.92
N ILE A 149 -7.99 15.00 13.77
CA ILE A 149 -6.72 14.32 13.58
C ILE A 149 -5.66 15.28 13.04
N GLY A 150 -6.02 16.56 13.01
CA GLY A 150 -5.12 17.59 12.53
C GLY A 150 -4.74 17.40 11.07
N ALA A 151 -5.55 16.66 10.33
CA ALA A 151 -5.29 16.41 8.92
C ALA A 151 -5.20 17.70 8.14
N VAL A 152 -4.42 17.68 7.06
CA VAL A 152 -4.24 18.87 6.22
C VAL A 152 -5.47 19.14 5.37
N LYS A 153 -6.18 18.09 4.96
CA LYS A 153 -7.37 18.26 4.14
C LYS A 153 -8.13 16.95 3.97
N TYR A 154 -9.45 17.05 3.87
CA TYR A 154 -10.32 15.89 3.72
C TYR A 154 -11.30 16.05 2.56
N LEU A 155 -11.36 15.05 1.69
CA LEU A 155 -12.28 15.08 0.55
C LEU A 155 -12.83 13.68 0.25
N GLU A 156 -13.89 13.64 -0.57
CA GLU A 156 -14.50 12.36 -0.94
C GLU A 156 -14.54 12.22 -2.46
N CYS A 157 -14.32 11.00 -2.95
CA CYS A 157 -14.32 10.76 -4.40
C CYS A 157 -14.48 9.28 -4.73
N SER A 158 -14.74 9.01 -6.01
CA SER A 158 -14.90 7.65 -6.50
C SER A 158 -13.91 7.36 -7.62
N ALA A 159 -13.49 6.11 -7.74
CA ALA A 159 -12.55 5.74 -8.78
C ALA A 159 -13.30 5.33 -10.05
N LEU A 160 -14.56 4.94 -9.87
CA LEU A 160 -15.40 4.52 -10.99
C LEU A 160 -15.99 5.74 -11.71
N THR A 161 -16.46 6.71 -10.94
CA THR A 161 -17.06 7.91 -11.51
C THR A 161 -16.08 9.07 -11.51
N GLN A 162 -15.02 8.93 -10.71
CA GLN A 162 -13.99 9.96 -10.61
C GLN A 162 -14.57 11.26 -10.08
N ARG A 163 -15.41 11.15 -9.04
CA ARG A 163 -16.03 12.33 -8.42
C ARG A 163 -15.04 13.48 -8.28
N GLY A 164 -13.88 13.19 -7.70
CA GLY A 164 -12.87 14.22 -7.51
C GLY A 164 -11.48 13.64 -7.30
N LEU A 165 -11.13 12.63 -8.08
CA LEU A 165 -9.81 12.01 -7.98
C LEU A 165 -8.71 13.06 -8.14
N LYS A 166 -8.84 13.86 -9.19
CA LYS A 166 -7.87 14.91 -9.49
C LYS A 166 -7.70 15.84 -8.29
N THR A 167 -8.79 16.05 -7.57
CA THR A 167 -8.80 16.91 -6.40
C THR A 167 -7.96 16.31 -5.29
N VAL A 168 -8.01 14.99 -5.14
CA VAL A 168 -7.25 14.31 -4.10
C VAL A 168 -5.76 14.59 -4.26
N PHE A 169 -5.25 14.31 -5.45
CA PHE A 169 -3.84 14.53 -5.76
C PHE A 169 -3.50 16.02 -5.75
N ASP A 170 -4.40 16.83 -6.30
CA ASP A 170 -4.21 18.27 -6.37
C ASP A 170 -4.05 18.87 -4.97
N GLU A 171 -4.94 18.48 -4.06
CA GLU A 171 -4.90 18.96 -2.69
C GLU A 171 -3.77 18.32 -1.90
N ALA A 172 -3.48 17.07 -2.21
CA ALA A 172 -2.42 16.34 -1.54
C ALA A 172 -1.07 17.01 -1.75
N ILE A 173 -0.85 17.50 -2.96
CA ILE A 173 0.39 18.18 -3.29
C ILE A 173 0.57 19.40 -2.39
N ARG A 174 -0.53 20.15 -2.21
CA ARG A 174 -0.50 21.33 -1.36
C ARG A 174 -0.09 20.97 0.06
N ALA A 175 -0.45 19.76 0.47
CA ALA A 175 -0.12 19.26 1.81
C ALA A 175 1.37 19.41 2.12
N VAL A 176 2.19 19.44 1.07
CA VAL A 176 3.63 19.58 1.24
C VAL A 176 4.10 21.01 1.05
N LEU A 177 3.51 21.72 0.09
CA LEU A 177 3.89 23.10 -0.22
C LEU A 177 3.55 24.07 0.92
N CYS A 178 2.28 24.11 1.31
CA CYS A 178 1.86 25.02 2.38
C CYS A 178 2.19 24.47 3.78
N PRO A 179 1.43 23.47 4.31
CA PRO A 179 1.73 22.88 5.63
C PRO A 179 3.23 22.54 5.78
N PRO A 180 3.66 22.14 6.99
CA PRO A 180 5.07 21.82 7.25
C PRO A 180 5.63 20.76 6.31
N PRO A 181 6.91 20.92 5.89
CA PRO A 181 7.58 19.96 4.98
C PRO A 181 7.74 18.57 5.55
N VAL A 182 8.33 17.67 4.75
CA VAL A 182 8.55 16.29 5.16
C VAL A 182 9.98 15.85 4.86
N LYS A 183 10.73 15.54 5.92
CA LYS A 183 12.12 15.09 5.76
C LYS A 183 12.73 14.73 7.11
N LYS A 184 12.72 13.44 7.43
CA LYS A 184 13.29 12.96 8.71
C LYS A 184 13.21 11.44 8.79
N ARG A 185 14.38 10.79 8.70
CA ARG A 185 14.46 9.34 8.77
C ARG A 185 15.77 8.90 9.40
N LYS A 186 15.81 7.64 9.84
CA LYS A 186 17.01 7.08 10.46
C LYS A 186 17.56 5.90 9.66
N ARG A 187 18.63 5.30 10.17
CA ARG A 187 19.25 4.16 9.51
C ARG A 187 19.10 2.90 10.36
N LYS A 188 19.50 1.76 9.79
CA LYS A 188 19.40 0.49 10.49
C LYS A 188 20.09 0.55 11.85
N CYS A 189 19.29 0.58 12.91
CA CYS A 189 19.82 0.64 14.28
C CYS A 189 19.27 -0.50 15.13
N LEU A 190 18.33 -1.26 14.56
CA LEU A 190 17.73 -2.39 15.27
C LEU A 190 17.63 -3.61 14.36
N LEU A 191 17.13 -4.71 14.93
CA LEU A 191 16.98 -5.95 14.19
C LEU A 191 15.70 -5.93 13.36
N LEU A 192 15.81 -6.39 12.11
CA LEU A 192 14.66 -6.42 11.21
C LEU A 192 13.99 -7.79 11.24
N GLY B 1 4.53 -33.05 11.64
CA GLY B 1 3.53 -34.05 12.12
C GLY B 1 2.37 -34.21 11.16
N ILE B 2 2.68 -34.35 9.87
CA ILE B 2 1.65 -34.51 8.85
C ILE B 2 1.35 -36.00 8.63
N PRO B 3 0.06 -36.34 8.46
CA PRO B 3 -0.37 -37.72 8.23
C PRO B 3 0.21 -38.31 6.94
N ALA B 4 -0.51 -39.25 6.35
CA ALA B 4 -0.06 -39.89 5.12
C ALA B 4 0.10 -38.87 3.99
N THR B 5 -0.71 -37.82 4.03
CA THR B 5 -0.66 -36.77 3.01
C THR B 5 0.57 -35.89 3.20
N ASN B 6 1.58 -36.12 2.35
CA ASN B 6 2.81 -35.34 2.42
C ASN B 6 3.00 -34.50 1.16
N LEU B 7 2.10 -34.69 0.20
CA LEU B 7 2.16 -33.96 -1.06
C LEU B 7 1.74 -32.51 -0.86
N SER B 8 0.79 -32.29 0.05
CA SER B 8 0.29 -30.95 0.33
C SER B 8 1.41 -30.05 0.85
N ARG B 9 2.31 -30.63 1.64
CA ARG B 9 3.43 -29.89 2.20
C ARG B 9 4.41 -29.47 1.10
N VAL B 10 4.71 -30.40 0.20
CA VAL B 10 5.63 -30.12 -0.90
C VAL B 10 5.14 -28.93 -1.72
N ALA B 11 3.88 -28.99 -2.14
CA ALA B 11 3.30 -27.91 -2.92
C ALA B 11 3.26 -26.64 -2.11
N GLY B 12 3.16 -26.80 -0.79
CA GLY B 12 3.12 -25.65 0.11
C GLY B 12 4.41 -24.86 0.03
N LEU B 13 5.53 -25.56 -0.15
CA LEU B 13 6.82 -24.90 -0.25
C LEU B 13 6.96 -24.26 -1.62
N GLU B 14 6.38 -24.91 -2.62
CA GLU B 14 6.42 -24.38 -3.97
C GLU B 14 5.67 -23.05 -4.02
N LYS B 15 4.53 -23.04 -3.34
CA LYS B 15 3.68 -21.86 -3.25
C LYS B 15 4.35 -20.77 -2.42
N GLN B 16 4.87 -21.15 -1.26
CA GLN B 16 5.56 -20.20 -0.38
C GLN B 16 6.75 -19.59 -1.09
N LEU B 17 7.55 -20.46 -1.69
CA LEU B 17 8.73 -20.04 -2.44
C LEU B 17 8.33 -19.07 -3.54
N ALA B 18 7.25 -19.40 -4.25
CA ALA B 18 6.75 -18.58 -5.33
C ALA B 18 6.36 -17.19 -4.82
N ILE B 19 5.71 -17.16 -3.67
CA ILE B 19 5.31 -15.90 -3.06
C ILE B 19 6.55 -15.07 -2.76
N GLU B 20 7.58 -15.76 -2.30
CA GLU B 20 8.85 -15.13 -1.98
C GLU B 20 9.50 -14.55 -3.23
N LEU B 21 9.21 -15.15 -4.39
CA LEU B 21 9.77 -14.64 -5.65
C LEU B 21 9.13 -13.31 -5.99
N LYS B 22 7.85 -13.18 -5.62
CA LYS B 22 7.12 -11.95 -5.89
C LYS B 22 7.77 -10.81 -5.12
N VAL B 23 8.16 -11.10 -3.89
CA VAL B 23 8.80 -10.11 -3.04
C VAL B 23 10.23 -9.85 -3.52
N LYS B 24 10.94 -10.93 -3.82
CA LYS B 24 12.32 -10.83 -4.30
C LYS B 24 12.39 -9.99 -5.56
N GLN B 25 11.56 -10.34 -6.54
CA GLN B 25 11.51 -9.60 -7.79
C GLN B 25 11.05 -8.17 -7.57
N GLY B 26 10.26 -7.96 -6.51
CA GLY B 26 9.77 -6.62 -6.20
C GLY B 26 10.86 -5.67 -5.76
N ALA B 27 11.68 -6.11 -4.81
CA ALA B 27 12.77 -5.28 -4.30
C ALA B 27 13.80 -5.00 -5.39
N GLU B 28 14.23 -6.04 -6.09
CA GLU B 28 15.22 -5.90 -7.15
C GLU B 28 14.77 -4.89 -8.19
N ASN B 29 13.50 -4.95 -8.58
CA ASN B 29 12.97 -4.02 -9.57
C ASN B 29 13.11 -2.58 -9.10
N MET B 30 12.75 -2.33 -7.84
CA MET B 30 12.86 -1.00 -7.27
C MET B 30 14.32 -0.57 -7.18
N ILE B 31 15.20 -1.54 -6.93
CA ILE B 31 16.62 -1.26 -6.82
C ILE B 31 17.16 -0.74 -8.15
N GLN B 32 16.70 -1.34 -9.24
CA GLN B 32 17.14 -0.92 -10.58
C GLN B 32 16.65 0.49 -10.87
N THR B 33 15.46 0.82 -10.35
CA THR B 33 14.87 2.13 -10.53
C THR B 33 15.77 3.23 -9.98
N TYR B 34 16.22 3.05 -8.74
CA TYR B 34 17.07 4.04 -8.09
C TYR B 34 18.54 3.85 -8.46
N SER B 35 18.88 2.67 -8.95
CA SER B 35 20.25 2.38 -9.35
C SER B 35 20.70 3.29 -10.48
N ASN B 36 19.89 3.38 -11.53
CA ASN B 36 20.21 4.22 -12.68
C ASN B 36 18.96 4.95 -13.17
N GLY B 37 19.17 6.14 -13.72
CA GLY B 37 18.05 6.93 -14.23
C GLY B 37 18.24 8.42 -14.00
N SER B 38 17.18 9.07 -13.49
CA SER B 38 17.23 10.50 -13.23
C SER B 38 16.95 10.79 -11.76
N THR B 39 16.26 9.87 -11.09
CA THR B 39 15.93 10.03 -9.69
C THR B 39 17.09 9.61 -8.79
N LYS B 40 17.24 10.29 -7.66
CA LYS B 40 18.31 9.99 -6.72
C LYS B 40 17.77 9.85 -5.30
N ASP B 41 17.71 8.61 -4.81
CA ASP B 41 17.22 8.34 -3.46
C ASP B 41 17.92 7.12 -2.88
N ARG B 42 18.95 7.36 -2.09
CA ARG B 42 19.71 6.29 -1.47
C ARG B 42 18.92 5.65 -0.34
N LYS B 43 18.03 6.41 0.27
CA LYS B 43 17.21 5.92 1.37
C LYS B 43 16.29 4.81 0.87
N LEU B 44 15.57 5.09 -0.21
CA LEU B 44 14.67 4.11 -0.82
C LEU B 44 15.42 2.89 -1.30
N LEU B 45 16.62 3.12 -1.84
CA LEU B 45 17.44 2.04 -2.35
C LEU B 45 17.99 1.21 -1.20
N LEU B 46 18.25 1.86 -0.08
CA LEU B 46 18.78 1.19 1.10
C LEU B 46 17.78 0.15 1.61
N THR B 47 16.51 0.53 1.69
CA THR B 47 15.47 -0.36 2.15
C THR B 47 15.26 -1.50 1.15
N ALA B 48 15.42 -1.18 -0.13
CA ALA B 48 15.25 -2.17 -1.19
C ALA B 48 16.34 -3.23 -1.12
N GLN B 49 17.55 -2.80 -0.78
CA GLN B 49 18.69 -3.69 -0.67
C GLN B 49 18.55 -4.66 0.51
N GLN B 50 18.19 -4.12 1.66
CA GLN B 50 18.04 -4.92 2.88
C GLN B 50 16.89 -5.92 2.77
N MET B 51 15.72 -5.45 2.33
CA MET B 51 14.56 -6.32 2.20
C MET B 51 14.80 -7.42 1.17
N LEU B 52 15.52 -7.09 0.11
CA LEU B 52 15.82 -8.06 -0.93
C LEU B 52 16.73 -9.16 -0.40
N GLN B 53 17.69 -8.76 0.43
CA GLN B 53 18.64 -9.71 1.01
C GLN B 53 17.89 -10.73 1.87
N ASP B 54 16.92 -10.23 2.64
CA ASP B 54 16.12 -11.07 3.50
C ASP B 54 15.37 -12.11 2.68
N SER B 55 14.90 -11.69 1.51
CA SER B 55 14.18 -12.57 0.61
C SER B 55 15.10 -13.63 0.00
N LYS B 56 16.34 -13.25 -0.30
CA LYS B 56 17.29 -14.18 -0.89
C LYS B 56 17.50 -15.38 0.02
N THR B 57 17.66 -15.11 1.31
CA THR B 57 17.85 -16.18 2.29
C THR B 57 16.59 -17.02 2.41
N LYS B 58 15.44 -16.36 2.32
CA LYS B 58 14.15 -17.04 2.42
C LYS B 58 14.03 -18.14 1.37
N ILE B 59 14.38 -17.81 0.13
CA ILE B 59 14.32 -18.78 -0.96
C ILE B 59 15.29 -19.92 -0.69
N ASP B 60 16.46 -19.57 -0.18
CA ASP B 60 17.50 -20.56 0.12
C ASP B 60 16.99 -21.65 1.07
N ILE B 61 16.35 -21.26 2.16
CA ILE B 61 15.84 -22.23 3.13
C ILE B 61 14.66 -23.01 2.59
N ILE B 62 13.69 -22.31 2.02
CA ILE B 62 12.51 -22.95 1.46
C ILE B 62 12.89 -23.95 0.37
N ARG B 63 13.87 -23.57 -0.43
CA ARG B 63 14.34 -24.41 -1.52
C ARG B 63 14.99 -25.70 -1.00
N MET B 64 15.88 -25.57 -0.02
CA MET B 64 16.56 -26.74 0.53
C MET B 64 15.57 -27.66 1.23
N GLN B 65 14.62 -27.08 1.94
CA GLN B 65 13.61 -27.87 2.65
C GLN B 65 12.78 -28.65 1.67
N LEU B 66 12.48 -28.03 0.53
CA LEU B 66 11.71 -28.68 -0.51
C LEU B 66 12.40 -29.97 -0.93
N ARG B 67 13.72 -29.89 -1.09
CA ARG B 67 14.51 -31.06 -1.46
C ARG B 67 14.44 -32.12 -0.37
N ARG B 68 14.37 -31.66 0.88
CA ARG B 68 14.30 -32.58 2.02
C ARG B 68 12.97 -33.32 2.01
N ALA B 69 11.92 -32.67 1.53
CA ALA B 69 10.59 -33.26 1.46
C ALA B 69 10.53 -34.39 0.45
N LEU B 70 11.02 -34.14 -0.76
CA LEU B 70 11.01 -35.15 -1.82
C LEU B 70 11.95 -36.29 -1.47
N GLN B 71 13.07 -35.96 -0.84
CA GLN B 71 14.04 -36.97 -0.45
C GLN B 71 13.45 -37.88 0.62
N ALA B 72 12.81 -37.27 1.62
CA ALA B 72 12.19 -38.02 2.70
C ALA B 72 10.97 -38.79 2.21
N ASP B 73 10.48 -38.40 1.04
CA ASP B 73 9.31 -39.04 0.44
C ASP B 73 9.72 -40.35 -0.24
N GLN B 74 10.85 -40.32 -0.93
CA GLN B 74 11.36 -41.50 -1.63
C GLN B 74 11.72 -42.60 -0.65
N LEU B 75 12.21 -42.20 0.52
CA LEU B 75 12.60 -43.15 1.55
C LEU B 75 11.56 -43.18 2.67
N GLU B 76 11.82 -44.01 3.68
CA GLU B 76 10.90 -44.14 4.82
C GLU B 76 11.62 -44.74 6.01
N ASN B 77 12.93 -44.93 5.87
CA ASN B 77 13.75 -45.49 6.94
C ASN B 77 14.39 -44.39 7.78
N GLN B 78 15.02 -43.44 7.10
CA GLN B 78 15.67 -42.33 7.77
C GLN B 78 14.71 -41.59 8.69
N ALA B 79 15.19 -41.20 9.87
CA ALA B 79 14.37 -40.49 10.84
C ALA B 79 14.93 -39.09 11.10
N ALA B 80 14.04 -38.12 11.23
CA ALA B 80 14.44 -36.74 11.48
C ALA B 80 14.67 -36.49 12.97
N PRO B 81 15.71 -35.69 13.32
CA PRO B 81 16.02 -35.39 14.72
C PRO B 81 14.86 -34.71 15.44
#